data_7K5C
#
_entry.id   7K5C
#
_cell.length_a   1.00
_cell.length_b   1.00
_cell.length_c   1.00
_cell.angle_alpha   90.00
_cell.angle_beta   90.00
_cell.angle_gamma   90.00
#
_symmetry.space_group_name_H-M   'P 1'
#
loop_
_entity.id
_entity.type
_entity.pdbx_description
1 polymer 'Internal virion protein gp15'
2 polymer 'Peptidoglycan transglycosylase gp16'
3 water water
#
loop_
_entity_poly.entity_id
_entity_poly.type
_entity_poly.pdbx_seq_one_letter_code
_entity_poly.pdbx_strand_id
1 'polypeptide(L)'
;MSKIESALQAAQPGLSRLRGGAGGMGYRAATTQAEQPRSSLLDTIGRFAKAGADMYTAKEQRARDLADERSNEIIRKLTP
EQRREALNNGTLLYQDDPYAMEALRVKTGRNAAYLVDDDVMQKIKEGVFRTREEMEEYRHSRLQEGAKVYAEQFGIDPED
VDYQRGFNGDITERNISLYGAHDNFLSQQAQKGAIMNSRVELNGVLQDPDMLRRPDSADFFEKYIDNGLVTGAIPSDAQA
TQLISQAFSDASSRAGGADFLMRVGDKKVTLNGATTTYRELIGEEQWNALMVTAQRSQFETDAKLNEQYRLKINSALNQE
DPRTAWEMLQGIKAELDKVQPDEQMTPQREWLISAQEQVQNQMNAWTKAQAKALDDSMKSMNKLDVIDKQFQKRINGEWV
STDFKDMPVNENTGEFKHSDMVNYANKKLAEIDSMDIPDGAKDAMKLKYLQADSKDGAFRTAIGTMVTDAGQEWSAAVIN
GKLPERTPAMDALRRIRNADPQLIAALYPDQAELFLTMDMMDKQGIDPQVILDADRLTVKRSKEQRFEDDKAFESALNAS
KAPEIARMPASLRESARKIYDSVKYRSGNESMAMEQMTKFLKESTYTFTGDDVDGDTVGVIPKNMMQVNSDPKSWEQGRD
ILEEARKGIIASNPWITNKQLTMYSQGDSIYLMDTTGQVRVRYDKELLSKVWSENQKKLEEKAREKALADVNKRAPIVAA
TKAREAAAKRVREKRKQTPKFIYGRKE
;
H,A,C,E,I,K
2 'polypeptide(L)'
;MDKYDKNVPSDYDGLFQKAADANGVSYDLLRKVAWTESRFVPTAKSKTGPLGMMQFTKATAKALGLRVTDGPDDDRLNPE
LAINAAAKQLAGLVGKFDGDELKAALAYNQGEGRLGNPQLEAYSKGDFASISEEGRNYMRNLLDVAKSPMAGQLETFGGI
TPKGKGIPAEVGLAGIGHKQKVTQELPESTSFDVKGIEQEATAKPFAKDFWETHGETLDEYNSRSTFFGFKNAAEAELSN
SVAGMAFRAGRLDNGFDVFKDTITPTRWNSHIWTPEELEKIRTEVKNPAYINVVTGGSPENLDDLIKLANENFENDSRAA
EAGLGAKLSAGIIGAGVDPLSYVPMVGVTGKGFKLINKALVVGAESAALNVASEGLRTSVAGGDADYAGAALGGFVFGAG
MSAISDAVAAGLKRSKPEAEFDNEFIGPMMRLEARETARNANSADLSRMNTENMKFEGEHNGVPYEDLPTERGAVVLHDG
SVLSASNPINPKTLKEFSEVDPEKAARGIKLAGFTEIGLKTLGSDDADIRRVAIDLVRSPTGMQSGASGKFGATASDIHE
RLHGTDQRTYNDLYKAMSDAMKDPEFSTGGAKMSREETRYTIYRRAALAIERPELQKALTPSERIVMDIIKRHFDTKREL
MENPAIFGNTKAVSIFPESRHKGTYVPHVYDRHAKALMIQRYGAEGLQEGIARSWMNSYVSRPEVKARVDEMLKELHGVK
EVTPEMVEKYAMDKAYGISHSDQFTNSSIIEENIEGLVGIENNSFLEARNLFDSDLSITMPDGQQFSVNDLRDFDMFRIM
PAYDRRVNGDIAIMGSTGKTTKELKDEILALKAKAEGDGKKTGEVHALMDTVKILTGRARRNQDTVWETSLRAINDLGFF
AKNAYMGAQNITEIAGMIVTGNVRALGHGIPILRDTLYKSKPVSAKELKELHASLFGKEVDQLIRPKRADIVQRLREATD
TGPAVANIVGTLKYSTQELAARSPWTKLLNGTTNYLLDAARQGMLGDVISATLTGKTTRWEKEGFLRGASVTPEQMAGIK
SLIKEHMVRGEDGKFTVKDKQAFSMDPRAMDLWRLADKVADEAMLRPHKVSLQDSHAFGALGKMVMQFKSFTIKSLNSKF
LRTFYDGYKNNRAIDAALSIITSMGLAGGFYAMAAHVKAYALPKEKRKEYLERALDPTMIAHAALSRSSQLGAPLAMVDL
VGGVLGFESSKMARSTILPKDTVKERDPNKPYTSREVMGAMGSNLLEQMPSAGFVANVGATLMNAAGVVNSPNKATEQDF
MTGLMNSTKELVPNDPLTQQLVLKIYEANGVNLRERRK
;
G,B,D,F,J,L
#
# COMPACT_ATOMS: atom_id res chain seq x y z
N THR A 57 -61.32 -88.80 58.27
CA THR A 57 -62.23 -89.74 57.62
C THR A 57 -62.66 -89.23 56.25
N ALA A 58 -63.31 -90.12 55.48
CA ALA A 58 -63.79 -89.73 54.16
C ALA A 58 -64.87 -88.65 54.26
N LYS A 59 -65.79 -88.81 55.20
CA LYS A 59 -66.87 -87.83 55.35
C LYS A 59 -66.34 -86.47 55.76
N GLU A 60 -65.36 -86.44 56.67
CA GLU A 60 -64.77 -85.17 57.08
C GLU A 60 -64.04 -84.50 55.93
N GLN A 61 -63.27 -85.28 55.16
CA GLN A 61 -62.56 -84.71 54.02
C GLN A 61 -63.52 -84.16 52.98
N ARG A 62 -64.61 -84.89 52.72
CA ARG A 62 -65.62 -84.41 51.78
C ARG A 62 -66.27 -83.13 52.28
N ALA A 63 -66.57 -83.07 53.59
CA ALA A 63 -67.17 -81.87 54.16
C ALA A 63 -66.23 -80.68 54.04
N ARG A 64 -64.93 -80.88 54.28
CA ARG A 64 -63.98 -79.78 54.17
C ARG A 64 -63.82 -79.34 52.72
N ASP A 65 -63.83 -80.29 51.78
CA ASP A 65 -63.76 -79.92 50.37
C ASP A 65 -64.97 -79.11 49.95
N LEU A 66 -66.16 -79.52 50.38
CA LEU A 66 -67.37 -78.78 50.04
C LEU A 66 -67.38 -77.41 50.71
N ALA A 67 -66.84 -77.32 51.93
CA ALA A 67 -66.72 -76.03 52.60
C ALA A 67 -65.79 -75.10 51.85
N ASP A 68 -64.65 -75.62 51.37
CA ASP A 68 -63.74 -74.82 50.58
C ASP A 68 -64.40 -74.32 49.31
N GLU A 69 -65.14 -75.20 48.63
CA GLU A 69 -65.87 -74.81 47.42
C GLU A 69 -66.87 -73.70 47.71
N ARG A 70 -67.65 -73.86 48.77
CA ARG A 70 -68.68 -72.88 49.09
C ARG A 70 -68.09 -71.55 49.51
N SER A 71 -67.00 -71.58 50.28
CA SER A 71 -66.33 -70.34 50.66
C SER A 71 -65.76 -69.62 49.44
N ASN A 72 -65.18 -70.37 48.51
CA ASN A 72 -64.70 -69.74 47.27
C ASN A 72 -65.85 -69.11 46.50
N GLU A 73 -66.99 -69.80 46.42
CA GLU A 73 -68.14 -69.24 45.72
C GLU A 73 -68.63 -67.96 46.38
N ILE A 74 -68.65 -67.93 47.72
CA ILE A 74 -69.04 -66.71 48.42
C ILE A 74 -68.04 -65.59 48.16
N ILE A 75 -66.75 -65.91 48.17
CA ILE A 75 -65.73 -64.88 48.02
C ILE A 75 -65.79 -64.25 46.64
N ARG A 76 -65.99 -65.05 45.58
CA ARG A 76 -66.02 -64.47 44.24
C ARG A 76 -67.09 -63.40 44.11
N LYS A 77 -68.31 -63.73 44.50
CA LYS A 77 -69.42 -62.78 44.46
C LYS A 77 -69.40 -61.94 45.74
N LEU A 78 -70.44 -61.14 45.95
CA LEU A 78 -70.71 -60.52 47.25
C LEU A 78 -69.54 -59.63 47.71
N THR A 79 -69.42 -58.50 47.01
CA THR A 79 -68.57 -57.37 47.38
C THR A 79 -68.59 -57.17 48.89
N PRO A 80 -67.46 -56.82 49.53
CA PRO A 80 -67.41 -56.70 51.00
C PRO A 80 -68.61 -56.00 51.62
N GLU A 81 -69.08 -54.93 51.00
CA GLU A 81 -70.28 -54.25 51.48
C GLU A 81 -71.48 -55.17 51.42
N GLN A 82 -71.62 -55.94 50.34
CA GLN A 82 -72.72 -56.89 50.22
C GLN A 82 -72.64 -57.98 51.27
N ARG A 83 -71.43 -58.50 51.52
CA ARG A 83 -71.27 -59.50 52.57
C ARG A 83 -71.63 -58.94 53.94
N ARG A 84 -71.19 -57.72 54.22
CA ARG A 84 -71.48 -57.11 55.51
C ARG A 84 -72.98 -56.87 55.69
N GLU A 85 -73.67 -56.43 54.64
CA GLU A 85 -75.10 -56.19 54.78
C GLU A 85 -75.90 -57.49 54.79
N ALA A 86 -75.42 -58.55 54.14
CA ALA A 86 -76.14 -59.82 54.15
C ALA A 86 -75.86 -60.65 55.39
N LEU A 87 -74.78 -60.36 56.11
CA LEU A 87 -74.52 -61.05 57.37
C LEU A 87 -75.56 -60.69 58.42
N ASN A 88 -75.96 -59.42 58.47
CA ASN A 88 -76.94 -58.98 59.46
C ASN A 88 -78.32 -59.59 59.19
N ASN A 89 -78.79 -59.49 57.94
CA ASN A 89 -80.13 -59.96 57.61
C ASN A 89 -80.26 -61.47 57.59
N GLY A 90 -79.14 -62.20 57.65
CA GLY A 90 -79.19 -63.65 57.60
C GLY A 90 -79.33 -64.24 56.22
N THR A 91 -79.35 -63.42 55.17
CA THR A 91 -79.49 -63.91 53.80
C THR A 91 -78.11 -64.07 53.14
N LEU A 92 -77.29 -64.91 53.75
CA LEU A 92 -75.96 -65.23 53.22
C LEU A 92 -75.97 -66.65 52.68
N LEU A 93 -75.26 -66.85 51.57
CA LEU A 93 -75.16 -68.17 50.97
C LEU A 93 -74.50 -69.15 51.93
N TYR A 94 -75.09 -70.33 52.07
CA TYR A 94 -74.54 -71.42 52.88
C TYR A 94 -74.22 -70.97 54.30
N GLN A 95 -75.00 -70.03 54.82
CA GLN A 95 -74.76 -69.55 56.18
C GLN A 95 -75.08 -70.62 57.22
N ASP A 96 -75.85 -71.64 56.86
CA ASP A 96 -76.20 -72.74 57.76
C ASP A 96 -75.10 -73.78 57.85
N ASP A 97 -74.01 -73.63 57.09
CA ASP A 97 -72.91 -74.59 57.12
C ASP A 97 -71.77 -74.00 57.93
N PRO A 98 -71.51 -74.50 59.14
CA PRO A 98 -70.43 -73.91 59.96
C PRO A 98 -69.06 -74.05 59.32
N TYR A 99 -68.80 -75.15 58.60
CA TYR A 99 -67.50 -75.34 57.97
C TYR A 99 -67.26 -74.30 56.89
N ALA A 100 -68.29 -73.98 56.09
CA ALA A 100 -68.15 -72.97 55.06
C ALA A 100 -67.85 -71.61 55.67
N MET A 101 -68.53 -71.26 56.77
CA MET A 101 -68.27 -69.99 57.44
C MET A 101 -66.86 -69.94 58.01
N GLU A 102 -66.40 -71.05 58.59
CA GLU A 102 -65.05 -71.10 59.13
C GLU A 102 -64.02 -70.91 58.02
N ALA A 103 -64.20 -71.59 56.89
CA ALA A 103 -63.28 -71.43 55.77
C ALA A 103 -63.30 -70.01 55.23
N LEU A 104 -64.49 -69.41 55.16
CA LEU A 104 -64.62 -68.03 54.68
C LEU A 104 -63.85 -67.08 55.58
N ARG A 105 -63.99 -67.26 56.90
CA ARG A 105 -63.31 -66.38 57.84
C ARG A 105 -61.79 -66.57 57.77
N VAL A 106 -61.33 -67.81 57.61
CA VAL A 106 -59.89 -68.05 57.50
C VAL A 106 -59.33 -67.39 56.25
N LYS A 107 -60.04 -67.52 55.12
CA LYS A 107 -59.55 -66.91 53.89
C LYS A 107 -59.58 -65.39 53.97
N THR A 108 -60.61 -64.82 54.62
CA THR A 108 -60.64 -63.39 54.83
C THR A 108 -59.45 -62.93 55.67
N GLY A 109 -59.12 -63.70 56.71
CA GLY A 109 -57.95 -63.37 57.52
C GLY A 109 -56.66 -63.42 56.72
N ARG A 110 -56.53 -64.42 55.85
CA ARG A 110 -55.34 -64.51 55.01
C ARG A 110 -55.21 -63.31 54.08
N ASN A 111 -56.32 -62.91 53.45
CA ASN A 111 -56.29 -61.73 52.59
C ASN A 111 -55.91 -60.48 53.37
N ALA A 112 -56.49 -60.31 54.56
CA ALA A 112 -56.17 -59.16 55.39
C ALA A 112 -54.70 -59.16 55.79
N ALA A 113 -54.16 -60.33 56.12
CA ALA A 113 -52.75 -60.41 56.50
C ALA A 113 -51.84 -60.00 55.35
N TYR A 114 -52.15 -60.48 54.13
CA TYR A 114 -51.33 -60.06 53.00
C TYR A 114 -51.42 -58.56 52.76
N LEU A 115 -52.63 -58.01 52.85
CA LEU A 115 -52.80 -56.57 52.61
C LEU A 115 -52.06 -55.76 53.66
N VAL A 116 -52.01 -56.23 54.90
CA VAL A 116 -51.27 -55.53 55.94
C VAL A 116 -49.77 -55.62 55.70
N ASP A 117 -49.28 -56.80 55.30
CA ASP A 117 -47.85 -56.98 55.11
C ASP A 117 -47.31 -56.18 53.94
N ASP A 118 -48.08 -56.09 52.85
CA ASP A 118 -47.57 -55.44 51.65
C ASP A 118 -47.34 -53.94 51.86
N ASP A 119 -48.14 -53.31 52.72
CA ASP A 119 -47.91 -51.89 53.02
C ASP A 119 -46.54 -51.66 53.66
N VAL A 120 -46.21 -52.48 54.66
CA VAL A 120 -44.91 -52.37 55.31
C VAL A 120 -43.80 -52.68 54.32
N MET A 121 -44.01 -53.67 53.45
CA MET A 121 -42.98 -54.00 52.47
C MET A 121 -42.73 -52.84 51.51
N GLN A 122 -43.79 -52.21 51.02
CA GLN A 122 -43.62 -51.07 50.12
C GLN A 122 -42.93 -49.92 50.82
N LYS A 123 -43.30 -49.65 52.08
CA LYS A 123 -42.65 -48.56 52.81
C LYS A 123 -41.18 -48.87 53.07
N ILE A 124 -40.83 -50.14 53.31
CA ILE A 124 -39.42 -50.50 53.46
C ILE A 124 -38.68 -50.27 52.15
N LYS A 125 -39.27 -50.68 51.02
CA LYS A 125 -38.59 -50.52 49.74
C LYS A 125 -38.44 -49.05 49.36
N GLU A 126 -39.37 -48.18 49.77
CA GLU A 126 -39.23 -46.77 49.48
C GLU A 126 -38.07 -46.14 50.26
N GLY A 127 -37.79 -46.64 51.45
CA GLY A 127 -36.72 -46.09 52.27
C GLY A 127 -37.25 -45.18 53.36
N VAL A 128 -38.37 -45.55 53.97
CA VAL A 128 -39.02 -44.70 54.94
C VAL A 128 -38.39 -44.85 56.33
N PHE A 129 -38.07 -46.08 56.72
CA PHE A 129 -37.56 -46.35 58.06
C PHE A 129 -36.04 -46.35 58.03
N ARG A 130 -35.43 -45.40 58.73
CA ARG A 130 -33.98 -45.27 58.75
C ARG A 130 -33.32 -46.13 59.83
N THR A 131 -34.10 -46.74 60.72
CA THR A 131 -33.58 -47.63 61.75
C THR A 131 -34.49 -48.84 61.86
N ARG A 132 -33.95 -49.92 62.42
CA ARG A 132 -34.74 -51.13 62.59
C ARG A 132 -35.86 -50.94 63.61
N GLU A 133 -35.60 -50.17 64.66
CA GLU A 133 -36.61 -49.94 65.69
C GLU A 133 -37.81 -49.19 65.12
N GLU A 134 -37.56 -48.22 64.24
CA GLU A 134 -38.64 -47.49 63.60
C GLU A 134 -39.53 -48.42 62.78
N MET A 135 -38.91 -49.30 61.99
CA MET A 135 -39.66 -50.27 61.19
C MET A 135 -40.45 -51.22 62.09
N GLU A 136 -39.84 -51.68 63.18
CA GLU A 136 -40.54 -52.59 64.08
C GLU A 136 -41.75 -51.92 64.72
N GLU A 137 -41.60 -50.67 65.16
CA GLU A 137 -42.72 -49.95 65.77
C GLU A 137 -43.85 -49.77 64.78
N TYR A 138 -43.53 -49.32 63.56
CA TYR A 138 -44.57 -49.15 62.55
C TYR A 138 -45.25 -50.47 62.24
N ARG A 139 -44.46 -51.54 62.10
CA ARG A 139 -45.03 -52.85 61.78
C ARG A 139 -45.97 -53.32 62.87
N HIS A 140 -45.58 -53.17 64.13
CA HIS A 140 -46.43 -53.61 65.23
C HIS A 140 -47.73 -52.80 65.27
N SER A 141 -47.63 -51.48 65.15
CA SER A 141 -48.82 -50.64 65.22
C SER A 141 -49.80 -50.96 64.09
N ARG A 142 -49.27 -51.08 62.87
CA ARG A 142 -50.14 -51.37 61.74
C ARG A 142 -50.70 -52.79 61.81
N LEU A 143 -49.92 -53.73 62.34
CA LEU A 143 -50.43 -55.08 62.53
C LEU A 143 -51.57 -55.11 63.53
N GLN A 144 -51.50 -54.28 64.57
CA GLN A 144 -52.59 -54.23 65.54
C GLN A 144 -53.83 -53.58 64.95
N GLU A 145 -53.66 -52.47 64.21
CA GLU A 145 -54.85 -51.76 63.72
C GLU A 145 -55.49 -52.44 62.51
N GLY A 146 -54.68 -53.04 61.61
CA GLY A 146 -55.22 -53.60 60.40
C GLY A 146 -56.15 -54.79 60.64
N ALA A 147 -55.89 -55.55 61.70
CA ALA A 147 -56.75 -56.68 62.03
C ALA A 147 -58.19 -56.22 62.20
N LYS A 148 -58.40 -55.21 63.05
CA LYS A 148 -59.74 -54.65 63.22
C LYS A 148 -60.23 -54.00 61.94
N VAL A 149 -59.39 -53.18 61.31
CA VAL A 149 -59.84 -52.42 60.15
C VAL A 149 -60.38 -53.34 59.07
N TYR A 150 -59.72 -54.47 58.84
CA TYR A 150 -60.19 -55.45 57.89
C TYR A 150 -61.21 -56.43 58.49
N ALA A 151 -61.40 -56.41 59.81
CA ALA A 151 -62.40 -57.28 60.41
C ALA A 151 -63.81 -56.68 60.30
N GLU A 152 -63.99 -55.45 60.79
CA GLU A 152 -65.31 -54.86 60.63
C GLU A 152 -65.64 -54.48 59.19
N GLN A 153 -64.67 -54.53 58.27
CA GLN A 153 -65.01 -54.30 56.88
C GLN A 153 -65.87 -55.43 56.31
N PHE A 154 -65.60 -56.67 56.72
CA PHE A 154 -66.35 -57.82 56.26
C PHE A 154 -67.39 -58.30 57.26
N GLY A 155 -67.65 -57.53 58.31
CA GLY A 155 -68.60 -57.93 59.33
C GLY A 155 -68.17 -59.13 60.15
N ILE A 156 -66.90 -59.18 60.55
CA ILE A 156 -66.37 -60.30 61.31
C ILE A 156 -65.87 -59.77 62.65
N ASP A 157 -66.10 -60.54 63.70
CA ASP A 157 -65.54 -60.22 65.01
C ASP A 157 -64.02 -60.33 64.94
N PRO A 158 -63.26 -59.28 65.25
CA PRO A 158 -61.81 -59.35 65.09
C PRO A 158 -61.13 -60.37 65.99
N GLU A 159 -61.81 -60.84 67.02
CA GLU A 159 -61.23 -61.80 67.96
C GLU A 159 -61.65 -63.23 67.67
N ASP A 160 -62.24 -63.49 66.51
CA ASP A 160 -62.63 -64.85 66.16
C ASP A 160 -61.41 -65.74 65.98
N VAL A 161 -61.56 -67.01 66.36
CA VAL A 161 -60.45 -67.94 66.29
C VAL A 161 -60.10 -68.27 64.84
N ASP A 162 -61.09 -68.35 63.95
CA ASP A 162 -60.80 -68.65 62.56
C ASP A 162 -60.19 -67.44 61.85
N TYR A 163 -60.73 -66.25 62.09
CA TYR A 163 -60.15 -65.05 61.51
C TYR A 163 -58.73 -64.85 62.00
N GLN A 164 -58.48 -65.09 63.29
CA GLN A 164 -57.12 -64.97 63.80
C GLN A 164 -56.22 -66.07 63.28
N ARG A 165 -56.76 -67.28 63.04
CA ARG A 165 -55.96 -68.33 62.44
C ARG A 165 -55.50 -67.94 61.04
N GLY A 166 -56.40 -67.33 60.27
CA GLY A 166 -56.01 -66.82 58.96
C GLY A 166 -55.03 -65.67 59.04
N PHE A 167 -55.26 -64.74 59.97
CA PHE A 167 -54.49 -63.50 60.03
C PHE A 167 -53.10 -63.69 60.61
N ASN A 168 -52.95 -64.61 61.57
CA ASN A 168 -51.67 -64.80 62.25
C ASN A 168 -50.78 -65.84 61.59
N GLY A 169 -51.29 -66.58 60.62
CA GLY A 169 -50.55 -67.67 60.02
C GLY A 169 -49.23 -67.28 59.40
N ASP A 170 -48.17 -68.04 59.70
CA ASP A 170 -46.85 -67.84 59.13
C ASP A 170 -46.29 -66.46 59.47
N ILE A 171 -46.58 -65.98 60.68
CA ILE A 171 -46.13 -64.65 61.08
C ILE A 171 -44.62 -64.57 61.14
N THR A 172 -43.97 -65.67 61.55
CA THR A 172 -42.51 -65.68 61.65
C THR A 172 -41.85 -65.52 60.28
N GLU A 173 -42.36 -66.23 59.27
CA GLU A 173 -41.80 -66.12 57.93
C GLU A 173 -41.97 -64.73 57.36
N ARG A 174 -43.15 -64.12 57.57
CA ARG A 174 -43.39 -62.77 57.09
C ARG A 174 -42.47 -61.77 57.78
N ASN A 175 -42.27 -61.93 59.09
CA ASN A 175 -41.34 -61.06 59.81
C ASN A 175 -39.93 -61.22 59.28
N ILE A 176 -39.52 -62.45 58.99
CA ILE A 176 -38.17 -62.69 58.46
C ILE A 176 -38.01 -62.02 57.10
N SER A 177 -39.03 -62.12 56.24
CA SER A 177 -38.97 -61.48 54.94
C SER A 177 -38.82 -59.97 55.08
N LEU A 178 -39.62 -59.36 55.95
CA LEU A 178 -39.52 -57.91 56.17
C LEU A 178 -38.15 -57.54 56.72
N TYR A 179 -37.61 -58.36 57.63
CA TYR A 179 -36.31 -58.07 58.21
C TYR A 179 -35.20 -58.09 57.16
N GLY A 180 -35.22 -59.08 56.26
CA GLY A 180 -34.22 -59.11 55.21
C GLY A 180 -34.34 -57.94 54.26
N ALA A 181 -35.56 -57.62 53.85
CA ALA A 181 -35.77 -56.48 52.97
C ALA A 181 -35.27 -55.19 53.60
N HIS A 182 -35.47 -55.04 54.91
CA HIS A 182 -34.98 -53.84 55.58
C HIS A 182 -33.48 -53.84 55.78
N ASP A 183 -32.87 -55.01 55.99
CA ASP A 183 -31.43 -55.07 56.19
C ASP A 183 -30.68 -54.68 54.92
N ASN A 184 -31.21 -55.04 53.75
CA ASN A 184 -30.59 -54.58 52.51
C ASN A 184 -30.53 -53.06 52.45
N PHE A 185 -31.65 -52.40 52.76
CA PHE A 185 -31.71 -50.95 52.76
C PHE A 185 -30.74 -50.36 53.78
N LEU A 186 -30.69 -50.95 54.97
CA LEU A 186 -29.80 -50.44 56.00
C LEU A 186 -28.34 -50.51 55.55
N SER A 187 -27.96 -51.60 54.88
CA SER A 187 -26.60 -51.72 54.38
C SER A 187 -26.27 -50.63 53.37
N GLN A 188 -27.16 -50.43 52.37
CA GLN A 188 -26.83 -49.45 51.34
C GLN A 188 -26.81 -48.03 51.92
N GLN A 189 -27.72 -47.75 52.86
CA GLN A 189 -27.75 -46.45 53.51
C GLN A 189 -26.48 -46.20 54.32
N ALA A 190 -26.00 -47.22 55.03
CA ALA A 190 -24.77 -47.09 55.80
C ALA A 190 -23.58 -46.81 54.88
N GLN A 191 -23.55 -47.48 53.72
CA GLN A 191 -22.46 -47.23 52.78
C GLN A 191 -22.47 -45.79 52.27
N LYS A 192 -23.65 -45.29 51.90
CA LYS A 192 -23.75 -43.91 51.45
C LYS A 192 -23.33 -42.92 52.54
N GLY A 193 -23.80 -43.16 53.76
CA GLY A 193 -23.44 -42.28 54.87
C GLY A 193 -21.95 -42.29 55.15
N ALA A 194 -21.31 -43.46 55.05
CA ALA A 194 -19.88 -43.53 55.25
C ALA A 194 -19.13 -42.73 54.20
N ILE A 195 -19.56 -42.83 52.94
CA ILE A 195 -18.92 -42.05 51.87
C ILE A 195 -19.02 -40.56 52.17
N MET A 196 -20.22 -40.09 52.52
CA MET A 196 -20.38 -38.65 52.76
C MET A 196 -19.64 -38.20 54.00
N ASN A 197 -19.61 -39.02 55.05
CA ASN A 197 -18.87 -38.65 56.25
C ASN A 197 -17.38 -38.56 55.97
N SER A 198 -16.85 -39.46 55.14
CA SER A 198 -15.45 -39.35 54.75
C SER A 198 -15.19 -38.07 53.99
N ARG A 199 -16.08 -37.71 53.06
CA ARG A 199 -15.89 -36.44 52.35
C ARG A 199 -15.88 -35.26 53.30
N VAL A 200 -16.80 -35.25 54.27
CA VAL A 200 -16.86 -34.13 55.22
C VAL A 200 -15.59 -34.08 56.07
N GLU A 201 -15.13 -35.23 56.55
CA GLU A 201 -13.98 -35.25 57.43
C GLU A 201 -12.68 -34.89 56.70
N LEU A 202 -12.59 -35.22 55.41
CA LEU A 202 -11.37 -34.88 54.67
C LEU A 202 -11.32 -33.39 54.32
N ASN A 203 -12.47 -32.74 54.14
CA ASN A 203 -12.48 -31.32 53.83
C ASN A 203 -12.02 -30.44 54.99
N GLY A 204 -11.88 -31.00 56.19
CA GLY A 204 -11.36 -30.22 57.29
C GLY A 204 -9.89 -29.88 57.16
N VAL A 205 -9.14 -30.63 56.35
CA VAL A 205 -7.72 -30.43 56.20
C VAL A 205 -7.36 -30.14 54.75
N LEU A 206 -8.17 -30.64 53.82
CA LEU A 206 -7.82 -30.63 52.41
C LEU A 206 -8.64 -29.63 51.60
N GLN A 207 -9.18 -28.60 52.26
CA GLN A 207 -9.96 -27.57 51.57
C GLN A 207 -9.23 -26.25 51.44
N ASP A 208 -8.46 -25.85 52.45
CA ASP A 208 -7.72 -24.61 52.39
C ASP A 208 -6.59 -24.73 51.37
N PRO A 209 -6.46 -23.79 50.44
CA PRO A 209 -5.33 -23.84 49.50
C PRO A 209 -3.97 -23.79 50.18
N ASP A 210 -3.88 -23.17 51.36
CA ASP A 210 -2.61 -23.15 52.07
C ASP A 210 -2.32 -24.51 52.72
N MET A 211 -3.36 -25.18 53.21
CA MET A 211 -3.18 -26.52 53.75
C MET A 211 -2.82 -27.53 52.69
N LEU A 212 -3.32 -27.35 51.46
CA LEU A 212 -3.03 -28.29 50.39
C LEU A 212 -1.58 -28.20 49.91
N ARG A 213 -0.91 -27.07 50.13
CA ARG A 213 0.45 -26.87 49.65
C ARG A 213 1.51 -27.32 50.64
N ARG A 214 1.13 -27.91 51.76
CA ARG A 214 2.07 -28.41 52.74
C ARG A 214 2.22 -29.92 52.62
N PRO A 215 3.44 -30.46 52.66
CA PRO A 215 3.60 -31.92 52.53
C PRO A 215 2.94 -32.70 53.66
N ASP A 216 2.78 -32.09 54.84
CA ASP A 216 2.11 -32.79 55.91
C ASP A 216 0.66 -33.11 55.57
N SER A 217 0.07 -32.41 54.60
CA SER A 217 -1.26 -32.77 54.14
C SER A 217 -1.25 -34.10 53.39
N ALA A 218 -0.25 -34.32 52.53
CA ALA A 218 -0.12 -35.61 51.87
C ALA A 218 0.15 -36.71 52.88
N ASP A 219 1.00 -36.44 53.87
CA ASP A 219 1.22 -37.41 54.93
C ASP A 219 -0.07 -37.70 55.69
N PHE A 220 -0.86 -36.66 55.95
CA PHE A 220 -2.14 -36.84 56.65
C PHE A 220 -3.09 -37.70 55.84
N PHE A 221 -3.16 -37.49 54.53
CA PHE A 221 -4.06 -38.32 53.71
C PHE A 221 -3.61 -39.78 53.71
N GLU A 222 -2.30 -40.01 53.55
CA GLU A 222 -1.80 -41.38 53.54
C GLU A 222 -2.09 -42.08 54.87
N LYS A 223 -1.80 -41.40 55.98
CA LYS A 223 -2.07 -42.00 57.29
C LYS A 223 -3.56 -42.17 57.54
N TYR A 224 -4.39 -41.25 57.03
CA TYR A 224 -5.83 -41.40 57.19
C TYR A 224 -6.33 -42.66 56.50
N ILE A 225 -5.90 -42.89 55.26
CA ILE A 225 -6.34 -44.08 54.54
C ILE A 225 -5.82 -45.34 55.23
N ASP A 226 -4.55 -45.35 55.62
CA ASP A 226 -3.98 -46.54 56.25
C ASP A 226 -4.67 -46.85 57.58
N ASN A 227 -4.84 -45.83 58.42
CA ASN A 227 -5.47 -46.01 59.72
C ASN A 227 -6.93 -46.44 59.58
N GLY A 228 -7.66 -45.88 58.61
CA GLY A 228 -9.01 -46.34 58.37
C GLY A 228 -9.06 -47.78 57.93
N LEU A 229 -8.11 -48.21 57.11
CA LEU A 229 -8.11 -49.60 56.67
C LEU A 229 -7.72 -50.55 57.80
N VAL A 230 -6.86 -50.13 58.71
CA VAL A 230 -6.41 -51.03 59.78
C VAL A 230 -7.48 -51.18 60.86
N THR A 231 -8.02 -50.06 61.35
CA THR A 231 -8.94 -50.09 62.48
C THR A 231 -10.38 -50.37 62.08
N GLY A 232 -10.66 -50.57 60.80
CA GLY A 232 -12.01 -50.84 60.38
C GLY A 232 -12.89 -49.63 60.22
N ALA A 233 -12.34 -48.42 60.32
CA ALA A 233 -13.12 -47.22 60.02
C ALA A 233 -13.55 -47.22 58.56
N ILE A 234 -12.64 -47.64 57.66
CA ILE A 234 -13.00 -47.95 56.29
C ILE A 234 -13.08 -49.48 56.18
N PRO A 235 -14.28 -50.06 56.08
CA PRO A 235 -14.39 -51.51 56.22
C PRO A 235 -14.02 -52.32 55.00
N SER A 236 -14.06 -51.74 53.80
CA SER A 236 -13.83 -52.48 52.57
C SER A 236 -12.71 -51.83 51.77
N ASP A 237 -12.13 -52.62 50.86
CA ASP A 237 -11.20 -52.06 49.89
C ASP A 237 -11.92 -51.31 48.78
N ALA A 238 -13.13 -51.75 48.43
CA ALA A 238 -13.93 -51.01 47.45
C ALA A 238 -14.34 -49.64 47.98
N GLN A 239 -14.75 -49.57 49.24
CA GLN A 239 -15.06 -48.28 49.84
C GLN A 239 -13.83 -47.39 49.91
N ALA A 240 -12.68 -47.97 50.23
CA ALA A 240 -11.43 -47.20 50.22
C ALA A 240 -11.12 -46.67 48.83
N THR A 241 -11.36 -47.48 47.79
CA THR A 241 -11.14 -47.03 46.43
C THR A 241 -12.06 -45.87 46.08
N GLN A 242 -13.33 -45.94 46.49
CA GLN A 242 -14.25 -44.84 46.24
C GLN A 242 -13.81 -43.58 46.99
N LEU A 243 -13.36 -43.73 48.24
CA LEU A 243 -12.89 -42.58 49.00
C LEU A 243 -11.69 -41.93 48.33
N ILE A 244 -10.74 -42.75 47.86
CA ILE A 244 -9.55 -42.22 47.19
C ILE A 244 -9.94 -41.50 45.92
N SER A 245 -10.84 -42.08 45.14
CA SER A 245 -11.26 -41.46 43.89
C SER A 245 -11.92 -40.11 44.13
N GLN A 246 -12.82 -40.05 45.11
CA GLN A 246 -13.52 -38.79 45.35
C GLN A 246 -12.61 -37.74 45.97
N ALA A 247 -11.67 -38.17 46.82
CA ALA A 247 -10.71 -37.21 47.38
C ALA A 247 -9.82 -36.63 46.29
N PHE A 248 -9.34 -37.47 45.36
CA PHE A 248 -8.52 -36.96 44.27
C PHE A 248 -9.32 -36.06 43.34
N SER A 249 -10.59 -36.41 43.10
CA SER A 249 -11.44 -35.56 42.28
C SER A 249 -11.66 -34.19 42.93
N ASP A 250 -11.86 -34.17 44.25
CA ASP A 250 -12.01 -32.90 44.95
C ASP A 250 -10.73 -32.09 44.91
N ALA A 251 -9.57 -32.74 45.10
CA ALA A 251 -8.30 -32.02 45.11
C ALA A 251 -7.95 -31.49 43.73
N SER A 252 -8.40 -32.15 42.66
CA SER A 252 -8.13 -31.65 41.32
C SER A 252 -8.83 -30.34 41.02
N SER A 253 -9.85 -29.97 41.79
CA SER A 253 -10.66 -28.79 41.51
C SER A 253 -10.33 -27.62 42.42
N ARG A 254 -9.23 -27.68 43.17
CA ARG A 254 -8.90 -26.64 44.13
C ARG A 254 -7.48 -26.14 43.91
N ALA A 255 -7.25 -24.89 44.29
CA ALA A 255 -5.92 -24.31 44.20
C ALA A 255 -4.98 -25.01 45.18
N GLY A 256 -3.77 -25.31 44.71
CA GLY A 256 -2.81 -26.05 45.50
C GLY A 256 -3.00 -27.55 45.46
N GLY A 257 -4.02 -28.05 44.77
CA GLY A 257 -4.25 -29.48 44.69
C GLY A 257 -3.25 -30.21 43.82
N ALA A 258 -2.62 -29.50 42.87
CA ALA A 258 -1.58 -30.13 42.06
C ALA A 258 -0.39 -30.54 42.91
N ASP A 259 0.03 -29.66 43.83
CA ASP A 259 1.14 -29.99 44.73
C ASP A 259 0.78 -31.19 45.61
N PHE A 260 -0.42 -31.18 46.18
CA PHE A 260 -0.85 -32.29 47.03
C PHE A 260 -0.86 -33.60 46.26
N LEU A 261 -1.43 -33.60 45.07
CA LEU A 261 -1.52 -34.82 44.29
C LEU A 261 -0.14 -35.30 43.85
N MET A 262 0.75 -34.36 43.51
CA MET A 262 2.09 -34.73 43.10
C MET A 262 2.87 -35.34 44.25
N ARG A 263 2.66 -34.85 45.47
CA ARG A 263 3.34 -35.44 46.62
C ARG A 263 2.72 -36.79 47.01
N VAL A 264 1.41 -36.92 46.90
CA VAL A 264 0.76 -38.15 47.37
C VAL A 264 0.86 -39.27 46.34
N GLY A 265 1.20 -38.97 45.09
CA GLY A 265 1.35 -40.01 44.09
C GLY A 265 2.49 -40.98 44.38
N ASP A 266 3.42 -40.60 45.24
CA ASP A 266 4.58 -41.43 45.56
C ASP A 266 4.42 -42.18 46.86
N LYS A 267 3.25 -42.15 47.48
CA LYS A 267 3.02 -42.80 48.76
C LYS A 267 2.30 -44.14 48.57
N LYS A 268 2.47 -45.01 49.55
CA LYS A 268 2.07 -46.40 49.43
C LYS A 268 0.65 -46.63 49.95
N VAL A 269 -0.02 -47.63 49.39
CA VAL A 269 -1.34 -48.06 49.82
C VAL A 269 -1.47 -49.55 49.51
N THR A 270 -2.11 -50.28 50.43
CA THR A 270 -2.32 -51.71 50.28
C THR A 270 -3.81 -51.99 50.10
N LEU A 271 -4.17 -52.52 48.95
CA LEU A 271 -5.55 -52.87 48.65
C LEU A 271 -5.60 -54.22 47.96
N ASN A 272 -6.60 -55.02 48.31
CA ASN A 272 -6.83 -56.33 47.70
C ASN A 272 -5.61 -57.25 47.83
N GLY A 273 -4.79 -57.02 48.85
CA GLY A 273 -3.60 -57.82 49.05
C GLY A 273 -2.40 -57.40 48.26
N ALA A 274 -2.45 -56.25 47.59
CA ALA A 274 -1.33 -55.74 46.81
C ALA A 274 -0.93 -54.37 47.33
N THR A 275 0.37 -54.16 47.48
CA THR A 275 0.90 -52.88 47.94
C THR A 275 1.46 -52.13 46.74
N THR A 276 0.86 -50.97 46.45
CA THR A 276 1.23 -50.15 45.30
C THR A 276 1.48 -48.72 45.80
N THR A 277 1.83 -47.85 44.86
CA THR A 277 1.78 -46.42 45.13
C THR A 277 0.45 -45.87 44.62
N TYR A 278 0.11 -44.67 45.10
CA TYR A 278 -1.14 -44.06 44.65
C TYR A 278 -1.11 -43.75 43.16
N ARG A 279 0.08 -43.53 42.59
CA ARG A 279 0.20 -43.34 41.15
C ARG A 279 0.07 -44.64 40.39
N GLU A 280 0.50 -45.76 40.98
CA GLU A 280 0.33 -47.07 40.35
C GLU A 280 -1.10 -47.59 40.50
N LEU A 281 -1.77 -47.26 41.61
CA LEU A 281 -3.16 -47.65 41.75
C LEU A 281 -4.02 -47.04 40.66
N ILE A 282 -3.91 -45.72 40.48
CA ILE A 282 -4.45 -45.09 39.28
C ILE A 282 -3.63 -45.54 38.07
N GLY A 283 -4.24 -45.47 36.90
CA GLY A 283 -3.49 -45.78 35.70
C GLY A 283 -2.43 -44.74 35.41
N GLU A 284 -1.54 -45.06 34.48
CA GLU A 284 -0.54 -44.08 34.06
C GLU A 284 -1.17 -42.96 33.25
N GLU A 285 -2.00 -43.31 32.27
CA GLU A 285 -2.70 -42.29 31.50
C GLU A 285 -3.75 -41.59 32.35
N GLN A 286 -4.39 -42.34 33.25
CA GLN A 286 -5.35 -41.72 34.17
C GLN A 286 -4.64 -40.75 35.12
N TRP A 287 -3.45 -41.11 35.60
CA TRP A 287 -2.70 -40.19 36.44
C TRP A 287 -2.28 -38.96 35.66
N ASN A 288 -1.86 -39.12 34.41
CA ASN A 288 -1.48 -37.95 33.61
C ASN A 288 -2.68 -37.04 33.36
N ALA A 289 -3.85 -37.61 33.10
CA ALA A 289 -5.05 -36.81 32.92
C ALA A 289 -5.43 -36.09 34.20
N LEU A 290 -5.31 -36.77 35.34
CA LEU A 290 -5.57 -36.14 36.63
C LEU A 290 -4.62 -34.99 36.88
N MET A 291 -3.35 -35.16 36.53
CA MET A 291 -2.36 -34.11 36.70
C MET A 291 -2.69 -32.90 35.83
N VAL A 292 -3.06 -33.13 34.57
CA VAL A 292 -3.42 -32.02 33.70
C VAL A 292 -4.63 -31.29 34.24
N THR A 293 -5.64 -32.03 34.70
CA THR A 293 -6.83 -31.40 35.26
C THR A 293 -6.48 -30.56 36.49
N ALA A 294 -5.67 -31.11 37.38
CA ALA A 294 -5.29 -30.38 38.60
C ALA A 294 -4.51 -29.13 38.27
N GLN A 295 -3.64 -29.19 37.26
CA GLN A 295 -2.83 -28.03 36.93
C GLN A 295 -3.64 -26.95 36.23
N ARG A 296 -4.59 -27.35 35.38
CA ARG A 296 -5.33 -26.38 34.58
C ARG A 296 -6.60 -25.87 35.24
N SER A 297 -7.09 -26.52 36.30
CA SER A 297 -8.35 -26.12 36.91
C SER A 297 -8.26 -24.77 37.62
N GLN A 298 -7.06 -24.35 38.00
CA GLN A 298 -6.90 -23.06 38.69
C GLN A 298 -7.33 -21.90 37.81
N PHE A 299 -7.18 -22.03 36.50
CA PHE A 299 -7.50 -20.96 35.56
C PHE A 299 -8.93 -21.02 35.06
N GLU A 300 -9.69 -22.05 35.43
CA GLU A 300 -11.10 -22.15 35.08
C GLU A 300 -12.02 -21.78 36.23
N THR A 301 -11.61 -22.04 37.46
CA THR A 301 -12.39 -21.68 38.64
C THR A 301 -11.99 -20.32 39.20
N ASP A 302 -11.05 -19.63 38.56
CA ASP A 302 -10.62 -18.29 38.99
C ASP A 302 -10.38 -17.45 37.75
N ALA A 303 -11.29 -16.51 37.50
CA ALA A 303 -11.12 -15.62 36.36
C ALA A 303 -10.03 -14.58 36.59
N LYS A 304 -9.73 -14.27 37.86
CA LYS A 304 -8.69 -13.29 38.16
C LYS A 304 -7.33 -13.77 37.67
N LEU A 305 -7.00 -15.04 37.92
CA LEU A 305 -5.73 -15.58 37.49
C LEU A 305 -5.62 -15.62 35.97
N ASN A 306 -6.69 -16.04 35.29
CA ASN A 306 -6.68 -16.09 33.83
C ASN A 306 -6.49 -14.69 33.25
N GLU A 307 -7.23 -13.72 33.78
CA GLU A 307 -7.07 -12.34 33.30
C GLU A 307 -5.67 -11.82 33.52
N GLN A 308 -5.13 -12.03 34.73
CA GLN A 308 -3.79 -11.54 35.04
C GLN A 308 -2.75 -12.12 34.09
N TYR A 309 -2.77 -13.45 33.91
CA TYR A 309 -1.76 -14.07 33.05
C TYR A 309 -1.94 -13.67 31.60
N ARG A 310 -3.17 -13.62 31.10
CA ARG A 310 -3.38 -13.28 29.70
C ARG A 310 -3.02 -11.85 29.41
N LEU A 311 -3.31 -10.93 30.34
CA LEU A 311 -2.91 -9.54 30.14
C LEU A 311 -1.40 -9.37 30.22
N LYS A 312 -0.73 -10.11 31.11
CA LYS A 312 0.73 -10.07 31.14
C LYS A 312 1.32 -10.55 29.83
N ILE A 313 0.81 -11.66 29.31
CA ILE A 313 1.35 -12.21 28.06
C ILE A 313 1.10 -11.26 26.90
N ASN A 314 -0.10 -10.66 26.85
CA ASN A 314 -0.39 -9.74 25.75
C ASN A 314 0.42 -8.46 25.85
N SER A 315 0.70 -7.97 27.06
CA SER A 315 1.54 -6.79 27.18
C SER A 315 2.99 -7.10 26.84
N ALA A 316 3.46 -8.31 27.13
CA ALA A 316 4.79 -8.71 26.70
C ALA A 316 4.91 -8.82 25.19
N LEU A 317 3.79 -9.02 24.48
CA LEU A 317 3.79 -9.11 23.04
C LEU A 317 3.65 -7.76 22.35
N ASN A 318 3.48 -6.68 23.10
CA ASN A 318 3.32 -5.35 22.55
C ASN A 318 4.52 -4.46 22.88
N GLN A 319 5.69 -5.05 23.06
CA GLN A 319 6.92 -4.30 23.25
C GLN A 319 7.57 -4.01 21.91
N GLU A 320 8.26 -2.88 21.83
CA GLU A 320 8.95 -2.51 20.60
C GLU A 320 10.23 -3.31 20.39
N ASP A 321 10.91 -3.69 21.47
CA ASP A 321 12.15 -4.46 21.36
C ASP A 321 11.86 -5.92 21.62
N PRO A 322 12.08 -6.81 20.65
CA PRO A 322 11.84 -8.24 20.89
C PRO A 322 12.70 -8.84 21.98
N ARG A 323 13.91 -8.33 22.19
CA ARG A 323 14.78 -8.88 23.23
C ARG A 323 14.20 -8.65 24.62
N THR A 324 13.50 -7.54 24.82
CA THR A 324 12.82 -7.31 26.09
C THR A 324 11.61 -8.22 26.24
N ALA A 325 10.87 -8.42 25.15
CA ALA A 325 9.70 -9.30 25.17
C ALA A 325 10.08 -10.72 25.53
N TRP A 326 11.21 -11.20 25.00
CA TRP A 326 11.66 -12.56 25.32
C TRP A 326 11.92 -12.72 26.80
N GLU A 327 12.59 -11.76 27.42
CA GLU A 327 12.90 -11.86 28.85
C GLU A 327 11.63 -11.71 29.68
N MET A 328 10.69 -10.88 29.25
CA MET A 328 9.41 -10.80 29.93
C MET A 328 8.67 -12.13 29.89
N LEU A 329 8.73 -12.81 28.74
CA LEU A 329 8.09 -14.12 28.64
C LEU A 329 8.78 -15.14 29.53
N GLN A 330 10.12 -15.07 29.65
CA GLN A 330 10.82 -15.95 30.58
C GLN A 330 10.37 -15.70 32.02
N GLY A 331 10.20 -14.44 32.38
CA GLY A 331 9.68 -14.14 33.71
C GLY A 331 8.28 -14.68 33.94
N ILE A 332 7.42 -14.59 32.93
CA ILE A 332 6.07 -15.13 33.05
C ILE A 332 6.10 -16.65 33.18
N LYS A 333 7.01 -17.31 32.45
CA LYS A 333 7.17 -18.76 32.60
C LYS A 333 7.61 -19.12 34.01
N ALA A 334 8.53 -18.34 34.57
CA ALA A 334 8.96 -18.58 35.95
C ALA A 334 7.80 -18.41 36.92
N GLU A 335 6.95 -17.40 36.69
CA GLU A 335 5.77 -17.23 37.52
C GLU A 335 4.83 -18.42 37.41
N LEU A 336 4.62 -18.92 36.19
CA LEU A 336 3.69 -20.04 35.99
C LEU A 336 4.22 -21.33 36.60
N ASP A 337 5.53 -21.49 36.69
CA ASP A 337 6.09 -22.72 37.25
C ASP A 337 5.69 -22.94 38.70
N LYS A 338 5.26 -21.90 39.40
CA LYS A 338 4.89 -22.03 40.81
C LYS A 338 3.45 -22.46 41.03
N VAL A 339 2.63 -22.44 39.98
CA VAL A 339 1.24 -22.89 40.09
C VAL A 339 0.96 -24.15 39.30
N GLN A 340 1.87 -24.55 38.40
CA GLN A 340 1.75 -25.78 37.63
C GLN A 340 3.06 -26.53 37.79
N PRO A 341 3.27 -27.19 38.94
CA PRO A 341 4.57 -27.77 39.28
C PRO A 341 4.81 -29.17 38.72
N ASP A 342 4.46 -29.38 37.46
CA ASP A 342 4.67 -30.69 36.84
C ASP A 342 5.10 -30.48 35.40
N GLU A 343 5.24 -31.58 34.66
CA GLU A 343 5.87 -31.57 33.36
C GLU A 343 4.91 -31.71 32.19
N GLN A 344 3.62 -31.94 32.43
CA GLN A 344 2.70 -32.17 31.34
C GLN A 344 2.37 -30.88 30.61
N MET A 345 1.85 -31.02 29.40
CA MET A 345 1.39 -29.89 28.61
C MET A 345 0.00 -29.47 29.06
N THR A 346 -0.14 -28.21 29.45
CA THR A 346 -1.40 -27.61 29.84
C THR A 346 -1.76 -26.51 28.86
N PRO A 347 -3.04 -26.11 28.79
CA PRO A 347 -3.40 -25.02 27.88
C PRO A 347 -2.77 -23.68 28.23
N GLN A 348 -2.08 -23.58 29.37
CA GLN A 348 -1.41 -22.35 29.75
C GLN A 348 0.05 -22.32 29.33
N ARG A 349 0.68 -23.48 29.17
CA ARG A 349 2.00 -23.54 28.57
C ARG A 349 1.95 -23.36 27.07
N GLU A 350 0.82 -23.74 26.46
CA GLU A 350 0.61 -23.46 25.04
C GLU A 350 0.56 -21.96 24.79
N TRP A 351 -0.05 -21.20 25.71
CA TRP A 351 -0.02 -19.75 25.63
C TRP A 351 1.41 -19.24 25.48
N LEU A 352 2.31 -19.75 26.32
CA LEU A 352 3.67 -19.24 26.36
C LEU A 352 4.48 -19.69 25.16
N ILE A 353 4.26 -20.91 24.69
CA ILE A 353 4.95 -21.36 23.48
C ILE A 353 4.52 -20.52 22.27
N SER A 354 3.21 -20.26 22.15
CA SER A 354 2.73 -19.42 21.06
C SER A 354 3.28 -18.00 21.19
N ALA A 355 3.36 -17.48 22.41
CA ALA A 355 3.91 -16.14 22.60
C ALA A 355 5.36 -16.07 22.16
N GLN A 356 6.15 -17.10 22.48
CA GLN A 356 7.55 -17.12 22.06
C GLN A 356 7.68 -17.19 20.54
N GLU A 357 6.82 -17.98 19.89
CA GLU A 357 6.84 -18.02 18.42
C GLU A 357 6.49 -16.66 17.84
N GLN A 358 5.51 -15.98 18.42
CA GLN A 358 5.14 -14.65 17.95
C GLN A 358 6.29 -13.66 18.13
N VAL A 359 7.03 -13.80 19.23
CA VAL A 359 8.17 -12.91 19.45
C VAL A 359 9.27 -13.18 18.43
N GLN A 360 9.44 -14.44 18.03
CA GLN A 360 10.39 -14.72 16.94
C GLN A 360 9.98 -14.05 15.64
N ASN A 361 8.69 -14.11 15.32
CA ASN A 361 8.20 -13.41 14.12
C ASN A 361 8.43 -11.91 14.23
N GLN A 362 8.19 -11.35 15.41
CA GLN A 362 8.44 -9.93 15.63
C GLN A 362 9.91 -9.59 15.45
N MET A 363 10.80 -10.51 15.87
CA MET A 363 12.23 -10.27 15.68
C MET A 363 12.59 -10.23 14.20
N ASN A 364 11.97 -11.10 13.40
CA ASN A 364 12.18 -11.04 11.95
C ASN A 364 11.77 -9.68 11.39
N ALA A 365 10.55 -9.23 11.75
CA ALA A 365 10.07 -7.95 11.24
C ALA A 365 10.92 -6.79 11.74
N TRP A 366 11.49 -6.91 12.93
CA TRP A 366 12.35 -5.87 13.49
C TRP A 366 13.68 -5.79 12.77
N THR A 367 14.25 -6.94 12.41
CA THR A 367 15.52 -6.94 11.70
C THR A 367 15.37 -6.37 10.29
N LYS A 368 14.21 -6.59 9.65
CA LYS A 368 13.89 -5.81 8.43
C LYS A 368 14.21 -4.33 8.60
N ALA A 369 13.55 -3.69 9.56
CA ALA A 369 13.66 -2.24 9.71
C ALA A 369 15.08 -1.83 10.08
N GLN A 370 15.73 -2.59 10.96
CA GLN A 370 17.10 -2.24 11.35
C GLN A 370 18.03 -2.27 10.15
N ALA A 371 17.94 -3.32 9.33
CA ALA A 371 18.80 -3.41 8.16
C ALA A 371 18.52 -2.28 7.17
N LYS A 372 17.24 -1.95 6.97
CA LYS A 372 16.90 -0.88 6.04
C LYS A 372 17.46 0.46 6.50
N ALA A 373 17.32 0.78 7.78
CA ALA A 373 17.86 2.04 8.29
C ALA A 373 19.38 2.09 8.17
N LEU A 374 20.04 0.98 8.49
CA LEU A 374 21.50 0.95 8.38
C LEU A 374 21.95 1.15 6.94
N ASP A 375 21.22 0.55 5.98
CA ASP A 375 21.52 0.77 4.57
C ASP A 375 21.34 2.24 4.19
N ASP A 376 20.27 2.87 4.68
CA ASP A 376 20.04 4.28 4.35
C ASP A 376 21.18 5.16 4.84
N SER A 377 21.68 4.92 6.05
CA SER A 377 22.79 5.75 6.53
C SER A 377 24.09 5.42 5.82
N MET A 378 24.29 4.15 5.47
CA MET A 378 25.54 3.74 4.83
C MET A 378 25.64 4.30 3.42
N LYS A 379 24.51 4.51 2.75
CA LYS A 379 24.54 5.16 1.44
C LYS A 379 25.08 6.58 1.54
N SER A 380 24.67 7.33 2.56
CA SER A 380 25.18 8.69 2.75
C SER A 380 26.68 8.68 3.03
N MET A 381 27.13 7.75 3.88
CA MET A 381 28.57 7.68 4.13
C MET A 381 29.33 7.34 2.84
N ASN A 382 28.78 6.45 2.02
CA ASN A 382 29.43 6.09 0.76
C ASN A 382 29.51 7.29 -0.18
N LYS A 383 28.44 8.09 -0.25
CA LYS A 383 28.47 9.28 -1.10
C LYS A 383 29.53 10.26 -0.65
N LEU A 384 29.67 10.45 0.67
CA LEU A 384 30.73 11.33 1.17
C LEU A 384 32.11 10.79 0.80
N ASP A 385 32.30 9.48 0.90
CA ASP A 385 33.58 8.89 0.52
C ASP A 385 33.89 9.12 -0.95
N VAL A 386 32.88 9.00 -1.81
CA VAL A 386 33.08 9.20 -3.24
C VAL A 386 33.46 10.65 -3.53
N ILE A 387 32.79 11.60 -2.90
CA ILE A 387 33.14 13.01 -3.11
C ILE A 387 34.57 13.28 -2.63
N ASP A 388 34.95 12.71 -1.49
CA ASP A 388 36.31 12.90 -1.00
C ASP A 388 37.33 12.35 -1.98
N LYS A 389 37.06 11.17 -2.56
CA LYS A 389 37.96 10.62 -3.56
C LYS A 389 38.06 11.51 -4.78
N GLN A 390 36.95 12.13 -5.19
CA GLN A 390 36.96 12.99 -6.38
C GLN A 390 37.81 14.23 -6.15
N PHE A 391 37.61 14.93 -5.03
CA PHE A 391 38.52 16.04 -4.71
C PHE A 391 39.98 15.60 -4.56
N GLN A 392 40.22 14.42 -4.00
CA GLN A 392 41.62 14.00 -3.89
C GLN A 392 42.24 13.79 -5.26
N LYS A 393 41.48 13.22 -6.20
CA LYS A 393 41.99 13.08 -7.56
C LYS A 393 42.22 14.44 -8.21
N ARG A 394 41.28 15.37 -8.03
CA ARG A 394 41.41 16.68 -8.67
C ARG A 394 42.58 17.47 -8.11
N ILE A 395 42.82 17.41 -6.81
CA ILE A 395 43.91 18.17 -6.20
C ILE A 395 45.26 17.64 -6.67
N ASN A 396 45.36 16.33 -6.88
CA ASN A 396 46.62 15.73 -7.31
C ASN A 396 46.97 16.05 -8.75
N GLY A 397 46.07 16.65 -9.51
CA GLY A 397 46.35 17.05 -10.87
C GLY A 397 45.64 16.30 -11.96
N GLU A 398 44.55 15.60 -11.65
CA GLU A 398 43.79 14.86 -12.64
C GLU A 398 42.60 15.70 -13.10
N TRP A 399 42.14 15.42 -14.32
CA TRP A 399 41.11 16.22 -14.97
C TRP A 399 39.77 15.52 -14.80
N VAL A 400 39.15 15.76 -13.65
CA VAL A 400 37.84 15.23 -13.31
C VAL A 400 36.98 16.38 -12.83
N SER A 401 35.67 16.17 -12.88
CA SER A 401 34.72 17.19 -12.48
C SER A 401 34.32 16.98 -11.02
N THR A 402 34.39 18.06 -10.24
CA THR A 402 34.05 18.02 -8.82
C THR A 402 32.63 18.52 -8.57
N ASP A 403 31.82 18.64 -9.60
CA ASP A 403 30.41 18.97 -9.44
C ASP A 403 29.65 17.72 -8.99
N PHE A 404 28.68 17.92 -8.09
CA PHE A 404 27.94 16.78 -7.56
C PHE A 404 27.09 16.10 -8.62
N LYS A 405 26.76 16.79 -9.70
CA LYS A 405 26.04 16.17 -10.81
C LYS A 405 26.90 15.25 -11.64
N ASP A 406 28.22 15.28 -11.47
CA ASP A 406 29.14 14.48 -12.26
C ASP A 406 29.85 13.42 -11.44
N MET A 407 29.39 13.16 -10.22
CA MET A 407 29.99 12.11 -9.41
C MET A 407 29.53 10.75 -9.94
N PRO A 408 30.39 9.73 -9.89
CA PRO A 408 29.96 8.39 -10.30
C PRO A 408 28.88 7.85 -9.38
N VAL A 409 27.90 7.18 -9.98
CA VAL A 409 26.71 6.71 -9.27
C VAL A 409 26.70 5.19 -9.30
N ASN A 410 26.36 4.59 -8.17
CA ASN A 410 26.35 3.15 -7.98
C ASN A 410 25.04 2.74 -7.34
N GLU A 411 24.89 1.45 -7.06
CA GLU A 411 23.79 1.00 -6.22
C GLU A 411 24.09 1.17 -4.74
N ASN A 412 25.34 1.43 -4.39
CA ASN A 412 25.74 1.68 -3.02
C ASN A 412 25.76 3.16 -2.66
N THR A 413 25.46 4.04 -3.62
CA THR A 413 25.41 5.47 -3.38
C THR A 413 24.05 6.08 -3.66
N GLY A 414 23.41 5.71 -4.76
CA GLY A 414 22.23 6.40 -5.20
C GLY A 414 22.60 7.67 -5.95
N GLU A 415 21.64 8.59 -6.02
CA GLU A 415 21.85 9.86 -6.69
C GLU A 415 22.36 10.90 -5.70
N PHE A 416 23.22 11.79 -6.18
CA PHE A 416 23.83 12.81 -5.34
C PHE A 416 22.94 14.04 -5.25
N LYS A 417 23.07 14.75 -4.13
CA LYS A 417 22.31 15.96 -3.88
C LYS A 417 23.25 17.09 -3.51
N HIS A 418 22.73 18.32 -3.56
CA HIS A 418 23.50 19.48 -3.17
C HIS A 418 23.87 19.44 -1.69
N SER A 419 22.96 18.94 -0.86
CA SER A 419 23.23 18.84 0.57
C SER A 419 24.38 17.89 0.85
N ASP A 420 24.63 16.93 -0.04
CA ASP A 420 25.80 16.07 0.12
C ASP A 420 27.09 16.87 0.01
N MET A 421 27.17 17.77 -0.97
CA MET A 421 28.33 18.64 -1.10
C MET A 421 28.44 19.60 0.08
N VAL A 422 27.30 20.10 0.56
CA VAL A 422 27.33 20.99 1.72
C VAL A 422 27.91 20.26 2.93
N ASN A 423 27.43 19.05 3.18
CA ASN A 423 27.92 18.25 4.30
C ASN A 423 29.40 17.92 4.14
N TYR A 424 29.81 17.57 2.92
CA TYR A 424 31.22 17.25 2.69
C TYR A 424 32.10 18.46 2.96
N ALA A 425 31.69 19.64 2.49
CA ALA A 425 32.49 20.84 2.72
C ALA A 425 32.61 21.17 4.19
N ASN A 426 31.49 21.08 4.92
CA ASN A 426 31.54 21.36 6.36
C ASN A 426 32.44 20.37 7.08
N LYS A 427 32.31 19.09 6.76
CA LYS A 427 33.11 18.05 7.40
C LYS A 427 34.59 18.24 7.09
N LYS A 428 34.92 18.55 5.83
CA LYS A 428 36.32 18.75 5.46
C LYS A 428 36.91 19.96 6.16
N LEU A 429 36.16 21.07 6.23
CA LEU A 429 36.68 22.25 6.93
C LEU A 429 36.92 21.95 8.40
N ALA A 430 36.00 21.25 9.05
CA ALA A 430 36.20 20.89 10.45
C ALA A 430 37.41 19.99 10.63
N GLU A 431 37.57 19.00 9.74
CA GLU A 431 38.70 18.09 9.85
C GLU A 431 40.02 18.81 9.65
N ILE A 432 40.08 19.75 8.71
CA ILE A 432 41.31 20.53 8.53
C ILE A 432 41.57 21.39 9.75
N ASP A 433 40.52 21.94 10.35
CA ASP A 433 40.68 22.74 11.56
C ASP A 433 41.15 21.92 12.75
N SER A 434 40.88 20.61 12.77
CA SER A 434 41.28 19.76 13.87
C SER A 434 42.68 19.19 13.73
N MET A 435 43.42 19.58 12.71
CA MET A 435 44.75 19.04 12.47
C MET A 435 45.80 19.73 13.34
N ASP A 436 46.86 19.00 13.67
CA ASP A 436 47.94 19.54 14.48
C ASP A 436 49.08 20.00 13.59
N ILE A 437 48.82 21.09 12.89
CA ILE A 437 49.80 21.70 11.97
C ILE A 437 49.74 23.21 12.14
N PRO A 438 50.81 23.90 11.72
CA PRO A 438 50.78 25.37 11.77
C PRO A 438 49.70 25.94 10.87
N ASP A 439 49.36 27.20 11.13
CA ASP A 439 48.23 27.83 10.43
C ASP A 439 48.50 27.99 8.94
N GLY A 440 49.77 28.16 8.54
CA GLY A 440 50.08 28.29 7.12
C GLY A 440 49.72 27.05 6.33
N ALA A 441 50.00 25.87 6.88
CA ALA A 441 49.65 24.63 6.20
C ALA A 441 48.13 24.48 6.10
N LYS A 442 47.42 24.86 7.15
CA LYS A 442 45.96 24.82 7.10
C LYS A 442 45.41 25.74 6.02
N ASP A 443 45.96 26.94 5.92
CA ASP A 443 45.54 27.85 4.86
C ASP A 443 45.84 27.28 3.48
N ALA A 444 47.02 26.66 3.33
CA ALA A 444 47.37 26.06 2.05
C ALA A 444 46.39 24.96 1.66
N MET A 445 46.02 24.10 2.62
CA MET A 445 45.06 23.04 2.32
C MET A 445 43.68 23.61 1.98
N LYS A 446 43.23 24.60 2.74
CA LYS A 446 41.93 25.20 2.45
C LYS A 446 41.92 25.85 1.08
N LEU A 447 43.01 26.50 0.70
CA LEU A 447 43.06 27.13 -0.62
C LEU A 447 43.17 26.09 -1.73
N LYS A 448 43.81 24.96 -1.47
CA LYS A 448 43.81 23.87 -2.45
C LYS A 448 42.39 23.36 -2.69
N TYR A 449 41.62 23.19 -1.61
CA TYR A 449 40.24 22.74 -1.77
C TYR A 449 39.39 23.81 -2.46
N LEU A 450 39.65 25.08 -2.17
CA LEU A 450 38.94 26.16 -2.85
C LEU A 450 39.25 26.17 -4.34
N GLN A 451 40.51 25.93 -4.72
CA GLN A 451 40.89 25.97 -6.13
C GLN A 451 40.32 24.77 -6.88
N ALA A 452 40.31 23.59 -6.24
CA ALA A 452 39.78 22.40 -6.89
C ALA A 452 38.26 22.38 -6.99
N ASP A 453 37.58 23.29 -6.32
CA ASP A 453 36.13 23.28 -6.28
C ASP A 453 35.53 23.75 -7.60
N SER A 454 34.30 23.31 -7.85
CA SER A 454 33.60 23.70 -9.07
C SER A 454 32.93 25.06 -8.89
N LYS A 455 32.36 25.56 -10.00
CA LYS A 455 31.92 26.94 -10.06
C LYS A 455 30.88 27.26 -9.00
N ASP A 456 29.89 26.37 -8.83
CA ASP A 456 28.82 26.58 -7.86
C ASP A 456 28.94 25.66 -6.66
N GLY A 457 30.18 25.30 -6.28
CA GLY A 457 30.40 24.41 -5.17
C GLY A 457 30.19 25.08 -3.84
N ALA A 458 30.29 24.26 -2.78
CA ALA A 458 30.09 24.77 -1.43
C ALA A 458 31.29 25.55 -0.91
N PHE A 459 32.50 25.15 -1.28
CA PHE A 459 33.69 25.90 -0.88
C PHE A 459 33.67 27.30 -1.47
N ARG A 460 33.28 27.43 -2.72
CA ARG A 460 33.21 28.74 -3.36
C ARG A 460 32.02 29.56 -2.86
N THR A 461 30.97 28.88 -2.38
CA THR A 461 29.82 29.59 -1.83
C THR A 461 30.13 30.15 -0.44
N ALA A 462 30.92 29.41 0.36
CA ALA A 462 31.29 29.89 1.68
C ALA A 462 32.13 31.15 1.59
N ILE A 463 33.11 31.17 0.67
CA ILE A 463 33.97 32.35 0.52
C ILE A 463 33.33 33.41 -0.35
N GLY A 464 32.24 33.10 -1.05
CA GLY A 464 31.56 34.11 -1.85
C GLY A 464 30.91 35.19 -1.01
N THR A 465 30.58 34.87 0.24
CA THR A 465 30.06 35.88 1.15
C THR A 465 31.11 36.95 1.45
N MET A 466 32.38 36.54 1.59
CA MET A 466 33.46 37.49 1.77
C MET A 466 33.57 38.45 0.59
N VAL A 467 33.51 37.92 -0.63
CA VAL A 467 33.67 38.76 -1.82
C VAL A 467 32.48 39.70 -1.97
N THR A 468 31.27 39.18 -1.73
CA THR A 468 30.09 40.03 -1.81
C THR A 468 30.17 41.16 -0.79
N ASP A 469 30.55 40.84 0.45
CA ASP A 469 30.65 41.86 1.48
C ASP A 469 31.73 42.89 1.15
N ALA A 470 32.87 42.45 0.63
CA ALA A 470 33.94 43.39 0.28
C ALA A 470 33.51 44.32 -0.84
N GLY A 471 32.86 43.78 -1.86
CA GLY A 471 32.37 44.63 -2.95
C GLY A 471 31.34 45.63 -2.46
N GLN A 472 30.43 45.18 -1.59
CA GLN A 472 29.43 46.09 -1.03
C GLN A 472 30.09 47.17 -0.19
N GLU A 473 31.10 46.81 0.60
CA GLU A 473 31.82 47.79 1.40
C GLU A 473 32.43 48.87 0.52
N TRP A 474 33.12 48.46 -0.54
CA TRP A 474 33.77 49.45 -1.41
C TRP A 474 32.75 50.33 -2.12
N SER A 475 31.68 49.73 -2.65
CA SER A 475 30.70 50.52 -3.39
C SER A 475 29.98 51.51 -2.47
N ALA A 476 29.61 51.07 -1.26
CA ALA A 476 28.98 51.96 -0.30
C ALA A 476 29.93 53.08 0.12
N ALA A 477 31.22 52.76 0.30
CA ALA A 477 32.19 53.79 0.65
C ALA A 477 32.32 54.83 -0.46
N VAL A 478 32.31 54.38 -1.71
CA VAL A 478 32.39 55.32 -2.83
C VAL A 478 31.15 56.21 -2.86
N ILE A 479 29.97 55.62 -2.65
CA ILE A 479 28.74 56.42 -2.67
C ILE A 479 28.72 57.44 -1.54
N ASN A 480 29.09 57.01 -0.33
CA ASN A 480 29.06 57.90 0.83
C ASN A 480 30.28 58.79 0.95
N GLY A 481 31.34 58.53 0.18
CA GLY A 481 32.51 59.38 0.22
C GLY A 481 33.36 59.23 1.46
N LYS A 482 33.25 58.10 2.16
CA LYS A 482 34.05 57.87 3.36
C LYS A 482 34.07 56.38 3.65
N LEU A 483 35.24 55.88 4.03
CA LEU A 483 35.34 54.48 4.44
C LEU A 483 34.78 54.30 5.84
N PRO A 484 34.04 53.22 6.08
CA PRO A 484 33.54 52.96 7.43
C PRO A 484 34.67 52.58 8.38
N GLU A 485 34.36 52.65 9.67
CA GLU A 485 35.37 52.35 10.68
C GLU A 485 35.84 50.90 10.61
N ARG A 486 34.96 50.00 10.19
CA ARG A 486 35.27 48.58 10.08
C ARG A 486 34.99 48.09 8.67
N THR A 487 35.98 47.44 8.06
CA THR A 487 35.81 46.74 6.79
C THR A 487 36.38 45.34 6.94
N PRO A 488 35.72 44.48 7.73
CA PRO A 488 36.28 43.15 7.98
C PRO A 488 36.44 42.30 6.73
N ALA A 489 35.50 42.41 5.79
CA ALA A 489 35.57 41.57 4.59
C ALA A 489 36.73 41.94 3.70
N MET A 490 36.97 43.25 3.52
CA MET A 490 38.10 43.67 2.71
C MET A 490 39.43 43.26 3.34
N ASP A 491 39.55 43.37 4.66
CA ASP A 491 40.77 42.95 5.33
C ASP A 491 40.98 41.45 5.19
N ALA A 492 39.93 40.66 5.38
CA ALA A 492 40.06 39.21 5.25
C ALA A 492 40.44 38.82 3.82
N LEU A 493 39.80 39.43 2.82
CA LEU A 493 40.11 39.11 1.44
C LEU A 493 41.53 39.54 1.08
N ARG A 494 41.98 40.68 1.60
CA ARG A 494 43.34 41.12 1.34
C ARG A 494 44.35 40.18 1.97
N ARG A 495 44.09 39.69 3.17
CA ARG A 495 44.99 38.72 3.78
C ARG A 495 45.03 37.41 3.00
N ILE A 496 43.87 36.95 2.53
CA ILE A 496 43.85 35.75 1.70
C ILE A 496 44.62 35.97 0.41
N ARG A 497 44.49 37.16 -0.19
CA ARG A 497 45.28 37.50 -1.36
C ARG A 497 46.77 37.44 -1.05
N ASN A 498 47.18 37.99 0.10
CA ASN A 498 48.58 37.92 0.49
C ASN A 498 49.04 36.49 0.65
N ALA A 499 48.13 35.59 1.04
CA ALA A 499 48.49 34.17 1.10
C ALA A 499 48.67 33.58 -0.30
N ASP A 500 47.80 33.93 -1.25
CA ASP A 500 47.84 33.36 -2.59
C ASP A 500 47.30 34.39 -3.58
N PRO A 501 48.19 35.12 -4.26
CA PRO A 501 47.73 36.19 -5.17
C PRO A 501 47.14 35.68 -6.47
N GLN A 502 47.74 34.62 -7.03
CA GLN A 502 47.30 34.13 -8.34
C GLN A 502 45.91 33.52 -8.27
N LEU A 503 45.60 32.80 -7.18
CA LEU A 503 44.27 32.23 -7.04
C LEU A 503 43.20 33.30 -6.94
N ILE A 504 43.46 34.36 -6.17
CA ILE A 504 42.48 35.42 -6.02
C ILE A 504 42.32 36.19 -7.32
N ALA A 505 43.42 36.42 -8.04
CA ALA A 505 43.32 37.06 -9.35
C ALA A 505 42.55 36.20 -10.34
N ALA A 506 42.68 34.87 -10.24
CA ALA A 506 41.96 33.99 -11.15
C ALA A 506 40.48 33.95 -10.84
N LEU A 507 40.11 33.99 -9.55
CA LEU A 507 38.71 33.83 -9.18
C LEU A 507 37.96 35.15 -9.10
N TYR A 508 38.56 36.19 -8.52
CA TYR A 508 37.90 37.47 -8.29
C TYR A 508 38.78 38.58 -8.84
N PRO A 509 38.78 38.78 -10.16
CA PRO A 509 39.68 39.79 -10.75
C PRO A 509 39.44 41.22 -10.27
N ASP A 510 38.18 41.60 -10.01
CA ASP A 510 37.89 42.98 -9.64
C ASP A 510 38.52 43.34 -8.31
N GLN A 511 38.36 42.47 -7.31
CA GLN A 511 38.97 42.71 -6.01
C GLN A 511 40.48 42.67 -6.09
N ALA A 512 41.04 41.80 -6.94
CA ALA A 512 42.48 41.75 -7.11
C ALA A 512 43.02 43.06 -7.68
N GLU A 513 42.35 43.62 -8.69
CA GLU A 513 42.78 44.89 -9.25
C GLU A 513 42.65 46.02 -8.23
N LEU A 514 41.56 46.02 -7.46
CA LEU A 514 41.40 47.03 -6.42
C LEU A 514 42.51 46.93 -5.38
N PHE A 515 42.87 45.70 -4.98
CA PHE A 515 43.93 45.53 -3.99
C PHE A 515 45.29 45.94 -4.54
N LEU A 516 45.54 45.71 -5.83
CA LEU A 516 46.79 46.17 -6.43
C LEU A 516 46.87 47.69 -6.45
N THR A 517 45.77 48.36 -6.80
CA THR A 517 45.75 49.82 -6.75
C THR A 517 45.98 50.33 -5.34
N MET A 518 45.31 49.72 -4.35
CA MET A 518 45.50 50.13 -2.97
C MET A 518 46.93 49.89 -2.51
N ASP A 519 47.56 48.81 -2.96
CA ASP A 519 48.95 48.54 -2.62
C ASP A 519 49.87 49.62 -3.17
N MET A 520 49.66 50.02 -4.43
CA MET A 520 50.49 51.07 -5.00
C MET A 520 50.31 52.38 -4.26
N MET A 521 49.06 52.75 -3.94
CA MET A 521 48.82 53.97 -3.16
C MET A 521 49.46 53.88 -1.79
N ASP A 522 49.38 52.72 -1.13
CA ASP A 522 49.98 52.56 0.19
C ASP A 522 51.49 52.75 0.13
N LYS A 523 52.13 52.19 -0.91
CA LYS A 523 53.57 52.34 -1.03
C LYS A 523 53.96 53.78 -1.35
N GLN A 524 53.10 54.52 -2.05
CA GLN A 524 53.38 55.95 -2.23
C GLN A 524 53.06 56.79 -1.00
N GLY A 525 52.35 56.23 -0.02
CA GLY A 525 51.96 57.00 1.16
C GLY A 525 50.71 57.83 0.99
N ILE A 526 49.73 57.34 0.24
CA ILE A 526 48.54 58.09 -0.11
C ILE A 526 47.34 57.42 0.55
N ASP A 527 46.47 58.23 1.16
CA ASP A 527 45.31 57.72 1.87
C ASP A 527 44.25 57.24 0.88
N PRO A 528 43.45 56.23 1.25
CA PRO A 528 42.39 55.75 0.34
C PRO A 528 41.32 56.79 0.01
N GLN A 529 41.24 57.89 0.76
CA GLN A 529 40.29 58.95 0.41
C GLN A 529 40.53 59.50 -0.98
N VAL A 530 41.78 59.47 -1.45
CA VAL A 530 42.07 59.92 -2.80
C VAL A 530 41.42 59.00 -3.83
N ILE A 531 41.52 57.68 -3.61
CA ILE A 531 40.86 56.73 -4.50
C ILE A 531 39.36 56.91 -4.45
N LEU A 532 38.81 57.14 -3.26
CA LEU A 532 37.38 57.36 -3.14
C LEU A 532 36.94 58.60 -3.92
N ASP A 533 37.71 59.69 -3.82
CA ASP A 533 37.36 60.90 -4.56
C ASP A 533 37.44 60.70 -6.06
N ALA A 534 38.47 60.00 -6.53
CA ALA A 534 38.59 59.74 -7.96
C ALA A 534 37.44 58.88 -8.47
N ASP A 535 37.07 57.84 -7.71
CA ASP A 535 35.94 57.01 -8.11
C ASP A 535 34.64 57.80 -8.09
N ARG A 536 34.46 58.67 -7.10
CA ARG A 536 33.26 59.48 -7.04
C ARG A 536 33.17 60.43 -8.23
N LEU A 537 34.30 61.01 -8.63
CA LEU A 537 34.30 61.89 -9.79
C LEU A 537 33.98 61.12 -11.07
N THR A 538 34.53 59.91 -11.21
CA THR A 538 34.35 59.15 -12.44
C THR A 538 32.96 58.52 -12.55
N VAL A 539 32.37 58.09 -11.44
CA VAL A 539 31.14 57.30 -11.49
C VAL A 539 29.97 58.14 -11.96
N LYS A 540 29.98 59.45 -11.68
CA LYS A 540 28.88 60.34 -12.02
C LYS A 540 28.97 60.85 -13.45
N ARG A 541 29.66 60.13 -14.32
CA ARG A 541 30.04 60.63 -15.63
C ARG A 541 29.79 59.54 -16.66
N SER A 542 29.21 59.92 -17.79
CA SER A 542 28.80 58.95 -18.80
C SER A 542 30.00 58.43 -19.57
N LYS A 543 29.75 57.37 -20.33
CA LYS A 543 30.82 56.73 -21.10
C LYS A 543 31.35 57.63 -22.20
N GLU A 544 30.51 58.52 -22.73
CA GLU A 544 30.97 59.44 -23.76
C GLU A 544 31.86 60.54 -23.17
N GLN A 545 31.56 60.98 -21.95
CA GLN A 545 32.36 62.01 -21.31
C GLN A 545 33.68 61.46 -20.78
N ARG A 546 33.72 60.18 -20.43
CA ARG A 546 34.96 59.58 -19.92
C ARG A 546 36.03 59.55 -21.00
N PHE A 547 35.65 59.30 -22.25
CA PHE A 547 36.61 59.33 -23.35
C PHE A 547 37.19 60.73 -23.52
N GLU A 548 36.35 61.77 -23.45
CA GLU A 548 36.83 63.13 -23.54
C GLU A 548 37.77 63.47 -22.39
N ASP A 549 37.42 63.03 -21.17
CA ASP A 549 38.28 63.28 -20.03
C ASP A 549 39.64 62.60 -20.20
N ASP A 550 39.64 61.36 -20.66
CA ASP A 550 40.89 60.64 -20.88
C ASP A 550 41.75 61.33 -21.93
N LYS A 551 41.13 61.75 -23.04
CA LYS A 551 41.88 62.44 -24.08
C LYS A 551 42.46 63.75 -23.56
N ALA A 552 41.67 64.51 -22.80
CA ALA A 552 42.16 65.77 -22.25
C ALA A 552 43.33 65.54 -21.30
N PHE A 553 43.22 64.54 -20.43
CA PHE A 553 44.30 64.26 -19.49
C PHE A 553 45.58 63.84 -20.22
N GLU A 554 45.45 62.96 -21.22
CA GLU A 554 46.62 62.53 -21.96
C GLU A 554 47.25 63.69 -22.73
N SER A 555 46.42 64.56 -23.31
CA SER A 555 46.95 65.71 -24.02
C SER A 555 47.66 66.67 -23.07
N ALA A 556 47.12 66.86 -21.87
CA ALA A 556 47.78 67.72 -20.89
C ALA A 556 49.11 67.12 -20.45
N LEU A 557 49.17 65.80 -20.29
CA LEU A 557 50.42 65.17 -19.90
C LEU A 557 51.47 65.26 -21.01
N ASN A 558 51.08 64.95 -22.25
CA ASN A 558 52.03 64.93 -23.35
C ASN A 558 52.56 66.32 -23.69
N ALA A 559 51.84 67.37 -23.33
CA ALA A 559 52.28 68.74 -23.59
C ALA A 559 53.15 69.29 -22.48
N SER A 560 53.44 68.50 -21.44
CA SER A 560 54.27 68.98 -20.34
C SER A 560 55.74 69.07 -20.77
N LYS A 561 56.51 69.81 -19.98
CA LYS A 561 57.92 70.00 -20.26
C LYS A 561 58.83 69.11 -19.43
N ALA A 562 58.38 68.68 -18.25
CA ALA A 562 59.20 67.80 -17.42
C ALA A 562 59.24 66.40 -18.04
N PRO A 563 60.42 65.79 -18.17
CA PRO A 563 60.49 64.44 -18.75
C PRO A 563 59.73 63.40 -17.95
N GLU A 564 59.64 63.55 -16.63
CA GLU A 564 58.93 62.59 -15.80
C GLU A 564 57.42 62.58 -16.09
N ILE A 565 56.88 63.67 -16.60
CA ILE A 565 55.46 63.81 -16.84
C ILE A 565 55.09 63.48 -18.29
N ALA A 566 55.89 63.94 -19.25
CA ALA A 566 55.57 63.74 -20.65
C ALA A 566 55.75 62.30 -21.10
N ARG A 567 56.58 61.52 -20.42
CA ARG A 567 56.88 60.15 -20.82
C ARG A 567 56.76 59.22 -19.61
N MET A 568 55.64 59.33 -18.92
CA MET A 568 55.30 58.58 -17.73
C MET A 568 54.81 57.18 -18.11
N PRO A 569 55.23 56.14 -17.39
CA PRO A 569 54.68 54.80 -17.62
C PRO A 569 53.21 54.72 -17.24
N ALA A 570 52.51 53.75 -17.83
CA ALA A 570 51.07 53.63 -17.65
C ALA A 570 50.71 53.35 -16.21
N SER A 571 51.46 52.47 -15.54
CA SER A 571 51.16 52.13 -14.16
C SER A 571 51.29 53.33 -13.24
N LEU A 572 52.31 54.16 -13.46
CA LEU A 572 52.41 55.41 -12.71
C LEU A 572 51.33 56.40 -13.15
N ARG A 573 50.96 56.36 -14.42
CA ARG A 573 49.94 57.27 -14.93
C ARG A 573 48.60 57.04 -14.28
N GLU A 574 48.28 55.79 -13.92
CA GLU A 574 47.02 55.53 -13.23
C GLU A 574 46.95 56.23 -11.89
N SER A 575 47.99 56.11 -11.07
CA SER A 575 48.02 56.78 -9.78
C SER A 575 48.06 58.29 -9.93
N ALA A 576 48.79 58.78 -10.94
CA ALA A 576 48.81 60.21 -11.21
C ALA A 576 47.41 60.72 -11.56
N ARG A 577 46.68 59.95 -12.37
CA ARG A 577 45.32 60.33 -12.74
C ARG A 577 44.42 60.34 -11.51
N LYS A 578 44.60 59.38 -10.60
CA LYS A 578 43.79 59.39 -9.39
C LYS A 578 44.08 60.61 -8.52
N ILE A 579 45.35 60.98 -8.36
CA ILE A 579 45.69 62.18 -7.58
C ILE A 579 45.09 63.43 -8.22
N TYR A 580 45.26 63.55 -9.54
CA TYR A 580 44.72 64.70 -10.27
C TYR A 580 43.20 64.77 -10.14
N ASP A 581 42.53 63.62 -10.25
CA ASP A 581 41.07 63.59 -10.14
C ASP A 581 40.62 63.98 -8.74
N SER A 582 41.33 63.53 -7.71
CA SER A 582 40.97 63.91 -6.35
C SER A 582 41.08 65.41 -6.15
N VAL A 583 42.19 66.01 -6.59
CA VAL A 583 42.36 67.45 -6.41
C VAL A 583 41.34 68.22 -7.25
N LYS A 584 41.04 67.73 -8.45
CA LYS A 584 40.06 68.39 -9.32
C LYS A 584 38.63 68.19 -8.83
N TYR A 585 38.38 67.18 -8.01
CA TYR A 585 37.06 66.94 -7.45
C TYR A 585 36.81 67.75 -6.20
N ARG A 586 37.79 67.86 -5.30
CA ARG A 586 37.54 68.56 -4.06
C ARG A 586 37.52 70.09 -4.24
N SER A 587 38.22 70.59 -5.24
CA SER A 587 38.06 71.96 -5.70
C SER A 587 37.43 71.94 -7.10
N GLY A 588 37.31 73.11 -7.70
CA GLY A 588 36.91 73.19 -9.09
C GLY A 588 38.03 73.51 -10.05
N ASN A 589 39.26 73.59 -9.56
CA ASN A 589 40.39 74.11 -10.32
C ASN A 589 41.14 72.96 -10.97
N GLU A 590 41.14 72.95 -12.31
CA GLU A 590 41.95 71.97 -13.05
C GLU A 590 43.41 72.38 -13.11
N SER A 591 43.68 73.69 -13.15
CA SER A 591 45.06 74.16 -13.12
C SER A 591 45.73 73.82 -11.81
N MET A 592 45.01 73.99 -10.69
CA MET A 592 45.54 73.58 -9.40
C MET A 592 45.79 72.09 -9.36
N ALA A 593 44.87 71.29 -9.89
CA ALA A 593 45.05 69.85 -9.90
C ALA A 593 46.29 69.46 -10.70
N MET A 594 46.48 70.08 -11.86
CA MET A 594 47.66 69.79 -12.67
C MET A 594 48.95 70.17 -11.95
N GLU A 595 48.98 71.35 -11.32
CA GLU A 595 50.20 71.76 -10.64
C GLU A 595 50.48 70.89 -9.43
N GLN A 596 49.44 70.47 -8.70
CA GLN A 596 49.63 69.60 -7.55
C GLN A 596 50.18 68.24 -7.97
N MET A 597 49.59 67.66 -9.02
CA MET A 597 50.08 66.38 -9.52
C MET A 597 51.53 66.49 -9.98
N THR A 598 51.85 67.53 -10.75
CA THR A 598 53.19 67.66 -11.28
C THR A 598 54.21 67.87 -10.17
N LYS A 599 53.89 68.69 -9.17
CA LYS A 599 54.81 68.90 -8.07
C LYS A 599 54.99 67.64 -7.23
N PHE A 600 53.90 66.90 -6.98
CA PHE A 600 54.01 65.66 -6.23
C PHE A 600 54.88 64.64 -6.96
N LEU A 601 54.73 64.55 -8.28
CA LEU A 601 55.46 63.55 -9.04
C LEU A 601 56.90 63.96 -9.31
N LYS A 602 57.20 65.26 -9.36
CA LYS A 602 58.57 65.70 -9.61
C LYS A 602 59.49 65.36 -8.44
N GLU A 603 59.01 65.53 -7.21
CA GLU A 603 59.86 65.42 -6.04
C GLU A 603 59.82 64.04 -5.40
N SER A 604 59.13 63.08 -5.99
CA SER A 604 59.08 61.73 -5.46
C SER A 604 59.49 60.65 -6.44
N THR A 605 59.76 60.99 -7.69
CA THR A 605 60.17 60.02 -8.71
C THR A 605 61.45 60.50 -9.37
N TYR A 606 62.15 59.56 -10.01
CA TYR A 606 63.38 59.83 -10.74
C TYR A 606 63.31 59.16 -12.09
N THR A 607 63.65 59.89 -13.15
CA THR A 607 63.63 59.36 -14.51
C THR A 607 65.03 58.97 -14.94
N PHE A 608 65.18 57.73 -15.40
CA PHE A 608 66.46 57.23 -15.90
C PHE A 608 66.57 57.51 -17.38
N THR A 609 67.79 57.82 -17.82
CA THR A 609 68.06 58.15 -19.20
C THR A 609 69.08 57.18 -19.79
N GLY A 610 69.03 57.02 -21.11
CA GLY A 610 69.96 56.18 -21.82
C GLY A 610 70.72 56.99 -22.86
N ASP A 611 71.79 56.38 -23.37
CA ASP A 611 72.66 57.02 -24.35
C ASP A 611 72.09 56.79 -25.75
N ASP A 612 71.83 57.89 -26.46
CA ASP A 612 71.28 57.87 -27.82
C ASP A 612 69.94 57.12 -27.81
N VAL A 613 68.97 57.71 -27.12
CA VAL A 613 67.61 57.20 -27.06
C VAL A 613 66.68 58.32 -27.51
N ASP A 614 65.78 58.00 -28.45
CA ASP A 614 64.82 58.97 -28.92
C ASP A 614 63.83 59.27 -27.81
N GLY A 615 63.83 60.50 -27.32
CA GLY A 615 63.08 60.88 -26.14
C GLY A 615 63.86 60.79 -24.84
N ASP A 616 64.96 60.03 -24.83
CA ASP A 616 65.98 59.99 -23.79
C ASP A 616 65.53 59.28 -22.51
N THR A 617 64.28 58.85 -22.40
CA THR A 617 63.76 58.25 -21.18
C THR A 617 63.64 56.74 -21.34
N VAL A 618 64.15 56.00 -20.35
CA VAL A 618 64.07 54.54 -20.34
C VAL A 618 63.31 54.00 -19.15
N GLY A 619 62.80 54.85 -18.28
CA GLY A 619 62.03 54.40 -17.13
C GLY A 619 61.93 55.47 -16.08
N VAL A 620 60.92 55.31 -15.22
CA VAL A 620 60.70 56.20 -14.09
C VAL A 620 60.50 55.35 -12.85
N ILE A 621 61.28 55.64 -11.80
CA ILE A 621 61.25 54.84 -10.57
C ILE A 621 60.97 55.75 -9.39
N PRO A 622 60.06 55.39 -8.49
CA PRO A 622 59.89 56.18 -7.25
C PRO A 622 61.16 56.19 -6.42
N LYS A 623 61.41 57.33 -5.77
CA LYS A 623 62.66 57.52 -5.04
C LYS A 623 62.76 56.62 -3.82
N ASN A 624 61.65 56.38 -3.12
CA ASN A 624 61.72 55.58 -1.90
C ASN A 624 61.92 54.10 -2.18
N MET A 625 61.86 53.66 -3.43
CA MET A 625 62.17 52.29 -3.78
C MET A 625 63.65 52.07 -4.04
N MET A 626 64.44 53.15 -4.09
CA MET A 626 65.88 53.07 -4.30
C MET A 626 66.67 53.42 -3.05
N GLN A 627 66.02 53.45 -1.88
CA GLN A 627 66.70 53.78 -0.64
C GLN A 627 67.50 52.58 -0.14
N VAL A 628 68.72 52.86 0.32
CA VAL A 628 69.54 51.82 0.93
C VAL A 628 69.54 51.90 2.46
N ASN A 629 69.03 52.98 3.03
CA ASN A 629 68.94 53.19 4.47
C ASN A 629 67.50 53.53 4.84
N SER A 630 67.31 53.93 6.10
CA SER A 630 66.07 54.57 6.51
C SER A 630 66.08 56.06 6.21
N ASP A 631 67.22 56.62 5.85
CA ASP A 631 67.32 58.02 5.50
C ASP A 631 66.85 58.23 4.06
N PRO A 632 65.88 59.10 3.81
CA PRO A 632 65.43 59.32 2.42
C PRO A 632 66.54 59.78 1.50
N LYS A 633 67.48 60.59 2.00
CA LYS A 633 68.55 61.11 1.16
C LYS A 633 69.42 59.99 0.59
N SER A 634 69.34 58.79 1.16
CA SER A 634 70.09 57.65 0.65
C SER A 634 69.56 57.15 -0.69
N TRP A 635 68.42 57.68 -1.17
CA TRP A 635 67.92 57.26 -2.49
C TRP A 635 68.94 57.50 -3.58
N GLU A 636 69.85 58.46 -3.38
CA GLU A 636 70.87 58.75 -4.37
C GLU A 636 71.89 57.63 -4.48
N GLN A 637 72.16 56.94 -3.37
CA GLN A 637 73.10 55.81 -3.42
C GLN A 637 72.51 54.65 -4.21
N GLY A 638 71.28 54.26 -3.89
CA GLY A 638 70.64 53.15 -4.58
C GLY A 638 70.48 53.40 -6.07
N ARG A 639 70.29 54.66 -6.46
CA ARG A 639 70.27 54.97 -7.88
C ARG A 639 71.60 54.65 -8.54
N ASP A 640 72.71 55.00 -7.89
CA ASP A 640 74.02 54.74 -8.47
C ASP A 640 74.24 53.25 -8.69
N ILE A 641 73.91 52.45 -7.68
CA ILE A 641 74.01 51.00 -7.82
C ILE A 641 73.17 50.52 -9.00
N LEU A 642 72.01 51.16 -9.21
CA LEU A 642 71.19 50.80 -10.36
C LEU A 642 71.85 51.26 -11.66
N GLU A 643 72.41 52.47 -11.67
CA GLU A 643 72.93 53.03 -12.91
C GLU A 643 74.15 52.25 -13.40
N GLU A 644 74.98 51.77 -12.47
CA GLU A 644 76.08 50.89 -12.87
C GLU A 644 75.61 49.49 -13.21
N ALA A 645 74.44 49.08 -12.74
CA ALA A 645 73.95 47.75 -13.07
C ALA A 645 73.56 47.65 -14.54
N ARG A 646 72.76 48.60 -15.02
CA ARG A 646 72.30 48.54 -16.41
C ARG A 646 73.45 48.76 -17.38
N LYS A 647 74.50 49.47 -16.95
CA LYS A 647 75.69 49.57 -17.79
C LYS A 647 76.49 48.28 -17.79
N GLY A 648 76.46 47.52 -16.69
CA GLY A 648 77.17 46.26 -16.65
C GLY A 648 76.48 45.15 -17.40
N ILE A 649 75.14 45.16 -17.42
CA ILE A 649 74.39 44.13 -18.14
C ILE A 649 74.52 44.33 -19.65
N ILE A 650 74.50 45.59 -20.10
CA ILE A 650 74.62 45.85 -21.53
C ILE A 650 75.99 45.41 -22.04
N ALA A 651 77.03 45.58 -21.21
CA ALA A 651 78.36 45.12 -21.60
C ALA A 651 78.43 43.60 -21.66
N SER A 652 77.72 42.91 -20.77
CA SER A 652 77.72 41.46 -20.76
C SER A 652 76.84 40.86 -21.86
N ASN A 653 75.86 41.60 -22.35
CA ASN A 653 74.94 41.13 -23.39
C ASN A 653 74.89 42.16 -24.51
N PRO A 654 75.95 42.26 -25.30
CA PRO A 654 75.99 43.29 -26.36
C PRO A 654 75.04 43.00 -27.51
N TRP A 655 74.46 41.81 -27.60
CA TRP A 655 73.63 41.43 -28.73
C TRP A 655 72.23 42.02 -28.67
N ILE A 656 71.86 42.68 -27.55
CA ILE A 656 70.50 43.20 -27.40
C ILE A 656 70.26 44.30 -28.43
N THR A 657 68.99 44.68 -28.60
CA THR A 657 68.55 45.34 -29.82
C THR A 657 69.37 46.60 -30.11
N ASN A 658 69.27 47.61 -29.25
CA ASN A 658 70.01 48.86 -29.44
C ASN A 658 70.95 49.12 -28.27
N LYS A 659 71.38 48.06 -27.59
CA LYS A 659 72.14 48.16 -26.34
C LYS A 659 71.37 48.98 -25.32
N GLN A 660 70.07 48.71 -25.22
CA GLN A 660 69.17 49.47 -24.36
C GLN A 660 68.38 48.54 -23.46
N LEU A 661 68.16 48.98 -22.22
CA LEU A 661 67.32 48.27 -21.28
C LEU A 661 66.25 49.21 -20.76
N THR A 662 65.07 48.66 -20.48
CA THR A 662 64.01 49.39 -19.80
C THR A 662 64.05 49.07 -18.32
N MET A 663 63.74 50.08 -17.51
CA MET A 663 63.74 49.97 -16.05
C MET A 663 62.31 50.14 -15.57
N TYR A 664 61.79 49.15 -14.87
CA TYR A 664 60.37 49.11 -14.53
C TYR A 664 60.20 48.75 -13.07
N SER A 665 59.43 49.55 -12.33
CA SER A 665 59.18 49.27 -10.92
C SER A 665 57.82 48.61 -10.78
N GLN A 666 57.81 47.39 -10.25
CA GLN A 666 56.59 46.63 -10.03
C GLN A 666 56.58 46.14 -8.59
N GLY A 667 55.52 46.49 -7.87
CA GLY A 667 55.44 46.09 -6.47
C GLY A 667 56.59 46.68 -5.68
N ASP A 668 57.44 45.81 -5.16
CA ASP A 668 58.61 46.21 -4.39
C ASP A 668 59.91 45.90 -5.13
N SER A 669 59.85 45.65 -6.43
CA SER A 669 61.02 45.25 -7.19
C SER A 669 61.23 46.17 -8.38
N ILE A 670 62.46 46.19 -8.87
CA ILE A 670 62.86 46.95 -10.04
C ILE A 670 63.44 45.96 -11.05
N TYR A 671 62.94 46.01 -12.27
CA TYR A 671 63.31 45.07 -13.32
C TYR A 671 64.08 45.80 -14.43
N LEU A 672 65.22 45.24 -14.78
CA LEU A 672 66.01 45.63 -15.93
C LEU A 672 65.74 44.62 -17.02
N MET A 673 65.15 45.06 -18.13
CA MET A 673 64.71 44.10 -19.14
C MET A 673 65.03 44.62 -20.55
N ASP A 674 65.33 43.69 -21.46
CA ASP A 674 65.61 44.04 -22.84
C ASP A 674 64.34 43.87 -23.69
N THR A 675 64.50 43.99 -25.01
CA THR A 675 63.34 43.97 -25.90
C THR A 675 62.72 42.57 -25.99
N THR A 676 63.55 41.54 -26.06
CA THR A 676 63.04 40.18 -26.21
C THR A 676 62.63 39.53 -24.90
N GLY A 677 63.00 40.12 -23.76
CA GLY A 677 62.71 39.53 -22.48
C GLY A 677 63.65 38.44 -22.05
N GLN A 678 64.67 38.12 -22.87
CA GLN A 678 65.61 37.07 -22.50
C GLN A 678 66.58 37.54 -21.44
N VAL A 679 66.83 38.84 -21.36
CA VAL A 679 67.65 39.43 -20.32
C VAL A 679 66.72 40.13 -19.34
N ARG A 680 66.61 39.59 -18.14
CA ARG A 680 65.75 40.15 -17.10
C ARG A 680 66.46 40.04 -15.77
N VAL A 681 66.63 41.18 -15.09
CA VAL A 681 67.34 41.23 -13.81
C VAL A 681 66.45 41.94 -12.80
N ARG A 682 66.34 41.38 -11.60
CA ARG A 682 65.48 41.91 -10.56
C ARG A 682 66.30 42.45 -9.39
N TYR A 683 65.92 43.62 -8.90
CA TYR A 683 66.51 44.25 -7.74
C TYR A 683 65.41 44.60 -6.74
N ASP A 684 65.79 44.67 -5.48
CA ASP A 684 64.89 45.13 -4.43
C ASP A 684 65.71 45.84 -3.37
N LYS A 685 65.03 46.39 -2.36
CA LYS A 685 65.74 47.16 -1.35
C LYS A 685 66.69 46.31 -0.53
N GLU A 686 66.37 45.03 -0.34
CA GLU A 686 67.29 44.13 0.36
C GLU A 686 68.58 43.94 -0.43
N LEU A 687 68.46 43.64 -1.73
CA LEU A 687 69.65 43.42 -2.54
C LEU A 687 70.43 44.71 -2.75
N LEU A 688 69.72 45.84 -2.90
CA LEU A 688 70.40 47.12 -3.01
C LEU A 688 71.17 47.44 -1.74
N SER A 689 70.56 47.18 -0.58
CA SER A 689 71.24 47.41 0.69
C SER A 689 72.46 46.50 0.82
N LYS A 690 72.34 45.24 0.42
CA LYS A 690 73.47 44.33 0.51
C LYS A 690 74.62 44.78 -0.37
N VAL A 691 74.31 45.18 -1.61
CA VAL A 691 75.36 45.66 -2.52
C VAL A 691 76.01 46.91 -1.97
N TRP A 692 75.21 47.83 -1.42
CA TRP A 692 75.77 49.05 -0.85
C TRP A 692 76.67 48.74 0.34
N SER A 693 76.25 47.80 1.20
CA SER A 693 77.08 47.44 2.34
C SER A 693 78.39 46.82 1.91
N GLU A 694 78.35 45.94 0.90
CA GLU A 694 79.59 45.36 0.40
C GLU A 694 80.51 46.43 -0.18
N ASN A 695 79.94 47.36 -0.94
CA ASN A 695 80.75 48.44 -1.51
C ASN A 695 81.36 49.30 -0.42
N GLN A 696 80.59 49.61 0.62
CA GLN A 696 81.13 50.40 1.73
C GLN A 696 82.25 49.66 2.44
N LYS A 697 82.09 48.36 2.67
CA LYS A 697 83.14 47.59 3.33
C LYS A 697 84.42 47.59 2.48
N LYS A 698 84.28 47.36 1.18
CA LYS A 698 85.45 47.38 0.31
C LYS A 698 86.13 48.74 0.32
N LEU A 699 85.34 49.81 0.23
CA LEU A 699 85.91 51.15 0.18
C LEU A 699 86.62 51.50 1.48
N GLU A 700 86.00 51.16 2.62
CA GLU A 700 86.61 51.52 3.90
C GLU A 700 87.86 50.69 4.17
N GLU A 701 87.86 49.41 3.79
CA GLU A 701 89.06 48.61 3.98
C GLU A 701 90.18 49.08 3.06
N LYS A 702 89.85 49.50 1.83
CA LYS A 702 90.86 50.06 0.95
C LYS A 702 91.42 51.37 1.51
N ALA A 703 90.56 52.21 2.09
CA ALA A 703 91.05 53.44 2.71
C ALA A 703 91.94 53.14 3.91
N ARG A 704 91.55 52.17 4.73
CA ARG A 704 92.32 51.84 5.94
C ARG A 704 93.69 51.27 5.58
N GLU A 705 93.73 50.27 4.69
CA GLU A 705 94.96 49.56 4.37
C GLU A 705 95.69 50.17 3.18
N LYS A 706 95.40 51.43 2.84
CA LYS A 706 96.12 52.13 1.78
C LYS A 706 95.95 53.64 1.92
N MET B 1 17.69 -24.07 -15.09
CA MET B 1 18.65 -25.03 -14.54
C MET B 1 17.97 -26.15 -13.75
N ASP B 2 17.79 -27.29 -14.40
CA ASP B 2 17.16 -28.45 -13.80
C ASP B 2 17.95 -29.70 -14.13
N LYS B 3 18.14 -30.55 -13.11
CA LYS B 3 18.80 -31.85 -13.25
C LYS B 3 20.23 -31.73 -13.79
N TYR B 4 20.82 -30.55 -13.72
CA TYR B 4 22.24 -30.33 -13.99
C TYR B 4 22.59 -30.50 -15.46
N ASP B 5 21.63 -30.97 -16.27
CA ASP B 5 21.84 -31.17 -17.69
C ASP B 5 23.03 -32.09 -17.96
N LYS B 6 22.88 -33.35 -17.57
CA LYS B 6 23.97 -34.31 -17.70
C LYS B 6 24.31 -34.56 -19.17
N ASN B 7 23.30 -34.78 -20.01
CA ASN B 7 23.50 -35.13 -21.41
C ASN B 7 23.23 -33.97 -22.36
N VAL B 8 23.23 -32.74 -21.85
CA VAL B 8 23.14 -31.55 -22.71
C VAL B 8 24.34 -31.53 -23.64
N PRO B 9 24.26 -31.00 -24.88
CA PRO B 9 25.49 -30.82 -25.66
C PRO B 9 26.54 -30.05 -24.88
N SER B 10 27.64 -30.74 -24.59
CA SER B 10 28.64 -30.30 -23.62
C SER B 10 29.32 -29.03 -24.12
N ASP B 11 29.03 -27.92 -23.47
CA ASP B 11 29.60 -26.64 -23.86
C ASP B 11 30.90 -26.38 -23.11
N TYR B 12 31.97 -26.11 -23.88
CA TYR B 12 33.27 -25.71 -23.34
C TYR B 12 33.79 -26.73 -22.32
N ASP B 13 33.71 -28.00 -22.68
CA ASP B 13 34.21 -29.08 -21.84
C ASP B 13 35.46 -29.73 -22.40
N GLY B 14 36.16 -29.06 -23.31
CA GLY B 14 37.41 -29.57 -23.85
C GLY B 14 38.57 -29.45 -22.88
N LEU B 15 38.26 -29.26 -21.60
CA LEU B 15 39.27 -29.09 -20.57
C LEU B 15 39.13 -30.07 -19.41
N PHE B 16 37.92 -30.57 -19.12
CA PHE B 16 37.72 -31.42 -17.96
C PHE B 16 38.33 -32.80 -18.14
N GLN B 17 38.25 -33.38 -19.33
CA GLN B 17 38.83 -34.71 -19.53
C GLN B 17 40.33 -34.70 -19.30
N LYS B 18 41.02 -33.67 -19.83
CA LYS B 18 42.47 -33.62 -19.71
C LYS B 18 42.89 -33.42 -18.26
N ALA B 19 42.20 -32.53 -17.53
CA ALA B 19 42.52 -32.35 -16.12
C ALA B 19 42.23 -33.61 -15.32
N ALA B 20 41.12 -34.29 -15.64
CA ALA B 20 40.77 -35.51 -14.94
C ALA B 20 41.83 -36.59 -15.15
N ASP B 21 42.30 -36.75 -16.39
CA ASP B 21 43.33 -37.74 -16.66
C ASP B 21 44.66 -37.36 -16.03
N ALA B 22 44.98 -36.06 -16.03
CA ALA B 22 46.24 -35.60 -15.45
C ALA B 22 46.26 -35.82 -13.94
N ASN B 23 45.16 -35.53 -13.26
CA ASN B 23 45.14 -35.58 -11.80
C ASN B 23 44.47 -36.84 -11.24
N GLY B 24 43.66 -37.53 -12.02
CA GLY B 24 43.00 -38.74 -11.56
C GLY B 24 41.57 -38.55 -11.09
N VAL B 25 41.07 -37.31 -11.05
CA VAL B 25 39.72 -37.05 -10.60
C VAL B 25 38.72 -37.62 -11.60
N SER B 26 37.55 -38.00 -11.10
CA SER B 26 36.47 -38.42 -11.98
C SER B 26 35.99 -37.26 -12.83
N TYR B 27 35.70 -37.55 -14.10
CA TYR B 27 35.21 -36.52 -15.00
C TYR B 27 33.85 -35.99 -14.55
N ASP B 28 32.95 -36.90 -14.16
CA ASP B 28 31.61 -36.50 -13.76
C ASP B 28 31.64 -35.62 -12.53
N LEU B 29 32.46 -35.97 -11.53
CA LEU B 29 32.54 -35.15 -10.33
C LEU B 29 33.05 -33.75 -10.62
N LEU B 30 34.11 -33.64 -11.43
CA LEU B 30 34.67 -32.34 -11.74
C LEU B 30 33.67 -31.47 -12.51
N ARG B 31 33.01 -32.07 -13.51
CA ARG B 31 32.02 -31.33 -14.28
C ARG B 31 30.86 -30.88 -13.39
N LYS B 32 30.39 -31.76 -12.50
CA LYS B 32 29.29 -31.41 -11.61
C LYS B 32 29.69 -30.32 -10.64
N VAL B 33 30.92 -30.36 -10.11
CA VAL B 33 31.38 -29.33 -9.20
C VAL B 33 31.47 -27.99 -9.92
N ALA B 34 31.98 -28.00 -11.16
CA ALA B 34 32.04 -26.76 -11.94
C ALA B 34 30.64 -26.20 -12.18
N TRP B 35 29.69 -27.07 -12.53
CA TRP B 35 28.32 -26.62 -12.76
C TRP B 35 27.71 -26.04 -11.48
N THR B 36 27.95 -26.71 -10.35
CA THR B 36 27.41 -26.22 -9.08
C THR B 36 28.01 -24.87 -8.72
N GLU B 37 29.32 -24.69 -8.92
CA GLU B 37 29.96 -23.44 -8.52
C GLU B 37 29.61 -22.28 -9.45
N SER B 38 29.50 -22.54 -10.76
CA SER B 38 29.28 -21.43 -11.69
C SER B 38 28.19 -21.65 -12.73
N ARG B 39 27.66 -22.86 -12.88
CA ARG B 39 26.65 -23.17 -13.90
C ARG B 39 27.15 -22.87 -15.30
N PHE B 40 28.47 -22.88 -15.50
CA PHE B 40 29.11 -22.57 -16.77
C PHE B 40 28.76 -21.18 -17.26
N VAL B 41 28.37 -20.28 -16.36
CA VAL B 41 27.97 -18.92 -16.72
C VAL B 41 29.21 -18.04 -16.82
N PRO B 42 29.40 -17.34 -17.94
CA PRO B 42 30.61 -16.53 -18.11
C PRO B 42 30.71 -15.32 -17.21
N THR B 43 29.62 -14.86 -16.60
CA THR B 43 29.67 -13.67 -15.75
C THR B 43 29.80 -14.00 -14.27
N ALA B 44 29.00 -14.94 -13.76
CA ALA B 44 29.12 -15.46 -12.40
C ALA B 44 29.28 -14.34 -11.37
N LYS B 45 28.24 -13.51 -11.27
CA LYS B 45 28.26 -12.35 -10.37
C LYS B 45 27.72 -12.74 -9.00
N SER B 46 28.41 -12.28 -7.96
CA SER B 46 28.05 -12.57 -6.58
C SER B 46 28.67 -11.49 -5.69
N LYS B 47 28.73 -11.73 -4.39
CA LYS B 47 29.40 -10.80 -3.48
C LYS B 47 30.84 -10.56 -3.92
N THR B 48 31.56 -11.64 -4.24
CA THR B 48 32.88 -11.54 -4.85
C THR B 48 32.81 -11.63 -6.37
N GLY B 49 32.05 -12.58 -6.88
CA GLY B 49 31.80 -12.71 -8.30
C GLY B 49 33.00 -13.03 -9.16
N PRO B 50 33.65 -14.18 -8.93
CA PRO B 50 34.65 -14.66 -9.88
C PRO B 50 33.97 -15.29 -11.09
N LEU B 51 34.16 -14.67 -12.25
CA LEU B 51 33.52 -15.15 -13.47
C LEU B 51 34.10 -16.47 -13.96
N GLY B 52 35.20 -16.94 -13.38
CA GLY B 52 35.76 -18.22 -13.77
C GLY B 52 34.85 -19.37 -13.40
N MET B 53 35.09 -20.50 -14.07
CA MET B 53 34.23 -21.67 -13.88
C MET B 53 34.31 -22.20 -12.45
N MET B 54 35.47 -22.07 -11.81
CA MET B 54 35.65 -22.46 -10.41
C MET B 54 35.56 -21.20 -9.57
N GLN B 55 34.39 -20.98 -8.95
CA GLN B 55 34.12 -19.74 -8.22
C GLN B 55 34.88 -19.78 -6.90
N PHE B 56 36.15 -19.40 -6.96
CA PHE B 56 37.04 -19.40 -5.81
C PHE B 56 36.85 -18.11 -5.01
N THR B 57 37.67 -17.94 -3.98
CA THR B 57 37.82 -16.69 -3.27
C THR B 57 39.30 -16.33 -3.23
N LYS B 58 39.59 -15.09 -2.81
CA LYS B 58 40.98 -14.62 -2.81
C LYS B 58 41.86 -15.47 -1.91
N ALA B 59 41.37 -15.79 -0.71
CA ALA B 59 42.18 -16.57 0.23
C ALA B 59 42.51 -17.95 -0.34
N THR B 60 41.50 -18.64 -0.88
CA THR B 60 41.76 -19.95 -1.48
C THR B 60 42.63 -19.84 -2.72
N ALA B 61 42.43 -18.80 -3.52
CA ALA B 61 43.24 -18.62 -4.72
C ALA B 61 44.71 -18.45 -4.38
N LYS B 62 45.01 -17.65 -3.35
CA LYS B 62 46.40 -17.50 -2.93
C LYS B 62 46.93 -18.77 -2.25
N ALA B 63 46.09 -19.46 -1.47
CA ALA B 63 46.54 -20.67 -0.79
C ALA B 63 46.75 -21.84 -1.75
N LEU B 64 46.20 -21.76 -2.97
CA LEU B 64 46.40 -22.83 -3.94
C LEU B 64 47.82 -22.89 -4.48
N GLY B 65 48.66 -21.89 -4.18
CA GLY B 65 50.03 -21.89 -4.65
C GLY B 65 50.21 -21.35 -6.05
N LEU B 66 49.24 -20.63 -6.58
CA LEU B 66 49.35 -20.05 -7.91
C LEU B 66 50.02 -18.69 -7.85
N ARG B 67 50.07 -18.02 -9.00
CA ARG B 67 50.59 -16.66 -9.13
C ARG B 67 49.46 -15.65 -9.27
N VAL B 68 48.38 -15.85 -8.50
CA VAL B 68 47.13 -15.10 -8.63
C VAL B 68 47.35 -13.60 -8.73
N THR B 69 48.41 -13.08 -8.10
CA THR B 69 48.68 -11.66 -8.14
C THR B 69 49.22 -11.25 -9.52
N ASP B 70 48.40 -11.39 -10.55
CA ASP B 70 48.78 -11.05 -11.91
C ASP B 70 47.52 -10.87 -12.74
N GLY B 71 47.67 -10.17 -13.86
CA GLY B 71 46.57 -9.93 -14.76
C GLY B 71 45.53 -9.00 -14.17
N PRO B 72 44.26 -9.19 -14.52
CA PRO B 72 43.21 -8.32 -14.01
C PRO B 72 42.91 -8.55 -12.54
N ASP B 73 43.90 -8.25 -11.68
CA ASP B 73 43.78 -8.30 -10.23
C ASP B 73 43.69 -9.72 -9.71
N ASP B 74 43.55 -10.69 -10.62
CA ASP B 74 43.48 -12.10 -10.26
C ASP B 74 43.90 -12.91 -11.47
N ASP B 75 44.80 -13.87 -11.28
CA ASP B 75 45.29 -14.66 -12.41
C ASP B 75 44.41 -15.87 -12.71
N ARG B 76 43.54 -16.25 -11.78
CA ARG B 76 42.70 -17.43 -12.01
C ARG B 76 41.44 -17.06 -12.79
N LEU B 77 41.62 -16.32 -13.89
CA LEU B 77 40.54 -16.00 -14.80
C LEU B 77 40.60 -16.78 -16.11
N ASN B 78 41.80 -17.16 -16.53
CA ASN B 78 41.93 -18.06 -17.68
C ASN B 78 41.48 -19.46 -17.25
N PRO B 79 40.51 -20.07 -17.94
CA PRO B 79 39.89 -21.30 -17.40
C PRO B 79 40.84 -22.45 -17.14
N GLU B 80 41.85 -22.67 -17.99
CA GLU B 80 42.56 -23.94 -17.99
C GLU B 80 43.39 -24.13 -16.71
N LEU B 81 44.15 -23.11 -16.28
CA LEU B 81 44.98 -23.30 -15.10
C LEU B 81 44.14 -23.34 -13.83
N ALA B 82 43.06 -22.56 -13.77
CA ALA B 82 42.17 -22.63 -12.62
C ALA B 82 41.53 -24.01 -12.51
N ILE B 83 41.06 -24.56 -13.63
CA ILE B 83 40.44 -25.88 -13.61
C ILE B 83 41.47 -26.94 -13.24
N ASN B 84 42.70 -26.80 -13.75
CA ASN B 84 43.74 -27.77 -13.39
C ASN B 84 44.08 -27.71 -11.91
N ALA B 85 44.15 -26.50 -11.34
CA ALA B 85 44.42 -26.37 -9.91
C ALA B 85 43.29 -26.96 -9.08
N ALA B 86 42.04 -26.71 -9.50
CA ALA B 86 40.90 -27.29 -8.79
C ALA B 86 40.92 -28.81 -8.87
N ALA B 87 41.28 -29.36 -10.04
CA ALA B 87 41.36 -30.81 -10.19
C ALA B 87 42.47 -31.38 -9.32
N LYS B 88 43.62 -30.71 -9.25
CA LYS B 88 44.70 -31.18 -8.40
C LYS B 88 44.28 -31.17 -6.93
N GLN B 89 43.61 -30.10 -6.50
CA GLN B 89 43.14 -30.04 -5.12
C GLN B 89 42.13 -31.14 -4.83
N LEU B 90 41.21 -31.39 -5.76
CA LEU B 90 40.22 -32.44 -5.58
C LEU B 90 40.88 -33.81 -5.50
N ALA B 91 41.88 -34.07 -6.36
CA ALA B 91 42.57 -35.34 -6.33
C ALA B 91 43.33 -35.52 -5.02
N GLY B 92 43.99 -34.46 -4.55
CA GLY B 92 44.67 -34.55 -3.27
C GLY B 92 43.72 -34.80 -2.12
N LEU B 93 42.53 -34.21 -2.17
CA LEU B 93 41.54 -34.43 -1.13
C LEU B 93 41.01 -35.86 -1.17
N VAL B 94 40.68 -36.35 -2.36
CA VAL B 94 40.15 -37.71 -2.47
C VAL B 94 41.18 -38.74 -2.03
N GLY B 95 42.44 -38.57 -2.45
CA GLY B 95 43.46 -39.52 -2.09
C GLY B 95 43.75 -39.56 -0.60
N LYS B 96 43.66 -38.42 0.07
CA LYS B 96 44.05 -38.31 1.47
C LYS B 96 42.97 -38.80 2.44
N PHE B 97 41.81 -39.20 1.94
CA PHE B 97 40.70 -39.62 2.79
C PHE B 97 40.49 -41.13 2.71
N ASP B 98 41.58 -41.88 2.65
CA ASP B 98 41.58 -43.34 2.75
C ASP B 98 40.68 -43.98 1.69
N GLY B 99 41.09 -43.80 0.44
CA GLY B 99 40.42 -44.47 -0.65
C GLY B 99 39.68 -43.56 -1.60
N ASP B 100 38.59 -44.06 -2.19
CA ASP B 100 37.81 -43.32 -3.18
C ASP B 100 36.65 -42.58 -2.52
N GLU B 101 36.82 -42.11 -1.29
CA GLU B 101 35.77 -41.38 -0.60
C GLU B 101 35.55 -40.06 -1.31
N LEU B 102 34.51 -40.01 -2.15
CA LEU B 102 34.27 -38.89 -3.04
C LEU B 102 33.38 -37.83 -2.42
N LYS B 103 33.01 -37.98 -1.14
CA LYS B 103 32.14 -37.02 -0.48
C LYS B 103 32.76 -36.38 0.76
N ALA B 104 33.63 -37.07 1.48
CA ALA B 104 34.41 -36.39 2.51
C ALA B 104 35.35 -35.38 1.88
N ALA B 105 35.82 -35.66 0.66
CA ALA B 105 36.62 -34.70 -0.09
C ALA B 105 35.88 -33.38 -0.31
N LEU B 106 34.59 -33.34 -0.05
CA LEU B 106 33.84 -32.09 -0.11
C LEU B 106 34.12 -31.19 1.06
N ALA B 107 35.18 -31.53 1.81
CA ALA B 107 35.87 -30.51 2.59
C ALA B 107 36.36 -29.39 1.69
N TYR B 108 36.52 -29.66 0.39
CA TYR B 108 36.69 -28.65 -0.63
C TYR B 108 35.70 -27.49 -0.44
N ASN B 109 34.47 -27.82 -0.05
CA ASN B 109 33.47 -26.78 0.18
C ASN B 109 33.70 -26.05 1.49
N GLN B 110 34.14 -26.76 2.53
CA GLN B 110 34.26 -26.16 3.86
C GLN B 110 35.69 -25.95 4.32
N GLY B 111 36.67 -26.55 3.67
CA GLY B 111 38.06 -26.39 4.07
C GLY B 111 38.39 -27.22 5.30
N GLU B 112 39.66 -27.12 5.69
CA GLU B 112 40.16 -27.73 6.91
C GLU B 112 40.64 -26.63 7.85
N GLY B 113 40.19 -26.70 9.09
CA GLY B 113 40.58 -25.69 10.06
C GLY B 113 39.62 -25.58 11.23
N ARG B 114 39.26 -24.33 11.59
CA ARG B 114 38.39 -24.12 12.73
C ARG B 114 36.95 -24.50 12.43
N LEU B 115 36.52 -24.38 11.17
CA LEU B 115 35.15 -24.66 10.79
C LEU B 115 35.01 -25.91 9.91
N GLY B 116 36.11 -26.58 9.57
CA GLY B 116 36.02 -27.72 8.70
C GLY B 116 36.43 -29.03 9.35
N ASN B 117 37.36 -28.97 10.31
CA ASN B 117 37.82 -30.19 10.96
C ASN B 117 36.72 -30.88 11.75
N PRO B 118 35.95 -30.21 12.62
CA PRO B 118 34.88 -30.92 13.35
C PRO B 118 33.82 -31.50 12.43
N GLN B 119 33.50 -30.84 11.33
CA GLN B 119 32.52 -31.39 10.39
C GLN B 119 33.04 -32.67 9.75
N LEU B 120 34.33 -32.70 9.41
CA LEU B 120 34.91 -33.92 8.85
C LEU B 120 34.96 -35.03 9.87
N GLU B 121 35.24 -34.70 11.14
CA GLU B 121 35.19 -35.70 12.19
C GLU B 121 33.79 -36.27 12.35
N ALA B 122 32.78 -35.40 12.31
CA ALA B 122 31.39 -35.85 12.40
C ALA B 122 31.03 -36.73 11.21
N TYR B 123 31.49 -36.38 10.01
CA TYR B 123 31.28 -37.23 8.85
C TYR B 123 31.92 -38.60 9.04
N SER B 124 33.14 -38.63 9.61
CA SER B 124 33.79 -39.91 9.89
C SER B 124 32.96 -40.74 10.86
N LYS B 125 32.43 -40.11 11.91
CA LYS B 125 31.54 -40.81 12.82
C LYS B 125 30.18 -41.12 12.21
N GLY B 126 29.86 -40.55 11.05
CA GLY B 126 28.55 -40.73 10.47
C GLY B 126 27.45 -39.91 11.11
N ASP B 127 27.82 -38.86 11.84
CA ASP B 127 26.86 -38.02 12.56
C ASP B 127 26.62 -36.76 11.72
N PHE B 128 25.64 -36.82 10.83
CA PHE B 128 25.36 -35.71 9.93
C PHE B 128 24.71 -34.52 10.63
N ALA B 129 24.29 -34.66 11.88
CA ALA B 129 23.67 -33.56 12.60
C ALA B 129 24.66 -32.46 12.94
N SER B 130 25.95 -32.79 13.04
CA SER B 130 26.97 -31.80 13.38
C SER B 130 27.57 -31.12 12.15
N ILE B 131 27.17 -31.53 10.95
CA ILE B 131 27.61 -30.88 9.72
C ILE B 131 26.67 -29.71 9.45
N SER B 132 27.23 -28.62 8.94
CA SER B 132 26.44 -27.42 8.70
C SER B 132 25.39 -27.67 7.60
N GLU B 133 24.42 -26.76 7.53
CA GLU B 133 23.40 -26.86 6.48
C GLU B 133 24.02 -26.69 5.11
N GLU B 134 24.96 -25.76 4.96
CA GLU B 134 25.60 -25.53 3.68
C GLU B 134 26.35 -26.78 3.21
N GLY B 135 27.12 -27.39 4.12
CA GLY B 135 27.84 -28.60 3.76
C GLY B 135 26.93 -29.75 3.42
N ARG B 136 25.86 -29.94 4.21
CA ARG B 136 24.93 -31.03 3.96
C ARG B 136 24.24 -30.85 2.61
N ASN B 137 23.81 -29.62 2.29
CA ASN B 137 23.19 -29.37 1.00
C ASN B 137 24.18 -29.59 -0.15
N TYR B 138 25.43 -29.15 0.04
CA TYR B 138 26.41 -29.27 -1.02
C TYR B 138 26.72 -30.73 -1.32
N MET B 139 26.83 -31.56 -0.27
CA MET B 139 27.00 -32.99 -0.47
C MET B 139 25.74 -33.64 -1.05
N ARG B 140 24.56 -33.16 -0.67
CA ARG B 140 23.32 -33.72 -1.22
C ARG B 140 23.26 -33.50 -2.72
N ASN B 141 23.72 -32.33 -3.18
CA ASN B 141 23.69 -32.03 -4.61
C ASN B 141 24.61 -32.92 -5.43
N LEU B 142 25.54 -33.65 -4.81
CA LEU B 142 26.49 -34.48 -5.54
C LEU B 142 26.20 -35.97 -5.42
N LEU B 143 25.04 -36.35 -4.89
CA LEU B 143 24.77 -37.78 -4.66
C LEU B 143 24.65 -38.55 -5.97
N ASP B 144 24.16 -37.90 -7.03
CA ASP B 144 23.96 -38.61 -8.29
C ASP B 144 25.29 -39.06 -8.89
N VAL B 145 26.31 -38.22 -8.84
CA VAL B 145 27.62 -38.51 -9.41
C VAL B 145 28.64 -38.44 -8.27
N ALA B 146 28.82 -39.56 -7.57
CA ALA B 146 29.79 -39.71 -6.50
C ALA B 146 29.83 -41.17 -6.09
N LYS B 147 31.01 -41.62 -5.66
CA LYS B 147 31.21 -42.98 -5.19
C LYS B 147 31.69 -42.88 -3.74
N SER B 148 30.80 -43.22 -2.80
CA SER B 148 31.10 -43.08 -1.39
C SER B 148 30.49 -44.24 -0.61
N PRO B 149 31.12 -44.67 0.47
CA PRO B 149 30.48 -45.67 1.35
C PRO B 149 29.34 -45.12 2.17
N MET B 150 29.24 -43.80 2.32
CA MET B 150 28.15 -43.17 3.07
C MET B 150 27.18 -42.43 2.16
N ALA B 151 27.15 -42.77 0.88
CA ALA B 151 26.18 -42.15 -0.02
C ALA B 151 24.76 -42.60 0.27
N GLY B 152 24.58 -43.78 0.86
CA GLY B 152 23.26 -44.25 1.20
C GLY B 152 22.80 -43.81 2.57
N GLN B 153 23.75 -43.53 3.46
CA GLN B 153 23.38 -43.03 4.79
C GLN B 153 23.01 -41.56 4.76
N LEU B 154 23.54 -40.79 3.81
CA LEU B 154 23.18 -39.38 3.70
C LEU B 154 21.81 -39.20 3.09
N GLU B 155 21.44 -40.04 2.12
CA GLU B 155 20.12 -39.89 1.51
C GLU B 155 19.01 -40.30 2.46
N THR B 156 19.26 -41.26 3.34
CA THR B 156 18.29 -41.61 4.38
C THR B 156 18.54 -40.82 5.67
N PHE B 157 18.71 -39.50 5.51
CA PHE B 157 18.87 -38.59 6.62
C PHE B 157 17.91 -37.43 6.42
N GLY B 158 17.01 -37.24 7.37
CA GLY B 158 16.00 -36.22 7.25
C GLY B 158 14.68 -36.67 6.67
N GLY B 159 14.43 -37.98 6.60
CA GLY B 159 13.16 -38.46 6.13
C GLY B 159 12.05 -38.21 7.15
N ILE B 160 10.81 -38.19 6.65
CA ILE B 160 9.68 -37.96 7.53
C ILE B 160 9.49 -39.14 8.48
N THR B 161 9.85 -40.34 8.05
CA THR B 161 9.85 -41.54 8.86
C THR B 161 11.23 -42.18 8.76
N PRO B 162 11.60 -43.04 9.71
CA PRO B 162 12.93 -43.65 9.66
C PRO B 162 13.18 -44.49 8.41
N LYS B 163 12.14 -44.91 7.71
CA LYS B 163 12.30 -45.62 6.44
C LYS B 163 12.23 -44.70 5.24
N GLY B 164 12.06 -43.39 5.44
CA GLY B 164 12.01 -42.45 4.36
C GLY B 164 13.37 -41.87 4.01
N LYS B 165 13.38 -41.03 2.98
CA LYS B 165 14.59 -40.37 2.51
C LYS B 165 14.45 -38.87 2.65
N GLY B 166 15.56 -38.20 2.96
CA GLY B 166 15.55 -36.75 3.00
C GLY B 166 15.39 -36.15 1.62
N ILE B 167 14.85 -34.95 1.58
CA ILE B 167 14.57 -34.24 0.33
C ILE B 167 15.59 -33.12 0.19
N PRO B 168 16.44 -33.14 -0.84
CA PRO B 168 17.32 -32.00 -1.08
C PRO B 168 16.53 -30.78 -1.54
N ALA B 169 17.06 -29.60 -1.20
CA ALA B 169 16.38 -28.35 -1.54
C ALA B 169 16.25 -28.15 -3.04
N GLU B 170 17.14 -28.76 -3.84
CA GLU B 170 17.03 -28.68 -5.29
C GLU B 170 15.85 -29.46 -5.84
N VAL B 171 15.22 -30.31 -5.02
CA VAL B 171 14.05 -31.06 -5.44
C VAL B 171 12.78 -30.56 -4.78
N GLY B 172 12.85 -30.24 -3.48
CA GLY B 172 11.68 -29.72 -2.80
C GLY B 172 11.25 -28.36 -3.31
N LEU B 173 12.22 -27.50 -3.63
CA LEU B 173 11.95 -26.17 -4.15
C LEU B 173 12.09 -26.09 -5.66
N ALA B 174 12.18 -27.23 -6.35
CA ALA B 174 12.33 -27.24 -7.79
C ALA B 174 11.06 -26.76 -8.47
N GLY B 175 11.23 -25.96 -9.53
CA GLY B 175 10.11 -25.47 -10.31
C GLY B 175 9.53 -24.17 -9.83
N ILE B 176 9.88 -23.72 -8.63
CA ILE B 176 9.35 -22.48 -8.08
C ILE B 176 10.29 -21.34 -8.47
N GLY B 177 9.80 -20.42 -9.28
CA GLY B 177 10.62 -19.32 -9.74
C GLY B 177 9.81 -18.38 -10.61
N HIS B 178 10.41 -17.24 -10.90
CA HIS B 178 9.76 -16.20 -11.68
C HIS B 178 10.69 -15.76 -12.80
N LYS B 179 10.11 -15.47 -13.96
CA LYS B 179 10.89 -15.04 -15.11
C LYS B 179 11.24 -13.56 -15.01
N GLN B 180 12.35 -13.19 -15.63
CA GLN B 180 12.74 -11.80 -15.71
C GLN B 180 11.98 -11.12 -16.84
N LYS B 181 11.43 -9.94 -16.55
CA LYS B 181 10.66 -9.20 -17.54
C LYS B 181 11.52 -8.32 -18.44
N VAL B 182 12.81 -8.21 -18.16
CA VAL B 182 13.73 -7.37 -18.93
C VAL B 182 14.62 -8.27 -19.76
N THR B 183 14.76 -7.94 -21.04
CA THR B 183 15.51 -8.72 -22.01
C THR B 183 16.61 -7.82 -22.59
N GLN B 184 17.59 -8.44 -23.25
CA GLN B 184 18.66 -7.70 -23.90
C GLN B 184 18.33 -7.29 -25.33
N GLU B 185 17.06 -7.08 -25.64
CA GLU B 185 16.63 -6.61 -26.96
C GLU B 185 16.60 -5.09 -26.91
N LEU B 186 17.63 -4.47 -27.46
CA LEU B 186 17.82 -3.03 -27.34
C LEU B 186 17.06 -2.27 -28.42
N PRO B 187 16.64 -1.04 -28.14
CA PRO B 187 16.08 -0.20 -29.19
C PRO B 187 17.16 0.30 -30.12
N GLU B 188 16.82 0.42 -31.40
CA GLU B 188 17.77 0.80 -32.42
C GLU B 188 17.50 2.22 -32.90
N SER B 189 18.58 2.92 -33.22
CA SER B 189 18.52 4.29 -33.73
C SER B 189 18.80 4.29 -35.23
N THR B 190 18.31 5.31 -35.91
CA THR B 190 18.51 5.46 -37.35
C THR B 190 19.15 6.81 -37.64
N SER B 191 20.09 6.81 -38.58
CA SER B 191 20.79 8.03 -38.97
C SER B 191 19.97 8.81 -39.99
N PHE B 192 20.03 10.13 -39.88
CA PHE B 192 19.41 11.02 -40.86
C PHE B 192 20.35 11.11 -42.05
N ASP B 193 20.20 10.19 -42.99
CA ASP B 193 21.09 10.08 -44.15
C ASP B 193 20.32 10.50 -45.40
N VAL B 194 20.63 11.69 -45.90
CA VAL B 194 20.11 12.18 -47.17
C VAL B 194 21.32 12.40 -48.08
N LYS B 195 21.45 11.57 -49.10
CA LYS B 195 22.52 11.73 -50.09
C LYS B 195 21.95 12.49 -51.28
N GLY B 196 22.20 13.79 -51.32
CA GLY B 196 21.62 14.63 -52.34
C GLY B 196 22.34 14.56 -53.67
N ILE B 197 22.56 15.71 -54.29
CA ILE B 197 23.21 15.81 -55.58
C ILE B 197 24.66 16.21 -55.37
N GLU B 198 25.57 15.54 -56.06
CA GLU B 198 26.99 15.81 -55.89
C GLU B 198 27.34 17.19 -56.40
N GLN B 199 28.28 17.85 -55.72
CA GLN B 199 28.69 19.19 -56.10
C GLN B 199 29.53 19.16 -57.37
N GLU B 200 29.33 20.16 -58.22
CA GLU B 200 30.10 20.28 -59.44
C GLU B 200 31.56 20.55 -59.12
N ALA B 201 32.45 20.08 -60.00
CA ALA B 201 33.88 20.25 -59.78
C ALA B 201 34.29 21.70 -59.97
N THR B 202 35.37 22.08 -59.30
CA THR B 202 35.91 23.42 -59.44
C THR B 202 36.42 23.63 -60.87
N ALA B 203 36.05 24.76 -61.47
CA ALA B 203 36.44 25.04 -62.84
C ALA B 203 37.89 25.51 -62.90
N LYS B 204 38.44 25.47 -64.10
CA LYS B 204 39.74 26.09 -64.33
C LYS B 204 39.58 27.60 -64.44
N PRO B 205 40.58 28.37 -64.00
CA PRO B 205 40.53 29.81 -64.24
C PRO B 205 40.52 30.11 -65.73
N PHE B 206 39.88 31.22 -66.10
CA PHE B 206 39.74 31.58 -67.51
C PHE B 206 41.10 31.74 -68.18
N ALA B 207 42.05 32.38 -67.48
CA ALA B 207 43.38 32.56 -68.03
C ALA B 207 44.10 31.22 -68.22
N LYS B 208 43.97 30.32 -67.25
CA LYS B 208 44.58 29.00 -67.37
C LYS B 208 43.96 28.20 -68.50
N ASP B 209 42.63 28.27 -68.64
CA ASP B 209 41.96 27.58 -69.73
C ASP B 209 42.41 28.13 -71.09
N PHE B 210 42.55 29.45 -71.19
CA PHE B 210 43.03 30.04 -72.42
C PHE B 210 44.46 29.61 -72.73
N TRP B 211 45.33 29.57 -71.71
CA TRP B 211 46.72 29.20 -71.93
C TRP B 211 46.89 27.71 -72.18
N GLU B 212 45.93 26.88 -71.78
CA GLU B 212 46.04 25.46 -72.04
C GLU B 212 45.42 25.08 -73.39
N THR B 213 44.30 25.70 -73.76
CA THR B 213 43.73 25.44 -75.08
C THR B 213 44.61 26.01 -76.18
N HIS B 214 45.10 27.23 -75.99
CA HIS B 214 46.01 27.87 -76.93
C HIS B 214 47.37 28.04 -76.26
N GLY B 215 48.44 27.74 -76.98
CA GLY B 215 49.76 27.65 -76.38
C GLY B 215 50.34 28.97 -75.87
N GLU B 216 49.52 30.00 -75.75
CA GLU B 216 49.98 31.32 -75.35
C GLU B 216 48.97 31.96 -74.41
N THR B 217 49.47 32.89 -73.58
CA THR B 217 48.67 33.53 -72.57
C THR B 217 47.78 34.62 -73.18
N LEU B 218 46.88 35.16 -72.35
CA LEU B 218 45.98 36.21 -72.79
C LEU B 218 46.75 37.48 -73.15
N ASP B 219 47.78 37.81 -72.37
CA ASP B 219 48.56 39.01 -72.65
C ASP B 219 49.27 38.91 -73.99
N GLU B 220 49.87 37.77 -74.29
CA GLU B 220 50.51 37.58 -75.59
C GLU B 220 49.49 37.66 -76.72
N TYR B 221 48.31 37.07 -76.52
CA TYR B 221 47.27 37.12 -77.54
C TYR B 221 46.84 38.55 -77.81
N ASN B 222 46.64 39.34 -76.76
CA ASN B 222 46.21 40.72 -76.93
C ASN B 222 47.30 41.57 -77.58
N SER B 223 48.56 41.35 -77.18
CA SER B 223 49.66 42.09 -77.80
C SER B 223 49.81 41.75 -79.28
N ARG B 224 49.67 40.47 -79.62
CA ARG B 224 49.86 40.06 -81.01
C ARG B 224 48.69 40.48 -81.90
N SER B 225 47.46 40.35 -81.40
CA SER B 225 46.30 40.68 -82.20
C SER B 225 46.16 42.19 -82.41
N THR B 226 46.67 43.00 -81.47
CA THR B 226 46.57 44.44 -81.58
C THR B 226 47.73 45.07 -82.32
N PHE B 227 48.69 44.26 -82.79
CA PHE B 227 49.81 44.81 -83.56
C PHE B 227 49.32 45.39 -84.89
N PHE B 228 48.43 44.70 -85.57
CA PHE B 228 47.89 45.15 -86.85
C PHE B 228 46.55 45.86 -86.67
N THR C 57 -50.90 -89.39 66.74
CA THR C 57 -52.34 -89.61 66.89
C THR C 57 -53.11 -88.36 66.49
N ALA C 58 -54.44 -88.51 66.37
CA ALA C 58 -55.28 -87.37 66.01
C ALA C 58 -55.26 -86.31 67.11
N LYS C 59 -55.34 -86.73 68.37
CA LYS C 59 -55.33 -85.77 69.48
C LYS C 59 -54.01 -85.01 69.54
N GLU C 60 -52.90 -85.70 69.35
CA GLU C 60 -51.60 -85.02 69.37
C GLU C 60 -51.48 -84.03 68.22
N GLN C 61 -51.91 -84.41 67.02
CA GLN C 61 -51.85 -83.51 65.89
C GLN C 61 -52.73 -82.29 66.10
N ARG C 62 -53.92 -82.49 66.65
CA ARG C 62 -54.80 -81.36 66.97
C ARG C 62 -54.18 -80.45 68.01
N ALA C 63 -53.54 -81.03 69.04
CA ALA C 63 -52.90 -80.22 70.07
C ALA C 63 -51.76 -79.41 69.48
N ARG C 64 -50.96 -80.01 68.59
CA ARG C 64 -49.86 -79.26 67.97
C ARG C 64 -50.37 -78.17 67.04
N ASP C 65 -51.46 -78.43 66.32
CA ASP C 65 -52.05 -77.39 65.48
C ASP C 65 -52.55 -76.22 66.32
N LEU C 66 -53.23 -76.52 67.43
CA LEU C 66 -53.73 -75.46 68.30
C LEU C 66 -52.58 -74.70 68.95
N ALA C 67 -51.49 -75.41 69.29
CA ALA C 67 -50.32 -74.75 69.83
C ALA C 67 -49.69 -73.81 68.82
N ASP C 68 -49.60 -74.23 67.56
CA ASP C 68 -49.08 -73.37 66.51
C ASP C 68 -49.94 -72.12 66.36
N GLU C 69 -51.27 -72.30 66.35
CA GLU C 69 -52.18 -71.17 66.26
C GLU C 69 -51.99 -70.20 67.42
N ARG C 70 -51.90 -70.72 68.64
CA ARG C 70 -51.78 -69.86 69.81
C ARG C 70 -50.43 -69.14 69.85
N SER C 71 -49.36 -69.82 69.45
CA SER C 71 -48.06 -69.18 69.39
C SER C 71 -48.04 -68.08 68.35
N ASN C 72 -48.67 -68.31 67.20
CA ASN C 72 -48.77 -67.25 66.19
C ASN C 72 -49.55 -66.05 66.73
N GLU C 73 -50.64 -66.32 67.44
CA GLU C 73 -51.42 -65.22 68.02
C GLU C 73 -50.60 -64.42 69.03
N ILE C 74 -49.81 -65.12 69.85
CA ILE C 74 -48.94 -64.42 70.79
C ILE C 74 -47.90 -63.59 70.07
N ILE C 75 -47.31 -64.14 69.01
CA ILE C 75 -46.23 -63.47 68.31
C ILE C 75 -46.73 -62.19 67.64
N ARG C 76 -47.92 -62.24 67.02
CA ARG C 76 -48.40 -61.04 66.33
C ARG C 76 -48.52 -59.85 67.28
N LYS C 77 -49.18 -60.05 68.41
CA LYS C 77 -49.32 -59.00 69.42
C LYS C 77 -48.09 -59.02 70.33
N LEU C 78 -48.13 -58.25 71.41
CA LEU C 78 -47.18 -58.39 72.51
C LEU C 78 -45.74 -58.18 72.04
N THR C 79 -45.45 -56.91 71.73
CA THR C 79 -44.10 -56.39 71.50
C THR C 79 -43.11 -57.02 72.46
N PRO C 80 -41.87 -57.35 72.02
CA PRO C 80 -40.91 -58.05 72.89
C PRO C 80 -40.85 -57.55 74.33
N GLU C 81 -40.91 -56.23 74.51
CA GLU C 81 -40.94 -55.67 75.85
C GLU C 81 -42.20 -56.11 76.59
N GLN C 82 -43.34 -56.12 75.89
CA GLN C 82 -44.58 -56.57 76.52
C GLN C 82 -44.52 -58.05 76.89
N ARG C 83 -43.96 -58.87 76.01
CA ARG C 83 -43.81 -60.29 76.34
C ARG C 83 -42.90 -60.48 77.54
N ARG C 84 -41.79 -59.74 77.58
CA ARG C 84 -40.85 -59.88 78.70
C ARG C 84 -41.50 -59.45 80.01
N GLU C 85 -42.27 -58.36 80.01
CA GLU C 85 -42.91 -57.92 81.24
C GLU C 85 -44.09 -58.80 81.64
N ALA C 86 -44.78 -59.42 80.69
CA ALA C 86 -45.90 -60.28 81.03
C ALA C 86 -45.46 -61.69 81.39
N LEU C 87 -44.24 -62.09 81.03
CA LEU C 87 -43.73 -63.39 81.48
C LEU C 87 -43.52 -63.42 82.98
N ASN C 88 -43.02 -62.32 83.55
CA ASN C 88 -42.77 -62.27 84.99
C ASN C 88 -44.08 -62.31 85.78
N ASN C 89 -45.03 -61.46 85.42
CA ASN C 89 -46.27 -61.35 86.18
C ASN C 89 -47.19 -62.54 86.00
N GLY C 90 -46.92 -63.41 85.02
CA GLY C 90 -47.77 -64.55 84.77
C GLY C 90 -49.00 -64.26 83.94
N THR C 91 -49.18 -63.02 83.47
CA THR C 91 -50.34 -62.66 82.67
C THR C 91 -50.02 -62.73 81.18
N LEU C 92 -49.64 -63.94 80.75
CA LEU C 92 -49.34 -64.21 79.35
C LEU C 92 -50.46 -65.07 78.76
N LEU C 93 -50.81 -64.80 77.51
CA LEU C 93 -51.85 -65.57 76.84
C LEU C 93 -51.43 -67.03 76.72
N TYR C 94 -52.36 -67.94 77.05
CA TYR C 94 -52.15 -69.38 76.92
C TYR C 94 -50.87 -69.85 77.60
N GLN C 95 -50.51 -69.20 78.70
CA GLN C 95 -49.30 -69.59 79.42
C GLN C 95 -49.47 -70.95 80.09
N ASP C 96 -50.70 -71.40 80.29
CA ASP C 96 -50.97 -72.69 80.90
C ASP C 96 -50.86 -73.84 79.91
N ASP C 97 -50.60 -73.56 78.63
CA ASP C 97 -50.47 -74.60 77.63
C ASP C 97 -49.00 -74.82 77.34
N PRO C 98 -48.40 -75.94 77.78
CA PRO C 98 -46.97 -76.15 77.52
C PRO C 98 -46.61 -76.24 76.05
N TYR C 99 -47.50 -76.80 75.22
CA TYR C 99 -47.22 -76.91 73.79
C TYR C 99 -47.13 -75.53 73.15
N ALA C 100 -48.03 -74.62 73.52
CA ALA C 100 -47.99 -73.27 72.98
C ALA C 100 -46.70 -72.56 73.36
N MET C 101 -46.26 -72.72 74.61
CA MET C 101 -45.01 -72.10 75.04
C MET C 101 -43.82 -72.69 74.30
N GLU C 102 -43.81 -74.02 74.09
CA GLU C 102 -42.74 -74.65 73.34
C GLU C 102 -42.67 -74.14 71.91
N ALA C 103 -43.83 -74.04 71.25
CA ALA C 103 -43.87 -73.52 69.89
C ALA C 103 -43.40 -72.06 69.85
N LEU C 104 -43.82 -71.26 70.83
CA LEU C 104 -43.41 -69.87 70.89
C LEU C 104 -41.89 -69.75 71.02
N ARG C 105 -41.29 -70.57 71.88
CA ARG C 105 -39.85 -70.52 72.07
C ARG C 105 -39.11 -70.98 70.81
N VAL C 106 -39.63 -72.02 70.14
CA VAL C 106 -38.98 -72.47 68.91
C VAL C 106 -39.03 -71.40 67.84
N LYS C 107 -40.17 -70.73 67.69
CA LYS C 107 -40.28 -69.68 66.67
C LYS C 107 -39.41 -68.48 67.02
N THR C 108 -39.31 -68.14 68.31
CA THR C 108 -38.40 -67.08 68.73
C THR C 108 -36.96 -67.44 68.39
N GLY C 109 -36.57 -68.70 68.63
CA GLY C 109 -35.23 -69.13 68.25
C GLY C 109 -34.97 -69.03 66.77
N ARG C 110 -35.97 -69.40 65.96
CA ARG C 110 -35.81 -69.30 64.50
C ARG C 110 -35.62 -67.85 64.07
N ASN C 111 -36.42 -66.94 64.62
CA ASN C 111 -36.26 -65.53 64.29
C ASN C 111 -34.88 -65.02 64.70
N ALA C 112 -34.42 -65.39 65.90
CA ALA C 112 -33.10 -64.97 66.35
C ALA C 112 -32.01 -65.52 65.44
N ALA C 113 -32.14 -66.77 65.02
CA ALA C 113 -31.14 -67.36 64.14
C ALA C 113 -31.06 -66.63 62.81
N TYR C 114 -32.22 -66.28 62.22
CA TYR C 114 -32.18 -65.52 60.98
C TYR C 114 -31.55 -64.16 61.19
N LEU C 115 -31.89 -63.48 62.28
CA LEU C 115 -31.33 -62.16 62.52
C LEU C 115 -29.82 -62.22 62.72
N VAL C 116 -29.33 -63.29 63.34
CA VAL C 116 -27.89 -63.44 63.52
C VAL C 116 -27.21 -63.73 62.19
N ASP C 117 -27.82 -64.58 61.37
CA ASP C 117 -27.18 -64.96 60.10
C ASP C 117 -27.11 -63.80 59.12
N ASP C 118 -28.16 -62.96 59.09
CA ASP C 118 -28.20 -61.91 58.09
C ASP C 118 -27.11 -60.86 58.30
N ASP C 119 -26.71 -60.62 59.55
CA ASP C 119 -25.63 -59.68 59.82
C ASP C 119 -24.33 -60.15 59.17
N VAL C 120 -23.99 -61.44 59.37
CA VAL C 120 -22.79 -61.99 58.77
C VAL C 120 -22.89 -61.97 57.25
N MET C 121 -24.08 -62.25 56.72
CA MET C 121 -24.24 -62.23 55.26
C MET C 121 -24.00 -60.83 54.70
N GLN C 122 -24.57 -59.81 55.34
CA GLN C 122 -24.37 -58.43 54.88
C GLN C 122 -22.90 -58.03 54.97
N LYS C 123 -22.24 -58.41 56.06
CA LYS C 123 -20.81 -58.07 56.19
C LYS C 123 -19.98 -58.79 55.15
N ILE C 124 -20.33 -60.03 54.80
CA ILE C 124 -19.63 -60.73 53.72
C ILE C 124 -19.83 -60.00 52.40
N LYS C 125 -21.06 -59.60 52.11
CA LYS C 125 -21.33 -58.93 50.84
C LYS C 125 -20.66 -57.57 50.75
N GLU C 126 -20.49 -56.88 51.88
CA GLU C 126 -19.78 -55.61 51.85
C GLU C 126 -18.30 -55.77 51.53
N GLY C 127 -17.70 -56.89 51.94
CA GLY C 127 -16.29 -57.13 51.71
C GLY C 127 -15.44 -56.85 52.93
N VAL C 128 -15.96 -57.23 54.10
CA VAL C 128 -15.29 -56.91 55.36
C VAL C 128 -14.18 -57.92 55.67
N PHE C 129 -14.45 -59.20 55.43
CA PHE C 129 -13.51 -60.26 55.80
C PHE C 129 -12.64 -60.60 54.59
N ARG C 130 -11.33 -60.33 54.71
CA ARG C 130 -10.41 -60.58 53.63
C ARG C 130 -9.86 -62.00 53.61
N THR C 131 -10.12 -62.80 54.64
CA THR C 131 -9.71 -64.19 54.69
C THR C 131 -10.85 -65.02 55.24
N ARG C 132 -10.81 -66.33 54.97
CA ARG C 132 -11.84 -67.22 55.46
C ARG C 132 -11.79 -67.35 56.98
N GLU C 133 -10.58 -67.36 57.55
CA GLU C 133 -10.44 -67.49 59.01
C GLU C 133 -11.07 -66.31 59.73
N GLU C 134 -10.91 -65.11 59.18
CA GLU C 134 -11.52 -63.92 59.77
C GLU C 134 -13.04 -64.03 59.79
N MET C 135 -13.62 -64.47 58.68
CA MET C 135 -15.07 -64.65 58.61
C MET C 135 -15.53 -65.71 59.59
N GLU C 136 -14.79 -66.82 59.70
CA GLU C 136 -15.18 -67.88 60.61
C GLU C 136 -15.13 -67.42 62.07
N GLU C 137 -14.09 -66.67 62.43
CA GLU C 137 -13.99 -66.17 63.80
C GLU C 137 -15.13 -65.21 64.12
N TYR C 138 -15.41 -64.27 63.22
CA TYR C 138 -16.52 -63.35 63.44
C TYR C 138 -17.84 -64.09 63.55
N ARG C 139 -18.06 -65.08 62.66
CA ARG C 139 -19.30 -65.83 62.67
C ARG C 139 -19.47 -66.59 63.98
N HIS C 140 -18.42 -67.23 64.45
CA HIS C 140 -18.51 -67.98 65.70
C HIS C 140 -18.80 -67.05 66.88
N SER C 141 -18.08 -65.94 66.97
CA SER C 141 -18.27 -65.03 68.09
C SER C 141 -19.68 -64.45 68.11
N ARG C 142 -20.16 -64.02 66.94
CA ARG C 142 -21.50 -63.44 66.88
C ARG C 142 -22.58 -64.50 67.11
N LEU C 143 -22.32 -65.73 66.66
CA LEU C 143 -23.27 -66.82 66.92
C LEU C 143 -23.36 -67.12 68.40
N GLN C 144 -22.24 -67.03 69.12
CA GLN C 144 -22.28 -67.24 70.57
C GLN C 144 -22.99 -66.11 71.29
N GLU C 145 -22.72 -64.86 70.93
CA GLU C 145 -23.31 -63.76 71.68
C GLU C 145 -24.78 -63.50 71.32
N GLY C 146 -25.16 -63.70 70.06
CA GLY C 146 -26.50 -63.37 69.64
C GLY C 146 -27.56 -64.26 70.28
N ALA C 147 -27.21 -65.51 70.58
CA ALA C 147 -28.16 -66.40 71.24
C ALA C 147 -28.64 -65.80 72.55
N LYS C 148 -27.70 -65.39 73.41
CA LYS C 148 -28.06 -64.72 74.65
C LYS C 148 -28.75 -63.38 74.38
N VAL C 149 -28.17 -62.58 73.49
CA VAL C 149 -28.70 -61.22 73.28
C VAL C 149 -30.16 -61.27 72.89
N TYR C 150 -30.54 -62.22 72.03
CA TYR C 150 -31.94 -62.39 71.65
C TYR C 150 -32.71 -63.28 72.62
N ALA C 151 -32.03 -63.93 73.57
CA ALA C 151 -32.75 -64.72 74.56
C ALA C 151 -33.30 -63.87 75.70
N GLU C 152 -32.43 -63.08 76.35
CA GLU C 152 -32.97 -62.22 77.40
C GLU C 152 -33.81 -61.07 76.85
N GLN C 153 -33.81 -60.82 75.53
CA GLN C 153 -34.71 -59.81 75.00
C GLN C 153 -36.17 -60.23 75.11
N PHE C 154 -36.45 -61.51 74.94
CA PHE C 154 -37.81 -62.04 75.03
C PHE C 154 -38.10 -62.73 76.35
N GLY C 155 -37.19 -62.60 77.32
CA GLY C 155 -37.38 -63.26 78.60
C GLY C 155 -37.31 -64.77 78.56
N ILE C 156 -36.36 -65.32 77.80
CA ILE C 156 -36.22 -66.75 77.64
C ILE C 156 -34.84 -67.16 78.15
N ASP C 157 -34.79 -68.30 78.83
CA ASP C 157 -33.50 -68.87 79.23
C ASP C 157 -32.72 -69.28 77.99
N PRO C 158 -31.51 -68.75 77.79
CA PRO C 158 -30.79 -69.06 76.54
C PRO C 158 -30.43 -70.53 76.38
N GLU C 159 -30.47 -71.31 77.44
CA GLU C 159 -30.12 -72.72 77.38
C GLU C 159 -31.33 -73.64 77.28
N ASP C 160 -32.51 -73.09 76.98
CA ASP C 160 -33.70 -73.90 76.84
C ASP C 160 -33.59 -74.81 75.61
N VAL C 161 -34.15 -76.02 75.74
CA VAL C 161 -34.06 -76.99 74.65
C VAL C 161 -34.89 -76.55 73.45
N ASP C 162 -36.04 -75.91 73.67
CA ASP C 162 -36.87 -75.47 72.56
C ASP C 162 -36.26 -74.25 71.87
N TYR C 163 -35.77 -73.29 72.65
CA TYR C 163 -35.10 -72.14 72.07
C TYR C 163 -33.87 -72.56 71.29
N GLN C 164 -33.09 -73.51 71.83
CA GLN C 164 -31.93 -74.00 71.10
C GLN C 164 -32.32 -74.82 69.89
N ARG C 165 -33.44 -75.54 69.94
CA ARG C 165 -33.91 -76.26 68.77
C ARG C 165 -34.26 -75.29 67.65
N GLY C 166 -34.90 -74.17 67.99
CA GLY C 166 -35.16 -73.15 66.99
C GLY C 166 -33.89 -72.48 66.49
N PHE C 167 -32.97 -72.17 67.40
CA PHE C 167 -31.80 -71.37 67.06
C PHE C 167 -30.74 -72.16 66.29
N ASN C 168 -30.60 -73.46 66.58
CA ASN C 168 -29.56 -74.27 65.97
C ASN C 168 -30.00 -74.96 64.69
N GLY C 169 -31.29 -74.92 64.36
CA GLY C 169 -31.82 -75.65 63.23
C GLY C 169 -31.18 -75.30 61.90
N ASP C 170 -30.82 -76.33 61.12
CA ASP C 170 -30.25 -76.16 59.79
C ASP C 170 -28.96 -75.35 59.81
N ILE C 171 -28.15 -75.55 60.84
CA ILE C 171 -26.92 -74.77 60.98
C ILE C 171 -25.95 -75.10 59.85
N THR C 172 -25.95 -76.35 59.39
CA THR C 172 -25.03 -76.75 58.31
C THR C 172 -25.37 -76.03 57.02
N GLU C 173 -26.65 -75.95 56.68
CA GLU C 173 -27.06 -75.26 55.44
C GLU C 173 -26.72 -73.79 55.50
N ARG C 174 -26.95 -73.15 56.64
CA ARG C 174 -26.61 -71.73 56.79
C ARG C 174 -25.12 -71.50 56.66
N ASN C 175 -24.32 -72.38 57.27
CA ASN C 175 -22.88 -72.28 57.14
C ASN C 175 -22.44 -72.44 55.69
N ILE C 176 -23.05 -73.38 54.97
CA ILE C 176 -22.71 -73.60 53.57
C ILE C 176 -23.05 -72.36 52.74
N SER C 177 -24.20 -71.75 53.00
CA SER C 177 -24.59 -70.53 52.29
C SER C 177 -23.57 -69.41 52.53
N LEU C 178 -23.19 -69.21 53.79
CA LEU C 178 -22.20 -68.19 54.10
C LEU C 178 -20.87 -68.48 53.43
N TYR C 179 -20.47 -69.76 53.41
CA TYR C 179 -19.20 -70.15 52.80
C TYR C 179 -19.18 -69.84 51.31
N GLY C 180 -20.27 -70.16 50.60
CA GLY C 180 -20.32 -69.85 49.18
C GLY C 180 -20.31 -68.35 48.90
N ALA C 181 -21.09 -67.60 49.68
CA ALA C 181 -21.10 -66.15 49.51
C ALA C 181 -19.72 -65.56 49.74
N HIS C 182 -18.97 -66.10 50.70
CA HIS C 182 -17.62 -65.59 50.96
C HIS C 182 -16.62 -66.04 49.89
N ASP C 183 -16.80 -67.25 49.34
CA ASP C 183 -15.87 -67.72 48.32
C ASP C 183 -15.96 -66.90 47.05
N ASN C 184 -17.16 -66.45 46.69
CA ASN C 184 -17.28 -65.54 45.54
C ASN C 184 -16.43 -64.29 45.74
N PHE C 185 -16.55 -63.67 46.91
CA PHE C 185 -15.76 -62.47 47.22
C PHE C 185 -14.27 -62.77 47.20
N LEU C 186 -13.86 -63.91 47.77
CA LEU C 186 -12.45 -64.25 47.78
C LEU C 186 -11.91 -64.39 46.36
N SER C 187 -12.69 -65.00 45.47
CA SER C 187 -12.24 -65.15 44.09
C SER C 187 -12.05 -63.79 43.42
N GLN C 188 -13.04 -62.90 43.54
CA GLN C 188 -12.90 -61.61 42.84
C GLN C 188 -11.77 -60.78 43.44
N GLN C 189 -11.59 -60.84 44.77
CA GLN C 189 -10.50 -60.13 45.41
C GLN C 189 -9.15 -60.66 44.94
N ALA C 190 -9.01 -61.99 44.83
CA ALA C 190 -7.76 -62.56 44.35
C ALA C 190 -7.46 -62.12 42.93
N GLN C 191 -8.48 -62.05 42.08
CA GLN C 191 -8.27 -61.58 40.71
C GLN C 191 -7.78 -60.14 40.68
N LYS C 192 -8.41 -59.27 41.46
CA LYS C 192 -7.97 -57.87 41.52
C LYS C 192 -6.53 -57.76 42.02
N GLY C 193 -6.21 -58.51 43.08
CA GLY C 193 -4.86 -58.47 43.63
C GLY C 193 -3.82 -58.96 42.63
N ALA C 194 -4.16 -60.00 41.88
CA ALA C 194 -3.24 -60.50 40.86
C ALA C 194 -2.98 -59.46 39.79
N ILE C 195 -4.03 -58.76 39.35
CA ILE C 195 -3.85 -57.70 38.35
C ILE C 195 -2.90 -56.63 38.87
N MET C 196 -3.13 -56.17 40.10
CA MET C 196 -2.30 -55.09 40.63
C MET C 196 -0.87 -55.55 40.89
N ASN C 197 -0.69 -56.79 41.34
CA ASN C 197 0.65 -57.31 41.56
C ASN C 197 1.41 -57.42 40.25
N SER C 198 0.73 -57.83 39.17
CA SER C 198 1.37 -57.86 37.87
C SER C 198 1.79 -56.45 37.43
N ARG C 199 0.92 -55.47 37.63
CA ARG C 199 1.32 -54.10 37.28
C ARG C 199 2.54 -53.65 38.07
N VAL C 200 2.59 -53.96 39.37
CA VAL C 200 3.73 -53.54 40.19
C VAL C 200 5.00 -54.25 39.73
N GLU C 201 4.91 -55.55 39.45
CA GLU C 201 6.11 -56.30 39.08
C GLU C 201 6.63 -55.90 37.70
N LEU C 202 5.74 -55.50 36.78
CA LEU C 202 6.21 -55.10 35.46
C LEU C 202 6.86 -53.72 35.47
N ASN C 203 6.44 -52.84 36.38
CA ASN C 203 7.04 -51.51 36.45
C ASN C 203 8.48 -51.53 36.95
N GLY C 204 8.97 -52.66 37.46
CA GLY C 204 10.35 -52.74 37.86
C GLY C 204 11.32 -52.73 36.70
N VAL C 205 10.86 -53.07 35.50
CA VAL C 205 11.73 -53.16 34.34
C VAL C 205 11.24 -52.22 33.24
N LEU C 206 9.94 -51.95 33.21
CA LEU C 206 9.31 -51.25 32.10
C LEU C 206 8.92 -49.82 32.43
N GLN C 207 9.56 -49.21 33.43
CA GLN C 207 9.27 -47.84 33.81
C GLN C 207 10.35 -46.85 33.41
N ASP C 208 11.62 -47.26 33.49
CA ASP C 208 12.72 -46.38 33.09
C ASP C 208 12.70 -46.19 31.59
N PRO C 209 12.75 -44.94 31.09
CA PRO C 209 12.83 -44.75 29.63
C PRO C 209 14.05 -45.39 29.00
N ASP C 210 15.15 -45.54 29.74
CA ASP C 210 16.33 -46.20 29.19
C ASP C 210 16.12 -47.70 29.12
N MET C 211 15.42 -48.28 30.10
CA MET C 211 15.11 -49.70 30.04
C MET C 211 14.13 -50.03 28.93
N LEU C 212 13.22 -49.10 28.62
CA LEU C 212 12.22 -49.36 27.57
C LEU C 212 12.84 -49.37 26.18
N ARG C 213 13.99 -48.72 25.99
CA ARG C 213 14.61 -48.60 24.69
C ARG C 213 15.58 -49.75 24.37
N ARG C 214 15.67 -50.74 25.25
CA ARG C 214 16.54 -51.89 25.00
C ARG C 214 15.71 -53.08 24.56
N PRO C 215 16.15 -53.82 23.52
CA PRO C 215 15.36 -54.97 23.06
C PRO C 215 15.20 -56.06 24.11
N ASP C 216 16.13 -56.16 25.05
CA ASP C 216 15.99 -57.16 26.10
C ASP C 216 14.76 -56.90 26.96
N SER C 217 14.23 -55.68 26.96
CA SER C 217 12.98 -55.42 27.65
C SER C 217 11.80 -56.09 26.95
N ALA C 218 11.77 -56.04 25.62
CA ALA C 218 10.74 -56.76 24.88
C ALA C 218 10.87 -58.26 25.09
N ASP C 219 12.11 -58.76 25.07
CA ASP C 219 12.33 -60.17 25.37
C ASP C 219 11.86 -60.52 26.77
N PHE C 220 12.13 -59.64 27.73
CA PHE C 220 11.69 -59.87 29.11
C PHE C 220 10.17 -59.93 29.21
N PHE C 221 9.47 -59.03 28.52
CA PHE C 221 8.01 -59.06 28.57
C PHE C 221 7.46 -60.34 27.95
N GLU C 222 8.00 -60.74 26.80
CA GLU C 222 7.53 -61.96 26.15
C GLU C 222 7.75 -63.17 27.05
N LYS C 223 8.95 -63.29 27.63
CA LYS C 223 9.24 -64.41 28.51
C LYS C 223 8.43 -64.35 29.79
N TYR C 224 8.15 -63.15 30.30
CA TYR C 224 7.32 -63.00 31.49
C TYR C 224 5.91 -63.56 31.23
N ILE C 225 5.31 -63.17 30.10
CA ILE C 225 3.97 -63.66 29.81
C ILE C 225 3.97 -65.17 29.59
N ASP C 226 4.94 -65.67 28.83
CA ASP C 226 4.98 -67.11 28.56
C ASP C 226 5.19 -67.91 29.84
N ASN C 227 6.16 -67.50 30.66
CA ASN C 227 6.45 -68.21 31.90
C ASN C 227 5.27 -68.14 32.87
N GLY C 228 4.59 -67.00 32.95
CA GLY C 228 3.40 -66.93 33.78
C GLY C 228 2.30 -67.86 33.30
N LEU C 229 2.14 -67.97 31.98
CA LEU C 229 1.11 -68.88 31.46
C LEU C 229 1.47 -70.34 31.67
N VAL C 230 2.76 -70.69 31.63
CA VAL C 230 3.15 -72.09 31.76
C VAL C 230 3.08 -72.55 33.21
N THR C 231 3.67 -71.78 34.13
CA THR C 231 3.78 -72.21 35.52
C THR C 231 2.55 -71.89 36.35
N GLY C 232 1.52 -71.30 35.77
CA GLY C 232 0.33 -70.99 36.51
C GLY C 232 0.39 -69.72 37.32
N ALA C 233 1.45 -68.92 37.17
CA ALA C 233 1.48 -67.61 37.80
C ALA C 233 0.36 -66.72 37.26
N ILE C 234 0.14 -66.78 35.95
CA ILE C 234 -1.06 -66.22 35.33
C ILE C 234 -2.01 -67.37 35.06
N PRO C 235 -3.10 -67.52 35.82
CA PRO C 235 -3.89 -68.76 35.74
C PRO C 235 -4.84 -68.82 34.56
N SER C 236 -5.26 -67.70 33.99
CA SER C 236 -6.26 -67.70 32.93
C SER C 236 -5.71 -66.99 31.69
N ASP C 237 -6.35 -67.28 30.55
CA ASP C 237 -6.07 -66.52 29.34
C ASP C 237 -6.72 -65.14 29.38
N ALA C 238 -7.89 -65.03 30.02
CA ALA C 238 -8.52 -63.73 30.19
C ALA C 238 -7.69 -62.81 31.07
N GLN C 239 -7.14 -63.34 32.16
CA GLN C 239 -6.26 -62.54 33.00
C GLN C 239 -5.00 -62.13 32.24
N ALA C 240 -4.46 -63.04 31.43
CA ALA C 240 -3.30 -62.69 30.60
C ALA C 240 -3.65 -61.59 29.61
N THR C 241 -4.84 -61.64 29.04
CA THR C 241 -5.27 -60.59 28.13
C THR C 241 -5.37 -59.25 28.84
N GLN C 242 -5.91 -59.23 30.06
CA GLN C 242 -5.99 -57.99 30.83
C GLN C 242 -4.59 -57.48 31.16
N LEU C 243 -3.67 -58.37 31.53
CA LEU C 243 -2.30 -57.96 31.83
C LEU C 243 -1.64 -57.34 30.61
N ILE C 244 -1.82 -57.98 29.45
CA ILE C 244 -1.22 -57.46 28.21
C ILE C 244 -1.80 -56.10 27.89
N SER C 245 -3.12 -55.94 28.00
CA SER C 245 -3.75 -54.67 27.69
C SER C 245 -3.24 -53.56 28.59
N GLN C 246 -3.15 -53.83 29.90
CA GLN C 246 -2.73 -52.77 30.82
C GLN C 246 -1.24 -52.47 30.67
N ALA C 247 -0.42 -53.48 30.36
CA ALA C 247 0.99 -53.23 30.13
C ALA C 247 1.19 -52.37 28.89
N PHE C 248 0.46 -52.66 27.81
CA PHE C 248 0.58 -51.85 26.60
C PHE C 248 0.07 -50.44 26.83
N SER C 249 -1.01 -50.30 27.60
CA SER C 249 -1.53 -48.97 27.92
C SER C 249 -0.50 -48.17 28.73
N ASP C 250 0.16 -48.81 29.69
CA ASP C 250 1.19 -48.12 30.45
C ASP C 250 2.38 -47.74 29.58
N ALA C 251 2.80 -48.64 28.68
CA ALA C 251 3.95 -48.34 27.83
C ALA C 251 3.64 -47.25 26.83
N SER C 252 2.38 -47.10 26.41
CA SER C 252 2.02 -46.05 25.48
C SER C 252 2.18 -44.66 26.08
N SER C 253 2.23 -44.54 27.41
CA SER C 253 2.25 -43.26 28.08
C SER C 253 3.63 -42.86 28.59
N ARG C 254 4.67 -43.56 28.16
CA ARG C 254 6.02 -43.33 28.68
C ARG C 254 6.98 -43.12 27.53
N ALA C 255 8.05 -42.36 27.80
CA ALA C 255 9.10 -42.15 26.82
C ALA C 255 9.84 -43.45 26.55
N GLY C 256 10.11 -43.72 25.28
CA GLY C 256 10.71 -44.96 24.87
C GLY C 256 9.75 -46.11 24.72
N GLY C 257 8.47 -45.91 25.02
CA GLY C 257 7.49 -46.98 24.88
C GLY C 257 7.17 -47.33 23.45
N ALA C 258 7.36 -46.40 22.52
CA ALA C 258 7.14 -46.71 21.11
C ALA C 258 8.11 -47.76 20.62
N ASP C 259 9.39 -47.64 21.00
CA ASP C 259 10.38 -48.65 20.63
C ASP C 259 10.03 -50.01 21.22
N PHE C 260 9.66 -50.04 22.50
CA PHE C 260 9.30 -51.30 23.15
C PHE C 260 8.11 -51.95 22.46
N LEU C 261 7.07 -51.17 22.18
CA LEU C 261 5.88 -51.73 21.55
C LEU C 261 6.16 -52.18 20.13
N MET C 262 7.00 -51.44 19.41
CA MET C 262 7.35 -51.83 18.05
C MET C 262 8.14 -53.12 18.02
N ARG C 263 9.01 -53.34 19.01
CA ARG C 263 9.75 -54.59 19.07
C ARG C 263 8.88 -55.75 19.53
N VAL C 264 7.97 -55.50 20.47
CA VAL C 264 7.19 -56.59 21.04
C VAL C 264 6.02 -56.98 20.13
N GLY C 265 5.65 -56.13 19.17
CA GLY C 265 4.56 -56.49 18.27
C GLY C 265 4.86 -57.68 17.38
N ASP C 266 6.12 -58.05 17.24
CA ASP C 266 6.53 -59.15 16.38
C ASP C 266 6.78 -60.44 17.16
N LYS C 267 6.48 -60.47 18.44
CA LYS C 267 6.73 -61.64 19.28
C LYS C 267 5.47 -62.46 19.47
N LYS C 268 5.66 -63.74 19.77
CA LYS C 268 4.58 -64.71 19.78
C LYS C 268 3.94 -64.85 21.14
N VAL C 269 2.65 -65.20 21.13
CA VAL C 269 1.89 -65.48 22.35
C VAL C 269 0.81 -66.50 22.00
N THR C 270 0.56 -67.43 22.92
CA THR C 270 -0.44 -68.47 22.73
C THR C 270 -1.57 -68.25 23.73
N LEU C 271 -2.77 -67.98 23.23
CA LEU C 271 -3.94 -67.79 24.06
C LEU C 271 -5.12 -68.50 23.43
N ASN C 272 -5.96 -69.12 24.28
CA ASN C 272 -7.17 -69.81 23.86
C ASN C 272 -6.89 -70.89 22.82
N GLY C 273 -5.68 -71.45 22.84
CA GLY C 273 -5.31 -72.48 21.89
C GLY C 273 -4.83 -71.98 20.55
N ALA C 274 -4.63 -70.68 20.39
CA ALA C 274 -4.14 -70.10 19.15
C ALA C 274 -2.84 -69.35 19.41
N THR C 275 -1.88 -69.56 18.52
CA THR C 275 -0.57 -68.90 18.61
C THR C 275 -0.54 -67.76 17.60
N THR C 276 -0.42 -66.53 18.09
CA THR C 276 -0.42 -65.33 17.27
C THR C 276 0.80 -64.50 17.61
N THR C 277 0.94 -63.37 16.94
CA THR C 277 1.87 -62.35 17.40
C THR C 277 1.10 -61.33 18.23
N TYR C 278 1.84 -60.52 18.99
CA TYR C 278 1.18 -59.50 19.80
C TYR C 278 0.49 -58.46 18.94
N ARG C 279 0.97 -58.24 17.72
CA ARG C 279 0.31 -57.33 16.79
C ARG C 279 -0.95 -57.96 16.20
N GLU C 280 -0.96 -59.28 16.02
CA GLU C 280 -2.17 -59.97 15.53
C GLU C 280 -3.20 -60.13 16.64
N LEU C 281 -2.77 -60.32 17.88
CA LEU C 281 -3.71 -60.39 18.99
C LEU C 281 -4.51 -59.11 19.10
N ILE C 282 -3.83 -57.97 19.15
CA ILE C 282 -4.50 -56.69 18.97
C ILE C 282 -4.97 -56.60 17.51
N GLY C 283 -5.98 -55.77 17.29
CA GLY C 283 -6.43 -55.54 15.94
C GLY C 283 -5.40 -54.79 15.13
N GLU C 284 -5.60 -54.75 13.81
CA GLU C 284 -4.72 -53.96 12.96
C GLU C 284 -4.95 -52.47 13.17
N GLU C 285 -6.21 -52.03 13.16
CA GLU C 285 -6.50 -50.64 13.42
C GLU C 285 -6.23 -50.29 14.88
N GLN C 286 -6.49 -51.23 15.79
CA GLN C 286 -6.15 -51.00 17.20
C GLN C 286 -4.65 -50.89 17.39
N TRP C 287 -3.88 -51.71 16.69
CA TRP C 287 -2.42 -51.59 16.77
C TRP C 287 -1.95 -50.26 16.20
N ASN C 288 -2.53 -49.82 15.09
CA ASN C 288 -2.14 -48.53 14.53
C ASN C 288 -2.46 -47.38 15.48
N ALA C 289 -3.64 -47.44 16.12
CA ALA C 289 -4.00 -46.41 17.09
C ALA C 289 -3.06 -46.42 18.29
N LEU C 290 -2.70 -47.63 18.77
CA LEU C 290 -1.74 -47.75 19.86
C LEU C 290 -0.39 -47.16 19.48
N MET C 291 0.05 -47.41 18.24
CA MET C 291 1.32 -46.86 17.77
C MET C 291 1.29 -45.34 17.71
N VAL C 292 0.18 -44.78 17.21
CA VAL C 292 0.08 -43.32 17.15
C VAL C 292 0.09 -42.73 18.56
N THR C 293 -0.64 -43.35 19.49
CA THR C 293 -0.65 -42.89 20.87
C THR C 293 0.75 -42.93 21.48
N ALA C 294 1.45 -44.06 21.29
CA ALA C 294 2.78 -44.20 21.86
C ALA C 294 3.75 -43.18 21.28
N GLN C 295 3.63 -42.89 19.98
CA GLN C 295 4.55 -41.95 19.36
C GLN C 295 4.26 -40.52 19.77
N ARG C 296 2.98 -40.17 19.92
CA ARG C 296 2.62 -38.78 20.19
C ARG C 296 2.54 -38.44 21.68
N SER C 297 2.52 -39.42 22.57
CA SER C 297 2.36 -39.12 24.00
C SER C 297 3.59 -38.45 24.59
N GLN C 298 4.76 -38.57 23.96
CA GLN C 298 5.96 -37.94 24.49
C GLN C 298 5.84 -36.42 24.51
N PHE C 299 5.08 -35.86 23.57
CA PHE C 299 4.93 -34.42 23.45
C PHE C 299 3.76 -33.87 24.25
N GLU C 300 2.96 -34.73 24.88
CA GLU C 300 1.88 -34.30 25.75
C GLU C 300 2.23 -34.40 27.21
N THR C 301 3.04 -35.38 27.59
CA THR C 301 3.49 -35.53 28.98
C THR C 301 4.81 -34.84 29.24
N ASP C 302 5.36 -34.14 28.25
CA ASP C 302 6.61 -33.40 28.42
C ASP C 302 6.49 -32.09 27.65
N ALA C 303 6.33 -30.98 28.36
CA ALA C 303 6.26 -29.68 27.71
C ALA C 303 7.61 -29.21 27.20
N LYS C 304 8.71 -29.71 27.78
CA LYS C 304 10.04 -29.32 27.32
C LYS C 304 10.28 -29.75 25.88
N LEU C 305 9.92 -30.99 25.56
CA LEU C 305 10.10 -31.50 24.20
C LEU C 305 9.25 -30.72 23.21
N ASN C 306 7.99 -30.47 23.54
CA ASN C 306 7.11 -29.72 22.65
C ASN C 306 7.65 -28.32 22.41
N GLU C 307 8.08 -27.64 23.48
CA GLU C 307 8.64 -26.30 23.32
C GLU C 307 9.88 -26.32 22.45
N GLN C 308 10.80 -27.26 22.71
CA GLN C 308 12.04 -27.34 21.95
C GLN C 308 11.76 -27.53 20.47
N TYR C 309 10.91 -28.51 20.13
CA TYR C 309 10.65 -28.78 18.73
C TYR C 309 9.90 -27.64 18.05
N ARG C 310 8.92 -27.05 18.73
CA ARG C 310 8.15 -25.98 18.11
C ARG C 310 9.00 -24.73 17.90
N LEU C 311 9.89 -24.43 18.85
CA LEU C 311 10.77 -23.27 18.68
C LEU C 311 11.80 -23.53 17.58
N LYS C 312 12.31 -24.76 17.47
CA LYS C 312 13.20 -25.07 16.37
C LYS C 312 12.51 -24.90 15.02
N ILE C 313 11.28 -25.41 14.90
CA ILE C 313 10.56 -25.30 13.64
C ILE C 313 10.26 -23.84 13.30
N ASN C 314 9.86 -23.05 14.31
CA ASN C 314 9.55 -21.65 14.04
C ASN C 314 10.80 -20.85 13.70
N SER C 315 11.94 -21.18 14.30
CA SER C 315 13.17 -20.48 13.94
C SER C 315 13.64 -20.87 12.55
N ALA C 316 13.41 -22.12 12.13
CA ALA C 316 13.72 -22.51 10.77
C ALA C 316 12.83 -21.82 9.75
N LEU C 317 11.66 -21.34 10.16
CA LEU C 317 10.75 -20.64 9.27
C LEU C 317 11.01 -19.14 9.21
N ASN C 318 11.96 -18.63 9.99
CA ASN C 318 12.28 -17.22 10.02
C ASN C 318 13.67 -16.94 9.45
N GLN C 319 14.13 -17.80 8.54
CA GLN C 319 15.38 -17.57 7.83
C GLN C 319 15.12 -16.76 6.56
N GLU C 320 16.12 -15.96 6.18
CA GLU C 320 15.99 -15.15 4.99
C GLU C 320 16.18 -15.97 3.72
N ASP C 321 17.00 -17.02 3.76
CA ASP C 321 17.24 -17.86 2.59
C ASP C 321 16.41 -19.12 2.71
N PRO C 322 15.48 -19.38 1.79
CA PRO C 322 14.67 -20.61 1.87
C PRO C 322 15.49 -21.88 1.75
N ARG C 323 16.61 -21.86 1.02
CA ARG C 323 17.42 -23.06 0.87
C ARG C 323 18.04 -23.49 2.20
N THR C 324 18.35 -22.54 3.07
CA THR C 324 18.84 -22.88 4.41
C THR C 324 17.71 -23.42 5.28
N ALA C 325 16.52 -22.82 5.16
CA ALA C 325 15.36 -23.29 5.92
C ALA C 325 15.00 -24.72 5.58
N TRP C 326 15.10 -25.08 4.30
CA TRP C 326 14.78 -26.45 3.91
C TRP C 326 15.73 -27.46 4.56
N GLU C 327 17.02 -27.16 4.58
CA GLU C 327 17.98 -28.07 5.19
C GLU C 327 17.82 -28.12 6.71
N MET C 328 17.47 -26.99 7.31
CA MET C 328 17.17 -27.00 8.74
C MET C 328 15.97 -27.89 9.05
N LEU C 329 14.95 -27.84 8.20
CA LEU C 329 13.78 -28.70 8.39
C LEU C 329 14.15 -30.18 8.21
N GLN C 330 15.04 -30.48 7.26
CA GLN C 330 15.51 -31.85 7.11
C GLN C 330 16.23 -32.33 8.36
N GLY C 331 17.05 -31.45 8.96
CA GLY C 331 17.70 -31.81 10.21
C GLY C 331 16.71 -32.05 11.33
N ILE C 332 15.66 -31.23 11.41
CA ILE C 332 14.65 -31.43 12.43
C ILE C 332 13.89 -32.74 12.22
N LYS C 333 13.63 -33.10 10.96
CA LYS C 333 13.00 -34.39 10.66
C LYS C 333 13.89 -35.53 11.09
N ALA C 334 15.19 -35.42 10.86
CA ALA C 334 16.12 -36.45 11.31
C ALA C 334 16.12 -36.56 12.83
N GLU C 335 16.03 -35.43 13.54
CA GLU C 335 15.94 -35.48 14.99
C GLU C 335 14.66 -36.18 15.44
N LEU C 336 13.54 -35.86 14.78
CA LEU C 336 12.26 -36.45 15.18
C LEU C 336 12.21 -37.94 14.90
N ASP C 337 12.95 -38.42 13.90
CA ASP C 337 12.92 -39.85 13.57
C ASP C 337 13.40 -40.72 14.72
N LYS C 338 14.15 -40.16 15.67
CA LYS C 338 14.70 -40.93 16.78
C LYS C 338 13.74 -41.07 17.95
N VAL C 339 12.65 -40.31 17.98
CA VAL C 339 11.66 -40.41 19.04
C VAL C 339 10.32 -40.93 18.54
N GLN C 340 10.10 -40.99 17.23
CA GLN C 340 8.90 -41.55 16.64
C GLN C 340 9.34 -42.55 15.57
N PRO C 341 9.77 -43.75 15.99
CA PRO C 341 10.42 -44.69 15.07
C PRO C 341 9.44 -45.59 14.30
N ASP C 342 8.38 -45.00 13.77
CA ASP C 342 7.42 -45.78 13.00
C ASP C 342 6.93 -44.92 11.84
N GLU C 343 5.96 -45.46 11.08
CA GLU C 343 5.57 -44.89 9.80
C GLU C 343 4.25 -44.15 9.82
N GLN C 344 3.51 -44.18 10.94
CA GLN C 344 2.18 -43.57 10.96
C GLN C 344 2.29 -42.05 11.00
N MET C 345 1.18 -41.40 10.65
CA MET C 345 1.08 -39.95 10.73
C MET C 345 0.77 -39.54 12.17
N THR C 346 1.61 -38.69 12.74
CA THR C 346 1.44 -38.13 14.07
C THR C 346 1.26 -36.62 13.95
N PRO C 347 0.68 -35.97 14.97
CA PRO C 347 0.55 -34.51 14.91
C PRO C 347 1.87 -33.76 14.86
N GLN C 348 3.00 -34.44 15.02
CA GLN C 348 4.31 -33.81 14.96
C GLN C 348 4.94 -33.88 13.58
N ARG C 349 4.56 -34.88 12.79
CA ARG C 349 4.95 -34.91 11.38
C ARG C 349 4.13 -33.95 10.56
N GLU C 350 2.89 -33.68 10.99
CA GLU C 350 2.09 -32.64 10.36
C GLU C 350 2.75 -31.27 10.52
N TRP C 351 3.35 -31.01 11.69
CA TRP C 351 4.14 -29.79 11.87
C TRP C 351 5.16 -29.63 10.77
N LEU C 352 5.91 -30.71 10.47
CA LEU C 352 7.01 -30.62 9.54
C LEU C 352 6.52 -30.52 8.10
N ILE C 353 5.44 -31.21 7.76
CA ILE C 353 4.88 -31.08 6.42
C ILE C 353 4.37 -29.65 6.18
N SER C 354 3.68 -29.08 7.17
CA SER C 354 3.23 -27.71 7.05
C SER C 354 4.41 -26.74 6.95
N ALA C 355 5.47 -27.00 7.71
CA ALA C 355 6.65 -26.14 7.64
C ALA C 355 7.28 -26.18 6.25
N GLN C 356 7.35 -27.36 5.66
CA GLN C 356 7.92 -27.47 4.31
C GLN C 356 7.06 -26.75 3.28
N GLU C 357 5.74 -26.83 3.41
CA GLU C 357 4.86 -26.08 2.51
C GLU C 357 5.06 -24.58 2.68
N GLN C 358 5.21 -24.12 3.91
CA GLN C 358 5.46 -22.70 4.16
C GLN C 358 6.78 -22.27 3.55
N VAL C 359 7.80 -23.13 3.62
CA VAL C 359 9.09 -22.80 3.02
C VAL C 359 8.98 -22.71 1.50
N GLN C 360 8.14 -23.55 0.89
CA GLN C 360 7.90 -23.43 -0.54
C GLN C 360 7.26 -22.08 -0.89
N ASN C 361 6.28 -21.66 -0.10
CA ASN C 361 5.68 -20.34 -0.31
C ASN C 361 6.71 -19.23 -0.16
N GLN C 362 7.58 -19.35 0.85
CA GLN C 362 8.64 -18.38 1.04
C GLN C 362 9.59 -18.35 -0.16
N MET C 363 9.84 -19.51 -0.75
CA MET C 363 10.70 -19.55 -1.94
C MET C 363 10.07 -18.79 -3.09
N ASN C 364 8.75 -18.94 -3.26
CA ASN C 364 8.05 -18.15 -4.28
C ASN C 364 8.24 -16.66 -4.05
N ALA C 365 7.98 -16.21 -2.82
CA ALA C 365 8.11 -14.78 -2.51
C ALA C 365 9.55 -14.29 -2.66
N TRP C 366 10.52 -15.17 -2.41
CA TRP C 366 11.93 -14.83 -2.55
C TRP C 366 12.33 -14.67 -4.01
N THR C 367 11.81 -15.54 -4.87
CA THR C 367 12.13 -15.45 -6.29
C THR C 367 11.53 -14.20 -6.92
N LYS C 368 10.35 -13.76 -6.44
CA LYS C 368 9.88 -12.41 -6.79
C LYS C 368 10.99 -11.37 -6.67
N ALA C 369 11.53 -11.21 -5.46
CA ALA C 369 12.49 -10.14 -5.20
C ALA C 369 13.77 -10.33 -6.00
N GLN C 370 14.24 -11.58 -6.11
CA GLN C 370 15.46 -11.81 -6.88
C GLN C 370 15.29 -11.40 -8.33
N ALA C 371 14.17 -11.79 -8.95
CA ALA C 371 13.93 -11.43 -10.33
C ALA C 371 13.81 -9.92 -10.50
N LYS C 372 13.13 -9.25 -9.57
CA LYS C 372 12.98 -7.81 -9.68
C LYS C 372 14.32 -7.10 -9.59
N ALA C 373 15.17 -7.50 -8.65
CA ALA C 373 16.49 -6.87 -8.54
C ALA C 373 17.33 -7.12 -9.78
N LEU C 374 17.29 -8.34 -10.31
CA LEU C 374 18.06 -8.63 -11.51
C LEU C 374 17.58 -7.80 -12.70
N ASP C 375 16.27 -7.59 -12.81
CA ASP C 375 15.74 -6.72 -13.85
C ASP C 375 16.22 -5.29 -13.69
N ASP C 376 16.24 -4.80 -12.45
CA ASP C 376 16.68 -3.43 -12.21
C ASP C 376 18.12 -3.23 -12.64
N SER C 377 19.00 -4.19 -12.35
CA SER C 377 20.40 -4.03 -12.76
C SER C 377 20.57 -4.22 -14.27
N MET C 378 19.76 -5.11 -14.86
CA MET C 378 19.88 -5.38 -16.28
C MET C 378 19.42 -4.19 -17.12
N LYS C 379 18.48 -3.39 -16.60
CA LYS C 379 18.10 -2.17 -17.30
C LYS C 379 19.26 -1.20 -17.41
N SER C 380 20.04 -1.05 -16.33
CA SER C 380 21.20 -0.16 -16.37
C SER C 380 22.24 -0.66 -17.37
N MET C 381 22.49 -1.97 -17.37
CA MET C 381 23.43 -2.50 -18.36
C MET C 381 22.94 -2.26 -19.78
N ASN C 382 21.64 -2.41 -20.01
CA ASN C 382 21.07 -2.17 -21.34
C ASN C 382 21.23 -0.71 -21.76
N LYS C 383 21.01 0.22 -20.82
CA LYS C 383 21.18 1.64 -21.15
C LYS C 383 22.62 1.95 -21.52
N LEU C 384 23.59 1.37 -20.79
CA LEU C 384 24.99 1.57 -21.16
C LEU C 384 25.28 1.01 -22.55
N ASP C 385 24.72 -0.15 -22.87
CA ASP C 385 24.92 -0.72 -24.21
C ASP C 385 24.36 0.20 -25.29
N VAL C 386 23.18 0.78 -25.05
CA VAL C 386 22.57 1.68 -26.03
C VAL C 386 23.43 2.92 -26.25
N ILE C 387 23.94 3.50 -25.16
CA ILE C 387 24.81 4.67 -25.30
C ILE C 387 26.07 4.32 -26.08
N ASP C 388 26.66 3.16 -25.80
CA ASP C 388 27.84 2.74 -26.52
C ASP C 388 27.55 2.59 -28.01
N LYS C 389 26.41 2.01 -28.35
CA LYS C 389 26.03 1.88 -29.76
C LYS C 389 25.88 3.25 -30.41
N GLN C 390 25.32 4.21 -29.68
CA GLN C 390 25.11 5.55 -30.26
C GLN C 390 26.43 6.25 -30.56
N PHE C 391 27.36 6.25 -29.60
CA PHE C 391 28.70 6.78 -29.92
C PHE C 391 29.40 6.00 -31.03
N GLN C 392 29.21 4.69 -31.10
CA GLN C 392 29.86 3.96 -32.18
C GLN C 392 29.30 4.39 -33.54
N LYS C 393 27.99 4.61 -33.62
CA LYS C 393 27.41 5.11 -34.87
C LYS C 393 27.91 6.52 -35.18
N ARG C 394 27.99 7.39 -34.18
CA ARG C 394 28.41 8.77 -34.42
C ARG C 394 29.87 8.84 -34.87
N ILE C 395 30.74 8.03 -34.27
CA ILE C 395 32.16 8.08 -34.61
C ILE C 395 32.37 7.59 -36.04
N ASN C 396 31.59 6.61 -36.48
CA ASN C 396 31.74 6.07 -37.83
C ASN C 396 31.28 7.02 -38.92
N GLY C 397 30.63 8.12 -38.57
CA GLY C 397 30.22 9.12 -39.52
C GLY C 397 28.73 9.27 -39.76
N GLU C 398 27.90 8.77 -38.86
CA GLU C 398 26.46 8.88 -39.00
C GLU C 398 25.95 10.08 -38.21
N TRP C 399 24.80 10.61 -38.63
CA TRP C 399 24.27 11.85 -38.07
C TRP C 399 23.19 11.49 -37.05
N VAL C 400 23.64 11.21 -35.83
CA VAL C 400 22.78 10.88 -34.71
C VAL C 400 23.20 11.77 -33.54
N SER C 401 22.28 11.92 -32.59
CA SER C 401 22.52 12.75 -31.43
C SER C 401 23.03 11.89 -30.28
N THR C 402 24.14 12.32 -29.66
CA THR C 402 24.75 11.61 -28.56
C THR C 402 24.36 12.20 -27.21
N ASP C 403 23.34 13.05 -27.17
CA ASP C 403 22.79 13.54 -25.92
C ASP C 403 21.92 12.46 -25.28
N PHE C 404 21.99 12.36 -23.95
CA PHE C 404 21.23 11.32 -23.26
C PHE C 404 19.73 11.53 -23.36
N LYS C 405 19.28 12.75 -23.65
CA LYS C 405 17.86 13.01 -23.84
C LYS C 405 17.37 12.51 -25.19
N ASP C 406 18.25 12.15 -26.11
CA ASP C 406 17.88 11.71 -27.45
C ASP C 406 18.20 10.25 -27.69
N MET C 407 18.51 9.49 -26.65
CA MET C 407 18.74 8.06 -26.82
C MET C 407 17.42 7.34 -27.01
N PRO C 408 17.38 6.30 -27.85
CA PRO C 408 16.14 5.52 -28.00
C PRO C 408 15.75 4.84 -26.70
N VAL C 409 14.44 4.85 -26.42
CA VAL C 409 13.90 4.35 -25.16
C VAL C 409 13.03 3.13 -25.44
N ASN C 410 13.17 2.12 -24.60
CA ASN C 410 12.47 0.85 -24.74
C ASN C 410 11.85 0.48 -23.41
N GLU C 411 11.22 -0.69 -23.36
CA GLU C 411 10.81 -1.26 -22.08
C GLU C 411 11.95 -1.99 -21.39
N ASN C 412 13.05 -2.25 -22.10
CA ASN C 412 14.24 -2.88 -21.55
C ASN C 412 15.27 -1.87 -21.08
N THR C 413 15.02 -0.58 -21.25
CA THR C 413 15.93 0.48 -20.82
C THR C 413 15.31 1.43 -19.82
N GLY C 414 14.08 1.86 -20.05
CA GLY C 414 13.51 2.93 -19.27
C GLY C 414 13.98 4.29 -19.78
N GLU C 415 13.90 5.28 -18.91
CA GLU C 415 14.33 6.63 -19.24
C GLU C 415 15.79 6.82 -18.86
N PHE C 416 16.51 7.60 -19.66
CA PHE C 416 17.92 7.83 -19.45
C PHE C 416 18.15 9.00 -18.49
N LYS C 417 19.27 8.94 -17.78
CA LYS C 417 19.65 9.96 -16.81
C LYS C 417 21.05 10.46 -17.13
N HIS C 418 21.39 11.60 -16.52
CA HIS C 418 22.73 12.17 -16.69
C HIS C 418 23.79 11.26 -16.09
N SER C 419 23.47 10.61 -14.97
CA SER C 419 24.41 9.69 -14.34
C SER C 419 24.73 8.51 -15.23
N ASP C 420 23.81 8.14 -16.14
CA ASP C 420 24.11 7.10 -17.11
C ASP C 420 25.25 7.52 -18.03
N MET C 421 25.21 8.77 -18.52
CA MET C 421 26.31 9.27 -19.34
C MET C 421 27.60 9.38 -18.54
N VAL C 422 27.49 9.79 -17.28
CA VAL C 422 28.69 9.88 -16.44
C VAL C 422 29.34 8.51 -16.30
N ASN C 423 28.53 7.50 -16.00
CA ASN C 423 29.04 6.14 -15.84
C ASN C 423 29.62 5.62 -17.14
N TYR C 424 28.95 5.89 -18.27
CA TYR C 424 29.47 5.44 -19.56
C TYR C 424 30.82 6.08 -19.87
N ALA C 425 30.95 7.38 -19.60
CA ALA C 425 32.21 8.05 -19.89
C ALA C 425 33.34 7.50 -19.02
N ASN C 426 33.07 7.28 -17.73
CA ASN C 426 34.11 6.73 -16.85
C ASN C 426 34.51 5.32 -17.30
N LYS C 427 33.52 4.49 -17.61
CA LYS C 427 33.79 3.13 -18.05
C LYS C 427 34.58 3.10 -19.35
N LYS C 428 34.20 3.96 -20.31
CA LYS C 428 34.91 4.00 -21.58
C LYS C 428 36.34 4.48 -21.41
N LEU C 429 36.57 5.50 -20.58
CA LEU C 429 37.93 5.97 -20.36
C LEU C 429 38.78 4.88 -19.71
N ALA C 430 38.23 4.17 -18.73
CA ALA C 430 38.98 3.08 -18.10
C ALA C 430 39.30 1.98 -19.11
N GLU C 431 38.32 1.62 -19.94
CA GLU C 431 38.52 0.56 -20.92
C GLU C 431 39.59 0.95 -21.94
N ILE C 432 39.59 2.20 -22.38
CA ILE C 432 40.63 2.66 -23.30
C ILE C 432 41.99 2.64 -22.61
N ASP C 433 42.02 3.00 -21.32
CA ASP C 433 43.28 2.96 -20.59
C ASP C 433 43.80 1.55 -20.38
N SER C 434 42.93 0.54 -20.39
CA SER C 434 43.35 -0.84 -20.19
C SER C 434 43.77 -1.54 -21.47
N MET C 435 43.81 -0.84 -22.60
CA MET C 435 44.15 -1.46 -23.87
C MET C 435 45.66 -1.60 -24.03
N ASP C 436 46.07 -2.61 -24.79
CA ASP C 436 47.48 -2.87 -25.05
C ASP C 436 47.88 -2.27 -26.40
N ILE C 437 47.92 -0.94 -26.42
CA ILE C 437 48.29 -0.18 -27.62
C ILE C 437 49.19 0.97 -27.21
N PRO C 438 49.96 1.51 -28.16
CA PRO C 438 50.78 2.68 -27.84
C PRO C 438 49.94 3.87 -27.43
N ASP C 439 50.59 4.84 -26.79
CA ASP C 439 49.87 5.98 -26.23
C ASP C 439 49.24 6.85 -27.30
N GLY C 440 49.83 6.91 -28.49
CA GLY C 440 49.26 7.71 -29.56
C GLY C 440 47.89 7.21 -29.98
N ALA C 441 47.73 5.89 -30.09
CA ALA C 441 46.42 5.33 -30.45
C ALA C 441 45.40 5.61 -29.36
N LYS C 442 45.80 5.52 -28.10
CA LYS C 442 44.90 5.84 -27.00
C LYS C 442 44.45 7.29 -27.06
N ASP C 443 45.39 8.20 -27.34
CA ASP C 443 45.02 9.61 -27.47
C ASP C 443 44.07 9.82 -28.65
N ALA C 444 44.31 9.12 -29.76
CA ALA C 444 43.44 9.25 -30.91
C ALA C 444 42.02 8.79 -30.58
N MET C 445 41.89 7.66 -29.87
CA MET C 445 40.56 7.18 -29.50
C MET C 445 39.88 8.14 -28.54
N LYS C 446 40.61 8.63 -27.55
CA LYS C 446 40.02 9.57 -26.59
C LYS C 446 39.55 10.85 -27.29
N LEU C 447 40.33 11.33 -28.26
CA LEU C 447 39.93 12.53 -28.98
C LEU C 447 38.77 12.27 -29.92
N LYS C 448 38.66 11.06 -30.47
CA LYS C 448 37.47 10.71 -31.25
C LYS C 448 36.23 10.75 -30.38
N TYR C 449 36.31 10.20 -29.17
CA TYR C 449 35.16 10.24 -28.27
C TYR C 449 34.86 11.66 -27.83
N LEU C 450 35.88 12.48 -27.64
CA LEU C 450 35.66 13.88 -27.30
C LEU C 450 34.97 14.64 -28.43
N GLN C 451 35.36 14.35 -29.67
CA GLN C 451 34.77 15.05 -30.81
C GLN C 451 33.32 14.61 -31.04
N ALA C 452 33.04 13.31 -30.86
CA ALA C 452 31.68 12.82 -31.07
C ALA C 452 30.73 13.21 -29.94
N ASP C 453 31.23 13.74 -28.84
CA ASP C 453 30.40 14.03 -27.68
C ASP C 453 29.53 15.26 -27.93
N SER C 454 28.42 15.33 -27.21
CA SER C 454 27.50 16.46 -27.33
C SER C 454 27.97 17.61 -26.45
N LYS C 455 27.27 18.74 -26.59
CA LYS C 455 27.75 20.00 -26.02
C LYS C 455 27.93 19.93 -24.51
N ASP C 456 26.96 19.35 -23.81
CA ASP C 456 27.02 19.23 -22.36
C ASP C 456 27.28 17.81 -21.89
N GLY C 457 28.03 17.05 -22.69
CA GLY C 457 28.33 15.67 -22.37
C GLY C 457 29.37 15.54 -21.27
N ALA C 458 29.59 14.29 -20.86
CA ALA C 458 30.56 14.02 -19.80
C ALA C 458 31.99 14.10 -20.28
N PHE C 459 32.26 13.69 -21.52
CA PHE C 459 33.60 13.81 -22.06
C PHE C 459 34.04 15.27 -22.15
N ARG C 460 33.13 16.15 -22.58
CA ARG C 460 33.46 17.56 -22.67
C ARG C 460 33.49 18.23 -21.31
N THR C 461 32.78 17.67 -20.32
CA THR C 461 32.84 18.20 -18.97
C THR C 461 34.14 17.83 -18.27
N ALA C 462 34.66 16.63 -18.53
CA ALA C 462 35.93 16.23 -17.93
C ALA C 462 37.08 17.10 -18.42
N ILE C 463 37.12 17.39 -19.73
CA ILE C 463 38.19 18.23 -20.27
C ILE C 463 37.89 19.71 -20.12
N GLY C 464 36.66 20.08 -19.73
CA GLY C 464 36.36 21.48 -19.51
C GLY C 464 37.07 22.05 -18.31
N THR C 465 37.44 21.20 -17.36
CA THR C 465 38.23 21.64 -16.21
C THR C 465 39.61 22.12 -16.67
N MET C 466 40.21 21.41 -17.65
CA MET C 466 41.49 21.85 -18.20
C MET C 466 41.38 23.23 -18.82
N VAL C 467 40.33 23.47 -19.61
CA VAL C 467 40.19 24.76 -20.30
C VAL C 467 39.92 25.87 -19.30
N THR C 468 39.08 25.60 -18.31
CA THR C 468 38.81 26.61 -17.27
C THR C 468 40.08 26.96 -16.51
N ASP C 469 40.87 25.95 -16.13
CA ASP C 469 42.10 26.19 -15.40
C ASP C 469 43.10 26.95 -16.25
N ALA C 470 43.22 26.62 -17.53
CA ALA C 470 44.16 27.32 -18.40
C ALA C 470 43.77 28.79 -18.58
N GLY C 471 42.48 29.05 -18.79
CA GLY C 471 42.03 30.43 -18.90
C GLY C 471 42.27 31.21 -17.62
N GLN C 472 42.00 30.59 -16.47
CA GLN C 472 42.24 31.25 -15.20
C GLN C 472 43.74 31.53 -15.01
N GLU C 473 44.59 30.58 -15.38
CA GLU C 473 46.03 30.78 -15.28
C GLU C 473 46.46 31.99 -16.10
N TRP C 474 46.01 32.08 -17.36
CA TRP C 474 46.43 33.18 -18.20
C TRP C 474 45.90 34.52 -17.68
N SER C 475 44.63 34.57 -17.28
CA SER C 475 44.07 35.83 -16.81
C SER C 475 44.74 36.30 -15.52
N ALA C 476 44.98 35.37 -14.59
CA ALA C 476 45.68 35.73 -13.35
C ALA C 476 47.10 36.19 -13.64
N ALA C 477 47.79 35.54 -14.59
CA ALA C 477 49.14 35.96 -14.95
C ALA C 477 49.14 37.37 -15.53
N VAL C 478 48.14 37.69 -16.36
CA VAL C 478 48.05 39.03 -16.92
C VAL C 478 47.81 40.05 -15.82
N ILE C 479 46.91 39.75 -14.88
CA ILE C 479 46.62 40.68 -13.80
C ILE C 479 47.85 40.89 -12.91
N ASN C 480 48.53 39.82 -12.55
CA ASN C 480 49.69 39.92 -11.67
C ASN C 480 50.98 40.30 -12.38
N GLY C 481 50.99 40.27 -13.71
CA GLY C 481 52.18 40.66 -14.45
C GLY C 481 53.32 39.68 -14.39
N LYS C 482 53.05 38.40 -14.09
CA LYS C 482 54.09 37.40 -14.02
C LYS C 482 53.45 36.03 -14.14
N LEU C 483 54.08 35.14 -14.91
CA LEU C 483 53.61 33.78 -14.99
C LEU C 483 54.00 33.00 -13.74
N PRO C 484 53.10 32.16 -13.21
CA PRO C 484 53.47 31.33 -12.07
C PRO C 484 54.48 30.26 -12.44
N GLU C 485 55.09 29.69 -11.41
CA GLU C 485 56.11 28.67 -11.64
C GLU C 485 55.54 27.43 -12.31
N ARG C 486 54.27 27.12 -12.03
CA ARG C 486 53.61 25.95 -12.61
C ARG C 486 52.34 26.39 -13.33
N THR C 487 52.20 25.96 -14.58
CA THR C 487 50.96 26.12 -15.34
C THR C 487 50.60 24.77 -15.94
N PRO C 488 50.20 23.80 -15.11
CA PRO C 488 49.94 22.46 -15.64
C PRO C 488 48.82 22.40 -16.66
N ALA C 489 47.78 23.21 -16.50
CA ALA C 489 46.64 23.16 -17.41
C ALA C 489 47.01 23.69 -18.78
N MET C 490 47.77 24.77 -18.83
CA MET C 490 48.20 25.30 -20.14
C MET C 490 49.11 24.32 -20.86
N ASP C 491 50.02 23.68 -20.14
CA ASP C 491 50.89 22.70 -20.76
C ASP C 491 50.10 21.50 -21.27
N ALA C 492 49.16 21.00 -20.49
CA ALA C 492 48.35 19.87 -20.93
C ALA C 492 47.52 20.23 -22.16
N LEU C 493 46.89 21.41 -22.15
CA LEU C 493 46.08 21.83 -23.28
C LEU C 493 46.93 22.05 -24.52
N ARG C 494 48.14 22.59 -24.35
CA ARG C 494 49.03 22.77 -25.49
C ARG C 494 49.48 21.44 -26.08
N ARG C 495 49.75 20.45 -25.22
CA ARG C 495 50.11 19.13 -25.74
C ARG C 495 48.94 18.49 -26.48
N ILE C 496 47.73 18.63 -25.94
CA ILE C 496 46.56 18.09 -26.64
C ILE C 496 46.36 18.80 -27.98
N ARG C 497 46.61 20.12 -28.02
CA ARG C 497 46.57 20.84 -29.28
C ARG C 497 47.59 20.29 -30.26
N ASN C 498 48.80 20.02 -29.78
CA ASN C 498 49.82 19.44 -30.64
C ASN C 498 49.38 18.08 -31.17
N ALA C 499 48.59 17.34 -30.39
CA ALA C 499 48.04 16.09 -30.90
C ALA C 499 47.00 16.31 -31.99
N ASP C 500 46.12 17.31 -31.81
CA ASP C 500 45.03 17.57 -32.75
C ASP C 500 44.71 19.05 -32.75
N PRO C 501 45.23 19.80 -33.71
CA PRO C 501 45.01 21.26 -33.71
C PRO C 501 43.62 21.69 -34.13
N GLN C 502 43.06 21.00 -35.12
CA GLN C 502 41.76 21.40 -35.66
C GLN C 502 40.65 21.19 -34.64
N LEU C 503 40.71 20.09 -33.88
CA LEU C 503 39.69 19.84 -32.86
C LEU C 503 39.71 20.92 -31.77
N ILE C 504 40.91 21.30 -31.33
CA ILE C 504 41.02 22.31 -30.28
C ILE C 504 40.58 23.66 -30.80
N ALA C 505 40.93 23.98 -32.05
CA ALA C 505 40.45 25.23 -32.64
C ALA C 505 38.94 25.25 -32.80
N ALA C 506 38.34 24.09 -33.08
CA ALA C 506 36.89 24.03 -33.23
C ALA C 506 36.19 24.16 -31.88
N LEU C 507 36.75 23.58 -30.83
CA LEU C 507 36.06 23.57 -29.55
C LEU C 507 36.41 24.77 -28.68
N TYR C 508 37.67 25.16 -28.60
CA TYR C 508 38.14 26.23 -27.72
C TYR C 508 38.95 27.23 -28.53
N PRO C 509 38.29 28.10 -29.29
CA PRO C 509 39.03 29.03 -30.16
C PRO C 509 39.96 29.99 -29.43
N ASP C 510 39.58 30.44 -28.22
CA ASP C 510 40.40 31.44 -27.53
C ASP C 510 41.75 30.86 -27.15
N GLN C 511 41.76 29.65 -26.57
CA GLN C 511 43.02 29.02 -26.23
C GLN C 511 43.83 28.68 -27.47
N ALA C 512 43.17 28.30 -28.56
CA ALA C 512 43.89 28.03 -29.80
C ALA C 512 44.60 29.27 -30.33
N GLU C 513 43.92 30.42 -30.31
CA GLU C 513 44.56 31.66 -30.75
C GLU C 513 45.70 32.05 -29.83
N LEU C 514 45.52 31.89 -28.52
CA LEU C 514 46.60 32.18 -27.59
C LEU C 514 47.81 31.29 -27.86
N PHE C 515 47.58 30.00 -28.11
CA PHE C 515 48.68 29.08 -28.37
C PHE C 515 49.38 29.41 -29.68
N LEU C 516 48.64 29.85 -30.69
CA LEU C 516 49.27 30.25 -31.94
C LEU C 516 50.16 31.48 -31.74
N THR C 517 49.68 32.46 -30.98
CA THR C 517 50.49 33.64 -30.67
C THR C 517 51.76 33.24 -29.90
N MET C 518 51.61 32.36 -28.91
CA MET C 518 52.77 31.90 -28.14
C MET C 518 53.75 31.14 -29.01
N ASP C 519 53.24 30.35 -29.97
CA ASP C 519 54.11 29.64 -30.90
C ASP C 519 54.92 30.61 -31.74
N MET C 520 54.28 31.65 -32.27
CA MET C 520 55.01 32.62 -33.08
C MET C 520 56.08 33.34 -32.25
N MET C 521 55.73 33.74 -31.02
CA MET C 521 56.72 34.35 -30.15
C MET C 521 57.87 33.41 -29.83
N ASP C 522 57.56 32.14 -29.59
CA ASP C 522 58.60 31.16 -29.28
C ASP C 522 59.55 30.99 -30.46
N LYS C 523 59.01 30.96 -31.68
CA LYS C 523 59.86 30.82 -32.85
C LYS C 523 60.70 32.07 -33.08
N GLN C 524 60.21 33.24 -32.70
CA GLN C 524 61.04 34.44 -32.77
C GLN C 524 62.05 34.52 -31.63
N GLY C 525 61.90 33.71 -30.59
CA GLY C 525 62.80 33.78 -29.45
C GLY C 525 62.43 34.84 -28.42
N ILE C 526 61.14 35.06 -28.21
CA ILE C 526 60.65 36.13 -27.34
C ILE C 526 59.97 35.50 -26.13
N ASP C 527 60.27 36.04 -24.94
CA ASP C 527 59.72 35.51 -23.71
C ASP C 527 58.25 35.89 -23.57
N PRO C 528 57.44 35.06 -22.90
CA PRO C 528 56.02 35.40 -22.72
C PRO C 528 55.77 36.66 -21.90
N GLN C 529 56.78 37.18 -21.18
CA GLN C 529 56.61 38.42 -20.46
C GLN C 529 56.23 39.57 -21.39
N VAL C 530 56.68 39.52 -22.65
CA VAL C 530 56.29 40.54 -23.60
C VAL C 530 54.80 40.49 -23.88
N ILE C 531 54.25 39.28 -24.07
CA ILE C 531 52.81 39.14 -24.27
C ILE C 531 52.06 39.61 -23.03
N LEU C 532 52.57 39.27 -21.84
CA LEU C 532 51.92 39.73 -20.61
C LEU C 532 51.90 41.24 -20.52
N ASP C 533 53.00 41.90 -20.87
CA ASP C 533 53.05 43.36 -20.81
C ASP C 533 52.08 43.98 -21.82
N ALA C 534 52.04 43.44 -23.04
CA ALA C 534 51.12 43.97 -24.04
C ALA C 534 49.67 43.81 -23.61
N ASP C 535 49.32 42.64 -23.06
CA ASP C 535 47.96 42.43 -22.57
C ASP C 535 47.64 43.37 -21.40
N ARG C 536 48.60 43.58 -20.50
CA ARG C 536 48.38 44.48 -19.38
C ARG C 536 48.16 45.91 -19.85
N LEU C 537 48.91 46.34 -20.87
CA LEU C 537 48.71 47.68 -21.41
C LEU C 537 47.34 47.80 -22.07
N THR C 538 46.91 46.78 -22.80
CA THR C 538 45.65 46.87 -23.54
C THR C 538 44.43 46.72 -22.65
N VAL C 539 44.51 45.91 -21.59
CA VAL C 539 43.31 45.58 -20.80
C VAL C 539 42.82 46.79 -20.02
N LYS C 540 43.71 47.69 -19.63
CA LYS C 540 43.36 48.85 -18.82
C LYS C 540 42.87 50.01 -19.66
N ARG C 541 42.35 49.74 -20.85
CA ARG C 541 42.08 50.75 -21.85
C ARG C 541 40.72 50.49 -22.47
N SER C 542 39.92 51.55 -22.63
CA SER C 542 38.55 51.40 -23.09
C SER C 542 38.50 51.11 -24.58
N LYS C 543 37.31 50.71 -25.04
CA LYS C 543 37.14 50.36 -26.45
C LYS C 543 37.30 51.57 -27.36
N GLU C 544 36.99 52.76 -26.87
CA GLU C 544 37.17 53.97 -27.67
C GLU C 544 38.64 54.34 -27.81
N GLN C 545 39.44 54.11 -26.76
CA GLN C 545 40.86 54.41 -26.82
C GLN C 545 41.63 53.38 -27.63
N ARG C 546 41.15 52.14 -27.68
CA ARG C 546 41.84 51.11 -28.44
C ARG C 546 41.81 51.42 -29.93
N PHE C 547 40.72 51.97 -30.43
CA PHE C 547 40.66 52.37 -31.83
C PHE C 547 41.67 53.46 -32.14
N GLU C 548 41.79 54.45 -31.25
CA GLU C 548 42.77 55.51 -31.44
C GLU C 548 44.19 54.95 -31.41
N ASP C 549 44.46 54.02 -30.49
CA ASP C 549 45.78 53.40 -30.42
C ASP C 549 46.10 52.63 -31.71
N ASP C 550 45.13 51.87 -32.21
CA ASP C 550 45.35 51.12 -33.45
C ASP C 550 45.60 52.04 -34.62
N LYS C 551 44.83 53.13 -34.72
CA LYS C 551 45.03 54.08 -35.81
C LYS C 551 46.40 54.73 -35.71
N ALA C 552 46.82 55.12 -34.50
CA ALA C 552 48.12 55.74 -34.33
C ALA C 552 49.25 54.77 -34.70
N PHE C 553 49.13 53.51 -34.29
CA PHE C 553 50.17 52.53 -34.61
C PHE C 553 50.25 52.29 -36.10
N GLU C 554 49.10 52.15 -36.77
CA GLU C 554 49.12 51.93 -38.21
C GLU C 554 49.66 53.14 -38.95
N SER C 555 49.32 54.35 -38.50
CA SER C 555 49.87 55.55 -39.14
C SER C 555 51.37 55.65 -38.94
N ALA C 556 51.86 55.28 -37.75
CA ALA C 556 53.30 55.29 -37.53
C ALA C 556 54.01 54.28 -38.41
N LEU C 557 53.40 53.10 -38.59
CA LEU C 557 54.01 52.10 -39.45
C LEU C 557 54.03 52.52 -40.91
N ASN C 558 52.90 53.03 -41.41
CA ASN C 558 52.80 53.39 -42.82
C ASN C 558 53.67 54.57 -43.19
N ALA C 559 54.05 55.41 -42.22
CA ALA C 559 54.92 56.55 -42.47
C ALA C 559 56.40 56.20 -42.38
N SER C 560 56.73 54.95 -42.12
CA SER C 560 58.13 54.55 -42.02
C SER C 560 58.78 54.52 -43.40
N LYS C 561 60.11 54.51 -43.39
CA LYS C 561 60.88 54.50 -44.62
C LYS C 561 61.41 53.12 -44.99
N ALA C 562 61.60 52.25 -44.02
CA ALA C 562 62.08 50.89 -44.31
C ALA C 562 60.96 50.08 -44.96
N PRO C 563 61.24 49.39 -46.07
CA PRO C 563 60.18 48.59 -46.71
C PRO C 563 59.63 47.49 -45.82
N GLU C 564 60.45 46.92 -44.94
CA GLU C 564 59.98 45.85 -44.06
C GLU C 564 58.94 46.35 -43.06
N ILE C 565 58.91 47.64 -42.77
CA ILE C 565 58.01 48.20 -41.77
C ILE C 565 56.77 48.79 -42.41
N ALA C 566 56.92 49.50 -43.53
CA ALA C 566 55.80 50.17 -44.16
C ALA C 566 54.83 49.20 -44.83
N ARG C 567 55.29 48.01 -45.21
CA ARG C 567 54.47 47.04 -45.93
C ARG C 567 54.60 45.67 -45.27
N MET C 568 54.40 45.64 -43.97
CA MET C 568 54.49 44.47 -43.12
C MET C 568 53.20 43.64 -43.23
N PRO C 569 53.30 42.32 -43.30
CA PRO C 569 52.09 41.48 -43.26
C PRO C 569 51.41 41.56 -41.90
N ALA C 570 50.11 41.24 -41.89
CA ALA C 570 49.31 41.38 -40.68
C ALA C 570 49.79 40.45 -39.57
N SER C 571 50.14 39.21 -39.92
CA SER C 571 50.58 38.25 -38.92
C SER C 571 51.87 38.71 -38.25
N LEU C 572 52.80 39.26 -39.02
CA LEU C 572 54.00 39.85 -38.42
C LEU C 572 53.66 41.14 -37.68
N ARG C 573 52.66 41.88 -38.16
CA ARG C 573 52.28 43.12 -37.51
C ARG C 573 51.73 42.89 -36.11
N GLU C 574 51.09 41.75 -35.87
CA GLU C 574 50.59 41.46 -34.53
C GLU C 574 51.74 41.32 -33.53
N SER C 575 52.77 40.54 -33.88
CA SER C 575 53.92 40.39 -33.00
C SER C 575 54.69 41.69 -32.85
N ALA C 576 54.80 42.46 -33.93
CA ALA C 576 55.44 43.77 -33.85
C ALA C 576 54.70 44.68 -32.88
N ARG C 577 53.36 44.68 -32.95
CA ARG C 577 52.56 45.48 -32.04
C ARG C 577 52.77 45.03 -30.59
N LYS C 578 52.88 43.73 -30.37
CA LYS C 578 53.12 43.26 -29.00
C LYS C 578 54.49 43.72 -28.47
N ILE C 579 55.52 43.65 -29.31
CA ILE C 579 56.84 44.11 -28.89
C ILE C 579 56.82 45.61 -28.58
N TYR C 580 56.19 46.38 -29.49
CA TYR C 580 56.10 47.82 -29.30
C TYR C 580 55.33 48.16 -28.03
N ASP C 581 54.23 47.45 -27.78
CA ASP C 581 53.42 47.69 -26.58
C ASP C 581 54.20 47.35 -25.32
N SER C 582 54.98 46.28 -25.34
CA SER C 582 55.78 45.93 -24.16
C SER C 582 56.79 47.03 -23.86
N VAL C 583 57.51 47.50 -24.88
CA VAL C 583 58.52 48.53 -24.64
C VAL C 583 57.86 49.84 -24.22
N LYS C 584 56.70 50.16 -24.79
CA LYS C 584 55.98 51.37 -24.43
C LYS C 584 55.32 51.28 -23.07
N TYR C 585 55.11 50.07 -22.56
CA TYR C 585 54.52 49.89 -21.24
C TYR C 585 55.57 49.93 -20.14
N ARG C 586 56.73 49.31 -20.34
CA ARG C 586 57.71 49.27 -19.27
C ARG C 586 58.43 50.60 -19.10
N SER C 587 58.52 51.40 -20.15
CA SER C 587 58.92 52.80 -20.05
C SER C 587 57.73 53.66 -20.42
N GLY C 588 57.95 54.97 -20.47
CA GLY C 588 56.94 55.87 -20.98
C GLY C 588 57.22 56.40 -22.37
N ASN C 589 58.26 55.92 -23.02
CA ASN C 589 58.76 56.48 -24.26
C ASN C 589 58.18 55.74 -25.45
N GLU C 590 57.38 56.44 -26.26
CA GLU C 590 56.88 55.86 -27.50
C GLU C 590 57.92 55.90 -28.60
N SER C 591 58.78 56.92 -28.61
CA SER C 591 59.87 56.98 -29.58
C SER C 591 60.85 55.83 -29.36
N MET C 592 61.18 55.53 -28.10
CA MET C 592 62.02 54.38 -27.81
C MET C 592 61.37 53.09 -28.24
N ALA C 593 60.07 52.95 -28.00
CA ALA C 593 59.37 51.74 -28.41
C ALA C 593 59.41 51.56 -29.92
N MET C 594 59.18 52.66 -30.66
CA MET C 594 59.23 52.58 -32.12
C MET C 594 60.62 52.21 -32.61
N GLU C 595 61.66 52.83 -32.04
CA GLU C 595 63.01 52.52 -32.50
C GLU C 595 63.41 51.09 -32.15
N GLN C 596 63.00 50.60 -30.99
CA GLN C 596 63.31 49.22 -30.59
C GLN C 596 62.62 48.23 -31.52
N MET C 597 61.33 48.45 -31.80
CA MET C 597 60.61 47.58 -32.72
C MET C 597 61.26 47.57 -34.10
N THR C 598 61.56 48.76 -34.61
CA THR C 598 62.11 48.85 -35.97
C THR C 598 63.48 48.19 -36.05
N LYS C 599 64.33 48.38 -35.05
CA LYS C 599 65.64 47.76 -35.07
C LYS C 599 65.54 46.23 -34.92
N PHE C 600 64.63 45.76 -34.06
CA PHE C 600 64.46 44.32 -33.92
C PHE C 600 63.98 43.69 -35.22
N LEU C 601 63.05 44.36 -35.91
CA LEU C 601 62.47 43.79 -37.12
C LEU C 601 63.39 43.93 -38.33
N LYS C 602 64.25 44.95 -38.36
CA LYS C 602 65.15 45.12 -39.49
C LYS C 602 66.18 44.01 -39.56
N GLU C 603 66.73 43.60 -38.43
CA GLU C 603 67.86 42.69 -38.39
C GLU C 603 67.46 41.23 -38.23
N SER C 604 66.16 40.94 -38.23
CA SER C 604 65.70 39.56 -38.10
C SER C 604 64.76 39.12 -39.21
N THR C 605 64.37 40.01 -40.13
CA THR C 605 63.47 39.67 -41.22
C THR C 605 64.09 40.12 -42.53
N TYR C 606 63.60 39.55 -43.63
CA TYR C 606 64.04 39.88 -44.97
C TYR C 606 62.82 40.09 -45.85
N THR C 607 62.81 41.16 -46.63
CA THR C 607 61.71 41.47 -47.51
C THR C 607 62.05 41.07 -48.95
N PHE C 608 61.19 40.27 -49.55
CA PHE C 608 61.35 39.84 -50.93
C PHE C 608 60.70 40.84 -51.87
N THR C 609 61.33 41.05 -53.03
CA THR C 609 60.86 42.00 -54.01
C THR C 609 60.57 41.29 -55.33
N GLY C 610 59.67 41.88 -56.11
CA GLY C 610 59.32 41.38 -57.42
C GLY C 610 59.62 42.41 -58.49
N ASP C 611 59.59 41.95 -59.74
CA ASP C 611 59.88 42.81 -60.89
C ASP C 611 58.61 43.50 -61.33
N ASP C 612 58.64 44.83 -61.37
CA ASP C 612 57.50 45.67 -61.76
C ASP C 612 56.31 45.36 -60.84
N VAL C 613 56.48 45.69 -59.57
CA VAL C 613 55.43 45.56 -58.56
C VAL C 613 55.24 46.92 -57.92
N ASP C 614 53.99 47.36 -57.84
CA ASP C 614 53.68 48.64 -57.20
C ASP C 614 53.92 48.50 -55.70
N GLY C 615 54.90 49.24 -55.18
CA GLY C 615 55.36 49.08 -53.82
C GLY C 615 56.53 48.13 -53.67
N ASP C 616 56.77 47.26 -54.65
CA ASP C 616 57.95 46.44 -54.82
C ASP C 616 58.05 45.28 -53.84
N THR C 617 57.14 45.15 -52.87
CA THR C 617 57.23 44.13 -51.85
C THR C 617 56.23 43.01 -52.12
N VAL C 618 56.69 41.77 -52.05
CA VAL C 618 55.83 40.60 -52.24
C VAL C 618 55.79 39.68 -51.03
N GLY C 619 56.49 40.02 -49.96
CA GLY C 619 56.46 39.22 -48.75
C GLY C 619 57.61 39.55 -47.84
N VAL C 620 57.45 39.18 -46.57
CA VAL C 620 58.48 39.34 -45.55
C VAL C 620 58.63 38.03 -44.82
N ILE C 621 59.85 37.52 -44.73
CA ILE C 621 60.12 36.23 -44.12
C ILE C 621 61.17 36.39 -43.02
N PRO C 622 60.96 35.82 -41.83
CA PRO C 622 62.02 35.84 -40.82
C PRO C 622 63.27 35.11 -41.31
N LYS C 623 64.43 35.63 -40.89
CA LYS C 623 65.70 35.11 -41.40
C LYS C 623 65.98 33.70 -40.90
N ASN C 624 65.60 33.38 -39.66
CA ASN C 624 65.92 32.06 -39.12
C ASN C 624 65.06 30.95 -39.72
N MET C 625 64.04 31.29 -40.49
CA MET C 625 63.25 30.29 -41.20
C MET C 625 63.83 29.93 -42.56
N MET C 626 64.86 30.63 -42.99
CA MET C 626 65.55 30.36 -44.25
C MET C 626 66.94 29.80 -44.05
N GLN C 627 67.27 29.34 -42.84
CA GLN C 627 68.58 28.78 -42.57
C GLN C 627 68.69 27.35 -43.10
N VAL C 628 69.82 27.04 -43.72
CA VAL C 628 70.09 25.69 -44.18
C VAL C 628 71.03 24.94 -43.25
N ASN C 629 71.67 25.63 -42.31
CA ASN C 629 72.58 25.04 -41.34
C ASN C 629 72.16 25.44 -39.94
N SER C 630 73.00 25.13 -38.96
CA SER C 630 72.86 25.72 -37.63
C SER C 630 73.52 27.08 -37.54
N ASP C 631 74.29 27.47 -38.56
CA ASP C 631 74.92 28.78 -38.59
C ASP C 631 73.91 29.83 -39.05
N PRO C 632 73.68 30.90 -38.29
CA PRO C 632 72.72 31.92 -38.73
C PRO C 632 73.09 32.54 -40.07
N LYS C 633 74.38 32.72 -40.36
CA LYS C 633 74.80 33.33 -41.61
C LYS C 633 74.34 32.53 -42.82
N SER C 634 73.97 31.27 -42.63
CA SER C 634 73.47 30.45 -43.73
C SER C 634 72.09 30.89 -44.22
N TRP C 635 71.44 31.83 -43.52
CA TRP C 635 70.14 32.31 -44.00
C TRP C 635 70.24 32.87 -45.41
N GLU C 636 71.40 33.33 -45.82
CA GLU C 636 71.57 33.87 -47.16
C GLU C 636 71.49 32.77 -48.21
N GLN C 637 71.93 31.56 -47.89
CA GLN C 637 71.82 30.46 -48.85
C GLN C 637 70.37 30.08 -49.08
N GLY C 638 69.61 29.87 -47.99
CA GLY C 638 68.22 29.49 -48.12
C GLY C 638 67.38 30.52 -48.84
N ARG C 639 67.74 31.80 -48.71
CA ARG C 639 67.06 32.83 -49.49
C ARG C 639 67.27 32.61 -50.98
N ASP C 640 68.51 32.29 -51.38
CA ASP C 640 68.79 32.10 -52.81
C ASP C 640 67.95 30.96 -53.38
N ILE C 641 67.91 29.83 -52.66
CA ILE C 641 67.08 28.71 -53.08
C ILE C 641 65.62 29.15 -53.22
N LEU C 642 65.18 30.04 -52.33
CA LEU C 642 63.83 30.57 -52.45
C LEU C 642 63.70 31.48 -53.66
N GLU C 643 64.69 32.34 -53.88
CA GLU C 643 64.57 33.34 -54.93
C GLU C 643 64.58 32.71 -56.32
N GLU C 644 65.33 31.62 -56.49
CA GLU C 644 65.26 30.87 -57.75
C GLU C 644 64.01 30.02 -57.84
N ALA C 645 63.36 29.71 -56.71
CA ALA C 645 62.14 28.91 -56.77
C ALA C 645 61.00 29.71 -57.38
N ARG C 646 60.77 30.93 -56.87
CA ARG C 646 59.65 31.72 -57.37
C ARG C 646 59.87 32.17 -58.80
N LYS C 647 61.13 32.27 -59.23
CA LYS C 647 61.40 32.54 -60.64
C LYS C 647 61.13 31.31 -61.49
N GLY C 648 61.35 30.11 -60.94
CA GLY C 648 61.09 28.90 -61.71
C GLY C 648 59.63 28.55 -61.82
N ILE C 649 58.84 28.88 -60.79
CA ILE C 649 57.41 28.61 -60.83
C ILE C 649 56.70 29.55 -61.81
N ILE C 650 57.11 30.82 -61.83
CA ILE C 650 56.50 31.78 -62.74
C ILE C 650 56.75 31.37 -64.18
N ALA C 651 57.94 30.83 -64.46
CA ALA C 651 58.23 30.37 -65.81
C ALA C 651 57.40 29.15 -66.18
N SER C 652 57.12 28.27 -65.22
CA SER C 652 56.31 27.09 -65.48
C SER C 652 54.82 27.39 -65.57
N ASN C 653 54.37 28.48 -64.96
CA ASN C 653 52.95 28.86 -64.96
C ASN C 653 52.84 30.32 -65.41
N PRO C 654 53.05 30.59 -66.69
CA PRO C 654 53.01 31.98 -67.17
C PRO C 654 51.62 32.59 -67.18
N TRP C 655 50.57 31.79 -67.00
CA TRP C 655 49.20 32.28 -67.09
C TRP C 655 48.76 33.05 -65.86
N ILE C 656 49.55 33.07 -64.79
CA ILE C 656 49.14 33.72 -63.55
C ILE C 656 49.00 35.22 -63.78
N THR C 657 48.37 35.91 -62.82
CA THR C 657 47.76 37.21 -63.10
C THR C 657 48.77 38.20 -63.68
N ASN C 658 49.78 38.58 -62.90
CA ASN C 658 50.80 39.52 -63.37
C ASN C 658 52.18 38.89 -63.35
N LYS C 659 52.24 37.56 -63.47
CA LYS C 659 53.48 36.81 -63.29
C LYS C 659 54.08 37.10 -61.92
N GLN C 660 53.23 37.12 -60.89
CA GLN C 660 53.65 37.48 -59.55
C GLN C 660 53.19 36.42 -58.56
N LEU C 661 54.03 36.16 -57.56
CA LEU C 661 53.71 35.27 -56.47
C LEU C 661 53.92 36.00 -55.15
N THR C 662 53.09 35.67 -54.17
CA THR C 662 53.26 36.13 -52.81
C THR C 662 53.98 35.07 -51.99
N MET C 663 54.84 35.52 -51.09
CA MET C 663 55.63 34.66 -50.23
C MET C 663 55.18 34.87 -48.80
N TYR C 664 54.74 33.79 -48.16
CA TYR C 664 54.09 33.91 -46.85
C TYR C 664 54.64 32.86 -45.90
N SER C 665 55.08 33.29 -44.72
CA SER C 665 55.61 32.37 -43.72
C SER C 665 54.52 32.06 -42.71
N GLN C 666 54.16 30.79 -42.60
CA GLN C 666 53.15 30.33 -41.65
C GLN C 666 53.71 29.17 -40.85
N GLY C 667 53.72 29.30 -39.54
CA GLY C 667 54.27 28.25 -38.70
C GLY C 667 55.73 28.04 -39.03
N ASP C 668 56.06 26.85 -39.52
CA ASP C 668 57.42 26.50 -39.90
C ASP C 668 57.58 26.35 -41.41
N SER C 669 56.64 26.86 -42.19
CA SER C 669 56.65 26.67 -43.64
C SER C 669 56.58 28.02 -44.34
N ILE C 670 57.03 28.01 -45.60
CA ILE C 670 56.99 29.17 -46.48
C ILE C 670 56.18 28.78 -47.71
N TYR C 671 55.19 29.59 -48.05
CA TYR C 671 54.27 29.31 -49.13
C TYR C 671 54.47 30.31 -50.26
N LEU C 672 54.63 29.78 -51.47
CA LEU C 672 54.63 30.55 -52.71
C LEU C 672 53.26 30.37 -53.34
N MET C 673 52.50 31.46 -53.47
CA MET C 673 51.12 31.33 -53.92
C MET C 673 50.77 32.43 -54.91
N ASP C 674 49.90 32.11 -55.85
CA ASP C 674 49.43 33.07 -56.84
C ASP C 674 48.10 33.68 -56.40
N THR C 675 47.47 34.45 -57.29
CA THR C 675 46.26 35.17 -56.93
C THR C 675 45.07 34.23 -56.76
N THR C 676 44.94 33.24 -57.63
CA THR C 676 43.79 32.33 -57.57
C THR C 676 43.97 31.19 -56.58
N GLY C 677 45.18 30.98 -56.08
CA GLY C 677 45.45 29.87 -55.19
C GLY C 677 45.63 28.54 -55.86
N GLN C 678 45.58 28.49 -57.19
CA GLN C 678 45.75 27.22 -57.90
C GLN C 678 47.22 26.81 -57.92
N VAL C 679 48.13 27.78 -57.84
CA VAL C 679 49.55 27.50 -57.75
C VAL C 679 49.97 27.76 -56.31
N ARG C 680 50.32 26.69 -55.59
CA ARG C 680 50.74 26.79 -54.20
C ARG C 680 51.89 25.82 -53.97
N VAL C 681 53.01 26.33 -53.49
CA VAL C 681 54.21 25.52 -53.26
C VAL C 681 54.69 25.76 -51.84
N ARG C 682 55.01 24.69 -51.13
CA ARG C 682 55.42 24.77 -49.74
C ARG C 682 56.89 24.38 -49.58
N TYR C 683 57.60 25.16 -48.77
CA TYR C 683 58.98 24.90 -48.41
C TYR C 683 59.12 24.90 -46.90
N ASP C 684 60.14 24.20 -46.41
CA ASP C 684 60.48 24.20 -45.00
C ASP C 684 61.98 24.03 -44.87
N LYS C 685 62.48 24.08 -43.63
CA LYS C 685 63.92 24.01 -43.43
C LYS C 685 64.49 22.65 -43.85
N GLU C 686 63.71 21.58 -43.71
CA GLU C 686 64.15 20.27 -44.16
C GLU C 686 64.34 20.25 -45.67
N LEU C 687 63.33 20.73 -46.42
CA LEU C 687 63.42 20.72 -47.87
C LEU C 687 64.48 21.70 -48.36
N LEU C 688 64.60 22.86 -47.72
CA LEU C 688 65.66 23.81 -48.08
C LEU C 688 67.03 23.21 -47.85
N SER C 689 67.21 22.51 -46.72
CA SER C 689 68.49 21.85 -46.44
C SER C 689 68.78 20.77 -47.47
N LYS C 690 67.77 20.00 -47.85
CA LYS C 690 67.97 18.93 -48.84
C LYS C 690 68.37 19.52 -50.20
N VAL C 691 67.69 20.59 -50.62
CA VAL C 691 68.02 21.22 -51.89
C VAL C 691 69.44 21.79 -51.85
N TRP C 692 69.80 22.43 -50.72
CA TRP C 692 71.14 22.98 -50.59
C TRP C 692 72.20 21.89 -50.64
N SER C 693 71.94 20.76 -49.97
CA SER C 693 72.89 19.66 -49.98
C SER C 693 73.06 19.10 -51.38
N GLU C 694 71.96 18.93 -52.12
CA GLU C 694 72.05 18.45 -53.48
C GLU C 694 72.84 19.42 -54.36
N ASN C 695 72.59 20.72 -54.21
CA ASN C 695 73.33 21.71 -54.98
C ASN C 695 74.81 21.68 -54.65
N GLN C 696 75.15 21.55 -53.36
CA GLN C 696 76.54 21.47 -52.97
C GLN C 696 77.22 20.23 -53.55
N LYS C 697 76.53 19.09 -53.52
CA LYS C 697 77.11 17.88 -54.09
C LYS C 697 77.36 18.03 -55.58
N LYS C 698 76.38 18.58 -56.31
CA LYS C 698 76.57 18.79 -57.74
C LYS C 698 77.73 19.74 -58.00
N LEU C 699 77.80 20.83 -57.25
CA LEU C 699 78.85 21.82 -57.48
C LEU C 699 80.23 21.24 -57.19
N GLU C 700 80.35 20.49 -56.09
CA GLU C 700 81.66 19.96 -55.73
C GLU C 700 82.10 18.85 -56.68
N GLU C 701 81.16 18.02 -57.15
CA GLU C 701 81.54 17.00 -58.11
C GLU C 701 81.91 17.62 -59.45
N LYS C 702 81.22 18.70 -59.85
CA LYS C 702 81.61 19.40 -61.07
C LYS C 702 82.98 20.03 -60.94
N ALA C 703 83.30 20.59 -59.77
CA ALA C 703 84.63 21.14 -59.55
C ALA C 703 85.70 20.05 -59.56
N ARG C 704 85.41 18.90 -58.94
CA ARG C 704 86.39 17.82 -58.89
C ARG C 704 86.66 17.24 -60.28
N GLU C 705 85.61 16.89 -61.01
CA GLU C 705 85.74 16.21 -62.28
C GLU C 705 85.81 17.19 -63.47
N LYS C 706 86.13 18.45 -63.21
CA LYS C 706 86.32 19.42 -64.29
C LYS C 706 87.14 20.60 -63.80
N MET D 1 -11.92 -15.47 -27.26
CA MET D 1 -11.57 -16.74 -27.86
C MET D 1 -12.11 -17.93 -27.06
N ASP D 2 -13.24 -18.46 -27.52
CA ASP D 2 -13.91 -19.57 -26.87
C ASP D 2 -14.32 -20.60 -27.91
N LYS D 3 -14.09 -21.87 -27.61
CA LYS D 3 -14.50 -23.01 -28.43
C LYS D 3 -13.93 -22.95 -29.85
N TYR D 4 -12.88 -22.15 -30.07
CA TYR D 4 -12.08 -22.17 -31.28
C TYR D 4 -12.84 -21.58 -32.46
N ASP D 5 -14.14 -21.32 -32.29
CA ASP D 5 -14.98 -20.75 -33.35
C ASP D 5 -14.94 -21.62 -34.60
N LYS D 6 -15.50 -22.82 -34.48
CA LYS D 6 -15.48 -23.77 -35.59
C LYS D 6 -16.29 -23.26 -36.77
N ASN D 7 -17.49 -22.75 -36.53
CA ASN D 7 -18.39 -22.33 -37.59
C ASN D 7 -18.46 -20.81 -37.74
N VAL D 8 -17.48 -20.09 -37.22
CA VAL D 8 -17.39 -18.64 -37.45
C VAL D 8 -17.22 -18.41 -38.94
N PRO D 9 -17.70 -17.29 -39.52
CA PRO D 9 -17.35 -17.00 -40.92
C PRO D 9 -15.84 -17.03 -41.12
N SER D 10 -15.40 -18.00 -41.93
CA SER D 10 -14.00 -18.40 -42.04
C SER D 10 -13.20 -17.25 -42.65
N ASP D 11 -12.35 -16.63 -41.82
CA ASP D 11 -11.55 -15.51 -42.27
C ASP D 11 -10.20 -16.01 -42.79
N TYR D 12 -9.88 -15.62 -44.03
CA TYR D 12 -8.57 -15.87 -44.64
C TYR D 12 -8.23 -17.37 -44.63
N ASP D 13 -9.21 -18.19 -45.01
CA ASP D 13 -9.02 -19.63 -45.09
C ASP D 13 -8.97 -20.14 -46.52
N GLY D 14 -8.73 -19.26 -47.50
CA GLY D 14 -8.60 -19.68 -48.88
C GLY D 14 -7.29 -20.36 -49.17
N LEU D 15 -6.60 -20.82 -48.13
CA LEU D 15 -5.30 -21.48 -48.27
C LEU D 15 -5.25 -22.86 -47.63
N PHE D 16 -6.06 -23.14 -46.61
CA PHE D 16 -5.97 -24.42 -45.91
C PHE D 16 -6.49 -25.58 -46.75
N GLN D 17 -7.57 -25.38 -47.51
CA GLN D 17 -8.08 -26.49 -48.32
C GLN D 17 -7.06 -26.95 -49.35
N LYS D 18 -6.41 -25.98 -50.02
CA LYS D 18 -5.45 -26.33 -51.06
C LYS D 18 -4.24 -27.06 -50.48
N ALA D 19 -3.71 -26.57 -49.35
CA ALA D 19 -2.59 -27.26 -48.71
C ALA D 19 -3.00 -28.64 -48.23
N ALA D 20 -4.21 -28.77 -47.69
CA ALA D 20 -4.68 -30.06 -47.22
C ALA D 20 -4.79 -31.06 -48.36
N ASP D 21 -5.34 -30.63 -49.50
CA ASP D 21 -5.44 -31.52 -50.64
C ASP D 21 -4.07 -31.85 -51.23
N ALA D 22 -3.17 -30.87 -51.25
CA ALA D 22 -1.83 -31.09 -51.79
C ALA D 22 -1.05 -32.10 -50.95
N ASN D 23 -1.13 -31.99 -49.62
CA ASN D 23 -0.32 -32.80 -48.74
C ASN D 23 -1.06 -33.97 -48.11
N GLY D 24 -2.40 -33.93 -48.08
CA GLY D 24 -3.19 -35.00 -47.50
C GLY D 24 -3.64 -34.77 -46.07
N VAL D 25 -3.20 -33.68 -45.45
CA VAL D 25 -3.59 -33.41 -44.06
C VAL D 25 -5.08 -33.10 -44.00
N SER D 26 -5.68 -33.41 -42.85
CA SER D 26 -7.08 -33.04 -42.62
C SER D 26 -7.21 -31.52 -42.55
N TYR D 27 -8.28 -31.01 -43.14
CA TYR D 27 -8.54 -29.57 -43.11
C TYR D 27 -8.77 -29.09 -41.69
N ASP D 28 -9.57 -29.83 -40.92
CA ASP D 28 -9.90 -29.41 -39.56
C ASP D 28 -8.66 -29.36 -38.68
N LEU D 29 -7.79 -30.38 -38.78
CA LEU D 29 -6.58 -30.39 -37.97
C LEU D 29 -5.68 -29.20 -38.29
N LEU D 30 -5.48 -28.92 -39.58
CA LEU D 30 -4.60 -27.82 -39.97
C LEU D 30 -5.16 -26.49 -39.51
N ARG D 31 -6.47 -26.28 -39.70
CA ARG D 31 -7.08 -25.03 -39.25
C ARG D 31 -7.00 -24.89 -37.73
N LYS D 32 -7.23 -25.97 -36.99
CA LYS D 32 -7.16 -25.91 -35.54
C LYS D 32 -5.74 -25.64 -35.06
N VAL D 33 -4.74 -26.25 -35.72
CA VAL D 33 -3.35 -26.01 -35.34
C VAL D 33 -2.98 -24.56 -35.60
N ALA D 34 -3.42 -24.00 -36.73
CA ALA D 34 -3.15 -22.60 -37.03
C ALA D 34 -3.81 -21.69 -35.99
N TRP D 35 -5.05 -22.00 -35.61
CA TRP D 35 -5.74 -21.19 -34.60
C TRP D 35 -5.02 -21.29 -33.25
N THR D 36 -4.58 -22.49 -32.88
CA THR D 36 -3.88 -22.64 -31.62
C THR D 36 -2.56 -21.88 -31.61
N GLU D 37 -1.81 -21.92 -32.72
CA GLU D 37 -0.51 -21.28 -32.76
C GLU D 37 -0.62 -19.76 -32.83
N SER D 38 -1.60 -19.23 -33.57
CA SER D 38 -1.65 -17.79 -33.76
C SER D 38 -3.02 -17.15 -33.58
N ARG D 39 -4.10 -17.92 -33.48
CA ARG D 39 -5.46 -17.41 -33.36
C ARG D 39 -5.84 -16.52 -34.54
N PHE D 40 -5.19 -16.73 -35.69
CA PHE D 40 -5.39 -15.93 -36.90
C PHE D 40 -5.11 -14.45 -36.67
N VAL D 41 -4.30 -14.12 -35.66
CA VAL D 41 -3.99 -12.75 -35.30
C VAL D 41 -2.84 -12.25 -36.17
N PRO D 42 -2.99 -11.12 -36.86
CA PRO D 42 -1.94 -10.65 -37.77
C PRO D 42 -0.67 -10.17 -37.09
N THR D 43 -0.70 -9.88 -35.78
CA THR D 43 0.49 -9.38 -35.10
C THR D 43 1.26 -10.49 -34.38
N ALA D 44 0.57 -11.33 -33.62
CA ALA D 44 1.16 -12.52 -32.97
C ALA D 44 2.47 -12.20 -32.28
N LYS D 45 2.39 -11.36 -31.25
CA LYS D 45 3.57 -10.90 -30.53
C LYS D 45 3.85 -11.83 -29.35
N SER D 46 5.13 -12.18 -29.19
CA SER D 46 5.57 -13.07 -28.12
C SER D 46 7.06 -12.81 -27.88
N LYS D 47 7.72 -13.74 -27.18
CA LYS D 47 9.17 -13.62 -26.99
C LYS D 47 9.88 -13.52 -28.33
N THR D 48 9.52 -14.37 -29.28
CA THR D 48 9.99 -14.27 -30.66
C THR D 48 9.01 -13.50 -31.53
N GLY D 49 7.72 -13.82 -31.41
CA GLY D 49 6.67 -13.10 -32.10
C GLY D 49 6.69 -13.18 -33.62
N PRO D 50 6.57 -14.38 -34.19
CA PRO D 50 6.33 -14.49 -35.63
C PRO D 50 4.87 -14.18 -35.94
N LEU D 51 4.63 -13.11 -36.68
CA LEU D 51 3.26 -12.70 -36.99
C LEU D 51 2.58 -13.63 -37.99
N GLY D 52 3.31 -14.57 -38.57
CA GLY D 52 2.70 -15.53 -39.47
C GLY D 52 1.74 -16.45 -38.76
N MET D 53 0.86 -17.07 -39.55
CA MET D 53 -0.18 -17.93 -38.98
C MET D 53 0.41 -19.14 -38.28
N MET D 54 1.54 -19.65 -38.76
CA MET D 54 2.25 -20.75 -38.14
C MET D 54 3.39 -20.16 -37.33
N GLN D 55 3.20 -20.05 -36.03
CA GLN D 55 4.16 -19.39 -35.14
C GLN D 55 5.37 -20.30 -34.95
N PHE D 56 6.28 -20.24 -35.91
CA PHE D 56 7.48 -21.07 -35.89
C PHE D 56 8.56 -20.42 -35.04
N THR D 57 9.75 -21.02 -35.04
CA THR D 57 10.96 -20.42 -34.49
C THR D 57 12.04 -20.48 -35.55
N LYS D 58 13.14 -19.78 -35.29
CA LYS D 58 14.20 -19.70 -36.29
C LYS D 58 14.80 -21.08 -36.59
N ALA D 59 15.04 -21.88 -35.55
CA ALA D 59 15.63 -23.20 -35.75
C ALA D 59 14.72 -24.08 -36.60
N THR D 60 13.42 -24.13 -36.27
CA THR D 60 12.49 -24.92 -37.06
C THR D 60 12.34 -24.37 -38.47
N ALA D 61 12.32 -23.04 -38.62
CA ALA D 61 12.18 -22.44 -39.93
C ALA D 61 13.35 -22.82 -40.84
N LYS D 62 14.57 -22.79 -40.31
CA LYS D 62 15.72 -23.22 -41.11
C LYS D 62 15.73 -24.72 -41.34
N ALA D 63 15.31 -25.51 -40.35
CA ALA D 63 15.29 -26.96 -40.50
C ALA D 63 14.21 -27.44 -41.46
N LEU D 64 13.21 -26.60 -41.75
CA LEU D 64 12.16 -26.98 -42.68
C LEU D 64 12.64 -27.07 -44.13
N GLY D 65 13.86 -26.61 -44.42
CA GLY D 65 14.38 -26.66 -45.76
C GLY D 65 13.97 -25.51 -46.65
N LEU D 66 13.49 -24.41 -46.09
CA LEU D 66 13.08 -23.26 -46.86
C LEU D 66 14.28 -22.34 -47.11
N ARG D 67 14.00 -21.19 -47.71
CA ARG D 67 14.98 -20.13 -47.94
C ARG D 67 14.79 -18.98 -46.97
N VAL D 68 14.52 -19.32 -45.69
CA VAL D 68 14.11 -18.36 -44.67
C VAL D 68 15.02 -17.14 -44.63
N THR D 69 16.30 -17.30 -44.98
CA THR D 69 17.23 -16.17 -44.95
C THR D 69 16.97 -15.23 -46.13
N ASP D 70 15.79 -14.59 -46.12
CA ASP D 70 15.41 -13.67 -47.19
C ASP D 70 14.28 -12.80 -46.68
N GLY D 71 14.09 -11.66 -47.34
CA GLY D 71 13.05 -10.73 -46.97
C GLY D 71 13.31 -10.07 -45.64
N PRO D 72 12.25 -9.73 -44.91
CA PRO D 72 12.42 -9.05 -43.61
C PRO D 72 12.99 -9.98 -42.54
N ASP D 73 14.23 -10.42 -42.74
CA ASP D 73 15.00 -11.21 -41.78
C ASP D 73 14.46 -12.63 -41.66
N ASP D 74 13.31 -12.89 -42.28
CA ASP D 74 12.69 -14.21 -42.26
C ASP D 74 11.77 -14.31 -43.47
N ASP D 75 11.87 -15.40 -44.23
CA ASP D 75 11.05 -15.54 -45.43
C ASP D 75 9.69 -16.16 -45.14
N ARG D 76 9.51 -16.77 -43.97
CA ARG D 76 8.24 -17.41 -43.68
C ARG D 76 7.25 -16.41 -43.10
N LEU D 77 7.12 -15.26 -43.76
CA LEU D 77 6.12 -14.26 -43.41
C LEU D 77 4.96 -14.21 -44.39
N ASN D 78 5.18 -14.56 -45.65
CA ASN D 78 4.09 -14.70 -46.59
C ASN D 78 3.30 -15.95 -46.24
N PRO D 79 1.99 -15.86 -46.01
CA PRO D 79 1.27 -17.01 -45.43
C PRO D 79 1.33 -18.30 -46.22
N GLU D 80 1.30 -18.23 -47.56
CA GLU D 80 1.01 -19.44 -48.33
C GLU D 80 2.13 -20.47 -48.25
N LEU D 81 3.40 -20.05 -48.40
CA LEU D 81 4.47 -21.03 -48.38
C LEU D 81 4.72 -21.55 -46.97
N ALA D 82 4.56 -20.71 -45.94
CA ALA D 82 4.68 -21.18 -44.57
C ALA D 82 3.60 -22.21 -44.25
N ILE D 83 2.36 -21.94 -44.66
CA ILE D 83 1.28 -22.89 -44.41
C ILE D 83 1.50 -24.19 -45.18
N ASN D 84 2.00 -24.09 -46.42
CA ASN D 84 2.27 -25.29 -47.20
C ASN D 84 3.39 -26.11 -46.55
N ALA D 85 4.43 -25.46 -46.05
CA ALA D 85 5.50 -26.19 -45.37
C ALA D 85 5.00 -26.85 -44.11
N ALA D 86 4.17 -26.15 -43.33
CA ALA D 86 3.60 -26.74 -42.13
C ALA D 86 2.71 -27.94 -42.47
N ALA D 87 1.93 -27.83 -43.55
CA ALA D 87 1.09 -28.94 -43.96
C ALA D 87 1.93 -30.13 -44.41
N LYS D 88 3.01 -29.87 -45.15
CA LYS D 88 3.89 -30.97 -45.56
C LYS D 88 4.52 -31.66 -44.35
N GLN D 89 4.98 -30.87 -43.38
CA GLN D 89 5.54 -31.46 -42.16
C GLN D 89 4.51 -32.27 -41.41
N LEU D 90 3.28 -31.76 -41.29
CA LEU D 90 2.23 -32.49 -40.61
C LEU D 90 1.89 -33.80 -41.32
N ALA D 91 1.83 -33.76 -42.65
CA ALA D 91 1.55 -34.97 -43.42
C ALA D 91 2.66 -36.00 -43.25
N GLY D 92 3.92 -35.54 -43.28
CA GLY D 92 5.02 -36.46 -43.07
C GLY D 92 5.01 -37.07 -41.67
N LEU D 93 4.61 -36.28 -40.67
CA LEU D 93 4.52 -36.80 -39.31
C LEU D 93 3.39 -37.82 -39.19
N VAL D 94 2.21 -37.51 -39.75
CA VAL D 94 1.08 -38.42 -39.64
C VAL D 94 1.38 -39.73 -40.36
N GLY D 95 1.97 -39.64 -41.56
CA GLY D 95 2.24 -40.84 -42.32
C GLY D 95 3.27 -41.75 -41.66
N LYS D 96 4.25 -41.16 -40.98
CA LYS D 96 5.35 -41.93 -40.42
C LYS D 96 5.03 -42.59 -39.09
N PHE D 97 3.83 -42.38 -38.55
CA PHE D 97 3.45 -42.94 -37.25
C PHE D 97 2.44 -44.07 -37.41
N ASP D 98 2.63 -44.89 -38.44
CA ASP D 98 1.87 -46.12 -38.64
C ASP D 98 0.37 -45.87 -38.69
N GLY D 99 -0.04 -45.14 -39.73
CA GLY D 99 -1.45 -44.95 -39.98
C GLY D 99 -1.92 -43.52 -39.82
N ASP D 100 -3.18 -43.37 -39.42
CA ASP D 100 -3.81 -42.06 -39.26
C ASP D 100 -3.71 -41.55 -37.83
N GLU D 101 -2.62 -41.87 -37.14
CA GLU D 101 -2.42 -41.41 -35.77
C GLU D 101 -2.23 -39.91 -35.78
N LEU D 102 -3.31 -39.19 -35.47
CA LEU D 102 -3.35 -37.74 -35.61
C LEU D 102 -2.91 -37.01 -34.36
N LYS D 103 -2.45 -37.74 -33.33
CA LYS D 103 -2.04 -37.12 -32.09
C LYS D 103 -0.59 -37.41 -31.70
N ALA D 104 -0.04 -38.57 -32.07
CA ALA D 104 1.40 -38.73 -31.93
C ALA D 104 2.15 -37.79 -32.86
N ALA D 105 1.55 -37.46 -34.01
CA ALA D 105 2.10 -36.46 -34.91
C ALA D 105 2.27 -35.11 -34.23
N LEU D 106 1.69 -34.93 -33.06
CA LEU D 106 1.91 -33.71 -32.29
C LEU D 106 3.27 -33.68 -31.64
N ALA D 107 4.14 -34.59 -32.07
CA ALA D 107 5.57 -34.34 -31.96
C ALA D 107 5.95 -33.05 -32.68
N TYR D 108 5.12 -32.63 -33.64
CA TYR D 108 5.19 -31.28 -34.20
C TYR D 108 5.36 -30.23 -33.10
N ASN D 109 4.69 -30.43 -31.96
CA ASN D 109 4.82 -29.48 -30.86
C ASN D 109 6.14 -29.64 -30.12
N GLN D 110 6.62 -30.87 -29.96
CA GLN D 110 7.80 -31.14 -29.15
C GLN D 110 9.03 -31.54 -29.95
N GLY D 111 8.88 -31.90 -31.21
CA GLY D 111 10.01 -32.30 -32.03
C GLY D 111 10.47 -33.71 -31.70
N GLU D 112 11.50 -34.13 -32.42
CA GLU D 112 12.17 -35.40 -32.19
C GLU D 112 13.62 -35.12 -31.80
N GLY D 113 14.07 -35.75 -30.71
CA GLY D 113 15.42 -35.53 -30.26
C GLY D 113 15.61 -35.85 -28.78
N ARG D 114 16.30 -34.96 -28.07
CA ARG D 114 16.58 -35.21 -26.66
C ARG D 114 15.35 -35.02 -25.79
N LEU D 115 14.43 -34.14 -26.20
CA LEU D 115 13.23 -33.85 -25.42
C LEU D 115 11.95 -34.36 -26.05
N GLY D 116 12.03 -34.97 -27.23
CA GLY D 116 10.81 -35.42 -27.90
C GLY D 116 10.71 -36.91 -28.06
N ASN D 117 11.86 -37.59 -28.20
CA ASN D 117 11.84 -39.04 -28.38
C ASN D 117 11.26 -39.78 -27.18
N PRO D 118 11.71 -39.53 -25.94
CA PRO D 118 11.11 -40.25 -24.81
C PRO D 118 9.62 -39.99 -24.63
N GLN D 119 9.15 -38.78 -24.91
CA GLN D 119 7.72 -38.51 -24.82
C GLN D 119 6.94 -39.30 -25.84
N LEU D 120 7.48 -39.44 -27.06
CA LEU D 120 6.81 -40.25 -28.07
C LEU D 120 6.82 -41.73 -27.70
N GLU D 121 7.92 -42.20 -27.09
CA GLU D 121 7.95 -43.58 -26.60
C GLU D 121 6.91 -43.80 -25.51
N ALA D 122 6.78 -42.84 -24.59
CA ALA D 122 5.76 -42.95 -23.55
C ALA D 122 4.36 -42.94 -24.14
N TYR D 123 4.13 -42.11 -25.16
CA TYR D 123 2.84 -42.12 -25.85
C TYR D 123 2.58 -43.49 -26.47
N SER D 124 3.59 -44.09 -27.09
CA SER D 124 3.43 -45.41 -27.65
C SER D 124 3.06 -46.44 -26.58
N LYS D 125 3.71 -46.36 -25.42
CA LYS D 125 3.34 -47.22 -24.31
C LYS D 125 2.01 -46.84 -23.68
N GLY D 126 1.45 -45.68 -24.02
CA GLY D 126 0.25 -45.21 -23.37
C GLY D 126 0.44 -44.64 -21.99
N ASP D 127 1.67 -44.26 -21.65
CA ASP D 127 2.00 -43.75 -20.32
C ASP D 127 2.07 -42.23 -20.41
N PHE D 128 0.93 -41.58 -20.18
CA PHE D 128 0.85 -40.12 -20.31
C PHE D 128 1.54 -39.39 -19.17
N ALA D 129 1.96 -40.09 -18.12
CA ALA D 129 2.63 -39.44 -17.01
C ALA D 129 4.04 -38.96 -17.37
N SER D 130 4.67 -39.57 -18.37
CA SER D 130 6.01 -39.18 -18.78
C SER D 130 6.01 -38.11 -19.86
N ILE D 131 4.86 -37.70 -20.35
CA ILE D 131 4.75 -36.61 -21.31
C ILE D 131 4.68 -35.30 -20.53
N SER D 132 5.31 -34.27 -21.07
CA SER D 132 5.37 -32.98 -20.39
C SER D 132 3.98 -32.36 -20.27
N GLU D 133 3.87 -31.36 -19.40
CA GLU D 133 2.61 -30.66 -19.25
C GLU D 133 2.24 -29.91 -20.52
N GLU D 134 3.23 -29.28 -21.17
CA GLU D 134 2.97 -28.56 -22.41
C GLU D 134 2.45 -29.49 -23.50
N GLY D 135 3.09 -30.65 -23.66
CA GLY D 135 2.62 -31.59 -24.66
C GLY D 135 1.25 -32.14 -24.36
N ARG D 136 0.99 -32.49 -23.09
CA ARG D 136 -0.32 -33.01 -22.72
C ARG D 136 -1.41 -31.98 -22.96
N ASN D 137 -1.17 -30.73 -22.59
CA ASN D 137 -2.15 -29.68 -22.84
C ASN D 137 -2.37 -29.46 -24.34
N TYR D 138 -1.29 -29.49 -25.12
CA TYR D 138 -1.40 -29.24 -26.55
C TYR D 138 -2.21 -30.34 -27.22
N MET D 139 -1.99 -31.60 -26.83
CA MET D 139 -2.81 -32.68 -27.34
C MET D 139 -4.24 -32.61 -26.83
N ARG D 140 -4.45 -32.17 -25.59
CA ARG D 140 -5.80 -32.04 -25.07
C ARG D 140 -6.60 -31.03 -25.88
N ASN D 141 -5.96 -29.95 -26.31
CA ASN D 141 -6.65 -28.93 -27.08
C ASN D 141 -7.10 -29.41 -28.46
N LEU D 142 -6.59 -30.55 -28.94
CA LEU D 142 -6.93 -31.04 -30.26
C LEU D 142 -7.84 -32.25 -30.24
N LEU D 143 -8.43 -32.58 -29.08
CA LEU D 143 -9.24 -33.80 -29.00
C LEU D 143 -10.52 -33.70 -29.82
N ASP D 144 -11.08 -32.49 -29.96
CA ASP D 144 -12.32 -32.34 -30.71
C ASP D 144 -12.15 -32.68 -32.18
N VAL D 145 -11.05 -32.25 -32.79
CA VAL D 145 -10.78 -32.48 -34.20
C VAL D 145 -9.47 -33.27 -34.31
N ALA D 146 -9.59 -34.60 -34.23
CA ALA D 146 -8.46 -35.51 -34.37
C ALA D 146 -9.02 -36.93 -34.42
N LYS D 147 -8.33 -37.79 -35.16
CA LYS D 147 -8.67 -39.20 -35.27
C LYS D 147 -7.49 -40.01 -34.75
N SER D 148 -7.64 -40.58 -33.56
CA SER D 148 -6.56 -41.31 -32.92
C SER D 148 -7.11 -42.52 -32.19
N PRO D 149 -6.32 -43.60 -32.11
CA PRO D 149 -6.75 -44.74 -31.27
C PRO D 149 -6.63 -44.48 -29.78
N MET D 150 -5.85 -43.47 -29.37
CA MET D 150 -5.70 -43.12 -27.96
C MET D 150 -6.40 -41.81 -27.61
N ALA D 151 -7.36 -41.37 -28.43
CA ALA D 151 -8.12 -40.17 -28.11
C ALA D 151 -9.02 -40.37 -26.90
N GLY D 152 -9.44 -41.60 -26.62
CA GLY D 152 -10.27 -41.87 -25.48
C GLY D 152 -9.49 -42.15 -24.21
N GLN D 153 -8.25 -42.61 -24.36
CA GLN D 153 -7.40 -42.84 -23.19
C GLN D 153 -6.83 -41.54 -22.65
N LEU D 154 -6.64 -40.53 -23.51
CA LEU D 154 -6.13 -39.25 -23.02
C LEU D 154 -7.20 -38.46 -22.29
N GLU D 155 -8.45 -38.53 -22.74
CA GLU D 155 -9.50 -37.78 -22.06
C GLU D 155 -9.81 -38.39 -20.69
N THR D 156 -9.68 -39.69 -20.53
CA THR D 156 -9.83 -40.31 -19.22
C THR D 156 -8.49 -40.43 -18.49
N PHE D 157 -7.76 -39.31 -18.48
CA PHE D 157 -6.49 -39.20 -17.77
C PHE D 157 -6.53 -37.94 -16.93
N GLY D 158 -6.39 -38.09 -15.62
CA GLY D 158 -6.48 -36.97 -14.72
C GLY D 158 -7.85 -36.73 -14.13
N GLY D 159 -8.77 -37.70 -14.22
CA GLY D 159 -10.06 -37.54 -13.59
C GLY D 159 -9.97 -37.63 -12.08
N ILE D 160 -10.97 -37.06 -11.41
CA ILE D 160 -10.98 -37.10 -9.96
C ILE D 160 -11.19 -38.52 -9.45
N THR D 161 -11.90 -39.34 -10.21
CA THR D 161 -12.10 -40.76 -9.95
C THR D 161 -11.71 -41.53 -11.19
N PRO D 162 -11.41 -42.83 -11.06
CA PRO D 162 -10.99 -43.61 -12.25
C PRO D 162 -12.05 -43.67 -13.34
N LYS D 163 -13.32 -43.39 -13.03
CA LYS D 163 -14.35 -43.31 -14.05
C LYS D 163 -14.59 -41.90 -14.55
N GLY D 164 -13.84 -40.92 -14.05
CA GLY D 164 -14.00 -39.55 -14.49
C GLY D 164 -13.08 -39.21 -15.66
N LYS D 165 -13.21 -37.98 -16.13
CA LYS D 165 -12.42 -37.46 -17.24
C LYS D 165 -11.59 -36.29 -16.77
N GLY D 166 -10.38 -36.17 -17.32
CA GLY D 166 -9.55 -35.01 -17.03
C GLY D 166 -10.13 -33.74 -17.63
N ILE D 167 -9.79 -32.62 -17.01
CA ILE D 167 -10.31 -31.31 -17.42
C ILE D 167 -9.16 -30.55 -18.09
N PRO D 168 -9.29 -30.21 -19.37
CA PRO D 168 -8.28 -29.35 -20.00
C PRO D 168 -8.33 -27.94 -19.44
N ALA D 169 -7.17 -27.29 -19.43
CA ALA D 169 -7.07 -25.94 -18.88
C ALA D 169 -7.93 -24.94 -19.65
N GLU D 170 -8.21 -25.21 -20.92
CA GLU D 170 -9.08 -24.34 -21.70
C GLU D 170 -10.53 -24.40 -21.24
N VAL D 171 -10.89 -25.37 -20.43
CA VAL D 171 -12.25 -25.51 -19.91
C VAL D 171 -12.32 -25.16 -18.42
N GLY D 172 -11.33 -25.62 -17.64
CA GLY D 172 -11.32 -25.30 -16.23
C GLY D 172 -11.12 -23.82 -15.95
N LEU D 173 -10.27 -23.17 -16.75
CA LEU D 173 -9.99 -21.75 -16.60
C LEU D 173 -10.76 -20.90 -17.61
N ALA D 174 -11.73 -21.48 -18.30
CA ALA D 174 -12.51 -20.74 -19.28
C ALA D 174 -13.39 -19.70 -18.62
N GLY D 175 -13.47 -18.52 -19.23
CA GLY D 175 -14.31 -17.45 -18.75
C GLY D 175 -13.64 -16.51 -17.77
N ILE D 176 -12.48 -16.87 -17.24
CA ILE D 176 -11.77 -16.05 -16.27
C ILE D 176 -10.82 -15.13 -17.03
N GLY D 177 -11.08 -13.84 -16.97
CA GLY D 177 -10.25 -12.88 -17.68
C GLY D 177 -10.72 -11.47 -17.40
N HIS D 178 -9.90 -10.52 -17.84
CA HIS D 178 -10.16 -9.10 -17.62
C HIS D 178 -10.04 -8.36 -18.94
N LYS D 179 -10.91 -7.37 -19.13
CA LYS D 179 -10.89 -6.57 -20.35
C LYS D 179 -9.81 -5.51 -20.29
N GLN D 180 -9.30 -5.14 -21.46
CA GLN D 180 -8.34 -4.05 -21.56
C GLN D 180 -9.08 -2.72 -21.52
N LYS D 181 -8.58 -1.78 -20.71
CA LYS D 181 -9.21 -0.47 -20.56
C LYS D 181 -8.75 0.52 -21.62
N VAL D 182 -7.75 0.17 -22.44
CA VAL D 182 -7.21 1.06 -23.45
C VAL D 182 -7.68 0.58 -24.82
N THR D 183 -8.16 1.51 -25.64
CA THR D 183 -8.74 1.22 -26.94
C THR D 183 -7.94 2.00 -27.98
N GLN D 184 -8.10 1.65 -29.25
CA GLN D 184 -7.43 2.36 -30.35
C GLN D 184 -8.25 3.53 -30.87
N GLU D 185 -9.06 4.15 -30.03
CA GLU D 185 -9.82 5.34 -30.41
C GLU D 185 -8.97 6.55 -30.07
N LEU D 186 -8.34 7.13 -31.10
CA LEU D 186 -7.36 8.18 -30.91
C LEU D 186 -8.03 9.55 -30.83
N PRO D 187 -7.42 10.49 -30.11
CA PRO D 187 -7.90 11.87 -30.15
C PRO D 187 -7.53 12.54 -31.47
N GLU D 188 -8.42 13.40 -31.94
CA GLU D 188 -8.25 14.04 -33.24
C GLU D 188 -7.91 15.52 -33.06
N SER D 189 -7.07 16.02 -33.96
CA SER D 189 -6.65 17.40 -33.97
C SER D 189 -7.37 18.15 -35.09
N THR D 190 -7.49 19.46 -34.92
CA THR D 190 -8.14 20.31 -35.91
C THR D 190 -7.18 21.41 -36.34
N SER D 191 -7.19 21.71 -37.64
CA SER D 191 -6.33 22.75 -38.20
C SER D 191 -6.97 24.12 -38.04
N PHE D 192 -6.14 25.11 -37.77
CA PHE D 192 -6.59 26.51 -37.72
C PHE D 192 -6.69 27.01 -39.15
N ASP D 193 -7.85 26.81 -39.77
CA ASP D 193 -8.07 27.14 -41.18
C ASP D 193 -9.02 28.32 -41.26
N VAL D 194 -8.47 29.49 -41.58
CA VAL D 194 -9.25 30.69 -41.85
C VAL D 194 -8.96 31.09 -43.29
N LYS D 195 -9.96 30.94 -44.17
CA LYS D 195 -9.81 31.35 -45.56
C LYS D 195 -10.43 32.74 -45.69
N GLY D 196 -9.59 33.76 -45.67
CA GLY D 196 -10.06 35.13 -45.69
C GLY D 196 -10.46 35.61 -47.06
N ILE D 197 -10.06 36.83 -47.39
CA ILE D 197 -10.38 37.46 -48.66
C ILE D 197 -9.18 37.35 -49.58
N GLU D 198 -9.43 36.96 -50.83
CA GLU D 198 -8.36 36.77 -51.78
C GLU D 198 -7.67 38.09 -52.11
N GLN D 199 -6.36 38.04 -52.32
CA GLN D 199 -5.61 39.24 -52.62
C GLN D 199 -5.88 39.71 -54.04
N GLU D 200 -5.95 41.03 -54.21
CA GLU D 200 -6.14 41.61 -55.53
C GLU D 200 -4.94 41.32 -56.42
N ALA D 201 -5.21 41.21 -57.72
CA ALA D 201 -4.15 40.90 -58.68
C ALA D 201 -3.21 42.10 -58.85
N THR D 202 -1.97 41.80 -59.21
CA THR D 202 -0.99 42.84 -59.48
C THR D 202 -1.42 43.65 -60.70
N ALA D 203 -1.36 44.97 -60.57
CA ALA D 203 -1.78 45.85 -61.64
C ALA D 203 -0.71 45.94 -62.72
N LYS D 204 -1.11 46.43 -63.88
CA LYS D 204 -0.14 46.76 -64.91
C LYS D 204 0.54 48.09 -64.58
N PRO D 205 1.81 48.25 -64.96
CA PRO D 205 2.45 49.56 -64.80
C PRO D 205 1.72 50.60 -65.63
N PHE D 206 1.75 51.84 -65.15
CA PHE D 206 1.03 52.92 -65.83
C PHE D 206 1.53 53.12 -67.25
N ALA D 207 2.84 53.04 -67.46
CA ALA D 207 3.39 53.18 -68.80
C ALA D 207 2.95 52.03 -69.71
N LYS D 208 2.96 50.80 -69.18
CA LYS D 208 2.51 49.67 -69.98
C LYS D 208 1.03 49.77 -70.31
N ASP D 209 0.21 50.20 -69.36
CA ASP D 209 -1.21 50.38 -69.62
C ASP D 209 -1.43 51.45 -70.68
N PHE D 210 -0.68 52.54 -70.61
CA PHE D 210 -0.79 53.59 -71.63
C PHE D 210 -0.38 53.08 -73.00
N TRP D 211 0.70 52.30 -73.06
CA TRP D 211 1.19 51.80 -74.35
C TRP D 211 0.30 50.69 -74.90
N GLU D 212 -0.47 50.02 -74.06
CA GLU D 212 -1.37 48.99 -74.57
C GLU D 212 -2.73 49.53 -74.96
N THR D 213 -3.27 50.49 -74.20
CA THR D 213 -4.51 51.12 -74.60
C THR D 213 -4.33 51.98 -75.84
N HIS D 214 -3.25 52.76 -75.89
CA HIS D 214 -2.92 53.59 -77.05
C HIS D 214 -1.64 53.04 -77.66
N GLY D 215 -1.61 52.95 -78.98
CA GLY D 215 -0.52 52.26 -79.67
C GLY D 215 0.85 52.91 -79.58
N GLU D 216 1.00 53.86 -78.67
CA GLU D 216 2.25 54.62 -78.55
C GLU D 216 2.57 54.86 -77.09
N THR D 217 3.87 55.06 -76.82
CA THR D 217 4.35 55.21 -75.46
C THR D 217 4.08 56.62 -74.94
N LEU D 218 4.34 56.82 -73.64
CA LEU D 218 4.14 58.12 -73.03
C LEU D 218 5.09 59.16 -73.60
N ASP D 219 6.34 58.78 -73.88
CA ASP D 219 7.30 59.72 -74.43
C ASP D 219 6.86 60.21 -75.81
N GLU D 220 6.40 59.30 -76.67
CA GLU D 220 5.91 59.70 -77.98
C GLU D 220 4.69 60.61 -77.85
N TYR D 221 3.79 60.30 -76.92
CA TYR D 221 2.60 61.12 -76.71
C TYR D 221 2.99 62.53 -76.28
N ASN D 222 3.94 62.64 -75.35
CA ASN D 222 4.35 63.95 -74.87
C ASN D 222 5.08 64.73 -75.94
N SER D 223 5.92 64.07 -76.74
CA SER D 223 6.62 64.75 -77.82
C SER D 223 5.65 65.24 -78.88
N ARG D 224 4.64 64.42 -79.22
CA ARG D 224 3.71 64.78 -80.28
C ARG D 224 2.73 65.87 -79.82
N SER D 225 2.24 65.77 -78.58
CA SER D 225 1.27 66.75 -78.11
C SER D 225 1.91 68.10 -77.85
N THR D 226 3.20 68.14 -77.54
CA THR D 226 3.89 69.40 -77.26
C THR D 226 4.48 70.04 -78.51
N PHE D 227 4.32 69.42 -79.68
CA PHE D 227 4.81 70.03 -80.91
C PHE D 227 4.07 71.33 -81.23
N PHE D 228 2.76 71.34 -81.05
CA PHE D 228 1.95 72.51 -81.33
C PHE D 228 1.65 73.29 -80.06
N THR E 57 -40.08 -96.83 63.68
CA THR E 57 -40.94 -96.76 64.84
C THR E 57 -40.95 -95.36 65.44
N ALA E 58 -41.88 -95.11 66.36
CA ALA E 58 -41.96 -93.81 67.02
C ALA E 58 -40.71 -93.54 67.85
N LYS E 59 -40.24 -94.54 68.59
CA LYS E 59 -39.05 -94.36 69.43
C LYS E 59 -37.82 -94.06 68.59
N GLU E 60 -37.66 -94.78 67.46
CA GLU E 60 -36.51 -94.53 66.59
C GLU E 60 -36.57 -93.15 65.99
N GLN E 61 -37.75 -92.71 65.53
CA GLN E 61 -37.88 -91.38 64.96
C GLN E 61 -37.58 -90.31 66.00
N ARG E 62 -38.07 -90.49 67.23
CA ARG E 62 -37.77 -89.54 68.30
C ARG E 62 -36.28 -89.50 68.60
N ALA E 63 -35.63 -90.68 68.62
CA ALA E 63 -34.19 -90.72 68.88
C ALA E 63 -33.42 -90.01 67.79
N ARG E 64 -33.82 -90.18 66.53
CA ARG E 64 -33.12 -89.50 65.44
C ARG E 64 -33.36 -88.00 65.48
N ASP E 65 -34.57 -87.58 65.83
CA ASP E 65 -34.84 -86.15 65.97
C ASP E 65 -33.98 -85.54 67.08
N LEU E 66 -33.90 -86.23 68.22
CA LEU E 66 -33.08 -85.71 69.33
C LEU E 66 -31.61 -85.72 68.96
N ALA E 67 -31.16 -86.71 68.19
CA ALA E 67 -29.78 -86.74 67.72
C ALA E 67 -29.49 -85.57 66.80
N ASP E 68 -30.42 -85.27 65.89
CA ASP E 68 -30.24 -84.12 65.02
C ASP E 68 -30.15 -82.82 65.81
N GLU E 69 -31.04 -82.67 66.81
CA GLU E 69 -31.00 -81.48 67.67
C GLU E 69 -29.65 -81.36 68.39
N ARG E 70 -29.18 -82.47 68.97
CA ARG E 70 -27.94 -82.42 69.73
C ARG E 70 -26.73 -82.16 68.83
N SER E 71 -26.72 -82.76 67.64
CA SER E 71 -25.63 -82.50 66.71
C SER E 71 -25.62 -81.04 66.26
N ASN E 72 -26.80 -80.47 66.02
CA ASN E 72 -26.87 -79.05 65.68
C ASN E 72 -26.33 -78.19 66.83
N GLU E 73 -26.69 -78.53 68.06
CA GLU E 73 -26.21 -77.78 69.21
C GLU E 73 -24.69 -77.86 69.33
N ILE E 74 -24.13 -79.04 69.08
CA ILE E 74 -22.67 -79.18 69.10
C ILE E 74 -22.04 -78.35 68.00
N ILE E 75 -22.63 -78.38 66.81
CA ILE E 75 -22.03 -77.69 65.66
C ILE E 75 -22.01 -76.19 65.87
N ARG E 76 -23.09 -75.61 66.42
CA ARG E 76 -23.12 -74.16 66.61
C ARG E 76 -21.96 -73.68 67.47
N LYS E 77 -21.79 -74.29 68.64
CA LYS E 77 -20.70 -73.96 69.54
C LYS E 77 -19.45 -74.75 69.13
N LEU E 78 -18.41 -74.69 69.95
CA LEU E 78 -17.27 -75.60 69.85
C LEU E 78 -16.59 -75.51 68.48
N THR E 79 -15.90 -74.38 68.30
CA THR E 79 -14.96 -74.14 67.21
C THR E 79 -14.16 -75.41 66.90
N PRO E 80 -13.88 -75.70 65.61
CA PRO E 80 -13.19 -76.96 65.26
C PRO E 80 -12.04 -77.34 66.17
N GLU E 81 -11.22 -76.36 66.57
CA GLU E 81 -10.14 -76.62 67.51
C GLU E 81 -10.68 -77.09 68.85
N GLN E 82 -11.77 -76.46 69.32
CA GLN E 82 -12.38 -76.87 70.58
C GLN E 82 -12.94 -78.28 70.48
N ARG E 83 -13.59 -78.62 69.37
CA ARG E 83 -14.10 -79.98 69.20
C ARG E 83 -12.97 -80.99 69.17
N ARG E 84 -11.87 -80.66 68.47
CA ARG E 84 -10.75 -81.58 68.39
C ARG E 84 -10.11 -81.79 69.76
N GLU E 85 -9.96 -80.73 70.55
CA GLU E 85 -9.37 -80.89 71.87
C GLU E 85 -10.31 -81.54 72.88
N ALA E 86 -11.62 -81.38 72.73
CA ALA E 86 -12.56 -82.01 73.65
C ALA E 86 -12.87 -83.45 73.27
N LEU E 87 -12.58 -83.86 72.04
CA LEU E 87 -12.75 -85.27 71.67
C LEU E 87 -11.75 -86.15 72.42
N ASN E 88 -10.51 -85.68 72.56
CA ASN E 88 -9.49 -86.48 73.25
C ASN E 88 -9.81 -86.63 74.72
N ASN E 89 -10.11 -85.53 75.40
CA ASN E 89 -10.33 -85.56 76.84
C ASN E 89 -11.64 -86.22 77.24
N GLY E 90 -12.53 -86.47 76.28
CA GLY E 90 -13.82 -87.06 76.59
C GLY E 90 -14.86 -86.10 77.10
N THR E 91 -14.56 -84.81 77.17
CA THR E 91 -15.51 -83.82 77.66
C THR E 91 -16.24 -83.15 76.50
N LEU E 92 -16.94 -83.98 75.72
CA LEU E 92 -17.74 -83.52 74.61
C LEU E 92 -19.22 -83.65 74.96
N LEU E 93 -20.02 -82.67 74.52
CA LEU E 93 -21.45 -82.70 74.78
C LEU E 93 -22.09 -83.92 74.12
N TYR E 94 -22.93 -84.62 74.89
CA TYR E 94 -23.70 -85.76 74.39
C TYR E 94 -22.81 -86.81 73.73
N GLN E 95 -21.57 -86.95 74.22
CA GLN E 95 -20.67 -87.94 73.65
C GLN E 95 -21.13 -89.36 73.93
N ASP E 96 -21.98 -89.54 74.94
CA ASP E 96 -22.49 -90.86 75.27
C ASP E 96 -23.66 -91.29 74.39
N ASP E 97 -24.09 -90.44 73.47
CA ASP E 97 -25.19 -90.78 72.57
C ASP E 97 -24.62 -91.13 71.21
N PRO E 98 -24.63 -92.41 70.81
CA PRO E 98 -24.06 -92.77 69.50
C PRO E 98 -24.76 -92.13 68.32
N TYR E 99 -26.09 -91.94 68.41
CA TYR E 99 -26.82 -91.33 67.31
C TYR E 99 -26.40 -89.88 67.10
N ALA E 100 -26.19 -89.14 68.19
CA ALA E 100 -25.74 -87.76 68.08
C ALA E 100 -24.37 -87.68 67.43
N MET E 101 -23.46 -88.58 67.82
CA MET E 101 -22.12 -88.60 67.22
C MET E 101 -22.20 -88.95 65.74
N GLU E 102 -23.06 -89.91 65.38
CA GLU E 102 -23.21 -90.27 63.97
C GLU E 102 -23.73 -89.10 63.15
N ALA E 103 -24.74 -88.40 63.68
CA ALA E 103 -25.28 -87.23 62.97
C ALA E 103 -24.23 -86.14 62.85
N LEU E 104 -23.45 -85.93 63.90
CA LEU E 104 -22.39 -84.92 63.87
C LEU E 104 -21.37 -85.24 62.79
N ARG E 105 -20.96 -86.51 62.70
CA ARG E 105 -19.98 -86.90 61.70
C ARG E 105 -20.54 -86.77 60.29
N VAL E 106 -21.81 -87.12 60.09
CA VAL E 106 -22.42 -86.99 58.77
C VAL E 106 -22.48 -85.52 58.35
N LYS E 107 -22.87 -84.64 59.27
CA LYS E 107 -22.95 -83.22 58.94
C LYS E 107 -21.57 -82.63 58.68
N THR E 108 -20.56 -83.07 59.45
CA THR E 108 -19.20 -82.64 59.18
C THR E 108 -18.74 -83.07 57.79
N GLY E 109 -19.08 -84.31 57.41
CA GLY E 109 -18.75 -84.76 56.07
C GLY E 109 -19.43 -83.95 54.98
N ARG E 110 -20.69 -83.58 55.20
CA ARG E 110 -21.40 -82.76 54.22
C ARG E 110 -20.74 -81.40 54.07
N ASN E 111 -20.37 -80.77 55.19
CA ASN E 111 -19.69 -79.48 55.12
C ASN E 111 -18.36 -79.60 54.38
N ALA E 112 -17.60 -80.65 54.69
CA ALA E 112 -16.32 -80.86 54.01
C ALA E 112 -16.52 -81.07 52.51
N ALA E 113 -17.54 -81.82 52.14
CA ALA E 113 -17.81 -82.06 50.72
C ALA E 113 -18.13 -80.77 50.00
N TYR E 114 -18.96 -79.91 50.59
CA TYR E 114 -19.26 -78.63 49.95
C TYR E 114 -18.00 -77.78 49.82
N LEU E 115 -17.18 -77.74 50.88
CA LEU E 115 -15.97 -76.92 50.83
C LEU E 115 -15.00 -77.42 49.77
N VAL E 116 -14.94 -78.73 49.57
CA VAL E 116 -14.08 -79.28 48.53
C VAL E 116 -14.62 -78.95 47.14
N ASP E 117 -15.95 -79.07 46.96
CA ASP E 117 -16.53 -78.84 45.64
C ASP E 117 -16.41 -77.38 45.21
N ASP E 118 -16.59 -76.45 46.15
CA ASP E 118 -16.63 -75.04 45.77
C ASP E 118 -15.27 -74.57 45.24
N ASP E 119 -14.17 -75.13 45.73
CA ASP E 119 -12.86 -74.75 45.21
C ASP E 119 -12.73 -75.09 43.72
N VAL E 120 -13.13 -76.30 43.35
CA VAL E 120 -13.09 -76.71 41.95
C VAL E 120 -14.04 -75.85 41.13
N MET E 121 -15.21 -75.52 41.68
CA MET E 121 -16.14 -74.69 40.93
C MET E 121 -15.57 -73.30 40.66
N GLN E 122 -14.95 -72.69 41.67
CA GLN E 122 -14.34 -71.38 41.48
C GLN E 122 -13.20 -71.44 40.48
N LYS E 123 -12.38 -72.48 40.54
CA LYS E 123 -11.29 -72.60 39.57
C LYS E 123 -11.80 -72.82 38.16
N ILE E 124 -12.91 -73.55 38.00
CA ILE E 124 -13.51 -73.70 36.68
C ILE E 124 -14.02 -72.36 36.17
N LYS E 125 -14.68 -71.59 37.03
CA LYS E 125 -15.22 -70.30 36.60
C LYS E 125 -14.12 -69.30 36.26
N GLU E 126 -12.96 -69.39 36.94
CA GLU E 126 -11.86 -68.50 36.60
C GLU E 126 -11.28 -68.81 35.23
N GLY E 127 -11.31 -70.07 34.81
CA GLY E 127 -10.75 -70.45 33.53
C GLY E 127 -9.38 -71.09 33.66
N VAL E 128 -9.20 -71.91 34.69
CA VAL E 128 -7.89 -72.46 34.99
C VAL E 128 -7.62 -73.71 34.13
N PHE E 129 -8.62 -74.57 33.97
CA PHE E 129 -8.45 -75.83 33.26
C PHE E 129 -8.83 -75.66 31.80
N ARG E 130 -7.86 -75.81 30.91
CA ARG E 130 -8.09 -75.63 29.48
C ARG E 130 -8.57 -76.90 28.79
N THR E 131 -8.56 -78.04 29.48
CA THR E 131 -9.06 -79.29 28.93
C THR E 131 -9.86 -80.01 30.01
N ARG E 132 -10.72 -80.94 29.57
CA ARG E 132 -11.53 -81.69 30.51
C ARG E 132 -10.68 -82.62 31.36
N GLU E 133 -9.63 -83.21 30.77
CA GLU E 133 -8.78 -84.12 31.52
C GLU E 133 -8.06 -83.40 32.65
N GLU E 134 -7.62 -82.18 32.41
CA GLU E 134 -6.97 -81.38 33.45
C GLU E 134 -7.90 -81.15 34.63
N MET E 135 -9.15 -80.77 34.33
CA MET E 135 -10.14 -80.55 35.38
C MET E 135 -10.42 -81.84 36.14
N GLU E 136 -10.54 -82.96 35.43
CA GLU E 136 -10.82 -84.23 36.10
C GLU E 136 -9.68 -84.64 37.01
N GLU E 137 -8.43 -84.47 36.56
CA GLU E 137 -7.28 -84.82 37.40
C GLU E 137 -7.24 -83.95 38.65
N TYR E 138 -7.41 -82.63 38.48
CA TYR E 138 -7.41 -81.76 39.65
C TYR E 138 -8.54 -82.12 40.61
N ARG E 139 -9.73 -82.39 40.07
CA ARG E 139 -10.88 -82.72 40.91
C ARG E 139 -10.63 -84.00 41.70
N HIS E 140 -10.09 -85.02 41.04
CA HIS E 140 -9.82 -86.28 41.73
C HIS E 140 -8.77 -86.11 42.83
N SER E 141 -7.69 -85.40 42.52
CA SER E 141 -6.62 -85.22 43.51
C SER E 141 -7.13 -84.45 44.72
N ARG E 142 -7.86 -83.35 44.48
CA ARG E 142 -8.35 -82.55 45.59
C ARG E 142 -9.44 -83.29 46.36
N LEU E 143 -10.24 -84.10 45.69
CA LEU E 143 -11.24 -84.91 46.37
C LEU E 143 -10.59 -85.94 47.28
N GLN E 144 -9.45 -86.49 46.87
CA GLN E 144 -8.75 -87.44 47.73
C GLN E 144 -8.11 -86.74 48.93
N GLU E 145 -7.48 -85.59 48.71
CA GLU E 145 -6.76 -84.96 49.82
C GLU E 145 -7.69 -84.23 50.79
N GLY E 146 -8.77 -83.62 50.30
CA GLY E 146 -9.63 -82.83 51.15
C GLY E 146 -10.35 -83.65 52.20
N ALA E 147 -10.66 -84.90 51.88
CA ALA E 147 -11.32 -85.77 52.85
C ALA E 147 -10.50 -85.88 54.12
N LYS E 148 -9.22 -86.22 53.98
CA LYS E 148 -8.33 -86.26 55.13
C LYS E 148 -8.14 -84.88 55.75
N VAL E 149 -7.89 -83.87 54.91
CA VAL E 149 -7.56 -82.55 55.44
C VAL E 149 -8.69 -82.04 56.33
N TYR E 150 -9.94 -82.26 55.94
CA TYR E 150 -11.07 -81.88 56.76
C TYR E 150 -11.44 -82.94 57.79
N ALA E 151 -10.85 -84.13 57.72
CA ALA E 151 -11.13 -85.15 58.73
C ALA E 151 -10.30 -84.93 59.99
N GLU E 152 -8.98 -84.85 59.85
CA GLU E 152 -8.20 -84.58 61.06
C GLU E 152 -8.37 -83.16 61.59
N GLN E 153 -9.01 -82.26 60.85
CA GLN E 153 -9.29 -80.94 61.40
C GLN E 153 -10.31 -81.02 62.53
N PHE E 154 -11.29 -81.90 62.41
CA PHE E 154 -12.33 -82.06 63.43
C PHE E 154 -12.09 -83.26 64.32
N GLY E 155 -10.92 -83.89 64.23
CA GLY E 155 -10.64 -85.08 65.03
C GLY E 155 -11.48 -86.29 64.67
N ILE E 156 -11.67 -86.55 63.39
CA ILE E 156 -12.48 -87.66 62.91
C ILE E 156 -11.59 -88.59 62.08
N ASP E 157 -11.79 -89.88 62.23
CA ASP E 157 -11.11 -90.85 61.38
C ASP E 157 -11.62 -90.69 59.95
N PRO E 158 -10.74 -90.44 58.98
CA PRO E 158 -11.22 -90.18 57.61
C PRO E 158 -11.91 -91.36 56.97
N GLU E 159 -11.76 -92.57 57.51
CA GLU E 159 -12.37 -93.76 56.94
C GLU E 159 -13.65 -94.17 57.65
N ASP E 160 -14.21 -93.29 58.49
CA ASP E 160 -15.45 -93.60 59.18
C ASP E 160 -16.60 -93.71 58.19
N VAL E 161 -17.53 -94.63 58.49
CA VAL E 161 -18.65 -94.85 57.59
C VAL E 161 -19.60 -93.66 57.59
N ASP E 162 -19.79 -93.00 58.74
CA ASP E 162 -20.69 -91.85 58.78
C ASP E 162 -20.06 -90.64 58.12
N TYR E 163 -18.78 -90.39 58.38
CA TYR E 163 -18.10 -89.29 57.72
C TYR E 163 -18.07 -89.50 56.20
N GLN E 164 -17.81 -90.74 55.77
CA GLN E 164 -17.83 -91.01 54.34
C GLN E 164 -19.24 -90.92 53.76
N ARG E 165 -20.26 -91.29 54.53
CA ARG E 165 -21.63 -91.14 54.07
C ARG E 165 -21.96 -89.67 53.83
N GLY E 166 -21.51 -88.81 54.73
CA GLY E 166 -21.68 -87.37 54.52
C GLY E 166 -20.87 -86.85 53.36
N PHE E 167 -19.62 -87.30 53.24
CA PHE E 167 -18.69 -86.72 52.26
C PHE E 167 -18.96 -87.21 50.84
N ASN E 168 -19.43 -88.44 50.66
CA ASN E 168 -19.63 -89.01 49.34
C ASN E 168 -21.03 -88.78 48.80
N GLY E 169 -21.96 -88.28 49.61
CA GLY E 169 -23.34 -88.15 49.20
C GLY E 169 -23.56 -87.29 47.98
N ASP E 170 -24.36 -87.79 47.03
CA ASP E 170 -24.74 -87.06 45.82
C ASP E 170 -23.52 -86.71 44.98
N ILE E 171 -22.54 -87.62 44.94
CA ILE E 171 -21.31 -87.34 44.20
C ILE E 171 -21.59 -87.21 42.70
N THR E 172 -22.55 -87.99 42.19
CA THR E 172 -22.87 -87.94 40.78
C THR E 172 -23.44 -86.58 40.38
N GLU E 173 -24.34 -86.04 41.19
CA GLU E 173 -24.93 -84.74 40.88
C GLU E 173 -23.87 -83.63 40.91
N ARG E 174 -22.98 -83.68 41.90
CA ARG E 174 -21.92 -82.69 41.98
C ARG E 174 -20.98 -82.78 40.79
N ASN E 175 -20.65 -84.00 40.37
CA ASN E 175 -19.81 -84.18 39.19
C ASN E 175 -20.51 -83.62 37.95
N ILE E 176 -21.82 -83.86 37.82
CA ILE E 176 -22.57 -83.35 36.67
C ILE E 176 -22.56 -81.84 36.66
N SER E 177 -22.74 -81.21 37.83
CA SER E 177 -22.71 -79.76 37.91
C SER E 177 -21.36 -79.20 37.48
N LEU E 178 -20.28 -79.81 37.97
CA LEU E 178 -18.95 -79.37 37.57
C LEU E 178 -18.72 -79.56 36.07
N TYR E 179 -19.22 -80.67 35.52
CA TYR E 179 -19.04 -80.94 34.10
C TYR E 179 -19.74 -79.90 33.24
N GLY E 180 -20.97 -79.53 33.60
CA GLY E 180 -21.67 -78.51 32.84
C GLY E 180 -20.99 -77.15 32.94
N ALA E 181 -20.57 -76.77 34.15
CA ALA E 181 -19.87 -75.51 34.32
C ALA E 181 -18.60 -75.46 33.48
N HIS E 182 -17.89 -76.59 33.39
CA HIS E 182 -16.67 -76.62 32.58
C HIS E 182 -16.97 -76.64 31.09
N ASP E 183 -18.07 -77.28 30.68
CA ASP E 183 -18.38 -77.34 29.26
C ASP E 183 -18.73 -75.96 28.71
N ASN E 184 -19.40 -75.13 29.50
CA ASN E 184 -19.63 -73.75 29.07
C ASN E 184 -18.33 -73.03 28.75
N PHE E 185 -17.36 -73.13 29.66
CA PHE E 185 -16.06 -72.50 29.46
C PHE E 185 -15.36 -73.06 28.22
N LEU E 186 -15.42 -74.39 28.05
CA LEU E 186 -14.77 -74.99 26.89
C LEU E 186 -15.37 -74.48 25.59
N SER E 187 -16.69 -74.32 25.55
CA SER E 187 -17.32 -73.79 24.34
C SER E 187 -16.85 -72.37 24.04
N GLN E 188 -16.87 -71.49 25.04
CA GLN E 188 -16.49 -70.11 24.75
C GLN E 188 -15.01 -70.01 24.37
N GLN E 189 -14.16 -70.82 25.02
CA GLN E 189 -12.74 -70.84 24.68
C GLN E 189 -12.51 -71.32 23.26
N ALA E 190 -13.24 -72.36 22.85
CA ALA E 190 -13.11 -72.86 21.49
C ALA E 190 -13.53 -71.81 20.47
N GLN E 191 -14.58 -71.06 20.77
CA GLN E 191 -15.01 -70.00 19.87
C GLN E 191 -13.93 -68.92 19.72
N LYS E 192 -13.36 -68.48 20.85
CA LYS E 192 -12.30 -67.48 20.79
C LYS E 192 -11.10 -67.99 19.99
N GLY E 193 -10.70 -69.23 20.25
CA GLY E 193 -9.57 -69.80 19.53
C GLY E 193 -9.82 -69.91 18.04
N ALA E 194 -11.05 -70.28 17.65
CA ALA E 194 -11.37 -70.34 16.23
C ALA E 194 -11.27 -68.98 15.58
N ILE E 195 -11.77 -67.94 16.26
CA ILE E 195 -11.66 -66.59 15.70
C ILE E 195 -10.20 -66.21 15.47
N MET E 196 -9.35 -66.44 16.48
CA MET E 196 -7.95 -66.04 16.35
C MET E 196 -7.22 -66.88 15.31
N ASN E 197 -7.54 -68.17 15.22
CA ASN E 197 -6.91 -69.02 14.22
C ASN E 197 -7.30 -68.57 12.80
N SER E 198 -8.56 -68.17 12.61
CA SER E 198 -8.97 -67.64 11.33
C SER E 198 -8.21 -66.37 10.99
N ARG E 199 -8.04 -65.47 11.96
CA ARG E 199 -7.26 -64.26 11.69
C ARG E 199 -5.82 -64.60 11.30
N VAL E 200 -5.21 -65.56 11.99
CA VAL E 200 -3.83 -65.92 11.67
C VAL E 200 -3.74 -66.53 10.28
N GLU E 201 -4.68 -67.42 9.93
CA GLU E 201 -4.61 -68.11 8.65
C GLU E 201 -4.90 -67.17 7.49
N LEU E 202 -5.74 -66.14 7.70
CA LEU E 202 -6.03 -65.21 6.62
C LEU E 202 -4.88 -64.25 6.36
N ASN E 203 -4.09 -63.93 7.40
CA ASN E 203 -2.96 -63.02 7.21
C ASN E 203 -1.83 -63.63 6.39
N GLY E 204 -1.87 -64.94 6.13
CA GLY E 204 -0.87 -65.53 5.27
C GLY E 204 -0.98 -65.12 3.82
N VAL E 205 -2.15 -64.66 3.39
CA VAL E 205 -2.37 -64.29 1.99
C VAL E 205 -2.79 -62.83 1.89
N LEU E 206 -3.42 -62.30 2.93
CA LEU E 206 -4.05 -60.99 2.87
C LEU E 206 -3.29 -59.92 3.64
N GLN E 207 -1.99 -60.10 3.85
CA GLN E 207 -1.17 -59.12 4.55
C GLN E 207 -0.23 -58.36 3.63
N ASP E 208 0.34 -59.02 2.63
CA ASP E 208 1.23 -58.35 1.70
C ASP E 208 0.44 -57.38 0.84
N PRO E 209 0.87 -56.11 0.72
CA PRO E 209 0.16 -55.19 -0.18
C PRO E 209 0.15 -55.65 -1.63
N ASP E 210 1.16 -56.42 -2.06
CA ASP E 210 1.15 -56.93 -3.43
C ASP E 210 0.15 -58.07 -3.58
N MET E 211 -0.01 -58.89 -2.55
CA MET E 211 -1.00 -59.95 -2.59
C MET E 211 -2.42 -59.40 -2.56
N LEU E 212 -2.63 -58.27 -1.88
CA LEU E 212 -3.95 -57.68 -1.78
C LEU E 212 -4.42 -57.08 -3.10
N ARG E 213 -3.51 -56.72 -3.99
CA ARG E 213 -3.85 -56.07 -5.24
C ARG E 213 -4.11 -57.04 -6.39
N ARG E 214 -4.09 -58.34 -6.11
CA ARG E 214 -4.35 -59.35 -7.14
C ARG E 214 -5.77 -59.88 -6.99
N PRO E 215 -6.52 -60.02 -8.08
CA PRO E 215 -7.91 -60.54 -7.94
C PRO E 215 -7.99 -61.95 -7.39
N ASP E 216 -6.94 -62.74 -7.57
CA ASP E 216 -6.95 -64.09 -7.01
C ASP E 216 -7.02 -64.06 -5.49
N SER E 217 -6.66 -62.94 -4.86
CA SER E 217 -6.84 -62.82 -3.41
C SER E 217 -8.31 -62.72 -3.04
N ALA E 218 -9.09 -61.96 -3.82
CA ALA E 218 -10.53 -61.91 -3.58
C ALA E 218 -11.16 -63.27 -3.83
N ASP E 219 -10.72 -63.95 -4.90
CA ASP E 219 -11.21 -65.31 -5.14
C ASP E 219 -10.85 -66.23 -3.99
N PHE E 220 -9.65 -66.10 -3.46
CA PHE E 220 -9.21 -66.91 -2.33
C PHE E 220 -10.07 -66.68 -1.11
N PHE E 221 -10.39 -65.42 -0.82
CA PHE E 221 -11.23 -65.13 0.35
C PHE E 221 -12.62 -65.72 0.17
N GLU E 222 -13.21 -65.55 -1.02
CA GLU E 222 -14.55 -66.09 -1.25
C GLU E 222 -14.56 -67.60 -1.10
N LYS E 223 -13.58 -68.28 -1.71
CA LYS E 223 -13.52 -69.74 -1.60
C LYS E 223 -13.20 -70.18 -0.19
N TYR E 224 -12.40 -69.42 0.54
CA TYR E 224 -12.11 -69.74 1.94
C TYR E 224 -13.39 -69.74 2.77
N ILE E 225 -14.19 -68.69 2.63
CA ILE E 225 -15.42 -68.61 3.41
C ILE E 225 -16.38 -69.72 3.00
N ASP E 226 -16.55 -69.95 1.70
CA ASP E 226 -17.48 -70.98 1.24
C ASP E 226 -17.05 -72.36 1.70
N ASN E 227 -15.77 -72.69 1.53
CA ASN E 227 -15.26 -74.00 1.92
C ASN E 227 -15.35 -74.20 3.43
N GLY E 228 -15.06 -73.16 4.21
CA GLY E 228 -15.22 -73.27 5.65
C GLY E 228 -16.67 -73.53 6.04
N LEU E 229 -17.61 -72.87 5.36
CA LEU E 229 -19.02 -73.09 5.68
C LEU E 229 -19.49 -74.47 5.26
N VAL E 230 -18.96 -75.03 4.18
CA VAL E 230 -19.44 -76.32 3.70
C VAL E 230 -18.87 -77.46 4.54
N THR E 231 -17.56 -77.46 4.78
CA THR E 231 -16.91 -78.58 5.45
C THR E 231 -16.96 -78.49 6.97
N GLY E 232 -17.59 -77.46 7.53
CA GLY E 232 -17.67 -77.34 8.95
C GLY E 232 -16.46 -76.75 9.63
N ALA E 233 -15.48 -76.26 8.85
CA ALA E 233 -14.36 -75.54 9.45
C ALA E 233 -14.83 -74.28 10.14
N ILE E 234 -15.78 -73.57 9.53
CA ILE E 234 -16.53 -72.51 10.18
C ILE E 234 -17.89 -73.09 10.55
N PRO E 235 -18.17 -73.36 11.84
CA PRO E 235 -19.36 -74.14 12.18
C PRO E 235 -20.66 -73.35 12.19
N SER E 236 -20.62 -72.03 12.36
CA SER E 236 -21.82 -71.24 12.51
C SER E 236 -21.84 -70.12 11.47
N ASP E 237 -23.04 -69.60 11.23
CA ASP E 237 -23.17 -68.39 10.41
C ASP E 237 -22.77 -67.15 11.19
N ALA E 238 -23.01 -67.14 12.51
CA ALA E 238 -22.56 -66.03 13.34
C ALA E 238 -21.04 -65.95 13.38
N GLN E 239 -20.37 -67.09 13.52
CA GLN E 239 -18.91 -67.09 13.48
C GLN E 239 -18.40 -66.64 12.12
N ALA E 240 -19.07 -67.06 11.04
CA ALA E 240 -18.68 -66.59 9.71
C ALA E 240 -18.85 -65.10 9.58
N THR E 241 -19.92 -64.55 10.16
CA THR E 241 -20.14 -63.11 10.14
C THR E 241 -19.02 -62.38 10.88
N GLN E 242 -18.62 -62.90 12.04
CA GLN E 242 -17.51 -62.29 12.78
C GLN E 242 -16.20 -62.36 11.99
N LEU E 243 -15.95 -63.50 11.34
CA LEU E 243 -14.75 -63.65 10.53
C LEU E 243 -14.74 -62.64 9.39
N ILE E 244 -15.87 -62.49 8.71
CA ILE E 244 -15.97 -61.54 7.60
C ILE E 244 -15.73 -60.12 8.09
N SER E 245 -16.36 -59.76 9.22
CA SER E 245 -16.21 -58.42 9.75
C SER E 245 -14.76 -58.13 10.10
N GLN E 246 -14.08 -59.06 10.78
CA GLN E 246 -12.72 -58.79 11.18
C GLN E 246 -11.76 -58.81 9.99
N ALA E 247 -12.02 -59.65 8.99
CA ALA E 247 -11.19 -59.64 7.78
C ALA E 247 -11.32 -58.32 7.04
N PHE E 248 -12.56 -57.81 6.91
CA PHE E 248 -12.74 -56.53 6.23
C PHE E 248 -12.13 -55.39 7.03
N SER E 249 -12.23 -55.44 8.36
CA SER E 249 -11.60 -54.42 9.19
C SER E 249 -10.09 -54.44 9.03
N ASP E 250 -9.49 -55.63 8.96
CA ASP E 250 -8.04 -55.71 8.75
C ASP E 250 -7.65 -55.20 7.37
N ALA E 251 -8.43 -55.54 6.35
CA ALA E 251 -8.10 -55.11 4.99
C ALA E 251 -8.27 -53.61 4.81
N SER E 252 -9.17 -52.99 5.57
CA SER E 252 -9.34 -51.54 5.50
C SER E 252 -8.12 -50.77 5.98
N SER E 253 -7.24 -51.41 6.76
CA SER E 253 -6.13 -50.73 7.38
C SER E 253 -4.80 -50.99 6.68
N ARG E 254 -4.82 -51.57 5.49
CA ARG E 254 -3.61 -51.96 4.79
C ARG E 254 -3.60 -51.40 3.39
N ALA E 255 -2.39 -51.18 2.86
CA ALA E 255 -2.24 -50.71 1.50
C ALA E 255 -2.69 -51.79 0.52
N GLY E 256 -3.43 -51.38 -0.50
CA GLY E 256 -4.00 -52.32 -1.44
C GLY E 256 -5.30 -52.96 -0.99
N GLY E 257 -5.77 -52.66 0.22
CA GLY E 257 -7.01 -53.23 0.71
C GLY E 257 -8.24 -52.67 0.03
N ALA E 258 -8.15 -51.46 -0.51
CA ALA E 258 -9.28 -50.89 -1.24
C ALA E 258 -9.59 -51.71 -2.49
N ASP E 259 -8.55 -52.11 -3.23
CA ASP E 259 -8.76 -52.96 -4.40
C ASP E 259 -9.37 -54.30 -4.03
N PHE E 260 -8.85 -54.93 -2.97
CA PHE E 260 -9.36 -56.21 -2.52
C PHE E 260 -10.83 -56.09 -2.14
N LEU E 261 -11.17 -55.09 -1.35
CA LEU E 261 -12.55 -54.93 -0.91
C LEU E 261 -13.48 -54.59 -2.07
N MET E 262 -13.00 -53.80 -3.02
CA MET E 262 -13.81 -53.46 -4.17
C MET E 262 -14.09 -54.68 -5.04
N ARG E 263 -13.11 -55.58 -5.16
CA ARG E 263 -13.34 -56.80 -5.93
C ARG E 263 -14.21 -57.78 -5.18
N VAL E 264 -14.06 -57.88 -3.85
CA VAL E 264 -14.79 -58.89 -3.11
C VAL E 264 -16.22 -58.46 -2.81
N GLY E 265 -16.55 -57.17 -2.95
CA GLY E 265 -17.91 -56.73 -2.72
C GLY E 265 -18.92 -57.29 -3.69
N ASP E 266 -18.46 -57.80 -4.84
CA ASP E 266 -19.34 -58.33 -5.87
C ASP E 266 -19.46 -59.84 -5.83
N LYS E 267 -18.89 -60.50 -4.82
CA LYS E 267 -18.89 -61.95 -4.73
C LYS E 267 -19.98 -62.43 -3.78
N LYS E 268 -20.40 -63.67 -3.97
CA LYS E 268 -21.57 -64.21 -3.31
C LYS E 268 -21.21 -64.92 -2.00
N VAL E 269 -22.17 -64.91 -1.08
CA VAL E 269 -22.06 -65.62 0.20
C VAL E 269 -23.46 -66.00 0.65
N THR E 270 -23.58 -67.21 1.22
CA THR E 270 -24.85 -67.71 1.71
C THR E 270 -24.81 -67.81 3.22
N LEU E 271 -25.66 -67.06 3.90
CA LEU E 271 -25.74 -67.08 5.35
C LEU E 271 -27.20 -67.05 5.76
N ASN E 272 -27.53 -67.82 6.81
CA ASN E 272 -28.89 -67.87 7.37
C ASN E 272 -29.93 -68.25 6.33
N GLY E 273 -29.52 -69.00 5.31
CA GLY E 273 -30.43 -69.40 4.25
C GLY E 273 -30.66 -68.39 3.17
N ALA E 274 -29.92 -67.29 3.15
CA ALA E 274 -30.05 -66.27 2.13
C ALA E 274 -28.72 -66.09 1.40
N THR E 275 -28.78 -66.01 0.08
CA THR E 275 -27.61 -65.82 -0.75
C THR E 275 -27.55 -64.35 -1.19
N THR E 276 -26.51 -63.65 -0.76
CA THR E 276 -26.33 -62.23 -1.03
C THR E 276 -24.94 -62.03 -1.63
N THR E 277 -24.63 -60.78 -1.94
CA THR E 277 -23.25 -60.40 -2.20
C THR E 277 -22.65 -59.84 -0.92
N TYR E 278 -21.32 -59.77 -0.89
CA TYR E 278 -20.65 -59.22 0.29
C TYR E 278 -20.98 -57.75 0.49
N ARG E 279 -21.30 -57.03 -0.57
CA ARG E 279 -21.74 -55.66 -0.45
C ARG E 279 -23.17 -55.55 0.06
N GLU E 280 -24.03 -56.52 -0.28
CA GLU E 280 -25.39 -56.54 0.24
C GLU E 280 -25.44 -57.05 1.68
N LEU E 281 -24.55 -57.96 2.06
CA LEU E 281 -24.49 -58.41 3.45
C LEU E 281 -24.19 -57.24 4.37
N ILE E 282 -23.12 -56.49 4.07
CA ILE E 282 -22.92 -55.21 4.70
C ILE E 282 -24.00 -54.23 4.23
N GLY E 283 -24.27 -53.22 5.03
CA GLY E 283 -25.20 -52.20 4.60
C GLY E 283 -24.65 -51.39 3.44
N GLU E 284 -25.53 -50.61 2.82
CA GLU E 284 -25.08 -49.71 1.76
C GLU E 284 -24.25 -48.55 2.32
N GLU E 285 -24.76 -47.91 3.38
CA GLU E 285 -24.00 -46.85 4.02
C GLU E 285 -22.79 -47.41 4.75
N GLN E 286 -22.92 -48.60 5.33
CA GLN E 286 -21.78 -49.25 5.96
C GLN E 286 -20.72 -49.61 4.93
N TRP E 287 -21.14 -50.08 3.75
CA TRP E 287 -20.17 -50.36 2.70
C TRP E 287 -19.49 -49.08 2.22
N ASN E 288 -20.23 -47.99 2.09
CA ASN E 288 -19.62 -46.72 1.67
C ASN E 288 -18.61 -46.23 2.71
N ALA E 289 -18.95 -46.35 3.99
CA ALA E 289 -18.02 -45.96 5.05
C ALA E 289 -16.78 -46.83 5.04
N LEU E 290 -16.95 -48.14 4.83
CA LEU E 290 -15.80 -49.05 4.72
C LEU E 290 -14.92 -48.67 3.55
N MET E 291 -15.54 -48.31 2.42
CA MET E 291 -14.76 -47.90 1.24
C MET E 291 -13.97 -46.63 1.51
N VAL E 292 -14.59 -45.65 2.16
CA VAL E 292 -13.88 -44.42 2.48
C VAL E 292 -12.72 -44.70 3.41
N THR E 293 -12.94 -45.54 4.43
CA THR E 293 -11.87 -45.89 5.35
C THR E 293 -10.72 -46.58 4.63
N ALA E 294 -11.04 -47.54 3.77
CA ALA E 294 -10.00 -48.28 3.05
C ALA E 294 -9.21 -47.36 2.13
N GLN E 295 -9.89 -46.40 1.50
CA GLN E 295 -9.20 -45.51 0.57
C GLN E 295 -8.33 -44.49 1.30
N ARG E 296 -8.79 -44.01 2.45
CA ARG E 296 -8.07 -42.94 3.15
C ARG E 296 -7.05 -43.44 4.16
N SER E 297 -7.09 -44.72 4.54
CA SER E 297 -6.17 -45.20 5.57
C SER E 297 -4.72 -45.26 5.11
N GLN E 298 -4.48 -45.28 3.80
CA GLN E 298 -3.11 -45.34 3.29
C GLN E 298 -2.33 -44.09 3.67
N PHE E 299 -3.01 -42.95 3.80
CA PHE E 299 -2.37 -41.68 4.10
C PHE E 299 -2.29 -41.39 5.59
N GLU E 300 -2.87 -42.25 6.43
CA GLU E 300 -2.74 -42.11 7.87
C GLU E 300 -1.74 -43.08 8.48
N THR E 301 -1.57 -44.25 7.89
CA THR E 301 -0.58 -45.22 8.35
C THR E 301 0.74 -45.10 7.61
N ASP E 302 0.87 -44.13 6.70
CA ASP E 302 2.11 -43.90 5.97
C ASP E 302 2.31 -42.40 5.83
N ALA E 303 3.25 -41.85 6.59
CA ALA E 303 3.55 -40.42 6.49
C ALA E 303 4.29 -40.07 5.20
N LYS E 304 5.01 -41.04 4.62
CA LYS E 304 5.73 -40.78 3.38
C LYS E 304 4.78 -40.41 2.25
N LEU E 305 3.69 -41.16 2.11
CA LEU E 305 2.71 -40.88 1.06
C LEU E 305 2.06 -39.52 1.25
N ASN E 306 1.66 -39.22 2.49
CA ASN E 306 1.03 -37.93 2.77
C ASN E 306 1.98 -36.78 2.46
N GLU E 307 3.24 -36.90 2.89
CA GLU E 307 4.23 -35.86 2.60
C GLU E 307 4.44 -35.69 1.10
N GLN E 308 4.60 -36.81 0.39
CA GLN E 308 4.83 -36.74 -1.05
C GLN E 308 3.69 -36.04 -1.77
N TYR E 309 2.45 -36.45 -1.49
CA TYR E 309 1.31 -35.86 -2.18
C TYR E 309 1.11 -34.40 -1.80
N ARG E 310 1.27 -34.06 -0.52
CA ARG E 310 1.04 -32.69 -0.10
C ARG E 310 2.12 -31.76 -0.66
N LEU E 311 3.37 -32.22 -0.72
CA LEU E 311 4.41 -31.40 -1.31
C LEU E 311 4.23 -31.24 -2.82
N LYS E 312 3.77 -32.30 -3.50
CA LYS E 312 3.48 -32.17 -4.92
C LYS E 312 2.38 -31.15 -5.17
N ILE E 313 1.30 -31.21 -4.37
CA ILE E 313 0.19 -30.28 -4.55
C ILE E 313 0.63 -28.85 -4.25
N ASN E 314 1.43 -28.66 -3.20
CA ASN E 314 1.87 -27.31 -2.86
C ASN E 314 2.84 -26.76 -3.89
N SER E 315 3.68 -27.61 -4.48
CA SER E 315 4.58 -27.12 -5.53
C SER E 315 3.81 -26.80 -6.80
N ALA E 316 2.74 -27.54 -7.09
CA ALA E 316 1.90 -27.20 -8.23
C ALA E 316 1.16 -25.88 -8.02
N LEU E 317 0.98 -25.45 -6.79
CA LEU E 317 0.31 -24.19 -6.48
C LEU E 317 1.26 -23.01 -6.46
N ASN E 318 2.57 -23.23 -6.64
CA ASN E 318 3.56 -22.17 -6.61
C ASN E 318 4.19 -21.96 -7.98
N GLN E 319 3.45 -22.26 -9.04
CA GLN E 319 3.88 -21.99 -10.40
C GLN E 319 3.44 -20.60 -10.82
N GLU E 320 4.23 -19.97 -11.68
CA GLU E 320 3.90 -18.63 -12.16
C GLU E 320 2.81 -18.66 -13.22
N ASP E 321 2.74 -19.72 -14.02
CA ASP E 321 1.73 -19.84 -15.05
C ASP E 321 0.60 -20.74 -14.57
N PRO E 322 -0.62 -20.23 -14.44
CA PRO E 322 -1.73 -21.10 -13.99
C PRO E 322 -2.03 -22.25 -14.93
N ARG E 323 -1.79 -22.09 -16.23
CA ARG E 323 -2.07 -23.18 -17.17
C ARG E 323 -1.17 -24.37 -16.92
N THR E 324 0.06 -24.14 -16.47
CA THR E 324 0.94 -25.25 -16.11
C THR E 324 0.49 -25.89 -14.81
N ALA E 325 0.05 -25.08 -13.85
CA ALA E 325 -0.42 -25.60 -12.57
C ALA E 325 -1.63 -26.50 -12.76
N TRP E 326 -2.54 -26.13 -13.67
CA TRP E 326 -3.72 -26.95 -13.90
C TRP E 326 -3.33 -28.34 -14.42
N GLU E 327 -2.40 -28.40 -15.37
CA GLU E 327 -1.99 -29.68 -15.91
C GLU E 327 -1.21 -30.50 -14.88
N MET E 328 -0.42 -29.84 -14.04
CA MET E 328 0.24 -30.54 -12.94
C MET E 328 -0.78 -31.16 -11.99
N LEU E 329 -1.86 -30.43 -11.69
CA LEU E 329 -2.90 -30.97 -10.83
C LEU E 329 -3.62 -32.14 -11.49
N GLN E 330 -3.82 -32.08 -12.81
CA GLN E 330 -4.39 -33.23 -13.50
C GLN E 330 -3.49 -34.44 -13.40
N GLY E 331 -2.18 -34.24 -13.53
CA GLY E 331 -1.26 -35.36 -13.34
C GLY E 331 -1.30 -35.93 -11.93
N ILE E 332 -1.43 -35.07 -10.92
CA ILE E 332 -1.53 -35.55 -9.55
C ILE E 332 -2.83 -36.32 -9.34
N LYS E 333 -3.92 -35.87 -9.95
CA LYS E 333 -5.18 -36.62 -9.88
C LYS E 333 -5.03 -37.99 -10.51
N ALA E 334 -4.35 -38.06 -11.65
CA ALA E 334 -4.10 -39.36 -12.28
C ALA E 334 -3.28 -40.26 -11.39
N GLU E 335 -2.28 -39.70 -10.69
CA GLU E 335 -1.51 -40.50 -9.75
C GLU E 335 -2.37 -41.01 -8.61
N LEU E 336 -3.25 -40.16 -8.08
CA LEU E 336 -4.09 -40.56 -6.95
C LEU E 336 -5.12 -41.61 -7.35
N ASP E 337 -5.55 -41.61 -8.61
CA ASP E 337 -6.55 -42.60 -9.04
C ASP E 337 -6.06 -44.03 -8.89
N LYS E 338 -4.75 -44.26 -8.79
CA LYS E 338 -4.21 -45.60 -8.69
C LYS E 338 -4.15 -46.13 -7.26
N VAL E 339 -4.35 -45.28 -6.27
CA VAL E 339 -4.37 -45.71 -4.86
C VAL E 339 -5.74 -45.56 -4.22
N GLN E 340 -6.67 -44.86 -4.86
CA GLN E 340 -8.04 -44.71 -4.38
C GLN E 340 -8.96 -45.05 -5.54
N PRO E 341 -9.12 -46.35 -5.84
CA PRO E 341 -9.81 -46.77 -7.07
C PRO E 341 -11.33 -46.86 -6.94
N ASP E 342 -11.94 -45.85 -6.33
CA ASP E 342 -13.39 -45.84 -6.18
C ASP E 342 -13.89 -44.42 -6.35
N GLU E 343 -15.19 -44.23 -6.15
CA GLU E 343 -15.87 -43.00 -6.51
C GLU E 343 -16.22 -42.10 -5.33
N GLN E 344 -16.02 -42.55 -4.10
CA GLN E 344 -16.44 -41.77 -2.95
C GLN E 344 -15.51 -40.59 -2.73
N MET E 345 -16.00 -39.62 -1.96
CA MET E 345 -15.20 -38.46 -1.57
C MET E 345 -14.32 -38.83 -0.39
N THR E 346 -13.01 -38.63 -0.55
CA THR E 346 -12.02 -38.85 0.49
C THR E 346 -11.35 -37.52 0.83
N PRO E 347 -10.73 -37.41 2.01
CA PRO E 347 -10.03 -36.17 2.35
C PRO E 347 -8.87 -35.83 1.43
N GLN E 348 -8.49 -36.73 0.52
CA GLN E 348 -7.41 -36.47 -0.42
C GLN E 348 -7.90 -35.94 -1.75
N ARG E 349 -9.15 -36.25 -2.12
CA ARG E 349 -9.76 -35.61 -3.28
C ARG E 349 -10.20 -34.18 -2.96
N GLU E 350 -10.51 -33.91 -1.70
CA GLU E 350 -10.78 -32.54 -1.25
C GLU E 350 -9.54 -31.67 -1.42
N TRP E 351 -8.35 -32.23 -1.15
CA TRP E 351 -7.11 -31.52 -1.42
C TRP E 351 -7.07 -31.02 -2.87
N LEU E 352 -7.40 -31.91 -3.80
CA LEU E 352 -7.26 -31.59 -5.22
C LEU E 352 -8.34 -30.62 -5.69
N ILE E 353 -9.56 -30.76 -5.16
CA ILE E 353 -10.60 -29.80 -5.52
C ILE E 353 -10.25 -28.40 -5.01
N SER E 354 -9.75 -28.31 -3.78
CA SER E 354 -9.32 -27.02 -3.25
C SER E 354 -8.15 -26.45 -4.05
N ALA E 355 -7.22 -27.32 -4.47
CA ALA E 355 -6.10 -26.86 -5.27
C ALA E 355 -6.57 -26.28 -6.60
N GLN E 356 -7.54 -26.94 -7.25
CA GLN E 356 -8.06 -26.44 -8.51
C GLN E 356 -8.77 -25.09 -8.33
N GLU E 357 -9.52 -24.94 -7.23
CA GLU E 357 -10.15 -23.65 -6.97
C GLU E 357 -9.10 -22.56 -6.75
N GLN E 358 -8.02 -22.88 -6.03
CA GLN E 358 -6.95 -21.91 -5.82
C GLN E 358 -6.29 -21.54 -7.14
N VAL E 359 -6.14 -22.51 -8.05
CA VAL E 359 -5.55 -22.22 -9.35
C VAL E 359 -6.45 -21.30 -10.16
N GLN E 360 -7.78 -21.46 -10.03
CA GLN E 360 -8.69 -20.54 -10.69
C GLN E 360 -8.52 -19.11 -10.16
N ASN E 361 -8.39 -18.98 -8.83
CA ASN E 361 -8.15 -17.65 -8.26
C ASN E 361 -6.83 -17.06 -8.77
N GLN E 362 -5.79 -17.90 -8.86
CA GLN E 362 -4.52 -17.45 -9.40
C GLN E 362 -4.65 -17.01 -10.84
N MET E 363 -5.50 -17.69 -11.62
CA MET E 363 -5.72 -17.29 -13.01
C MET E 363 -6.36 -15.91 -13.07
N ASN E 364 -7.30 -15.62 -12.18
CA ASN E 364 -7.88 -14.28 -12.11
C ASN E 364 -6.80 -13.23 -11.85
N ALA E 365 -5.98 -13.47 -10.82
CA ALA E 365 -4.93 -12.51 -10.47
C ALA E 365 -3.91 -12.36 -11.60
N TRP E 366 -3.68 -13.43 -12.37
CA TRP E 366 -2.74 -13.40 -13.47
C TRP E 366 -3.28 -12.58 -14.64
N THR E 367 -4.58 -12.70 -14.92
CA THR E 367 -5.18 -11.94 -16.00
C THR E 367 -5.20 -10.45 -15.68
N LYS E 368 -5.36 -10.08 -14.41
CA LYS E 368 -5.10 -8.69 -14.01
C LYS E 368 -3.80 -8.16 -14.61
N ALA E 369 -2.68 -8.81 -14.26
CA ALA E 369 -1.38 -8.29 -14.66
C ALA E 369 -1.20 -8.31 -16.17
N GLN E 370 -1.69 -9.37 -16.83
CA GLN E 370 -1.55 -9.43 -18.29
C GLN E 370 -2.29 -8.28 -18.96
N ALA E 371 -3.52 -8.01 -18.53
CA ALA E 371 -4.28 -6.91 -19.11
C ALA E 371 -3.61 -5.57 -18.85
N LYS E 372 -3.09 -5.38 -17.64
CA LYS E 372 -2.44 -4.11 -17.32
C LYS E 372 -1.20 -3.87 -18.19
N ALA E 373 -0.37 -4.90 -18.35
CA ALA E 373 0.82 -4.75 -19.20
C ALA E 373 0.45 -4.48 -20.65
N LEU E 374 -0.57 -5.18 -21.16
CA LEU E 374 -0.99 -4.95 -22.53
C LEU E 374 -1.50 -3.52 -22.71
N ASP E 375 -2.24 -3.00 -21.73
CA ASP E 375 -2.68 -1.62 -21.79
C ASP E 375 -1.50 -0.65 -21.80
N ASP E 376 -0.49 -0.92 -20.98
CA ASP E 376 0.68 -0.04 -20.94
C ASP E 376 1.38 0.03 -22.28
N SER E 377 1.53 -1.12 -22.96
CA SER E 377 2.18 -1.08 -24.28
C SER E 377 1.29 -0.45 -25.34
N MET E 378 -0.01 -0.68 -25.23
CA MET E 378 -0.93 -0.16 -26.24
C MET E 378 -1.04 1.36 -26.17
N LYS E 379 -0.85 1.94 -24.98
CA LYS E 379 -0.81 3.40 -24.88
C LYS E 379 0.36 3.98 -25.67
N SER E 380 1.53 3.35 -25.60
CA SER E 380 2.68 3.82 -26.36
C SER E 380 2.42 3.72 -27.86
N MET E 381 1.83 2.60 -28.31
CA MET E 381 1.51 2.48 -29.72
C MET E 381 0.52 3.55 -30.16
N ASN E 382 -0.46 3.86 -29.31
CA ASN E 382 -1.44 4.89 -29.63
C ASN E 382 -0.79 6.27 -29.74
N LYS E 383 0.15 6.56 -28.84
CA LYS E 383 0.84 7.85 -28.91
C LYS E 383 1.65 7.98 -30.20
N LEU E 384 2.32 6.90 -30.61
CA LEU E 384 3.04 6.94 -31.89
C LEU E 384 2.08 7.16 -33.05
N ASP E 385 0.90 6.53 -33.02
CA ASP E 385 -0.07 6.73 -34.09
C ASP E 385 -0.55 8.18 -34.14
N VAL E 386 -0.76 8.80 -32.97
CA VAL E 386 -1.20 10.19 -32.93
C VAL E 386 -0.13 11.12 -33.50
N ILE E 387 1.14 10.89 -33.14
CA ILE E 387 2.21 11.73 -33.69
C ILE E 387 2.30 11.57 -35.20
N ASP E 388 2.16 10.33 -35.69
CA ASP E 388 2.19 10.11 -37.13
C ASP E 388 1.06 10.85 -37.83
N LYS E 389 -0.14 10.83 -37.24
CA LYS E 389 -1.25 11.56 -37.83
C LYS E 389 -0.98 13.06 -37.85
N GLN E 390 -0.32 13.58 -36.81
CA GLN E 390 -0.06 15.02 -36.74
C GLN E 390 0.94 15.46 -37.83
N PHE E 391 2.05 14.73 -37.98
CA PHE E 391 2.94 15.02 -39.12
C PHE E 391 2.26 14.84 -40.47
N GLN E 392 1.38 13.85 -40.60
CA GLN E 392 0.71 13.69 -41.89
C GLN E 392 -0.18 14.89 -42.19
N LYS E 393 -0.87 15.42 -41.18
CA LYS E 393 -1.67 16.62 -41.39
C LYS E 393 -0.79 17.82 -41.72
N ARG E 394 0.34 17.98 -41.02
CA ARG E 394 1.20 19.12 -41.24
C ARG E 394 1.84 19.09 -42.63
N ILE E 395 2.26 17.92 -43.09
CA ILE E 395 2.91 17.81 -44.40
C ILE E 395 1.93 18.14 -45.52
N ASN E 396 0.66 17.76 -45.34
CA ASN E 396 -0.34 18.00 -46.37
C ASN E 396 -0.73 19.47 -46.50
N GLY E 397 -0.29 20.32 -45.58
CA GLY E 397 -0.54 21.74 -45.66
C GLY E 397 -1.47 22.33 -44.62
N GLU E 398 -1.71 21.64 -43.52
CA GLU E 398 -2.58 22.13 -42.46
C GLU E 398 -1.74 22.78 -41.37
N TRP E 399 -2.36 23.71 -40.64
CA TRP E 399 -1.65 24.53 -39.66
C TRP E 399 -1.89 23.94 -38.27
N VAL E 400 -1.06 22.95 -37.95
CA VAL E 400 -1.08 22.29 -36.66
C VAL E 400 0.34 22.28 -36.11
N SER E 401 0.45 22.11 -34.80
CA SER E 401 1.75 22.09 -34.14
C SER E 401 2.25 20.66 -34.00
N THR E 402 3.49 20.43 -34.41
CA THR E 402 4.10 19.12 -34.35
C THR E 402 5.00 18.96 -33.12
N ASP E 403 4.89 19.86 -32.16
CA ASP E 403 5.57 19.72 -30.89
C ASP E 403 4.85 18.70 -30.02
N PHE E 404 5.62 17.88 -29.29
CA PHE E 404 5.01 16.84 -28.48
C PHE E 404 4.18 17.41 -27.33
N LYS E 405 4.44 18.65 -26.93
CA LYS E 405 3.63 19.30 -25.91
C LYS E 405 2.25 19.72 -26.42
N ASP E 406 2.05 19.72 -27.73
CA ASP E 406 0.79 20.16 -28.33
C ASP E 406 0.02 19.03 -28.98
N MET E 407 0.39 17.79 -28.74
CA MET E 407 -0.36 16.67 -29.28
C MET E 407 -1.66 16.50 -28.49
N PRO E 408 -2.76 16.11 -29.15
CA PRO E 408 -4.00 15.84 -28.42
C PRO E 408 -3.84 14.68 -27.45
N VAL E 409 -4.44 14.82 -26.27
CA VAL E 409 -4.28 13.87 -25.18
C VAL E 409 -5.63 13.24 -24.89
N ASN E 410 -5.61 11.92 -24.68
CA ASN E 410 -6.82 11.13 -24.45
C ASN E 410 -6.59 10.25 -23.24
N GLU E 411 -7.59 9.43 -22.93
CA GLU E 411 -7.39 8.37 -21.94
C GLU E 411 -6.71 7.15 -22.54
N ASN E 412 -6.64 7.06 -23.86
CA ASN E 412 -5.96 5.99 -24.56
C ASN E 412 -4.52 6.31 -24.90
N THR E 413 -4.06 7.51 -24.59
CA THR E 413 -2.68 7.93 -24.84
C THR E 413 -1.93 8.31 -23.58
N GLY E 414 -2.55 9.07 -22.69
CA GLY E 414 -1.82 9.65 -21.58
C GLY E 414 -1.10 10.91 -22.01
N GLU E 415 -0.08 11.27 -21.24
CA GLU E 415 0.73 12.45 -21.55
C GLU E 415 1.91 12.06 -22.41
N PHE E 416 2.29 12.96 -23.31
CA PHE E 416 3.38 12.72 -24.24
C PHE E 416 4.72 13.09 -23.62
N LYS E 417 5.77 12.41 -24.08
CA LYS E 417 7.13 12.63 -23.61
C LYS E 417 8.05 12.89 -24.79
N HIS E 418 9.23 13.40 -24.49
CA HIS E 418 10.23 13.65 -25.53
C HIS E 418 10.71 12.34 -26.15
N SER E 419 10.82 11.29 -25.34
CA SER E 419 11.23 10.00 -25.87
C SER E 419 10.23 9.44 -26.86
N ASP E 420 8.96 9.84 -26.76
CA ASP E 420 7.99 9.45 -27.77
C ASP E 420 8.34 10.03 -29.12
N MET E 421 8.72 11.31 -29.17
CA MET E 421 9.15 11.90 -30.43
C MET E 421 10.44 11.29 -30.93
N VAL E 422 11.36 10.96 -30.02
CA VAL E 422 12.61 10.31 -30.42
C VAL E 422 12.31 8.96 -31.09
N ASN E 423 11.45 8.16 -30.46
CA ASN E 423 11.08 6.87 -31.01
C ASN E 423 10.36 7.01 -32.34
N TYR E 424 9.46 7.98 -32.45
CA TYR E 424 8.76 8.19 -33.71
C TYR E 424 9.72 8.57 -34.83
N ALA E 425 10.67 9.46 -34.54
CA ALA E 425 11.62 9.86 -35.57
C ALA E 425 12.47 8.70 -36.03
N ASN E 426 12.96 7.89 -35.09
CA ASN E 426 13.78 6.74 -35.45
C ASN E 426 12.97 5.75 -36.28
N LYS E 427 11.74 5.46 -35.86
CA LYS E 427 10.90 4.52 -36.58
C LYS E 427 10.58 5.02 -37.98
N LYS E 428 10.27 6.31 -38.11
CA LYS E 428 9.95 6.88 -39.42
C LYS E 428 11.15 6.84 -40.35
N LEU E 429 12.35 7.17 -39.83
CA LEU E 429 13.54 7.12 -40.67
C LEU E 429 13.81 5.70 -41.15
N ALA E 430 13.68 4.72 -40.25
CA ALA E 430 13.88 3.33 -40.65
C ALA E 430 12.85 2.90 -41.70
N GLU E 431 11.59 3.28 -41.50
CA GLU E 431 10.55 2.90 -42.45
C GLU E 431 10.79 3.51 -43.82
N ILE E 432 11.22 4.77 -43.86
CA ILE E 432 11.55 5.40 -45.14
C ILE E 432 12.74 4.71 -45.79
N ASP E 433 13.72 4.30 -44.98
CA ASP E 433 14.87 3.59 -45.51
C ASP E 433 14.50 2.21 -46.05
N SER E 434 13.43 1.60 -45.57
CA SER E 434 13.03 0.27 -46.01
C SER E 434 12.13 0.30 -47.24
N MET E 435 11.88 1.46 -47.82
CA MET E 435 10.98 1.56 -48.97
C MET E 435 11.70 1.20 -50.26
N ASP E 436 10.92 0.68 -51.22
CA ASP E 436 11.45 0.28 -52.52
C ASP E 436 11.23 1.41 -53.53
N ILE E 437 11.98 2.49 -53.34
CA ILE E 437 11.90 3.67 -54.21
C ILE E 437 13.31 4.17 -54.47
N PRO E 438 13.51 4.95 -55.53
CA PRO E 438 14.83 5.54 -55.78
C PRO E 438 15.23 6.49 -54.66
N ASP E 439 16.54 6.78 -54.60
CA ASP E 439 17.08 7.56 -53.49
C ASP E 439 16.55 8.98 -53.49
N GLY E 440 16.24 9.54 -54.66
CA GLY E 440 15.71 10.90 -54.71
C GLY E 440 14.38 11.04 -53.99
N ALA E 441 13.49 10.06 -54.17
CA ALA E 441 12.21 10.08 -53.47
C ALA E 441 12.40 9.97 -51.97
N LYS E 442 13.34 9.12 -51.53
CA LYS E 442 13.63 9.00 -50.12
C LYS E 442 14.14 10.31 -49.55
N ASP E 443 15.03 10.98 -50.27
CA ASP E 443 15.51 12.29 -49.82
C ASP E 443 14.38 13.30 -49.75
N ALA E 444 13.49 13.28 -50.74
CA ALA E 444 12.35 14.21 -50.72
C ALA E 444 11.47 13.98 -49.51
N MET E 445 11.18 12.71 -49.18
CA MET E 445 10.36 12.42 -48.01
C MET E 445 11.06 12.83 -46.73
N LYS E 446 12.35 12.54 -46.60
CA LYS E 446 13.08 12.93 -45.40
C LYS E 446 13.11 14.44 -45.24
N LEU E 447 13.26 15.18 -46.34
CA LEU E 447 13.27 16.63 -46.25
C LEU E 447 11.89 17.19 -45.95
N LYS E 448 10.82 16.53 -46.42
CA LYS E 448 9.48 16.93 -46.03
C LYS E 448 9.28 16.78 -44.53
N TYR E 449 9.73 15.67 -43.97
CA TYR E 449 9.62 15.48 -42.52
C TYR E 449 10.49 16.46 -41.75
N LEU E 450 11.66 16.79 -42.29
CA LEU E 450 12.51 17.80 -41.66
C LEU E 450 11.85 19.17 -41.67
N GLN E 451 11.18 19.53 -42.77
CA GLN E 451 10.56 20.83 -42.88
C GLN E 451 9.33 20.93 -41.97
N ALA E 452 8.55 19.85 -41.87
CA ALA E 452 7.36 19.86 -41.04
C ALA E 452 7.67 19.80 -39.55
N ASP E 453 8.92 19.52 -39.17
CA ASP E 453 9.28 19.33 -37.78
C ASP E 453 9.31 20.66 -37.03
N SER E 454 9.11 20.58 -35.72
CA SER E 454 9.13 21.76 -34.88
C SER E 454 10.56 22.13 -34.50
N LYS E 455 10.71 23.28 -33.84
CA LYS E 455 12.01 23.89 -33.65
C LYS E 455 12.97 22.98 -32.89
N ASP E 456 12.50 22.34 -31.81
CA ASP E 456 13.32 21.46 -31.01
C ASP E 456 12.96 19.99 -31.19
N GLY E 457 12.50 19.63 -32.38
CA GLY E 457 12.10 18.27 -32.67
C GLY E 457 13.29 17.34 -32.85
N ALA E 458 12.97 16.05 -33.00
CA ALA E 458 14.01 15.05 -33.15
C ALA E 458 14.62 15.03 -34.55
N PHE E 459 13.81 15.32 -35.58
CA PHE E 459 14.35 15.40 -36.92
C PHE E 459 15.36 16.53 -37.05
N ARG E 460 15.06 17.68 -36.45
CA ARG E 460 15.98 18.81 -36.49
C ARG E 460 17.18 18.61 -35.58
N THR E 461 17.04 17.77 -34.54
CA THR E 461 18.17 17.47 -33.67
C THR E 461 19.14 16.49 -34.34
N ALA E 462 18.62 15.55 -35.11
CA ALA E 462 19.49 14.61 -35.81
C ALA E 462 20.36 15.32 -36.84
N ILE E 463 19.77 16.24 -37.61
CA ILE E 463 20.54 16.97 -38.61
C ILE E 463 21.28 18.16 -38.02
N GLY E 464 21.00 18.54 -36.77
CA GLY E 464 21.73 19.63 -36.15
C GLY E 464 23.17 19.28 -35.88
N THR E 465 23.47 17.99 -35.73
CA THR E 465 24.86 17.56 -35.59
C THR E 465 25.67 17.87 -36.84
N MET E 466 25.05 17.69 -38.02
CA MET E 466 25.70 18.05 -39.28
C MET E 466 26.05 19.53 -39.32
N VAL E 467 25.11 20.39 -38.94
CA VAL E 467 25.33 21.83 -39.01
C VAL E 467 26.38 22.25 -38.00
N THR E 468 26.31 21.70 -36.79
CA THR E 468 27.33 22.02 -35.77
C THR E 468 28.71 21.61 -36.24
N ASP E 469 28.84 20.40 -36.81
CA ASP E 469 30.13 19.93 -37.27
C ASP E 469 30.65 20.77 -38.43
N ALA E 470 29.76 21.17 -39.36
CA ALA E 470 30.19 21.99 -40.48
C ALA E 470 30.67 23.37 -40.03
N GLY E 471 29.94 23.98 -39.10
CA GLY E 471 30.38 25.27 -38.57
C GLY E 471 31.71 25.16 -37.85
N GLN E 472 31.88 24.10 -37.06
CA GLN E 472 33.15 23.90 -36.36
C GLN E 472 34.29 23.68 -37.35
N GLU E 473 34.04 22.91 -38.42
CA GLU E 473 35.05 22.70 -39.44
C GLU E 473 35.49 24.02 -40.05
N TRP E 474 34.53 24.86 -40.44
CA TRP E 474 34.91 26.12 -41.07
C TRP E 474 35.64 27.05 -40.12
N SER E 475 35.16 27.16 -38.87
CA SER E 475 35.81 28.06 -37.92
C SER E 475 37.21 27.60 -37.58
N ALA E 476 37.40 26.29 -37.38
CA ALA E 476 38.73 25.76 -37.12
C ALA E 476 39.65 25.95 -38.31
N ALA E 477 39.14 25.79 -39.53
CA ALA E 477 39.96 26.02 -40.72
C ALA E 477 40.39 27.47 -40.81
N VAL E 478 39.49 28.40 -40.49
CA VAL E 478 39.86 29.81 -40.51
C VAL E 478 40.93 30.10 -39.47
N ILE E 479 40.78 29.55 -38.27
CA ILE E 479 41.77 29.80 -37.22
C ILE E 479 43.13 29.22 -37.60
N ASN E 480 43.15 27.99 -38.11
CA ASN E 480 44.40 27.33 -38.46
C ASN E 480 44.95 27.74 -39.81
N GLY E 481 44.15 28.42 -40.63
CA GLY E 481 44.64 28.86 -41.94
C GLY E 481 44.79 27.77 -42.97
N LYS E 482 44.11 26.65 -42.80
CA LYS E 482 44.19 25.55 -43.76
C LYS E 482 43.00 24.65 -43.57
N LEU E 483 42.42 24.20 -44.68
CA LEU E 483 41.33 23.24 -44.61
C LEU E 483 41.87 21.85 -44.30
N PRO E 484 41.19 21.09 -43.45
CA PRO E 484 41.62 19.72 -43.18
C PRO E 484 41.40 18.82 -44.39
N GLU E 485 42.05 17.66 -44.35
CA GLU E 485 41.94 16.72 -45.47
C GLU E 485 40.53 16.20 -45.64
N ARG E 486 39.77 16.10 -44.55
CA ARG E 486 38.39 15.61 -44.59
C ARG E 486 37.48 16.64 -43.96
N THR E 487 36.42 17.00 -44.68
CA THR E 487 35.32 17.82 -44.15
C THR E 487 34.01 17.13 -44.48
N PRO E 488 33.72 15.99 -43.84
CA PRO E 488 32.51 15.24 -44.21
C PRO E 488 31.22 16.00 -43.95
N ALA E 489 31.17 16.80 -42.90
CA ALA E 489 29.93 17.51 -42.57
C ALA E 489 29.62 18.59 -43.59
N MET E 490 30.64 19.33 -44.03
CA MET E 490 30.41 20.36 -45.03
C MET E 490 29.98 19.74 -46.35
N ASP E 491 30.59 18.62 -46.75
CA ASP E 491 30.19 17.96 -47.98
C ASP E 491 28.75 17.45 -47.90
N ALA E 492 28.39 16.84 -46.77
CA ALA E 492 27.02 16.34 -46.61
C ALA E 492 26.01 17.48 -46.64
N LEU E 493 26.31 18.58 -45.94
CA LEU E 493 25.39 19.71 -45.92
C LEU E 493 25.28 20.36 -47.28
N ARG E 494 26.39 20.43 -48.02
CA ARG E 494 26.34 20.99 -49.36
C ARG E 494 25.52 20.12 -50.30
N ARG E 495 25.63 18.80 -50.19
CA ARG E 495 24.81 17.92 -51.01
C ARG E 495 23.33 18.07 -50.66
N ILE E 496 23.01 18.17 -49.38
CA ILE E 496 21.62 18.37 -48.97
C ILE E 496 21.11 19.71 -49.51
N ARG E 497 21.95 20.75 -49.48
CA ARG E 497 21.59 22.03 -50.08
C ARG E 497 21.31 21.87 -51.56
N ASN E 498 22.15 21.12 -52.27
CA ASN E 498 21.91 20.87 -53.69
C ASN E 498 20.59 20.16 -53.92
N ALA E 499 20.17 19.32 -52.96
CA ALA E 499 18.86 18.70 -53.07
C ALA E 499 17.73 19.70 -52.87
N ASP E 500 17.87 20.61 -51.89
CA ASP E 500 16.81 21.57 -51.57
C ASP E 500 17.46 22.86 -51.05
N PRO E 501 17.62 23.87 -51.90
CA PRO E 501 18.31 25.10 -51.47
C PRO E 501 17.47 25.99 -50.56
N GLN E 502 16.17 26.09 -50.85
CA GLN E 502 15.33 27.01 -50.09
C GLN E 502 15.14 26.54 -48.65
N LEU E 503 15.02 25.22 -48.44
CA LEU E 503 14.89 24.71 -47.08
C LEU E 503 16.14 24.98 -46.25
N ILE E 504 17.32 24.78 -46.84
CA ILE E 504 18.56 25.01 -46.12
C ILE E 504 18.75 26.50 -45.84
N ALA E 505 18.40 27.35 -46.80
CA ALA E 505 18.47 28.79 -46.57
C ALA E 505 17.49 29.23 -45.49
N ALA E 506 16.33 28.57 -45.40
CA ALA E 506 15.35 28.93 -44.37
C ALA E 506 15.80 28.49 -42.99
N LEU E 507 16.44 27.32 -42.89
CA LEU E 507 16.79 26.77 -41.59
C LEU E 507 18.17 27.21 -41.11
N TYR E 508 19.18 27.20 -41.99
CA TYR E 508 20.56 27.49 -41.62
C TYR E 508 21.12 28.54 -42.56
N PRO E 509 20.76 29.81 -42.35
CA PRO E 509 21.19 30.87 -43.27
C PRO E 509 22.70 31.04 -43.39
N ASP E 510 23.45 30.85 -42.29
CA ASP E 510 24.88 31.09 -42.32
C ASP E 510 25.59 30.11 -43.25
N GLN E 511 25.26 28.83 -43.13
CA GLN E 511 25.86 27.83 -44.01
C GLN E 511 25.41 28.03 -45.45
N ALA E 512 24.17 28.47 -45.67
CA ALA E 512 23.71 28.75 -47.02
C ALA E 512 24.51 29.87 -47.66
N GLU E 513 24.75 30.95 -46.92
CA GLU E 513 25.55 32.05 -47.46
C GLU E 513 26.98 31.61 -47.73
N LEU E 514 27.56 30.82 -46.81
CA LEU E 514 28.90 30.31 -47.04
C LEU E 514 28.96 29.45 -48.31
N PHE E 515 27.95 28.60 -48.51
CA PHE E 515 27.95 27.74 -49.70
C PHE E 515 27.76 28.55 -50.96
N LEU E 516 26.97 29.62 -50.92
CA LEU E 516 26.84 30.47 -52.09
C LEU E 516 28.15 31.17 -52.44
N THR E 517 28.86 31.66 -51.42
CA THR E 517 30.18 32.25 -51.66
C THR E 517 31.14 31.24 -52.26
N MET E 518 31.16 30.02 -51.70
CA MET E 518 32.04 28.97 -52.22
C MET E 518 31.67 28.61 -53.65
N ASP E 519 30.38 28.61 -53.97
CA ASP E 519 29.95 28.31 -55.34
C ASP E 519 30.45 29.37 -56.31
N MET E 520 30.35 30.65 -55.94
CA MET E 520 30.84 31.71 -56.81
C MET E 520 32.35 31.59 -57.02
N MET E 521 33.09 31.34 -55.94
CA MET E 521 34.54 31.16 -56.07
C MET E 521 34.86 29.95 -56.94
N ASP E 522 34.13 28.85 -56.78
CA ASP E 522 34.38 27.66 -57.58
C ASP E 522 34.14 27.93 -59.06
N LYS E 523 33.09 28.68 -59.38
CA LYS E 523 32.82 29.01 -60.77
C LYS E 523 33.86 29.95 -61.34
N GLN E 524 34.45 30.82 -60.51
CA GLN E 524 35.57 31.63 -61.00
C GLN E 524 36.87 30.86 -61.07
N GLY E 525 36.95 29.67 -60.48
CA GLY E 525 38.20 28.92 -60.47
C GLY E 525 39.16 29.30 -59.38
N ILE E 526 38.66 29.66 -58.20
CA ILE E 526 39.47 30.18 -57.11
C ILE E 526 39.45 29.18 -55.96
N ASP E 527 40.62 28.91 -55.38
CA ASP E 527 40.73 27.94 -54.32
C ASP E 527 40.17 28.51 -53.01
N PRO E 528 39.62 27.65 -52.13
CA PRO E 528 39.08 28.16 -50.85
C PRO E 528 40.12 28.80 -49.94
N GLN E 529 41.42 28.61 -50.21
CA GLN E 529 42.44 29.27 -49.40
C GLN E 529 42.31 30.78 -49.46
N VAL E 530 41.81 31.32 -50.58
CA VAL E 530 41.58 32.75 -50.67
C VAL E 530 40.51 33.20 -49.68
N ILE E 531 39.41 32.44 -49.59
CA ILE E 531 38.37 32.77 -48.62
C ILE E 531 38.92 32.65 -47.20
N LEU E 532 39.73 31.62 -46.95
CA LEU E 532 40.32 31.47 -45.63
C LEU E 532 41.20 32.67 -45.27
N ASP E 533 42.03 33.13 -46.22
CA ASP E 533 42.88 34.29 -45.96
C ASP E 533 42.07 35.54 -45.70
N ALA E 534 41.02 35.76 -46.49
CA ALA E 534 40.20 36.94 -46.29
C ALA E 534 39.51 36.91 -44.93
N ASP E 535 38.99 35.75 -44.54
CA ASP E 535 38.36 35.63 -43.23
C ASP E 535 39.37 35.83 -42.11
N ARG E 536 40.59 35.30 -42.28
CA ARG E 536 41.62 35.48 -41.27
C ARG E 536 42.01 36.95 -41.12
N LEU E 537 42.08 37.67 -42.24
CA LEU E 537 42.39 39.09 -42.17
C LEU E 537 41.27 39.87 -41.48
N THR E 538 40.01 39.52 -41.78
CA THR E 538 38.90 40.28 -41.22
C THR E 538 38.62 39.96 -39.75
N VAL E 539 38.85 38.71 -39.32
CA VAL E 539 38.43 38.30 -37.99
C VAL E 539 39.26 38.97 -36.91
N LYS E 540 40.52 39.29 -37.20
CA LYS E 540 41.43 39.88 -36.24
C LYS E 540 41.29 41.39 -36.15
N ARG E 541 40.13 41.92 -36.51
CA ARG E 541 39.96 43.34 -36.72
C ARG E 541 38.64 43.77 -36.08
N SER E 542 38.67 44.90 -35.37
CA SER E 542 37.52 45.33 -34.60
C SER E 542 36.44 45.91 -35.52
N LYS E 543 35.25 46.11 -34.95
CA LYS E 543 34.12 46.62 -35.73
C LYS E 543 34.36 48.05 -36.19
N GLU E 544 35.13 48.83 -35.43
CA GLU E 544 35.42 50.20 -35.84
C GLU E 544 36.40 50.24 -36.99
N GLN E 545 37.36 49.31 -37.02
CA GLN E 545 38.33 49.26 -38.11
C GLN E 545 37.74 48.68 -39.38
N ARG E 546 36.74 47.81 -39.27
CA ARG E 546 36.12 47.22 -40.44
C ARG E 546 35.40 48.28 -41.28
N PHE E 547 34.77 49.25 -40.61
CA PHE E 547 34.12 50.35 -41.34
C PHE E 547 35.15 51.17 -42.11
N GLU E 548 36.29 51.46 -41.49
CA GLU E 548 37.34 52.19 -42.19
C GLU E 548 37.88 51.40 -43.37
N ASP E 549 38.07 50.09 -43.19
CA ASP E 549 38.53 49.25 -44.29
C ASP E 549 37.53 49.24 -45.45
N ASP E 550 36.24 49.12 -45.14
CA ASP E 550 35.23 49.12 -46.19
C ASP E 550 35.20 50.45 -46.93
N LYS E 551 35.28 51.56 -46.18
CA LYS E 551 35.29 52.87 -46.83
C LYS E 551 36.51 53.04 -47.72
N ALA E 552 37.69 52.60 -47.25
CA ALA E 552 38.90 52.71 -48.05
C ALA E 552 38.80 51.87 -49.32
N PHE E 553 38.29 50.65 -49.20
CA PHE E 553 38.16 49.79 -50.38
C PHE E 553 37.19 50.39 -51.39
N GLU E 554 36.03 50.89 -50.92
CA GLU E 554 35.08 51.48 -51.84
C GLU E 554 35.63 52.74 -52.50
N SER E 555 36.37 53.56 -51.75
CA SER E 555 36.97 54.74 -52.32
C SER E 555 38.03 54.38 -53.36
N ALA E 556 38.82 53.33 -53.10
CA ALA E 556 39.80 52.89 -54.07
C ALA E 556 39.14 52.38 -55.35
N LEU E 557 38.01 51.66 -55.19
CA LEU E 557 37.30 51.17 -56.37
C LEU E 557 36.69 52.30 -57.17
N ASN E 558 36.02 53.23 -56.51
CA ASN E 558 35.32 54.31 -57.22
C ASN E 558 36.28 55.26 -57.90
N ALA E 559 37.53 55.33 -57.46
CA ALA E 559 38.53 56.19 -58.07
C ALA E 559 39.25 55.53 -59.25
N SER E 560 38.90 54.29 -59.58
CA SER E 560 39.56 53.60 -60.67
C SER E 560 39.12 54.17 -62.01
N LYS E 561 39.89 53.85 -63.05
CA LYS E 561 39.62 54.32 -64.39
C LYS E 561 38.94 53.29 -65.27
N ALA E 562 39.14 52.00 -65.00
CA ALA E 562 38.50 50.96 -65.78
C ALA E 562 37.01 50.91 -65.45
N PRO E 563 36.13 50.88 -66.46
CA PRO E 563 34.69 50.81 -66.18
C PRO E 563 34.28 49.57 -65.41
N GLU E 564 34.96 48.44 -65.60
CA GLU E 564 34.63 47.21 -64.90
C GLU E 564 34.86 47.32 -63.41
N ILE E 565 35.75 48.21 -62.98
CA ILE E 565 36.11 48.33 -61.57
C ILE E 565 35.33 49.44 -60.89
N ALA E 566 35.16 50.58 -61.55
CA ALA E 566 34.50 51.72 -60.95
C ALA E 566 33.01 51.52 -60.77
N ARG E 567 32.39 50.64 -61.56
CA ARG E 567 30.94 50.43 -61.54
C ARG E 567 30.64 48.94 -61.49
N MET E 568 31.29 48.26 -60.56
CA MET E 568 31.18 46.83 -60.32
C MET E 568 29.91 46.52 -59.53
N PRO E 569 29.19 45.46 -59.89
CA PRO E 569 28.04 45.04 -59.08
C PRO E 569 28.49 44.52 -57.72
N ALA E 570 27.55 44.56 -56.76
CA ALA E 570 27.88 44.20 -55.39
C ALA E 570 28.29 42.74 -55.25
N SER E 571 27.61 41.84 -55.97
CA SER E 571 27.93 40.42 -55.87
C SER E 571 29.33 40.13 -56.38
N LEU E 572 29.72 40.79 -57.48
CA LEU E 572 31.11 40.67 -57.94
C LEU E 572 32.07 41.39 -57.00
N ARG E 573 31.61 42.47 -56.38
CA ARG E 573 32.45 43.24 -55.47
C ARG E 573 32.84 42.42 -54.24
N GLU E 574 31.95 41.51 -53.80
CA GLU E 574 32.30 40.67 -52.66
C GLU E 574 33.49 39.76 -52.97
N SER E 575 33.44 39.08 -54.12
CA SER E 575 34.56 38.22 -54.52
C SER E 575 35.82 39.02 -54.79
N ALA E 576 35.67 40.20 -55.39
CA ALA E 576 36.82 41.07 -55.60
C ALA E 576 37.47 41.47 -54.28
N ARG E 577 36.63 41.79 -53.28
CA ARG E 577 37.15 42.14 -51.97
C ARG E 577 37.88 40.96 -51.34
N LYS E 578 37.36 39.75 -51.52
CA LYS E 578 38.05 38.58 -50.97
C LYS E 578 39.41 38.36 -51.62
N ILE E 579 39.49 38.52 -52.96
CA ILE E 579 40.77 38.36 -53.64
C ILE E 579 41.76 39.43 -53.17
N TYR E 580 41.30 40.67 -53.09
CA TYR E 580 42.15 41.77 -52.63
C TYR E 580 42.63 41.53 -51.22
N ASP E 581 41.74 41.07 -50.34
CA ASP E 581 42.10 40.81 -48.96
C ASP E 581 43.12 39.68 -48.84
N SER E 582 42.97 38.64 -49.66
CA SER E 582 43.94 37.55 -49.63
C SER E 582 45.32 38.04 -50.04
N VAL E 583 45.40 38.81 -51.13
CA VAL E 583 46.71 39.29 -51.59
C VAL E 583 47.30 40.28 -50.59
N LYS E 584 46.45 41.11 -49.97
CA LYS E 584 46.92 42.07 -48.98
C LYS E 584 47.29 41.40 -47.66
N TYR E 585 46.79 40.20 -47.41
CA TYR E 585 47.12 39.47 -46.19
C TYR E 585 48.41 38.67 -46.33
N ARG E 586 48.62 38.02 -47.46
CA ARG E 586 49.81 37.19 -47.59
C ARG E 586 51.08 38.01 -47.80
N SER E 587 50.95 39.20 -48.37
CA SER E 587 52.02 40.19 -48.37
C SER E 587 51.59 41.37 -47.50
N GLY E 588 52.41 42.40 -47.47
CA GLY E 588 52.02 43.64 -46.83
C GLY E 588 51.64 44.75 -47.79
N ASN E 589 51.60 44.46 -49.08
CA ASN E 589 51.49 45.48 -50.12
C ASN E 589 50.03 45.65 -50.51
N GLU E 590 49.48 46.84 -50.25
CA GLU E 590 48.13 47.14 -50.72
C GLU E 590 48.11 47.53 -52.18
N SER E 591 49.18 48.16 -52.67
CA SER E 591 49.27 48.48 -54.09
C SER E 591 49.34 47.22 -54.94
N MET E 592 50.12 46.23 -54.49
CA MET E 592 50.15 44.94 -55.17
C MET E 592 48.78 44.28 -55.16
N ALA E 593 48.08 44.32 -54.02
CA ALA E 593 46.76 43.72 -53.94
C ALA E 593 45.80 44.38 -54.92
N MET E 594 45.83 45.72 -54.99
CA MET E 594 44.96 46.42 -55.92
C MET E 594 45.28 46.07 -57.36
N GLU E 595 46.56 46.04 -57.72
CA GLU E 595 46.92 45.73 -59.10
C GLU E 595 46.56 44.29 -59.45
N GLN E 596 46.74 43.35 -58.52
CA GLN E 596 46.39 41.96 -58.77
C GLN E 596 44.88 41.81 -58.97
N MET E 597 44.09 42.42 -58.10
CA MET E 597 42.64 42.37 -58.25
C MET E 597 42.19 42.97 -59.59
N THR E 598 42.73 44.14 -59.92
CA THR E 598 42.31 44.81 -61.15
C THR E 598 42.69 44.00 -62.38
N LYS E 599 43.89 43.43 -62.40
CA LYS E 599 44.30 42.63 -63.55
C LYS E 599 43.48 41.35 -63.65
N PHE E 600 43.19 40.70 -62.52
CA PHE E 600 42.37 39.50 -62.56
C PHE E 600 40.98 39.80 -63.07
N LEU E 601 40.40 40.92 -62.65
CA LEU E 601 39.03 41.24 -63.03
C LEU E 601 38.93 41.79 -64.46
N LYS E 602 39.99 42.44 -64.95
CA LYS E 602 39.94 42.98 -66.31
C LYS E 602 39.89 41.89 -67.36
N GLU E 603 40.65 40.82 -67.17
CA GLU E 603 40.83 39.80 -68.19
C GLU E 603 39.87 38.63 -68.04
N SER E 604 38.95 38.67 -67.09
CA SER E 604 37.99 37.60 -66.91
C SER E 604 36.54 38.05 -66.91
N THR E 605 36.27 39.35 -67.00
CA THR E 605 34.91 39.87 -67.02
C THR E 605 34.75 40.80 -68.22
N TYR E 606 33.49 41.03 -68.59
CA TYR E 606 33.15 41.92 -69.69
C TYR E 606 32.02 42.83 -69.24
N THR E 607 32.15 44.13 -69.50
CA THR E 607 31.16 45.12 -69.12
C THR E 607 30.29 45.48 -70.33
N PHE E 608 28.98 45.36 -70.16
CA PHE E 608 28.03 45.71 -71.21
C PHE E 608 27.65 47.18 -71.08
N THR E 609 27.45 47.82 -72.23
CA THR E 609 27.12 49.23 -72.28
C THR E 609 25.79 49.43 -72.98
N GLY E 610 25.12 50.54 -72.65
CA GLY E 610 23.87 50.91 -73.26
C GLY E 610 23.97 52.26 -73.95
N ASP E 611 22.98 52.56 -74.76
CA ASP E 611 22.93 53.80 -75.52
C ASP E 611 22.31 54.89 -74.67
N ASP E 612 23.06 55.99 -74.48
CA ASP E 612 22.62 57.13 -73.68
C ASP E 612 22.29 56.67 -72.26
N VAL E 613 23.33 56.22 -71.56
CA VAL E 613 23.22 55.80 -70.17
C VAL E 613 24.25 56.61 -69.38
N ASP E 614 23.81 57.21 -68.28
CA ASP E 614 24.72 57.97 -67.42
C ASP E 614 25.67 56.99 -66.74
N GLY E 615 26.95 57.09 -67.06
CA GLY E 615 27.94 56.13 -66.62
C GLY E 615 28.20 55.02 -67.61
N ASP E 616 27.27 54.78 -68.54
CA ASP E 616 27.40 53.92 -69.71
C ASP E 616 27.39 52.43 -69.41
N THR E 617 27.36 52.02 -68.13
CA THR E 617 27.46 50.62 -67.76
C THR E 617 26.09 50.10 -67.35
N VAL E 618 25.71 48.94 -67.90
CA VAL E 618 24.44 48.29 -67.56
C VAL E 618 24.62 46.91 -66.97
N GLY E 619 25.86 46.45 -66.80
CA GLY E 619 26.10 45.15 -66.19
C GLY E 619 27.50 44.66 -66.49
N VAL E 620 27.94 43.72 -65.66
CA VAL E 620 29.24 43.07 -65.82
C VAL E 620 29.03 41.57 -65.72
N ILE E 621 29.52 40.84 -66.71
CA ILE E 621 29.32 39.39 -66.78
C ILE E 621 30.68 38.70 -66.90
N PRO E 622 30.94 37.64 -66.13
CA PRO E 622 32.17 36.87 -66.35
C PRO E 622 32.21 36.26 -67.74
N LYS E 623 33.42 36.19 -68.30
CA LYS E 623 33.57 35.75 -69.68
C LYS E 623 33.25 34.27 -69.86
N ASN E 624 33.58 33.44 -68.88
CA ASN E 624 33.35 32.01 -69.03
C ASN E 624 31.88 31.62 -68.93
N MET E 625 31.01 32.54 -68.54
CA MET E 625 29.58 32.29 -68.53
C MET E 625 28.92 32.59 -69.87
N MET E 626 29.66 33.17 -70.82
CA MET E 626 29.16 33.46 -72.15
C MET E 626 29.79 32.57 -73.22
N GLN E 627 30.43 31.48 -72.82
CA GLN E 627 31.05 30.58 -73.77
C GLN E 627 30.02 29.69 -74.43
N VAL E 628 30.15 29.52 -75.75
CA VAL E 628 29.28 28.60 -76.48
C VAL E 628 29.97 27.27 -76.78
N ASN E 629 31.27 27.18 -76.59
CA ASN E 629 32.05 25.97 -76.82
C ASN E 629 32.86 25.65 -75.57
N SER E 630 33.75 24.67 -75.69
CA SER E 630 34.79 24.47 -74.68
C SER E 630 35.98 25.38 -74.89
N ASP E 631 36.05 26.06 -76.03
CA ASP E 631 37.13 27.00 -76.31
C ASP E 631 36.84 28.33 -75.62
N PRO E 632 37.76 28.84 -74.78
CA PRO E 632 37.49 30.13 -74.13
C PRO E 632 37.26 31.27 -75.09
N LYS E 633 37.95 31.26 -76.23
CA LYS E 633 37.80 32.35 -77.20
C LYS E 633 36.38 32.46 -77.73
N SER E 634 35.56 31.41 -77.55
CA SER E 634 34.17 31.45 -77.97
C SER E 634 33.32 32.38 -77.12
N TRP E 635 33.86 32.93 -76.03
CA TRP E 635 33.10 33.86 -75.22
C TRP E 635 32.61 35.05 -76.03
N GLU E 636 33.33 35.38 -77.11
CA GLU E 636 32.93 36.50 -77.95
C GLU E 636 31.65 36.21 -78.72
N GLN E 637 31.42 34.94 -79.08
CA GLN E 637 30.19 34.59 -79.77
C GLN E 637 28.99 34.73 -78.84
N GLY E 638 29.07 34.15 -77.64
CA GLY E 638 27.97 34.23 -76.71
C GLY E 638 27.63 35.64 -76.30
N ARG E 639 28.62 36.53 -76.28
CA ARG E 639 28.34 37.94 -76.03
C ARG E 639 27.45 38.51 -77.14
N ASP E 640 27.76 38.19 -78.39
CA ASP E 640 26.98 38.74 -79.50
C ASP E 640 25.53 38.30 -79.40
N ILE E 641 25.30 37.01 -79.14
CA ILE E 641 23.94 36.52 -78.95
C ILE E 641 23.26 37.29 -77.83
N LEU E 642 24.01 37.64 -76.78
CA LEU E 642 23.42 38.43 -75.71
C LEU E 642 23.15 39.85 -76.17
N GLU E 643 24.09 40.44 -76.92
CA GLU E 643 23.95 41.85 -77.29
C GLU E 643 22.78 42.07 -78.24
N GLU E 644 22.51 41.11 -79.12
CA GLU E 644 21.32 41.20 -79.96
C GLU E 644 20.05 40.85 -79.19
N ALA E 645 20.17 40.13 -78.08
CA ALA E 645 18.98 39.79 -77.31
C ALA E 645 18.39 41.03 -76.63
N ARG E 646 19.23 41.80 -75.93
CA ARG E 646 18.73 42.96 -75.21
C ARG E 646 18.26 44.04 -76.18
N LYS E 647 18.80 44.07 -77.40
CA LYS E 647 18.27 44.99 -78.40
C LYS E 647 16.93 44.51 -78.93
N GLY E 648 16.71 43.19 -78.98
CA GLY E 648 15.44 42.68 -79.46
C GLY E 648 14.33 42.79 -78.45
N ILE E 649 14.66 42.69 -77.16
CA ILE E 649 13.64 42.80 -76.12
C ILE E 649 13.17 44.26 -76.00
N ILE E 650 14.10 45.21 -76.09
CA ILE E 650 13.74 46.62 -75.99
C ILE E 650 12.81 47.00 -77.13
N ALA E 651 13.04 46.44 -78.32
CA ALA E 651 12.16 46.72 -79.45
C ALA E 651 10.78 46.12 -79.25
N SER E 652 10.70 44.96 -78.60
CA SER E 652 9.41 44.32 -78.35
C SER E 652 8.66 44.95 -77.18
N ASN E 653 9.35 45.61 -76.27
CA ASN E 653 8.75 46.25 -75.10
C ASN E 653 9.21 47.70 -75.02
N PRO E 654 8.72 48.56 -75.91
CA PRO E 654 9.20 49.95 -75.92
C PRO E 654 8.71 50.78 -74.74
N TRP E 655 7.76 50.27 -73.95
CA TRP E 655 7.18 51.03 -72.86
C TRP E 655 8.07 51.10 -71.62
N ILE E 656 9.18 50.35 -71.60
CA ILE E 656 10.03 50.30 -70.41
C ILE E 656 10.64 51.68 -70.18
N THR E 657 11.22 51.87 -68.98
CA THR E 657 11.42 53.22 -68.44
C THR E 657 12.22 54.10 -69.39
N ASN E 658 13.47 53.75 -69.65
CA ASN E 658 14.33 54.53 -70.54
C ASN E 658 14.79 53.70 -71.72
N LYS E 659 14.02 52.67 -72.08
CA LYS E 659 14.44 51.68 -73.07
C LYS E 659 15.76 51.04 -72.66
N GLN E 660 15.88 50.70 -71.38
CA GLN E 660 17.12 50.18 -70.83
C GLN E 660 16.84 48.89 -70.07
N LEU E 661 17.78 47.95 -70.17
CA LEU E 661 17.74 46.72 -69.42
C LEU E 661 19.04 46.55 -68.65
N THR E 662 18.95 45.94 -67.47
CA THR E 662 20.12 45.56 -66.71
C THR E 662 20.43 44.09 -66.97
N MET E 663 21.72 43.77 -67.01
CA MET E 663 22.21 42.43 -67.27
C MET E 663 22.91 41.93 -66.02
N TYR E 664 22.43 40.81 -65.47
CA TYR E 664 22.88 40.36 -64.17
C TYR E 664 23.19 38.87 -64.22
N SER E 665 24.38 38.48 -63.76
CA SER E 665 24.77 37.08 -63.74
C SER E 665 24.56 36.53 -62.34
N GLN E 666 23.70 35.53 -62.22
CA GLN E 666 23.42 34.88 -60.93
C GLN E 666 23.58 33.38 -61.12
N GLY E 667 24.43 32.77 -60.30
CA GLY E 667 24.66 31.34 -60.41
C GLY E 667 25.22 31.01 -61.78
N ASP E 668 24.45 30.24 -62.55
CA ASP E 668 24.83 29.84 -63.90
C ASP E 668 23.94 30.50 -64.96
N SER E 669 23.22 31.55 -64.61
CA SER E 669 22.27 32.17 -65.52
C SER E 669 22.55 33.65 -65.65
N ILE E 670 22.08 34.22 -66.75
CA ILE E 670 22.18 35.64 -67.05
C ILE E 670 20.77 36.17 -67.24
N TYR E 671 20.43 37.25 -66.52
CA TYR E 671 19.10 37.81 -66.51
C TYR E 671 19.10 39.18 -67.16
N LEU E 672 18.18 39.37 -68.11
CA LEU E 672 17.88 40.65 -68.72
C LEU E 672 16.61 41.17 -68.07
N MET E 673 16.70 42.29 -67.35
CA MET E 673 15.54 42.74 -66.58
C MET E 673 15.36 44.24 -66.70
N ASP E 674 14.12 44.69 -66.65
CA ASP E 674 13.79 46.10 -66.71
C ASP E 674 13.61 46.66 -65.30
N THR E 675 13.15 47.91 -65.22
CA THR E 675 13.05 48.59 -63.92
C THR E 675 11.93 48.01 -63.06
N THR E 676 10.79 47.69 -63.67
CA THR E 676 9.65 47.19 -62.90
C THR E 676 9.71 45.69 -62.65
N GLY E 677 10.60 44.97 -63.33
CA GLY E 677 10.66 43.53 -63.18
C GLY E 677 9.63 42.77 -63.98
N GLN E 678 8.78 43.46 -64.74
CA GLN E 678 7.77 42.76 -65.55
C GLN E 678 8.39 42.11 -66.78
N VAL E 679 9.50 42.64 -67.26
CA VAL E 679 10.24 42.04 -68.36
C VAL E 679 11.48 41.38 -67.77
N ARG E 680 11.51 40.05 -67.80
CA ARG E 680 12.64 39.29 -67.28
C ARG E 680 12.90 38.12 -68.20
N VAL E 681 14.13 38.02 -68.69
CA VAL E 681 14.52 36.97 -69.63
C VAL E 681 15.78 36.29 -69.09
N ARG E 682 15.78 34.96 -69.12
CA ARG E 682 16.89 34.17 -68.59
C ARG E 682 17.63 33.45 -69.70
N TYR E 683 18.96 33.48 -69.62
CA TYR E 683 19.84 32.77 -70.53
C TYR E 683 20.80 31.92 -69.73
N ASP E 684 21.30 30.86 -70.34
CA ASP E 684 22.34 30.03 -69.76
C ASP E 684 23.19 29.47 -70.89
N LYS E 685 24.25 28.73 -70.52
CA LYS E 685 25.17 28.24 -71.54
C LYS E 685 24.51 27.23 -72.46
N GLU E 686 23.53 26.47 -71.96
CA GLU E 686 22.81 25.54 -72.83
C GLU E 686 22.00 26.29 -73.89
N LEU E 687 21.25 27.31 -73.46
CA LEU E 687 20.44 28.06 -74.41
C LEU E 687 21.31 28.89 -75.35
N LEU E 688 22.40 29.45 -74.85
CA LEU E 688 23.33 30.17 -75.71
C LEU E 688 23.94 29.25 -76.76
N SER E 689 24.33 28.04 -76.34
CA SER E 689 24.87 27.07 -77.28
C SER E 689 23.83 26.68 -78.33
N LYS E 690 22.58 26.47 -77.91
CA LYS E 690 21.54 26.11 -78.86
C LYS E 690 21.30 27.21 -79.88
N VAL E 691 21.23 28.46 -79.41
CA VAL E 691 21.03 29.58 -80.32
C VAL E 691 22.21 29.71 -81.29
N TRP E 692 23.43 29.54 -80.78
CA TRP E 692 24.60 29.61 -81.64
C TRP E 692 24.59 28.50 -82.69
N SER E 693 24.21 27.29 -82.29
CA SER E 693 24.15 26.18 -83.24
C SER E 693 23.11 26.43 -84.32
N GLU E 694 21.94 26.94 -83.92
CA GLU E 694 20.91 27.27 -84.92
C GLU E 694 21.41 28.35 -85.88
N ASN E 695 22.06 29.38 -85.35
CA ASN E 695 22.59 30.43 -86.22
C ASN E 695 23.64 29.89 -87.18
N GLN E 696 24.52 29.02 -86.69
CA GLN E 696 25.53 28.41 -87.55
C GLN E 696 24.90 27.57 -88.65
N LYS E 697 23.87 26.79 -88.30
CA LYS E 697 23.21 25.98 -89.31
C LYS E 697 22.56 26.84 -90.38
N LYS E 698 21.86 27.90 -89.96
CA LYS E 698 21.24 28.80 -90.92
C LYS E 698 22.29 29.45 -91.82
N LEU E 699 23.39 29.93 -91.23
CA LEU E 699 24.41 30.60 -92.01
C LEU E 699 25.08 29.66 -93.00
N GLU E 700 25.38 28.43 -92.57
CA GLU E 700 26.07 27.51 -93.46
C GLU E 700 25.15 27.02 -94.57
N GLU E 701 23.85 26.81 -94.27
CA GLU E 701 22.94 26.41 -95.34
C GLU E 701 22.71 27.55 -96.32
N LYS E 702 22.67 28.80 -95.83
CA LYS E 702 22.56 29.93 -96.74
C LYS E 702 23.80 30.06 -97.61
N ALA E 703 24.99 29.81 -97.06
CA ALA E 703 26.20 29.84 -97.87
C ALA E 703 26.22 28.72 -98.90
N ARG E 704 25.77 27.52 -98.51
CA ARG E 704 25.78 26.39 -99.43
C ARG E 704 24.80 26.61 -100.57
N GLU E 705 23.56 26.95 -100.26
CA GLU E 705 22.50 27.06 -101.26
C GLU E 705 22.39 28.46 -101.85
N LYS E 706 23.43 29.28 -101.73
CA LYS E 706 23.45 30.61 -102.34
C LYS E 706 24.87 31.12 -102.47
N MET F 1 -31.50 4.82 -9.82
CA MET F 1 -32.37 4.03 -10.69
C MET F 1 -32.87 2.76 -9.99
N ASP F 2 -34.09 2.83 -9.48
CA ASP F 2 -34.72 1.73 -8.76
C ASP F 2 -36.15 1.56 -9.24
N LYS F 3 -36.53 0.30 -9.46
CA LYS F 3 -37.91 -0.08 -9.83
C LYS F 3 -38.38 0.60 -11.11
N TYR F 4 -37.46 1.12 -11.93
CA TYR F 4 -37.72 1.59 -13.28
C TYR F 4 -38.54 2.88 -13.29
N ASP F 5 -39.04 3.29 -12.13
CA ASP F 5 -39.83 4.51 -12.00
C ASP F 5 -41.05 4.47 -12.94
N LYS F 6 -41.97 3.56 -12.63
CA LYS F 6 -43.15 3.38 -13.47
C LYS F 6 -44.03 4.62 -13.48
N ASN F 7 -44.31 5.17 -12.29
CA ASN F 7 -45.22 6.29 -12.15
C ASN F 7 -44.51 7.62 -11.92
N VAL F 8 -43.22 7.69 -12.24
CA VAL F 8 -42.50 8.97 -12.19
C VAL F 8 -43.16 9.94 -13.18
N PRO F 9 -43.16 11.26 -12.95
CA PRO F 9 -43.61 12.16 -14.01
C PRO F 9 -42.89 11.91 -15.32
N SER F 10 -43.65 11.46 -16.31
CA SER F 10 -43.12 10.88 -17.54
C SER F 10 -42.39 11.95 -18.33
N ASP F 11 -41.06 11.82 -18.38
CA ASP F 11 -40.23 12.78 -19.09
C ASP F 11 -40.03 12.36 -20.55
N TYR F 12 -40.36 13.26 -21.46
CA TYR F 12 -40.11 13.09 -22.90
C TYR F 12 -40.74 11.79 -23.41
N ASP F 13 -41.99 11.55 -23.04
CA ASP F 13 -42.73 10.38 -23.49
C ASP F 13 -43.84 10.73 -24.47
N GLY F 14 -43.79 11.90 -25.07
CA GLY F 14 -44.77 12.28 -26.08
C GLY F 14 -44.56 11.59 -27.40
N LEU F 15 -43.81 10.50 -27.39
CA LEU F 15 -43.50 9.75 -28.61
C LEU F 15 -43.86 8.28 -28.52
N PHE F 16 -43.89 7.68 -27.33
CA PHE F 16 -44.13 6.25 -27.19
C PHE F 16 -45.57 5.87 -27.50
N GLN F 17 -46.55 6.69 -27.08
CA GLN F 17 -47.94 6.35 -27.36
C GLN F 17 -48.21 6.30 -28.85
N LYS F 18 -47.69 7.28 -29.60
CA LYS F 18 -47.94 7.34 -31.03
C LYS F 18 -47.31 6.17 -31.75
N ALA F 19 -46.06 5.84 -31.40
CA ALA F 19 -45.41 4.69 -32.01
C ALA F 19 -46.13 3.39 -31.66
N ALA F 20 -46.59 3.27 -30.41
CA ALA F 20 -47.30 2.08 -29.98
C ALA F 20 -48.60 1.91 -30.76
N ASP F 21 -49.35 3.00 -30.94
CA ASP F 21 -50.59 2.91 -31.70
C ASP F 21 -50.33 2.66 -33.18
N ALA F 22 -49.27 3.25 -33.72
CA ALA F 22 -48.94 3.05 -35.13
C ALA F 22 -48.55 1.61 -35.42
N ASN F 23 -47.75 1.01 -34.54
CA ASN F 23 -47.20 -0.32 -34.79
C ASN F 23 -47.92 -1.43 -34.04
N GLY F 24 -48.65 -1.12 -32.97
CA GLY F 24 -49.36 -2.11 -32.20
C GLY F 24 -48.65 -2.59 -30.95
N VAL F 25 -47.41 -2.14 -30.72
CA VAL F 25 -46.66 -2.58 -29.55
C VAL F 25 -47.31 -2.03 -28.28
N SER F 26 -47.16 -2.76 -27.19
CA SER F 26 -47.62 -2.27 -25.90
C SER F 26 -46.81 -1.05 -25.48
N TYR F 27 -47.50 -0.07 -24.90
CA TYR F 27 -46.82 1.14 -24.43
C TYR F 27 -45.84 0.82 -23.31
N ASP F 28 -46.27 -0.01 -22.36
CA ASP F 28 -45.41 -0.33 -21.22
C ASP F 28 -44.14 -1.05 -21.66
N LEU F 29 -44.27 -2.01 -22.58
CA LEU F 29 -43.09 -2.73 -23.04
C LEU F 29 -42.10 -1.80 -23.73
N LEU F 30 -42.59 -0.93 -24.60
CA LEU F 30 -41.70 -0.02 -25.33
C LEU F 30 -41.00 0.94 -24.37
N ARG F 31 -41.76 1.50 -23.43
CA ARG F 31 -41.15 2.41 -22.45
C ARG F 31 -40.12 1.70 -21.59
N LYS F 32 -40.42 0.47 -21.16
CA LYS F 32 -39.48 -0.29 -20.34
C LYS F 32 -38.23 -0.65 -21.12
N VAL F 33 -38.38 -1.01 -22.39
CA VAL F 33 -37.22 -1.33 -23.22
C VAL F 33 -36.34 -0.10 -23.40
N ALA F 34 -36.97 1.06 -23.64
CA ALA F 34 -36.20 2.29 -23.77
C ALA F 34 -35.46 2.61 -22.48
N TRP F 35 -36.13 2.46 -21.33
CA TRP F 35 -35.47 2.72 -20.05
C TRP F 35 -34.31 1.76 -19.83
N THR F 36 -34.50 0.48 -20.16
CA THR F 36 -33.42 -0.49 -19.98
C THR F 36 -32.23 -0.19 -20.88
N GLU F 37 -32.49 0.21 -22.13
CA GLU F 37 -31.39 0.46 -23.07
C GLU F 37 -30.66 1.75 -22.74
N SER F 38 -31.37 2.80 -22.33
CA SER F 38 -30.71 4.10 -22.15
C SER F 38 -31.04 4.82 -20.85
N ARG F 39 -32.03 4.38 -20.08
CA ARG F 39 -32.46 5.06 -18.86
C ARG F 39 -32.89 6.50 -19.12
N PHE F 40 -33.30 6.80 -20.35
CA PHE F 40 -33.70 8.14 -20.77
C PHE F 40 -32.58 9.16 -20.59
N VAL F 41 -31.33 8.69 -20.56
CA VAL F 41 -30.17 9.55 -20.35
C VAL F 41 -29.74 10.15 -21.68
N PRO F 42 -29.61 11.49 -21.77
CA PRO F 42 -29.28 12.11 -23.06
C PRO F 42 -27.86 11.84 -23.56
N THR F 43 -26.95 11.38 -22.70
CA THR F 43 -25.58 11.14 -23.14
C THR F 43 -25.32 9.68 -23.50
N ALA F 44 -25.74 8.74 -22.66
CA ALA F 44 -25.68 7.31 -22.94
C ALA F 44 -24.32 6.88 -23.51
N LYS F 45 -23.29 7.04 -22.67
CA LYS F 45 -21.92 6.75 -23.10
C LYS F 45 -21.57 5.30 -22.77
N SER F 46 -20.93 4.63 -23.72
CA SER F 46 -20.54 3.23 -23.59
C SER F 46 -19.40 2.98 -24.56
N LYS F 47 -19.11 1.69 -24.84
CA LYS F 47 -18.09 1.36 -25.82
C LYS F 47 -18.41 2.00 -27.18
N THR F 48 -19.66 1.90 -27.61
CA THR F 48 -20.15 2.62 -28.78
C THR F 48 -20.81 3.94 -28.40
N GLY F 49 -21.67 3.91 -27.38
CA GLY F 49 -22.29 5.10 -26.83
C GLY F 49 -23.22 5.85 -27.77
N PRO F 50 -24.29 5.21 -28.23
CA PRO F 50 -25.35 5.96 -28.92
C PRO F 50 -26.22 6.70 -27.91
N LEU F 51 -26.19 8.03 -27.98
CA LEU F 51 -26.94 8.84 -27.03
C LEU F 51 -28.44 8.77 -27.25
N GLY F 52 -28.90 8.16 -28.34
CA GLY F 52 -30.32 8.01 -28.56
C GLY F 52 -30.96 7.09 -27.54
N MET F 53 -32.29 7.23 -27.43
CA MET F 53 -33.03 6.45 -26.44
C MET F 53 -32.95 4.96 -26.70
N MET F 54 -32.87 4.56 -27.96
CA MET F 54 -32.70 3.15 -28.34
C MET F 54 -31.23 2.94 -28.66
N GLN F 55 -30.50 2.36 -27.69
CA GLN F 55 -29.05 2.22 -27.81
C GLN F 55 -28.74 1.09 -28.80
N PHE F 56 -28.75 1.45 -30.07
CA PHE F 56 -28.51 0.50 -31.15
C PHE F 56 -27.00 0.32 -31.36
N THR F 57 -26.66 -0.44 -32.39
CA THR F 57 -25.30 -0.53 -32.90
C THR F 57 -25.33 -0.25 -34.40
N LYS F 58 -24.16 -0.06 -34.99
CA LYS F 58 -24.08 0.29 -36.41
C LYS F 58 -24.70 -0.81 -37.29
N ALA F 59 -24.38 -2.06 -36.99
CA ALA F 59 -24.89 -3.16 -37.81
C ALA F 59 -26.42 -3.21 -37.76
N THR F 60 -26.99 -3.14 -36.56
CA THR F 60 -28.45 -3.14 -36.44
C THR F 60 -29.06 -1.90 -37.07
N ALA F 61 -28.42 -0.74 -36.91
CA ALA F 61 -28.95 0.49 -37.48
C ALA F 61 -29.02 0.40 -38.99
N LYS F 62 -27.98 -0.14 -39.63
CA LYS F 62 -28.03 -0.32 -41.09
C LYS F 62 -29.00 -1.41 -41.49
N ALA F 63 -29.10 -2.49 -40.71
CA ALA F 63 -30.00 -3.58 -41.05
C ALA F 63 -31.47 -3.20 -40.86
N LEU F 64 -31.75 -2.14 -40.11
CA LEU F 64 -33.13 -1.70 -39.91
C LEU F 64 -33.75 -1.11 -41.16
N GLY F 65 -32.96 -0.87 -42.21
CA GLY F 65 -33.49 -0.30 -43.43
C GLY F 65 -33.62 1.20 -43.43
N LEU F 66 -32.95 1.90 -42.52
CA LEU F 66 -33.00 3.35 -42.47
C LEU F 66 -31.94 3.96 -43.38
N ARG F 67 -31.83 5.28 -43.33
CA ARG F 67 -30.79 6.03 -44.05
C ARG F 67 -29.69 6.49 -43.11
N VAL F 68 -29.28 5.60 -42.20
CA VAL F 68 -28.36 5.91 -41.10
C VAL F 68 -27.13 6.66 -41.57
N THR F 69 -26.69 6.44 -42.80
CA THR F 69 -25.51 7.13 -43.32
C THR F 69 -25.85 8.58 -43.65
N ASP F 70 -26.16 9.36 -42.62
CA ASP F 70 -26.50 10.77 -42.79
C ASP F 70 -26.37 11.47 -41.44
N GLY F 71 -26.23 12.79 -41.49
CA GLY F 71 -26.10 13.58 -40.29
C GLY F 71 -24.78 13.35 -39.58
N PRO F 72 -24.78 13.46 -38.26
CA PRO F 72 -23.53 13.27 -37.50
C PRO F 72 -23.08 11.83 -37.47
N ASP F 73 -22.73 11.28 -38.64
CA ASP F 73 -22.15 9.95 -38.80
C ASP F 73 -23.19 8.85 -38.56
N ASP F 74 -24.37 9.23 -38.08
CA ASP F 74 -25.46 8.30 -37.82
C ASP F 74 -26.75 9.08 -37.82
N ASP F 75 -27.75 8.58 -38.55
CA ASP F 75 -29.01 9.30 -38.66
C ASP F 75 -29.98 8.95 -37.53
N ARG F 76 -29.73 7.87 -36.80
CA ARG F 76 -30.66 7.48 -35.74
C ARG F 76 -30.33 8.21 -34.44
N LEU F 77 -30.15 9.53 -34.54
CA LEU F 77 -29.96 10.38 -33.37
C LEU F 77 -31.19 11.22 -33.04
N ASN F 78 -32.00 11.56 -34.03
CA ASN F 78 -33.28 12.20 -33.76
C ASN F 78 -34.23 11.17 -33.15
N PRO F 79 -34.80 11.42 -31.98
CA PRO F 79 -35.51 10.35 -31.27
C PRO F 79 -36.67 9.71 -32.02
N GLU F 80 -37.44 10.49 -32.77
CA GLU F 80 -38.75 9.99 -33.23
C GLU F 80 -38.61 8.86 -34.25
N LEU F 81 -37.74 9.00 -35.23
CA LEU F 81 -37.64 7.94 -36.24
C LEU F 81 -36.96 6.70 -35.69
N ALA F 82 -35.97 6.87 -34.80
CA ALA F 82 -35.36 5.72 -34.16
C ALA F 82 -36.36 4.95 -33.30
N ILE F 83 -37.17 5.68 -32.53
CA ILE F 83 -38.18 5.03 -31.70
C ILE F 83 -39.23 4.34 -32.57
N ASN F 84 -39.63 4.97 -33.68
CA ASN F 84 -40.59 4.35 -34.57
C ASN F 84 -40.03 3.08 -35.21
N ALA F 85 -38.75 3.10 -35.61
CA ALA F 85 -38.13 1.90 -36.17
C ALA F 85 -38.05 0.79 -35.13
N ALA F 86 -37.68 1.15 -33.89
CA ALA F 86 -37.63 0.14 -32.83
C ALA F 86 -39.01 -0.44 -32.56
N ALA F 87 -40.04 0.40 -32.57
CA ALA F 87 -41.40 -0.08 -32.36
C ALA F 87 -41.84 -0.99 -33.49
N LYS F 88 -41.51 -0.65 -34.73
CA LYS F 88 -41.85 -1.50 -35.85
C LYS F 88 -41.15 -2.86 -35.75
N GLN F 89 -39.87 -2.85 -35.39
CA GLN F 89 -39.15 -4.11 -35.21
C GLN F 89 -39.76 -4.94 -34.10
N LEU F 90 -40.11 -4.31 -32.98
CA LEU F 90 -40.73 -5.03 -31.86
C LEU F 90 -42.07 -5.62 -32.27
N ALA F 91 -42.88 -4.87 -33.01
CA ALA F 91 -44.17 -5.38 -33.46
C ALA F 91 -44.00 -6.55 -34.40
N GLY F 92 -43.04 -6.45 -35.33
CA GLY F 92 -42.77 -7.56 -36.23
C GLY F 92 -42.30 -8.80 -35.49
N LEU F 93 -41.50 -8.61 -34.44
CA LEU F 93 -41.04 -9.74 -33.65
C LEU F 93 -42.19 -10.38 -32.88
N VAL F 94 -43.01 -9.56 -32.23
CA VAL F 94 -44.12 -10.09 -31.45
C VAL F 94 -45.10 -10.84 -32.34
N GLY F 95 -45.43 -10.26 -33.50
CA GLY F 95 -46.39 -10.89 -34.38
C GLY F 95 -45.91 -12.21 -34.95
N LYS F 96 -44.60 -12.33 -35.20
CA LYS F 96 -44.06 -13.50 -35.87
C LYS F 96 -43.83 -14.67 -34.94
N PHE F 97 -44.09 -14.53 -33.64
CA PHE F 97 -43.85 -15.58 -32.67
C PHE F 97 -45.15 -16.19 -32.17
N ASP F 98 -46.12 -16.35 -33.07
CA ASP F 98 -47.37 -17.08 -32.83
C ASP F 98 -48.12 -16.49 -31.63
N GLY F 99 -48.58 -15.25 -31.81
CA GLY F 99 -49.44 -14.64 -30.82
C GLY F 99 -48.82 -13.46 -30.10
N ASP F 100 -49.23 -13.26 -28.85
CA ASP F 100 -48.77 -12.15 -28.03
C ASP F 100 -47.57 -12.52 -27.17
N GLU F 101 -46.70 -13.40 -27.67
CA GLU F 101 -45.51 -13.81 -26.93
C GLU F 101 -44.57 -12.62 -26.81
N LEU F 102 -44.61 -11.96 -25.66
CA LEU F 102 -43.92 -10.71 -25.46
C LEU F 102 -42.50 -10.89 -24.92
N LYS F 103 -42.05 -12.13 -24.79
CA LYS F 103 -40.72 -12.41 -24.26
C LYS F 103 -39.81 -13.16 -25.21
N ALA F 104 -40.35 -14.03 -26.07
CA ALA F 104 -39.53 -14.57 -27.14
C ALA F 104 -39.12 -13.48 -28.12
N ALA F 105 -39.97 -12.46 -28.28
CA ALA F 105 -39.62 -11.29 -29.07
C ALA F 105 -38.37 -10.59 -28.56
N LEU F 106 -37.90 -10.95 -27.37
CA LEU F 106 -36.65 -10.42 -26.86
C LEU F 106 -35.45 -11.05 -27.54
N ALA F 107 -35.71 -11.76 -28.63
CA ALA F 107 -34.69 -11.95 -29.65
C ALA F 107 -34.17 -10.61 -30.14
N TYR F 108 -34.98 -9.55 -29.99
CA TYR F 108 -34.52 -8.17 -30.14
C TYR F 108 -33.19 -7.95 -29.44
N ASN F 109 -33.01 -8.57 -28.27
CA ASN F 109 -31.75 -8.43 -27.54
C ASN F 109 -30.63 -9.26 -28.16
N GLN F 110 -30.95 -10.45 -28.66
CA GLN F 110 -29.93 -11.38 -29.14
C GLN F 110 -29.92 -11.54 -30.65
N GLY F 111 -30.96 -11.12 -31.36
CA GLY F 111 -31.00 -11.27 -32.80
C GLY F 111 -31.32 -12.69 -33.22
N GLU F 112 -31.40 -12.88 -34.53
CA GLU F 112 -31.57 -14.19 -35.14
C GLU F 112 -30.36 -14.51 -35.98
N GLY F 113 -29.79 -15.69 -35.80
CA GLY F 113 -28.62 -16.08 -36.54
C GLY F 113 -27.82 -17.17 -35.87
N ARG F 114 -26.49 -16.99 -35.82
CA ARG F 114 -25.63 -18.02 -35.25
C ARG F 114 -25.72 -18.05 -33.73
N LEU F 115 -26.01 -16.91 -33.10
CA LEU F 115 -26.07 -16.83 -31.64
C LEU F 115 -27.48 -16.60 -31.11
N GLY F 116 -28.48 -16.48 -31.98
CA GLY F 116 -29.82 -16.21 -31.51
C GLY F 116 -30.82 -17.31 -31.79
N ASN F 117 -30.62 -18.04 -32.89
CA ASN F 117 -31.55 -19.11 -33.24
C ASN F 117 -31.57 -20.23 -32.20
N PRO F 118 -30.44 -20.79 -31.77
CA PRO F 118 -30.51 -21.86 -30.75
C PRO F 118 -31.13 -21.41 -29.44
N GLN F 119 -30.89 -20.17 -29.03
CA GLN F 119 -31.51 -19.67 -27.80
C GLN F 119 -33.03 -19.58 -27.94
N LEU F 120 -33.52 -19.16 -29.11
CA LEU F 120 -34.95 -19.12 -29.33
C LEU F 120 -35.54 -20.53 -29.38
N GLU F 121 -34.81 -21.48 -29.96
CA GLU F 121 -35.27 -22.87 -29.94
C GLU F 121 -35.35 -23.40 -28.52
N ALA F 122 -34.35 -23.09 -27.69
CA ALA F 122 -34.37 -23.51 -26.29
C ALA F 122 -35.54 -22.86 -25.54
N TYR F 123 -35.81 -21.58 -25.83
CA TYR F 123 -36.97 -20.93 -25.24
C TYR F 123 -38.25 -21.64 -25.64
N SER F 124 -38.36 -22.03 -26.91
CA SER F 124 -39.54 -22.76 -27.36
C SER F 124 -39.68 -24.08 -26.61
N LYS F 125 -38.58 -24.80 -26.41
CA LYS F 125 -38.61 -26.01 -25.61
C LYS F 125 -38.79 -25.74 -24.12
N GLY F 126 -38.67 -24.48 -23.69
CA GLY F 126 -38.73 -24.17 -22.28
C GLY F 126 -37.48 -24.51 -21.50
N ASP F 127 -36.34 -24.66 -22.19
CA ASP F 127 -35.07 -25.04 -21.56
C ASP F 127 -34.25 -23.78 -21.40
N PHE F 128 -34.41 -23.11 -20.27
CA PHE F 128 -33.72 -21.84 -20.03
C PHE F 128 -32.23 -22.02 -19.75
N ALA F 129 -31.75 -23.25 -19.57
CA ALA F 129 -30.34 -23.47 -19.32
C ALA F 129 -29.48 -23.21 -20.54
N SER F 130 -30.04 -23.30 -21.75
CA SER F 130 -29.29 -23.07 -22.97
C SER F 130 -29.34 -21.62 -23.43
N ILE F 131 -30.08 -20.77 -22.75
CA ILE F 131 -30.10 -19.34 -23.03
C ILE F 131 -28.94 -18.69 -22.30
N SER F 132 -28.32 -17.69 -22.93
CA SER F 132 -27.16 -17.05 -22.34
C SER F 132 -27.56 -16.28 -21.08
N GLU F 133 -26.54 -15.91 -20.29
CA GLU F 133 -26.79 -15.13 -19.09
C GLU F 133 -27.34 -13.75 -19.43
N GLU F 134 -26.81 -13.13 -20.48
CA GLU F 134 -27.29 -11.81 -20.88
C GLU F 134 -28.76 -11.86 -21.29
N GLY F 135 -29.13 -12.86 -22.09
CA GLY F 135 -30.52 -12.98 -22.49
C GLY F 135 -31.45 -13.27 -21.33
N ARG F 136 -31.03 -14.18 -20.43
CA ARG F 136 -31.85 -14.51 -19.28
C ARG F 136 -32.07 -13.29 -18.39
N ASN F 137 -31.01 -12.53 -18.14
CA ASN F 137 -31.14 -11.32 -17.33
C ASN F 137 -32.03 -10.29 -18.02
N TYR F 138 -31.88 -10.14 -19.34
CA TYR F 138 -32.66 -9.14 -20.05
C TYR F 138 -34.15 -9.48 -20.02
N MET F 139 -34.48 -10.76 -20.18
CA MET F 139 -35.88 -11.18 -20.04
C MET F 139 -36.36 -11.08 -18.61
N ARG F 140 -35.50 -11.34 -17.62
CA ARG F 140 -35.89 -11.20 -16.23
C ARG F 140 -36.28 -9.76 -15.91
N ASN F 141 -35.55 -8.81 -16.47
CA ASN F 141 -35.85 -7.40 -16.21
C ASN F 141 -37.19 -6.94 -16.77
N LEU F 142 -37.82 -7.73 -17.66
CA LEU F 142 -39.08 -7.34 -18.27
C LEU F 142 -40.28 -8.13 -17.75
N LEU F 143 -40.11 -8.89 -16.67
CA LEU F 143 -41.21 -9.73 -16.19
C LEU F 143 -42.38 -8.91 -15.67
N ASP F 144 -42.12 -7.73 -15.11
CA ASP F 144 -43.19 -6.92 -14.55
C ASP F 144 -44.16 -6.44 -15.63
N VAL F 145 -43.64 -6.02 -16.77
CA VAL F 145 -44.46 -5.51 -17.86
C VAL F 145 -44.21 -6.39 -19.09
N ALA F 146 -44.96 -7.48 -19.18
CA ALA F 146 -44.91 -8.40 -20.31
C ALA F 146 -46.04 -9.40 -20.16
N LYS F 147 -46.55 -9.86 -21.30
CA LYS F 147 -47.62 -10.86 -21.34
C LYS F 147 -47.07 -12.06 -22.10
N SER F 148 -46.77 -13.14 -21.37
CA SER F 148 -46.16 -14.32 -21.97
C SER F 148 -46.73 -15.57 -21.32
N PRO F 149 -46.83 -16.68 -22.06
CA PRO F 149 -47.21 -17.95 -21.44
C PRO F 149 -46.11 -18.56 -20.59
N MET F 150 -44.85 -18.14 -20.77
CA MET F 150 -43.74 -18.65 -19.99
C MET F 150 -43.19 -17.61 -19.01
N ALA F 151 -44.00 -16.61 -18.67
CA ALA F 151 -43.58 -15.63 -17.67
C ALA F 151 -43.49 -16.23 -16.27
N GLY F 152 -44.26 -17.29 -16.00
CA GLY F 152 -44.22 -17.94 -14.71
C GLY F 152 -43.16 -19.02 -14.62
N GLN F 153 -42.79 -19.60 -15.75
CA GLN F 153 -41.73 -20.60 -15.77
C GLN F 153 -40.35 -19.97 -15.66
N LEU F 154 -40.19 -18.74 -16.13
CA LEU F 154 -38.90 -18.08 -16.02
C LEU F 154 -38.63 -17.59 -14.61
N GLU F 155 -39.67 -17.12 -13.91
CA GLU F 155 -39.46 -16.64 -12.54
C GLU F 155 -39.15 -17.79 -11.59
N THR F 156 -39.72 -18.97 -11.83
CA THR F 156 -39.37 -20.15 -11.04
C THR F 156 -38.22 -20.93 -11.68
N PHE F 157 -37.17 -20.20 -12.04
CA PHE F 157 -35.95 -20.79 -12.60
C PHE F 157 -34.77 -20.20 -11.85
N GLY F 158 -34.00 -21.06 -11.19
CA GLY F 158 -32.89 -20.62 -10.38
C GLY F 158 -33.20 -20.43 -8.91
N GLY F 159 -34.32 -20.95 -8.43
CA GLY F 159 -34.61 -20.87 -7.01
C GLY F 159 -33.71 -21.78 -6.19
N ILE F 160 -33.58 -21.45 -4.91
CA ILE F 160 -32.74 -22.25 -4.04
C ILE F 160 -33.35 -23.64 -3.83
N THR F 161 -34.68 -23.73 -3.88
CA THR F 161 -35.42 -24.98 -3.81
C THR F 161 -36.37 -25.03 -4.99
N PRO F 162 -36.83 -26.22 -5.38
CA PRO F 162 -37.74 -26.30 -6.54
C PRO F 162 -39.04 -25.53 -6.38
N LYS F 163 -39.43 -25.18 -5.16
CA LYS F 163 -40.60 -24.34 -4.95
C LYS F 163 -40.24 -22.86 -4.81
N GLY F 164 -38.96 -22.51 -4.92
CA GLY F 164 -38.55 -21.12 -4.83
C GLY F 164 -38.52 -20.43 -6.18
N LYS F 165 -38.19 -19.14 -6.14
CA LYS F 165 -38.11 -18.31 -7.33
C LYS F 165 -36.68 -17.80 -7.50
N GLY F 166 -36.25 -17.67 -8.75
CA GLY F 166 -34.95 -17.09 -9.02
C GLY F 166 -34.93 -15.60 -8.70
N ILE F 167 -33.75 -15.10 -8.40
CA ILE F 167 -33.55 -13.71 -8.01
C ILE F 167 -32.87 -12.98 -9.17
N PRO F 168 -33.51 -11.99 -9.77
CA PRO F 168 -32.82 -11.19 -10.78
C PRO F 168 -31.73 -10.33 -10.17
N ALA F 169 -30.69 -10.07 -10.96
CA ALA F 169 -29.56 -9.29 -10.46
C ALA F 169 -29.95 -7.87 -10.07
N GLU F 170 -31.02 -7.34 -10.65
CA GLU F 170 -31.51 -6.02 -10.29
C GLU F 170 -32.11 -5.98 -8.89
N VAL F 171 -32.37 -7.13 -8.30
CA VAL F 171 -32.93 -7.21 -6.95
C VAL F 171 -31.89 -7.72 -5.94
N GLY F 172 -31.11 -8.73 -6.33
CA GLY F 172 -30.08 -9.24 -5.44
C GLY F 172 -28.98 -8.23 -5.17
N LEU F 173 -28.60 -7.48 -6.19
CA LEU F 173 -27.56 -6.46 -6.08
C LEU F 173 -28.13 -5.06 -5.93
N ALA F 174 -29.42 -4.94 -5.67
CA ALA F 174 -30.04 -3.62 -5.53
C ALA F 174 -29.58 -2.94 -4.25
N GLY F 175 -29.34 -1.63 -4.36
CA GLY F 175 -28.94 -0.83 -3.22
C GLY F 175 -27.44 -0.76 -2.98
N ILE F 176 -26.66 -1.60 -3.65
CA ILE F 176 -25.22 -1.61 -3.48
C ILE F 176 -24.61 -0.67 -4.51
N GLY F 177 -24.00 0.41 -4.05
CA GLY F 177 -23.41 1.37 -4.95
C GLY F 177 -22.72 2.48 -4.17
N HIS F 178 -21.98 3.29 -4.90
CA HIS F 178 -21.21 4.39 -4.31
C HIS F 178 -21.50 5.67 -5.07
N LYS F 179 -21.56 6.78 -4.33
CA LYS F 179 -21.85 8.07 -4.92
C LYS F 179 -20.58 8.65 -5.55
N GLN F 180 -20.78 9.48 -6.57
CA GLN F 180 -19.67 10.19 -7.19
C GLN F 180 -19.33 11.43 -6.36
N LYS F 181 -18.05 11.63 -6.11
CA LYS F 181 -17.59 12.75 -5.30
C LYS F 181 -17.39 14.03 -6.11
N VAL F 182 -17.51 13.95 -7.43
CA VAL F 182 -17.30 15.09 -8.31
C VAL F 182 -18.65 15.54 -8.85
N THR F 183 -18.89 16.85 -8.80
CA THR F 183 -20.16 17.46 -9.17
C THR F 183 -19.88 18.47 -10.28
N GLN F 184 -20.93 18.90 -10.98
CA GLN F 184 -20.81 19.91 -12.03
C GLN F 184 -20.93 21.33 -11.50
N GLU F 185 -20.56 21.57 -10.25
CA GLU F 185 -20.56 22.91 -9.66
C GLU F 185 -19.19 23.52 -9.92
N LEU F 186 -19.11 24.39 -10.92
CA LEU F 186 -17.84 24.92 -11.40
C LEU F 186 -17.41 26.14 -10.59
N PRO F 187 -16.11 26.38 -10.47
CA PRO F 187 -15.64 27.63 -9.86
C PRO F 187 -15.84 28.80 -10.82
N GLU F 188 -16.16 29.96 -10.25
CA GLU F 188 -16.46 31.13 -11.04
C GLU F 188 -15.35 32.15 -10.95
N SER F 189 -15.12 32.85 -12.05
CA SER F 189 -14.10 33.89 -12.15
C SER F 189 -14.76 35.26 -12.12
N THR F 190 -14.01 36.26 -11.69
CA THR F 190 -14.50 37.63 -11.63
C THR F 190 -13.59 38.54 -12.44
N SER F 191 -14.20 39.48 -13.16
CA SER F 191 -13.45 40.42 -13.97
C SER F 191 -12.96 41.60 -13.14
N PHE F 192 -11.77 42.07 -13.45
CA PHE F 192 -11.22 43.29 -12.82
C PHE F 192 -11.85 44.49 -13.52
N ASP F 193 -13.00 44.91 -13.01
CA ASP F 193 -13.78 45.99 -13.62
C ASP F 193 -13.72 47.21 -12.72
N VAL F 194 -12.94 48.20 -13.12
CA VAL F 194 -12.88 49.51 -12.47
C VAL F 194 -13.35 50.53 -13.49
N LYS F 195 -14.53 51.11 -13.26
CA LYS F 195 -15.05 52.16 -14.12
C LYS F 195 -14.71 53.50 -13.48
N GLY F 196 -13.64 54.13 -13.95
CA GLY F 196 -13.16 55.35 -13.34
C GLY F 196 -13.94 56.58 -13.77
N ILE F 197 -13.22 57.66 -14.07
CA ILE F 197 -13.82 58.92 -14.46
C ILE F 197 -13.73 59.05 -15.97
N GLU F 198 -14.84 59.48 -16.58
CA GLU F 198 -14.88 59.57 -18.04
C GLU F 198 -13.95 60.67 -18.53
N GLN F 199 -13.33 60.44 -19.69
CA GLN F 199 -12.40 61.41 -20.25
C GLN F 199 -13.14 62.62 -20.80
N GLU F 200 -12.55 63.79 -20.62
CA GLU F 200 -13.12 65.02 -21.15
C GLU F 200 -13.12 64.99 -22.67
N ALA F 201 -14.10 65.66 -23.26
CA ALA F 201 -14.23 65.69 -24.71
C ALA F 201 -13.12 66.53 -25.34
N THR F 202 -12.78 66.20 -26.58
CA THR F 202 -11.80 66.97 -27.33
C THR F 202 -12.31 68.38 -27.57
N ALA F 203 -11.46 69.37 -27.30
CA ALA F 203 -11.86 70.75 -27.46
C ALA F 203 -11.84 71.16 -28.93
N LYS F 204 -12.48 72.29 -29.22
CA LYS F 204 -12.34 72.88 -30.54
C LYS F 204 -11.02 73.63 -30.63
N PRO F 205 -10.41 73.66 -31.82
CA PRO F 205 -9.23 74.50 -32.00
C PRO F 205 -9.55 75.96 -31.74
N PHE F 206 -8.56 76.70 -31.26
CA PHE F 206 -8.77 78.11 -30.91
C PHE F 206 -9.23 78.91 -32.11
N ALA F 207 -8.63 78.67 -33.28
CA ALA F 207 -9.03 79.38 -34.49
C ALA F 207 -10.46 79.03 -34.89
N LYS F 208 -10.84 77.76 -34.80
CA LYS F 208 -12.20 77.36 -35.12
C LYS F 208 -13.20 77.97 -34.15
N ASP F 209 -12.86 77.98 -32.86
CA ASP F 209 -13.74 78.60 -31.87
C ASP F 209 -13.91 80.08 -32.15
N PHE F 210 -12.82 80.76 -32.50
CA PHE F 210 -12.90 82.19 -32.83
C PHE F 210 -13.77 82.41 -34.07
N TRP F 211 -13.61 81.57 -35.08
CA TRP F 211 -14.37 81.74 -36.31
C TRP F 211 -15.83 81.34 -36.16
N GLU F 212 -16.16 80.53 -35.16
CA GLU F 212 -17.56 80.17 -34.95
C GLU F 212 -18.27 81.14 -34.02
N THR F 213 -17.59 81.63 -32.99
CA THR F 213 -18.20 82.64 -32.13
C THR F 213 -18.36 83.96 -32.87
N HIS F 214 -17.33 84.37 -33.60
CA HIS F 214 -17.36 85.58 -34.41
C HIS F 214 -17.29 85.18 -35.87
N GLY F 215 -18.10 85.82 -36.71
CA GLY F 215 -18.26 85.37 -38.08
C GLY F 215 -17.06 85.54 -38.98
N GLU F 216 -15.89 85.79 -38.40
CA GLU F 216 -14.69 86.06 -39.17
C GLU F 216 -13.49 85.39 -38.50
N THR F 217 -12.47 85.11 -39.32
CA THR F 217 -11.30 84.39 -38.86
C THR F 217 -10.35 85.32 -38.08
N LEU F 218 -9.33 84.72 -37.49
CA LEU F 218 -8.35 85.49 -36.73
C LEU F 218 -7.56 86.43 -37.63
N ASP F 219 -7.21 85.98 -38.84
CA ASP F 219 -6.47 86.82 -39.75
C ASP F 219 -7.26 88.06 -40.15
N GLU F 220 -8.55 87.89 -40.46
CA GLU F 220 -9.38 89.03 -40.79
C GLU F 220 -9.51 89.98 -39.60
N TYR F 221 -9.66 89.42 -38.40
CA TYR F 221 -9.75 90.26 -37.21
C TYR F 221 -8.49 91.08 -36.98
N ASN F 222 -7.33 90.45 -37.16
CA ASN F 222 -6.07 91.16 -36.96
C ASN F 222 -5.85 92.22 -38.04
N SER F 223 -6.20 91.90 -39.28
CA SER F 223 -6.07 92.88 -40.36
C SER F 223 -6.99 94.08 -40.14
N ARG F 224 -8.23 93.82 -39.70
CA ARG F 224 -9.19 94.90 -39.54
C ARG F 224 -8.88 95.75 -38.32
N SER F 225 -8.49 95.12 -37.21
CA SER F 225 -8.23 95.88 -35.99
C SER F 225 -6.94 96.70 -36.10
N THR F 226 -5.99 96.26 -36.92
CA THR F 226 -4.72 96.97 -37.06
C THR F 226 -4.77 98.03 -38.16
N PHE F 227 -5.90 98.20 -38.84
CA PHE F 227 -6.00 99.24 -39.86
C PHE F 227 -5.90 100.63 -39.24
N PHE F 228 -6.55 100.84 -38.10
CA PHE F 228 -6.53 102.13 -37.43
C PHE F 228 -5.51 102.15 -36.30
N THR G 57 -39.73 -103.66 52.10
CA THR G 57 -39.51 -104.03 53.49
C THR G 57 -38.38 -103.20 54.10
N ALA G 58 -38.25 -103.29 55.43
CA ALA G 58 -37.19 -102.57 56.10
C ALA G 58 -35.81 -103.08 55.69
N LYS G 59 -35.66 -104.40 55.59
CA LYS G 59 -34.37 -104.97 55.22
C LYS G 59 -33.97 -104.57 53.79
N GLU G 60 -34.94 -104.59 52.87
CA GLU G 60 -34.65 -104.18 51.49
C GLU G 60 -34.27 -102.71 51.42
N GLN G 61 -34.99 -101.85 52.14
CA GLN G 61 -34.66 -100.42 52.15
C GLN G 61 -33.27 -100.18 52.73
N ARG G 62 -32.94 -100.89 53.82
CA ARG G 62 -31.61 -100.75 54.40
C ARG G 62 -30.53 -101.24 53.43
N ALA G 63 -30.79 -102.34 52.73
CA ALA G 63 -29.82 -102.84 51.76
C ALA G 63 -29.61 -101.85 50.63
N ARG G 64 -30.69 -101.23 50.14
CA ARG G 64 -30.54 -100.25 49.07
C ARG G 64 -29.82 -99.00 49.55
N ASP G 65 -30.09 -98.56 50.78
CA ASP G 65 -29.37 -97.42 51.33
C ASP G 65 -27.88 -97.72 51.45
N LEU G 66 -27.53 -98.90 51.94
CA LEU G 66 -26.13 -99.28 52.07
C LEU G 66 -25.47 -99.41 50.70
N ALA G 67 -26.22 -99.91 49.71
CA ALA G 67 -25.70 -100.00 48.35
C ALA G 67 -25.43 -98.62 47.77
N ASP G 68 -26.34 -97.67 48.00
CA ASP G 68 -26.12 -96.30 47.54
C ASP G 68 -24.87 -95.70 48.19
N GLU G 69 -24.72 -95.92 49.51
CA GLU G 69 -23.53 -95.43 50.20
C GLU G 69 -22.25 -96.02 49.62
N ARG G 70 -22.25 -97.34 49.39
CA ARG G 70 -21.04 -97.99 48.90
C ARG G 70 -20.72 -97.58 47.48
N SER G 71 -21.74 -97.42 46.63
CA SER G 71 -21.52 -96.96 45.27
C SER G 71 -20.97 -95.54 45.26
N ASN G 72 -21.48 -94.68 46.13
CA ASN G 72 -20.93 -93.32 46.24
C ASN G 72 -19.46 -93.36 46.66
N GLU G 73 -19.13 -94.22 47.63
CA GLU G 73 -17.75 -94.34 48.08
C GLU G 73 -16.84 -94.81 46.95
N ILE G 74 -17.31 -95.77 46.15
CA ILE G 74 -16.52 -96.23 45.01
C ILE G 74 -16.34 -95.11 44.00
N ILE G 75 -17.41 -94.35 43.73
CA ILE G 75 -17.35 -93.32 42.71
C ILE G 75 -16.38 -92.22 43.09
N ARG G 76 -16.37 -91.80 44.36
CA ARG G 76 -15.47 -90.71 44.75
C ARG G 76 -14.02 -91.06 44.47
N LYS G 77 -13.57 -92.22 44.92
CA LYS G 77 -12.21 -92.68 44.69
C LYS G 77 -12.16 -93.37 43.32
N LEU G 78 -11.03 -94.01 43.02
CA LEU G 78 -10.94 -94.96 41.91
C LEU G 78 -11.29 -94.31 40.57
N THR G 79 -10.37 -93.45 40.13
CA THR G 79 -10.33 -92.88 38.78
C THR G 79 -10.74 -93.93 37.75
N PRO G 80 -11.51 -93.55 36.70
CA PRO G 80 -12.01 -94.54 35.73
C PRO G 80 -11.00 -95.60 35.30
N GLU G 81 -9.74 -95.19 35.09
CA GLU G 81 -8.70 -96.16 34.77
C GLU G 81 -8.49 -97.14 35.92
N GLN G 82 -8.51 -96.63 37.15
CA GLN G 82 -8.35 -97.50 38.32
C GLN G 82 -9.52 -98.47 38.45
N ARG G 83 -10.74 -98.00 38.22
CA ARG G 83 -11.89 -98.89 38.26
C ARG G 83 -11.80 -99.95 37.18
N ARG G 84 -11.39 -99.56 35.97
CA ARG G 84 -11.29 -100.52 34.89
C ARG G 84 -10.23 -101.57 35.17
N GLU G 85 -9.09 -101.17 35.73
CA GLU G 85 -8.05 -102.15 36.03
C GLU G 85 -8.37 -103.01 37.25
N ALA G 86 -9.14 -102.50 38.21
CA ALA G 86 -9.49 -103.28 39.38
C ALA G 86 -10.70 -104.18 39.14
N LEU G 87 -11.48 -103.91 38.09
CA LEU G 87 -12.57 -104.82 37.75
C LEU G 87 -12.05 -106.16 37.25
N ASN G 88 -10.97 -106.15 36.46
CA ASN G 88 -10.42 -107.39 35.94
C ASN G 88 -9.82 -108.24 37.05
N ASN G 89 -8.98 -107.64 37.90
CA ASN G 89 -8.27 -108.39 38.93
C ASN G 89 -9.18 -108.84 40.07
N GLY G 90 -10.41 -108.33 40.15
CA GLY G 90 -11.30 -108.69 41.22
C GLY G 90 -11.08 -107.93 42.51
N THR G 91 -10.14 -106.99 42.56
CA THR G 91 -9.85 -106.23 43.77
C THR G 91 -10.60 -104.90 43.75
N LEU G 92 -11.93 -104.99 43.68
CA LEU G 92 -12.80 -103.83 43.72
C LEU G 92 -13.53 -103.79 45.06
N LEU G 93 -13.71 -102.58 45.59
CA LEU G 93 -14.42 -102.42 46.85
C LEU G 93 -15.85 -102.91 46.73
N TYR G 94 -16.29 -103.69 47.72
CA TYR G 94 -17.67 -104.18 47.82
C TYR G 94 -18.11 -104.88 46.53
N GLN G 95 -17.19 -105.54 45.84
CA GLN G 95 -17.54 -106.22 44.62
C GLN G 95 -18.43 -107.43 44.89
N ASP G 96 -18.44 -107.94 46.12
CA ASP G 96 -19.27 -109.07 46.50
C ASP G 96 -20.71 -108.68 46.78
N ASP G 97 -21.04 -107.38 46.72
CA ASP G 97 -22.40 -106.93 46.97
C ASP G 97 -23.07 -106.62 45.65
N PRO G 98 -24.01 -107.43 45.18
CA PRO G 98 -24.65 -107.16 43.88
C PRO G 98 -25.41 -105.84 43.84
N TYR G 99 -26.02 -105.44 44.95
CA TYR G 99 -26.76 -104.17 44.97
C TYR G 99 -25.83 -102.99 44.77
N ALA G 100 -24.65 -103.01 45.41
CA ALA G 100 -23.70 -101.94 45.24
C ALA G 100 -23.23 -101.84 43.79
N MET G 101 -22.97 -102.99 43.15
CA MET G 101 -22.56 -102.98 41.75
C MET G 101 -23.66 -102.45 40.85
N GLU G 102 -24.91 -102.84 41.13
CA GLU G 102 -26.03 -102.35 40.34
C GLU G 102 -26.17 -100.84 40.46
N ALA G 103 -26.07 -100.32 41.69
CA ALA G 103 -26.15 -98.87 41.90
C ALA G 103 -25.00 -98.16 41.20
N LEU G 104 -23.80 -98.73 41.27
CA LEU G 104 -22.64 -98.14 40.61
C LEU G 104 -22.86 -98.05 39.11
N ARG G 105 -23.37 -99.13 38.51
CA ARG G 105 -23.61 -99.12 37.06
C ARG G 105 -24.69 -98.13 36.67
N VAL G 106 -25.75 -98.03 37.49
CA VAL G 106 -26.81 -97.06 37.18
C VAL G 106 -26.28 -95.64 37.24
N LYS G 107 -25.47 -95.32 38.26
CA LYS G 107 -24.93 -93.98 38.37
C LYS G 107 -23.94 -93.67 37.25
N THR G 108 -23.14 -94.67 36.85
CA THR G 108 -22.26 -94.50 35.70
C THR G 108 -23.06 -94.21 34.44
N GLY G 109 -24.17 -94.93 34.24
CA GLY G 109 -25.02 -94.66 33.10
C GLY G 109 -25.60 -93.25 33.13
N ARG G 110 -26.01 -92.79 34.30
CA ARG G 110 -26.55 -91.43 34.42
C ARG G 110 -25.49 -90.39 34.05
N ASN G 111 -24.26 -90.56 34.56
CA ASN G 111 -23.19 -89.64 34.21
C ASN G 111 -22.91 -89.65 32.71
N ALA G 112 -22.88 -90.84 32.12
CA ALA G 112 -22.64 -90.92 30.68
C ALA G 112 -23.76 -90.25 29.89
N ALA G 113 -25.00 -90.42 30.33
CA ALA G 113 -26.12 -89.80 29.63
C ALA G 113 -26.02 -88.28 29.68
N TYR G 114 -25.67 -87.72 30.84
CA TYR G 114 -25.51 -86.27 30.92
C TYR G 114 -24.38 -85.80 30.02
N LEU G 115 -23.26 -86.52 30.02
CA LEU G 115 -22.12 -86.11 29.20
C LEU G 115 -22.46 -86.16 27.72
N VAL G 116 -23.28 -87.13 27.31
CA VAL G 116 -23.68 -87.21 25.92
C VAL G 116 -24.64 -86.09 25.56
N ASP G 117 -25.59 -85.78 26.46
CA ASP G 117 -26.58 -84.74 26.16
C ASP G 117 -25.96 -83.36 26.07
N ASP G 118 -24.99 -83.07 26.94
CA ASP G 118 -24.45 -81.71 26.99
C ASP G 118 -23.70 -81.34 25.72
N ASP G 119 -23.08 -82.32 25.04
CA ASP G 119 -22.41 -82.03 23.78
C ASP G 119 -23.40 -81.55 22.73
N VAL G 120 -24.53 -82.23 22.60
CA VAL G 120 -25.55 -81.82 21.64
C VAL G 120 -26.12 -80.47 22.04
N MET G 121 -26.30 -80.23 23.34
CA MET G 121 -26.83 -78.93 23.77
C MET G 121 -25.88 -77.80 23.41
N GLN G 122 -24.58 -77.99 23.65
CA GLN G 122 -23.60 -76.96 23.30
C GLN G 122 -23.56 -76.72 21.79
N LYS G 123 -23.62 -77.79 21.00
CA LYS G 123 -23.62 -77.62 19.55
C LYS G 123 -24.87 -76.92 19.06
N ILE G 124 -26.02 -77.17 19.70
CA ILE G 124 -27.24 -76.45 19.35
C ILE G 124 -27.08 -74.97 19.66
N LYS G 125 -26.55 -74.65 20.84
CA LYS G 125 -26.40 -73.25 21.23
C LYS G 125 -25.39 -72.52 20.36
N GLU G 126 -24.38 -73.22 19.85
CA GLU G 126 -23.43 -72.56 18.95
C GLU G 126 -24.07 -72.21 17.61
N GLY G 127 -25.04 -72.99 17.15
CA GLY G 127 -25.68 -72.75 15.87
C GLY G 127 -25.15 -73.64 14.78
N VAL G 128 -24.89 -74.91 15.11
CA VAL G 128 -24.26 -75.82 14.17
C VAL G 128 -25.30 -76.43 13.23
N PHE G 129 -26.46 -76.81 13.75
CA PHE G 129 -27.46 -77.50 12.96
C PHE G 129 -28.46 -76.49 12.41
N ARG G 130 -28.50 -76.34 11.09
CA ARG G 130 -29.38 -75.39 10.43
C ARG G 130 -30.78 -75.93 10.17
N THR G 131 -31.00 -77.23 10.37
CA THR G 131 -32.30 -77.84 10.21
C THR G 131 -32.53 -78.81 11.35
N ARG G 132 -33.81 -79.13 11.58
CA ARG G 132 -34.15 -80.07 12.64
C ARG G 132 -33.67 -81.48 12.32
N GLU G 133 -33.74 -81.87 11.05
CA GLU G 133 -33.31 -83.21 10.67
C GLU G 133 -31.81 -83.41 10.92
N GLU G 134 -31.02 -82.38 10.65
CA GLU G 134 -29.58 -82.44 10.92
C GLU G 134 -29.31 -82.67 12.40
N MET G 135 -30.00 -81.92 13.25
CA MET G 135 -29.83 -82.08 14.70
C MET G 135 -30.27 -83.47 15.14
N GLU G 136 -31.38 -83.97 14.60
CA GLU G 136 -31.85 -85.30 14.99
C GLU G 136 -30.87 -86.39 14.59
N GLU G 137 -30.31 -86.29 13.38
CA GLU G 137 -29.34 -87.28 12.93
C GLU G 137 -28.10 -87.26 13.80
N TYR G 138 -27.57 -86.07 14.08
CA TYR G 138 -26.40 -85.98 14.95
C TYR G 138 -26.68 -86.53 16.33
N ARG G 139 -27.85 -86.19 16.89
CA ARG G 139 -28.22 -86.64 18.21
C ARG G 139 -28.31 -88.16 18.26
N HIS G 140 -28.95 -88.77 17.27
CA HIS G 140 -29.08 -90.22 17.25
C HIS G 140 -27.73 -90.90 17.13
N SER G 141 -26.88 -90.42 16.22
CA SER G 141 -25.58 -91.05 16.03
C SER G 141 -24.72 -90.95 17.29
N ARG G 142 -24.68 -89.77 17.90
CA ARG G 142 -23.88 -89.60 19.10
C ARG G 142 -24.46 -90.36 20.27
N LEU G 143 -25.80 -90.48 20.35
CA LEU G 143 -26.43 -91.27 21.39
C LEU G 143 -26.07 -92.74 21.25
N GLN G 144 -25.96 -93.23 20.02
CA GLN G 144 -25.57 -94.63 19.82
C GLN G 144 -24.11 -94.85 20.17
N GLU G 145 -23.21 -93.95 19.76
CA GLU G 145 -21.79 -94.20 19.98
C GLU G 145 -21.36 -93.91 21.42
N GLY G 146 -21.95 -92.90 22.07
CA GLY G 146 -21.50 -92.53 23.39
C GLY G 146 -21.77 -93.59 24.44
N ALA G 147 -22.84 -94.36 24.26
CA ALA G 147 -23.12 -95.44 25.21
C ALA G 147 -21.95 -96.40 25.31
N LYS G 148 -21.47 -96.89 24.17
CA LYS G 148 -20.29 -97.75 24.16
C LYS G 148 -19.06 -96.99 24.65
N VAL G 149 -18.84 -95.79 24.12
CA VAL G 149 -17.61 -95.07 24.43
C VAL G 149 -17.45 -94.89 25.93
N TYR G 150 -18.53 -94.56 26.62
CA TYR G 150 -18.51 -94.43 28.07
C TYR G 150 -18.71 -95.77 28.79
N ALA G 151 -19.07 -96.83 28.07
CA ALA G 151 -19.21 -98.14 28.71
C ALA G 151 -17.85 -98.83 28.87
N GLU G 152 -17.11 -98.99 27.77
CA GLU G 152 -15.79 -99.60 27.94
C GLU G 152 -14.79 -98.69 28.65
N GLN G 153 -15.11 -97.41 28.86
CA GLN G 153 -14.21 -96.58 29.64
C GLN G 153 -14.18 -97.01 31.11
N PHE G 154 -15.31 -97.44 31.65
CA PHE G 154 -15.41 -97.88 33.04
C PHE G 154 -15.41 -99.40 33.18
N GLY G 155 -15.14 -100.12 32.09
CA GLY G 155 -15.15 -101.58 32.14
C GLY G 155 -16.53 -102.17 32.36
N ILE G 156 -17.55 -101.65 31.68
CA ILE G 156 -18.92 -102.11 31.83
C ILE G 156 -19.39 -102.62 30.47
N ASP G 157 -20.15 -103.71 30.49
CA ASP G 157 -20.79 -104.20 29.27
C ASP G 157 -21.84 -103.18 28.83
N PRO G 158 -21.76 -102.65 27.60
CA PRO G 158 -22.71 -101.59 27.20
C PRO G 158 -24.15 -102.05 27.15
N GLU G 159 -24.41 -103.35 27.13
CA GLU G 159 -25.76 -103.88 27.05
C GLU G 159 -26.32 -104.30 28.40
N ASP G 160 -25.66 -103.92 29.49
CA ASP G 160 -26.16 -104.26 30.81
C ASP G 160 -27.48 -103.55 31.10
N VAL G 161 -28.36 -104.24 31.83
CA VAL G 161 -29.68 -103.68 32.12
C VAL G 161 -29.57 -102.49 33.08
N ASP G 162 -28.64 -102.53 34.04
CA ASP G 162 -28.50 -101.42 34.97
C ASP G 162 -27.85 -100.22 34.30
N TYR G 163 -26.80 -100.46 33.51
CA TYR G 163 -26.18 -99.36 32.77
C TYR G 163 -27.17 -98.73 31.80
N GLN G 164 -27.97 -99.55 31.12
CA GLN G 164 -28.97 -98.99 30.22
C GLN G 164 -30.10 -98.30 30.98
N ARG G 165 -30.44 -98.78 32.18
CA ARG G 165 -31.43 -98.09 32.99
C ARG G 165 -30.94 -96.69 33.36
N GLY G 166 -29.66 -96.58 33.72
CA GLY G 166 -29.11 -95.27 33.98
C GLY G 166 -29.02 -94.40 32.74
N PHE G 167 -28.61 -94.99 31.61
CA PHE G 167 -28.32 -94.21 30.41
C PHE G 167 -29.58 -93.76 29.68
N ASN G 168 -30.64 -94.58 29.71
CA ASN G 168 -31.86 -94.28 28.97
C ASN G 168 -32.88 -93.48 29.77
N GLY G 169 -32.67 -93.30 31.07
CA GLY G 169 -33.64 -92.65 31.93
C GLY G 169 -34.02 -91.24 31.51
N ASP G 170 -35.32 -90.96 31.49
CA ASP G 170 -35.85 -89.64 31.17
C ASP G 170 -35.43 -89.18 29.77
N ILE G 171 -35.39 -90.12 28.83
CA ILE G 171 -34.95 -89.78 27.47
C ILE G 171 -35.93 -88.80 26.82
N THR G 172 -37.22 -88.95 27.11
CA THR G 172 -38.22 -88.07 26.51
C THR G 172 -38.04 -86.62 26.96
N GLU G 173 -37.78 -86.41 28.25
CA GLU G 173 -37.58 -85.05 28.75
C GLU G 173 -36.34 -84.42 28.16
N ARG G 174 -35.26 -85.19 28.05
CA ARG G 174 -34.03 -84.67 27.46
C ARG G 174 -34.24 -84.32 25.99
N ASN G 175 -34.97 -85.16 25.25
CA ASN G 175 -35.27 -84.86 23.86
C ASN G 175 -36.11 -83.59 23.76
N ILE G 176 -37.08 -83.41 24.66
CA ILE G 176 -37.91 -82.21 24.63
C ILE G 176 -37.08 -80.97 24.89
N SER G 177 -36.14 -81.05 25.85
CA SER G 177 -35.27 -79.92 26.15
C SER G 177 -34.44 -79.55 24.93
N LEU G 178 -33.84 -80.56 24.27
CA LEU G 178 -33.04 -80.29 23.07
C LEU G 178 -33.91 -79.68 21.97
N TYR G 179 -35.14 -80.18 21.82
CA TYR G 179 -36.03 -79.67 20.78
C TYR G 179 -36.36 -78.21 21.00
N GLY G 180 -36.66 -77.83 22.24
CA GLY G 180 -36.95 -76.42 22.50
C GLY G 180 -35.76 -75.52 22.28
N ALA G 181 -34.58 -75.97 22.75
CA ALA G 181 -33.37 -75.19 22.53
C ALA G 181 -33.09 -75.00 21.05
N HIS G 182 -33.35 -76.02 20.24
CA HIS G 182 -33.13 -75.90 18.80
C HIS G 182 -34.20 -75.04 18.13
N ASP G 183 -35.43 -75.08 18.62
CA ASP G 183 -36.50 -74.30 18.00
C ASP G 183 -36.26 -72.81 18.19
N ASN G 184 -35.71 -72.41 19.33
CA ASN G 184 -35.35 -71.00 19.51
C ASN G 184 -34.37 -70.54 18.42
N PHE G 185 -33.32 -71.33 18.20
CA PHE G 185 -32.33 -71.01 17.18
C PHE G 185 -32.96 -70.97 15.80
N LEU G 186 -33.83 -71.92 15.50
CA LEU G 186 -34.47 -71.95 14.18
C LEU G 186 -35.30 -70.69 13.95
N SER G 187 -36.01 -70.23 14.99
CA SER G 187 -36.81 -69.01 14.85
C SER G 187 -35.92 -67.81 14.55
N GLN G 188 -34.84 -67.63 15.33
CA GLN G 188 -34.02 -66.44 15.11
C GLN G 188 -33.33 -66.50 13.75
N GLN G 189 -32.90 -67.70 13.34
CA GLN G 189 -32.27 -67.85 12.03
C GLN G 189 -33.25 -67.53 10.91
N ALA G 190 -34.50 -67.99 11.04
CA ALA G 190 -35.50 -67.69 10.02
C ALA G 190 -35.75 -66.19 9.92
N GLN G 191 -35.78 -65.50 11.06
CA GLN G 191 -35.98 -64.06 11.04
C GLN G 191 -34.84 -63.35 10.31
N LYS G 192 -33.59 -63.74 10.62
CA LYS G 192 -32.45 -63.13 9.93
C LYS G 192 -32.50 -63.39 8.43
N GLY G 193 -32.81 -64.63 8.05
CA GLY G 193 -32.88 -64.96 6.64
C GLY G 193 -33.96 -64.20 5.92
N ALA G 194 -35.12 -64.01 6.57
CA ALA G 194 -36.18 -63.22 5.96
C ALA G 194 -35.74 -61.78 5.73
N ILE G 195 -35.06 -61.19 6.71
CA ILE G 195 -34.58 -59.82 6.54
C ILE G 195 -33.65 -59.73 5.34
N MET G 196 -32.69 -60.65 5.24
CA MET G 196 -31.72 -60.57 4.14
C MET G 196 -32.37 -60.86 2.80
N ASN G 197 -33.33 -61.79 2.76
CA ASN G 197 -34.03 -62.08 1.52
C ASN G 197 -34.84 -60.88 1.05
N SER G 198 -35.46 -60.16 1.98
CA SER G 198 -36.17 -58.94 1.62
C SER G 198 -35.22 -57.90 1.05
N ARG G 199 -34.04 -57.73 1.67
CA ARG G 199 -33.07 -56.79 1.11
C ARG G 199 -32.66 -57.18 -0.29
N VAL G 200 -32.41 -58.47 -0.53
CA VAL G 200 -32.00 -58.90 -1.86
C VAL G 200 -33.11 -58.67 -2.87
N GLU G 201 -34.35 -59.00 -2.51
CA GLU G 201 -35.45 -58.87 -3.46
C GLU G 201 -35.78 -57.42 -3.76
N LEU G 202 -35.59 -56.52 -2.80
CA LEU G 202 -35.88 -55.10 -3.07
C LEU G 202 -34.80 -54.46 -3.94
N ASN G 203 -33.56 -54.93 -3.87
CA ASN G 203 -32.51 -54.36 -4.70
C ASN G 203 -32.67 -54.67 -6.18
N GLY G 204 -33.58 -55.56 -6.54
CA GLY G 204 -33.82 -55.83 -7.95
C GLY G 204 -34.52 -54.68 -8.67
N VAL G 205 -35.19 -53.81 -7.93
CA VAL G 205 -35.95 -52.71 -8.53
C VAL G 205 -35.44 -51.37 -8.00
N LEU G 206 -34.90 -51.36 -6.79
CA LEU G 206 -34.58 -50.13 -6.10
C LEU G 206 -33.09 -49.84 -6.04
N GLN G 207 -32.30 -50.40 -6.96
CA GLN G 207 -30.86 -50.17 -6.99
C GLN G 207 -30.43 -49.27 -8.14
N ASP G 208 -31.05 -49.40 -9.30
CA ASP G 208 -30.70 -48.56 -10.44
C ASP G 208 -31.14 -47.13 -10.17
N PRO G 209 -30.26 -46.14 -10.34
CA PRO G 209 -30.68 -44.74 -10.17
C PRO G 209 -31.80 -44.32 -11.13
N ASP G 210 -31.90 -44.95 -12.30
CA ASP G 210 -32.98 -44.63 -13.20
C ASP G 210 -34.30 -45.23 -12.73
N MET G 211 -34.24 -46.43 -12.14
CA MET G 211 -35.44 -47.04 -11.58
C MET G 211 -35.94 -46.28 -10.36
N LEU G 212 -35.04 -45.69 -9.58
CA LEU G 212 -35.43 -44.96 -8.38
C LEU G 212 -36.15 -43.66 -8.70
N ARG G 213 -35.94 -43.09 -9.90
CA ARG G 213 -36.51 -41.80 -10.26
C ARG G 213 -37.87 -41.93 -10.92
N ARG G 214 -38.43 -43.13 -11.02
CA ARG G 214 -39.75 -43.34 -11.61
C ARG G 214 -40.78 -43.53 -10.50
N PRO G 215 -41.95 -42.89 -10.60
CA PRO G 215 -42.96 -43.06 -9.54
C PRO G 215 -43.47 -44.48 -9.39
N ASP G 216 -43.41 -45.27 -10.46
CA ASP G 216 -43.83 -46.66 -10.36
C ASP G 216 -42.96 -47.44 -9.38
N SER G 217 -41.75 -46.96 -9.08
CA SER G 217 -40.94 -47.59 -8.05
C SER G 217 -41.53 -47.37 -6.66
N ALA G 218 -42.01 -46.16 -6.38
CA ALA G 218 -42.69 -45.92 -5.11
C ALA G 218 -43.97 -46.74 -5.02
N ASP G 219 -44.71 -46.82 -6.13
CA ASP G 219 -45.90 -47.68 -6.14
C ASP G 219 -45.53 -49.14 -5.89
N PHE G 220 -44.43 -49.59 -6.49
CA PHE G 220 -43.97 -50.96 -6.30
C PHE G 220 -43.61 -51.22 -4.85
N PHE G 221 -42.92 -50.28 -4.20
CA PHE G 221 -42.57 -50.48 -2.79
C PHE G 221 -43.82 -50.54 -1.91
N GLU G 222 -44.77 -49.63 -2.15
CA GLU G 222 -46.00 -49.64 -1.35
C GLU G 222 -46.76 -50.95 -1.52
N LYS G 223 -46.92 -51.39 -2.77
CA LYS G 223 -47.63 -52.64 -3.01
C LYS G 223 -46.85 -53.85 -2.49
N TYR G 224 -45.52 -53.80 -2.53
CA TYR G 224 -44.72 -54.88 -1.97
C TYR G 224 -44.97 -55.03 -0.48
N ILE G 225 -44.93 -53.91 0.25
CA ILE G 225 -45.16 -53.99 1.69
C ILE G 225 -46.58 -54.46 2.00
N ASP G 226 -47.57 -53.90 1.30
CA ASP G 226 -48.95 -54.28 1.56
C ASP G 226 -49.20 -55.75 1.26
N ASN G 227 -48.73 -56.22 0.09
CA ASN G 227 -48.93 -57.60 -0.30
C ASN G 227 -48.21 -58.56 0.63
N GLY G 228 -47.00 -58.20 1.08
CA GLY G 228 -46.31 -59.04 2.05
C GLY G 228 -47.06 -59.12 3.36
N LEU G 229 -47.66 -58.00 3.79
CA LEU G 229 -48.41 -58.03 5.06
C LEU G 229 -49.70 -58.82 4.92
N VAL G 230 -50.34 -58.81 3.75
CA VAL G 230 -51.62 -59.49 3.60
C VAL G 230 -51.43 -61.00 3.46
N THR G 231 -50.52 -61.43 2.59
CA THR G 231 -50.37 -62.85 2.28
C THR G 231 -49.45 -63.57 3.25
N GLY G 232 -48.92 -62.89 4.26
CA GLY G 232 -48.05 -63.55 5.22
C GLY G 232 -46.62 -63.71 4.77
N ALA G 233 -46.24 -63.12 3.63
CA ALA G 233 -44.82 -63.11 3.25
C ALA G 233 -43.99 -62.35 4.28
N ILE G 234 -44.52 -61.23 4.76
CA ILE G 234 -43.97 -60.54 5.93
C ILE G 234 -44.88 -60.90 7.10
N PRO G 235 -44.44 -61.75 8.04
CA PRO G 235 -45.37 -62.30 9.04
C PRO G 235 -45.68 -61.37 10.20
N SER G 236 -44.82 -60.40 10.50
CA SER G 236 -45.00 -59.55 11.67
C SER G 236 -45.01 -58.09 11.26
N ASP G 237 -45.56 -57.26 12.15
CA ASP G 237 -45.44 -55.82 11.97
C ASP G 237 -44.06 -55.32 12.36
N ALA G 238 -43.42 -55.96 13.33
CA ALA G 238 -42.05 -55.60 13.68
C ALA G 238 -41.08 -55.90 12.55
N GLN G 239 -41.25 -57.06 11.90
CA GLN G 239 -40.41 -57.38 10.74
C GLN G 239 -40.67 -56.40 9.60
N ALA G 240 -41.92 -56.01 9.40
CA ALA G 240 -42.22 -55.00 8.39
C ALA G 240 -41.57 -53.67 8.71
N THR G 241 -41.56 -53.30 9.99
CA THR G 241 -40.89 -52.06 10.40
C THR G 241 -39.39 -52.13 10.11
N GLN G 242 -38.77 -53.27 10.40
CA GLN G 242 -37.34 -53.42 10.09
C GLN G 242 -37.09 -53.36 8.60
N LEU G 243 -37.95 -53.99 7.80
CA LEU G 243 -37.80 -53.95 6.35
C LEU G 243 -37.91 -52.52 5.84
N ILE G 244 -38.89 -51.77 6.34
CA ILE G 244 -39.07 -50.39 5.91
C ILE G 244 -37.86 -49.55 6.29
N SER G 245 -37.36 -49.72 7.51
CA SER G 245 -36.21 -48.95 7.96
C SER G 245 -34.99 -49.24 7.10
N GLN G 246 -34.72 -50.51 6.82
CA GLN G 246 -33.53 -50.82 6.04
C GLN G 246 -33.68 -50.42 4.57
N ALA G 247 -34.89 -50.50 4.02
CA ALA G 247 -35.11 -50.04 2.66
C ALA G 247 -34.90 -48.53 2.55
N PHE G 248 -35.41 -47.77 3.52
CA PHE G 248 -35.22 -46.32 3.48
C PHE G 248 -33.74 -45.96 3.69
N SER G 249 -33.05 -46.70 4.57
CA SER G 249 -31.62 -46.46 4.75
C SER G 249 -30.84 -46.73 3.49
N ASP G 250 -31.18 -47.80 2.76
CA ASP G 250 -30.51 -48.08 1.50
C ASP G 250 -30.82 -47.02 0.46
N ALA G 251 -32.07 -46.57 0.38
CA ALA G 251 -32.43 -45.57 -0.61
C ALA G 251 -31.80 -44.21 -0.33
N SER G 252 -31.53 -43.91 0.95
CA SER G 252 -30.88 -42.65 1.30
C SER G 252 -29.45 -42.57 0.78
N SER G 253 -28.84 -43.70 0.45
CA SER G 253 -27.43 -43.75 0.08
C SER G 253 -27.21 -43.89 -1.43
N ARG G 254 -28.26 -43.71 -2.23
CA ARG G 254 -28.17 -43.93 -3.66
C ARG G 254 -28.68 -42.72 -4.42
N ALA G 255 -28.15 -42.53 -5.62
CA ALA G 255 -28.62 -41.45 -6.48
C ALA G 255 -30.06 -41.70 -6.92
N GLY G 256 -30.86 -40.66 -6.89
CA GLY G 256 -32.27 -40.78 -7.18
C GLY G 256 -33.12 -41.24 -6.02
N GLY G 257 -32.52 -41.54 -4.87
CA GLY G 257 -33.27 -41.99 -3.71
C GLY G 257 -34.08 -40.88 -3.05
N ALA G 258 -33.68 -39.62 -3.24
CA ALA G 258 -34.47 -38.52 -2.69
C ALA G 258 -35.83 -38.44 -3.35
N ASP G 259 -35.89 -38.61 -4.68
CA ASP G 259 -37.16 -38.62 -5.38
C ASP G 259 -38.04 -39.77 -4.92
N PHE G 260 -37.46 -40.96 -4.80
CA PHE G 260 -38.22 -42.13 -4.36
C PHE G 260 -38.79 -41.91 -2.97
N LEU G 261 -37.96 -41.43 -2.04
CA LEU G 261 -38.41 -41.23 -0.68
C LEU G 261 -39.46 -40.13 -0.60
N MET G 262 -39.30 -39.07 -1.40
CA MET G 262 -40.28 -37.99 -1.40
C MET G 262 -41.62 -38.45 -1.93
N ARG G 263 -41.62 -39.35 -2.93
CA ARG G 263 -42.88 -39.87 -3.44
C ARG G 263 -43.50 -40.87 -2.47
N VAL G 264 -42.68 -41.70 -1.81
CA VAL G 264 -43.23 -42.75 -0.97
C VAL G 264 -43.65 -42.23 0.40
N GLY G 265 -43.21 -41.04 0.79
CA GLY G 265 -43.62 -40.50 2.07
C GLY G 265 -45.10 -40.20 2.16
N ASP G 266 -45.79 -40.09 1.04
CA ASP G 266 -47.21 -39.77 1.00
C ASP G 266 -48.10 -40.99 0.84
N LYS G 267 -47.53 -42.20 0.89
CA LYS G 267 -48.29 -43.41 0.69
C LYS G 267 -48.63 -44.07 2.02
N LYS G 268 -49.68 -44.89 2.00
CA LYS G 268 -50.27 -45.42 3.22
C LYS G 268 -49.69 -46.76 3.60
N VAL G 269 -49.70 -47.04 4.90
CA VAL G 269 -49.28 -48.32 5.45
C VAL G 269 -50.05 -48.57 6.74
N THR G 270 -50.45 -49.81 6.96
CA THR G 270 -51.19 -50.20 8.16
C THR G 270 -50.32 -51.11 9.02
N LEU G 271 -50.00 -50.65 10.23
CA LEU G 271 -49.21 -51.43 11.16
C LEU G 271 -49.81 -51.30 12.55
N ASN G 272 -49.81 -52.41 13.30
CA ASN G 272 -50.30 -52.44 14.68
C ASN G 272 -51.73 -51.96 14.79
N GLY G 273 -52.51 -52.10 13.72
CA GLY G 273 -53.89 -51.67 13.73
C GLY G 273 -54.11 -50.20 13.43
N ALA G 274 -53.08 -49.48 13.04
CA ALA G 274 -53.18 -48.06 12.71
C ALA G 274 -52.73 -47.83 11.27
N THR G 275 -53.51 -47.04 10.54
CA THR G 275 -53.20 -46.70 9.15
C THR G 275 -52.61 -45.30 9.12
N THR G 276 -51.35 -45.20 8.69
CA THR G 276 -50.63 -43.94 8.64
C THR G 276 -50.05 -43.76 7.24
N THR G 277 -49.35 -42.66 7.03
CA THR G 277 -48.49 -42.52 5.88
C THR G 277 -47.07 -42.90 6.28
N TYR G 278 -46.23 -43.16 5.27
CA TYR G 278 -44.84 -43.51 5.57
C TYR G 278 -44.10 -42.35 6.22
N ARG G 279 -44.52 -41.12 5.95
CA ARG G 279 -43.94 -39.96 6.61
C ARG G 279 -44.43 -39.82 8.05
N GLU G 280 -45.66 -40.23 8.34
CA GLU G 280 -46.16 -40.22 9.71
C GLU G 280 -45.63 -41.38 10.52
N LEU G 281 -45.38 -42.54 9.89
CA LEU G 281 -44.78 -43.66 10.60
C LEU G 281 -43.41 -43.28 11.14
N ILE G 282 -42.55 -42.75 10.26
CA ILE G 282 -41.34 -42.10 10.71
C ILE G 282 -41.71 -40.81 11.44
N GLY G 283 -40.83 -40.35 12.31
CA GLY G 283 -41.07 -39.07 12.96
C GLY G 283 -40.97 -37.93 11.98
N GLU G 284 -41.42 -36.75 12.44
CA GLU G 284 -41.29 -35.56 11.60
C GLU G 284 -39.83 -35.11 11.52
N GLU G 285 -39.14 -35.05 12.67
CA GLU G 285 -37.73 -34.70 12.65
C GLU G 285 -36.91 -35.83 12.05
N GLN G 286 -37.30 -37.08 12.28
CA GLN G 286 -36.62 -38.19 11.66
C GLN G 286 -36.81 -38.18 10.14
N TRP G 287 -38.00 -37.83 9.68
CA TRP G 287 -38.21 -37.71 8.24
C TRP G 287 -37.39 -36.58 7.65
N ASN G 288 -37.30 -35.45 8.35
CA ASN G 288 -36.48 -34.34 7.85
C ASN G 288 -35.01 -34.73 7.78
N ALA G 289 -34.51 -35.44 8.81
CA ALA G 289 -33.13 -35.90 8.78
C ALA G 289 -32.89 -36.89 7.65
N LEU G 290 -33.85 -37.80 7.42
CA LEU G 290 -33.73 -38.73 6.31
C LEU G 290 -33.71 -38.00 4.98
N MET G 291 -34.53 -36.96 4.84
CA MET G 291 -34.54 -36.18 3.60
C MET G 291 -33.21 -35.47 3.37
N VAL G 292 -32.65 -34.87 4.42
CA VAL G 292 -31.36 -34.21 4.29
C VAL G 292 -30.28 -35.21 3.90
N THR G 293 -30.29 -36.38 4.54
CA THR G 293 -29.30 -37.41 4.19
C THR G 293 -29.44 -37.85 2.74
N ALA G 294 -30.68 -38.09 2.29
CA ALA G 294 -30.89 -38.54 0.92
C ALA G 294 -30.47 -37.48 -0.08
N GLN G 295 -30.70 -36.20 0.23
CA GLN G 295 -30.34 -35.14 -0.70
C GLN G 295 -28.85 -34.92 -0.75
N ARG G 296 -28.16 -35.03 0.39
CA ARG G 296 -26.74 -34.70 0.45
C ARG G 296 -25.82 -35.88 0.17
N SER G 297 -26.33 -37.12 0.19
CA SER G 297 -25.46 -38.27 0.02
C SER G 297 -24.91 -38.40 -1.39
N GLN G 298 -25.56 -37.77 -2.38
CA GLN G 298 -25.08 -37.85 -3.75
C GLN G 298 -23.71 -37.21 -3.91
N PHE G 299 -23.40 -36.21 -3.09
CA PHE G 299 -22.15 -35.49 -3.19
C PHE G 299 -21.05 -36.09 -2.31
N GLU G 300 -21.37 -37.09 -1.51
CA GLU G 300 -20.37 -37.79 -0.71
C GLU G 300 -19.96 -39.12 -1.30
N THR G 301 -20.86 -39.80 -1.99
CA THR G 301 -20.55 -41.06 -2.66
C THR G 301 -20.14 -40.86 -4.11
N ASP G 302 -20.06 -39.62 -4.58
CA ASP G 302 -19.64 -39.33 -5.95
C ASP G 302 -18.78 -38.07 -5.91
N ALA G 303 -17.46 -38.25 -6.09
CA ALA G 303 -16.57 -37.10 -6.13
C ALA G 303 -16.69 -36.31 -7.41
N LYS G 304 -17.16 -36.93 -8.49
CA LYS G 304 -17.32 -36.23 -9.76
C LYS G 304 -18.34 -35.11 -9.64
N LEU G 305 -19.47 -35.39 -9.01
CA LEU G 305 -20.51 -34.38 -8.84
C LEU G 305 -20.03 -33.23 -7.96
N ASN G 306 -19.36 -33.55 -6.85
CA ASN G 306 -18.84 -32.51 -5.96
C ASN G 306 -17.83 -31.63 -6.69
N GLU G 307 -16.91 -32.25 -7.43
CA GLU G 307 -15.93 -31.46 -8.17
C GLU G 307 -16.59 -30.59 -9.21
N GLN G 308 -17.54 -31.13 -9.97
CA GLN G 308 -18.21 -30.37 -11.01
C GLN G 308 -18.91 -29.14 -10.42
N TYR G 309 -19.71 -29.35 -9.37
CA TYR G 309 -20.46 -28.24 -8.79
C TYR G 309 -19.54 -27.21 -8.14
N ARG G 310 -18.50 -27.67 -7.43
CA ARG G 310 -17.62 -26.71 -6.76
C ARG G 310 -16.81 -25.90 -7.76
N LEU G 311 -16.37 -26.53 -8.85
CA LEU G 311 -15.64 -25.79 -9.88
C LEU G 311 -16.56 -24.82 -10.61
N LYS G 312 -17.81 -25.21 -10.86
CA LYS G 312 -18.74 -24.26 -11.46
C LYS G 312 -18.97 -23.05 -10.56
N ILE G 313 -19.17 -23.28 -9.26
CA ILE G 313 -19.41 -22.18 -8.34
C ILE G 313 -18.18 -21.28 -8.25
N ASN G 314 -16.99 -21.87 -8.19
CA ASN G 314 -15.78 -21.06 -8.08
C ASN G 314 -15.51 -20.28 -9.37
N SER G 315 -15.83 -20.84 -10.53
CA SER G 315 -15.66 -20.09 -11.77
C SER G 315 -16.68 -18.97 -11.88
N ALA G 316 -17.89 -19.17 -11.36
CA ALA G 316 -18.87 -18.09 -11.33
C ALA G 316 -18.44 -16.97 -10.40
N LEU G 317 -17.58 -17.23 -9.43
CA LEU G 317 -17.09 -16.22 -8.51
C LEU G 317 -15.86 -15.49 -9.01
N ASN G 318 -15.33 -15.88 -10.17
CA ASN G 318 -14.14 -15.26 -10.74
C ASN G 318 -14.47 -14.49 -12.02
N GLN G 319 -15.69 -14.00 -12.14
CA GLN G 319 -16.09 -13.15 -13.24
C GLN G 319 -15.82 -11.69 -12.90
N GLU G 320 -15.51 -10.90 -13.93
CA GLU G 320 -15.25 -9.49 -13.72
C GLU G 320 -16.52 -8.68 -13.51
N ASP G 321 -17.63 -9.10 -14.12
CA ASP G 321 -18.89 -8.40 -13.98
C ASP G 321 -19.77 -9.14 -12.98
N PRO G 322 -20.13 -8.52 -11.86
CA PRO G 322 -21.00 -9.21 -10.88
C PRO G 322 -22.37 -9.57 -11.42
N ARG G 323 -22.91 -8.79 -12.36
CA ARG G 323 -24.23 -9.11 -12.91
C ARG G 323 -24.21 -10.42 -13.68
N THR G 324 -23.10 -10.75 -14.33
CA THR G 324 -22.99 -12.05 -14.99
C THR G 324 -22.84 -13.17 -13.96
N ALA G 325 -22.07 -12.92 -12.90
CA ALA G 325 -21.90 -13.93 -11.86
C ALA G 325 -23.21 -14.28 -11.18
N TRP G 326 -24.08 -13.28 -10.96
CA TRP G 326 -25.37 -13.55 -10.35
C TRP G 326 -26.21 -14.49 -11.20
N GLU G 327 -26.25 -14.25 -12.51
CA GLU G 327 -27.05 -15.10 -13.38
C GLU G 327 -26.45 -16.49 -13.52
N MET G 328 -25.12 -16.58 -13.50
CA MET G 328 -24.47 -17.89 -13.48
C MET G 328 -24.85 -18.67 -12.23
N LEU G 329 -24.90 -17.99 -11.08
CA LEU G 329 -25.31 -18.65 -9.85
C LEU G 329 -26.76 -19.09 -9.91
N GLN G 330 -27.63 -18.28 -10.52
CA GLN G 330 -29.01 -18.70 -10.70
C GLN G 330 -29.10 -19.96 -11.56
N GLY G 331 -28.29 -20.03 -12.62
CA GLY G 331 -28.25 -21.24 -13.43
C GLY G 331 -27.78 -22.45 -12.64
N ILE G 332 -26.78 -22.26 -11.78
CA ILE G 332 -26.29 -23.37 -10.97
C ILE G 332 -27.36 -23.82 -9.97
N LYS G 333 -28.11 -22.87 -9.41
CA LYS G 333 -29.21 -23.23 -8.52
C LYS G 333 -30.27 -24.04 -9.26
N ALA G 334 -30.57 -23.64 -10.49
CA ALA G 334 -31.53 -24.41 -11.30
C ALA G 334 -31.02 -25.81 -11.56
N GLU G 335 -29.71 -25.96 -11.82
CA GLU G 335 -29.15 -27.30 -12.00
C GLU G 335 -29.26 -28.12 -10.72
N LEU G 336 -29.00 -27.51 -9.57
CA LEU G 336 -29.04 -28.24 -8.31
C LEU G 336 -30.46 -28.65 -7.94
N ASP G 337 -31.46 -27.89 -8.36
CA ASP G 337 -32.84 -28.22 -8.03
C ASP G 337 -33.27 -29.59 -8.57
N LYS G 338 -32.58 -30.11 -9.58
CA LYS G 338 -32.94 -31.39 -10.18
C LYS G 338 -32.36 -32.58 -9.45
N VAL G 339 -31.41 -32.39 -8.54
CA VAL G 339 -30.83 -33.48 -7.77
C VAL G 339 -31.17 -33.39 -6.29
N GLN G 340 -31.71 -32.27 -5.82
CA GLN G 340 -32.14 -32.09 -4.44
C GLN G 340 -33.55 -31.55 -4.48
N PRO G 341 -34.55 -32.39 -4.77
CA PRO G 341 -35.91 -31.91 -5.05
C PRO G 341 -36.77 -31.71 -3.81
N ASP G 342 -36.22 -31.09 -2.78
CA ASP G 342 -36.97 -30.83 -1.57
C ASP G 342 -36.57 -29.47 -1.02
N GLU G 343 -37.11 -29.13 0.15
CA GLU G 343 -37.03 -27.77 0.68
C GLU G 343 -36.05 -27.60 1.82
N GLN G 344 -35.45 -28.67 2.32
CA GLN G 344 -34.60 -28.56 3.48
C GLN G 344 -33.25 -27.94 3.11
N MET G 345 -32.55 -27.45 4.13
CA MET G 345 -31.21 -26.90 3.95
C MET G 345 -30.20 -28.03 3.90
N THR G 346 -29.42 -28.09 2.83
CA THR G 346 -28.36 -29.05 2.65
C THR G 346 -27.03 -28.31 2.58
N PRO G 347 -25.90 -28.99 2.82
CA PRO G 347 -24.60 -28.31 2.70
C PRO G 347 -24.28 -27.82 1.30
N GLN G 348 -25.08 -28.15 0.31
CA GLN G 348 -24.86 -27.68 -1.06
C GLN G 348 -25.64 -26.42 -1.38
N ARG G 349 -26.76 -26.19 -0.69
CA ARG G 349 -27.45 -24.91 -0.79
C ARG G 349 -26.73 -23.82 0.00
N GLU G 350 -26.01 -24.21 1.05
CA GLU G 350 -25.15 -23.28 1.76
C GLU G 350 -24.04 -22.76 0.85
N TRP G 351 -23.49 -23.63 0.00
CA TRP G 351 -22.53 -23.19 -1.01
C TRP G 351 -23.08 -22.03 -1.81
N LEU G 352 -24.32 -22.17 -2.28
CA LEU G 352 -24.89 -21.17 -3.19
C LEU G 352 -25.27 -19.90 -2.46
N ILE G 353 -25.74 -20.01 -1.22
CA ILE G 353 -26.04 -18.79 -0.45
C ILE G 353 -24.75 -18.02 -0.17
N SER G 354 -23.68 -18.72 0.21
CA SER G 354 -22.40 -18.05 0.42
C SER G 354 -21.89 -17.43 -0.86
N ALA G 355 -22.06 -18.12 -2.00
CA ALA G 355 -21.61 -17.57 -3.27
C ALA G 355 -22.36 -16.28 -3.60
N GLN G 356 -23.66 -16.25 -3.35
CA GLN G 356 -24.43 -15.03 -3.62
C GLN G 356 -24.00 -13.89 -2.72
N GLU G 357 -23.71 -14.18 -1.44
CA GLU G 357 -23.19 -13.13 -0.56
C GLU G 357 -21.86 -12.61 -1.06
N GLN G 358 -20.98 -13.50 -1.51
CA GLN G 358 -19.69 -13.07 -2.05
C GLN G 358 -19.87 -12.21 -3.30
N VAL G 359 -20.86 -12.54 -4.13
CA VAL G 359 -21.12 -11.73 -5.33
C VAL G 359 -21.62 -10.35 -4.94
N GLN G 360 -22.40 -10.25 -3.86
CA GLN G 360 -22.82 -8.94 -3.38
C GLN G 360 -21.62 -8.10 -2.93
N ASN G 361 -20.68 -8.73 -2.21
CA ASN G 361 -19.46 -8.03 -1.82
C ASN G 361 -18.67 -7.58 -3.05
N GLN G 362 -18.58 -8.44 -4.06
CA GLN G 362 -17.90 -8.08 -5.30
C GLN G 362 -18.58 -6.91 -5.98
N MET G 363 -19.91 -6.86 -5.91
CA MET G 363 -20.64 -5.73 -6.49
C MET G 363 -20.28 -4.43 -5.79
N ASN G 364 -20.15 -4.46 -4.47
CA ASN G 364 -19.70 -3.28 -3.74
C ASN G 364 -18.33 -2.82 -4.23
N ALA G 365 -17.37 -3.75 -4.29
CA ALA G 365 -16.03 -3.39 -4.73
C ALA G 365 -16.01 -2.91 -6.18
N TRP G 366 -16.92 -3.42 -7.01
CA TRP G 366 -17.01 -3.00 -8.40
C TRP G 366 -17.55 -1.59 -8.53
N THR G 367 -18.55 -1.25 -7.71
CA THR G 367 -19.12 0.10 -7.76
C THR G 367 -18.12 1.14 -7.29
N LYS G 368 -17.25 0.79 -6.32
CA LYS G 368 -16.09 1.64 -6.04
C LYS G 368 -15.38 2.09 -7.31
N ALA G 369 -14.89 1.14 -8.10
CA ALA G 369 -14.07 1.46 -9.26
C ALA G 369 -14.88 2.22 -10.30
N GLN G 370 -16.13 1.83 -10.52
CA GLN G 370 -16.94 2.53 -11.52
C GLN G 370 -17.13 4.00 -11.14
N ALA G 371 -17.44 4.27 -9.87
CA ALA G 371 -17.63 5.64 -9.44
C ALA G 371 -16.33 6.43 -9.56
N LYS G 372 -15.21 5.82 -9.19
CA LYS G 372 -13.94 6.54 -9.28
C LYS G 372 -13.60 6.91 -10.71
N ALA G 373 -13.78 5.97 -11.65
CA ALA G 373 -13.49 6.27 -13.06
C ALA G 373 -14.41 7.36 -13.59
N LEU G 374 -15.70 7.30 -13.23
CA LEU G 374 -16.63 8.32 -13.69
C LEU G 374 -16.25 9.70 -13.14
N ASP G 375 -15.81 9.76 -11.89
CA ASP G 375 -15.32 11.01 -11.33
C ASP G 375 -14.11 11.54 -12.09
N ASP G 376 -13.19 10.65 -12.43
CA ASP G 376 -11.99 11.07 -13.15
C ASP G 376 -12.34 11.69 -14.49
N SER G 377 -13.28 11.08 -15.22
CA SER G 377 -13.64 11.67 -16.52
C SER G 377 -14.45 12.96 -16.36
N MET G 378 -15.28 13.02 -15.31
CA MET G 378 -16.12 14.19 -15.11
C MET G 378 -15.30 15.40 -14.71
N LYS G 379 -14.16 15.19 -14.04
CA LYS G 379 -13.27 16.32 -13.75
C LYS G 379 -12.73 16.95 -15.02
N SER G 380 -12.35 16.13 -16.01
CA SER G 380 -11.87 16.66 -17.28
C SER G 380 -12.97 17.44 -18.00
N MET G 381 -14.19 16.90 -18.01
CA MET G 381 -15.28 17.65 -18.64
C MET G 381 -15.52 18.98 -17.93
N ASN G 382 -15.42 18.99 -16.60
CA ASN G 382 -15.62 20.23 -15.85
C ASN G 382 -14.53 21.25 -16.18
N LYS G 383 -13.29 20.80 -16.31
CA LYS G 383 -12.21 21.71 -16.67
C LYS G 383 -12.42 22.33 -18.05
N LEU G 384 -12.88 21.53 -19.01
CA LEU G 384 -13.19 22.07 -20.31
C LEU G 384 -14.31 23.11 -20.23
N ASP G 385 -15.33 22.84 -19.43
CA ASP G 385 -16.42 23.81 -19.27
C ASP G 385 -15.91 25.11 -18.67
N VAL G 386 -15.02 25.04 -17.70
CA VAL G 386 -14.47 26.25 -17.07
C VAL G 386 -13.67 27.06 -18.08
N ILE G 387 -12.84 26.40 -18.89
CA ILE G 387 -12.07 27.12 -19.91
C ILE G 387 -13.00 27.79 -20.91
N ASP G 388 -14.06 27.08 -21.32
CA ASP G 388 -15.01 27.66 -22.25
C ASP G 388 -15.67 28.91 -21.66
N LYS G 389 -16.04 28.84 -20.39
CA LYS G 389 -16.63 30.00 -19.73
C LYS G 389 -15.65 31.17 -19.69
N GLN G 390 -14.36 30.89 -19.47
CA GLN G 390 -13.37 31.96 -19.39
C GLN G 390 -13.19 32.67 -20.73
N PHE G 391 -13.02 31.91 -21.82
CA PHE G 391 -13.02 32.54 -23.15
C PHE G 391 -14.31 33.28 -23.47
N GLN G 392 -15.46 32.75 -23.04
CA GLN G 392 -16.69 33.47 -23.33
C GLN G 392 -16.72 34.81 -22.61
N LYS G 393 -16.25 34.85 -21.36
CA LYS G 393 -16.16 36.11 -20.65
C LYS G 393 -15.18 37.07 -21.32
N ARG G 394 -14.01 36.56 -21.74
CA ARG G 394 -13.01 37.42 -22.35
C ARG G 394 -13.47 37.99 -23.68
N ILE G 395 -14.15 37.19 -24.50
CA ILE G 395 -14.59 37.65 -25.80
C ILE G 395 -15.65 38.75 -25.66
N ASN G 396 -16.50 38.63 -24.63
CA ASN G 396 -17.56 39.62 -24.42
C ASN G 396 -17.04 40.97 -23.94
N GLY G 397 -15.77 41.06 -23.58
CA GLY G 397 -15.18 42.31 -23.18
C GLY G 397 -14.79 42.44 -21.72
N GLU G 398 -14.66 41.34 -21.00
CA GLU G 398 -14.27 41.37 -19.60
C GLU G 398 -12.77 41.13 -19.47
N TRP G 399 -12.19 41.63 -18.38
CA TRP G 399 -10.75 41.61 -18.20
C TRP G 399 -10.39 40.44 -17.28
N VAL G 400 -10.26 39.26 -17.90
CA VAL G 400 -9.88 38.04 -17.23
C VAL G 400 -8.73 37.41 -18.01
N SER G 401 -8.00 36.54 -17.34
CA SER G 401 -6.84 35.88 -17.95
C SER G 401 -7.27 34.54 -18.51
N THR G 402 -6.91 34.29 -19.78
CA THR G 402 -7.24 33.04 -20.44
C THR G 402 -6.08 32.05 -20.43
N ASP G 403 -5.07 32.29 -19.60
CA ASP G 403 -4.00 31.34 -19.39
C ASP G 403 -4.48 30.21 -18.49
N PHE G 404 -4.06 28.98 -18.79
CA PHE G 404 -4.52 27.83 -18.02
C PHE G 404 -4.01 27.86 -16.58
N LYS G 405 -2.93 28.60 -16.31
CA LYS G 405 -2.44 28.76 -14.95
C LYS G 405 -3.31 29.69 -14.12
N ASP G 406 -4.21 30.45 -14.75
CA ASP G 406 -5.05 31.41 -14.05
C ASP G 406 -6.52 31.02 -14.05
N MET G 407 -6.85 29.80 -14.41
CA MET G 407 -8.23 29.35 -14.35
C MET G 407 -8.62 29.08 -12.90
N PRO G 408 -9.86 29.38 -12.53
CA PRO G 408 -10.31 29.05 -11.16
C PRO G 408 -10.29 27.55 -10.91
N VAL G 409 -9.87 27.17 -9.71
CA VAL G 409 -9.66 25.78 -9.35
C VAL G 409 -10.64 25.41 -8.24
N ASN G 410 -11.24 24.23 -8.35
CA ASN G 410 -12.24 23.74 -7.43
C ASN G 410 -11.88 22.32 -7.03
N GLU G 411 -12.74 21.70 -6.21
CA GLU G 411 -12.63 20.28 -5.97
C GLU G 411 -13.26 19.45 -7.08
N ASN G 412 -14.05 20.08 -7.94
CA ASN G 412 -14.66 19.43 -9.09
C ASN G 412 -13.84 19.54 -10.35
N THR G 413 -12.71 20.24 -10.31
CA THR G 413 -11.83 20.40 -11.45
C THR G 413 -10.43 19.86 -11.21
N GLY G 414 -9.84 20.14 -10.05
CA GLY G 414 -8.44 19.85 -9.85
C GLY G 414 -7.57 20.94 -10.45
N GLU G 415 -6.32 20.59 -10.71
CA GLU G 415 -5.37 21.52 -11.30
C GLU G 415 -5.40 21.40 -12.81
N PHE G 416 -5.21 22.52 -13.49
CA PHE G 416 -5.26 22.58 -14.94
C PHE G 416 -3.89 22.25 -15.54
N LYS G 417 -3.94 21.70 -16.76
CA LYS G 417 -2.73 21.31 -17.49
C LYS G 417 -2.75 21.95 -18.87
N HIS G 418 -1.59 21.93 -19.52
CA HIS G 418 -1.49 22.46 -20.87
C HIS G 418 -2.31 21.63 -21.86
N SER G 419 -2.34 20.31 -21.65
CA SER G 419 -3.13 19.45 -22.52
C SER G 419 -4.61 19.77 -22.44
N ASP G 420 -5.08 20.32 -21.32
CA ASP G 420 -6.46 20.77 -21.23
C ASP G 420 -6.73 21.89 -22.22
N MET G 421 -5.83 22.86 -22.32
CA MET G 421 -5.99 23.93 -23.30
C MET G 421 -5.86 23.39 -24.73
N VAL G 422 -4.96 22.43 -24.94
CA VAL G 422 -4.84 21.83 -26.28
C VAL G 422 -6.15 21.17 -26.69
N ASN G 423 -6.73 20.38 -25.78
CA ASN G 423 -7.99 19.70 -26.07
C ASN G 423 -9.12 20.70 -26.29
N TYR G 424 -9.17 21.77 -25.46
CA TYR G 424 -10.21 22.77 -25.64
C TYR G 424 -10.09 23.46 -27.00
N ALA G 425 -8.88 23.80 -27.41
CA ALA G 425 -8.70 24.47 -28.69
C ALA G 425 -9.11 23.57 -29.84
N ASN G 426 -8.72 22.29 -29.80
CA ASN G 426 -9.11 21.37 -30.86
C ASN G 426 -10.61 21.20 -30.92
N LYS G 427 -11.25 21.02 -29.75
CA LYS G 427 -12.69 20.84 -29.70
C LYS G 427 -13.42 22.08 -30.21
N LYS G 428 -12.96 23.26 -29.81
CA LYS G 428 -13.61 24.50 -30.24
C LYS G 428 -13.47 24.69 -31.75
N LEU G 429 -12.29 24.41 -32.31
CA LEU G 429 -12.11 24.55 -33.75
C LEU G 429 -13.02 23.59 -34.50
N ALA G 430 -13.11 22.34 -34.03
CA ALA G 430 -14.01 21.38 -34.69
C ALA G 430 -15.46 21.82 -34.60
N GLU G 431 -15.88 22.32 -33.43
CA GLU G 431 -17.26 22.76 -33.26
C GLU G 431 -17.58 23.94 -34.16
N ILE G 432 -16.65 24.89 -34.29
CA ILE G 432 -16.87 26.02 -35.20
C ILE G 432 -16.94 25.52 -36.64
N ASP G 433 -16.11 24.53 -36.99
CA ASP G 433 -16.15 23.97 -38.34
C ASP G 433 -17.45 23.23 -38.63
N SER G 434 -18.13 22.72 -37.60
CA SER G 434 -19.36 21.98 -37.80
C SER G 434 -20.61 22.86 -37.84
N MET G 435 -20.44 24.17 -37.79
CA MET G 435 -21.59 25.08 -37.77
C MET G 435 -22.14 25.31 -39.16
N ASP G 436 -23.44 25.58 -39.23
CA ASP G 436 -24.11 25.85 -40.51
C ASP G 436 -24.23 27.36 -40.73
N ILE G 437 -23.07 27.96 -41.00
CA ILE G 437 -22.97 29.39 -41.26
C ILE G 437 -22.01 29.61 -42.42
N PRO G 438 -22.10 30.78 -43.07
CA PRO G 438 -21.14 31.09 -44.14
C PRO G 438 -19.72 31.16 -43.60
N ASP G 439 -18.76 31.07 -44.53
CA ASP G 439 -17.36 30.98 -44.15
C ASP G 439 -16.87 32.27 -43.48
N GLY G 440 -17.44 33.41 -43.84
CA GLY G 440 -17.02 34.66 -43.22
C GLY G 440 -17.30 34.69 -41.73
N ALA G 441 -18.47 34.19 -41.32
CA ALA G 441 -18.80 34.14 -39.90
C ALA G 441 -17.86 33.18 -39.16
N LYS G 442 -17.53 32.05 -39.78
CA LYS G 442 -16.59 31.12 -39.18
C LYS G 442 -15.22 31.77 -38.99
N ASP G 443 -14.75 32.51 -40.00
CA ASP G 443 -13.48 33.20 -39.87
C ASP G 443 -13.54 34.25 -38.77
N ALA G 444 -14.65 34.97 -38.67
CA ALA G 444 -14.80 35.97 -37.62
C ALA G 444 -14.73 35.34 -36.23
N MET G 445 -15.41 34.20 -36.04
CA MET G 445 -15.36 33.52 -34.75
C MET G 445 -13.96 33.01 -34.43
N LYS G 446 -13.30 32.41 -35.42
CA LYS G 446 -11.95 31.92 -35.20
C LYS G 446 -10.99 33.04 -34.84
N LEU G 447 -11.14 34.19 -35.49
CA LEU G 447 -10.27 35.32 -35.19
C LEU G 447 -10.60 35.93 -33.83
N LYS G 448 -11.87 35.89 -33.42
CA LYS G 448 -12.19 36.32 -32.05
C LYS G 448 -11.52 35.43 -31.02
N TYR G 449 -11.53 34.12 -31.24
CA TYR G 449 -10.85 33.22 -30.31
C TYR G 449 -9.34 33.41 -30.35
N LEU G 450 -8.80 33.70 -31.52
CA LEU G 450 -7.37 33.99 -31.62
C LEU G 450 -6.99 35.25 -30.87
N GLN G 451 -7.84 36.28 -30.96
CA GLN G 451 -7.53 37.55 -30.29
C GLN G 451 -7.67 37.41 -28.78
N ALA G 452 -8.67 36.67 -28.31
CA ALA G 452 -8.86 36.50 -26.87
C ALA G 452 -7.84 35.57 -26.23
N ASP G 453 -7.04 34.86 -27.03
CA ASP G 453 -6.12 33.87 -26.50
C ASP G 453 -4.92 34.54 -25.83
N SER G 454 -4.30 33.81 -24.90
CA SER G 454 -3.14 34.32 -24.19
C SER G 454 -1.88 34.10 -25.02
N LYS G 455 -0.76 34.64 -24.52
CA LYS G 455 0.46 34.73 -25.31
C LYS G 455 0.96 33.36 -25.76
N ASP G 456 0.97 32.38 -24.86
CA ASP G 456 1.44 31.04 -25.17
C ASP G 456 0.29 30.03 -25.28
N GLY G 457 -0.88 30.49 -25.70
CA GLY G 457 -2.04 29.62 -25.81
C GLY G 457 -1.96 28.69 -27.00
N ALA G 458 -2.95 27.80 -27.08
CA ALA G 458 -3.00 26.82 -28.15
C ALA G 458 -3.46 27.44 -29.47
N PHE G 459 -4.39 28.40 -29.42
CA PHE G 459 -4.83 29.07 -30.63
C PHE G 459 -3.68 29.82 -31.29
N ARG G 460 -2.86 30.50 -30.48
CA ARG G 460 -1.72 31.23 -31.03
C ARG G 460 -0.60 30.29 -31.44
N THR G 461 -0.52 29.10 -30.86
CA THR G 461 0.48 28.12 -31.26
C THR G 461 0.12 27.48 -32.60
N ALA G 462 -1.17 27.24 -32.83
CA ALA G 462 -1.59 26.65 -34.10
C ALA G 462 -1.30 27.58 -35.26
N ILE G 463 -1.59 28.88 -35.10
CA ILE G 463 -1.32 29.83 -36.18
C ILE G 463 0.12 30.31 -36.18
N GLY G 464 0.90 30.01 -35.13
CA GLY G 464 2.30 30.39 -35.13
C GLY G 464 3.12 29.64 -36.15
N THR G 465 2.66 28.44 -36.55
CA THR G 465 3.32 27.70 -37.61
C THR G 465 3.23 28.45 -38.93
N MET G 466 2.07 29.07 -39.19
CA MET G 466 1.91 29.88 -40.40
C MET G 466 2.92 31.03 -40.42
N VAL G 467 3.06 31.74 -39.31
CA VAL G 467 3.95 32.90 -39.26
C VAL G 467 5.40 32.46 -39.40
N THR G 468 5.78 31.37 -38.72
CA THR G 468 7.14 30.85 -38.84
C THR G 468 7.45 30.46 -40.27
N ASP G 469 6.51 29.76 -40.92
CA ASP G 469 6.73 29.33 -42.30
C ASP G 469 6.82 30.52 -43.25
N ALA G 470 5.98 31.54 -43.05
CA ALA G 470 6.02 32.71 -43.91
C ALA G 470 7.34 33.46 -43.76
N GLY G 471 7.79 33.64 -42.52
CA GLY G 471 9.07 34.29 -42.31
C GLY G 471 10.23 33.52 -42.92
N GLN G 472 10.20 32.19 -42.77
CA GLN G 472 11.24 31.36 -43.38
C GLN G 472 11.20 31.46 -44.89
N GLU G 473 10.01 31.47 -45.49
CA GLU G 473 9.88 31.61 -46.92
C GLU G 473 10.51 32.91 -47.40
N TRP G 474 10.18 34.03 -46.75
CA TRP G 474 10.73 35.30 -47.19
C TRP G 474 12.24 35.37 -47.01
N SER G 475 12.75 34.90 -45.86
CA SER G 475 14.19 34.97 -45.63
C SER G 475 14.97 34.09 -46.62
N ALA G 476 14.46 32.88 -46.86
CA ALA G 476 15.11 32.00 -47.84
C ALA G 476 15.05 32.59 -49.24
N ALA G 477 13.94 33.23 -49.60
CA ALA G 477 13.84 33.87 -50.91
C ALA G 477 14.85 35.00 -51.05
N VAL G 478 15.03 35.78 -49.99
CA VAL G 478 16.01 36.86 -50.03
C VAL G 478 17.42 36.30 -50.18
N ILE G 479 17.74 35.23 -49.44
CA ILE G 479 19.08 34.64 -49.53
C ILE G 479 19.32 34.06 -50.92
N ASN G 480 18.35 33.34 -51.48
CA ASN G 480 18.51 32.70 -52.78
C ASN G 480 18.25 33.64 -53.94
N GLY G 481 17.68 34.81 -53.70
CA GLY G 481 17.44 35.76 -54.77
C GLY G 481 16.32 35.39 -55.71
N LYS G 482 15.40 34.55 -55.28
CA LYS G 482 14.28 34.16 -56.13
C LYS G 482 13.17 33.60 -55.24
N LEU G 483 11.93 33.96 -55.54
CA LEU G 483 10.81 33.40 -54.82
C LEU G 483 10.53 31.98 -55.31
N PRO G 484 10.21 31.06 -54.41
CA PRO G 484 9.87 29.70 -54.82
C PRO G 484 8.53 29.67 -55.54
N GLU G 485 8.28 28.56 -56.24
CA GLU G 485 7.04 28.43 -57.00
C GLU G 485 5.82 28.42 -56.09
N ARG G 486 5.95 27.92 -54.87
CA ARG G 486 4.86 27.86 -53.91
C ARG G 486 5.26 28.57 -52.63
N THR G 487 4.41 29.49 -52.18
CA THR G 487 4.54 30.12 -50.85
C THR G 487 3.20 30.04 -50.16
N PRO G 488 2.77 28.83 -49.76
CA PRO G 488 1.43 28.69 -49.17
C PRO G 488 1.24 29.47 -47.88
N ALA G 489 2.28 29.57 -47.05
CA ALA G 489 2.14 30.25 -45.77
C ALA G 489 1.96 31.74 -45.95
N MET G 490 2.72 32.35 -46.87
CA MET G 490 2.57 33.78 -47.12
C MET G 490 1.18 34.09 -47.68
N ASP G 491 0.69 33.24 -48.59
CA ASP G 491 -0.64 33.47 -49.15
C ASP G 491 -1.72 33.33 -48.07
N ALA G 492 -1.61 32.31 -47.22
CA ALA G 492 -2.59 32.14 -46.15
C ALA G 492 -2.57 33.31 -45.18
N LEU G 493 -1.37 33.76 -44.79
CA LEU G 493 -1.27 34.87 -43.85
C LEU G 493 -1.77 36.16 -44.48
N ARG G 494 -1.52 36.37 -45.77
CA ARG G 494 -2.03 37.55 -46.45
C ARG G 494 -3.55 37.53 -46.53
N ARG G 495 -4.15 36.38 -46.78
CA ARG G 495 -5.60 36.29 -46.80
C ARG G 495 -6.19 36.57 -45.41
N ILE G 496 -5.56 36.03 -44.37
CA ILE G 496 -6.02 36.30 -43.01
C ILE G 496 -5.89 37.78 -42.69
N ARG G 497 -4.81 38.42 -43.14
CA ARG G 497 -4.67 39.86 -43.00
C ARG G 497 -5.79 40.60 -43.70
N ASN G 498 -6.13 40.17 -44.92
CA ASN G 498 -7.25 40.80 -45.63
C ASN G 498 -8.55 40.64 -44.87
N ALA G 499 -8.69 39.54 -44.11
CA ALA G 499 -9.87 39.38 -43.27
C ALA G 499 -9.85 40.36 -42.09
N ASP G 500 -8.69 40.54 -41.45
CA ASP G 500 -8.59 41.38 -40.27
C ASP G 500 -7.19 42.00 -40.22
N PRO G 501 -7.04 43.25 -40.68
CA PRO G 501 -5.70 43.86 -40.73
C PRO G 501 -5.15 44.28 -39.37
N GLN G 502 -6.03 44.81 -38.51
CA GLN G 502 -5.57 45.33 -37.23
C GLN G 502 -5.09 44.23 -36.30
N LEU G 503 -5.76 43.07 -36.32
CA LEU G 503 -5.33 41.96 -35.49
C LEU G 503 -3.95 41.44 -35.92
N ILE G 504 -3.73 41.33 -37.23
CA ILE G 504 -2.43 40.85 -37.71
C ILE G 504 -1.34 41.87 -37.43
N ALA G 505 -1.64 43.15 -37.58
CA ALA G 505 -0.66 44.17 -37.23
C ALA G 505 -0.35 44.17 -35.74
N ALA G 506 -1.34 43.86 -34.90
CA ALA G 506 -1.11 43.83 -33.46
C ALA G 506 -0.27 42.62 -33.06
N LEU G 507 -0.50 41.47 -33.70
CA LEU G 507 0.18 40.25 -33.29
C LEU G 507 1.51 40.02 -34.00
N TYR G 508 1.57 40.25 -35.31
CA TYR G 508 2.76 39.98 -36.12
C TYR G 508 3.12 41.21 -36.92
N PRO G 509 3.74 42.21 -36.29
CA PRO G 509 4.04 43.47 -37.00
C PRO G 509 4.95 43.33 -38.20
N ASP G 510 5.93 42.41 -38.15
CA ASP G 510 6.88 42.30 -39.26
C ASP G 510 6.20 41.84 -40.53
N GLN G 511 5.37 40.81 -40.44
CA GLN G 511 4.64 40.34 -41.61
C GLN G 511 3.65 41.37 -42.10
N ALA G 512 3.04 42.13 -41.18
CA ALA G 512 2.12 43.19 -41.58
C ALA G 512 2.83 44.27 -42.39
N GLU G 513 4.01 44.69 -41.94
CA GLU G 513 4.78 45.69 -42.68
C GLU G 513 5.21 45.15 -44.04
N LEU G 514 5.65 43.88 -44.09
CA LEU G 514 6.02 43.28 -45.36
C LEU G 514 4.83 43.25 -46.32
N PHE G 515 3.65 42.90 -45.82
CA PHE G 515 2.46 42.84 -46.67
C PHE G 515 2.06 44.22 -47.15
N LEU G 516 2.22 45.25 -46.31
CA LEU G 516 1.92 46.61 -46.76
C LEU G 516 2.87 47.04 -47.88
N THR G 517 4.16 46.74 -47.73
CA THR G 517 5.12 47.05 -48.78
C THR G 517 4.78 46.32 -50.08
N MET G 518 4.44 45.04 -49.97
CA MET G 518 4.07 44.26 -51.15
C MET G 518 2.80 44.81 -51.80
N ASP G 519 1.85 45.28 -50.99
CA ASP G 519 0.63 45.88 -51.53
C ASP G 519 0.94 47.14 -52.32
N MET G 520 1.81 48.00 -51.78
CA MET G 520 2.16 49.22 -52.50
C MET G 520 2.86 48.90 -53.82
N MET G 521 3.79 47.94 -53.79
CA MET G 521 4.46 47.53 -55.03
C MET G 521 3.47 46.94 -56.02
N ASP G 522 2.53 46.13 -55.55
CA ASP G 522 1.54 45.54 -56.43
C ASP G 522 0.69 46.62 -57.10
N LYS G 523 0.29 47.64 -56.34
CA LYS G 523 -0.51 48.71 -56.91
C LYS G 523 0.29 49.55 -57.90
N GLN G 524 1.61 49.67 -57.70
CA GLN G 524 2.43 50.33 -58.71
C GLN G 524 2.73 49.45 -59.91
N GLY G 525 2.46 48.14 -59.82
CA GLY G 525 2.77 47.25 -60.93
C GLY G 525 4.20 46.75 -60.95
N ILE G 526 4.80 46.53 -59.78
CA ILE G 526 6.21 46.17 -59.67
C ILE G 526 6.31 44.74 -59.13
N ASP G 527 7.18 43.95 -59.74
CA ASP G 527 7.35 42.55 -59.37
C ASP G 527 8.10 42.46 -58.04
N PRO G 528 7.82 41.42 -57.24
CA PRO G 528 8.55 41.25 -55.96
C PRO G 528 10.04 41.04 -56.10
N GLN G 529 10.54 40.73 -57.31
CA GLN G 529 11.98 40.61 -57.50
C GLN G 529 12.71 41.89 -57.16
N VAL G 530 12.05 43.04 -57.33
CA VAL G 530 12.66 44.31 -56.96
C VAL G 530 12.87 44.39 -55.45
N ILE G 531 11.86 43.98 -54.68
CA ILE G 531 12.00 43.95 -53.23
C ILE G 531 13.10 42.98 -52.82
N LEU G 532 13.16 41.82 -53.49
CA LEU G 532 14.19 40.85 -53.17
C LEU G 532 15.58 41.43 -53.43
N ASP G 533 15.75 42.13 -54.55
CA ASP G 533 17.06 42.73 -54.87
C ASP G 533 17.43 43.80 -53.85
N ALA G 534 16.47 44.64 -53.47
CA ALA G 534 16.77 45.69 -52.48
C ALA G 534 17.15 45.08 -51.14
N ASP G 535 16.43 44.04 -50.71
CA ASP G 535 16.77 43.39 -49.45
C ASP G 535 18.13 42.71 -49.53
N ARG G 536 18.45 42.10 -50.67
CA ARG G 536 19.76 41.46 -50.84
C ARG G 536 20.88 42.49 -50.78
N LEU G 537 20.66 43.65 -51.39
CA LEU G 537 21.67 44.72 -51.32
C LEU G 537 21.85 45.23 -49.90
N THR G 538 20.76 45.38 -49.16
CA THR G 538 20.85 45.96 -47.83
C THR G 538 21.38 44.97 -46.79
N VAL G 539 21.06 43.68 -46.92
CA VAL G 539 21.38 42.72 -45.86
C VAL G 539 22.88 42.50 -45.74
N LYS G 540 23.62 42.63 -46.84
CA LYS G 540 25.05 42.38 -46.86
C LYS G 540 25.86 43.59 -46.43
N ARG G 541 25.26 44.48 -45.65
CA ARG G 541 25.82 45.79 -45.38
C ARG G 541 25.67 46.09 -43.89
N SER G 542 26.73 46.62 -43.29
CA SER G 542 26.75 46.82 -41.86
C SER G 542 25.89 48.03 -41.47
N LYS G 543 25.65 48.16 -40.16
CA LYS G 543 24.82 49.24 -39.65
C LYS G 543 25.48 50.61 -39.85
N GLU G 544 26.81 50.65 -39.86
CA GLU G 544 27.50 51.92 -40.09
C GLU G 544 27.41 52.34 -41.55
N GLN G 545 27.44 51.38 -42.48
CA GLN G 545 27.34 51.70 -43.89
C GLN G 545 25.92 52.06 -44.31
N ARG G 546 24.92 51.51 -43.62
CA ARG G 546 23.53 51.81 -43.94
C ARG G 546 23.22 53.27 -43.70
N PHE G 547 23.78 53.86 -42.63
CA PHE G 547 23.57 55.28 -42.37
C PHE G 547 24.17 56.12 -43.49
N GLU G 548 25.37 55.78 -43.95
CA GLU G 548 25.99 56.50 -45.05
C GLU G 548 25.16 56.38 -46.33
N ASP G 549 24.65 55.18 -46.60
CA ASP G 549 23.80 54.97 -47.77
C ASP G 549 22.54 55.82 -47.69
N ASP G 550 21.89 55.85 -46.53
CA ASP G 550 20.69 56.64 -46.36
C ASP G 550 20.97 58.13 -46.56
N LYS G 551 22.07 58.61 -45.98
CA LYS G 551 22.43 60.01 -46.14
C LYS G 551 22.71 60.35 -47.59
N ALA G 552 23.43 59.47 -48.30
CA ALA G 552 23.74 59.72 -49.70
C ALA G 552 22.46 59.74 -50.54
N PHE G 553 21.54 58.81 -50.28
CA PHE G 553 20.30 58.77 -51.05
C PHE G 553 19.46 60.02 -50.80
N GLU G 554 19.34 60.44 -49.54
CA GLU G 554 18.57 61.64 -49.24
C GLU G 554 19.21 62.88 -49.84
N SER G 555 20.53 62.96 -49.81
CA SER G 555 21.22 64.10 -50.42
C SER G 555 21.01 64.13 -51.92
N ALA G 556 21.05 62.95 -52.57
CA ALA G 556 20.80 62.90 -54.01
C ALA G 556 19.38 63.31 -54.34
N LEU G 557 18.41 62.92 -53.51
CA LEU G 557 17.03 63.30 -53.75
C LEU G 557 16.82 64.80 -53.56
N ASN G 558 17.34 65.35 -52.46
CA ASN G 558 17.11 66.76 -52.15
C ASN G 558 17.80 67.69 -53.15
N ALA G 559 18.83 67.22 -53.84
CA ALA G 559 19.53 68.02 -54.83
C ALA G 559 18.90 67.95 -56.21
N SER G 560 17.81 67.20 -56.37
CA SER G 560 17.16 67.07 -57.66
C SER G 560 16.42 68.36 -58.03
N LYS G 561 16.10 68.47 -59.31
CA LYS G 561 15.41 69.65 -59.82
C LYS G 561 13.91 69.43 -60.00
N ALA G 562 13.48 68.20 -60.23
CA ALA G 562 12.07 67.93 -60.39
C ALA G 562 11.35 68.04 -59.05
N PRO G 563 10.23 68.76 -58.98
CA PRO G 563 9.52 68.88 -57.70
C PRO G 563 9.04 67.56 -57.14
N GLU G 564 8.69 66.59 -57.99
CA GLU G 564 8.22 65.29 -57.53
C GLU G 564 9.31 64.52 -56.79
N ILE G 565 10.57 64.81 -57.06
CA ILE G 565 11.69 64.08 -56.48
C ILE G 565 12.25 64.78 -55.25
N ALA G 566 12.40 66.11 -55.32
CA ALA G 566 13.00 66.85 -54.23
C ALA G 566 12.11 66.93 -53.00
N ARG G 567 10.79 66.80 -53.16
CA ARG G 567 9.85 66.94 -52.06
C ARG G 567 8.87 65.77 -52.05
N MET G 568 9.42 64.58 -52.12
CA MET G 568 8.70 63.31 -52.15
C MET G 568 8.26 62.92 -50.74
N PRO G 569 7.03 62.42 -50.59
CA PRO G 569 6.60 61.90 -49.29
C PRO G 569 7.37 60.65 -48.90
N ALA G 570 7.40 60.37 -47.60
CA ALA G 570 8.21 59.28 -47.09
C ALA G 570 7.72 57.92 -47.59
N SER G 571 6.40 57.73 -47.65
CA SER G 571 5.85 56.46 -48.10
C SER G 571 6.22 56.19 -49.55
N LEU G 572 6.17 57.21 -50.40
CA LEU G 572 6.64 57.04 -51.77
C LEU G 572 8.15 56.91 -51.82
N ARG G 573 8.85 57.56 -50.89
CA ARG G 573 10.30 57.49 -50.87
C ARG G 573 10.81 56.08 -50.58
N GLU G 574 10.05 55.31 -49.79
CA GLU G 574 10.45 53.93 -49.52
C GLU G 574 10.45 53.09 -50.80
N SER G 575 9.38 53.16 -51.58
CA SER G 575 9.32 52.42 -52.83
C SER G 575 10.33 52.93 -53.84
N ALA G 576 10.56 54.25 -53.87
CA ALA G 576 11.59 54.80 -54.74
C ALA G 576 12.97 54.27 -54.36
N ARG G 577 13.25 54.18 -53.07
CA ARG G 577 14.52 53.64 -52.61
C ARG G 577 14.66 52.18 -53.01
N LYS G 578 13.57 51.42 -52.93
CA LYS G 578 13.65 50.01 -53.35
C LYS G 578 13.95 49.88 -54.84
N ILE G 579 13.29 50.70 -55.67
CA ILE G 579 13.56 50.66 -57.11
C ILE G 579 15.01 51.03 -57.40
N TYR G 580 15.47 52.11 -56.77
CA TYR G 580 16.85 52.56 -56.96
C TYR G 580 17.84 51.50 -56.52
N ASP G 581 17.57 50.85 -55.39
CA ASP G 581 18.46 49.81 -54.88
C ASP G 581 18.50 48.61 -55.81
N SER G 582 17.34 48.23 -56.38
CA SER G 582 17.33 47.11 -57.31
C SER G 582 18.17 47.42 -58.54
N VAL G 583 17.99 48.60 -59.12
CA VAL G 583 18.76 48.94 -60.32
C VAL G 583 20.24 49.07 -60.00
N LYS G 584 20.57 49.60 -58.82
CA LYS G 584 21.97 49.74 -58.42
C LYS G 584 22.59 48.41 -58.03
N TYR G 585 21.78 47.41 -57.70
CA TYR G 585 22.28 46.09 -57.36
C TYR G 585 22.52 45.22 -58.59
N ARG G 586 21.60 45.26 -59.55
CA ARG G 586 21.77 44.37 -60.70
C ARG G 586 22.84 44.87 -61.67
N SER G 587 23.09 46.17 -61.69
CA SER G 587 24.27 46.73 -62.34
C SER G 587 25.19 47.31 -61.27
N GLY G 588 26.26 47.96 -61.70
CA GLY G 588 27.09 48.70 -60.80
C GLY G 588 26.93 50.20 -60.88
N ASN G 589 25.99 50.68 -61.69
CA ASN G 589 25.87 52.08 -62.04
C ASN G 589 24.88 52.77 -61.11
N GLU G 590 25.37 53.72 -60.31
CA GLU G 590 24.47 54.52 -59.48
C GLU G 590 23.81 55.64 -60.29
N SER G 591 24.50 56.16 -61.30
CA SER G 591 23.89 57.16 -62.18
C SER G 591 22.73 56.57 -62.96
N MET G 592 22.90 55.34 -63.47
CA MET G 592 21.80 54.66 -64.14
C MET G 592 20.64 54.44 -63.19
N ALA G 593 20.93 54.01 -61.95
CA ALA G 593 19.86 53.79 -60.98
C ALA G 593 19.10 55.07 -60.70
N MET G 594 19.81 56.19 -60.53
CA MET G 594 19.15 57.46 -60.29
C MET G 594 18.28 57.88 -61.47
N GLU G 595 18.80 57.75 -62.69
CA GLU G 595 18.02 58.16 -63.85
C GLU G 595 16.80 57.26 -64.04
N GLN G 596 16.94 55.95 -63.79
CA GLN G 596 15.81 55.04 -63.92
C GLN G 596 14.73 55.37 -62.90
N MET G 597 15.12 55.59 -61.65
CA MET G 597 14.15 55.96 -60.62
C MET G 597 13.44 57.26 -60.98
N THR G 598 14.20 58.27 -61.38
CA THR G 598 13.61 59.57 -61.67
C THR G 598 12.65 59.49 -62.85
N LYS G 599 13.03 58.76 -63.90
CA LYS G 599 12.14 58.64 -65.05
C LYS G 599 10.90 57.83 -64.71
N PHE G 600 11.04 56.76 -63.92
CA PHE G 600 9.86 56.00 -63.53
C PHE G 600 8.91 56.84 -62.69
N LEU G 601 9.44 57.66 -61.80
CA LEU G 601 8.60 58.44 -60.90
C LEU G 601 8.01 59.66 -61.58
N LYS G 602 8.69 60.22 -62.58
CA LYS G 602 8.17 61.40 -63.26
C LYS G 602 6.90 61.08 -64.05
N GLU G 603 6.87 59.95 -64.73
CA GLU G 603 5.81 59.62 -65.67
C GLU G 603 4.68 58.81 -65.05
N SER G 604 4.73 58.54 -63.74
CA SER G 604 3.68 57.79 -63.08
C SER G 604 3.07 58.50 -61.88
N THR G 605 3.59 59.66 -61.48
CA THR G 605 3.07 60.41 -60.35
C THR G 605 2.79 61.84 -60.77
N TYR G 606 1.95 62.52 -59.98
CA TYR G 606 1.60 63.90 -60.21
C TYR G 606 1.71 64.66 -58.90
N THR G 607 2.36 65.83 -58.94
CA THR G 607 2.54 66.65 -57.75
C THR G 607 1.53 67.79 -57.74
N PHE G 608 0.79 67.90 -56.64
CA PHE G 608 -0.19 68.96 -56.46
C PHE G 608 0.48 70.18 -55.83
N THR G 609 0.04 71.36 -56.25
CA THR G 609 0.60 72.61 -55.77
C THR G 609 -0.49 73.46 -55.13
N GLY G 610 -0.06 74.33 -54.21
CA GLY G 610 -0.95 75.25 -53.53
C GLY G 610 -0.54 76.69 -53.78
N ASP G 611 -1.45 77.59 -53.44
CA ASP G 611 -1.23 79.02 -53.65
C ASP G 611 -0.48 79.59 -52.46
N ASP G 612 0.68 80.21 -52.72
CA ASP G 612 1.53 80.81 -51.69
C ASP G 612 1.91 79.75 -50.66
N VAL G 613 2.68 78.76 -51.13
CA VAL G 613 3.22 77.70 -50.29
C VAL G 613 4.73 77.69 -50.46
N ASP G 614 5.46 77.70 -49.35
CA ASP G 614 6.92 77.64 -49.41
C ASP G 614 7.34 76.27 -49.91
N GLY G 615 7.96 76.23 -51.08
CA GLY G 615 8.25 74.98 -51.76
C GLY G 615 7.20 74.54 -52.75
N ASP G 616 5.98 75.07 -52.64
CA ASP G 616 4.89 74.98 -53.60
C ASP G 616 4.23 73.60 -53.67
N THR G 617 4.74 72.60 -52.96
CA THR G 617 4.23 71.24 -53.07
C THR G 617 3.38 70.90 -51.84
N VAL G 618 2.19 70.35 -52.09
CA VAL G 618 1.29 69.93 -51.01
C VAL G 618 0.98 68.44 -51.06
N GLY G 619 1.54 67.70 -51.99
CA GLY G 619 1.33 66.27 -52.05
C GLY G 619 1.70 65.71 -53.40
N VAL G 620 1.93 64.39 -53.42
CA VAL G 620 2.23 63.66 -54.64
C VAL G 620 1.34 62.43 -54.68
N ILE G 621 0.63 62.26 -55.79
CA ILE G 621 -0.34 61.17 -55.94
C ILE G 621 0.00 60.37 -57.20
N PRO G 622 0.02 59.04 -57.13
CA PRO G 622 0.19 58.24 -58.35
C PRO G 622 -0.95 58.48 -59.32
N LYS G 623 -0.61 58.45 -60.62
CA LYS G 623 -1.58 58.81 -61.65
C LYS G 623 -2.69 57.77 -61.77
N ASN G 624 -2.38 56.48 -61.59
CA ASN G 624 -3.40 55.46 -61.77
C ASN G 624 -4.42 55.43 -60.63
N MET G 625 -4.18 56.17 -59.55
CA MET G 625 -5.15 56.28 -58.47
C MET G 625 -6.17 57.40 -58.72
N MET G 626 -5.97 58.21 -59.75
CA MET G 626 -6.89 59.27 -60.12
C MET G 626 -7.64 58.99 -61.41
N GLN G 627 -7.63 57.74 -61.87
CA GLN G 627 -8.34 57.38 -63.09
C GLN G 627 -9.83 57.24 -62.84
N VAL G 628 -10.63 57.78 -63.76
CA VAL G 628 -12.07 57.63 -63.70
C VAL G 628 -12.59 56.56 -64.65
N ASN G 629 -11.76 56.08 -65.57
CA ASN G 629 -12.11 55.04 -66.53
C ASN G 629 -11.09 53.92 -66.45
N SER G 630 -11.17 53.00 -67.41
CA SER G 630 -10.08 52.05 -67.64
C SER G 630 -9.00 52.64 -68.53
N ASP G 631 -9.25 53.78 -69.15
CA ASP G 631 -8.27 54.44 -69.98
C ASP G 631 -7.28 55.21 -69.10
N PRO G 632 -5.98 54.97 -69.22
CA PRO G 632 -5.02 55.73 -68.39
C PRO G 632 -5.10 57.23 -68.59
N LYS G 633 -5.37 57.68 -69.82
CA LYS G 633 -5.43 59.12 -70.08
C LYS G 633 -6.52 59.81 -69.27
N SER G 634 -7.46 59.05 -68.72
CA SER G 634 -8.51 59.63 -67.88
C SER G 634 -7.99 60.13 -66.55
N TRP G 635 -6.72 59.84 -66.21
CA TRP G 635 -6.17 60.34 -64.95
C TRP G 635 -6.27 61.86 -64.86
N GLU G 636 -6.31 62.55 -66.00
CA GLU G 636 -6.41 64.00 -66.00
C GLU G 636 -7.78 64.46 -65.52
N GLN G 637 -8.83 63.68 -65.78
CA GLN G 637 -10.16 64.05 -65.30
C GLN G 637 -10.24 63.95 -63.79
N GLY G 638 -9.80 62.81 -63.24
CA GLY G 638 -9.85 62.62 -61.80
C GLY G 638 -9.03 63.63 -61.04
N ARG G 639 -7.93 64.11 -61.63
CA ARG G 639 -7.18 65.18 -61.01
C ARG G 639 -8.02 66.44 -60.89
N ASP G 640 -8.76 66.79 -61.94
CA ASP G 640 -9.58 68.01 -61.91
C ASP G 640 -10.61 67.93 -60.79
N ILE G 641 -11.30 66.80 -60.69
CA ILE G 641 -12.25 66.61 -59.61
C ILE G 641 -11.58 66.78 -58.26
N LEU G 642 -10.32 66.33 -58.15
CA LEU G 642 -9.58 66.53 -56.91
C LEU G 642 -9.23 68.00 -56.72
N GLU G 643 -8.79 68.67 -57.79
CA GLU G 643 -8.32 70.04 -57.65
C GLU G 643 -9.43 70.99 -57.28
N GLU G 644 -10.65 70.76 -57.77
CA GLU G 644 -11.79 71.54 -57.34
C GLU G 644 -12.28 71.14 -55.95
N ALA G 645 -11.96 69.93 -55.50
CA ALA G 645 -12.38 69.51 -54.16
C ALA G 645 -11.64 70.29 -53.09
N ARG G 646 -10.31 70.35 -53.18
CA ARG G 646 -9.54 71.02 -52.15
C ARG G 646 -9.77 72.52 -52.17
N LYS G 647 -10.16 73.08 -53.32
CA LYS G 647 -10.55 74.48 -53.35
C LYS G 647 -11.92 74.68 -52.71
N GLY G 648 -12.81 73.69 -52.81
CA GLY G 648 -14.12 73.82 -52.20
C GLY G 648 -14.11 73.63 -50.70
N ILE G 649 -13.22 72.77 -50.21
CA ILE G 649 -13.13 72.54 -48.76
C ILE G 649 -12.52 73.76 -48.07
N ILE G 650 -11.51 74.36 -48.67
CA ILE G 650 -10.89 75.54 -48.08
C ILE G 650 -11.88 76.69 -47.97
N ALA G 651 -12.76 76.82 -48.97
CA ALA G 651 -13.79 77.85 -48.91
C ALA G 651 -14.81 77.57 -47.82
N SER G 652 -15.12 76.29 -47.59
CA SER G 652 -16.08 75.94 -46.54
C SER G 652 -15.50 75.99 -45.14
N ASN G 653 -14.17 75.88 -45.01
CA ASN G 653 -13.48 75.91 -43.72
C ASN G 653 -12.36 76.94 -43.77
N PRO G 654 -12.69 78.23 -43.78
CA PRO G 654 -11.65 79.25 -43.90
C PRO G 654 -10.77 79.39 -42.67
N TRP G 655 -11.15 78.78 -41.55
CA TRP G 655 -10.42 78.94 -40.29
C TRP G 655 -9.14 78.13 -40.23
N ILE G 656 -8.89 77.25 -41.21
CA ILE G 656 -7.72 76.38 -41.16
C ILE G 656 -6.46 77.23 -41.25
N THR G 657 -5.30 76.62 -40.94
CA THR G 657 -4.12 77.37 -40.54
C THR G 657 -3.72 78.42 -41.57
N ASN G 658 -3.32 77.98 -42.77
CA ASN G 658 -2.92 78.90 -43.82
C ASN G 658 -3.81 78.76 -45.05
N LYS G 659 -5.05 78.30 -44.85
CA LYS G 659 -5.93 77.93 -45.95
C LYS G 659 -5.27 76.88 -46.85
N GLN G 660 -4.64 75.90 -46.23
CA GLN G 660 -3.88 74.89 -46.95
C GLN G 660 -4.30 73.50 -46.51
N LEU G 661 -4.34 72.58 -47.47
CA LEU G 661 -4.60 71.17 -47.21
C LEU G 661 -3.48 70.34 -47.79
N THR G 662 -3.17 69.23 -47.12
CA THR G 662 -2.26 68.23 -47.63
C THR G 662 -3.04 67.11 -48.29
N MET G 663 -2.49 66.58 -49.38
CA MET G 663 -3.11 65.52 -50.17
C MET G 663 -2.23 64.28 -50.04
N TYR G 664 -2.80 63.19 -49.54
CA TYR G 664 -2.02 62.02 -49.19
C TYR G 664 -2.70 60.76 -49.73
N SER G 665 -1.95 59.94 -50.44
CA SER G 665 -2.49 58.70 -50.99
C SER G 665 -2.09 57.54 -50.08
N GLN G 666 -3.08 56.85 -49.52
CA GLN G 666 -2.85 55.71 -48.64
C GLN G 666 -3.70 54.55 -49.15
N GLY G 667 -3.06 53.42 -49.42
CA GLY G 667 -3.79 52.27 -49.93
C GLY G 667 -4.46 52.61 -51.25
N ASP G 668 -5.78 52.58 -51.26
CA ASP G 668 -6.57 52.90 -52.43
C ASP G 668 -7.35 54.20 -52.27
N SER G 669 -6.99 55.03 -51.30
CA SER G 669 -7.73 56.24 -51.00
C SER G 669 -6.81 57.45 -51.03
N ILE G 670 -7.44 58.61 -51.23
CA ILE G 670 -6.76 59.90 -51.22
C ILE G 670 -7.40 60.76 -50.14
N TYR G 671 -6.58 61.31 -49.26
CA TYR G 671 -7.05 62.08 -48.11
C TYR G 671 -6.66 63.53 -48.27
N LEU G 672 -7.65 64.40 -48.09
CA LEU G 672 -7.47 65.85 -48.00
C LEU G 672 -7.55 66.20 -46.51
N MET G 673 -6.46 66.71 -45.95
CA MET G 673 -6.43 66.92 -44.51
C MET G 673 -5.77 68.25 -44.17
N ASP G 674 -6.23 68.87 -43.09
CA ASP G 674 -5.67 70.13 -42.62
C ASP G 674 -4.62 69.86 -41.53
N THR G 675 -4.15 70.94 -40.89
CA THR G 675 -3.08 70.82 -39.91
C THR G 675 -3.54 70.13 -38.63
N THR G 676 -4.74 70.46 -38.16
CA THR G 676 -5.24 69.91 -36.91
C THR G 676 -5.89 68.54 -37.07
N GLY G 677 -6.17 68.12 -38.30
CA GLY G 677 -6.84 66.86 -38.53
C GLY G 677 -8.34 66.91 -38.35
N GLN G 678 -8.91 68.06 -38.01
CA GLN G 678 -10.35 68.17 -37.84
C GLN G 678 -11.08 68.16 -39.17
N VAL G 679 -10.42 68.59 -40.24
CA VAL G 679 -10.97 68.53 -41.59
C VAL G 679 -10.26 67.39 -42.31
N ARG G 680 -11.00 66.32 -42.59
CA ARG G 680 -10.45 65.16 -43.28
C ARG G 680 -11.50 64.65 -44.26
N VAL G 681 -11.12 64.55 -45.54
CA VAL G 681 -12.03 64.12 -46.59
C VAL G 681 -11.36 62.99 -47.36
N ARG G 682 -12.12 61.92 -47.63
CA ARG G 682 -11.58 60.74 -48.30
C ARG G 682 -12.21 60.59 -49.69
N TYR G 683 -11.37 60.26 -50.66
CA TYR G 683 -11.79 59.98 -52.02
C TYR G 683 -11.21 58.63 -52.45
N ASP G 684 -11.87 57.99 -53.40
CA ASP G 684 -11.39 56.76 -53.99
C ASP G 684 -11.85 56.72 -55.44
N LYS G 685 -11.43 55.68 -56.16
CA LYS G 685 -11.77 55.61 -57.59
C LYS G 685 -13.26 55.45 -57.81
N GLU G 686 -13.96 54.79 -56.90
CA GLU G 686 -15.41 54.67 -57.02
C GLU G 686 -16.09 56.03 -56.89
N LEU G 687 -15.72 56.80 -55.87
CA LEU G 687 -16.33 58.11 -55.67
C LEU G 687 -15.92 59.08 -56.77
N LEU G 688 -14.67 59.01 -57.21
CA LEU G 688 -14.23 59.85 -58.32
C LEU G 688 -15.01 59.53 -59.59
N SER G 689 -15.21 58.24 -59.87
CA SER G 689 -15.99 57.83 -61.03
C SER G 689 -17.42 58.31 -60.93
N LYS G 690 -18.02 58.20 -59.74
CA LYS G 690 -19.40 58.66 -59.56
C LYS G 690 -19.52 60.16 -59.79
N VAL G 691 -18.59 60.94 -59.23
CA VAL G 691 -18.63 62.38 -59.43
C VAL G 691 -18.44 62.73 -60.90
N TRP G 692 -17.52 62.04 -61.58
CA TRP G 692 -17.30 62.29 -62.99
C TRP G 692 -18.54 61.96 -63.82
N SER G 693 -19.21 60.84 -63.49
CA SER G 693 -20.41 60.47 -64.22
C SER G 693 -21.52 61.49 -64.01
N GLU G 694 -21.69 61.97 -62.78
CA GLU G 694 -22.69 62.99 -62.52
C GLU G 694 -22.38 64.27 -63.29
N ASN G 695 -21.10 64.68 -63.30
CA ASN G 695 -20.73 65.88 -64.04
C ASN G 695 -20.98 65.71 -65.53
N GLN G 696 -20.66 64.54 -66.08
CA GLN G 696 -20.91 64.28 -67.49
C GLN G 696 -22.39 64.33 -67.81
N LYS G 697 -23.23 63.75 -66.94
CA LYS G 697 -24.67 63.78 -67.18
C LYS G 697 -25.19 65.22 -67.16
N LYS G 698 -24.76 66.01 -66.18
CA LYS G 698 -25.19 67.40 -66.11
C LYS G 698 -24.75 68.17 -67.36
N LEU G 699 -23.49 67.98 -67.76
CA LEU G 699 -22.97 68.71 -68.92
C LEU G 699 -23.70 68.33 -70.20
N GLU G 700 -23.94 67.03 -70.39
CA GLU G 700 -24.58 66.60 -71.63
C GLU G 700 -26.05 67.02 -71.66
N GLU G 701 -26.74 66.98 -70.52
CA GLU G 701 -28.13 67.44 -70.53
C GLU G 701 -28.21 68.95 -70.74
N LYS G 702 -27.25 69.70 -70.19
CA LYS G 702 -27.22 71.13 -70.44
C LYS G 702 -26.94 71.42 -71.92
N ALA G 703 -26.05 70.65 -72.54
CA ALA G 703 -25.79 70.84 -73.98
C ALA G 703 -27.02 70.47 -74.80
N ARG G 704 -27.72 69.40 -74.44
CA ARG G 704 -28.89 68.97 -75.20
C ARG G 704 -30.02 69.98 -75.10
N GLU G 705 -30.37 70.38 -73.88
CA GLU G 705 -31.51 71.25 -73.64
C GLU G 705 -31.16 72.73 -73.65
N LYS G 706 -30.02 73.09 -74.24
CA LYS G 706 -29.63 74.50 -74.38
C LYS G 706 -28.59 74.66 -75.49
N MET H 1 -21.63 16.51 19.51
CA MET H 1 -23.10 16.52 19.50
C MET H 1 -23.69 15.23 20.09
N ASP H 2 -24.07 15.30 21.37
CA ASP H 2 -24.64 14.17 22.08
C ASP H 2 -25.86 14.62 22.86
N LYS H 3 -26.91 13.82 22.80
CA LYS H 3 -28.16 14.02 23.55
C LYS H 3 -28.81 15.37 23.26
N TYR H 4 -28.45 16.00 22.15
CA TYR H 4 -29.14 17.16 21.61
C TYR H 4 -28.92 18.41 22.46
N ASP H 5 -28.31 18.25 23.63
CA ASP H 5 -28.03 19.36 24.54
C ASP H 5 -29.32 20.10 24.90
N LYS H 6 -30.19 19.42 25.63
CA LYS H 6 -31.48 19.99 25.99
C LYS H 6 -31.32 21.21 26.89
N ASN H 7 -30.49 21.10 27.92
CA ASN H 7 -30.33 22.14 28.92
C ASN H 7 -29.03 22.93 28.75
N VAL H 8 -28.42 22.87 27.57
CA VAL H 8 -27.25 23.71 27.27
C VAL H 8 -27.69 25.17 27.34
N PRO H 9 -26.82 26.13 27.72
CA PRO H 9 -27.21 27.54 27.59
C PRO H 9 -27.69 27.85 26.18
N SER H 10 -28.97 28.20 26.08
CA SER H 10 -29.70 28.26 24.81
C SER H 10 -29.13 29.38 23.96
N ASP H 11 -28.45 28.99 22.88
CA ASP H 11 -27.84 29.95 21.97
C ASP H 11 -28.80 30.34 20.86
N TYR H 12 -29.04 31.64 20.71
CA TYR H 12 -29.83 32.20 19.62
C TYR H 12 -31.22 31.57 19.55
N ASP H 13 -31.87 31.46 20.71
CA ASP H 13 -33.22 30.92 20.79
C ASP H 13 -34.26 31.98 21.11
N GLY H 14 -33.94 33.26 20.90
CA GLY H 14 -34.90 34.33 21.11
C GLY H 14 -35.94 34.43 20.01
N LEU H 15 -36.09 33.36 19.24
CA LEU H 15 -37.03 33.31 18.13
C LEU H 15 -38.01 32.14 18.20
N PHE H 16 -37.65 31.04 18.85
CA PHE H 16 -38.51 29.86 18.85
C PHE H 16 -39.75 30.05 19.71
N GLN H 17 -39.64 30.73 20.87
CA GLN H 17 -40.81 30.91 21.71
C GLN H 17 -41.87 31.74 20.99
N LYS H 18 -41.45 32.81 20.32
CA LYS H 18 -42.41 33.68 19.65
C LYS H 18 -43.11 32.96 18.50
N ALA H 19 -42.35 32.22 17.70
CA ALA H 19 -42.96 31.45 16.61
C ALA H 19 -43.88 30.37 17.15
N ALA H 20 -43.49 29.72 18.25
CA ALA H 20 -44.32 28.69 18.85
C ALA H 20 -45.65 29.27 19.34
N ASP H 21 -45.60 30.42 20.00
CA ASP H 21 -46.82 31.05 20.49
C ASP H 21 -47.68 31.57 19.32
N ALA H 22 -47.03 32.10 18.28
CA ALA H 22 -47.78 32.61 17.14
C ALA H 22 -48.50 31.49 16.40
N ASN H 23 -47.85 30.34 16.21
CA ASN H 23 -48.41 29.28 15.40
C ASN H 23 -49.00 28.14 16.21
N GLY H 24 -48.64 27.99 17.48
CA GLY H 24 -49.16 26.94 18.33
C GLY H 24 -48.27 25.72 18.45
N VAL H 25 -47.16 25.66 17.72
CA VAL H 25 -46.27 24.52 17.79
C VAL H 25 -45.62 24.44 19.16
N SER H 26 -45.28 23.23 19.59
CA SER H 26 -44.53 23.05 20.82
C SER H 26 -43.13 23.63 20.67
N TYR H 27 -42.65 24.28 21.73
CA TYR H 27 -41.31 24.86 21.71
C TYR H 27 -40.25 23.78 21.58
N ASP H 28 -40.40 22.69 22.34
CA ASP H 28 -39.41 21.63 22.33
C ASP H 28 -39.31 20.98 20.96
N LEU H 29 -40.45 20.71 20.31
CA LEU H 29 -40.42 20.09 18.99
C LEU H 29 -39.72 20.98 17.97
N LEU H 30 -40.04 22.28 17.97
CA LEU H 30 -39.44 23.19 17.00
C LEU H 30 -37.94 23.31 17.23
N ARG H 31 -37.52 23.43 18.49
CA ARG H 31 -36.09 23.52 18.78
C ARG H 31 -35.37 22.24 18.38
N LYS H 32 -35.97 21.08 18.66
CA LYS H 32 -35.35 19.81 18.30
C LYS H 32 -35.27 19.64 16.80
N VAL H 33 -36.30 20.05 16.06
CA VAL H 33 -36.27 19.96 14.60
C VAL H 33 -35.18 20.86 14.05
N ALA H 34 -35.05 22.07 14.59
CA ALA H 34 -33.98 22.96 14.14
C ALA H 34 -32.61 22.36 14.41
N TRP H 35 -32.42 21.78 15.60
CA TRP H 35 -31.15 21.16 15.93
C TRP H 35 -30.85 19.99 15.00
N THR H 36 -31.87 19.17 14.72
CA THR H 36 -31.66 18.03 13.82
C THR H 36 -31.32 18.49 12.40
N GLU H 37 -31.97 19.53 11.91
CA GLU H 37 -31.73 19.98 10.54
C GLU H 37 -30.39 20.68 10.39
N SER H 38 -29.99 21.48 11.39
CA SER H 38 -28.78 22.28 11.22
C SER H 38 -27.82 22.26 12.40
N ARG H 39 -28.20 21.73 13.56
CA ARG H 39 -27.37 21.72 14.76
C ARG H 39 -26.97 23.14 15.19
N PHE H 40 -27.77 24.14 14.81
CA PHE H 40 -27.52 25.54 15.09
C PHE H 40 -26.18 26.01 14.52
N VAL H 41 -25.68 25.33 13.50
CA VAL H 41 -24.39 25.64 12.89
C VAL H 41 -24.59 26.74 11.85
N PRO H 42 -23.83 27.84 11.92
CA PRO H 42 -24.03 28.96 10.99
C PRO H 42 -23.65 28.67 9.55
N THR H 43 -22.85 27.63 9.29
CA THR H 43 -22.42 27.35 7.91
C THR H 43 -23.29 26.29 7.24
N ALA H 44 -23.56 25.17 7.91
CA ALA H 44 -24.49 24.13 7.43
C ALA H 44 -24.25 23.78 5.97
N LYS H 45 -23.06 23.22 5.71
CA LYS H 45 -22.66 22.89 4.35
C LYS H 45 -23.06 21.45 4.02
N SER H 46 -23.61 21.27 2.82
CA SER H 46 -24.07 19.97 2.36
C SER H 46 -24.10 20.01 0.83
N LYS H 47 -24.80 19.05 0.21
CA LYS H 47 -24.97 19.06 -1.24
C LYS H 47 -25.59 20.37 -1.70
N THR H 48 -26.64 20.81 -1.02
CA THR H 48 -27.22 22.14 -1.23
C THR H 48 -26.66 23.16 -0.25
N GLY H 49 -26.58 22.80 1.03
CA GLY H 49 -25.97 23.62 2.04
C GLY H 49 -26.66 24.95 2.32
N PRO H 50 -27.92 24.92 2.76
CA PRO H 50 -28.54 26.15 3.29
C PRO H 50 -28.05 26.42 4.70
N LEU H 51 -27.34 27.53 4.88
CA LEU H 51 -26.77 27.86 6.17
C LEU H 51 -27.83 28.28 7.19
N GLY H 52 -29.08 28.47 6.76
CA GLY H 52 -30.14 28.80 7.70
C GLY H 52 -30.44 27.66 8.65
N MET H 53 -31.09 28.01 9.76
CA MET H 53 -31.36 27.03 10.80
C MET H 53 -32.30 25.94 10.32
N MET H 54 -33.21 26.26 9.41
CA MET H 54 -34.11 25.28 8.80
C MET H 54 -33.54 24.93 7.44
N GLN H 55 -32.87 23.78 7.35
CA GLN H 55 -32.14 23.38 6.14
C GLN H 55 -33.16 22.91 5.10
N PHE H 56 -33.72 23.88 4.39
CA PHE H 56 -34.73 23.63 3.37
C PHE H 56 -34.07 23.24 2.05
N THR H 57 -34.88 23.10 1.01
CA THR H 57 -34.43 22.98 -0.36
C THR H 57 -35.16 24.01 -1.20
N LYS H 58 -34.71 24.20 -2.43
CA LYS H 58 -35.31 25.22 -3.29
C LYS H 58 -36.78 24.95 -3.55
N ALA H 59 -37.12 23.68 -3.85
CA ALA H 59 -38.51 23.34 -4.13
C ALA H 59 -39.41 23.64 -2.95
N THR H 60 -39.01 23.20 -1.76
CA THR H 60 -39.80 23.47 -0.56
C THR H 60 -39.85 24.95 -0.25
N ALA H 61 -38.73 25.66 -0.45
CA ALA H 61 -38.70 27.09 -0.16
C ALA H 61 -39.68 27.85 -1.05
N LYS H 62 -39.74 27.49 -2.34
CA LYS H 62 -40.71 28.14 -3.22
C LYS H 62 -42.14 27.69 -2.92
N ALA H 63 -42.33 26.42 -2.56
CA ALA H 63 -43.67 25.93 -2.27
C ALA H 63 -44.22 26.47 -0.95
N LEU H 64 -43.36 27.00 -0.09
CA LEU H 64 -43.82 27.57 1.18
C LEU H 64 -44.59 28.87 0.99
N GLY H 65 -44.60 29.44 -0.20
CA GLY H 65 -45.32 30.68 -0.45
C GLY H 65 -44.56 31.94 -0.08
N LEU H 66 -43.25 31.86 0.08
CA LEU H 66 -42.44 33.02 0.42
C LEU H 66 -42.02 33.76 -0.85
N ARG H 67 -41.18 34.77 -0.67
CA ARG H 67 -40.58 35.53 -1.77
C ARG H 67 -39.12 35.14 -1.97
N VAL H 68 -38.84 33.84 -1.88
CA VAL H 68 -37.48 33.30 -1.86
C VAL H 68 -36.60 33.88 -2.96
N THR H 69 -37.19 34.24 -4.10
CA THR H 69 -36.42 34.80 -5.20
C THR H 69 -36.00 36.23 -4.88
N ASP H 70 -35.14 36.39 -3.88
CA ASP H 70 -34.68 37.71 -3.46
C ASP H 70 -33.42 37.53 -2.62
N GLY H 71 -32.63 38.60 -2.52
CA GLY H 71 -31.42 38.57 -1.74
C GLY H 71 -30.35 37.70 -2.37
N PRO H 72 -29.51 37.09 -1.53
CA PRO H 72 -28.43 36.24 -2.07
C PRO H 72 -28.95 34.93 -2.65
N ASP H 73 -29.72 35.03 -3.73
CA ASP H 73 -30.21 33.90 -4.52
C ASP H 73 -31.29 33.12 -3.77
N ASP H 74 -31.50 33.45 -2.49
CA ASP H 74 -32.51 32.81 -1.67
C ASP H 74 -32.86 33.75 -0.53
N ASP H 75 -34.15 33.97 -0.29
CA ASP H 75 -34.56 34.91 0.74
C ASP H 75 -34.67 34.25 2.11
N ARG H 76 -34.69 32.92 2.18
CA ARG H 76 -34.83 32.25 3.46
C ARG H 76 -33.47 32.09 4.14
N LEU H 77 -32.69 33.17 4.19
CA LEU H 77 -31.43 33.19 4.90
C LEU H 77 -31.50 33.98 6.20
N ASN H 78 -32.37 34.97 6.29
CA ASN H 78 -32.62 35.66 7.54
C ASN H 78 -33.40 34.72 8.46
N PRO H 79 -32.91 34.43 9.67
CA PRO H 79 -33.52 33.34 10.46
C PRO H 79 -34.99 33.50 10.78
N GLU H 80 -35.47 34.72 11.05
CA GLU H 80 -36.78 34.85 11.69
C GLU H 80 -37.92 34.45 10.76
N LEU H 81 -37.90 34.88 9.49
CA LEU H 81 -39.02 34.53 8.63
C LEU H 81 -38.97 33.06 8.21
N ALA H 82 -37.78 32.51 8.03
CA ALA H 82 -37.67 31.08 7.74
C ALA H 82 -38.19 30.25 8.90
N ILE H 83 -37.82 30.60 10.13
CA ILE H 83 -38.29 29.87 11.30
C ILE H 83 -39.80 30.02 11.46
N ASN H 84 -40.33 31.22 11.19
CA ASN H 84 -41.77 31.40 11.27
C ASN H 84 -42.51 30.58 10.23
N ALA H 85 -41.98 30.52 9.00
CA ALA H 85 -42.60 29.69 7.97
C ALA H 85 -42.56 28.22 8.33
N ALA H 86 -41.42 27.76 8.87
CA ALA H 86 -41.32 26.38 9.31
C ALA H 86 -42.31 26.07 10.43
N ALA H 87 -42.46 27.00 11.38
CA ALA H 87 -43.41 26.82 12.46
C ALA H 87 -44.84 26.77 11.94
N LYS H 88 -45.18 27.64 10.98
CA LYS H 88 -46.52 27.62 10.42
C LYS H 88 -46.78 26.30 9.69
N GLN H 89 -45.80 25.81 8.94
CA GLN H 89 -45.97 24.53 8.26
C GLN H 89 -46.14 23.39 9.26
N LEU H 90 -45.34 23.40 10.33
CA LEU H 90 -45.46 22.36 11.35
C LEU H 90 -46.82 22.41 12.04
N ALA H 91 -47.32 23.61 12.35
CA ALA H 91 -48.62 23.74 12.97
C ALA H 91 -49.73 23.25 12.04
N GLY H 92 -49.64 23.60 10.76
CA GLY H 92 -50.63 23.11 9.81
C GLY H 92 -50.60 21.60 9.67
N LEU H 93 -49.40 21.00 9.74
CA LEU H 93 -49.29 19.56 9.66
C LEU H 93 -49.87 18.90 10.91
N VAL H 94 -49.53 19.41 12.09
CA VAL H 94 -50.03 18.82 13.33
C VAL H 94 -51.54 18.92 13.40
N GLY H 95 -52.10 20.07 13.04
CA GLY H 95 -53.53 20.26 13.14
C GLY H 95 -54.30 19.37 12.18
N LYS H 96 -53.75 19.11 11.00
CA LYS H 96 -54.46 18.38 9.95
C LYS H 96 -54.43 16.88 10.14
N PHE H 97 -53.74 16.37 11.16
CA PHE H 97 -53.62 14.94 11.38
C PHE H 97 -54.44 14.48 12.59
N ASP H 98 -55.63 15.06 12.75
CA ASP H 98 -56.61 14.63 13.73
C ASP H 98 -56.05 14.65 15.15
N GLY H 99 -55.73 15.86 15.61
CA GLY H 99 -55.33 16.03 16.99
C GLY H 99 -53.88 16.47 17.17
N ASP H 100 -53.28 16.06 18.28
CA ASP H 100 -51.92 16.43 18.62
C ASP H 100 -50.90 15.38 18.16
N GLU H 101 -51.17 14.72 17.04
CA GLU H 101 -50.27 13.71 16.50
C GLU H 101 -48.99 14.40 16.06
N LEU H 102 -47.96 14.34 16.91
CA LEU H 102 -46.74 15.09 16.73
C LEU H 102 -45.69 14.32 15.94
N LYS H 103 -46.02 13.13 15.43
CA LYS H 103 -45.08 12.32 14.70
C LYS H 103 -45.52 11.99 13.27
N ALA H 104 -46.82 11.87 13.01
CA ALA H 104 -47.26 11.81 11.62
C ALA H 104 -46.99 13.13 10.91
N ALA H 105 -47.01 14.24 11.65
CA ALA H 105 -46.63 15.53 11.10
C ALA H 105 -45.21 15.53 10.57
N LEU H 106 -44.42 14.50 10.88
CA LEU H 106 -43.09 14.36 10.31
C LEU H 106 -43.13 13.93 8.87
N ALA H 107 -44.32 14.00 8.27
CA ALA H 107 -44.40 14.14 6.82
C ALA H 107 -43.65 15.38 6.37
N TYR H 108 -43.45 16.35 7.26
CA TYR H 108 -42.51 17.44 7.08
C TYR H 108 -41.18 16.94 6.52
N ASN H 109 -40.73 15.77 6.97
CA ASN H 109 -39.48 15.20 6.48
C ASN H 109 -39.64 14.60 5.09
N GLN H 110 -40.78 13.97 4.82
CA GLN H 110 -40.97 13.23 3.58
C GLN H 110 -41.93 13.89 2.60
N GLY H 111 -42.74 14.85 3.05
CA GLY H 111 -43.69 15.51 2.19
C GLY H 111 -44.90 14.65 1.93
N GLU H 112 -45.82 15.21 1.14
CA GLU H 112 -47.01 14.52 0.67
C GLU H 112 -46.96 14.43 -0.85
N GLY H 113 -47.17 13.22 -1.37
CA GLY H 113 -47.12 13.03 -2.80
C GLY H 113 -46.85 11.59 -3.21
N ARG H 114 -45.94 11.41 -4.17
CA ARG H 114 -45.66 10.07 -4.66
C ARG H 114 -44.84 9.25 -3.67
N LEU H 115 -44.02 9.91 -2.85
CA LEU H 115 -43.16 9.22 -1.90
C LEU H 115 -43.56 9.46 -0.45
N GLY H 116 -44.59 10.25 -0.19
CA GLY H 116 -44.96 10.54 1.18
C GLY H 116 -46.33 10.02 1.58
N ASN H 117 -47.25 9.96 0.62
CA ASN H 117 -48.60 9.49 0.93
C ASN H 117 -48.63 8.03 1.38
N PRO H 118 -48.00 7.08 0.68
CA PRO H 118 -48.05 5.68 1.16
C PRO H 118 -47.39 5.50 2.52
N GLN H 119 -46.33 6.24 2.82
CA GLN H 119 -45.71 6.14 4.13
C GLN H 119 -46.64 6.64 5.23
N LEU H 120 -47.38 7.72 4.97
CA LEU H 120 -48.34 8.20 5.94
C LEU H 120 -49.49 7.22 6.11
N GLU H 121 -49.93 6.58 5.02
CA GLU H 121 -50.96 5.55 5.14
C GLU H 121 -50.46 4.38 5.99
N ALA H 122 -49.21 3.96 5.77
CA ALA H 122 -48.64 2.88 6.57
C ALA H 122 -48.53 3.28 8.03
N TYR H 123 -48.16 4.54 8.31
CA TYR H 123 -48.14 5.01 9.68
C TYR H 123 -49.53 4.96 10.30
N SER H 124 -50.55 5.35 9.53
CA SER H 124 -51.93 5.26 10.03
C SER H 124 -52.30 3.82 10.37
N LYS H 125 -51.92 2.87 9.51
CA LYS H 125 -52.14 1.46 9.81
C LYS H 125 -51.23 0.95 10.91
N GLY H 126 -50.21 1.70 11.30
CA GLY H 126 -49.24 1.22 12.27
C GLY H 126 -48.24 0.24 11.72
N ASP H 127 -48.05 0.22 10.40
CA ASP H 127 -47.15 -0.72 9.75
C ASP H 127 -45.86 0.03 9.42
N PHE H 128 -44.91 0.01 10.37
CA PHE H 128 -43.67 0.74 10.21
C PHE H 128 -42.72 0.11 9.20
N ALA H 129 -43.02 -1.09 8.72
CA ALA H 129 -42.14 -1.75 7.74
C ALA H 129 -42.21 -1.07 6.38
N SER H 130 -43.30 -0.38 6.06
CA SER H 130 -43.45 0.28 4.77
C SER H 130 -42.94 1.72 4.78
N ILE H 131 -42.50 2.22 5.92
CA ILE H 131 -41.89 3.54 6.02
C ILE H 131 -40.41 3.41 5.71
N SER H 132 -39.86 4.40 5.01
CA SER H 132 -38.47 4.35 4.60
C SER H 132 -37.55 4.39 5.82
N GLU H 133 -36.28 4.04 5.58
CA GLU H 133 -35.30 4.09 6.64
C GLU H 133 -35.07 5.52 7.11
N GLU H 134 -35.01 6.46 6.16
CA GLU H 134 -34.81 7.87 6.52
C GLU H 134 -35.94 8.38 7.40
N GLY H 135 -37.18 8.09 7.02
CA GLY H 135 -38.31 8.53 7.81
C GLY H 135 -38.34 7.89 9.19
N ARG H 136 -38.08 6.57 9.25
CA ARG H 136 -38.07 5.88 10.53
C ARG H 136 -37.00 6.44 11.46
N ASN H 137 -35.80 6.69 10.93
CA ASN H 137 -34.75 7.27 11.75
C ASN H 137 -35.10 8.69 12.20
N TYR H 138 -35.70 9.48 11.30
CA TYR H 138 -36.02 10.86 11.65
C TYR H 138 -37.08 10.90 12.74
N MET H 139 -38.09 10.03 12.67
CA MET H 139 -39.07 9.94 13.76
C MET H 139 -38.45 9.38 15.04
N ARG H 140 -37.50 8.44 14.92
CA ARG H 140 -36.85 7.90 16.10
C ARG H 140 -36.09 8.99 16.85
N ASN H 141 -35.47 9.90 16.13
CA ASN H 141 -34.72 10.98 16.76
C ASN H 141 -35.59 11.95 17.54
N LEU H 142 -36.91 11.94 17.33
CA LEU H 142 -37.80 12.88 18.00
C LEU H 142 -38.64 12.24 19.10
N LEU H 143 -38.33 11.01 19.50
CA LEU H 143 -39.17 10.33 20.48
C LEU H 143 -39.10 10.99 21.85
N ASP H 144 -37.96 11.58 22.20
CA ASP H 144 -37.83 12.19 23.52
C ASP H 144 -38.77 13.38 23.69
N VAL H 145 -38.91 14.22 22.67
CA VAL H 145 -39.75 15.40 22.72
C VAL H 145 -40.80 15.28 21.62
N ALA H 146 -41.91 14.62 21.94
CA ALA H 146 -43.04 14.46 21.05
C ALA H 146 -44.18 13.83 21.83
N LYS H 147 -45.40 14.18 21.45
CA LYS H 147 -46.61 13.64 22.06
C LYS H 147 -47.39 12.93 20.97
N SER H 148 -47.39 11.60 20.99
CA SER H 148 -48.03 10.82 19.95
C SER H 148 -48.67 9.58 20.56
N PRO H 149 -49.78 9.10 19.98
CA PRO H 149 -50.34 7.82 20.43
C PRO H 149 -49.53 6.62 19.98
N MET H 150 -48.67 6.76 18.99
CA MET H 150 -47.82 5.67 18.52
C MET H 150 -46.36 5.86 18.89
N ALA H 151 -46.08 6.70 19.89
CA ALA H 151 -44.71 6.85 20.35
C ALA H 151 -44.17 5.60 21.03
N GLY H 152 -45.05 4.78 21.60
CA GLY H 152 -44.62 3.56 22.25
C GLY H 152 -44.54 2.38 21.30
N GLN H 153 -45.31 2.43 20.21
CA GLN H 153 -45.24 1.37 19.20
C GLN H 153 -44.02 1.50 18.32
N LEU H 154 -43.52 2.72 18.13
CA LEU H 154 -42.32 2.89 17.31
C LEU H 154 -41.07 2.48 18.06
N GLU H 155 -41.00 2.73 19.38
CA GLU H 155 -39.82 2.34 20.14
C GLU H 155 -39.71 0.84 20.28
N THR H 156 -40.84 0.13 20.35
CA THR H 156 -40.83 -1.33 20.36
C THR H 156 -40.95 -1.90 18.95
N PHE H 157 -40.14 -1.36 18.04
CA PHE H 157 -40.06 -1.82 16.67
C PHE H 157 -38.60 -2.02 16.32
N GLY H 158 -38.23 -3.25 15.97
CA GLY H 158 -36.86 -3.58 15.69
C GLY H 158 -36.08 -4.13 16.86
N GLY H 159 -36.74 -4.55 17.93
CA GLY H 159 -36.04 -5.18 19.02
C GLY H 159 -35.53 -6.55 18.67
N ILE H 160 -34.52 -7.00 19.42
CA ILE H 160 -33.96 -8.32 19.16
C ILE H 160 -34.96 -9.42 19.53
N THR H 161 -35.83 -9.15 20.49
CA THR H 161 -36.93 -10.03 20.88
C THR H 161 -38.21 -9.22 20.88
N PRO H 162 -39.37 -9.87 20.78
CA PRO H 162 -40.63 -9.11 20.75
C PRO H 162 -40.88 -8.26 21.99
N LYS H 163 -40.20 -8.53 23.10
CA LYS H 163 -40.30 -7.69 24.29
C LYS H 163 -39.19 -6.65 24.36
N GLY H 164 -38.30 -6.59 23.37
CA GLY H 164 -37.24 -5.62 23.35
C GLY H 164 -37.63 -4.34 22.63
N LYS H 165 -36.70 -3.39 22.63
CA LYS H 165 -36.89 -2.10 21.99
C LYS H 165 -35.86 -1.93 20.88
N GLY H 166 -36.26 -1.27 19.81
CA GLY H 166 -35.33 -0.95 18.74
C GLY H 166 -34.31 0.09 19.19
N ILE H 167 -33.15 0.05 18.56
CA ILE H 167 -32.03 0.94 18.89
C ILE H 167 -31.91 1.99 17.79
N PRO H 168 -32.10 3.27 18.08
CA PRO H 168 -31.84 4.30 17.08
C PRO H 168 -30.35 4.41 16.77
N ALA H 169 -30.05 4.80 15.52
CA ALA H 169 -28.67 4.90 15.09
C ALA H 169 -27.88 5.94 15.90
N GLU H 170 -28.56 6.94 16.45
CA GLU H 170 -27.90 7.93 17.28
C GLU H 170 -27.42 7.36 18.61
N VAL H 171 -27.87 6.16 18.98
CA VAL H 171 -27.45 5.51 20.21
C VAL H 171 -26.54 4.33 19.94
N GLY H 172 -26.86 3.52 18.93
CA GLY H 172 -26.01 2.39 18.59
C GLY H 172 -24.64 2.81 18.08
N LEU H 173 -24.59 3.88 17.29
CA LEU H 173 -23.34 4.41 16.75
C LEU H 173 -22.82 5.60 17.53
N ALA H 174 -23.37 5.88 18.71
CA ALA H 174 -22.93 7.01 19.50
C ALA H 174 -21.53 6.79 20.05
N GLY H 175 -20.72 7.84 20.04
CA GLY H 175 -19.38 7.79 20.56
C GLY H 175 -18.32 7.38 19.57
N ILE H 176 -18.70 6.87 18.41
CA ILE H 176 -17.75 6.42 17.40
C ILE H 176 -17.48 7.59 16.47
N GLY H 177 -16.24 8.08 16.47
CA GLY H 177 -15.89 9.21 15.64
C GLY H 177 -14.42 9.53 15.79
N HIS H 178 -13.95 10.41 14.91
CA HIS H 178 -12.55 10.81 14.87
C HIS H 178 -12.46 12.32 14.87
N LYS H 179 -11.45 12.85 15.57
CA LYS H 179 -11.25 14.28 15.65
C LYS H 179 -10.54 14.80 14.40
N GLN H 180 -10.80 16.05 14.07
CA GLN H 180 -10.11 16.71 12.97
C GLN H 180 -8.74 17.19 13.43
N LYS H 181 -7.72 16.92 12.64
CA LYS H 181 -6.36 17.30 12.98
C LYS H 181 -6.02 18.72 12.56
N VAL H 182 -6.89 19.39 11.81
CA VAL H 182 -6.65 20.74 11.33
C VAL H 182 -7.51 21.71 12.12
N THR H 183 -6.91 22.80 12.57
CA THR H 183 -7.55 23.79 13.42
C THR H 183 -7.47 25.13 12.72
N GLN H 184 -8.26 26.11 13.17
CA GLN H 184 -8.24 27.46 12.61
C GLN H 184 -7.22 28.36 13.29
N GLU H 185 -6.13 27.79 13.81
CA GLU H 185 -5.05 28.58 14.40
C GLU H 185 -4.05 28.90 13.31
N LEU H 186 -4.11 30.12 12.78
CA LEU H 186 -3.35 30.50 11.61
C LEU H 186 -1.94 30.96 12.00
N PRO H 187 -0.96 30.79 11.11
CA PRO H 187 0.35 31.38 11.34
C PRO H 187 0.32 32.88 11.12
N GLU H 188 1.11 33.60 11.92
CA GLU H 188 1.11 35.05 11.88
C GLU H 188 2.40 35.56 11.26
N SER H 189 2.28 36.67 10.53
CA SER H 189 3.39 37.33 9.88
C SER H 189 3.77 38.59 10.65
N THR H 190 5.03 39.00 10.51
CA THR H 190 5.53 40.19 11.17
C THR H 190 6.10 41.16 10.13
N SER H 191 5.83 42.44 10.34
CA SER H 191 6.32 43.47 9.43
C SER H 191 7.76 43.86 9.77
N PHE H 192 8.54 44.14 8.74
CA PHE H 192 9.90 44.66 8.92
C PHE H 192 9.78 46.15 9.20
N ASP H 193 9.63 46.50 10.47
CA ASP H 193 9.41 47.88 10.89
C ASP H 193 10.65 48.38 11.61
N VAL H 194 11.43 49.23 10.94
CA VAL H 194 12.56 49.92 11.53
C VAL H 194 12.25 51.41 11.46
N LYS H 195 12.01 52.04 12.61
CA LYS H 195 11.78 53.47 12.66
C LYS H 195 13.10 54.14 13.03
N GLY H 196 13.80 54.65 12.03
CA GLY H 196 15.11 55.21 12.26
C GLY H 196 15.08 56.62 12.81
N ILE H 197 15.93 57.48 12.27
CA ILE H 197 16.06 58.86 12.72
C ILE H 197 15.29 59.75 11.75
N GLU H 198 14.51 60.68 12.29
CA GLU H 198 13.69 61.55 11.46
C GLU H 198 14.57 62.48 10.64
N GLN H 199 14.12 62.77 9.43
CA GLN H 199 14.87 63.63 8.52
C GLN H 199 14.78 65.09 8.97
N GLU H 200 15.89 65.81 8.84
CA GLU H 200 15.91 67.22 9.17
C GLU H 200 15.02 68.01 8.23
N ALA H 201 14.46 69.10 8.75
CA ALA H 201 13.55 69.92 7.96
C ALA H 201 14.30 70.68 6.88
N THR H 202 13.60 70.99 5.80
CA THR H 202 14.18 71.78 4.72
C THR H 202 14.50 73.19 5.22
N ALA H 203 15.71 73.65 4.91
CA ALA H 203 16.14 74.96 5.37
C ALA H 203 15.53 76.06 4.52
N LYS H 204 15.60 77.28 5.04
CA LYS H 204 15.23 78.43 4.24
C LYS H 204 16.38 78.78 3.29
N PRO H 205 16.06 79.31 2.10
CA PRO H 205 17.13 79.79 1.23
C PRO H 205 17.89 80.93 1.90
N PHE H 206 19.18 81.05 1.56
CA PHE H 206 20.02 82.05 2.19
C PHE H 206 19.49 83.45 1.95
N ALA H 207 19.02 83.73 0.73
CA ALA H 207 18.48 85.04 0.42
C ALA H 207 17.20 85.31 1.21
N LYS H 208 16.33 84.31 1.33
CA LYS H 208 15.11 84.48 2.12
C LYS H 208 15.42 84.70 3.59
N ASP H 209 16.39 83.94 4.13
CA ASP H 209 16.79 84.13 5.52
C ASP H 209 17.35 85.52 5.75
N PHE H 210 18.16 86.01 4.81
CA PHE H 210 18.70 87.35 4.92
C PHE H 210 17.59 88.40 4.88
N TRP H 211 16.62 88.22 3.98
CA TRP H 211 15.55 89.20 3.84
C TRP H 211 14.56 89.13 4.99
N GLU H 212 14.49 88.01 5.71
CA GLU H 212 13.59 87.93 6.85
C GLU H 212 14.25 88.39 8.14
N THR H 213 15.52 88.08 8.34
CA THR H 213 16.22 88.59 9.52
C THR H 213 16.43 90.10 9.42
N HIS H 214 16.83 90.59 8.25
CA HIS H 214 17.01 92.00 7.99
C HIS H 214 15.98 92.44 6.98
N GLY H 215 15.36 93.59 7.20
CA GLY H 215 14.22 94.00 6.41
C GLY H 215 14.50 94.33 4.96
N GLU H 216 15.66 93.95 4.46
CA GLU H 216 16.08 94.29 3.11
C GLU H 216 16.81 93.12 2.48
N THR H 217 16.78 93.08 1.14
CA THR H 217 17.35 91.98 0.38
C THR H 217 18.87 92.11 0.30
N LEU H 218 19.50 91.05 -0.23
CA LEU H 218 20.95 91.05 -0.38
C LEU H 218 21.42 92.11 -1.37
N ASP H 219 20.66 92.31 -2.45
CA ASP H 219 21.04 93.31 -3.45
C ASP H 219 21.02 94.70 -2.85
N GLU H 220 19.98 95.03 -2.08
CA GLU H 220 19.92 96.34 -1.44
C GLU H 220 21.07 96.51 -0.44
N TYR H 221 21.39 95.45 0.31
CA TYR H 221 22.48 95.52 1.27
C TYR H 221 23.80 95.77 0.57
N ASN H 222 24.05 95.08 -0.54
CA ASN H 222 25.31 95.26 -1.26
C ASN H 222 25.39 96.64 -1.90
N SER H 223 24.28 97.13 -2.45
CA SER H 223 24.28 98.47 -3.04
C SER H 223 24.50 99.54 -1.98
N ARG H 224 23.89 99.39 -0.80
CA ARG H 224 24.01 100.40 0.23
C ARG H 224 25.38 100.37 0.89
N SER H 225 25.92 99.18 1.16
CA SER H 225 27.21 99.09 1.83
C SER H 225 28.35 99.51 0.93
N THR H 226 28.20 99.37 -0.38
CA THR H 226 29.25 99.73 -1.32
C THR H 226 29.17 101.18 -1.78
N PHE H 227 28.20 101.94 -1.29
CA PHE H 227 28.12 103.36 -1.65
C PHE H 227 29.31 104.13 -1.10
N PHE H 228 29.70 103.86 0.14
CA PHE H 228 30.82 104.55 0.76
C PHE H 228 32.10 103.72 0.67
N THR I 57 -50.13 -103.08 43.58
CA THR I 57 -49.39 -104.17 44.18
C THR I 57 -47.90 -104.09 43.82
N ALA I 58 -47.09 -104.91 44.50
CA ALA I 58 -45.66 -104.93 44.21
C ALA I 58 -45.39 -105.43 42.80
N LYS I 59 -46.10 -106.49 42.38
CA LYS I 59 -45.88 -107.05 41.05
C LYS I 59 -46.27 -106.05 39.97
N GLU I 60 -47.38 -105.34 40.15
CA GLU I 60 -47.80 -104.34 39.17
C GLU I 60 -46.79 -103.19 39.10
N GLN I 61 -46.32 -102.72 40.24
CA GLN I 61 -45.33 -101.64 40.25
C GLN I 61 -44.04 -102.07 39.57
N ARG I 62 -43.59 -103.30 39.84
CA ARG I 62 -42.40 -103.82 39.17
C ARG I 62 -42.60 -103.93 37.67
N ALA I 63 -43.78 -104.39 37.25
CA ALA I 63 -44.07 -104.50 35.83
C ALA I 63 -44.06 -103.13 35.15
N ARG I 64 -44.64 -102.12 35.81
CA ARG I 64 -44.64 -100.79 35.23
C ARG I 64 -43.24 -100.19 35.19
N ASP I 65 -42.43 -100.44 36.21
CA ASP I 65 -41.04 -99.97 36.19
C ASP I 65 -40.27 -100.61 35.04
N LEU I 66 -40.43 -101.92 34.86
CA LEU I 66 -39.74 -102.61 33.77
C LEU I 66 -40.24 -102.13 32.42
N ALA I 67 -41.55 -101.84 32.31
CA ALA I 67 -42.09 -101.29 31.07
C ALA I 67 -41.50 -99.93 30.76
N ASP I 68 -41.37 -99.07 31.78
CA ASP I 68 -40.75 -97.78 31.58
C ASP I 68 -39.31 -97.92 31.11
N GLU I 69 -38.56 -98.82 31.74
CA GLU I 69 -37.18 -99.08 31.33
C GLU I 69 -37.10 -99.53 29.88
N ARG I 70 -37.97 -100.49 29.50
CA ARG I 70 -37.92 -101.03 28.15
C ARG I 70 -38.34 -100.00 27.11
N SER I 71 -39.34 -99.18 27.43
CA SER I 71 -39.76 -98.13 26.51
C SER I 71 -38.65 -97.10 26.33
N ASN I 72 -37.96 -96.74 27.42
CA ASN I 72 -36.82 -95.83 27.29
C ASN I 72 -35.74 -96.43 26.40
N GLU I 73 -35.45 -97.72 26.58
CA GLU I 73 -34.44 -98.37 25.75
C GLU I 73 -34.83 -98.36 24.29
N ILE I 74 -36.11 -98.60 23.99
CA ILE I 74 -36.59 -98.54 22.61
C ILE I 74 -36.45 -97.12 22.06
N ILE I 75 -36.81 -96.13 22.86
CA ILE I 75 -36.81 -94.74 22.39
C ILE I 75 -35.40 -94.28 22.06
N ARG I 76 -34.41 -94.63 22.90
CA ARG I 76 -33.06 -94.16 22.63
C ARG I 76 -32.56 -94.62 21.26
N LYS I 77 -32.67 -95.91 20.99
CA LYS I 77 -32.28 -96.46 19.70
C LYS I 77 -33.43 -96.31 18.71
N LEU I 78 -33.31 -96.92 17.53
CA LEU I 78 -34.44 -97.12 16.62
C LEU I 78 -35.06 -95.78 16.21
N THR I 79 -34.31 -95.06 15.37
CA THR I 79 -34.77 -93.88 14.64
C THR I 79 -36.20 -94.08 14.16
N PRO I 80 -37.06 -93.03 14.18
CA PRO I 80 -38.47 -93.20 13.81
C PRO I 80 -38.72 -94.07 12.58
N GLU I 81 -37.89 -93.91 11.55
CA GLU I 81 -38.01 -94.76 10.37
C GLU I 81 -37.74 -96.22 10.73
N GLN I 82 -36.74 -96.47 11.56
CA GLN I 82 -36.45 -97.84 11.99
C GLN I 82 -37.60 -98.42 12.80
N ARG I 83 -38.18 -97.63 13.71
CA ARG I 83 -39.33 -98.11 14.47
C ARG I 83 -40.51 -98.43 13.55
N ARG I 84 -40.76 -97.55 12.57
CA ARG I 84 -41.88 -97.77 11.66
C ARG I 84 -41.68 -99.02 10.82
N GLU I 85 -40.45 -99.26 10.34
CA GLU I 85 -40.21 -100.44 9.54
C GLU I 85 -40.15 -101.72 10.37
N ALA I 86 -39.74 -101.65 11.64
CA ALA I 86 -39.70 -102.84 12.47
C ALA I 86 -41.05 -103.16 13.11
N LEU I 87 -41.98 -102.21 13.14
CA LEU I 87 -43.32 -102.51 13.61
C LEU I 87 -44.05 -103.46 12.66
N ASN I 88 -43.88 -103.26 11.35
CA ASN I 88 -44.56 -104.12 10.38
C ASN I 88 -44.02 -105.54 10.44
N ASN I 89 -42.70 -105.70 10.40
CA ASN I 89 -42.09 -107.03 10.34
C ASN I 89 -42.20 -107.79 11.64
N GLY I 90 -42.58 -107.14 12.73
CA GLY I 90 -42.68 -107.79 14.02
C GLY I 90 -41.37 -107.94 14.77
N THR I 91 -40.28 -107.41 14.22
CA THR I 91 -38.96 -107.50 14.87
C THR I 91 -38.67 -106.25 15.69
N LEU I 92 -39.54 -105.98 16.65
CA LEU I 92 -39.39 -104.87 17.57
C LEU I 92 -39.00 -105.38 18.94
N LEU I 93 -38.12 -104.65 19.62
CA LEU I 93 -37.71 -105.03 20.96
C LEU I 93 -38.89 -105.04 21.92
N TYR I 94 -38.99 -106.11 22.71
CA TYR I 94 -40.02 -106.23 23.75
C TYR I 94 -41.42 -106.00 23.20
N GLN I 95 -41.65 -106.39 21.94
CA GLN I 95 -42.97 -106.21 21.35
C GLN I 95 -44.00 -107.14 21.99
N ASP I 96 -43.55 -108.20 22.65
CA ASP I 96 -44.45 -109.13 23.32
C ASP I 96 -44.91 -108.63 24.69
N ASP I 97 -44.42 -107.48 25.14
CA ASP I 97 -44.81 -106.94 26.43
C ASP I 97 -45.81 -105.81 26.20
N PRO I 98 -47.09 -106.01 26.52
CA PRO I 98 -48.08 -104.94 26.28
C PRO I 98 -47.82 -103.68 27.08
N TYR I 99 -47.30 -103.80 28.30
CA TYR I 99 -47.02 -102.62 29.11
C TYR I 99 -45.93 -101.77 28.48
N ALA I 100 -44.88 -102.41 27.94
CA ALA I 100 -43.82 -101.65 27.28
C ALA I 100 -44.35 -100.91 26.07
N MET I 101 -45.21 -101.55 25.29
CA MET I 101 -45.79 -100.89 24.12
C MET I 101 -46.68 -99.73 24.53
N GLU I 102 -47.47 -99.91 25.59
CA GLU I 102 -48.32 -98.82 26.09
C GLU I 102 -47.47 -97.63 26.54
N ALA I 103 -46.41 -97.89 27.30
CA ALA I 103 -45.53 -96.82 27.74
C ALA I 103 -44.87 -96.13 26.55
N LEU I 104 -44.44 -96.90 25.56
CA LEU I 104 -43.82 -96.33 24.37
C LEU I 104 -44.79 -95.40 23.65
N ARG I 105 -46.05 -95.83 23.50
CA ARG I 105 -47.03 -95.01 22.80
C ARG I 105 -47.34 -93.74 23.59
N VAL I 106 -47.43 -93.84 24.92
CA VAL I 106 -47.70 -92.66 25.74
C VAL I 106 -46.56 -91.65 25.61
N LYS I 107 -45.31 -92.13 25.66
CA LYS I 107 -44.17 -91.22 25.55
C LYS I 107 -44.09 -90.60 24.16
N THR I 108 -44.42 -91.37 23.12
CA THR I 108 -44.47 -90.81 21.78
C THR I 108 -45.53 -89.72 21.69
N GLY I 109 -46.69 -89.94 22.31
CA GLY I 109 -47.71 -88.91 22.32
C GLY I 109 -47.27 -87.66 23.04
N ARG I 110 -46.56 -87.82 24.16
CA ARG I 110 -46.04 -86.66 24.89
C ARG I 110 -45.05 -85.85 24.03
N ASN I 111 -44.15 -86.55 23.36
CA ASN I 111 -43.20 -85.86 22.47
C ASN I 111 -43.92 -85.12 21.36
N ALA I 112 -44.92 -85.77 20.75
CA ALA I 112 -45.68 -85.14 19.68
C ALA I 112 -46.42 -83.90 20.19
N ALA I 113 -46.99 -83.99 21.40
CA ALA I 113 -47.70 -82.85 21.97
C ALA I 113 -46.77 -81.67 22.19
N TYR I 114 -45.57 -81.93 22.73
CA TYR I 114 -44.63 -80.82 22.91
C TYR I 114 -44.23 -80.21 21.57
N LEU I 115 -43.98 -81.06 20.56
CA LEU I 115 -43.57 -80.54 19.26
C LEU I 115 -44.67 -79.71 18.62
N VAL I 116 -45.93 -80.10 18.83
CA VAL I 116 -47.04 -79.32 18.30
C VAL I 116 -47.18 -78.00 19.03
N ASP I 117 -47.04 -78.01 20.36
CA ASP I 117 -47.22 -76.79 21.14
C ASP I 117 -46.13 -75.75 20.86
N ASP I 118 -44.89 -76.21 20.68
CA ASP I 118 -43.79 -75.26 20.53
C ASP I 118 -43.90 -74.44 19.25
N ASP I 119 -44.48 -75.01 18.19
CA ASP I 119 -44.67 -74.26 16.95
C ASP I 119 -45.60 -73.07 17.17
N VAL I 120 -46.72 -73.31 17.86
CA VAL I 120 -47.66 -72.22 18.15
C VAL I 120 -47.00 -71.20 19.07
N MET I 121 -46.21 -71.67 20.04
CA MET I 121 -45.55 -70.72 20.94
C MET I 121 -44.57 -69.83 20.19
N GLN I 122 -43.77 -70.40 19.29
CA GLN I 122 -42.84 -69.60 18.50
C GLN I 122 -43.57 -68.61 17.62
N LYS I 123 -44.66 -69.05 16.99
CA LYS I 123 -45.42 -68.12 16.14
C LYS I 123 -46.06 -67.01 16.95
N ILE I 124 -46.50 -67.29 18.18
CA ILE I 124 -47.01 -66.24 19.05
C ILE I 124 -45.91 -65.24 19.39
N LYS I 125 -44.73 -65.75 19.73
CA LYS I 125 -43.63 -64.85 20.10
C LYS I 125 -43.16 -64.01 18.93
N GLU I 126 -43.25 -64.53 17.71
CA GLU I 126 -42.86 -63.74 16.55
C GLU I 126 -43.82 -62.58 16.30
N GLY I 127 -45.10 -62.76 16.64
CA GLY I 127 -46.09 -61.73 16.41
C GLY I 127 -46.92 -61.98 15.17
N VAL I 128 -47.28 -63.25 14.95
CA VAL I 128 -47.98 -63.62 13.72
C VAL I 128 -49.47 -63.37 13.85
N PHE I 129 -50.06 -63.70 14.99
CA PHE I 129 -51.50 -63.60 15.19
C PHE I 129 -51.85 -62.26 15.81
N ARG I 130 -52.57 -61.42 15.07
CA ARG I 130 -52.93 -60.10 15.54
C ARG I 130 -54.22 -60.08 16.35
N THR I 131 -54.94 -61.18 16.41
CA THR I 131 -56.15 -61.29 17.22
C THR I 131 -56.16 -62.64 17.92
N ARG I 132 -56.94 -62.75 18.99
CA ARG I 132 -57.03 -63.99 19.73
C ARG I 132 -57.72 -65.07 18.91
N GLU I 133 -58.73 -64.70 18.12
CA GLU I 133 -59.45 -65.68 17.31
C GLU I 133 -58.53 -66.32 16.28
N GLU I 134 -57.65 -65.51 15.68
CA GLU I 134 -56.69 -66.04 14.70
C GLU I 134 -55.78 -67.09 15.34
N MET I 135 -55.26 -66.78 16.54
CA MET I 135 -54.41 -67.71 17.25
C MET I 135 -55.17 -68.98 17.60
N GLU I 136 -56.41 -68.85 18.05
CA GLU I 136 -57.21 -70.03 18.42
C GLU I 136 -57.48 -70.91 17.21
N GLU I 137 -57.80 -70.31 16.07
CA GLU I 137 -58.05 -71.09 14.86
C GLU I 137 -56.79 -71.84 14.42
N TYR I 138 -55.65 -71.14 14.39
CA TYR I 138 -54.41 -71.80 14.01
C TYR I 138 -54.08 -72.93 14.99
N ARG I 139 -54.24 -72.67 16.29
CA ARG I 139 -53.91 -73.68 17.29
C ARG I 139 -54.79 -74.92 17.12
N HIS I 140 -56.09 -74.72 16.91
CA HIS I 140 -56.99 -75.87 16.74
C HIS I 140 -56.63 -76.66 15.49
N SER I 141 -56.41 -75.98 14.36
CA SER I 141 -56.11 -76.69 13.13
C SER I 141 -54.82 -77.48 13.24
N ARG I 142 -53.77 -76.86 13.80
CA ARG I 142 -52.50 -77.55 13.92
C ARG I 142 -52.57 -78.66 14.94
N LEU I 143 -53.37 -78.49 15.99
CA LEU I 143 -53.56 -79.55 16.97
C LEU I 143 -54.26 -80.75 16.35
N GLN I 144 -55.19 -80.51 15.43
CA GLN I 144 -55.85 -81.63 14.75
C GLN I 144 -54.91 -82.33 13.79
N GLU I 145 -54.14 -81.58 13.01
CA GLU I 145 -53.31 -82.23 11.99
C GLU I 145 -52.05 -82.87 12.58
N GLY I 146 -51.45 -82.26 13.60
CA GLY I 146 -50.19 -82.77 14.13
C GLY I 146 -50.32 -84.13 14.77
N ALA I 147 -51.49 -84.43 15.36
CA ALA I 147 -51.70 -85.74 15.96
C ALA I 147 -51.47 -86.84 14.92
N LYS I 148 -52.15 -86.74 13.78
CA LYS I 148 -51.93 -87.71 12.71
C LYS I 148 -50.51 -87.64 12.17
N VAL I 149 -50.02 -86.42 11.91
CA VAL I 149 -48.72 -86.28 11.26
C VAL I 149 -47.64 -86.97 12.07
N TYR I 150 -47.68 -86.83 13.40
CA TYR I 150 -46.74 -87.52 14.27
C TYR I 150 -47.17 -88.94 14.62
N ALA I 151 -48.40 -89.34 14.27
CA ALA I 151 -48.83 -90.71 14.52
C ALA I 151 -48.33 -91.67 13.46
N GLU I 152 -48.64 -91.38 12.17
CA GLU I 152 -48.10 -92.27 11.14
C GLU I 152 -46.59 -92.13 10.96
N GLN I 153 -45.95 -91.13 11.56
CA GLN I 153 -44.49 -91.08 11.49
C GLN I 153 -43.84 -92.23 12.27
N PHE I 154 -44.43 -92.61 13.40
CA PHE I 154 -43.91 -93.70 14.23
C PHE I 154 -44.68 -94.99 14.04
N GLY I 155 -45.56 -95.07 13.05
CA GLY I 155 -46.34 -96.26 12.83
C GLY I 155 -47.36 -96.56 13.92
N ILE I 156 -48.05 -95.54 14.40
CA ILE I 156 -49.04 -95.68 15.46
C ILE I 156 -50.40 -95.25 14.93
N ASP I 157 -51.43 -95.97 15.32
CA ASP I 157 -52.80 -95.57 15.01
C ASP I 157 -53.11 -94.26 15.74
N PRO I 158 -53.48 -93.20 15.04
CA PRO I 158 -53.69 -91.91 15.72
C PRO I 158 -54.82 -91.92 16.73
N GLU I 159 -55.71 -92.90 16.68
CA GLU I 159 -56.84 -92.98 17.59
C GLU I 159 -56.60 -93.92 18.76
N ASP I 160 -55.37 -94.34 18.98
CA ASP I 160 -55.07 -95.22 20.10
C ASP I 160 -55.27 -94.50 21.42
N VAL I 161 -55.74 -95.25 22.42
CA VAL I 161 -56.03 -94.66 23.72
C VAL I 161 -54.75 -94.24 24.44
N ASP I 162 -53.66 -94.99 24.28
CA ASP I 162 -52.41 -94.62 24.93
C ASP I 162 -51.75 -93.43 24.24
N TYR I 163 -51.74 -93.43 22.91
CA TYR I 163 -51.20 -92.29 22.18
C TYR I 163 -52.00 -91.03 22.48
N GLN I 164 -53.33 -91.14 22.54
CA GLN I 164 -54.14 -89.99 22.88
C GLN I 164 -53.96 -89.58 24.33
N ARG I 165 -53.73 -90.53 25.23
CA ARG I 165 -53.44 -90.18 26.63
C ARG I 165 -52.17 -89.36 26.72
N GLY I 166 -51.14 -89.75 25.97
CA GLY I 166 -49.93 -88.95 25.92
C GLY I 166 -50.13 -87.60 25.26
N PHE I 167 -50.87 -87.57 24.16
CA PHE I 167 -50.99 -86.36 23.34
C PHE I 167 -51.91 -85.32 23.96
N ASN I 168 -52.96 -85.74 24.67
CA ASN I 168 -53.95 -84.83 25.22
C ASN I 168 -53.64 -84.38 26.64
N GLY I 169 -52.64 -84.98 27.28
CA GLY I 169 -52.35 -84.69 28.68
C GLY I 169 -52.03 -83.24 28.97
N ASP I 170 -52.65 -82.70 30.02
CA ASP I 170 -52.41 -81.33 30.48
C ASP I 170 -52.74 -80.31 29.40
N ILE I 171 -53.79 -80.57 28.63
CA ILE I 171 -54.14 -79.67 27.54
C ILE I 171 -54.56 -78.30 28.07
N THR I 172 -55.22 -78.28 29.23
CA THR I 172 -55.68 -77.01 29.81
C THR I 172 -54.50 -76.12 30.19
N GLU I 173 -53.47 -76.70 30.81
CA GLU I 173 -52.30 -75.92 31.21
C GLU I 173 -51.57 -75.37 29.99
N ARG I 174 -51.43 -76.18 28.94
CA ARG I 174 -50.78 -75.72 27.73
C ARG I 174 -51.57 -74.59 27.06
N ASN I 175 -52.90 -74.72 27.03
CA ASN I 175 -53.73 -73.66 26.50
C ASN I 175 -53.58 -72.37 27.31
N ILE I 176 -53.51 -72.50 28.64
CA ILE I 176 -53.35 -71.32 29.49
C ILE I 176 -52.01 -70.64 29.21
N SER I 177 -50.95 -71.43 29.06
CA SER I 177 -49.64 -70.88 28.76
C SER I 177 -49.66 -70.11 27.44
N LEU I 178 -50.25 -70.71 26.41
CA LEU I 178 -50.34 -70.04 25.12
C LEU I 178 -51.17 -68.76 25.23
N TYR I 179 -52.26 -68.80 26.00
CA TYR I 179 -53.11 -67.62 26.16
C TYR I 179 -52.37 -66.47 26.82
N GLY I 180 -51.60 -66.75 27.87
CA GLY I 180 -50.83 -65.70 28.51
C GLY I 180 -49.76 -65.12 27.59
N ALA I 181 -49.04 -66.00 26.89
CA ALA I 181 -48.03 -65.53 25.96
C ALA I 181 -48.63 -64.64 24.88
N HIS I 182 -49.83 -64.97 24.42
CA HIS I 182 -50.47 -64.15 23.41
C HIS I 182 -51.03 -62.85 23.97
N ASP I 183 -51.49 -62.87 25.23
CA ASP I 183 -52.04 -61.66 25.82
C ASP I 183 -50.97 -60.59 26.01
N ASN I 184 -49.74 -61.01 26.35
CA ASN I 184 -48.65 -60.05 26.43
C ASN I 184 -48.45 -59.32 25.10
N PHE I 185 -48.41 -60.09 24.01
CA PHE I 185 -48.25 -59.50 22.68
C PHE I 185 -49.41 -58.57 22.35
N LEU I 186 -50.64 -58.99 22.66
CA LEU I 186 -51.80 -58.16 22.37
C LEU I 186 -51.72 -56.83 23.10
N SER I 187 -51.28 -56.85 24.36
CA SER I 187 -51.14 -55.61 25.12
C SER I 187 -50.13 -54.67 24.46
N GLN I 188 -48.95 -55.19 24.13
CA GLN I 188 -47.94 -54.28 23.58
C GLN I 188 -48.35 -53.77 22.20
N GLN I 189 -49.01 -54.60 21.41
CA GLN I 189 -49.50 -54.17 20.10
C GLN I 189 -50.56 -53.09 20.24
N ALA I 190 -51.48 -53.24 21.21
CA ALA I 190 -52.49 -52.23 21.43
C ALA I 190 -51.86 -50.91 21.84
N GLN I 191 -50.83 -50.95 22.67
CA GLN I 191 -50.16 -49.72 23.08
C GLN I 191 -49.52 -49.02 21.87
N LYS I 192 -48.82 -49.78 21.02
CA LYS I 192 -48.22 -49.17 19.83
C LYS I 192 -49.29 -48.57 18.92
N GLY I 193 -50.38 -49.30 18.70
CA GLY I 193 -51.44 -48.80 17.85
C GLY I 193 -52.07 -47.54 18.39
N ALA I 194 -52.25 -47.48 19.71
CA ALA I 194 -52.80 -46.26 20.33
C ALA I 194 -51.88 -45.07 20.10
N ILE I 195 -50.57 -45.27 20.26
CA ILE I 195 -49.63 -44.18 20.03
C ILE I 195 -49.74 -43.67 18.61
N MET I 196 -49.74 -44.58 17.63
CA MET I 196 -49.79 -44.15 16.23
C MET I 196 -51.12 -43.51 15.88
N ASN I 197 -52.23 -44.03 16.43
CA ASN I 197 -53.53 -43.44 16.17
C ASN I 197 -53.61 -42.03 16.73
N SER I 198 -53.02 -41.80 17.92
CA SER I 198 -52.98 -40.45 18.46
C SER I 198 -52.18 -39.53 17.57
N ARG I 199 -51.04 -39.99 17.07
CA ARG I 199 -50.27 -39.15 16.15
C ARG I 199 -51.07 -38.80 14.90
N VAL I 200 -51.78 -39.78 14.33
CA VAL I 200 -52.57 -39.51 13.13
C VAL I 200 -53.69 -38.52 13.42
N GLU I 201 -54.38 -38.70 14.56
CA GLU I 201 -55.52 -37.84 14.86
C GLU I 201 -55.08 -36.42 15.19
N LEU I 202 -53.90 -36.24 15.78
CA LEU I 202 -53.45 -34.89 16.11
C LEU I 202 -52.97 -34.14 14.87
N ASN I 203 -52.46 -34.84 13.86
CA ASN I 203 -52.01 -34.17 12.64
C ASN I 203 -53.16 -33.59 11.82
N GLY I 204 -54.40 -33.92 12.14
CA GLY I 204 -55.51 -33.31 11.44
C GLY I 204 -55.71 -31.85 11.75
N VAL I 205 -55.19 -31.38 12.88
CA VAL I 205 -55.38 -29.99 13.30
C VAL I 205 -54.03 -29.30 13.46
N LEU I 206 -52.99 -30.08 13.78
CA LEU I 206 -51.70 -29.51 14.17
C LEU I 206 -50.63 -29.65 13.10
N GLN I 207 -51.03 -29.80 11.83
CA GLN I 207 -50.08 -29.92 10.74
C GLN I 207 -50.00 -28.67 9.87
N ASP I 208 -51.12 -28.01 9.63
CA ASP I 208 -51.12 -26.79 8.82
C ASP I 208 -50.41 -25.67 9.58
N PRO I 209 -49.45 -24.98 8.97
CA PRO I 209 -48.83 -23.83 9.66
C PRO I 209 -49.82 -22.74 10.03
N ASP I 210 -50.91 -22.60 9.29
CA ASP I 210 -51.91 -21.60 9.65
C ASP I 210 -52.73 -22.05 10.84
N MET I 211 -53.01 -23.34 10.93
CA MET I 211 -53.72 -23.87 12.10
C MET I 211 -52.88 -23.80 13.36
N LEU I 212 -51.56 -23.94 13.22
CA LEU I 212 -50.68 -23.91 14.39
C LEU I 212 -50.56 -22.50 14.99
N ARG I 213 -50.83 -21.46 14.21
CA ARG I 213 -50.67 -20.08 14.67
C ARG I 213 -51.93 -19.52 15.31
N ARG I 214 -52.98 -20.32 15.47
CA ARG I 214 -54.21 -19.87 16.10
C ARG I 214 -54.27 -20.37 17.53
N PRO I 215 -54.65 -19.54 18.50
CA PRO I 215 -54.72 -20.01 19.89
C PRO I 215 -55.73 -21.13 20.12
N ASP I 216 -56.76 -21.22 19.27
CA ASP I 216 -57.72 -22.31 19.42
C ASP I 216 -57.06 -23.66 19.19
N SER I 217 -55.91 -23.70 18.52
CA SER I 217 -55.17 -24.95 18.39
C SER I 217 -54.58 -25.40 19.73
N ALA I 218 -54.02 -24.46 20.49
CA ALA I 218 -53.54 -24.79 21.83
C ALA I 218 -54.69 -25.20 22.73
N ASP I 219 -55.83 -24.51 22.63
CA ASP I 219 -57.00 -24.92 23.39
C ASP I 219 -57.46 -26.32 22.99
N PHE I 220 -57.41 -26.62 21.69
CA PHE I 220 -57.78 -27.94 21.20
C PHE I 220 -56.87 -29.02 21.76
N PHE I 221 -55.56 -28.76 21.78
CA PHE I 221 -54.64 -29.76 22.32
C PHE I 221 -54.88 -29.99 23.80
N GLU I 222 -55.07 -28.91 24.57
CA GLU I 222 -55.32 -29.07 26.00
C GLU I 222 -56.60 -29.87 26.25
N LYS I 223 -57.68 -29.52 25.55
CA LYS I 223 -58.93 -30.24 25.72
C LYS I 223 -58.83 -31.67 25.23
N TYR I 224 -58.05 -31.92 24.16
CA TYR I 224 -57.86 -33.29 23.69
C TYR I 224 -57.20 -34.15 24.75
N ILE I 225 -56.14 -33.64 25.36
CA ILE I 225 -55.46 -34.43 26.40
C ILE I 225 -56.37 -34.64 27.60
N ASP I 226 -57.05 -33.59 28.05
CA ASP I 226 -57.91 -33.72 29.22
C ASP I 226 -59.06 -34.69 28.95
N ASN I 227 -59.74 -34.56 27.81
CA ASN I 227 -60.85 -35.43 27.47
C ASN I 227 -60.40 -36.87 27.31
N GLY I 228 -59.23 -37.10 26.69
CA GLY I 228 -58.72 -38.45 26.60
C GLY I 228 -58.43 -39.05 27.96
N LEU I 229 -57.90 -38.25 28.88
CA LEU I 229 -57.62 -38.77 30.22
C LEU I 229 -58.90 -39.05 31.00
N VAL I 230 -59.95 -38.26 30.80
CA VAL I 230 -61.17 -38.45 31.57
C VAL I 230 -61.97 -39.64 31.06
N THR I 231 -62.20 -39.72 29.76
CA THR I 231 -63.08 -40.74 29.21
C THR I 231 -62.37 -42.07 28.95
N GLY I 232 -61.09 -42.17 29.25
CA GLY I 232 -60.37 -43.42 29.04
C GLY I 232 -59.88 -43.64 27.64
N ALA I 233 -60.01 -42.64 26.75
CA ALA I 233 -59.41 -42.75 25.42
C ALA I 233 -57.90 -42.87 25.54
N ILE I 234 -57.29 -42.10 26.43
CA ILE I 234 -55.90 -42.30 26.85
C ILE I 234 -55.93 -43.01 28.20
N PRO I 235 -55.59 -44.31 28.26
CA PRO I 235 -55.86 -45.07 29.49
C PRO I 235 -54.84 -44.87 30.59
N SER I 236 -53.62 -44.44 30.28
CA SER I 236 -52.56 -44.35 31.28
C SER I 236 -52.00 -42.94 31.31
N ASP I 237 -51.34 -42.61 32.41
CA ASP I 237 -50.57 -41.37 32.48
C ASP I 237 -49.25 -41.49 31.73
N ALA I 238 -48.66 -42.68 31.71
CA ALA I 238 -47.45 -42.89 30.91
C ALA I 238 -47.73 -42.75 29.42
N GLN I 239 -48.85 -43.30 28.95
CA GLN I 239 -49.22 -43.13 27.55
C GLN I 239 -49.49 -41.66 27.23
N ALA I 240 -50.13 -40.94 28.16
CA ALA I 240 -50.35 -39.52 27.96
C ALA I 240 -49.04 -38.76 27.89
N THR I 241 -48.06 -39.15 28.72
CA THR I 241 -46.75 -38.52 28.67
C THR I 241 -46.08 -38.76 27.33
N GLN I 242 -46.17 -39.98 26.80
CA GLN I 242 -45.60 -40.26 25.48
C GLN I 242 -46.30 -39.46 24.39
N LEU I 243 -47.62 -39.35 24.47
CA LEU I 243 -48.38 -38.57 23.49
C LEU I 243 -47.95 -37.12 23.52
N ILE I 244 -47.81 -36.55 24.73
CA ILE I 244 -47.40 -35.15 24.85
C ILE I 244 -46.00 -34.96 24.29
N SER I 245 -45.08 -35.87 24.61
CA SER I 245 -43.71 -35.75 24.12
C SER I 245 -43.67 -35.78 22.60
N GLN I 246 -44.38 -36.73 21.99
CA GLN I 246 -44.31 -36.85 20.55
C GLN I 246 -45.04 -35.69 19.86
N ALA I 247 -46.13 -35.19 20.44
CA ALA I 247 -46.80 -34.03 19.88
C ALA I 247 -45.91 -32.79 19.91
N PHE I 248 -45.21 -32.58 21.04
CA PHE I 248 -44.31 -31.43 21.12
C PHE I 248 -43.13 -31.59 20.17
N SER I 249 -42.61 -32.81 20.03
CA SER I 249 -41.53 -33.05 19.07
C SER I 249 -41.97 -32.76 17.64
N ASP I 250 -43.19 -33.16 17.29
CA ASP I 250 -43.70 -32.87 15.95
C ASP I 250 -43.91 -31.37 15.75
N ALA I 251 -44.44 -30.68 16.77
CA ALA I 251 -44.68 -29.25 16.62
C ALA I 251 -43.38 -28.45 16.55
N SER I 252 -42.31 -28.95 17.17
CA SER I 252 -41.03 -28.27 17.10
C SER I 252 -40.44 -28.26 15.69
N SER I 253 -40.91 -29.13 14.81
CA SER I 253 -40.32 -29.28 13.49
C SER I 253 -41.16 -28.65 12.38
N ARG I 254 -42.15 -27.83 12.75
CA ARG I 254 -43.06 -27.26 11.77
C ARG I 254 -43.14 -25.76 11.93
N ALA I 255 -43.44 -25.07 10.84
CA ALA I 255 -43.62 -23.63 10.87
C ALA I 255 -44.86 -23.27 11.68
N GLY I 256 -44.73 -22.25 12.52
CA GLY I 256 -45.80 -21.87 13.42
C GLY I 256 -45.87 -22.68 14.69
N GLY I 257 -45.00 -23.68 14.86
CA GLY I 257 -45.01 -24.49 16.07
C GLY I 257 -44.49 -23.77 17.29
N ALA I 258 -43.65 -22.74 17.09
CA ALA I 258 -43.18 -21.95 18.22
C ALA I 258 -44.33 -21.22 18.90
N ASP I 259 -45.23 -20.63 18.12
CA ASP I 259 -46.40 -19.97 18.68
C ASP I 259 -47.29 -20.95 19.44
N PHE I 260 -47.54 -22.11 18.84
CA PHE I 260 -48.37 -23.13 19.49
C PHE I 260 -47.76 -23.56 20.81
N LEU I 261 -46.46 -23.86 20.81
CA LEU I 261 -45.81 -24.33 22.02
C LEU I 261 -45.77 -23.24 23.09
N MET I 262 -45.56 -22.00 22.67
CA MET I 262 -45.52 -20.89 23.62
C MET I 262 -46.89 -20.67 24.26
N ARG I 263 -47.97 -20.86 23.50
CA ARG I 263 -49.30 -20.72 24.08
C ARG I 263 -49.65 -21.92 24.96
N VAL I 264 -49.24 -23.13 24.58
CA VAL I 264 -49.66 -24.31 25.31
C VAL I 264 -48.80 -24.53 26.56
N GLY I 265 -47.65 -23.87 26.67
CA GLY I 265 -46.84 -24.03 27.86
C GLY I 265 -47.48 -23.49 29.12
N ASP I 266 -48.50 -22.65 29.00
CA ASP I 266 -49.17 -22.04 30.14
C ASP I 266 -50.47 -22.74 30.51
N LYS I 267 -50.77 -23.87 29.89
CA LYS I 267 -52.01 -24.59 30.13
C LYS I 267 -51.79 -25.76 31.07
N LYS I 268 -52.87 -26.17 31.74
CA LYS I 268 -52.79 -27.12 32.84
C LYS I 268 -52.96 -28.55 32.37
N VAL I 269 -52.36 -29.47 33.11
CA VAL I 269 -52.51 -30.91 32.88
C VAL I 269 -52.33 -31.62 34.22
N THR I 270 -53.12 -32.66 34.44
CA THR I 270 -53.07 -33.45 35.67
C THR I 270 -52.56 -34.85 35.35
N LEU I 271 -51.40 -35.20 35.90
CA LEU I 271 -50.83 -36.52 35.71
C LEU I 271 -50.28 -37.02 37.04
N ASN I 272 -50.45 -38.31 37.29
CA ASN I 272 -49.94 -38.98 38.49
C ASN I 272 -50.45 -38.32 39.77
N GLY I 273 -51.61 -37.68 39.70
CA GLY I 273 -52.18 -37.02 40.85
C GLY I 273 -51.67 -35.62 41.11
N ALA I 274 -50.88 -35.06 40.20
CA ALA I 274 -50.36 -33.71 40.34
C ALA I 274 -50.82 -32.86 39.17
N THR I 275 -51.26 -31.64 39.46
CA THR I 275 -51.71 -30.69 38.45
C THR I 275 -50.61 -29.66 38.23
N THR I 276 -50.07 -29.63 37.02
CA THR I 276 -48.98 -28.76 36.64
C THR I 276 -49.36 -28.00 35.39
N THR I 277 -48.47 -27.14 34.92
CA THR I 277 -48.57 -26.61 33.57
C THR I 277 -47.71 -27.46 32.64
N TYR I 278 -47.96 -27.32 31.34
CA TYR I 278 -47.16 -28.07 30.38
C TYR I 278 -45.70 -27.65 30.40
N ARG I 279 -45.41 -26.41 30.78
CA ARG I 279 -44.04 -25.96 30.94
C ARG I 279 -43.40 -26.52 32.21
N GLU I 280 -44.18 -26.71 33.27
CA GLU I 280 -43.67 -27.33 34.49
C GLU I 280 -43.52 -28.83 34.34
N LEU I 281 -44.39 -29.49 33.58
CA LEU I 281 -44.23 -30.92 33.33
C LEU I 281 -42.91 -31.20 32.65
N ILE I 282 -42.63 -30.50 31.55
CA ILE I 282 -41.29 -30.50 31.00
C ILE I 282 -40.35 -29.75 31.96
N GLY I 283 -39.07 -30.05 31.89
CA GLY I 283 -38.12 -29.32 32.69
C GLY I 283 -38.00 -27.87 32.24
N GLU I 284 -37.35 -27.06 33.06
CA GLU I 284 -37.10 -25.68 32.68
C GLU I 284 -36.05 -25.60 31.57
N GLU I 285 -34.94 -26.32 31.74
CA GLU I 285 -33.92 -26.36 30.70
C GLU I 285 -34.42 -27.13 29.49
N GLN I 286 -35.21 -28.18 29.71
CA GLN I 286 -35.80 -28.91 28.60
C GLN I 286 -36.78 -28.04 27.84
N TRP I 287 -37.58 -27.24 28.56
CA TRP I 287 -38.48 -26.32 27.88
C TRP I 287 -37.71 -25.27 27.08
N ASN I 288 -36.62 -24.75 27.63
CA ASN I 288 -35.82 -23.77 26.89
C ASN I 288 -35.21 -24.38 25.64
N ALA I 289 -34.72 -25.61 25.74
CA ALA I 289 -34.17 -26.30 24.58
C ALA I 289 -35.25 -26.54 23.52
N LEU I 290 -36.45 -26.94 23.96
CA LEU I 290 -37.56 -27.13 23.04
C LEU I 290 -37.92 -25.82 22.35
N MET I 291 -37.91 -24.71 23.09
CA MET I 291 -38.21 -23.41 22.50
C MET I 291 -37.17 -23.02 21.46
N VAL I 292 -35.89 -23.23 21.76
CA VAL I 292 -34.84 -22.91 20.80
C VAL I 292 -35.00 -23.76 19.55
N THR I 293 -35.28 -25.05 19.72
CA THR I 293 -35.47 -25.93 18.56
C THR I 293 -36.66 -25.47 17.72
N ALA I 294 -37.78 -25.15 18.36
CA ALA I 294 -38.97 -24.72 17.63
C ALA I 294 -38.72 -23.42 16.88
N GLN I 295 -37.95 -22.51 17.48
CA GLN I 295 -37.72 -21.23 16.84
C GLN I 295 -36.73 -21.36 15.68
N ARG I 296 -35.73 -22.22 15.82
CA ARG I 296 -34.68 -22.31 14.80
C ARG I 296 -34.97 -23.33 13.71
N SER I 297 -35.93 -24.23 13.90
CA SER I 297 -36.17 -25.27 12.91
C SER I 297 -36.75 -24.74 11.60
N GLN I 298 -37.36 -23.55 11.62
CA GLN I 298 -37.94 -22.98 10.42
C GLN I 298 -36.87 -22.69 9.37
N PHE I 299 -35.66 -22.38 9.80
CA PHE I 299 -34.57 -22.04 8.89
C PHE I 299 -33.74 -23.24 8.47
N GLU I 300 -34.01 -24.42 9.02
CA GLU I 300 -33.35 -25.64 8.60
C GLU I 300 -34.20 -26.50 7.68
N THR I 301 -35.51 -26.47 7.85
CA THR I 301 -36.42 -27.21 6.97
C THR I 301 -36.93 -26.36 5.82
N ASP I 302 -36.47 -25.12 5.70
CA ASP I 302 -36.86 -24.23 4.59
C ASP I 302 -35.64 -23.44 4.17
N ALA I 303 -35.07 -23.79 3.01
CA ALA I 303 -33.92 -23.05 2.49
C ALA I 303 -34.32 -21.68 1.96
N LYS I 304 -35.58 -21.49 1.56
CA LYS I 304 -36.03 -20.20 1.05
C LYS I 304 -35.93 -19.13 2.12
N LEU I 305 -36.38 -19.44 3.33
CA LEU I 305 -36.32 -18.47 4.43
C LEU I 305 -34.88 -18.12 4.78
N ASN I 306 -34.02 -19.13 4.88
CA ASN I 306 -32.62 -18.88 5.19
C ASN I 306 -31.96 -18.01 4.14
N GLU I 307 -32.20 -18.32 2.86
CA GLU I 307 -31.62 -17.51 1.79
C GLU I 307 -32.14 -16.09 1.84
N GLN I 308 -33.46 -15.91 2.02
CA GLN I 308 -34.03 -14.57 2.06
C GLN I 308 -33.42 -13.74 3.17
N TYR I 309 -33.38 -14.29 4.39
CA TYR I 309 -32.86 -13.53 5.52
C TYR I 309 -31.36 -13.25 5.38
N ARG I 310 -30.59 -14.24 4.92
CA ARG I 310 -29.15 -14.03 4.81
C ARG I 310 -28.82 -13.02 3.73
N LEU I 311 -29.54 -13.04 2.61
CA LEU I 311 -29.31 -12.06 1.56
C LEU I 311 -29.74 -10.66 2.00
N LYS I 312 -30.84 -10.55 2.76
CA LYS I 312 -31.22 -9.25 3.30
C LYS I 312 -30.15 -8.70 4.23
N ILE I 313 -29.63 -9.54 5.12
CA ILE I 313 -28.61 -9.09 6.06
C ILE I 313 -27.34 -8.69 5.33
N ASN I 314 -26.93 -9.47 4.33
CA ASN I 314 -25.71 -9.15 3.60
C ASN I 314 -25.88 -7.89 2.76
N SER I 315 -27.07 -7.64 2.20
CA SER I 315 -27.28 -6.40 1.46
C SER I 315 -27.32 -5.20 2.39
N ALA I 316 -27.83 -5.37 3.61
CA ALA I 316 -27.78 -4.29 4.58
C ALA I 316 -26.36 -3.97 5.02
N LEU I 317 -25.44 -4.90 4.88
CA LEU I 317 -24.05 -4.69 5.24
C LEU I 317 -23.21 -4.11 4.11
N ASN I 318 -23.80 -3.92 2.93
CA ASN I 318 -23.10 -3.38 1.78
C ASN I 318 -23.61 -2.00 1.40
N GLN I 319 -24.13 -1.25 2.37
CA GLN I 319 -24.54 0.12 2.16
C GLN I 319 -23.37 1.06 2.43
N GLU I 320 -23.36 2.18 1.71
CA GLU I 320 -22.29 3.16 1.88
C GLU I 320 -22.47 3.99 3.15
N ASP I 321 -23.72 4.23 3.56
CA ASP I 321 -23.99 5.01 4.75
C ASP I 321 -24.32 4.07 5.91
N PRO I 322 -23.53 4.05 6.98
CA PRO I 322 -23.84 3.17 8.11
C PRO I 322 -25.16 3.48 8.79
N ARG I 323 -25.60 4.74 8.78
CA ARG I 323 -26.87 5.08 9.42
C ARG I 323 -28.05 4.41 8.71
N THR I 324 -27.96 4.25 7.39
CA THR I 324 -29.01 3.52 6.68
C THR I 324 -28.94 2.04 6.97
N ALA I 325 -27.73 1.48 7.07
CA ALA I 325 -27.56 0.07 7.37
C ALA I 325 -28.13 -0.28 8.73
N TRP I 326 -27.95 0.60 9.72
CA TRP I 326 -28.49 0.35 11.05
C TRP I 326 -30.02 0.25 11.02
N GLU I 327 -30.68 1.15 10.31
CA GLU I 327 -32.14 1.12 10.25
C GLU I 327 -32.62 -0.08 9.45
N MET I 328 -31.89 -0.47 8.41
CA MET I 328 -32.22 -1.68 7.68
C MET I 328 -32.14 -2.91 8.59
N LEU I 329 -31.12 -2.95 9.44
CA LEU I 329 -30.99 -4.07 10.38
C LEU I 329 -32.12 -4.06 11.40
N GLN I 330 -32.55 -2.87 11.84
CA GLN I 330 -33.70 -2.80 12.74
C GLN I 330 -34.96 -3.34 12.06
N GLY I 331 -35.15 -3.01 10.79
CA GLY I 331 -36.28 -3.57 10.05
C GLY I 331 -36.21 -5.08 9.93
N ILE I 332 -35.01 -5.62 9.71
CA ILE I 332 -34.86 -7.07 9.62
C ILE I 332 -35.14 -7.73 10.97
N LYS I 333 -34.72 -7.09 12.06
CA LYS I 333 -35.05 -7.61 13.39
C LYS I 333 -36.56 -7.62 13.62
N ALA I 334 -37.24 -6.57 13.19
CA ALA I 334 -38.69 -6.54 13.31
C ALA I 334 -39.33 -7.65 12.50
N GLU I 335 -38.81 -7.93 11.30
CA GLU I 335 -39.32 -9.04 10.51
C GLU I 335 -39.09 -10.38 11.22
N LEU I 336 -37.92 -10.56 11.82
CA LEU I 336 -37.61 -11.83 12.48
C LEU I 336 -38.45 -12.04 13.74
N ASP I 337 -38.87 -10.96 14.39
CA ASP I 337 -39.67 -11.10 15.60
C ASP I 337 -40.98 -11.81 15.37
N LYS I 338 -41.47 -11.86 14.13
CA LYS I 338 -42.74 -12.48 13.82
C LYS I 338 -42.65 -13.98 13.59
N VAL I 339 -41.44 -14.52 13.43
CA VAL I 339 -41.25 -15.96 13.26
C VAL I 339 -40.53 -16.61 14.43
N GLN I 340 -39.94 -15.83 15.33
CA GLN I 340 -39.28 -16.33 16.53
C GLN I 340 -39.83 -15.53 17.70
N PRO I 341 -41.06 -15.84 18.15
CA PRO I 341 -41.75 -15.00 19.13
C PRO I 341 -41.41 -15.30 20.58
N ASP I 342 -40.13 -15.47 20.88
CA ASP I 342 -39.72 -15.74 22.25
C ASP I 342 -38.40 -15.02 22.52
N GLU I 343 -37.83 -15.25 23.70
CA GLU I 343 -36.73 -14.45 24.20
C GLU I 343 -35.38 -15.15 24.15
N GLN I 344 -35.33 -16.43 23.79
CA GLN I 344 -34.08 -17.16 23.84
C GLN I 344 -33.17 -16.75 22.69
N MET I 345 -31.88 -17.07 22.85
CA MET I 345 -30.90 -16.83 21.80
C MET I 345 -30.96 -17.96 20.78
N THR I 346 -31.18 -17.61 19.52
CA THR I 346 -31.19 -18.53 18.40
C THR I 346 -30.04 -18.19 17.46
N PRO I 347 -29.61 -19.13 16.61
CA PRO I 347 -28.55 -18.82 15.65
C PRO I 347 -28.91 -17.74 14.65
N GLN I 348 -30.16 -17.29 14.61
CA GLN I 348 -30.57 -16.23 13.70
C GLN I 348 -30.52 -14.85 14.34
N ARG I 349 -30.63 -14.77 15.67
CA ARG I 349 -30.39 -13.53 16.37
C ARG I 349 -28.89 -13.23 16.48
N GLU I 350 -28.08 -14.28 16.48
CA GLU I 350 -26.62 -14.10 16.42
C GLU I 350 -26.23 -13.45 15.10
N TRP I 351 -26.89 -13.82 14.01
CA TRP I 351 -26.68 -13.14 12.73
C TRP I 351 -26.83 -11.64 12.88
N LEU I 352 -27.91 -11.21 13.54
CA LEU I 352 -28.23 -9.80 13.62
C LEU I 352 -27.30 -9.06 14.58
N ILE I 353 -26.91 -9.70 15.68
CA ILE I 353 -25.96 -9.07 16.59
C ILE I 353 -24.61 -8.88 15.89
N SER I 354 -24.15 -9.90 15.17
CA SER I 354 -22.91 -9.77 14.42
C SER I 354 -23.01 -8.69 13.35
N ALA I 355 -24.17 -8.60 12.68
CA ALA I 355 -24.35 -7.57 11.67
C ALA I 355 -24.28 -6.18 12.28
N GLN I 356 -24.88 -5.98 13.45
CA GLN I 356 -24.81 -4.68 14.11
C GLN I 356 -23.38 -4.33 14.52
N GLU I 357 -22.62 -5.32 15.01
CA GLU I 357 -21.22 -5.07 15.33
C GLU I 357 -20.42 -4.67 14.08
N GLN I 358 -20.68 -5.35 12.97
CA GLN I 358 -20.00 -5.01 11.72
C GLN I 358 -20.37 -3.60 11.27
N VAL I 359 -21.62 -3.19 11.47
CA VAL I 359 -22.03 -1.84 11.09
C VAL I 359 -21.33 -0.81 11.97
N GLN I 360 -21.11 -1.13 13.25
CA GLN I 360 -20.33 -0.23 14.09
C GLN I 360 -18.89 -0.07 13.58
N ASN I 361 -18.28 -1.18 13.17
CA ASN I 361 -16.94 -1.09 12.59
C ASN I 361 -16.94 -0.25 11.32
N GLN I 362 -17.97 -0.43 10.49
CA GLN I 362 -18.11 0.37 9.27
C GLN I 362 -18.26 1.85 9.60
N MET I 363 -18.96 2.16 10.68
CA MET I 363 -19.11 3.56 11.10
C MET I 363 -17.76 4.16 11.48
N ASN I 364 -16.92 3.38 12.17
CA ASN I 364 -15.58 3.84 12.48
C ASN I 364 -14.80 4.17 11.20
N ALA I 365 -14.80 3.23 10.25
CA ALA I 365 -14.07 3.45 9.00
C ALA I 365 -14.64 4.61 8.21
N TRP I 366 -15.94 4.86 8.32
CA TRP I 366 -16.59 5.96 7.62
C TRP I 366 -16.20 7.31 8.22
N THR I 367 -16.12 7.37 9.55
CA THR I 367 -15.72 8.61 10.21
C THR I 367 -14.28 8.98 9.90
N LYS I 368 -13.39 7.98 9.75
CA LYS I 368 -12.08 8.26 9.17
C LYS I 368 -12.16 9.14 7.94
N ALA I 369 -12.87 8.68 6.91
CA ALA I 369 -12.90 9.38 5.62
C ALA I 369 -13.56 10.74 5.76
N GLN I 370 -14.64 10.82 6.54
CA GLN I 370 -15.31 12.11 6.70
C GLN I 370 -14.39 13.14 7.33
N ALA I 371 -13.68 12.75 8.39
CA ALA I 371 -12.76 13.68 9.04
C ALA I 371 -11.63 14.09 8.12
N LYS I 372 -11.10 13.14 7.33
CA LYS I 372 -10.01 13.47 6.43
C LYS I 372 -10.45 14.47 5.35
N ALA I 373 -11.64 14.26 4.77
CA ALA I 373 -12.13 15.19 3.76
C ALA I 373 -12.37 16.57 4.35
N LEU I 374 -12.94 16.62 5.56
CA LEU I 374 -13.20 17.91 6.19
C LEU I 374 -11.89 18.65 6.47
N ASP I 375 -10.86 17.92 6.89
CA ASP I 375 -9.54 18.53 7.08
C ASP I 375 -8.99 19.08 5.78
N ASP I 376 -9.14 18.33 4.68
CA ASP I 376 -8.63 18.79 3.40
C ASP I 376 -9.29 20.09 2.97
N SER I 377 -10.60 20.22 3.15
CA SER I 377 -11.26 21.47 2.77
C SER I 377 -10.92 22.61 3.72
N MET I 378 -10.76 22.29 5.00
CA MET I 378 -10.48 23.32 5.99
C MET I 378 -9.08 23.90 5.81
N LYS I 379 -8.14 23.11 5.30
CA LYS I 379 -6.82 23.67 4.98
C LYS I 379 -6.91 24.74 3.90
N SER I 380 -7.72 24.52 2.86
CA SER I 380 -7.89 25.52 1.83
C SER I 380 -8.53 26.80 2.38
N MET I 381 -9.55 26.64 3.23
CA MET I 381 -10.15 27.83 3.83
C MET I 381 -9.13 28.59 4.68
N ASN I 382 -8.28 27.86 5.42
CA ASN I 382 -7.26 28.51 6.24
C ASN I 382 -6.26 29.26 5.39
N LYS I 383 -5.85 28.69 4.26
CA LYS I 383 -4.92 29.37 3.37
C LYS I 383 -5.52 30.66 2.82
N LEU I 384 -6.80 30.62 2.45
CA LEU I 384 -7.46 31.85 1.99
C LEU I 384 -7.49 32.90 3.10
N ASP I 385 -7.76 32.48 4.33
CA ASP I 385 -7.77 33.43 5.45
C ASP I 385 -6.39 34.06 5.65
N VAL I 386 -5.33 33.26 5.52
CA VAL I 386 -3.97 33.79 5.70
C VAL I 386 -3.64 34.81 4.61
N ILE I 387 -4.00 34.51 3.36
CA ILE I 387 -3.75 35.47 2.28
C ILE I 387 -4.51 36.77 2.52
N ASP I 388 -5.78 36.66 2.97
CA ASP I 388 -6.55 37.85 3.25
C ASP I 388 -5.91 38.69 4.35
N LYS I 389 -5.41 38.04 5.39
CA LYS I 389 -4.72 38.76 6.46
C LYS I 389 -3.47 39.46 5.92
N GLN I 390 -2.75 38.82 5.01
CA GLN I 390 -1.52 39.42 4.48
C GLN I 390 -1.82 40.67 3.65
N PHE I 391 -2.79 40.60 2.74
CA PHE I 391 -3.21 41.83 2.04
C PHE I 391 -3.74 42.89 3.00
N GLN I 392 -4.47 42.50 4.04
CA GLN I 392 -4.95 43.52 4.96
C GLN I 392 -3.80 44.22 5.67
N LYS I 393 -2.76 43.48 6.05
CA LYS I 393 -1.59 44.11 6.64
C LYS I 393 -0.88 45.01 5.65
N ARG I 394 -0.74 44.56 4.39
CA ARG I 394 -0.02 45.36 3.39
C ARG I 394 -0.76 46.65 3.06
N ILE I 395 -2.08 46.58 2.95
CA ILE I 395 -2.85 47.77 2.60
C ILE I 395 -2.78 48.81 3.70
N ASN I 396 -2.74 48.37 4.96
CA ASN I 396 -2.69 49.30 6.08
C ASN I 396 -1.35 50.02 6.21
N GLY I 397 -0.34 49.61 5.47
CA GLY I 397 0.94 50.28 5.47
C GLY I 397 2.10 49.51 6.07
N GLU I 398 1.99 48.19 6.21
CA GLU I 398 3.06 47.37 6.75
C GLU I 398 3.88 46.77 5.62
N TRP I 399 5.13 46.46 5.92
CA TRP I 399 6.08 46.01 4.90
C TRP I 399 6.18 44.49 4.96
N VAL I 400 5.24 43.84 4.28
CA VAL I 400 5.17 42.39 4.16
C VAL I 400 5.04 42.05 2.69
N SER I 401 5.39 40.81 2.36
CA SER I 401 5.34 40.34 0.98
C SER I 401 4.01 39.65 0.73
N THR I 402 3.34 40.04 -0.35
CA THR I 402 2.05 39.47 -0.73
C THR I 402 2.19 38.39 -1.80
N ASP I 403 3.40 37.91 -2.03
CA ASP I 403 3.62 36.77 -2.92
C ASP I 403 3.25 35.48 -2.21
N PHE I 404 2.63 34.55 -2.94
CA PHE I 404 2.18 33.30 -2.32
C PHE I 404 3.35 32.44 -1.85
N LYS I 405 4.54 32.66 -2.39
CA LYS I 405 5.72 31.94 -1.92
C LYS I 405 6.22 32.45 -0.58
N ASP I 406 5.75 33.61 -0.12
CA ASP I 406 6.20 34.21 1.12
C ASP I 406 5.13 34.23 2.20
N MET I 407 4.04 33.50 2.01
CA MET I 407 3.02 33.41 3.05
C MET I 407 3.49 32.51 4.18
N PRO I 408 3.15 32.83 5.43
CA PRO I 408 3.52 31.93 6.53
C PRO I 408 2.83 30.58 6.40
N VAL I 409 3.59 29.53 6.72
CA VAL I 409 3.15 28.15 6.53
C VAL I 409 3.02 27.49 7.89
N ASN I 410 1.95 26.73 8.07
CA ASN I 410 1.63 26.06 9.32
C ASN I 410 1.30 24.60 9.04
N GLU I 411 0.93 23.86 10.08
CA GLU I 411 0.34 22.55 9.88
C GLU I 411 -1.14 22.62 9.57
N ASN I 412 -1.76 23.78 9.76
CA ASN I 412 -3.16 24.00 9.43
C ASN I 412 -3.36 24.59 8.04
N THR I 413 -2.28 24.87 7.33
CA THR I 413 -2.35 25.41 5.98
C THR I 413 -1.69 24.53 4.94
N GLY I 414 -0.51 24.00 5.23
CA GLY I 414 0.27 23.34 4.22
C GLY I 414 1.03 24.34 3.38
N GLU I 415 1.42 23.91 2.18
CA GLU I 415 2.14 24.77 1.25
C GLU I 415 1.17 25.50 0.34
N PHE I 416 1.51 26.73 -0.01
CA PHE I 416 0.64 27.56 -0.84
C PHE I 416 0.90 27.30 -2.32
N LYS I 417 -0.14 27.53 -3.12
CA LYS I 417 -0.08 27.33 -4.56
C LYS I 417 -0.55 28.59 -5.27
N HIS I 418 -0.26 28.66 -6.56
CA HIS I 418 -0.71 29.79 -7.37
C HIS I 418 -2.23 29.83 -7.48
N SER I 419 -2.87 28.66 -7.55
CA SER I 419 -4.32 28.61 -7.62
C SER I 419 -4.96 29.16 -6.37
N ASP I 420 -4.26 29.11 -5.23
CA ASP I 420 -4.77 29.75 -4.02
C ASP I 420 -4.90 31.26 -4.20
N MET I 421 -3.88 31.90 -4.79
CA MET I 421 -3.96 33.32 -5.07
C MET I 421 -5.03 33.61 -6.12
N VAL I 422 -5.17 32.75 -7.12
CA VAL I 422 -6.21 32.95 -8.13
C VAL I 422 -7.59 32.94 -7.48
N ASN I 423 -7.83 31.94 -6.62
CA ASN I 423 -9.11 31.84 -5.94
C ASN I 423 -9.34 33.02 -5.01
N TYR I 424 -8.31 33.45 -4.28
CA TYR I 424 -8.45 34.60 -3.40
C TYR I 424 -8.81 35.85 -4.19
N ALA I 425 -8.15 36.08 -5.32
CA ALA I 425 -8.43 37.28 -6.11
C ALA I 425 -9.85 37.26 -6.64
N ASN I 426 -10.30 36.11 -7.15
CA ASN I 426 -11.67 36.02 -7.65
C ASN I 426 -12.68 36.25 -6.55
N LYS I 427 -12.47 35.63 -5.39
CA LYS I 427 -13.38 35.78 -4.27
C LYS I 427 -13.42 37.22 -3.77
N LYS I 428 -12.26 37.87 -3.68
CA LYS I 428 -12.21 39.25 -3.22
C LYS I 428 -12.90 40.19 -4.20
N LEU I 429 -12.70 39.99 -5.51
CA LEU I 429 -13.37 40.84 -6.48
C LEU I 429 -14.88 40.66 -6.40
N ALA I 430 -15.35 39.42 -6.28
CA ALA I 430 -16.79 39.20 -6.15
C ALA I 430 -17.35 39.85 -4.88
N GLU I 431 -16.63 39.72 -3.77
CA GLU I 431 -17.09 40.30 -2.51
C GLU I 431 -17.16 41.81 -2.60
N ILE I 432 -16.16 42.44 -3.22
CA ILE I 432 -16.20 43.89 -3.40
C ILE I 432 -17.37 44.28 -4.30
N ASP I 433 -17.64 43.48 -5.34
CA ASP I 433 -18.77 43.76 -6.21
C ASP I 433 -20.11 43.60 -5.52
N SER I 434 -20.19 42.80 -4.47
CA SER I 434 -21.44 42.58 -3.75
C SER I 434 -21.70 43.60 -2.65
N MET I 435 -20.84 44.61 -2.50
CA MET I 435 -21.00 45.58 -1.44
C MET I 435 -22.02 46.65 -1.81
N ASP I 436 -22.66 47.21 -0.79
CA ASP I 436 -23.67 48.26 -0.98
C ASP I 436 -23.03 49.63 -0.77
N ILE I 437 -22.19 50.00 -1.72
CA ILE I 437 -21.48 51.29 -1.70
C ILE I 437 -21.47 51.87 -3.10
N PRO I 438 -21.26 53.18 -3.21
CA PRO I 438 -21.16 53.79 -4.55
C PRO I 438 -19.96 53.23 -5.32
N ASP I 439 -20.01 53.44 -6.63
CA ASP I 439 -19.00 52.85 -7.51
C ASP I 439 -17.61 53.41 -7.26
N GLY I 440 -17.52 54.67 -6.82
CA GLY I 440 -16.22 55.26 -6.55
C GLY I 440 -15.48 54.54 -5.43
N ALA I 441 -16.20 54.19 -4.36
CA ALA I 441 -15.59 53.45 -3.26
C ALA I 441 -15.14 52.07 -3.72
N LYS I 442 -15.94 51.41 -4.56
CA LYS I 442 -15.55 50.11 -5.09
C LYS I 442 -14.27 50.22 -5.92
N ASP I 443 -14.18 51.26 -6.76
CA ASP I 443 -12.97 51.47 -7.55
C ASP I 443 -11.78 51.73 -6.65
N ALA I 444 -11.98 52.52 -5.59
CA ALA I 444 -10.88 52.80 -4.67
C ALA I 444 -10.38 51.52 -4.00
N MET I 445 -11.30 50.65 -3.57
CA MET I 445 -10.88 49.40 -2.94
C MET I 445 -10.16 48.49 -3.93
N LYS I 446 -10.68 48.38 -5.16
CA LYS I 446 -10.04 47.56 -6.16
C LYS I 446 -8.65 48.06 -6.49
N LEU I 447 -8.47 49.38 -6.55
CA LEU I 447 -7.16 49.94 -6.84
C LEU I 447 -6.21 49.77 -5.65
N LYS I 448 -6.73 49.81 -4.42
CA LYS I 448 -5.89 49.50 -3.27
C LYS I 448 -5.36 48.07 -3.34
N TYR I 449 -6.23 47.13 -3.69
CA TYR I 449 -5.79 45.73 -3.82
C TYR I 449 -4.82 45.57 -4.99
N LEU I 450 -5.03 46.31 -6.08
CA LEU I 450 -4.10 46.27 -7.19
C LEU I 450 -2.73 46.81 -6.80
N GLN I 451 -2.70 47.88 -6.01
CA GLN I 451 -1.42 48.48 -5.62
C GLN I 451 -0.68 47.60 -4.62
N ALA I 452 -1.41 46.96 -3.70
CA ALA I 452 -0.78 46.10 -2.71
C ALA I 452 -0.31 44.76 -3.29
N ASP I 453 -0.70 44.44 -4.52
CA ASP I 453 -0.40 43.14 -5.10
C ASP I 453 1.07 43.05 -5.50
N SER I 454 1.57 41.82 -5.56
CA SER I 454 2.95 41.58 -5.94
C SER I 454 3.09 41.55 -7.46
N LYS I 455 4.33 41.48 -7.93
CA LYS I 455 4.64 41.69 -9.33
C LYS I 455 3.90 40.71 -10.24
N ASP I 456 3.89 39.42 -9.89
CA ASP I 456 3.23 38.40 -10.68
C ASP I 456 1.95 37.89 -10.04
N GLY I 457 1.25 38.76 -9.30
CA GLY I 457 0.04 38.38 -8.62
C GLY I 457 -1.14 38.25 -9.57
N ALA I 458 -2.26 37.80 -9.00
CA ALA I 458 -3.47 37.60 -9.79
C ALA I 458 -4.18 38.90 -10.11
N PHE I 459 -4.15 39.87 -9.18
CA PHE I 459 -4.75 41.17 -9.46
C PHE I 459 -4.05 41.87 -10.61
N ARG I 460 -2.72 41.80 -10.65
CA ARG I 460 -1.97 42.42 -11.72
C ARG I 460 -2.07 41.63 -13.01
N THR I 461 -2.35 40.33 -12.94
CA THR I 461 -2.54 39.52 -14.13
C THR I 461 -3.90 39.80 -14.77
N ALA I 462 -4.93 40.03 -13.95
CA ALA I 462 -6.25 40.33 -14.50
C ALA I 462 -6.23 41.65 -15.26
N ILE I 463 -5.59 42.67 -14.71
CA ILE I 463 -5.54 43.97 -15.39
C ILE I 463 -4.43 44.03 -16.43
N GLY I 464 -3.53 43.04 -16.46
CA GLY I 464 -2.50 43.03 -17.47
C GLY I 464 -3.04 42.78 -18.87
N THR I 465 -4.20 42.12 -18.95
CA THR I 465 -4.85 41.95 -20.24
C THR I 465 -5.28 43.29 -20.83
N MET I 466 -5.76 44.20 -19.98
CA MET I 466 -6.11 45.54 -20.43
C MET I 466 -4.90 46.25 -21.03
N VAL I 467 -3.76 46.20 -20.34
CA VAL I 467 -2.57 46.90 -20.79
C VAL I 467 -2.05 46.29 -22.08
N THR I 468 -2.03 44.96 -22.16
CA THR I 468 -1.59 44.30 -23.38
C THR I 468 -2.48 44.68 -24.56
N ASP I 469 -3.79 44.66 -24.35
CA ASP I 469 -4.72 45.01 -25.43
C ASP I 469 -4.56 46.46 -25.85
N ALA I 470 -4.38 47.38 -24.89
CA ALA I 470 -4.21 48.78 -25.24
C ALA I 470 -2.93 49.02 -26.02
N GLY I 471 -1.83 48.39 -25.60
CA GLY I 471 -0.59 48.52 -26.36
C GLY I 471 -0.71 47.95 -27.76
N GLN I 472 -1.37 46.80 -27.89
CA GLN I 472 -1.58 46.21 -29.22
C GLN I 472 -2.44 47.12 -30.08
N GLU I 473 -3.48 47.71 -29.50
CA GLU I 473 -4.33 48.63 -30.25
C GLU I 473 -3.53 49.80 -30.79
N TRP I 474 -2.71 50.43 -29.95
CA TRP I 474 -1.94 51.58 -30.40
C TRP I 474 -0.91 51.19 -31.46
N SER I 475 -0.20 50.08 -31.26
CA SER I 475 0.83 49.69 -32.22
C SER I 475 0.20 49.32 -33.56
N ALA I 476 -0.91 48.59 -33.55
CA ALA I 476 -1.59 48.24 -34.79
C ALA I 476 -2.13 49.49 -35.49
N ALA I 477 -2.64 50.46 -34.72
CA ALA I 477 -3.11 51.70 -35.32
C ALA I 477 -1.97 52.46 -35.98
N VAL I 478 -0.80 52.49 -35.35
CA VAL I 478 0.35 53.16 -35.94
C VAL I 478 0.77 52.46 -37.22
N ILE I 479 0.80 51.13 -37.23
CA ILE I 479 1.19 50.39 -38.42
C ILE I 479 0.20 50.63 -39.55
N ASN I 480 -1.10 50.55 -39.25
CA ASN I 480 -2.12 50.69 -40.29
C ASN I 480 -2.44 52.14 -40.62
N GLY I 481 -1.98 53.09 -39.82
CA GLY I 481 -2.22 54.49 -40.11
C GLY I 481 -3.64 54.96 -39.88
N LYS I 482 -4.40 54.25 -39.04
CA LYS I 482 -5.77 54.64 -38.75
C LYS I 482 -6.21 53.96 -37.46
N LEU I 483 -6.91 54.71 -36.61
CA LEU I 483 -7.46 54.12 -35.41
C LEU I 483 -8.70 53.29 -35.73
N PRO I 484 -8.86 52.13 -35.11
CA PRO I 484 -10.06 51.33 -35.33
C PRO I 484 -11.28 52.00 -34.73
N GLU I 485 -12.46 51.53 -35.16
CA GLU I 485 -13.71 52.11 -34.68
C GLU I 485 -13.89 51.90 -33.18
N ARG I 486 -13.36 50.80 -32.65
CA ARG I 486 -13.48 50.49 -31.23
C ARG I 486 -12.09 50.28 -30.64
N THR I 487 -11.81 50.98 -29.54
CA THR I 487 -10.61 50.75 -28.74
C THR I 487 -11.03 50.61 -27.28
N PRO I 488 -11.71 49.52 -26.93
CA PRO I 488 -12.22 49.39 -25.55
C PRO I 488 -11.15 49.38 -24.49
N ALA I 489 -9.99 48.77 -24.79
CA ALA I 489 -8.94 48.67 -23.78
C ALA I 489 -8.32 50.02 -23.47
N MET I 490 -8.08 50.84 -24.52
CA MET I 490 -7.53 52.17 -24.29
C MET I 490 -8.50 53.04 -23.50
N ASP I 491 -9.79 52.95 -23.81
CA ASP I 491 -10.78 53.73 -23.06
C ASP I 491 -10.85 53.30 -21.61
N ALA I 492 -10.85 51.98 -21.36
CA ALA I 492 -10.89 51.50 -20.00
C ALA I 492 -9.65 51.91 -19.22
N LEU I 493 -8.47 51.79 -19.83
CA LEU I 493 -7.24 52.18 -19.14
C LEU I 493 -7.19 53.67 -18.90
N ARG I 494 -7.69 54.47 -19.84
CA ARG I 494 -7.73 55.92 -19.63
C ARG I 494 -8.68 56.30 -18.49
N ARG I 495 -9.82 55.62 -18.40
CA ARG I 495 -10.73 55.89 -17.29
C ARG I 495 -10.11 55.51 -15.95
N ILE I 496 -9.42 54.36 -15.90
CA ILE I 496 -8.74 53.96 -14.68
C ILE I 496 -7.65 54.97 -14.32
N ARG I 497 -6.93 55.48 -15.32
CA ARG I 497 -5.95 56.53 -15.08
C ARG I 497 -6.62 57.78 -14.50
N ASN I 498 -7.77 58.16 -15.04
CA ASN I 498 -8.50 59.29 -14.50
C ASN I 498 -8.90 59.05 -13.05
N ALA I 499 -9.16 57.80 -12.68
CA ALA I 499 -9.43 57.49 -11.29
C ALA I 499 -8.19 57.63 -10.42
N ASP I 500 -7.03 57.18 -10.90
CA ASP I 500 -5.80 57.21 -10.11
C ASP I 500 -4.61 57.36 -11.06
N PRO I 501 -4.10 58.58 -11.24
CA PRO I 501 -3.00 58.79 -12.20
C PRO I 501 -1.65 58.29 -11.72
N GLN I 502 -1.36 58.46 -10.43
CA GLN I 502 -0.04 58.08 -9.92
C GLN I 502 0.17 56.58 -9.94
N LEU I 503 -0.87 55.81 -9.63
CA LEU I 503 -0.74 54.36 -9.67
C LEU I 503 -0.48 53.85 -11.09
N ILE I 504 -1.18 54.41 -12.08
CA ILE I 504 -0.98 53.99 -13.46
C ILE I 504 0.39 54.41 -13.95
N ALA I 505 0.84 55.60 -13.57
CA ALA I 505 2.19 56.02 -13.94
C ALA I 505 3.25 55.15 -13.29
N ALA I 506 2.99 54.67 -12.07
CA ALA I 506 3.95 53.82 -11.39
C ALA I 506 4.01 52.43 -12.02
N LEU I 507 2.86 51.90 -12.44
CA LEU I 507 2.82 50.53 -12.93
C LEU I 507 3.06 50.42 -14.43
N TYR I 508 2.45 51.31 -15.23
CA TYR I 508 2.52 51.23 -16.69
C TYR I 508 2.94 52.59 -17.24
N PRO I 509 4.24 52.92 -17.15
CA PRO I 509 4.69 54.25 -17.58
C PRO I 509 4.43 54.57 -19.05
N ASP I 510 4.52 53.59 -19.94
CA ASP I 510 4.37 53.87 -21.37
C ASP I 510 2.96 54.34 -21.69
N GLN I 511 1.96 53.64 -21.18
CA GLN I 511 0.58 54.05 -21.39
C GLN I 511 0.29 55.38 -20.73
N ALA I 512 0.90 55.64 -19.57
CA ALA I 512 0.70 56.93 -18.91
C ALA I 512 1.25 58.08 -19.75
N GLU I 513 2.44 57.90 -20.33
CA GLU I 513 3.00 58.94 -21.19
C GLU I 513 2.15 59.13 -22.45
N LEU I 514 1.68 58.04 -23.03
CA LEU I 514 0.80 58.15 -24.19
C LEU I 514 -0.47 58.91 -23.86
N PHE I 515 -1.06 58.62 -22.70
CA PHE I 515 -2.29 59.29 -22.31
C PHE I 515 -2.05 60.78 -22.02
N LEU I 516 -0.89 61.13 -21.47
CA LEU I 516 -0.58 62.54 -21.26
C LEU I 516 -0.43 63.27 -22.59
N THR I 517 0.25 62.65 -23.56
CA THR I 517 0.36 63.25 -24.89
C THR I 517 -1.02 63.43 -25.52
N MET I 518 -1.86 62.41 -25.43
CA MET I 518 -3.21 62.50 -25.99
C MET I 518 -4.02 63.59 -25.30
N ASP I 519 -3.84 63.75 -23.98
CA ASP I 519 -4.54 64.80 -23.25
C ASP I 519 -4.12 66.18 -23.75
N MET I 520 -2.82 66.39 -23.94
CA MET I 520 -2.36 67.68 -24.43
C MET I 520 -2.91 67.96 -25.83
N MET I 521 -2.87 66.96 -26.71
CA MET I 521 -3.45 67.14 -28.04
C MET I 521 -4.94 67.43 -27.98
N ASP I 522 -5.66 66.73 -27.10
CA ASP I 522 -7.09 66.96 -26.98
C ASP I 522 -7.39 68.38 -26.52
N LYS I 523 -6.59 68.89 -25.58
CA LYS I 523 -6.82 70.25 -25.11
C LYS I 523 -6.46 71.27 -26.17
N GLN I 524 -5.51 70.97 -27.04
CA GLN I 524 -5.25 71.86 -28.17
C GLN I 524 -6.28 71.72 -29.29
N GLY I 525 -7.11 70.68 -29.26
CA GLY I 525 -8.08 70.47 -30.34
C GLY I 525 -7.53 69.76 -31.55
N ILE I 526 -6.62 68.81 -31.35
CA ILE I 526 -5.92 68.14 -32.44
C ILE I 526 -6.33 66.68 -32.45
N ASP I 527 -6.62 66.15 -33.65
CA ASP I 527 -7.08 64.78 -33.80
C ASP I 527 -5.91 63.81 -33.60
N PRO I 528 -6.18 62.60 -33.10
CA PRO I 528 -5.09 61.62 -32.92
C PRO I 528 -4.41 61.19 -34.21
N GLN I 529 -5.00 61.46 -35.37
CA GLN I 529 -4.34 61.14 -36.63
C GLN I 529 -2.99 61.84 -36.76
N VAL I 530 -2.85 63.01 -36.15
CA VAL I 530 -1.56 63.71 -36.17
C VAL I 530 -0.51 62.91 -35.41
N ILE I 531 -0.87 62.39 -34.23
CA ILE I 531 0.05 61.55 -33.46
C ILE I 531 0.39 60.29 -34.24
N LEU I 532 -0.61 59.70 -34.90
CA LEU I 532 -0.36 58.51 -35.70
C LEU I 532 0.63 58.80 -36.83
N ASP I 533 0.46 59.93 -37.52
CA ASP I 533 1.36 60.29 -38.61
C ASP I 533 2.78 60.53 -38.09
N ALA I 534 2.91 61.23 -36.96
CA ALA I 534 4.24 61.47 -36.41
C ALA I 534 4.92 60.17 -36.01
N ASP I 535 4.18 59.26 -35.37
CA ASP I 535 4.75 57.98 -35.00
C ASP I 535 5.13 57.16 -36.23
N ARG I 536 4.31 57.21 -37.28
CA ARG I 536 4.61 56.48 -38.50
C ARG I 536 5.88 57.02 -39.16
N LEU I 537 6.05 58.35 -39.15
CA LEU I 537 7.26 58.93 -39.70
C LEU I 537 8.49 58.55 -38.90
N THR I 538 8.37 58.53 -37.57
CA THR I 538 9.53 58.26 -36.73
C THR I 538 9.91 56.79 -36.69
N VAL I 539 8.93 55.88 -36.77
CA VAL I 539 9.21 54.46 -36.55
C VAL I 539 10.03 53.87 -37.68
N LYS I 540 9.88 54.40 -38.90
CA LYS I 540 10.58 53.88 -40.07
C LYS I 540 11.97 54.44 -40.22
N ARG I 541 12.57 54.88 -39.12
CA ARG I 541 13.79 55.67 -39.16
C ARG I 541 14.74 55.16 -38.09
N SER I 542 16.02 55.01 -38.45
CA SER I 542 17.00 54.40 -37.57
C SER I 542 17.39 55.37 -36.45
N LYS I 543 18.09 54.83 -35.46
CA LYS I 543 18.50 55.63 -34.31
C LYS I 543 19.53 56.68 -34.69
N GLU I 544 20.33 56.43 -35.72
CA GLU I 544 21.30 57.42 -36.17
C GLU I 544 20.63 58.56 -36.91
N GLN I 545 19.56 58.28 -37.66
CA GLN I 545 18.85 59.33 -38.37
C GLN I 545 17.97 60.16 -37.46
N ARG I 546 17.49 59.58 -36.36
CA ARG I 546 16.65 60.31 -35.43
C ARG I 546 17.42 61.44 -34.76
N PHE I 547 18.70 61.20 -34.45
CA PHE I 547 19.53 62.27 -33.89
C PHE I 547 19.69 63.42 -34.87
N GLU I 548 19.92 63.11 -36.14
CA GLU I 548 20.04 64.16 -37.16
C GLU I 548 18.73 64.92 -37.31
N ASP I 549 17.60 64.21 -37.28
CA ASP I 549 16.30 64.87 -37.37
C ASP I 549 16.07 65.81 -36.19
N ASP I 550 16.40 65.35 -34.98
CA ASP I 550 16.23 66.19 -33.81
C ASP I 550 17.11 67.42 -33.86
N LYS I 551 18.36 67.25 -34.28
CA LYS I 551 19.26 68.41 -34.40
C LYS I 551 18.75 69.39 -35.45
N ALA I 552 18.28 68.89 -36.59
CA ALA I 552 17.76 69.78 -37.62
C ALA I 552 16.53 70.54 -37.14
N PHE I 553 15.62 69.86 -36.44
CA PHE I 553 14.43 70.53 -35.94
C PHE I 553 14.77 71.59 -34.91
N GLU I 554 15.68 71.28 -33.98
CA GLU I 554 16.07 72.26 -32.98
C GLU I 554 16.79 73.45 -33.61
N SER I 555 17.63 73.21 -34.61
CA SER I 555 18.30 74.30 -35.30
C SER I 555 17.30 75.17 -36.05
N ALA I 556 16.30 74.56 -36.68
CA ALA I 556 15.27 75.34 -37.37
C ALA I 556 14.47 76.18 -36.37
N LEU I 557 14.17 75.63 -35.21
CA LEU I 557 13.43 76.40 -34.21
C LEU I 557 14.25 77.55 -33.66
N ASN I 558 15.51 77.29 -33.30
CA ASN I 558 16.35 78.32 -32.68
C ASN I 558 16.68 79.46 -33.64
N ALA I 559 16.62 79.21 -34.95
CA ALA I 559 16.89 80.23 -35.95
C ALA I 559 15.65 81.06 -36.30
N SER I 560 14.51 80.78 -35.68
CA SER I 560 13.30 81.52 -35.98
C SER I 560 13.37 82.93 -35.40
N LYS I 561 12.49 83.79 -35.89
CA LYS I 561 12.43 85.18 -35.46
C LYS I 561 11.33 85.44 -34.44
N ALA I 562 10.25 84.66 -34.47
CA ALA I 562 9.17 84.85 -33.51
C ALA I 562 9.61 84.38 -32.12
N PRO I 563 9.40 85.19 -31.08
CA PRO I 563 9.80 84.76 -29.73
C PRO I 563 9.11 83.49 -29.26
N GLU I 564 7.88 83.25 -29.69
CA GLU I 564 7.16 82.05 -29.28
C GLU I 564 7.80 80.78 -29.81
N ILE I 565 8.53 80.87 -30.91
CA ILE I 565 9.12 79.71 -31.56
C ILE I 565 10.57 79.49 -31.13
N ALA I 566 11.34 80.57 -31.04
CA ALA I 566 12.76 80.46 -30.72
C ALA I 566 13.02 80.06 -29.28
N ARG I 567 12.07 80.33 -28.37
CA ARG I 567 12.24 80.07 -26.94
C ARG I 567 11.03 79.35 -26.39
N MET I 568 10.65 78.29 -27.07
CA MET I 568 9.50 77.45 -26.76
C MET I 568 9.84 76.47 -25.64
N PRO I 569 8.94 76.26 -24.68
CA PRO I 569 9.18 75.24 -23.66
C PRO I 569 9.16 73.84 -24.25
N ALA I 570 9.80 72.91 -23.54
CA ALA I 570 9.96 71.55 -24.06
C ALA I 570 8.62 70.84 -24.22
N SER I 571 7.71 71.02 -23.27
CA SER I 571 6.42 70.35 -23.35
C SER I 571 5.62 70.82 -24.55
N LEU I 572 5.66 72.13 -24.84
CA LEU I 572 5.04 72.62 -26.06
C LEU I 572 5.81 72.19 -27.29
N ARG I 573 7.14 72.06 -27.16
CA ARG I 573 7.97 71.66 -28.29
C ARG I 573 7.64 70.24 -28.75
N GLU I 574 7.24 69.37 -27.83
CA GLU I 574 6.86 68.01 -28.23
C GLU I 574 5.65 68.02 -29.15
N SER I 575 4.60 68.74 -28.78
CA SER I 575 3.41 68.83 -29.62
C SER I 575 3.71 69.55 -30.93
N ALA I 576 4.54 70.58 -30.88
CA ALA I 576 4.94 71.27 -32.11
C ALA I 576 5.67 70.32 -33.05
N ARG I 577 6.56 69.49 -32.49
CA ARG I 577 7.27 68.51 -33.30
C ARG I 577 6.31 67.50 -33.92
N LYS I 578 5.29 67.09 -33.17
CA LYS I 578 4.32 66.16 -33.73
C LYS I 578 3.52 66.79 -34.88
N ILE I 579 3.11 68.05 -34.73
CA ILE I 579 2.38 68.73 -35.81
C ILE I 579 3.27 68.86 -37.04
N TYR I 580 4.52 69.29 -36.83
CA TYR I 580 5.47 69.44 -37.93
C TYR I 580 5.71 68.11 -38.63
N ASP I 581 5.88 67.04 -37.86
CA ASP I 581 6.11 65.73 -38.43
C ASP I 581 4.92 65.25 -39.23
N SER I 582 3.70 65.50 -38.75
CA SER I 582 2.52 65.10 -39.50
C SER I 582 2.45 65.81 -40.84
N VAL I 583 2.67 67.13 -40.84
CA VAL I 583 2.59 67.87 -42.10
C VAL I 583 3.73 67.46 -43.03
N LYS I 584 4.91 67.19 -42.49
CA LYS I 584 6.04 66.77 -43.30
C LYS I 584 5.90 65.34 -43.80
N TYR I 585 5.06 64.54 -43.15
CA TYR I 585 4.83 63.16 -43.57
C TYR I 585 3.76 63.06 -44.64
N ARG I 586 2.67 63.83 -44.51
CA ARG I 586 1.60 63.68 -45.49
C ARG I 586 1.93 64.36 -46.81
N SER I 587 2.79 65.38 -46.80
CA SER I 587 3.40 65.91 -48.00
C SER I 587 4.89 65.60 -47.96
N GLY I 588 5.62 66.11 -48.94
CA GLY I 588 7.07 66.04 -48.91
C GLY I 588 7.75 67.34 -48.56
N ASN I 589 6.99 68.37 -48.23
CA ASN I 589 7.50 69.73 -48.10
C ASN I 589 7.84 70.00 -46.64
N GLU I 590 9.12 70.24 -46.36
CA GLU I 590 9.54 70.65 -45.03
C GLU I 590 9.29 72.14 -44.80
N SER I 591 9.39 72.95 -45.85
CA SER I 591 9.08 74.37 -45.72
C SER I 591 7.60 74.57 -45.40
N MET I 592 6.72 73.82 -46.06
CA MET I 592 5.31 73.88 -45.73
C MET I 592 5.06 73.44 -44.29
N ALA I 593 5.73 72.37 -43.85
CA ALA I 593 5.55 71.91 -42.48
C ALA I 593 5.98 72.98 -41.48
N MET I 594 7.11 73.63 -41.73
CA MET I 594 7.57 74.68 -40.84
C MET I 594 6.60 75.85 -40.81
N GLU I 595 6.11 76.29 -41.97
CA GLU I 595 5.20 77.42 -41.99
C GLU I 595 3.87 77.07 -41.32
N GLN I 596 3.39 75.85 -41.51
CA GLN I 596 2.13 75.43 -40.87
C GLN I 596 2.28 75.40 -39.36
N MET I 597 3.37 74.82 -38.87
CA MET I 597 3.61 74.78 -37.44
C MET I 597 3.71 76.19 -36.85
N THR I 598 4.49 77.05 -37.51
CA THR I 598 4.69 78.40 -36.99
C THR I 598 3.38 79.19 -36.97
N LYS I 599 2.58 79.08 -38.03
CA LYS I 599 1.31 79.79 -38.06
C LYS I 599 0.34 79.25 -37.02
N PHE I 600 0.29 77.93 -36.85
CA PHE I 600 -0.59 77.35 -35.84
C PHE I 600 -0.20 77.81 -34.45
N LEU I 601 1.11 77.87 -34.16
CA LEU I 601 1.57 78.22 -32.83
C LEU I 601 1.51 79.71 -32.56
N LYS I 602 1.62 80.54 -33.60
CA LYS I 602 1.57 81.99 -33.38
C LYS I 602 0.20 82.44 -32.94
N GLU I 603 -0.86 81.89 -33.52
CA GLU I 603 -2.22 82.37 -33.31
C GLU I 603 -2.96 81.64 -32.22
N SER I 604 -2.31 80.71 -31.52
CA SER I 604 -2.95 79.98 -30.43
C SER I 604 -2.21 80.05 -29.11
N THR I 605 -1.03 80.66 -29.06
CA THR I 605 -0.25 80.77 -27.85
C THR I 605 0.13 82.23 -27.62
N TYR I 606 0.48 82.55 -26.38
CA TYR I 606 0.92 83.88 -26.00
C TYR I 606 2.18 83.76 -25.15
N THR I 607 3.18 84.59 -25.46
CA THR I 607 4.44 84.57 -24.74
C THR I 607 4.49 85.72 -23.74
N PHE I 608 4.77 85.39 -22.48
CA PHE I 608 4.89 86.38 -21.43
C PHE I 608 6.33 86.87 -21.35
N THR I 609 6.49 88.16 -21.05
CA THR I 609 7.78 88.79 -20.97
C THR I 609 8.00 89.37 -19.58
N GLY I 610 9.27 89.48 -19.19
CA GLY I 610 9.65 90.07 -17.93
C GLY I 610 10.55 91.28 -18.15
N ASP I 611 10.73 92.04 -17.08
CA ASP I 611 11.53 93.27 -17.12
C ASP I 611 12.99 92.92 -16.87
N ASP I 612 13.85 93.30 -17.82
CA ASP I 612 15.29 93.03 -17.76
C ASP I 612 15.54 91.53 -17.62
N VAL I 613 15.16 90.81 -18.68
CA VAL I 613 15.38 89.37 -18.79
C VAL I 613 16.16 89.12 -20.06
N ASP I 614 17.24 88.35 -19.97
CA ASP I 614 18.03 88.00 -21.14
C ASP I 614 17.22 87.06 -22.01
N GLY I 615 16.88 87.51 -23.21
CA GLY I 615 15.95 86.81 -24.07
C GLY I 615 14.51 87.23 -23.94
N ASP I 616 14.15 87.87 -22.82
CA ASP I 616 12.90 88.57 -22.56
C ASP I 616 11.70 87.64 -22.35
N THR I 617 11.87 86.33 -22.49
CA THR I 617 10.74 85.39 -22.41
C THR I 617 10.78 84.65 -21.07
N VAL I 618 9.63 84.60 -20.39
CA VAL I 618 9.50 83.90 -19.12
C VAL I 618 8.48 82.78 -19.17
N GLY I 619 7.84 82.55 -20.31
CA GLY I 619 6.88 81.47 -20.43
C GLY I 619 5.99 81.65 -21.63
N VAL I 620 5.40 80.55 -22.07
CA VAL I 620 4.44 80.54 -23.18
C VAL I 620 3.20 79.77 -22.72
N ILE I 621 2.04 80.39 -22.87
CA ILE I 621 0.78 79.81 -22.41
C ILE I 621 -0.21 79.75 -23.57
N PRO I 622 -0.89 78.63 -23.79
CA PRO I 622 -1.96 78.60 -24.80
C PRO I 622 -3.07 79.58 -24.45
N LYS I 623 -3.65 80.17 -25.50
CA LYS I 623 -4.63 81.24 -25.30
C LYS I 623 -5.92 80.72 -24.70
N ASN I 624 -6.36 79.51 -25.06
CA ASN I 624 -7.62 79.00 -24.55
C ASN I 624 -7.57 78.59 -23.09
N MET I 625 -6.38 78.56 -22.49
CA MET I 625 -6.25 78.31 -21.06
C MET I 625 -6.37 79.56 -20.23
N MET I 626 -6.42 80.73 -20.86
CA MET I 626 -6.58 82.01 -20.17
C MET I 626 -7.94 82.63 -20.42
N GLN I 627 -8.90 81.87 -20.92
CA GLN I 627 -10.23 82.40 -21.18
C GLN I 627 -11.03 82.50 -19.89
N VAL I 628 -11.75 83.61 -19.73
CA VAL I 628 -12.64 83.78 -18.59
C VAL I 628 -14.10 83.54 -18.95
N ASN I 629 -14.42 83.46 -20.24
CA ASN I 629 -15.77 83.21 -20.73
C ASN I 629 -15.74 82.03 -21.69
N SER I 630 -16.87 81.81 -22.36
CA SER I 630 -16.90 80.92 -23.52
C SER I 630 -16.47 81.63 -24.80
N ASP I 631 -16.34 82.94 -24.76
CA ASP I 631 -15.88 83.70 -25.92
C ASP I 631 -14.37 83.63 -26.01
N PRO I 632 -13.80 83.19 -27.14
CA PRO I 632 -12.33 83.14 -27.24
C PRO I 632 -11.66 84.49 -27.04
N LYS I 633 -12.30 85.58 -27.47
CA LYS I 633 -11.69 86.90 -27.34
C LYS I 633 -11.46 87.28 -25.88
N SER I 634 -12.11 86.59 -24.95
CA SER I 634 -11.91 86.84 -23.52
C SER I 634 -10.54 86.40 -23.03
N TRP I 635 -9.75 85.71 -23.87
CA TRP I 635 -8.41 85.31 -23.45
C TRP I 635 -7.57 86.52 -23.04
N GLU I 636 -7.89 87.70 -23.58
CA GLU I 636 -7.14 88.90 -23.23
C GLU I 636 -7.41 89.33 -21.79
N GLN I 637 -8.60 89.07 -21.28
CA GLN I 637 -8.90 89.42 -19.89
C GLN I 637 -8.11 88.54 -18.93
N GLY I 638 -8.16 87.22 -19.15
CA GLY I 638 -7.45 86.30 -18.27
C GLY I 638 -5.95 86.53 -18.27
N ARG I 639 -5.40 86.99 -19.39
CA ARG I 639 -3.98 87.36 -19.42
C ARG I 639 -3.71 88.50 -18.45
N ASP I 640 -4.57 89.53 -18.46
CA ASP I 640 -4.36 90.67 -17.58
C ASP I 640 -4.34 90.24 -16.12
N ILE I 641 -5.31 89.43 -15.73
CA ILE I 641 -5.34 88.91 -14.37
C ILE I 641 -4.05 88.17 -14.06
N LEU I 642 -3.51 87.47 -15.04
CA LEU I 642 -2.24 86.79 -14.83
C LEU I 642 -1.10 87.79 -14.73
N GLU I 643 -1.10 88.82 -15.59
CA GLU I 643 0.02 89.74 -15.64
C GLU I 643 0.12 90.57 -14.36
N GLU I 644 -1.01 90.92 -13.77
CA GLU I 644 -0.99 91.59 -12.47
C GLU I 644 -0.69 90.63 -11.33
N ALA I 645 -0.90 89.33 -11.52
CA ALA I 645 -0.60 88.37 -10.47
C ALA I 645 0.90 88.25 -10.26
N ARG I 646 1.66 88.04 -11.33
CA ARG I 646 3.11 87.86 -11.20
C ARG I 646 3.79 89.14 -10.75
N LYS I 647 3.19 90.30 -11.04
CA LYS I 647 3.71 91.54 -10.50
C LYS I 647 3.40 91.68 -9.01
N GLY I 648 2.27 91.13 -8.56
CA GLY I 648 1.94 91.21 -7.16
C GLY I 648 2.71 90.25 -6.29
N ILE I 649 3.06 89.08 -6.83
CA ILE I 649 3.84 88.10 -6.09
C ILE I 649 5.28 88.57 -5.92
N ILE I 650 5.86 89.16 -6.96
CA ILE I 650 7.22 89.65 -6.88
C ILE I 650 7.34 90.75 -5.83
N ALA I 651 6.31 91.60 -5.72
CA ALA I 651 6.31 92.63 -4.70
C ALA I 651 6.20 92.05 -3.30
N SER I 652 5.45 90.96 -3.14
CA SER I 652 5.30 90.34 -1.84
C SER I 652 6.51 89.49 -1.44
N ASN I 653 7.30 89.03 -2.42
CA ASN I 653 8.47 88.20 -2.15
C ASN I 653 9.67 88.81 -2.88
N PRO I 654 10.19 89.93 -2.40
CA PRO I 654 11.30 90.59 -3.10
C PRO I 654 12.62 89.84 -3.00
N TRP I 655 12.72 88.82 -2.15
CA TRP I 655 13.98 88.11 -1.92
C TRP I 655 14.31 87.14 -3.04
N ILE I 656 13.40 86.89 -3.97
CA ILE I 656 13.62 85.90 -5.03
C ILE I 656 14.79 86.34 -5.91
N THR I 657 15.30 85.41 -6.72
CA THR I 657 16.65 85.54 -7.26
C THR I 657 16.86 86.85 -8.00
N ASN I 658 16.14 87.05 -9.11
CA ASN I 658 16.27 88.27 -9.89
C ASN I 658 14.94 89.01 -9.97
N LYS I 659 14.08 88.82 -8.98
CA LYS I 659 12.70 89.31 -9.01
C LYS I 659 11.99 88.80 -10.25
N GLN I 660 12.17 87.52 -10.55
CA GLN I 660 11.64 86.92 -11.76
C GLN I 660 10.87 85.65 -11.42
N LEU I 661 9.77 85.42 -12.14
CA LEU I 661 8.99 84.20 -12.02
C LEU I 661 8.84 83.58 -13.41
N THR I 662 8.80 82.25 -13.44
CA THR I 662 8.49 81.51 -14.64
C THR I 662 7.00 81.14 -14.63
N MET I 663 6.39 81.16 -15.81
CA MET I 663 4.98 80.86 -15.98
C MET I 663 4.89 79.59 -16.81
N TYR I 664 4.23 78.57 -16.27
CA TYR I 664 4.25 77.25 -16.87
C TYR I 664 2.84 76.67 -16.90
N SER I 665 2.39 76.21 -18.06
CA SER I 665 1.07 75.62 -18.18
C SER I 665 1.20 74.11 -18.16
N GLN I 666 0.57 73.47 -17.18
CA GLN I 666 0.57 72.03 -17.04
C GLN I 666 -0.86 71.55 -16.89
N GLY I 667 -1.27 70.64 -17.76
CA GLY I 667 -2.63 70.15 -17.70
C GLY I 667 -3.62 71.27 -17.92
N ASP I 668 -4.42 71.55 -16.89
CA ASP I 668 -5.40 72.63 -16.94
C ASP I 668 -5.03 73.77 -16.00
N SER I 669 -3.79 73.84 -15.54
CA SER I 669 -3.38 74.83 -14.56
C SER I 669 -2.19 75.62 -15.08
N ILE I 670 -2.02 76.82 -14.51
CA ILE I 670 -0.90 77.70 -14.79
C ILE I 670 -0.17 77.96 -13.49
N TYR I 671 1.15 77.76 -13.50
CA TYR I 671 1.97 77.86 -12.31
C TYR I 671 2.92 79.04 -12.43
N LEU I 672 2.92 79.88 -11.40
CA LEU I 672 3.88 80.95 -11.23
C LEU I 672 4.91 80.46 -10.21
N MET I 673 6.16 80.33 -10.62
CA MET I 673 7.16 79.72 -9.75
C MET I 673 8.48 80.47 -9.82
N ASP I 674 9.19 80.48 -8.70
CA ASP I 674 10.50 81.13 -8.62
C ASP I 674 11.61 80.09 -8.82
N THR I 675 12.85 80.51 -8.60
CA THR I 675 13.99 79.64 -8.88
C THR I 675 14.09 78.50 -7.87
N THR I 676 13.86 78.80 -6.59
CA THR I 676 13.99 77.79 -5.55
C THR I 676 12.76 76.91 -5.39
N GLY I 677 11.63 77.29 -5.99
CA GLY I 677 10.40 76.55 -5.83
C GLY I 677 9.66 76.82 -4.55
N GLN I 678 10.16 77.72 -3.70
CA GLN I 678 9.48 78.04 -2.45
C GLN I 678 8.25 78.91 -2.69
N VAL I 679 8.26 79.69 -3.76
CA VAL I 679 7.10 80.49 -4.17
C VAL I 679 6.46 79.79 -5.35
N ARG I 680 5.27 79.24 -5.15
CA ARG I 680 4.54 78.55 -6.20
C ARG I 680 3.06 78.90 -6.06
N VAL I 681 2.48 79.41 -7.14
CA VAL I 681 1.08 79.83 -7.15
C VAL I 681 0.39 79.18 -8.34
N ARG I 682 -0.80 78.63 -8.11
CA ARG I 682 -1.54 77.92 -9.14
C ARG I 682 -2.81 78.68 -9.51
N TYR I 683 -3.07 78.75 -10.81
CA TYR I 683 -4.28 79.34 -11.36
C TYR I 683 -4.93 78.34 -12.30
N ASP I 684 -6.25 78.49 -12.47
CA ASP I 684 -6.99 77.70 -13.44
C ASP I 684 -8.15 78.55 -13.95
N LYS I 685 -8.91 78.01 -14.90
CA LYS I 685 -9.98 78.79 -15.51
C LYS I 685 -11.07 79.12 -14.51
N GLU I 686 -11.31 78.24 -13.54
CA GLU I 686 -12.30 78.55 -12.50
C GLU I 686 -11.86 79.74 -11.66
N LEU I 687 -10.61 79.73 -11.19
CA LEU I 687 -10.14 80.83 -10.36
C LEU I 687 -10.00 82.12 -11.17
N LEU I 688 -9.57 82.01 -12.41
CA LEU I 688 -9.50 83.19 -13.27
C LEU I 688 -10.89 83.79 -13.50
N SER I 689 -11.88 82.93 -13.75
CA SER I 689 -13.24 83.40 -13.91
C SER I 689 -13.76 84.06 -12.64
N LYS I 690 -13.47 83.47 -11.47
CA LYS I 690 -13.92 84.06 -10.21
C LYS I 690 -13.30 85.42 -9.99
N VAL I 691 -11.99 85.54 -10.24
CA VAL I 691 -11.32 86.84 -10.07
C VAL I 691 -11.89 87.86 -11.04
N TRP I 692 -12.13 87.46 -12.28
CA TRP I 692 -12.69 88.38 -13.26
C TRP I 692 -14.09 88.83 -12.85
N SER I 693 -14.92 87.91 -12.34
CA SER I 693 -16.25 88.27 -11.91
C SER I 693 -16.21 89.25 -10.74
N GLU I 694 -15.32 89.00 -9.78
CA GLU I 694 -15.19 89.93 -8.66
C GLU I 694 -14.74 91.31 -9.13
N ASN I 695 -13.78 91.35 -10.05
CA ASN I 695 -13.32 92.63 -10.59
C ASN I 695 -14.44 93.36 -11.31
N GLN I 696 -15.24 92.62 -12.11
CA GLN I 696 -16.35 93.24 -12.81
C GLN I 696 -17.38 93.78 -11.84
N LYS I 697 -17.69 93.04 -10.77
CA LYS I 697 -18.65 93.52 -9.79
C LYS I 697 -18.16 94.79 -9.11
N LYS I 698 -16.88 94.81 -8.71
CA LYS I 698 -16.32 96.00 -8.09
C LYS I 698 -16.36 97.19 -9.04
N LEU I 699 -15.98 96.97 -10.30
CA LEU I 699 -15.94 98.06 -11.26
C LEU I 699 -17.33 98.61 -11.54
N GLU I 700 -18.33 97.72 -11.70
CA GLU I 700 -19.67 98.19 -12.03
C GLU I 700 -20.31 98.87 -10.83
N GLU I 701 -20.07 98.39 -9.61
CA GLU I 701 -20.63 99.08 -8.46
C GLU I 701 -19.96 100.43 -8.25
N LYS I 702 -18.65 100.53 -8.53
CA LYS I 702 -17.99 101.83 -8.44
C LYS I 702 -18.53 102.79 -9.49
N ALA I 703 -18.81 102.30 -10.71
CA ALA I 703 -19.41 103.15 -11.73
C ALA I 703 -20.82 103.59 -11.34
N ARG I 704 -21.61 102.68 -10.77
CA ARG I 704 -22.98 103.01 -10.40
C ARG I 704 -23.02 104.03 -9.27
N GLU I 705 -22.28 103.78 -8.19
CA GLU I 705 -22.32 104.62 -7.01
C GLU I 705 -21.31 105.74 -7.03
N LYS I 706 -20.78 106.10 -8.20
CA LYS I 706 -19.87 107.22 -8.33
C LYS I 706 -19.82 107.70 -9.78
N MET J 1 7.96 7.82 31.56
CA MET J 1 7.11 8.17 32.70
C MET J 1 6.39 6.93 33.27
N ASP J 2 6.95 6.40 34.36
CA ASP J 2 6.42 5.23 35.02
C ASP J 2 6.40 5.45 36.53
N LYS J 3 5.30 5.07 37.16
CA LYS J 3 5.14 5.12 38.62
C LYS J 3 5.32 6.52 39.19
N TYR J 4 5.23 7.55 38.35
CA TYR J 4 5.14 8.95 38.78
C TYR J 4 6.48 9.45 39.34
N ASP J 5 7.43 8.54 39.55
CA ASP J 5 8.75 8.89 40.08
C ASP J 5 8.61 9.61 41.43
N LYS J 6 8.15 8.84 42.43
CA LYS J 6 7.93 9.43 43.75
C LYS J 6 9.23 9.89 44.40
N ASN J 7 10.26 9.05 44.35
CA ASN J 7 11.52 9.33 45.01
C ASN J 7 12.62 9.77 44.05
N VAL J 8 12.25 10.20 42.84
CA VAL J 8 13.23 10.78 41.91
C VAL J 8 13.82 12.03 42.56
N PRO J 9 15.10 12.41 42.29
CA PRO J 9 15.56 13.71 42.78
C PRO J 9 14.64 14.83 42.35
N SER J 10 14.01 15.45 43.35
CA SER J 10 12.87 16.36 43.16
C SER J 10 13.33 17.60 42.40
N ASP J 11 12.87 17.69 41.15
CA ASP J 11 13.23 18.82 40.31
C ASP J 11 12.23 19.96 40.44
N TYR J 12 12.72 21.15 40.78
CA TYR J 12 11.93 22.37 40.83
C TYR J 12 10.71 22.22 41.76
N ASP J 13 10.95 21.66 42.94
CA ASP J 13 9.91 21.48 43.94
C ASP J 13 10.08 22.41 45.14
N GLY J 14 10.85 23.49 44.99
CA GLY J 14 11.01 24.46 46.05
C GLY J 14 9.80 25.36 46.21
N LEU J 15 8.67 24.94 45.67
CA LEU J 15 7.44 25.73 45.72
C LEU J 15 6.26 24.97 46.31
N PHE J 16 6.23 23.64 46.22
CA PHE J 16 5.08 22.87 46.68
C PHE J 16 4.96 22.85 48.20
N GLN J 17 6.08 22.74 48.92
CA GLN J 17 5.99 22.72 50.38
C GLN J 17 5.40 24.01 50.92
N LYS J 18 5.85 25.16 50.38
CA LYS J 18 5.37 26.44 50.88
C LYS J 18 3.89 26.63 50.60
N ALA J 19 3.44 26.29 49.38
CA ALA J 19 2.03 26.39 49.06
C ALA J 19 1.20 25.44 49.92
N ALA J 20 1.72 24.23 50.15
CA ALA J 20 1.01 23.26 50.98
C ALA J 20 0.84 23.76 52.40
N ASP J 21 1.90 24.34 52.98
CA ASP J 21 1.81 24.87 54.33
C ASP J 21 0.91 26.11 54.38
N ALA J 22 0.97 26.95 53.35
CA ALA J 22 0.14 28.15 53.33
C ALA J 22 -1.33 27.81 53.25
N ASN J 23 -1.70 26.83 52.42
CA ASN J 23 -3.10 26.52 52.17
C ASN J 23 -3.61 25.29 52.91
N GLY J 24 -2.72 24.41 53.37
CA GLY J 24 -3.11 23.23 54.10
C GLY J 24 -3.20 21.97 53.27
N VAL J 25 -3.00 22.06 51.95
CA VAL J 25 -3.08 20.89 51.09
C VAL J 25 -1.93 19.95 51.40
N SER J 26 -2.16 18.65 51.18
CA SER J 26 -1.09 17.67 51.31
C SER J 26 -0.03 17.90 50.23
N TYR J 27 1.24 17.75 50.62
CA TYR J 27 2.33 17.92 49.68
C TYR J 27 2.28 16.87 48.58
N ASP J 28 2.03 15.62 48.96
CA ASP J 28 2.02 14.53 47.99
C ASP J 28 0.91 14.71 46.96
N LEU J 29 -0.28 15.10 47.41
CA LEU J 29 -1.39 15.31 46.48
C LEU J 29 -1.08 16.42 45.48
N LEU J 30 -0.55 17.54 45.97
CA LEU J 30 -0.27 18.66 45.08
C LEU J 30 0.81 18.29 44.07
N ARG J 31 1.87 17.63 44.52
CA ARG J 31 2.93 17.21 43.61
C ARG J 31 2.41 16.22 42.58
N LYS J 32 1.58 15.26 43.01
CA LYS J 32 1.03 14.29 42.08
C LYS J 32 0.10 14.94 41.07
N VAL J 33 -0.72 15.90 41.51
CA VAL J 33 -1.60 16.60 40.59
C VAL J 33 -0.80 17.39 39.56
N ALA J 34 0.27 18.05 40.00
CA ALA J 34 1.13 18.78 39.06
C ALA J 34 1.76 17.83 38.06
N TRP J 35 2.25 16.67 38.53
CA TRP J 35 2.85 15.69 37.62
C TRP J 35 1.82 15.17 36.62
N THR J 36 0.61 14.89 37.09
CA THR J 36 -0.43 14.41 36.19
C THR J 36 -0.80 15.46 35.14
N GLU J 37 -0.90 16.72 35.55
CA GLU J 37 -1.32 17.76 34.61
C GLU J 37 -0.22 18.11 33.61
N SER J 38 1.04 18.14 34.04
CA SER J 38 2.09 18.60 33.15
C SER J 38 3.34 17.73 33.11
N ARG J 39 3.51 16.76 34.00
CA ARG J 39 4.70 15.92 34.08
C ARG J 39 5.97 16.74 34.30
N PHE J 40 5.83 17.94 34.87
CA PHE J 40 6.93 18.87 35.09
C PHE J 40 7.64 19.25 33.79
N VAL J 41 6.95 19.13 32.66
CA VAL J 41 7.51 19.42 31.36
C VAL J 41 7.40 20.91 31.08
N PRO J 42 8.51 21.58 30.74
CA PRO J 42 8.46 23.05 30.53
C PRO J 42 7.68 23.50 29.30
N THR J 43 7.42 22.62 28.34
CA THR J 43 6.70 23.02 27.13
C THR J 43 5.21 22.73 27.20
N ALA J 44 4.82 21.52 27.62
CA ALA J 44 3.43 21.16 27.86
C ALA J 44 2.50 21.59 26.72
N LYS J 45 2.74 21.01 25.55
CA LYS J 45 1.99 21.37 24.35
C LYS J 45 0.76 20.48 24.21
N SER J 46 -0.37 21.10 23.88
CA SER J 46 -1.64 20.41 23.72
C SER J 46 -2.53 21.26 22.82
N LYS J 47 -3.83 20.97 22.82
CA LYS J 47 -4.78 21.80 22.08
C LYS J 47 -4.69 23.26 22.52
N THR J 48 -4.66 23.49 23.83
CA THR J 48 -4.39 24.81 24.38
C THR J 48 -2.92 24.98 24.72
N GLY J 49 -2.33 23.99 25.37
CA GLY J 49 -0.91 23.97 25.67
C GLY J 49 -0.41 25.05 26.61
N PRO J 50 -0.91 25.08 27.85
CA PRO J 50 -0.29 25.95 28.86
C PRO J 50 0.98 25.29 29.38
N LEU J 51 2.12 25.93 29.14
CA LEU J 51 3.40 25.37 29.55
C LEU J 51 3.61 25.40 31.06
N GLY J 52 2.73 26.08 31.81
CA GLY J 52 2.84 26.09 33.24
C GLY J 52 2.60 24.71 33.85
N MET J 53 3.06 24.56 35.09
CA MET J 53 2.97 23.26 35.76
C MET J 53 1.52 22.85 35.98
N MET J 54 0.63 23.81 36.21
CA MET J 54 -0.80 23.55 36.37
C MET J 54 -1.47 23.86 35.03
N GLN J 55 -1.75 22.82 34.25
CA GLN J 55 -2.26 22.97 32.89
C GLN J 55 -3.73 23.40 32.96
N PHE J 56 -3.94 24.70 33.14
CA PHE J 56 -5.27 25.27 33.27
C PHE J 56 -5.87 25.51 31.89
N THR J 57 -7.04 26.14 31.86
CA THR J 57 -7.65 26.67 30.65
C THR J 57 -8.01 28.12 30.91
N LYS J 58 -8.36 28.84 29.84
CA LYS J 58 -8.64 30.26 29.98
C LYS J 58 -9.82 30.52 30.91
N ALA J 59 -10.89 29.73 30.77
CA ALA J 59 -12.07 29.94 31.60
C ALA J 59 -11.74 29.74 33.08
N THR J 60 -11.05 28.65 33.41
CA THR J 60 -10.66 28.41 34.79
C THR J 60 -9.68 29.47 35.29
N ALA J 61 -8.74 29.88 34.43
CA ALA J 61 -7.77 30.89 34.83
C ALA J 61 -8.45 32.20 35.20
N LYS J 62 -9.43 32.62 34.40
CA LYS J 62 -10.17 33.85 34.74
C LYS J 62 -11.07 33.64 35.95
N ALA J 63 -11.68 32.46 36.08
CA ALA J 63 -12.57 32.21 37.21
C ALA J 63 -11.81 32.08 38.53
N LEU J 64 -10.50 31.84 38.48
CA LEU J 64 -9.72 31.73 39.70
C LEU J 64 -9.56 33.05 40.43
N GLY J 65 -9.95 34.17 39.81
CA GLY J 65 -9.83 35.46 40.44
C GLY J 65 -8.47 36.12 40.31
N LEU J 66 -7.65 35.66 39.37
CA LEU J 66 -6.33 36.24 39.17
C LEU J 66 -6.42 37.42 38.19
N ARG J 67 -5.26 37.96 37.84
CA ARG J 67 -5.13 39.02 36.85
C ARG J 67 -4.60 38.48 35.53
N VAL J 68 -5.11 37.31 35.12
CA VAL J 68 -4.60 36.55 33.98
C VAL J 68 -4.41 37.41 32.74
N THR J 69 -5.22 38.45 32.58
CA THR J 69 -5.10 39.32 31.41
C THR J 69 -3.88 40.22 31.54
N ASP J 70 -2.69 39.62 31.52
CA ASP J 70 -1.44 40.36 31.64
C ASP J 70 -0.31 39.46 31.14
N GLY J 71 0.81 40.10 30.79
CA GLY J 71 1.96 39.39 30.31
C GLY J 71 1.74 38.78 28.95
N PRO J 72 2.38 37.63 28.68
CA PRO J 72 2.23 36.98 27.37
C PRO J 72 0.86 36.35 27.18
N ASP J 73 -0.18 37.20 27.15
CA ASP J 73 -1.56 36.81 26.85
C ASP J 73 -2.18 36.03 28.00
N ASP J 74 -1.37 35.65 28.99
CA ASP J 74 -1.83 34.91 30.16
C ASP J 74 -0.84 35.15 31.28
N ASP J 75 -1.34 35.50 32.47
CA ASP J 75 -0.45 35.80 33.58
C ASP J 75 -0.08 34.55 34.38
N ARG J 76 -0.79 33.44 34.19
CA ARG J 76 -0.49 32.24 34.96
C ARG J 76 0.61 31.43 34.28
N LEU J 77 1.70 32.10 33.90
CA LEU J 77 2.87 31.45 33.37
C LEU J 77 4.04 31.41 34.34
N ASN J 78 4.13 32.37 35.25
CA ASN J 78 5.10 32.31 36.32
C ASN J 78 4.66 31.23 37.31
N PRO J 79 5.50 30.24 37.61
CA PRO J 79 5.00 29.07 38.35
C PRO J 79 4.42 29.36 39.73
N GLU J 80 4.97 30.31 40.48
CA GLU J 80 4.65 30.38 41.91
C GLU J 80 3.20 30.81 42.16
N LEU J 81 2.71 31.84 41.46
CA LEU J 81 1.35 32.28 41.73
C LEU J 81 0.33 31.30 41.19
N ALA J 82 0.61 30.67 40.05
CA ALA J 82 -0.29 29.64 39.53
C ALA J 82 -0.38 28.45 40.49
N ILE J 83 0.76 28.01 41.01
CA ILE J 83 0.76 26.89 41.94
C ILE J 83 0.05 27.27 43.23
N ASN J 84 0.25 28.51 43.70
CA ASN J 84 -0.44 28.95 44.91
C ASN J 84 -1.95 29.01 44.70
N ALA J 85 -2.40 29.50 43.54
CA ALA J 85 -3.82 29.52 43.25
C ALA J 85 -4.40 28.12 43.17
N ALA J 86 -3.68 27.20 42.53
CA ALA J 86 -4.13 25.81 42.46
C ALA J 86 -4.22 25.20 43.85
N ALA J 87 -3.23 25.48 44.71
CA ALA J 87 -3.26 24.95 46.07
C ALA J 87 -4.42 25.53 46.86
N LYS J 88 -4.70 26.82 46.70
CA LYS J 88 -5.84 27.42 47.38
C LYS J 88 -7.15 26.80 46.93
N GLN J 89 -7.30 26.58 45.62
CA GLN J 89 -8.50 25.94 45.10
C GLN J 89 -8.65 24.53 45.64
N LEU J 90 -7.54 23.78 45.67
CA LEU J 90 -7.58 22.41 46.18
C LEU J 90 -7.95 22.39 47.66
N ALA J 91 -7.39 23.32 48.45
CA ALA J 91 -7.73 23.38 49.86
C ALA J 91 -9.19 23.74 50.07
N GLY J 92 -9.71 24.69 49.30
CA GLY J 92 -11.11 25.03 49.39
C GLY J 92 -12.01 23.87 49.02
N LEU J 93 -11.61 23.08 48.02
CA LEU J 93 -12.39 21.91 47.62
C LEU J 93 -12.37 20.84 48.71
N VAL J 94 -11.19 20.55 49.25
CA VAL J 94 -11.08 19.52 50.28
C VAL J 94 -11.87 19.90 51.52
N GLY J 95 -11.76 21.16 51.94
CA GLY J 95 -12.45 21.59 53.14
C GLY J 95 -13.96 21.56 53.00
N LYS J 96 -14.47 21.86 51.81
CA LYS J 96 -15.91 22.00 51.61
C LYS J 96 -16.62 20.67 51.43
N PHE J 97 -15.89 19.55 51.41
CA PHE J 97 -16.49 18.23 51.19
C PHE J 97 -16.51 17.40 52.46
N ASP J 98 -16.79 18.06 53.59
CA ASP J 98 -17.03 17.41 54.88
C ASP J 98 -15.86 16.54 55.30
N GLY J 99 -14.73 17.20 55.55
CA GLY J 99 -13.58 16.50 56.09
C GLY J 99 -12.39 16.43 55.16
N ASP J 100 -11.61 15.36 55.29
CA ASP J 100 -10.40 15.16 54.51
C ASP J 100 -10.65 14.32 53.26
N GLU J 101 -11.84 14.46 52.67
CA GLU J 101 -12.19 13.72 51.46
C GLU J 101 -11.31 14.22 50.33
N LEU J 102 -10.25 13.49 50.04
CA LEU J 102 -9.21 13.91 49.11
C LEU J 102 -9.49 13.47 47.68
N LYS J 103 -10.63 12.85 47.42
CA LYS J 103 -10.98 12.38 46.09
C LYS J 103 -12.25 12.98 45.52
N ALA J 104 -13.24 13.31 46.34
CA ALA J 104 -14.34 14.11 45.84
C ALA J 104 -13.87 15.50 45.43
N ALA J 105 -12.84 16.01 46.10
CA ALA J 105 -12.21 17.26 45.70
C ALA J 105 -11.69 17.22 44.27
N LEU J 106 -11.62 16.04 43.67
CA LEU J 106 -11.25 15.93 42.27
C LEU J 106 -12.36 16.36 41.35
N ALA J 107 -13.37 17.02 41.92
CA ALA J 107 -14.19 17.92 41.14
C ALA J 107 -13.33 19.00 40.50
N TYR J 108 -12.15 19.26 41.07
CA TYR J 108 -11.10 20.03 40.42
C TYR J 108 -10.93 19.62 38.96
N ASN J 109 -11.04 18.32 38.68
CA ASN J 109 -10.91 17.84 37.30
C ASN J 109 -12.16 18.13 36.47
N GLN J 110 -13.34 18.03 37.09
CA GLN J 110 -14.59 18.14 36.35
C GLN J 110 -15.36 19.43 36.63
N GLY J 111 -15.04 20.15 37.70
CA GLY J 111 -15.74 21.37 38.03
C GLY J 111 -17.09 21.09 38.66
N GLU J 112 -17.77 22.17 39.00
CA GLU J 112 -19.14 22.13 39.51
C GLU J 112 -20.05 22.85 38.53
N GLY J 113 -21.15 22.22 38.17
CA GLY J 113 -22.07 22.82 37.23
C GLY J 113 -22.95 21.81 36.52
N ARG J 114 -23.08 21.97 35.20
CA ARG J 114 -23.96 21.08 34.44
C ARG J 114 -23.34 19.70 34.25
N LEU J 115 -22.01 19.60 34.23
CA LEU J 115 -21.33 18.33 34.01
C LEU J 115 -20.58 17.83 35.23
N GLY J 116 -20.60 18.58 36.34
CA GLY J 116 -19.85 18.16 37.51
C GLY J 116 -20.71 17.84 38.72
N ASN J 117 -21.85 18.51 38.85
CA ASN J 117 -22.71 18.27 39.99
C ASN J 117 -23.27 16.86 40.02
N PRO J 118 -23.85 16.32 38.94
CA PRO J 118 -24.37 14.94 39.01
C PRO J 118 -23.28 13.90 39.30
N GLN J 119 -22.07 14.10 38.78
CA GLN J 119 -20.99 13.17 39.07
C GLN J 119 -20.62 13.20 40.55
N LEU J 120 -20.60 14.39 41.16
CA LEU J 120 -20.32 14.48 42.58
C LEU J 120 -21.45 13.86 43.41
N GLU J 121 -22.70 14.02 42.98
CA GLU J 121 -23.81 13.35 43.66
C GLU J 121 -23.66 11.83 43.57
N ALA J 122 -23.29 11.33 42.40
CA ALA J 122 -23.08 9.89 42.23
C ALA J 122 -21.94 9.40 43.11
N TYR J 123 -20.86 10.19 43.21
CA TYR J 123 -19.77 9.84 44.12
C TYR J 123 -20.26 9.78 45.56
N SER J 124 -21.11 10.74 45.96
CA SER J 124 -21.65 10.72 47.31
C SER J 124 -22.48 9.45 47.54
N LYS J 125 -23.29 9.06 46.56
CA LYS J 125 -24.03 7.80 46.66
C LYS J 125 -23.13 6.58 46.51
N GLY J 126 -21.88 6.76 46.09
CA GLY J 126 -21.01 5.62 45.85
C GLY J 126 -21.28 4.90 44.56
N ASP J 127 -21.96 5.53 43.61
CA ASP J 127 -22.34 4.92 42.34
C ASP J 127 -21.35 5.41 41.28
N PHE J 128 -20.26 4.67 41.12
CA PHE J 128 -19.20 5.07 40.19
C PHE J 128 -19.60 4.88 38.73
N ALA J 129 -20.72 4.22 38.45
CA ALA J 129 -21.15 4.02 37.07
C ALA J 129 -21.62 5.31 36.41
N SER J 130 -22.06 6.30 37.19
CA SER J 130 -22.54 7.56 36.65
C SER J 130 -21.44 8.60 36.52
N ILE J 131 -20.23 8.29 36.96
CA ILE J 131 -19.08 9.18 36.78
C ILE J 131 -18.47 8.91 35.42
N SER J 132 -18.00 9.96 34.76
CA SER J 132 -17.45 9.82 33.42
C SER J 132 -16.17 8.99 33.44
N GLU J 133 -15.76 8.54 32.26
CA GLU J 133 -14.53 7.78 32.14
C GLU J 133 -13.33 8.64 32.51
N GLU J 134 -13.33 9.90 32.07
CA GLU J 134 -12.21 10.80 32.37
C GLU J 134 -12.08 11.01 33.87
N GLY J 135 -13.20 11.26 34.56
CA GLY J 135 -13.15 11.44 36.00
C GLY J 135 -12.72 10.19 36.73
N ARG J 136 -13.25 9.03 36.33
CA ARG J 136 -12.87 7.78 36.98
C ARG J 136 -11.40 7.49 36.81
N ASN J 137 -10.86 7.70 35.60
CA ASN J 137 -9.43 7.50 35.37
C ASN J 137 -8.60 8.48 36.18
N TYR J 138 -9.03 9.74 36.25
CA TYR J 138 -8.25 10.75 36.96
C TYR J 138 -8.20 10.45 38.45
N MET J 139 -9.32 10.00 39.03
CA MET J 139 -9.31 9.56 40.42
C MET J 139 -8.51 8.28 40.62
N ARG J 140 -8.55 7.37 39.64
CA ARG J 140 -7.76 6.14 39.76
C ARG J 140 -6.28 6.45 39.82
N ASN J 141 -5.83 7.44 39.06
CA ASN J 141 -4.42 7.81 39.05
C ASN J 141 -3.93 8.37 40.37
N LEU J 142 -4.83 8.77 41.28
CA LEU J 142 -4.45 9.39 42.54
C LEU J 142 -4.65 8.47 43.74
N LEU J 143 -4.91 7.18 43.52
CA LEU J 143 -5.20 6.30 44.64
C LEU J 143 -3.99 6.08 45.54
N ASP J 144 -2.78 6.12 44.98
CA ASP J 144 -1.58 5.88 45.78
C ASP J 144 -1.37 6.96 46.83
N VAL J 145 -1.60 8.22 46.46
CA VAL J 145 -1.40 9.35 47.36
C VAL J 145 -2.74 10.08 47.48
N ALA J 146 -3.56 9.61 48.42
CA ALA J 146 -4.85 10.23 48.73
C ALA J 146 -5.40 9.56 49.98
N LYS J 147 -6.15 10.32 50.76
CA LYS J 147 -6.80 9.83 51.97
C LYS J 147 -8.30 10.03 51.79
N SER J 148 -9.03 8.94 51.55
CA SER J 148 -10.45 9.01 51.28
C SER J 148 -11.16 7.82 51.93
N PRO J 149 -12.41 8.01 52.35
CA PRO J 149 -13.19 6.85 52.83
C PRO J 149 -13.64 5.93 51.71
N MET J 150 -13.64 6.38 50.46
CA MET J 150 -14.03 5.56 49.32
C MET J 150 -12.84 5.17 48.45
N ALA J 151 -11.63 5.24 48.99
CA ALA J 151 -10.45 4.81 48.23
C ALA J 151 -10.44 3.31 48.01
N GLY J 152 -11.08 2.54 48.88
CA GLY J 152 -11.13 1.10 48.71
C GLY J 152 -12.30 0.64 47.86
N GLN J 153 -13.36 1.43 47.82
CA GLN J 153 -14.49 1.09 46.96
C GLN J 153 -14.23 1.40 45.50
N LEU J 154 -13.37 2.38 45.21
CA LEU J 154 -13.04 2.68 43.82
C LEU J 154 -12.09 1.66 43.23
N GLU J 155 -11.15 1.14 44.02
CA GLU J 155 -10.22 0.15 43.48
C GLU J 155 -10.91 -1.18 43.22
N THR J 156 -11.93 -1.53 44.02
CA THR J 156 -12.72 -2.72 43.74
C THR J 156 -13.93 -2.40 42.88
N PHE J 157 -13.69 -1.66 41.80
CA PHE J 157 -14.72 -1.31 40.82
C PHE J 157 -14.17 -1.62 39.45
N GLY J 158 -14.85 -2.51 38.73
CA GLY J 158 -14.39 -2.95 37.43
C GLY J 158 -13.55 -4.21 37.43
N GLY J 159 -13.54 -4.97 38.52
CA GLY J 159 -12.82 -6.23 38.53
C GLY J 159 -13.51 -7.27 37.67
N ILE J 160 -12.72 -8.27 37.26
CA ILE J 160 -13.27 -9.33 36.43
C ILE J 160 -14.25 -10.17 37.23
N THR J 161 -14.05 -10.29 38.53
CA THR J 161 -14.95 -10.96 39.46
C THR J 161 -15.25 -10.00 40.60
N PRO J 162 -16.35 -10.22 41.33
CA PRO J 162 -16.70 -9.30 42.42
C PRO J 162 -15.63 -9.21 43.51
N LYS J 163 -14.74 -10.19 43.62
CA LYS J 163 -13.63 -10.12 44.55
C LYS J 163 -12.35 -9.57 43.94
N GLY J 164 -12.39 -9.19 42.65
CA GLY J 164 -11.23 -8.63 41.99
C GLY J 164 -11.18 -7.12 42.09
N LYS J 165 -10.10 -6.56 41.54
CA LYS J 165 -9.87 -5.13 41.53
C LYS J 165 -9.83 -4.63 40.10
N GLY J 166 -10.33 -3.42 39.88
CA GLY J 166 -10.23 -2.81 38.56
C GLY J 166 -8.79 -2.43 38.24
N ILE J 167 -8.50 -2.39 36.95
CA ILE J 167 -7.16 -2.10 36.44
C ILE J 167 -7.15 -0.69 35.86
N PRO J 168 -6.38 0.24 36.43
CA PRO J 168 -6.24 1.55 35.80
C PRO J 168 -5.49 1.47 34.48
N ALA J 169 -5.82 2.38 33.57
CA ALA J 169 -5.21 2.37 32.25
C ALA J 169 -3.71 2.62 32.32
N GLU J 170 -3.22 3.28 33.36
CA GLU J 170 -1.79 3.48 33.53
C GLU J 170 -1.04 2.20 33.86
N VAL J 171 -1.75 1.13 34.21
CA VAL J 171 -1.15 -0.16 34.52
C VAL J 171 -1.43 -1.18 33.42
N GLY J 172 -2.66 -1.21 32.91
CA GLY J 172 -2.98 -2.14 31.85
C GLY J 172 -2.24 -1.85 30.55
N LEU J 173 -2.09 -0.56 30.23
CA LEU J 173 -1.39 -0.13 29.03
C LEU J 173 0.05 0.30 29.31
N ALA J 174 0.57 0.01 30.50
CA ALA J 174 1.92 0.41 30.85
C ALA J 174 2.95 -0.40 30.05
N GLY J 175 4.00 0.28 29.60
CA GLY J 175 5.07 -0.34 28.87
C GLY J 175 4.89 -0.38 27.38
N ILE J 176 3.69 -0.09 26.88
CA ILE J 176 3.40 -0.13 25.45
C ILE J 176 3.67 1.27 24.89
N GLY J 177 4.67 1.38 24.03
CA GLY J 177 5.01 2.66 23.44
C GLY J 177 6.15 2.50 22.46
N HIS J 178 6.39 3.58 21.72
CA HIS J 178 7.41 3.61 20.69
C HIS J 178 8.31 4.81 20.88
N LYS J 179 9.60 4.63 20.62
CA LYS J 179 10.56 5.71 20.76
C LYS J 179 10.52 6.64 19.56
N GLN J 180 10.88 7.89 19.79
CA GLN J 180 11.00 8.85 18.71
C GLN J 180 12.35 8.68 18.02
N LYS J 181 12.33 8.66 16.68
CA LYS J 181 13.54 8.47 15.91
C LYS J 181 14.28 9.77 15.65
N VAL J 182 13.70 10.92 16.00
CA VAL J 182 14.30 12.22 15.76
C VAL J 182 14.80 12.77 17.09
N THR J 183 16.03 13.27 17.08
CA THR J 183 16.71 13.77 18.27
C THR J 183 17.09 15.23 18.03
N GLN J 184 17.43 15.96 19.10
CA GLN J 184 17.86 17.34 18.98
C GLN J 184 19.36 17.48 18.76
N GLU J 185 19.99 16.49 18.14
CA GLU J 185 21.41 16.55 17.80
C GLU J 185 21.53 17.18 16.41
N LEU J 186 21.86 18.46 16.36
CA LEU J 186 21.84 19.22 15.14
C LEU J 186 23.15 19.07 14.36
N PRO J 187 23.10 19.19 13.03
CA PRO J 187 24.34 19.24 12.26
C PRO J 187 25.02 20.59 12.42
N GLU J 188 26.35 20.56 12.42
CA GLU J 188 27.14 21.76 12.67
C GLU J 188 27.82 22.21 11.38
N SER J 189 27.93 23.53 11.23
CA SER J 189 28.57 24.15 10.09
C SER J 189 29.94 24.68 10.49
N THR J 190 30.83 24.80 9.50
CA THR J 190 32.18 25.30 9.73
C THR J 190 32.43 26.50 8.84
N SER J 191 33.12 27.50 9.40
CA SER J 191 33.44 28.72 8.66
C SER J 191 34.69 28.52 7.83
N PHE J 192 34.71 29.11 6.64
CA PHE J 192 35.90 29.13 5.79
C PHE J 192 36.82 30.22 6.32
N ASP J 193 37.67 29.86 7.26
CA ASP J 193 38.56 30.81 7.94
C ASP J 193 39.99 30.54 7.51
N VAL J 194 40.52 31.41 6.66
CA VAL J 194 41.92 31.39 6.26
C VAL J 194 42.52 32.71 6.71
N LYS J 195 43.40 32.66 7.71
CA LYS J 195 44.10 33.85 8.19
C LYS J 195 45.46 33.89 7.51
N GLY J 196 45.57 34.68 6.45
CA GLY J 196 46.79 34.71 5.67
C GLY J 196 47.87 35.56 6.28
N ILE J 197 48.54 36.36 5.46
CA ILE J 197 49.64 37.21 5.89
C ILE J 197 49.12 38.63 6.05
N GLU J 198 49.49 39.27 7.15
CA GLU J 198 49.00 40.61 7.44
C GLU J 198 49.55 41.61 6.43
N GLN J 199 48.73 42.60 6.09
CA GLN J 199 49.13 43.61 5.13
C GLN J 199 50.14 44.57 5.73
N GLU J 200 51.12 44.97 4.92
CA GLU J 200 52.11 45.93 5.36
C GLU J 200 51.47 47.28 5.63
N ALA J 201 52.05 48.02 6.57
CA ALA J 201 51.52 49.32 6.95
C ALA J 201 51.74 50.34 5.85
N THR J 202 50.85 51.33 5.80
CA THR J 202 51.00 52.43 4.85
C THR J 202 52.27 53.21 5.15
N ALA J 203 53.05 53.48 4.11
CA ALA J 203 54.31 54.20 4.28
C ALA J 203 54.05 55.69 4.45
N LYS J 204 55.08 56.39 4.93
CA LYS J 204 55.03 57.84 4.93
C LYS J 204 55.34 58.37 3.53
N PRO J 205 54.75 59.50 3.16
CA PRO J 205 55.14 60.13 1.89
C PRO J 205 56.60 60.52 1.91
N PHE J 206 57.22 60.50 0.73
CA PHE J 206 58.65 60.78 0.63
C PHE J 206 58.97 62.18 1.16
N ALA J 207 58.14 63.16 0.83
CA ALA J 207 58.37 64.52 1.31
C ALA J 207 58.24 64.60 2.83
N LYS J 208 57.23 63.93 3.39
CA LYS J 208 57.07 63.92 4.84
C LYS J 208 58.24 63.23 5.52
N ASP J 209 58.71 62.11 4.97
CA ASP J 209 59.85 61.42 5.53
C ASP J 209 61.10 62.29 5.49
N PHE J 210 61.30 63.01 4.38
CA PHE J 210 62.43 63.93 4.27
C PHE J 210 62.33 65.06 5.29
N TRP J 211 61.14 65.61 5.47
CA TRP J 211 60.96 66.72 6.39
C TRP J 211 61.01 66.27 7.85
N GLU J 212 60.78 65.00 8.13
CA GLU J 212 60.87 64.52 9.51
C GLU J 212 62.27 64.06 9.86
N THR J 213 62.98 63.41 8.94
CA THR J 213 64.36 63.02 9.20
C THR J 213 65.26 64.25 9.25
N HIS J 214 65.08 65.18 8.32
CA HIS J 214 65.83 66.43 8.28
C HIS J 214 64.86 67.57 8.55
N GLY J 215 65.27 68.52 9.37
CA GLY J 215 64.35 69.54 9.85
C GLY J 215 63.85 70.53 8.82
N GLU J 216 64.04 70.22 7.54
CA GLU J 216 63.67 71.12 6.46
C GLU J 216 63.07 70.34 5.31
N THR J 217 62.25 71.04 4.51
CA THR J 217 61.53 70.42 3.42
C THR J 217 62.45 70.22 2.21
N LEU J 218 61.93 69.51 1.21
CA LEU J 218 62.69 69.26 -0.02
C LEU J 218 62.96 70.55 -0.77
N ASP J 219 61.98 71.46 -0.81
CA ASP J 219 62.19 72.72 -1.52
C ASP J 219 63.30 73.54 -0.90
N GLU J 220 63.32 73.63 0.43
CA GLU J 220 64.40 74.35 1.11
C GLU J 220 65.75 73.69 0.85
N TYR J 221 65.78 72.36 0.87
CA TYR J 221 67.03 71.65 0.61
C TYR J 221 67.54 71.92 -0.80
N ASN J 222 66.64 71.90 -1.79
CA ASN J 222 67.06 72.15 -3.16
C ASN J 222 67.50 73.60 -3.36
N SER J 223 66.80 74.54 -2.73
CA SER J 223 67.19 75.94 -2.85
C SER J 223 68.54 76.19 -2.20
N ARG J 224 68.79 75.58 -1.04
CA ARG J 224 70.03 75.82 -0.32
C ARG J 224 71.21 75.13 -0.99
N SER J 225 71.02 73.90 -1.46
CA SER J 225 72.12 73.16 -2.07
C SER J 225 72.49 73.72 -3.44
N THR J 226 71.56 74.34 -4.13
CA THR J 226 71.83 74.90 -5.45
C THR J 226 72.33 76.34 -5.40
N PHE J 227 72.46 76.92 -4.21
CA PHE J 227 72.98 78.29 -4.10
C PHE J 227 74.44 78.35 -4.56
N PHE J 228 75.25 77.37 -4.16
CA PHE J 228 76.66 77.34 -4.54
C PHE J 228 76.89 76.41 -5.73
N THR K 57 -60.89 -95.65 46.66
CA THR K 57 -60.72 -97.03 46.24
C THR K 57 -60.01 -97.12 44.90
N ALA K 58 -59.59 -98.32 44.53
CA ALA K 58 -58.94 -98.51 43.23
C ALA K 58 -59.89 -98.22 42.09
N LYS K 59 -61.14 -98.70 42.18
CA LYS K 59 -62.11 -98.48 41.11
C LYS K 59 -62.41 -97.00 40.94
N GLU K 60 -62.56 -96.27 42.05
CA GLU K 60 -62.83 -94.84 41.96
C GLU K 60 -61.65 -94.10 41.34
N GLN K 61 -60.43 -94.44 41.75
CA GLN K 61 -59.25 -93.78 41.18
C GLN K 61 -59.14 -94.07 39.68
N ARG K 62 -59.39 -95.31 39.28
CA ARG K 62 -59.37 -95.65 37.86
C ARG K 62 -60.44 -94.88 37.10
N ALA K 63 -61.64 -94.76 37.68
CA ALA K 63 -62.71 -94.02 37.01
C ALA K 63 -62.34 -92.55 36.85
N ARG K 64 -61.73 -91.95 37.88
CA ARG K 64 -61.33 -90.55 37.77
C ARG K 64 -60.20 -90.36 36.76
N ASP K 65 -59.26 -91.31 36.71
CA ASP K 65 -58.20 -91.23 35.70
C ASP K 65 -58.78 -91.32 34.29
N LEU K 66 -59.72 -92.24 34.08
CA LEU K 66 -60.33 -92.37 32.76
C LEU K 66 -61.16 -91.14 32.42
N ALA K 67 -61.82 -90.55 33.42
CA ALA K 67 -62.57 -89.32 33.19
C ALA K 67 -61.65 -88.18 32.79
N ASP K 68 -60.50 -88.06 33.47
CA ASP K 68 -59.53 -87.03 33.09
C ASP K 68 -59.04 -87.23 31.66
N GLU K 69 -58.74 -88.48 31.30
CA GLU K 69 -58.31 -88.78 29.93
C GLU K 69 -59.38 -88.39 28.91
N ARG K 70 -60.63 -88.75 29.18
CA ARG K 70 -61.71 -88.48 28.23
C ARG K 70 -62.00 -86.99 28.12
N SER K 71 -61.94 -86.27 29.25
CA SER K 71 -62.14 -84.83 29.20
C SER K 71 -61.02 -84.15 28.42
N ASN K 72 -59.78 -84.60 28.60
CA ASN K 72 -58.68 -84.06 27.81
C ASN K 72 -58.90 -84.31 26.32
N GLU K 73 -59.34 -85.52 25.97
CA GLU K 73 -59.61 -85.84 24.57
C GLU K 73 -60.69 -84.94 23.99
N ILE K 74 -61.75 -84.69 24.76
CA ILE K 74 -62.81 -83.79 24.31
C ILE K 74 -62.27 -82.38 24.13
N ILE K 75 -61.45 -81.92 25.07
CA ILE K 75 -60.97 -80.54 25.04
C ILE K 75 -60.07 -80.30 23.82
N ARG K 76 -59.19 -81.26 23.49
CA ARG K 76 -58.29 -81.06 22.36
C ARG K 76 -59.07 -80.81 21.08
N LYS K 77 -60.01 -81.68 20.77
CA LYS K 77 -60.85 -81.52 19.58
C LYS K 77 -62.02 -80.61 19.91
N LEU K 78 -62.98 -80.50 18.99
CA LEU K 78 -64.29 -79.91 19.29
C LEU K 78 -64.16 -78.46 19.76
N THR K 79 -63.81 -77.60 18.81
CA THR K 79 -63.86 -76.15 18.93
C THR K 79 -65.09 -75.72 19.72
N PRO K 80 -65.00 -74.68 20.59
CA PRO K 80 -66.14 -74.30 21.43
C PRO K 80 -67.49 -74.28 20.72
N GLU K 81 -67.52 -73.79 19.49
CA GLU K 81 -68.76 -73.82 18.71
C GLU K 81 -69.21 -75.26 18.46
N GLN K 82 -68.26 -76.15 18.14
CA GLN K 82 -68.61 -77.54 17.92
C GLN K 82 -69.13 -78.20 19.21
N ARG K 83 -68.49 -77.90 20.34
CA ARG K 83 -68.98 -78.45 21.61
C ARG K 83 -70.38 -77.94 21.91
N ARG K 84 -70.63 -76.65 21.69
CA ARG K 84 -71.94 -76.08 21.96
C ARG K 84 -73.01 -76.69 21.07
N GLU K 85 -72.70 -76.90 19.78
CA GLU K 85 -73.70 -77.49 18.89
C GLU K 85 -73.89 -78.98 19.12
N ALA K 86 -72.85 -79.70 19.59
CA ALA K 86 -72.99 -81.12 19.85
C ALA K 86 -73.60 -81.42 21.22
N LEU K 87 -73.59 -80.45 22.14
CA LEU K 87 -74.27 -80.64 23.41
C LEU K 87 -75.78 -80.73 23.23
N ASN K 88 -76.34 -79.91 22.34
CA ASN K 88 -77.79 -79.92 22.12
C ASN K 88 -78.24 -81.24 21.49
N ASN K 89 -77.57 -81.65 20.40
CA ASN K 89 -77.98 -82.83 19.66
C ASN K 89 -77.71 -84.12 20.39
N GLY K 90 -76.92 -84.10 21.46
CA GLY K 90 -76.58 -85.30 22.19
C GLY K 90 -75.46 -86.11 21.61
N THR K 91 -74.84 -85.65 20.52
CA THR K 91 -73.75 -86.37 19.87
C THR K 91 -72.39 -85.85 20.36
N LEU K 92 -72.19 -85.96 21.68
CA LEU K 92 -70.94 -85.58 22.31
C LEU K 92 -70.19 -86.83 22.74
N LEU K 93 -68.86 -86.80 22.60
CA LEU K 93 -68.04 -87.92 23.01
C LEU K 93 -68.17 -88.17 24.51
N TYR K 94 -68.35 -89.44 24.88
CA TYR K 94 -68.41 -89.87 26.28
C TYR K 94 -69.43 -89.07 27.08
N GLN K 95 -70.53 -88.65 26.43
CA GLN K 95 -71.55 -87.89 27.12
C GLN K 95 -72.29 -88.75 28.14
N ASP K 96 -72.23 -90.06 28.01
CA ASP K 96 -72.88 -90.98 28.95
C ASP K 96 -72.07 -91.21 30.21
N ASP K 97 -70.87 -90.62 30.31
CA ASP K 97 -70.04 -90.78 31.49
C ASP K 97 -70.14 -89.52 32.34
N PRO K 98 -70.82 -89.55 33.48
CA PRO K 98 -70.94 -88.33 34.30
C PRO K 98 -69.62 -87.79 34.81
N TYR K 99 -68.66 -88.68 35.12
CA TYR K 99 -67.36 -88.22 35.60
C TYR K 99 -66.61 -87.44 34.54
N ALA K 100 -66.67 -87.90 33.27
CA ALA K 100 -66.02 -87.18 32.19
C ALA K 100 -66.63 -85.80 32.00
N MET K 101 -67.95 -85.70 32.09
CA MET K 101 -68.62 -84.41 31.95
C MET K 101 -68.25 -83.49 33.10
N GLU K 102 -68.18 -84.02 34.32
CA GLU K 102 -67.79 -83.21 35.47
C GLU K 102 -66.37 -82.67 35.31
N ALA K 103 -65.44 -83.54 34.89
CA ALA K 103 -64.08 -83.10 34.66
C ALA K 103 -64.00 -82.06 33.56
N LEU K 104 -64.76 -82.25 32.49
CA LEU K 104 -64.79 -81.29 31.40
C LEU K 104 -65.27 -79.92 31.88
N ARG K 105 -66.33 -79.91 32.68
CA ARG K 105 -66.86 -78.64 33.18
C ARG K 105 -65.87 -77.96 34.13
N VAL K 106 -65.19 -78.74 34.98
CA VAL K 106 -64.21 -78.16 35.88
C VAL K 106 -63.06 -77.54 35.11
N LYS K 107 -62.56 -78.24 34.09
CA LYS K 107 -61.46 -77.70 33.29
C LYS K 107 -61.89 -76.46 32.51
N THR K 108 -63.11 -76.47 32.00
CA THR K 108 -63.64 -75.27 31.33
C THR K 108 -63.70 -74.09 32.29
N GLY K 109 -64.13 -74.34 33.53
CA GLY K 109 -64.15 -73.28 34.52
C GLY K 109 -62.77 -72.75 34.84
N ARG K 110 -61.78 -73.64 34.92
CA ARG K 110 -60.41 -73.20 35.17
C ARG K 110 -59.89 -72.32 34.04
N ASN K 111 -60.14 -72.73 32.79
CA ASN K 111 -59.72 -71.92 31.65
C ASN K 111 -60.40 -70.55 31.68
N ALA K 112 -61.71 -70.53 31.96
CA ALA K 112 -62.42 -69.26 32.03
C ALA K 112 -61.87 -68.36 33.13
N ALA K 113 -61.54 -68.95 34.29
CA ALA K 113 -61.00 -68.17 35.39
C ALA K 113 -59.67 -67.54 35.01
N TYR K 114 -58.78 -68.31 34.35
CA TYR K 114 -57.51 -67.73 33.93
C TYR K 114 -57.73 -66.60 32.93
N LEU K 115 -58.64 -66.81 31.97
CA LEU K 115 -58.88 -65.79 30.96
C LEU K 115 -59.44 -64.52 31.58
N VAL K 116 -60.27 -64.66 32.62
CA VAL K 116 -60.81 -63.48 33.30
C VAL K 116 -59.72 -62.77 34.09
N ASP K 117 -58.86 -63.53 34.77
CA ASP K 117 -57.83 -62.92 35.60
C ASP K 117 -56.79 -62.17 34.78
N ASP K 118 -56.41 -62.72 33.62
CA ASP K 118 -55.33 -62.12 32.86
C ASP K 118 -55.70 -60.75 32.32
N ASP K 119 -56.98 -60.52 32.02
CA ASP K 119 -57.40 -59.19 31.56
C ASP K 119 -57.15 -58.13 32.63
N VAL K 120 -57.54 -58.43 33.87
CA VAL K 120 -57.31 -57.50 34.97
C VAL K 120 -55.82 -57.32 35.21
N MET K 121 -55.04 -58.39 35.08
CA MET K 121 -53.61 -58.27 35.28
C MET K 121 -52.97 -57.36 34.23
N GLN K 122 -53.36 -57.52 32.96
CA GLN K 122 -52.83 -56.67 31.91
C GLN K 122 -53.23 -55.21 32.12
N LYS K 123 -54.48 -54.98 32.51
CA LYS K 123 -54.92 -53.61 32.76
C LYS K 123 -54.19 -52.98 33.94
N ILE K 124 -53.88 -53.78 34.97
CA ILE K 124 -53.09 -53.27 36.09
C ILE K 124 -51.70 -52.90 35.62
N LYS K 125 -51.07 -53.75 34.81
CA LYS K 125 -49.71 -53.48 34.35
C LYS K 125 -49.66 -52.28 33.42
N GLU K 126 -50.72 -52.02 32.65
CA GLU K 126 -50.74 -50.84 31.80
C GLU K 126 -50.81 -49.55 32.62
N GLY K 127 -51.46 -49.59 33.77
CA GLY K 127 -51.60 -48.40 34.59
C GLY K 127 -52.96 -47.75 34.45
N VAL K 128 -54.01 -48.58 34.35
CA VAL K 128 -55.34 -48.06 34.10
C VAL K 128 -56.01 -47.59 35.38
N PHE K 129 -55.85 -48.34 36.47
CA PHE K 129 -56.53 -48.03 37.73
C PHE K 129 -55.62 -47.20 38.61
N ARG K 130 -56.02 -45.96 38.88
CA ARG K 130 -55.22 -45.04 39.68
C ARG K 130 -55.47 -45.18 41.18
N THR K 131 -56.50 -45.94 41.57
CA THR K 131 -56.78 -46.19 42.99
C THR K 131 -57.12 -47.66 43.16
N ARG K 132 -57.00 -48.13 44.40
CA ARG K 132 -57.32 -49.53 44.70
C ARG K 132 -58.80 -49.80 44.54
N GLU K 133 -59.65 -48.84 44.92
CA GLU K 133 -61.09 -49.05 44.81
C GLU K 133 -61.52 -49.21 43.36
N GLU K 134 -60.91 -48.44 42.46
CA GLU K 134 -61.21 -48.56 41.03
C GLU K 134 -60.88 -49.96 40.52
N MET K 135 -59.70 -50.48 40.89
CA MET K 135 -59.31 -51.81 40.49
C MET K 135 -60.25 -52.86 41.06
N GLU K 136 -60.64 -52.70 42.32
CA GLU K 136 -61.54 -53.68 42.95
C GLU K 136 -62.90 -53.69 42.27
N GLU K 137 -63.44 -52.51 41.94
CA GLU K 137 -64.72 -52.44 41.27
C GLU K 137 -64.66 -53.09 39.89
N TYR K 138 -63.62 -52.78 39.11
CA TYR K 138 -63.48 -53.39 37.79
C TYR K 138 -63.34 -54.90 37.92
N ARG K 139 -62.53 -55.36 38.88
CA ARG K 139 -62.31 -56.79 39.05
C ARG K 139 -63.60 -57.51 39.41
N HIS K 140 -64.39 -56.94 40.32
CA HIS K 140 -65.65 -57.57 40.71
C HIS K 140 -66.62 -57.62 39.54
N SER K 141 -66.77 -56.51 38.81
CA SER K 141 -67.72 -56.49 37.70
C SER K 141 -67.33 -57.50 36.62
N ARG K 142 -66.04 -57.52 36.26
CA ARG K 142 -65.61 -58.44 35.22
C ARG K 142 -65.67 -59.88 35.69
N LEU K 143 -65.41 -60.13 36.98
CA LEU K 143 -65.54 -61.47 37.52
C LEU K 143 -66.99 -61.95 37.47
N GLN K 144 -67.94 -61.04 37.69
CA GLN K 144 -69.35 -61.44 37.59
C GLN K 144 -69.76 -61.71 36.15
N GLU K 145 -69.35 -60.85 35.22
CA GLU K 145 -69.81 -61.02 33.84
C GLU K 145 -69.09 -62.15 33.10
N GLY K 146 -67.80 -62.35 33.36
CA GLY K 146 -67.04 -63.33 32.61
C GLY K 146 -67.48 -64.75 32.85
N ALA K 147 -67.99 -65.04 34.06
CA ALA K 147 -68.49 -66.37 34.34
C ALA K 147 -69.58 -66.76 33.36
N LYS K 148 -70.59 -65.91 33.20
CA LYS K 148 -71.63 -66.17 32.22
C LYS K 148 -71.07 -66.15 30.80
N VAL K 149 -70.27 -65.13 30.48
CA VAL K 149 -69.81 -64.97 29.10
C VAL K 149 -69.08 -66.21 28.63
N TYR K 150 -68.25 -66.81 29.50
CA TYR K 150 -67.57 -68.04 29.17
C TYR K 150 -68.40 -69.28 29.45
N ALA K 151 -69.55 -69.14 30.13
CA ALA K 151 -70.41 -70.29 30.36
C ALA K 151 -71.28 -70.61 29.16
N GLU K 152 -72.04 -69.62 28.67
CA GLU K 152 -72.83 -69.91 27.48
C GLU K 152 -71.99 -70.04 26.22
N GLN K 153 -70.70 -69.71 26.26
CA GLN K 153 -69.86 -69.96 25.09
C GLN K 153 -69.66 -71.46 24.85
N PHE K 154 -69.54 -72.24 25.92
CA PHE K 154 -69.35 -73.68 25.83
C PHE K 154 -70.64 -74.46 26.07
N GLY K 155 -71.77 -73.78 26.14
CA GLY K 155 -73.03 -74.46 26.41
C GLY K 155 -73.15 -75.05 27.79
N ILE K 156 -72.71 -74.32 28.81
CA ILE K 156 -72.73 -74.78 30.19
C ILE K 156 -73.60 -73.84 31.01
N ASP K 157 -74.38 -74.40 31.92
CA ASP K 157 -75.15 -73.59 32.87
C ASP K 157 -74.17 -72.86 33.78
N PRO K 158 -74.21 -71.52 33.84
CA PRO K 158 -73.22 -70.80 34.64
C PRO K 158 -73.29 -71.08 36.13
N GLU K 159 -74.39 -71.67 36.62
CA GLU K 159 -74.56 -71.95 38.03
C GLU K 159 -74.25 -73.40 38.38
N ASP K 160 -73.63 -74.15 37.47
CA ASP K 160 -73.28 -75.53 37.75
C ASP K 160 -72.22 -75.60 38.85
N VAL K 161 -72.32 -76.65 39.67
CA VAL K 161 -71.39 -76.79 40.79
C VAL K 161 -69.99 -77.13 40.31
N ASP K 162 -69.86 -77.90 39.22
CA ASP K 162 -68.54 -78.24 38.72
C ASP K 162 -67.90 -77.06 38.00
N TYR K 163 -68.68 -76.34 37.19
CA TYR K 163 -68.16 -75.15 36.53
C TYR K 163 -67.76 -74.10 37.56
N GLN K 164 -68.56 -73.92 38.61
CA GLN K 164 -68.20 -72.98 39.66
C GLN K 164 -67.01 -73.48 40.47
N ARG K 165 -66.86 -74.79 40.65
CA ARG K 165 -65.69 -75.31 41.33
C ARG K 165 -64.42 -74.99 40.54
N GLY K 166 -64.48 -75.14 39.23
CA GLY K 166 -63.36 -74.74 38.40
C GLY K 166 -63.11 -73.25 38.40
N PHE K 167 -64.18 -72.45 38.32
CA PHE K 167 -64.06 -71.01 38.14
C PHE K 167 -63.66 -70.28 39.42
N ASN K 168 -64.09 -70.77 40.58
CA ASN K 168 -63.83 -70.09 41.85
C ASN K 168 -62.57 -70.56 42.54
N GLY K 169 -61.93 -71.62 42.04
CA GLY K 169 -60.78 -72.20 42.72
C GLY K 169 -59.62 -71.26 42.91
N ASP K 170 -59.06 -71.25 44.12
CA ASP K 170 -57.89 -70.44 44.46
C ASP K 170 -58.15 -68.95 44.25
N ILE K 171 -59.36 -68.50 44.55
CA ILE K 171 -59.72 -67.10 44.32
C ILE K 171 -58.89 -66.19 45.22
N THR K 172 -58.58 -66.64 46.44
CA THR K 172 -57.80 -65.82 47.36
C THR K 172 -56.39 -65.57 46.84
N GLU K 173 -55.75 -66.61 46.31
CA GLU K 173 -54.39 -66.45 45.79
C GLU K 173 -54.37 -65.52 44.59
N ARG K 174 -55.36 -65.65 43.70
CA ARG K 174 -55.45 -64.78 42.53
C ARG K 174 -55.67 -63.33 42.95
N ASN K 175 -56.53 -63.11 43.95
CA ASN K 175 -56.75 -61.76 44.47
C ASN K 175 -55.47 -61.19 45.06
N ILE K 176 -54.72 -62.02 45.79
CA ILE K 176 -53.47 -61.56 46.39
C ILE K 176 -52.47 -61.16 45.31
N SER K 177 -52.38 -61.97 44.25
CA SER K 177 -51.47 -61.65 43.15
C SER K 177 -51.84 -60.32 42.51
N LEU K 178 -53.13 -60.11 42.24
CA LEU K 178 -53.57 -58.85 41.65
C LEU K 178 -53.28 -57.68 42.59
N TYR K 179 -53.47 -57.88 43.90
CA TYR K 179 -53.24 -56.82 44.87
C TYR K 179 -51.77 -56.41 44.89
N GLY K 180 -50.86 -57.38 44.87
CA GLY K 180 -49.45 -57.03 44.86
C GLY K 180 -49.04 -56.33 43.58
N ALA K 181 -49.52 -56.82 42.44
CA ALA K 181 -49.21 -56.18 41.16
C ALA K 181 -49.71 -54.73 41.15
N HIS K 182 -50.87 -54.48 41.74
CA HIS K 182 -51.39 -53.12 41.79
C HIS K 182 -50.66 -52.25 42.79
N ASP K 183 -50.19 -52.83 43.90
CA ASP K 183 -49.49 -52.04 44.91
C ASP K 183 -48.16 -51.53 44.37
N ASN K 184 -47.48 -52.33 43.56
CA ASN K 184 -46.25 -51.84 42.93
C ASN K 184 -46.52 -50.57 42.11
N PHE K 185 -47.57 -50.61 41.28
CA PHE K 185 -47.93 -49.46 40.46
C PHE K 185 -48.30 -48.27 41.32
N LEU K 186 -49.06 -48.50 42.39
CA LEU K 186 -49.45 -47.40 43.27
C LEU K 186 -48.24 -46.73 43.88
N SER K 187 -47.24 -47.52 44.29
CA SER K 187 -46.03 -46.95 44.87
C SER K 187 -45.29 -46.07 43.86
N GLN K 188 -45.09 -46.58 42.64
CA GLN K 188 -44.32 -45.79 41.68
C GLN K 188 -45.09 -44.53 41.28
N GLN K 189 -46.42 -44.63 41.16
CA GLN K 189 -47.23 -43.47 40.83
C GLN K 189 -47.16 -42.43 41.93
N ALA K 190 -47.21 -42.86 43.20
CA ALA K 190 -47.12 -41.92 44.31
C ALA K 190 -45.78 -41.21 44.31
N GLN K 191 -44.69 -41.93 43.99
CA GLN K 191 -43.38 -41.30 43.93
C GLN K 191 -43.33 -40.23 42.85
N LYS K 192 -43.84 -40.55 41.66
CA LYS K 192 -43.87 -39.56 40.58
C LYS K 192 -44.70 -38.34 40.96
N GLY K 193 -45.86 -38.56 41.55
CA GLY K 193 -46.71 -37.46 41.94
C GLY K 193 -46.06 -36.58 43.00
N ALA K 194 -45.35 -37.20 43.95
CA ALA K 194 -44.65 -36.42 44.96
C ALA K 194 -43.57 -35.54 44.32
N ILE K 195 -42.82 -36.09 43.37
CA ILE K 195 -41.79 -35.29 42.70
C ILE K 195 -42.42 -34.08 42.01
N MET K 196 -43.50 -34.30 41.27
CA MET K 196 -44.11 -33.19 40.53
C MET K 196 -44.75 -32.17 41.47
N ASN K 197 -45.36 -32.64 42.56
CA ASN K 197 -45.95 -31.72 43.53
C ASN K 197 -44.88 -30.87 44.18
N SER K 198 -43.72 -31.45 44.48
CA SER K 198 -42.62 -30.66 45.02
C SER K 198 -42.16 -29.60 44.02
N ARG K 199 -42.04 -29.98 42.74
CA ARG K 199 -41.66 -28.97 41.75
C ARG K 199 -42.68 -27.83 41.69
N VAL K 200 -43.97 -28.16 41.72
CA VAL K 200 -45.00 -27.12 41.66
C VAL K 200 -44.93 -26.22 42.89
N GLU K 201 -44.77 -26.81 44.07
CA GLU K 201 -44.78 -26.02 45.29
C GLU K 201 -43.53 -25.15 45.41
N LEU K 202 -42.39 -25.59 44.88
CA LEU K 202 -41.19 -24.77 44.96
C LEU K 202 -41.22 -23.60 43.99
N ASN K 203 -41.91 -23.75 42.85
CA ASN K 203 -42.00 -22.65 41.89
C ASN K 203 -42.83 -21.48 42.39
N GLY K 204 -43.55 -21.63 43.50
CA GLY K 204 -44.29 -20.51 44.05
C GLY K 204 -43.40 -19.44 44.65
N VAL K 205 -42.17 -19.79 45.01
CA VAL K 205 -41.26 -18.84 45.66
C VAL K 205 -39.99 -18.68 44.83
N LEU K 206 -39.62 -19.71 44.07
CA LEU K 206 -38.32 -19.77 43.42
C LEU K 206 -38.41 -19.54 41.91
N GLN K 207 -39.46 -18.89 41.43
CA GLN K 207 -39.62 -18.62 40.01
C GLN K 207 -39.40 -17.15 39.65
N ASP K 208 -39.83 -16.23 40.49
CA ASP K 208 -39.63 -14.81 40.22
C ASP K 208 -38.14 -14.47 40.34
N PRO K 209 -37.55 -13.80 39.35
CA PRO K 209 -36.15 -13.39 39.49
C PRO K 209 -35.90 -12.47 40.67
N ASP K 210 -36.89 -11.70 41.10
CA ASP K 210 -36.72 -10.85 42.27
C ASP K 210 -36.75 -11.67 43.56
N MET K 211 -37.58 -12.72 43.59
CA MET K 211 -37.60 -13.60 44.76
C MET K 211 -36.32 -14.41 44.87
N LEU K 212 -35.70 -14.76 43.74
CA LEU K 212 -34.48 -15.55 43.76
C LEU K 212 -33.29 -14.77 44.29
N ARG K 213 -33.32 -13.44 44.21
CA ARG K 213 -32.20 -12.61 44.61
C ARG K 213 -32.24 -12.21 46.08
N ARG K 214 -33.20 -12.70 46.84
CA ARG K 214 -33.30 -12.39 48.26
C ARG K 214 -32.77 -13.56 49.09
N PRO K 215 -31.96 -13.31 50.11
CA PRO K 215 -31.44 -14.43 50.92
C PRO K 215 -32.52 -15.23 51.63
N ASP K 216 -33.67 -14.62 51.91
CA ASP K 216 -34.74 -15.36 52.55
C ASP K 216 -35.25 -16.49 51.66
N SER K 217 -35.00 -16.42 50.35
CA SER K 217 -35.34 -17.55 49.48
C SER K 217 -34.44 -18.74 49.74
N ALA K 218 -33.15 -18.51 49.94
CA ALA K 218 -32.26 -19.61 50.31
C ALA K 218 -32.63 -20.17 51.67
N ASP K 219 -32.97 -19.30 52.62
CA ASP K 219 -33.44 -19.78 53.93
C ASP K 219 -34.72 -20.60 53.77
N PHE K 220 -35.63 -20.14 52.90
CA PHE K 220 -36.87 -20.87 52.66
C PHE K 220 -36.61 -22.25 52.09
N PHE K 221 -35.68 -22.37 51.13
CA PHE K 221 -35.37 -23.67 50.55
C PHE K 221 -34.77 -24.60 51.60
N GLU K 222 -33.84 -24.09 52.41
CA GLU K 222 -33.23 -24.92 53.44
C GLU K 222 -34.27 -25.41 54.44
N LYS K 223 -35.12 -24.52 54.91
CA LYS K 223 -36.15 -24.90 55.86
C LYS K 223 -37.19 -25.82 55.23
N TYR K 224 -37.49 -25.63 53.94
CA TYR K 224 -38.41 -26.52 53.25
C TYR K 224 -37.88 -27.95 53.23
N ILE K 225 -36.62 -28.12 52.86
CA ILE K 225 -36.04 -29.46 52.81
C ILE K 225 -35.99 -30.08 54.21
N ASP K 226 -35.54 -29.30 55.20
CA ASP K 226 -35.43 -29.84 56.55
C ASP K 226 -36.80 -30.23 57.11
N ASN K 227 -37.79 -29.35 56.96
CA ASN K 227 -39.12 -29.63 57.47
C ASN K 227 -39.76 -30.80 56.76
N GLY K 228 -39.57 -30.92 55.45
CA GLY K 228 -40.07 -32.09 54.75
C GLY K 228 -39.43 -33.37 55.23
N LEU K 229 -38.13 -33.33 55.53
CA LEU K 229 -37.47 -34.54 56.02
C LEU K 229 -37.91 -34.90 57.43
N VAL K 230 -38.21 -33.90 58.27
CA VAL K 230 -38.56 -34.19 59.66
C VAL K 230 -40.00 -34.71 59.76
N THR K 231 -40.95 -34.02 59.14
CA THR K 231 -42.36 -34.35 59.29
C THR K 231 -42.84 -35.45 58.34
N GLY K 232 -41.96 -36.00 57.52
CA GLY K 232 -42.36 -37.06 56.61
C GLY K 232 -43.02 -36.59 55.34
N ALA K 233 -43.06 -35.28 55.09
CA ALA K 233 -43.55 -34.79 53.80
C ALA K 233 -42.66 -35.30 52.67
N ILE K 234 -41.36 -35.29 52.88
CA ILE K 234 -40.41 -35.99 52.02
C ILE K 234 -40.02 -37.29 52.72
N PRO K 235 -40.51 -38.44 52.27
CA PRO K 235 -40.37 -39.67 53.07
C PRO K 235 -39.00 -40.34 52.98
N SER K 236 -38.23 -40.11 51.92
CA SER K 236 -36.97 -40.80 51.73
C SER K 236 -35.84 -39.80 51.56
N ASP K 237 -34.62 -40.28 51.77
CA ASP K 237 -33.45 -39.48 51.43
C ASP K 237 -33.18 -39.47 49.94
N ALA K 238 -33.51 -40.56 49.24
CA ALA K 238 -33.39 -40.58 47.79
C ALA K 238 -34.35 -39.60 47.13
N GLN K 239 -35.59 -39.55 47.62
CA GLN K 239 -36.53 -38.57 47.09
C GLN K 239 -36.07 -37.15 47.38
N ALA K 240 -35.50 -36.92 48.56
CA ALA K 240 -34.95 -35.60 48.87
C ALA K 240 -33.80 -35.25 47.94
N THR K 241 -32.96 -36.23 47.62
CA THR K 241 -31.87 -35.99 46.68
C THR K 241 -32.41 -35.62 45.31
N GLN K 242 -33.44 -36.32 44.84
CA GLN K 242 -34.04 -35.97 43.55
C GLN K 242 -34.66 -34.57 43.58
N LEU K 243 -35.33 -34.22 44.68
CA LEU K 243 -35.91 -32.88 44.81
C LEU K 243 -34.82 -31.81 44.76
N ILE K 244 -33.73 -32.03 45.48
CA ILE K 244 -32.63 -31.07 45.50
C ILE K 244 -32.04 -30.92 44.10
N SER K 245 -31.82 -32.04 43.41
CA SER K 245 -31.23 -31.99 42.09
C SER K 245 -32.12 -31.22 41.12
N GLN K 246 -33.42 -31.50 41.14
CA GLN K 246 -34.31 -30.82 40.19
C GLN K 246 -34.49 -29.35 40.55
N ALA K 247 -34.50 -29.01 41.84
CA ALA K 247 -34.59 -27.61 42.23
C ALA K 247 -33.36 -26.84 41.78
N PHE K 248 -32.17 -27.42 41.95
CA PHE K 248 -30.95 -26.74 41.51
C PHE K 248 -30.91 -26.63 40.00
N SER K 249 -31.37 -27.66 39.29
CA SER K 249 -31.43 -27.59 37.83
C SER K 249 -32.38 -26.49 37.36
N ASP K 250 -33.52 -26.34 38.02
CA ASP K 250 -34.44 -25.27 37.67
C ASP K 250 -33.86 -23.90 37.98
N ALA K 251 -33.18 -23.77 39.12
CA ALA K 251 -32.61 -22.47 39.49
C ALA K 251 -31.45 -22.08 38.58
N SER K 252 -30.74 -23.07 38.02
CA SER K 252 -29.65 -22.76 37.11
C SER K 252 -30.12 -22.13 35.80
N SER K 253 -31.40 -22.26 35.47
CA SER K 253 -31.93 -21.80 34.19
C SER K 253 -32.71 -20.50 34.30
N ARG K 254 -32.63 -19.81 35.43
CA ARG K 254 -33.42 -18.62 35.66
C ARG K 254 -32.53 -17.47 36.08
N ALA K 255 -32.98 -16.25 35.78
CA ALA K 255 -32.26 -15.06 36.20
C ALA K 255 -32.32 -14.91 37.72
N GLY K 256 -31.17 -14.57 38.30
CA GLY K 256 -31.06 -14.50 39.74
C GLY K 256 -30.80 -15.83 40.42
N GLY K 257 -30.75 -16.92 39.67
CA GLY K 257 -30.49 -18.22 40.26
C GLY K 257 -29.06 -18.41 40.71
N ALA K 258 -28.12 -17.67 40.14
CA ALA K 258 -26.74 -17.74 40.59
C ALA K 258 -26.61 -17.25 42.03
N ASP K 259 -27.27 -16.14 42.37
CA ASP K 259 -27.25 -15.65 43.74
C ASP K 259 -27.87 -16.65 44.70
N PHE K 260 -29.02 -17.22 44.33
CA PHE K 260 -29.68 -18.19 45.18
C PHE K 260 -28.79 -19.40 45.43
N LEU K 261 -28.20 -19.94 44.36
CA LEU K 261 -27.35 -21.12 44.50
C LEU K 261 -26.10 -20.82 45.30
N MET K 262 -25.53 -19.62 45.11
CA MET K 262 -24.34 -19.25 45.87
C MET K 262 -24.64 -19.10 47.34
N ARG K 263 -25.83 -18.60 47.70
CA ARG K 263 -26.18 -18.50 49.10
C ARG K 263 -26.54 -19.86 49.70
N VAL K 264 -27.20 -20.73 48.92
CA VAL K 264 -27.66 -21.99 49.48
C VAL K 264 -26.55 -23.03 49.53
N GLY K 265 -25.44 -22.83 48.81
CA GLY K 265 -24.34 -23.78 48.88
C GLY K 265 -23.68 -23.87 50.23
N ASP K 266 -23.88 -22.88 51.10
CA ASP K 266 -23.27 -22.85 52.41
C ASP K 266 -24.20 -23.33 53.52
N LYS K 267 -25.37 -23.84 53.18
CA LYS K 267 -26.35 -24.26 54.16
C LYS K 267 -26.32 -25.78 54.35
N LYS K 268 -26.79 -26.22 55.51
CA LYS K 268 -26.62 -27.59 55.95
C LYS K 268 -27.80 -28.47 55.55
N VAL K 269 -27.52 -29.76 55.35
CA VAL K 269 -28.52 -30.76 55.07
C VAL K 269 -28.03 -32.10 55.60
N THR K 270 -28.94 -32.88 56.17
CA THR K 270 -28.63 -34.19 56.73
C THR K 270 -29.30 -35.27 55.88
N LEU K 271 -28.49 -36.12 55.25
CA LEU K 271 -28.99 -37.21 54.45
C LEU K 271 -28.16 -38.46 54.74
N ASN K 272 -28.84 -39.61 54.79
CA ASN K 272 -28.21 -40.91 55.00
C ASN K 272 -27.38 -40.95 56.29
N GLY K 273 -27.75 -40.13 57.27
CA GLY K 273 -27.03 -40.08 58.51
C GLY K 273 -25.81 -39.20 58.52
N ALA K 274 -25.56 -38.43 57.47
CA ALA K 274 -24.42 -37.53 57.39
C ALA K 274 -24.91 -36.11 57.20
N THR K 275 -24.32 -35.18 57.94
CA THR K 275 -24.66 -33.76 57.85
C THR K 275 -23.57 -33.05 57.05
N THR K 276 -23.96 -32.51 55.90
CA THR K 276 -23.04 -31.84 54.98
C THR K 276 -23.60 -30.46 54.66
N THR K 277 -22.87 -29.72 53.84
CA THR K 277 -23.43 -28.54 53.20
C THR K 277 -23.94 -28.93 51.81
N TYR K 278 -24.78 -28.05 51.24
CA TYR K 278 -25.30 -28.33 49.91
C TYR K 278 -24.20 -28.34 48.86
N ARG K 279 -23.12 -27.60 49.10
CA ARG K 279 -21.97 -27.63 48.21
C ARG K 279 -21.15 -28.91 48.38
N GLU K 280 -21.10 -29.46 49.59
CA GLU K 280 -20.42 -30.73 49.81
C GLU K 280 -21.25 -31.92 49.34
N LEU K 281 -22.57 -31.83 49.43
CA LEU K 281 -23.42 -32.90 48.91
C LEU K 281 -23.21 -33.07 47.41
N ILE K 282 -23.30 -31.98 46.66
CA ILE K 282 -22.83 -31.98 45.28
C ILE K 282 -21.31 -32.11 45.29
N GLY K 283 -20.77 -32.60 44.18
CA GLY K 283 -19.33 -32.65 44.06
C GLY K 283 -18.72 -31.27 43.96
N GLU K 284 -17.40 -31.19 44.09
CA GLU K 284 -16.71 -29.92 43.91
C GLU K 284 -16.71 -29.51 42.44
N GLU K 285 -16.35 -30.43 41.56
CA GLU K 285 -16.39 -30.14 40.13
C GLU K 285 -17.83 -30.00 39.65
N GLN K 286 -18.75 -30.80 40.20
CA GLN K 286 -20.15 -30.66 39.86
C GLN K 286 -20.70 -29.32 40.33
N TRP K 287 -20.29 -28.86 41.51
CA TRP K 287 -20.71 -27.55 41.97
C TRP K 287 -20.15 -26.45 41.08
N ASN K 288 -18.89 -26.57 40.66
CA ASN K 288 -18.31 -25.56 39.78
C ASN K 288 -19.04 -25.52 38.44
N ALA K 289 -19.37 -26.69 37.89
CA ALA K 289 -20.13 -26.74 36.64
C ALA K 289 -21.51 -26.13 36.81
N LEU K 290 -22.17 -26.42 37.93
CA LEU K 290 -23.47 -25.82 38.20
C LEU K 290 -23.37 -24.30 38.30
N MET K 291 -22.31 -23.81 38.94
CA MET K 291 -22.11 -22.36 39.05
C MET K 291 -21.90 -21.73 37.68
N VAL K 292 -21.09 -22.36 36.83
CA VAL K 292 -20.87 -21.82 35.50
C VAL K 292 -22.17 -21.79 34.71
N THR K 293 -22.95 -22.87 34.80
CA THR K 293 -24.23 -22.92 34.10
C THR K 293 -25.17 -21.82 34.59
N ALA K 294 -25.26 -21.65 35.91
CA ALA K 294 -26.16 -20.64 36.46
C ALA K 294 -25.73 -19.23 36.05
N GLN K 295 -24.42 -19.00 36.00
CA GLN K 295 -23.95 -17.66 35.65
C GLN K 295 -24.13 -17.36 34.16
N ARG K 296 -23.94 -18.37 33.30
CA ARG K 296 -23.97 -18.13 31.87
C ARG K 296 -25.35 -18.31 31.24
N SER K 297 -26.30 -18.92 31.95
CA SER K 297 -27.60 -19.17 31.34
C SER K 297 -28.42 -17.91 31.11
N GLN K 298 -28.10 -16.82 31.81
CA GLN K 298 -28.84 -15.58 31.63
C GLN K 298 -28.68 -15.03 30.22
N PHE K 299 -27.53 -15.29 29.59
CA PHE K 299 -27.24 -14.77 28.27
C PHE K 299 -27.68 -15.71 27.15
N GLU K 300 -28.16 -16.90 27.48
CA GLU K 300 -28.70 -17.82 26.48
C GLU K 300 -30.21 -17.82 26.43
N THR K 301 -30.88 -17.59 27.56
CA THR K 301 -32.33 -17.51 27.61
C THR K 301 -32.84 -16.09 27.46
N ASP K 302 -31.95 -15.12 27.25
CA ASP K 302 -32.34 -13.72 27.06
C ASP K 302 -31.43 -13.13 25.99
N ALA K 303 -31.97 -12.91 24.79
CA ALA K 303 -31.20 -12.30 23.72
C ALA K 303 -30.98 -10.81 23.96
N LYS K 304 -31.85 -10.16 24.72
CA LYS K 304 -31.70 -8.74 24.99
C LYS K 304 -30.42 -8.45 25.76
N LEU K 305 -30.14 -9.26 26.79
CA LEU K 305 -28.92 -9.08 27.58
C LEU K 305 -27.67 -9.31 26.74
N ASN K 306 -27.67 -10.37 25.94
CA ASN K 306 -26.52 -10.66 25.09
C ASN K 306 -26.28 -9.54 24.09
N GLU K 307 -27.34 -9.05 23.45
CA GLU K 307 -27.19 -7.95 22.51
C GLU K 307 -26.67 -6.71 23.20
N GLN K 308 -27.24 -6.36 24.36
CA GLN K 308 -26.81 -5.15 25.06
C GLN K 308 -25.33 -5.22 25.42
N TYR K 309 -24.90 -6.34 26.02
CA TYR K 309 -23.50 -6.44 26.43
C TYR K 309 -22.56 -6.47 25.24
N ARG K 310 -22.92 -7.21 24.18
CA ARG K 310 -22.02 -7.31 23.03
C ARG K 310 -21.90 -5.98 22.30
N LEU K 311 -23.01 -5.23 22.19
CA LEU K 311 -22.94 -3.93 21.55
C LEU K 311 -22.16 -2.94 22.40
N LYS K 312 -22.29 -3.00 23.73
CA LYS K 312 -21.48 -2.15 24.60
C LYS K 312 -19.99 -2.45 24.42
N ILE K 313 -19.63 -3.72 24.40
CA ILE K 313 -18.23 -4.10 24.26
C ILE K 313 -17.69 -3.67 22.90
N ASN K 314 -18.48 -3.86 21.84
CA ASN K 314 -18.02 -3.48 20.51
C ASN K 314 -17.90 -1.97 20.36
N SER K 315 -18.80 -1.20 20.99
CA SER K 315 -18.67 0.25 20.93
C SER K 315 -17.47 0.73 21.74
N ALA K 316 -17.16 0.06 22.85
CA ALA K 316 -15.95 0.42 23.59
C ALA K 316 -14.68 0.11 22.81
N LEU K 317 -14.74 -0.79 21.83
CA LEU K 317 -13.59 -1.13 21.01
C LEU K 317 -13.45 -0.24 19.79
N ASN K 318 -14.38 0.69 19.57
CA ASN K 318 -14.35 1.58 18.41
C ASN K 318 -14.11 3.02 18.84
N GLN K 319 -13.43 3.22 19.96
CA GLN K 319 -13.03 4.55 20.40
C GLN K 319 -11.67 4.91 19.82
N GLU K 320 -11.46 6.20 19.57
CA GLU K 320 -10.19 6.65 19.04
C GLU K 320 -9.09 6.68 20.09
N ASP K 321 -9.44 6.95 21.34
CA ASP K 321 -8.46 6.99 22.43
C ASP K 321 -8.50 5.70 23.21
N PRO K 322 -7.41 4.92 23.22
CA PRO K 322 -7.41 3.67 23.99
C PRO K 322 -7.62 3.86 25.49
N ARG K 323 -7.18 4.98 26.05
CA ARG K 323 -7.36 5.20 27.48
C ARG K 323 -8.83 5.32 27.85
N THR K 324 -9.66 5.87 26.96
CA THR K 324 -11.10 5.91 27.21
C THR K 324 -11.71 4.52 27.07
N ALA K 325 -11.24 3.75 26.09
CA ALA K 325 -11.75 2.40 25.88
C ALA K 325 -11.48 1.51 27.09
N TRP K 326 -10.30 1.66 27.70
CA TRP K 326 -9.97 0.86 28.87
C TRP K 326 -10.94 1.14 30.02
N GLU K 327 -11.24 2.41 30.27
CA GLU K 327 -12.15 2.75 31.36
C GLU K 327 -13.58 2.32 31.05
N MET K 328 -13.98 2.40 29.77
CA MET K 328 -15.28 1.87 29.38
C MET K 328 -15.37 0.37 29.64
N LEU K 329 -14.30 -0.36 29.35
CA LEU K 329 -14.29 -1.79 29.62
C LEU K 329 -14.34 -2.08 31.12
N GLN K 330 -13.67 -1.25 31.93
CA GLN K 330 -13.78 -1.42 33.37
C GLN K 330 -15.22 -1.20 33.85
N GLY K 331 -15.90 -0.21 33.28
CA GLY K 331 -17.30 -0.01 33.61
C GLY K 331 -18.18 -1.19 33.23
N ILE K 332 -17.91 -1.78 32.06
CA ILE K 332 -18.67 -2.95 31.62
C ILE K 332 -18.40 -4.13 32.53
N LYS K 333 -17.16 -4.29 32.99
CA LYS K 333 -16.86 -5.36 33.95
C LYS K 333 -17.61 -5.15 35.25
N ALA K 334 -17.69 -3.91 35.71
CA ALA K 334 -18.45 -3.61 36.92
C ALA K 334 -19.92 -3.95 36.73
N GLU K 335 -20.47 -3.64 35.55
CA GLU K 335 -21.86 -4.01 35.26
C GLU K 335 -22.05 -5.52 35.28
N LEU K 336 -21.10 -6.26 34.69
CA LEU K 336 -21.24 -7.71 34.63
C LEU K 336 -21.11 -8.36 35.99
N ASP K 337 -20.36 -7.74 36.92
CA ASP K 337 -20.19 -8.33 38.24
C ASP K 337 -21.50 -8.48 38.99
N LYS K 338 -22.55 -7.75 38.61
CA LYS K 338 -23.82 -7.80 39.30
C LYS K 338 -24.73 -8.91 38.82
N VAL K 339 -24.41 -9.55 37.70
CA VAL K 339 -25.21 -10.66 37.18
C VAL K 339 -24.45 -11.97 37.21
N GLN K 340 -23.15 -11.96 37.44
CA GLN K 340 -22.33 -13.16 37.56
C GLN K 340 -21.52 -13.02 38.84
N PRO K 341 -22.15 -13.23 40.00
CA PRO K 341 -21.51 -12.91 41.29
C PRO K 341 -20.62 -14.01 41.84
N ASP K 342 -19.78 -14.61 40.99
CA ASP K 342 -18.88 -15.66 41.45
C ASP K 342 -17.56 -15.51 40.71
N GLU K 343 -16.65 -16.46 40.95
CA GLU K 343 -15.27 -16.33 40.53
C GLU K 343 -14.89 -17.19 39.34
N GLN K 344 -15.78 -18.04 38.85
CA GLN K 344 -15.42 -18.96 37.77
C GLN K 344 -15.35 -18.21 36.44
N MET K 345 -14.68 -18.85 35.49
CA MET K 345 -14.59 -18.31 34.13
C MET K 345 -15.85 -18.67 33.36
N THR K 346 -16.52 -17.66 32.83
CA THR K 346 -17.69 -17.80 32.00
C THR K 346 -17.40 -17.28 30.60
N PRO K 347 -18.18 -17.68 29.59
CA PRO K 347 -17.94 -17.17 28.23
C PRO K 347 -18.14 -15.67 28.10
N GLN K 348 -18.65 -15.00 29.14
CA GLN K 348 -18.84 -13.55 29.11
C GLN K 348 -17.66 -12.79 29.69
N ARG K 349 -16.90 -13.41 30.60
CA ARG K 349 -15.65 -12.83 31.05
C ARG K 349 -14.55 -12.99 30.01
N GLU K 350 -14.65 -14.03 29.19
CA GLU K 350 -13.74 -14.18 28.06
C GLU K 350 -13.91 -13.03 27.06
N TRP K 351 -15.15 -12.59 26.85
CA TRP K 351 -15.41 -11.41 26.05
C TRP K 351 -14.57 -10.23 26.52
N LEU K 352 -14.58 -9.99 27.84
CA LEU K 352 -13.94 -8.81 28.39
C LEU K 352 -12.42 -8.94 28.38
N ILE K 353 -11.90 -10.15 28.63
CA ILE K 353 -10.46 -10.35 28.54
C ILE K 353 -9.96 -10.13 27.11
N SER K 354 -10.70 -10.66 26.13
CA SER K 354 -10.33 -10.44 24.74
C SER K 354 -10.43 -8.96 24.37
N ALA K 355 -11.44 -8.27 24.88
CA ALA K 355 -11.57 -6.84 24.60
C ALA K 355 -10.39 -6.06 25.16
N GLN K 356 -9.95 -6.40 26.37
CA GLN K 356 -8.80 -5.71 26.94
C GLN K 356 -7.53 -5.97 26.15
N GLU K 357 -7.34 -7.21 25.68
CA GLU K 357 -6.19 -7.49 24.82
C GLU K 357 -6.24 -6.69 23.53
N GLN K 358 -7.43 -6.58 22.93
CA GLN K 358 -7.58 -5.79 21.72
C GLN K 358 -7.28 -4.32 21.98
N VAL K 359 -7.67 -3.81 23.15
CA VAL K 359 -7.37 -2.43 23.49
C VAL K 359 -5.88 -2.21 23.66
N GLN K 360 -5.17 -3.21 24.19
CA GLN K 360 -3.71 -3.11 24.26
C GLN K 360 -3.09 -3.03 22.87
N ASN K 361 -3.57 -3.86 21.94
CA ASN K 361 -3.10 -3.77 20.56
C ASN K 361 -3.38 -2.40 19.95
N GLN K 362 -4.57 -1.88 20.21
CA GLN K 362 -4.92 -0.54 19.74
C GLN K 362 -4.00 0.52 20.31
N MET K 363 -3.59 0.35 21.57
CA MET K 363 -2.66 1.29 22.19
C MET K 363 -1.32 1.26 21.48
N ASN K 364 -0.85 0.08 21.10
CA ASN K 364 0.38 -0.02 20.32
C ASN K 364 0.27 0.75 19.01
N ALA K 365 -0.82 0.50 18.27
CA ALA K 365 -1.01 1.18 16.99
C ALA K 365 -1.16 2.69 17.16
N TRP K 366 -1.72 3.12 18.29
CA TRP K 366 -1.90 4.54 18.57
C TRP K 366 -0.58 5.22 18.88
N THR K 367 0.30 4.54 19.62
CA THR K 367 1.60 5.11 19.94
C THR K 367 2.47 5.24 18.70
N LYS K 368 2.35 4.31 17.73
CA LYS K 368 2.93 4.54 16.41
C LYS K 368 2.65 5.95 15.90
N ALA K 369 1.36 6.28 15.73
CA ALA K 369 0.99 7.54 15.12
C ALA K 369 1.43 8.73 15.95
N GLN K 370 1.30 8.63 17.28
CA GLN K 370 1.71 9.73 18.13
C GLN K 370 3.20 10.02 17.98
N ALA K 371 4.03 8.97 17.99
CA ALA K 371 5.46 9.16 17.84
C ALA K 371 5.81 9.75 16.48
N LYS K 372 5.13 9.27 15.42
CA LYS K 372 5.42 9.77 14.08
C LYS K 372 5.09 11.26 13.97
N ALA K 373 3.93 11.68 14.49
CA ALA K 373 3.57 13.09 14.44
C ALA K 373 4.53 13.95 15.23
N LEU K 374 4.93 13.47 16.41
CA LEU K 374 5.88 14.24 17.22
C LEU K 374 7.21 14.39 16.51
N ASP K 375 7.67 13.34 15.82
CA ASP K 375 8.89 13.43 15.04
C ASP K 375 8.75 14.45 13.91
N ASP K 376 7.59 14.46 13.24
CA ASP K 376 7.39 15.41 12.15
C ASP K 376 7.48 16.85 12.64
N SER K 377 6.89 17.15 13.79
CA SER K 377 6.97 18.52 14.29
C SER K 377 8.37 18.86 14.81
N MET K 378 9.04 17.87 15.40
CA MET K 378 10.35 18.12 15.97
C MET K 378 11.39 18.36 14.88
N LYS K 379 11.21 17.80 13.69
CA LYS K 379 12.09 18.11 12.57
C LYS K 379 12.01 19.58 12.19
N SER K 380 10.80 20.14 12.15
CA SER K 380 10.64 21.56 11.84
C SER K 380 11.30 22.43 12.90
N MET K 381 11.12 22.08 14.18
CA MET K 381 11.78 22.86 15.21
C MET K 381 13.30 22.79 15.07
N ASN K 382 13.83 21.61 14.73
CA ASN K 382 15.27 21.45 14.55
C ASN K 382 15.78 22.30 13.39
N LYS K 383 15.02 22.35 12.29
CA LYS K 383 15.43 23.17 11.15
C LYS K 383 15.47 24.65 11.52
N LEU K 384 14.48 25.11 12.28
CA LEU K 384 14.51 26.50 12.75
C LEU K 384 15.73 26.76 13.63
N ASP K 385 16.07 25.82 14.50
CA ASP K 385 17.25 25.98 15.36
C ASP K 385 18.52 26.08 14.52
N VAL K 386 18.62 25.26 13.48
CA VAL K 386 19.81 25.29 12.62
C VAL K 386 19.93 26.62 11.89
N ILE K 387 18.82 27.14 11.37
CA ILE K 387 18.86 28.43 10.69
C ILE K 387 19.27 29.53 11.67
N ASP K 388 18.75 29.49 12.89
CA ASP K 388 19.11 30.49 13.88
C ASP K 388 20.60 30.43 14.19
N LYS K 389 21.15 29.23 14.31
CA LYS K 389 22.58 29.08 14.55
C LYS K 389 23.39 29.66 13.39
N GLN K 390 22.92 29.47 12.16
CA GLN K 390 23.66 29.96 11.00
C GLN K 390 23.69 31.48 10.95
N PHE K 391 22.55 32.14 11.14
CA PHE K 391 22.57 33.60 11.27
C PHE K 391 23.40 34.08 12.45
N GLN K 392 23.39 33.36 13.57
CA GLN K 392 24.21 33.80 14.69
C GLN K 392 25.69 33.73 14.35
N LYS K 393 26.10 32.69 13.63
CA LYS K 393 27.50 32.61 13.19
C LYS K 393 27.83 33.71 12.20
N ARG K 394 26.93 34.00 11.26
CA ARG K 394 27.21 35.01 10.24
C ARG K 394 27.27 36.40 10.84
N ILE K 395 26.41 36.72 11.80
CA ILE K 395 26.40 38.05 12.40
C ILE K 395 27.67 38.29 13.20
N ASN K 396 28.19 37.24 13.85
CA ASN K 396 29.40 37.38 14.66
C ASN K 396 30.66 37.58 13.81
N GLY K 397 30.59 37.42 12.51
CA GLY K 397 31.71 37.67 11.64
C GLY K 397 32.31 36.46 10.96
N GLU K 398 31.60 35.34 10.89
CA GLU K 398 32.09 34.14 10.24
C GLU K 398 31.57 34.08 8.82
N TRP K 399 32.32 33.37 7.95
CA TRP K 399 32.02 33.34 6.53
C TRP K 399 31.27 32.05 6.21
N VAL K 400 29.96 32.11 6.42
CA VAL K 400 29.05 31.01 6.13
C VAL K 400 27.91 31.55 5.29
N SER K 401 27.23 30.64 4.59
CA SER K 401 26.13 31.01 3.73
C SER K 401 24.81 30.88 4.47
N THR K 402 24.00 31.94 4.41
CA THR K 402 22.70 31.98 5.09
C THR K 402 21.56 31.64 4.14
N ASP K 403 21.86 31.10 2.96
CA ASP K 403 20.84 30.60 2.06
C ASP K 403 20.33 29.26 2.55
N PHE K 404 19.01 29.03 2.42
CA PHE K 404 18.43 27.80 2.91
C PHE K 404 18.91 26.58 2.14
N LYS K 405 19.41 26.77 0.92
CA LYS K 405 19.98 25.66 0.16
C LYS K 405 21.35 25.24 0.67
N ASP K 406 21.98 26.03 1.52
CA ASP K 406 23.32 25.76 2.02
C ASP K 406 23.33 25.44 3.51
N MET K 407 22.17 25.20 4.12
CA MET K 407 22.14 24.82 5.52
C MET K 407 22.58 23.36 5.67
N PRO K 408 23.29 23.02 6.75
CA PRO K 408 23.67 21.63 6.97
C PRO K 408 22.43 20.75 7.18
N VAL K 409 22.48 19.55 6.59
CA VAL K 409 21.35 18.64 6.57
C VAL K 409 21.71 17.39 7.37
N ASN K 410 20.76 16.92 8.17
CA ASN K 410 20.94 15.79 9.06
C ASN K 410 19.76 14.83 8.88
N GLU K 411 19.76 13.76 9.66
CA GLU K 411 18.58 12.93 9.76
C GLU K 411 17.55 13.49 10.73
N ASN K 412 17.95 14.47 11.55
CA ASN K 412 17.05 15.14 12.47
C ASN K 412 16.45 16.42 11.90
N THR K 413 16.81 16.79 10.68
CA THR K 413 16.28 17.97 10.02
C THR K 413 15.57 17.66 8.72
N GLY K 414 16.14 16.80 7.88
CA GLY K 414 15.62 16.63 6.55
C GLY K 414 16.13 17.72 5.63
N GLU K 415 15.41 17.92 4.53
CA GLU K 415 15.76 18.95 3.57
C GLU K 415 15.06 20.26 3.91
N PHE K 416 15.73 21.37 3.64
CA PHE K 416 15.20 22.69 3.96
C PHE K 416 14.34 23.21 2.83
N LYS K 417 13.38 24.06 3.19
CA LYS K 417 12.45 24.67 2.24
C LYS K 417 12.47 26.18 2.41
N HIS K 418 11.91 26.86 1.42
CA HIS K 418 11.81 28.32 1.48
C HIS K 418 10.87 28.75 2.61
N SER K 419 9.81 27.99 2.84
CA SER K 419 8.88 28.31 3.92
C SER K 419 9.55 28.24 5.28
N ASP K 420 10.60 27.43 5.42
CA ASP K 420 11.37 27.41 6.66
C ASP K 420 12.02 28.76 6.92
N MET K 421 12.63 29.35 5.88
CA MET K 421 13.21 30.69 6.04
C MET K 421 12.13 31.73 6.28
N VAL K 422 10.98 31.60 5.63
CA VAL K 422 9.89 32.55 5.87
C VAL K 422 9.45 32.50 7.33
N ASN K 423 9.26 31.28 7.86
CA ASN K 423 8.86 31.12 9.25
C ASN K 423 9.92 31.63 10.20
N TYR K 424 11.19 31.36 9.91
CA TYR K 424 12.27 31.85 10.77
C TYR K 424 12.29 33.37 10.79
N ALA K 425 12.14 34.02 9.63
CA ALA K 425 12.18 35.47 9.59
C ALA K 425 11.02 36.07 10.38
N ASN K 426 9.81 35.52 10.21
CA ASN K 426 8.66 36.03 10.95
C ASN K 426 8.85 35.85 12.45
N LYS K 427 9.31 34.67 12.86
CA LYS K 427 9.52 34.41 14.29
C LYS K 427 10.59 35.33 14.87
N LYS K 428 11.68 35.53 14.15
CA LYS K 428 12.75 36.40 14.63
C LYS K 428 12.29 37.83 14.75
N LEU K 429 11.54 38.33 13.76
CA LEU K 429 11.03 39.70 13.85
C LEU K 429 10.09 39.86 15.04
N ALA K 430 9.20 38.89 15.27
CA ALA K 430 8.31 38.97 16.42
C ALA K 430 9.09 38.94 17.72
N GLU K 431 10.10 38.08 17.81
CA GLU K 431 10.89 37.97 19.04
C GLU K 431 11.65 39.26 19.31
N ILE K 432 12.21 39.89 18.28
CA ILE K 432 12.88 41.17 18.46
C ILE K 432 11.88 42.23 18.90
N ASP K 433 10.67 42.20 18.34
CA ASP K 433 9.65 43.16 18.73
C ASP K 433 9.19 42.97 20.16
N SER K 434 9.32 41.76 20.71
CA SER K 434 8.88 41.49 22.08
C SER K 434 9.94 41.78 23.13
N MET K 435 11.08 42.33 22.73
CA MET K 435 12.17 42.58 23.68
C MET K 435 11.94 43.89 24.44
N ASP K 436 12.47 43.95 25.66
CA ASP K 436 12.36 45.13 26.51
C ASP K 436 13.62 45.98 26.39
N ILE K 437 13.77 46.60 25.22
CA ILE K 437 14.91 47.46 24.92
C ILE K 437 14.40 48.69 24.18
N PRO K 438 15.19 49.77 24.18
CA PRO K 438 14.80 50.95 23.40
C PRO K 438 14.74 50.65 21.91
N ASP K 439 14.05 51.53 21.19
CA ASP K 439 13.79 51.29 19.76
C ASP K 439 15.07 51.30 18.95
N GLY K 440 16.07 52.06 19.37
CA GLY K 440 17.33 52.09 18.62
C GLY K 440 18.03 50.74 18.60
N ALA K 441 18.03 50.05 19.73
CA ALA K 441 18.63 48.72 19.79
C ALA K 441 17.87 47.73 18.91
N LYS K 442 16.53 47.84 18.91
CA LYS K 442 15.73 46.97 18.05
C LYS K 442 16.04 47.22 16.57
N ASP K 443 16.17 48.49 16.19
CA ASP K 443 16.54 48.80 14.81
C ASP K 443 17.92 48.26 14.48
N ALA K 444 18.86 48.38 15.41
CA ALA K 444 20.20 47.86 15.16
C ALA K 444 20.18 46.35 14.95
N MET K 445 19.42 45.62 15.76
CA MET K 445 19.34 44.18 15.60
C MET K 445 18.67 43.81 14.27
N LYS K 446 17.58 44.50 13.92
CA LYS K 446 16.90 44.21 12.67
C LYS K 446 17.81 44.48 11.48
N LEU K 447 18.60 45.56 11.54
CA LEU K 447 19.52 45.85 10.45
C LEU K 447 20.68 44.88 10.39
N LYS K 448 21.12 44.36 11.54
CA LYS K 448 22.12 43.30 11.53
C LYS K 448 21.60 42.06 10.82
N TYR K 449 20.35 41.68 11.12
CA TYR K 449 19.76 40.52 10.45
C TYR K 449 19.55 40.78 8.96
N LEU K 450 19.20 42.02 8.60
CA LEU K 450 19.06 42.37 7.19
C LEU K 450 20.40 42.28 6.47
N GLN K 451 21.48 42.73 7.11
CA GLN K 451 22.78 42.71 6.46
C GLN K 451 23.32 41.29 6.33
N ALA K 452 23.08 40.44 7.34
CA ALA K 452 23.56 39.07 7.28
C ALA K 452 22.75 38.19 6.33
N ASP K 453 21.61 38.67 5.84
CA ASP K 453 20.74 37.85 5.02
C ASP K 453 21.31 37.67 3.62
N SER K 454 20.89 36.58 2.97
CA SER K 454 21.34 36.29 1.63
C SER K 454 20.50 37.05 0.60
N LYS K 455 20.91 36.95 -0.67
CA LYS K 455 20.38 37.81 -1.70
C LYS K 455 18.87 37.67 -1.86
N ASP K 456 18.36 36.44 -1.87
CA ASP K 456 16.93 36.19 -2.03
C ASP K 456 16.29 35.72 -0.73
N GLY K 457 16.80 36.18 0.41
CA GLY K 457 16.27 35.79 1.70
C GLY K 457 14.95 36.46 2.02
N ALA K 458 14.37 36.05 3.15
CA ALA K 458 13.09 36.58 3.57
C ALA K 458 13.21 37.98 4.17
N PHE K 459 14.31 38.26 4.88
CA PHE K 459 14.51 39.59 5.42
C PHE K 459 14.64 40.63 4.31
N ARG K 460 15.36 40.28 3.24
CA ARG K 460 15.51 41.20 2.11
C ARG K 460 14.24 41.27 1.27
N THR K 461 13.41 40.23 1.30
CA THR K 461 12.14 40.27 0.58
C THR K 461 11.12 41.14 1.30
N ALA K 462 11.12 41.13 2.64
CA ALA K 462 10.20 41.97 3.39
C ALA K 462 10.48 43.45 3.16
N ILE K 463 11.76 43.84 3.17
CA ILE K 463 12.10 45.23 2.96
C ILE K 463 12.18 45.59 1.48
N GLY K 464 12.14 44.60 0.58
CA GLY K 464 12.14 44.91 -0.83
C GLY K 464 10.87 45.56 -1.29
N THR K 465 9.77 45.35 -0.56
CA THR K 465 8.52 46.04 -0.87
C THR K 465 8.67 47.55 -0.65
N MET K 466 9.40 47.94 0.40
CA MET K 466 9.67 49.35 0.65
C MET K 466 10.43 49.98 -0.52
N VAL K 467 11.48 49.29 -1.00
CA VAL K 467 12.29 49.85 -2.07
C VAL K 467 11.51 49.91 -3.37
N THR K 468 10.73 48.88 -3.67
CA THR K 468 9.90 48.90 -4.87
C THR K 468 8.89 50.03 -4.82
N ASP K 469 8.23 50.22 -3.67
CA ASP K 469 7.25 51.29 -3.54
C ASP K 469 7.89 52.67 -3.65
N ALA K 470 9.07 52.85 -3.06
CA ALA K 470 9.75 54.13 -3.14
C ALA K 470 10.17 54.45 -4.57
N GLY K 471 10.71 53.46 -5.29
CA GLY K 471 11.06 53.69 -6.68
C GLY K 471 9.85 54.01 -7.54
N GLN K 472 8.75 53.30 -7.31
CA GLN K 472 7.52 53.58 -8.05
C GLN K 472 7.00 54.98 -7.74
N GLU K 473 7.06 55.38 -6.47
CA GLU K 473 6.64 56.73 -6.10
C GLU K 473 7.44 57.78 -6.85
N TRP K 474 8.77 57.65 -6.85
CA TRP K 474 9.59 58.66 -7.51
C TRP K 474 9.35 58.67 -9.02
N SER K 475 9.27 57.50 -9.65
CA SER K 475 9.09 57.47 -11.10
C SER K 475 7.72 58.03 -11.50
N ALA K 476 6.67 57.68 -10.75
CA ALA K 476 5.36 58.23 -11.03
C ALA K 476 5.33 59.74 -10.81
N ALA K 477 6.01 60.23 -9.79
CA ALA K 477 6.06 61.67 -9.56
C ALA K 477 6.76 62.38 -10.70
N VAL K 478 7.85 61.79 -11.22
CA VAL K 478 8.54 62.40 -12.35
C VAL K 478 7.64 62.43 -13.57
N ILE K 479 6.92 61.33 -13.84
CA ILE K 479 6.04 61.29 -15.01
C ILE K 479 4.91 62.31 -14.88
N ASN K 480 4.29 62.39 -13.70
CA ASN K 480 3.16 63.29 -13.50
C ASN K 480 3.58 64.72 -13.19
N GLY K 481 4.86 64.96 -12.89
CA GLY K 481 5.31 66.30 -12.62
C GLY K 481 4.88 66.87 -11.30
N LYS K 482 4.54 66.03 -10.33
CA LYS K 482 4.13 66.50 -9.02
C LYS K 482 4.24 65.36 -8.03
N LEU K 483 4.75 65.67 -6.84
CA LEU K 483 4.82 64.67 -5.79
C LEU K 483 3.43 64.45 -5.17
N PRO K 484 3.06 63.22 -4.88
CA PRO K 484 1.78 62.97 -4.23
C PRO K 484 1.79 63.46 -2.79
N GLU K 485 0.58 63.58 -2.22
CA GLU K 485 0.46 64.08 -0.86
C GLU K 485 1.12 63.14 0.15
N ARG K 486 1.14 61.84 -0.13
CA ARG K 486 1.73 60.85 0.75
C ARG K 486 2.78 60.06 0.00
N THR K 487 3.97 59.96 0.56
CA THR K 487 5.02 59.08 0.07
C THR K 487 5.56 58.27 1.26
N PRO K 488 4.76 57.36 1.80
CA PRO K 488 5.20 56.63 3.01
C PRO K 488 6.45 55.81 2.80
N ALA K 489 6.62 55.20 1.62
CA ALA K 489 7.77 54.34 1.39
C ALA K 489 9.06 55.13 1.33
N MET K 490 9.05 56.29 0.68
CA MET K 490 10.24 57.12 0.62
C MET K 490 10.62 57.63 2.00
N ASP K 491 9.64 58.02 2.81
CA ASP K 491 9.93 58.48 4.16
C ASP K 491 10.51 57.36 5.01
N ALA K 492 9.92 56.17 4.92
CA ALA K 492 10.43 55.04 5.70
C ALA K 492 11.85 54.68 5.28
N LEU K 493 12.11 54.65 3.97
CA LEU K 493 13.45 54.30 3.50
C LEU K 493 14.46 55.37 3.88
N ARG K 494 14.06 56.65 3.84
CA ARG K 494 14.96 57.72 4.26
C ARG K 494 15.28 57.63 5.74
N ARG K 495 14.29 57.30 6.58
CA ARG K 495 14.57 57.13 7.99
C ARG K 495 15.50 55.94 8.25
N ILE K 496 15.30 54.84 7.53
CA ILE K 496 16.20 53.70 7.67
C ILE K 496 17.61 54.07 7.22
N ARG K 497 17.72 54.87 6.15
CA ARG K 497 19.03 55.37 5.73
C ARG K 497 19.67 56.21 6.83
N ASN K 498 18.88 57.08 7.45
CA ASN K 498 19.41 57.89 8.56
C ASN K 498 19.89 57.00 9.70
N ALA K 499 19.26 55.84 9.89
CA ALA K 499 19.75 54.90 10.89
C ALA K 499 21.08 54.26 10.48
N ASP K 500 21.22 53.89 9.21
CA ASP K 500 22.42 53.21 8.72
C ASP K 500 22.65 53.57 7.26
N PRO K 501 23.51 54.54 6.97
CA PRO K 501 23.72 54.98 5.59
C PRO K 501 24.50 54.01 4.73
N GLN K 502 25.53 53.38 5.31
CA GLN K 502 26.40 52.50 4.53
C GLN K 502 25.67 51.25 4.08
N LEU K 503 24.81 50.69 4.94
CA LEU K 503 24.05 49.50 4.55
C LEU K 503 23.10 49.80 3.40
N ILE K 504 22.42 50.94 3.46
CA ILE K 504 21.48 51.30 2.39
C ILE K 504 22.23 51.59 1.10
N ALA K 505 23.38 52.26 1.19
CA ALA K 505 24.19 52.49 0.00
C ALA K 505 24.71 51.18 -0.58
N ALA K 506 25.01 50.20 0.25
CA ALA K 506 25.50 48.91 -0.23
C ALA K 506 24.39 48.12 -0.91
N LEU K 507 23.18 48.17 -0.36
CA LEU K 507 22.10 47.34 -0.88
C LEU K 507 21.30 48.01 -1.99
N TYR K 508 20.96 49.28 -1.84
CA TYR K 508 20.10 49.99 -2.78
C TYR K 508 20.78 51.29 -3.19
N PRO K 509 21.76 51.22 -4.09
CA PRO K 509 22.52 52.43 -4.45
C PRO K 509 21.68 53.53 -5.08
N ASP K 510 20.67 53.19 -5.87
CA ASP K 510 19.89 54.22 -6.56
C ASP K 510 19.13 55.10 -5.59
N GLN K 511 18.46 54.48 -4.62
CA GLN K 511 17.75 55.25 -3.60
C GLN K 511 18.71 56.04 -2.74
N ALA K 512 19.90 55.49 -2.46
CA ALA K 512 20.89 56.23 -1.68
C ALA K 512 21.34 57.49 -2.40
N GLU K 513 21.61 57.39 -3.71
CA GLU K 513 22.01 58.56 -4.48
C GLU K 513 20.88 59.59 -4.54
N LEU K 514 19.64 59.12 -4.73
CA LEU K 514 18.51 60.03 -4.73
C LEU K 514 18.38 60.76 -3.39
N PHE K 515 18.56 60.03 -2.28
CA PHE K 515 18.45 60.65 -0.97
C PHE K 515 19.57 61.66 -0.73
N LEU K 516 20.78 61.37 -1.22
CA LEU K 516 21.87 62.34 -1.09
C LEU K 516 21.58 63.61 -1.87
N THR K 517 21.05 63.47 -3.10
CA THR K 517 20.68 64.64 -3.87
C THR K 517 19.59 65.45 -3.16
N MET K 518 18.58 64.77 -2.63
CA MET K 518 17.51 65.44 -1.90
C MET K 518 18.04 66.14 -0.65
N ASP K 519 19.01 65.52 0.02
CA ASP K 519 19.62 66.14 1.19
C ASP K 519 20.34 67.44 0.83
N MET K 520 21.11 67.42 -0.27
CA MET K 520 21.80 68.63 -0.69
C MET K 520 20.82 69.73 -1.05
N MET K 521 19.76 69.38 -1.79
CA MET K 521 18.73 70.37 -2.12
C MET K 521 18.06 70.91 -0.88
N ASP K 522 17.76 70.04 0.09
CA ASP K 522 17.12 70.48 1.33
C ASP K 522 18.02 71.46 2.09
N LYS K 523 19.31 71.19 2.13
CA LYS K 523 20.23 72.09 2.84
C LYS K 523 20.36 73.41 2.10
N GLN K 524 20.24 73.41 0.77
CA GLN K 524 20.23 74.69 0.06
C GLN K 524 18.89 75.41 0.16
N GLY K 525 17.84 74.74 0.62
CA GLY K 525 16.53 75.36 0.69
C GLY K 525 15.73 75.30 -0.59
N ILE K 526 15.85 74.23 -1.35
CA ILE K 526 15.25 74.10 -2.67
C ILE K 526 14.18 73.02 -2.62
N ASP K 527 13.02 73.30 -3.21
CA ASP K 527 11.90 72.38 -3.19
C ASP K 527 12.17 71.21 -4.15
N PRO K 528 11.63 70.02 -3.87
CA PRO K 528 11.84 68.88 -4.78
C PRO K 528 11.24 69.07 -6.16
N GLN K 529 10.35 70.06 -6.36
CA GLN K 529 9.81 70.32 -7.68
C GLN K 529 10.92 70.64 -8.68
N VAL K 530 12.02 71.23 -8.22
CA VAL K 530 13.15 71.52 -9.10
C VAL K 530 13.77 70.22 -9.60
N ILE K 531 13.96 69.25 -8.71
CA ILE K 531 14.49 67.95 -9.11
C ILE K 531 13.52 67.27 -10.08
N LEU K 532 12.22 67.37 -9.80
CA LEU K 532 11.24 66.77 -10.69
C LEU K 532 11.30 67.39 -12.08
N ASP K 533 11.43 68.72 -12.16
CA ASP K 533 11.52 69.38 -13.46
C ASP K 533 12.79 68.98 -14.21
N ALA K 534 13.92 68.91 -13.51
CA ALA K 534 15.16 68.51 -14.16
C ALA K 534 15.07 67.08 -14.68
N ASP K 535 14.51 66.17 -13.88
CA ASP K 535 14.35 64.79 -14.34
C ASP K 535 13.40 64.71 -15.53
N ARG K 536 12.32 65.50 -15.50
CA ARG K 536 11.38 65.49 -16.61
C ARG K 536 12.03 66.00 -17.89
N LEU K 537 12.87 67.03 -17.78
CA LEU K 537 13.58 67.53 -18.96
C LEU K 537 14.57 66.50 -19.49
N THR K 538 15.27 65.80 -18.59
CA THR K 538 16.29 64.86 -19.05
C THR K 538 15.71 63.56 -19.58
N VAL K 539 14.59 63.08 -19.03
CA VAL K 539 14.10 61.74 -19.36
C VAL K 539 13.59 61.69 -20.79
N LYS K 540 13.08 62.81 -21.31
CA LYS K 540 12.49 62.86 -22.66
C LYS K 540 13.54 63.07 -23.73
N ARG K 541 14.79 62.71 -23.46
CA ARG K 541 15.92 63.09 -24.29
C ARG K 541 16.82 61.88 -24.48
N SER K 542 17.28 61.67 -25.71
CA SER K 542 18.04 60.47 -26.04
C SER K 542 19.46 60.57 -25.51
N LYS K 543 20.15 59.43 -25.54
CA LYS K 543 21.52 59.38 -25.03
C LYS K 543 22.48 60.20 -25.87
N GLU K 544 22.19 60.36 -27.16
CA GLU K 544 23.06 61.19 -28.00
C GLU K 544 22.87 62.67 -27.72
N GLN K 545 21.64 63.08 -27.40
CA GLN K 545 21.38 64.48 -27.09
C GLN K 545 21.87 64.87 -25.70
N ARG K 546 21.91 63.90 -24.77
CA ARG K 546 22.38 64.20 -23.42
C ARG K 546 23.85 64.58 -23.42
N PHE K 547 24.65 63.93 -24.26
CA PHE K 547 26.06 64.31 -24.38
C PHE K 547 26.21 65.73 -24.88
N GLU K 548 25.43 66.11 -25.89
CA GLU K 548 25.48 67.47 -26.40
C GLU K 548 25.05 68.47 -25.34
N ASP K 549 24.00 68.15 -24.58
CA ASP K 549 23.56 69.03 -23.51
C ASP K 549 24.64 69.21 -22.45
N ASP K 550 25.29 68.11 -22.05
CA ASP K 550 26.35 68.20 -21.05
C ASP K 550 27.52 69.04 -21.56
N LYS K 551 27.91 68.84 -22.82
CA LYS K 551 29.00 69.62 -23.37
C LYS K 551 28.64 71.10 -23.43
N ALA K 552 27.41 71.42 -23.84
CA ALA K 552 26.98 72.81 -23.90
C ALA K 552 26.98 73.44 -22.52
N PHE K 553 26.47 72.73 -21.52
CA PHE K 553 26.44 73.27 -20.16
C PHE K 553 27.84 73.51 -19.62
N GLU K 554 28.75 72.55 -19.83
CA GLU K 554 30.12 72.72 -19.34
C GLU K 554 30.82 73.86 -20.07
N SER K 555 30.59 74.01 -21.37
CA SER K 555 31.18 75.11 -22.10
C SER K 555 30.63 76.46 -21.63
N ALA K 556 29.34 76.53 -21.33
CA ALA K 556 28.77 77.76 -20.81
C ALA K 556 29.34 78.09 -19.44
N LEU K 557 29.56 77.08 -18.59
CA LEU K 557 30.14 77.34 -17.28
C LEU K 557 31.58 77.79 -17.39
N ASN K 558 32.40 77.11 -18.19
CA ASN K 558 33.81 77.42 -18.28
C ASN K 558 34.07 78.78 -18.92
N ALA K 559 33.12 79.30 -19.70
CA ALA K 559 33.27 80.61 -20.33
C ALA K 559 32.80 81.74 -19.44
N SER K 560 32.34 81.45 -18.23
CA SER K 560 31.86 82.49 -17.33
C SER K 560 33.03 83.30 -16.78
N LYS K 561 32.69 84.47 -16.24
CA LYS K 561 33.70 85.37 -15.67
C LYS K 561 33.79 85.29 -14.16
N ALA K 562 32.71 84.91 -13.48
CA ALA K 562 32.74 84.81 -12.03
C ALA K 562 33.56 83.58 -11.62
N PRO K 563 34.49 83.72 -10.67
CA PRO K 563 35.29 82.56 -10.26
C PRO K 563 34.46 81.43 -9.67
N GLU K 564 33.35 81.74 -9.01
CA GLU K 564 32.51 80.71 -8.41
C GLU K 564 31.86 79.83 -9.46
N ILE K 565 31.69 80.32 -10.68
CA ILE K 565 31.01 79.58 -11.74
C ILE K 565 32.00 78.85 -12.64
N ALA K 566 33.10 79.51 -13.00
CA ALA K 566 34.05 78.92 -13.93
C ALA K 566 34.84 77.76 -13.33
N ARG K 567 34.97 77.72 -12.01
CA ARG K 567 35.76 76.69 -11.32
C ARG K 567 34.97 76.10 -10.17
N MET K 568 33.76 75.68 -10.48
CA MET K 568 32.80 75.09 -9.56
C MET K 568 33.13 73.61 -9.32
N PRO K 569 33.05 73.14 -8.08
CA PRO K 569 33.22 71.70 -7.83
C PRO K 569 32.07 70.89 -8.43
N ALA K 570 32.36 69.60 -8.66
CA ALA K 570 31.40 68.74 -9.34
C ALA K 570 30.12 68.57 -8.53
N SER K 571 30.24 68.41 -7.22
CA SER K 571 29.07 68.20 -6.38
C SER K 571 28.16 69.41 -6.39
N LEU K 572 28.73 70.61 -6.37
CA LEU K 572 27.92 71.82 -6.53
C LEU K 572 27.42 71.95 -7.95
N ARG K 573 28.20 71.48 -8.92
CA ARG K 573 27.79 71.56 -10.33
C ARG K 573 26.55 70.74 -10.61
N GLU K 574 26.37 69.62 -9.90
CA GLU K 574 25.16 68.83 -10.10
C GLU K 574 23.90 69.60 -9.71
N SER K 575 23.91 70.22 -8.53
CA SER K 575 22.77 71.02 -8.09
C SER K 575 22.57 72.25 -8.98
N ALA K 576 23.66 72.86 -9.42
CA ALA K 576 23.55 73.99 -10.34
C ALA K 576 22.89 73.55 -11.65
N ARG K 577 23.28 72.39 -12.16
CA ARG K 577 22.67 71.86 -13.38
C ARG K 577 21.19 71.60 -13.18
N LYS K 578 20.81 71.09 -12.01
CA LYS K 578 19.39 70.85 -11.76
C LYS K 578 18.60 72.17 -11.73
N ILE K 579 19.15 73.20 -11.08
CA ILE K 579 18.46 74.49 -11.05
C ILE K 579 18.33 75.07 -12.46
N TYR K 580 19.41 75.02 -13.23
CA TYR K 580 19.41 75.51 -14.59
C TYR K 580 18.41 74.76 -15.45
N ASP K 581 18.36 73.43 -15.31
CA ASP K 581 17.43 72.62 -16.07
C ASP K 581 15.98 72.93 -15.71
N SER K 582 15.70 73.15 -14.43
CA SER K 582 14.34 73.51 -14.02
C SER K 582 13.90 74.82 -14.66
N VAL K 583 14.76 75.84 -14.59
CA VAL K 583 14.39 77.13 -15.16
C VAL K 583 14.27 77.04 -16.67
N LYS K 584 15.15 76.26 -17.31
CA LYS K 584 15.10 76.10 -18.76
C LYS K 584 13.93 75.23 -19.20
N TYR K 585 13.37 74.43 -18.31
CA TYR K 585 12.22 73.59 -18.63
C TYR K 585 10.90 74.33 -18.46
N ARG K 586 10.76 75.12 -17.40
CA ARG K 586 9.48 75.79 -17.18
C ARG K 586 9.27 76.97 -18.11
N SER K 587 10.34 77.59 -18.59
CA SER K 587 10.29 78.53 -19.70
C SER K 587 11.03 77.92 -20.88
N GLY K 588 11.15 78.69 -21.95
CA GLY K 588 11.98 78.28 -23.07
C GLY K 588 13.31 78.99 -23.15
N ASN K 589 13.64 79.83 -22.18
CA ASN K 589 14.76 80.74 -22.25
C ASN K 589 15.97 80.11 -21.58
N GLU K 590 17.02 79.85 -22.38
CA GLU K 590 18.28 79.38 -21.81
C GLU K 590 19.10 80.52 -21.22
N SER K 591 18.99 81.72 -21.78
CA SER K 591 19.66 82.87 -21.20
C SER K 591 19.11 83.21 -19.84
N MET K 592 17.78 83.15 -19.68
CA MET K 592 17.18 83.35 -18.37
C MET K 592 17.64 82.27 -17.40
N ALA K 593 17.70 81.02 -17.84
CA ALA K 593 18.15 79.95 -16.96
C ALA K 593 19.57 80.18 -16.49
N MET K 594 20.45 80.58 -17.41
CA MET K 594 21.84 80.86 -17.04
C MET K 594 21.94 82.00 -16.05
N GLU K 595 21.20 83.10 -16.30
CA GLU K 595 21.29 84.24 -15.39
C GLU K 595 20.71 83.90 -14.02
N GLN K 596 19.63 83.12 -13.98
CA GLN K 596 19.05 82.72 -12.70
C GLN K 596 20.01 81.85 -11.90
N MET K 597 20.61 80.86 -12.57
CA MET K 597 21.59 80.01 -11.89
C MET K 597 22.76 80.81 -11.37
N THR K 598 23.31 81.70 -12.21
CA THR K 598 24.48 82.46 -11.80
C THR K 598 24.16 83.39 -10.65
N LYS K 599 23.00 84.05 -10.67
CA LYS K 599 22.64 84.94 -9.58
C LYS K 599 22.38 84.16 -8.29
N PHE K 600 21.71 83.00 -8.39
CA PHE K 600 21.48 82.19 -7.20
C PHE K 600 22.79 81.73 -6.58
N LEU K 601 23.75 81.33 -7.42
CA LEU K 601 25.00 80.79 -6.91
C LEU K 601 25.96 81.87 -6.42
N LYS K 602 25.87 83.08 -6.99
CA LYS K 602 26.77 84.15 -6.57
C LYS K 602 26.48 84.59 -5.13
N GLU K 603 25.21 84.69 -4.78
CA GLU K 603 24.81 85.28 -3.51
C GLU K 603 24.60 84.28 -2.40
N SER K 604 24.89 82.99 -2.65
CA SER K 604 24.74 81.97 -1.63
C SER K 604 26.00 81.14 -1.40
N THR K 605 27.06 81.34 -2.18
CA THR K 605 28.31 80.60 -2.03
C THR K 605 29.46 81.59 -1.93
N TYR K 606 30.58 81.09 -1.40
CA TYR K 606 31.80 81.87 -1.26
C TYR K 606 32.97 81.03 -1.76
N THR K 607 33.83 81.63 -2.57
CA THR K 607 34.99 80.94 -3.12
C THR K 607 36.25 81.33 -2.35
N PHE K 608 36.96 80.32 -1.86
CA PHE K 608 38.21 80.53 -1.14
C PHE K 608 39.38 80.56 -2.12
N THR K 609 40.35 81.41 -1.82
CA THR K 609 41.51 81.58 -2.68
C THR K 609 42.78 81.26 -1.91
N GLY K 610 43.82 80.86 -2.65
CA GLY K 610 45.12 80.56 -2.08
C GLY K 610 46.18 81.46 -2.69
N ASP K 611 47.34 81.46 -2.04
CA ASP K 611 48.47 82.29 -2.46
C ASP K 611 49.28 81.54 -3.51
N ASP K 612 49.43 82.16 -4.68
CA ASP K 612 50.16 81.59 -5.81
C ASP K 612 49.55 80.24 -6.19
N VAL K 613 48.31 80.31 -6.67
CA VAL K 613 47.59 79.15 -7.16
C VAL K 613 47.14 79.45 -8.59
N ASP K 614 47.41 78.53 -9.50
CA ASP K 614 46.99 78.69 -10.90
C ASP K 614 45.47 78.58 -10.96
N GLY K 615 44.81 79.68 -11.33
CA GLY K 615 43.38 79.77 -11.27
C GLY K 615 42.84 80.37 -9.98
N ASP K 616 43.64 80.37 -8.91
CA ASP K 616 43.44 81.09 -7.66
C ASP K 616 42.35 80.49 -6.78
N THR K 617 41.64 79.47 -7.21
CA THR K 617 40.52 78.91 -6.46
C THR K 617 40.91 77.59 -5.82
N VAL K 618 40.61 77.45 -4.53
CA VAL K 618 40.89 76.22 -3.79
C VAL K 618 39.64 75.58 -3.22
N GLY K 619 38.47 76.15 -3.46
CA GLY K 619 37.24 75.56 -2.97
C GLY K 619 36.11 76.55 -2.98
N VAL K 620 34.89 76.02 -2.97
CA VAL K 620 33.67 76.83 -2.90
C VAL K 620 32.79 76.25 -1.80
N ILE K 621 32.36 77.10 -0.88
CA ILE K 621 31.57 76.66 0.28
C ILE K 621 30.28 77.46 0.33
N PRO K 622 29.12 76.82 0.53
CA PRO K 622 27.89 77.59 0.75
C PRO K 622 27.99 78.46 1.99
N LYS K 623 27.36 79.63 1.92
CA LYS K 623 27.49 80.62 2.99
C LYS K 623 26.80 80.16 4.27
N ASN K 624 25.66 79.47 4.16
CA ASN K 624 24.93 79.08 5.36
C ASN K 624 25.60 77.95 6.13
N MET K 625 26.64 77.33 5.56
CA MET K 625 27.40 76.33 6.28
C MET K 625 28.53 76.93 7.11
N MET K 626 28.78 78.23 6.97
CA MET K 626 29.80 78.93 7.74
C MET K 626 29.21 79.87 8.77
N GLN K 627 27.92 79.75 9.07
CA GLN K 627 27.28 80.62 10.04
C GLN K 627 27.62 80.19 11.46
N VAL K 628 27.92 81.17 12.31
CA VAL K 628 28.16 80.90 13.72
C VAL K 628 26.95 81.23 14.59
N ASN K 629 25.96 81.93 14.06
CA ASN K 629 24.74 82.31 14.76
C ASN K 629 23.54 81.86 13.94
N SER K 630 22.35 82.29 14.38
CA SER K 630 21.17 82.20 13.55
C SER K 630 21.06 83.35 12.57
N ASP K 631 21.89 84.38 12.73
CA ASP K 631 21.89 85.51 11.81
C ASP K 631 22.69 85.16 10.57
N PRO K 632 22.12 85.29 9.36
CA PRO K 632 22.88 84.97 8.15
C PRO K 632 24.14 85.79 8.00
N LYS K 633 24.12 87.06 8.42
CA LYS K 633 25.29 87.92 8.28
C LYS K 633 26.49 87.39 9.05
N SER K 634 26.28 86.47 9.99
CA SER K 634 27.37 85.86 10.73
C SER K 634 28.22 84.94 9.88
N TRP K 635 27.81 84.65 8.64
CA TRP K 635 28.63 83.79 7.78
C TRP K 635 30.03 84.36 7.60
N GLU K 636 30.18 85.67 7.74
CA GLU K 636 31.49 86.29 7.58
C GLU K 636 32.42 85.93 8.72
N GLN K 637 31.88 85.73 9.92
CA GLN K 637 32.72 85.33 11.04
C GLN K 637 33.25 83.91 10.85
N GLY K 638 32.37 82.98 10.52
CA GLY K 638 32.79 81.59 10.33
C GLY K 638 33.79 81.44 9.21
N ARG K 639 33.72 82.29 8.19
CA ARG K 639 34.73 82.27 7.14
C ARG K 639 36.09 82.62 7.71
N ASP K 640 36.16 83.64 8.57
CA ASP K 640 37.44 84.07 9.13
C ASP K 640 38.07 82.94 9.93
N ILE K 641 37.28 82.28 10.78
CA ILE K 641 37.78 81.13 11.53
C ILE K 641 38.31 80.07 10.58
N LEU K 642 37.65 79.90 9.43
CA LEU K 642 38.15 78.95 8.44
C LEU K 642 39.44 79.45 7.80
N GLU K 643 39.50 80.75 7.47
CA GLU K 643 40.64 81.26 6.73
C GLU K 643 41.90 81.24 7.58
N GLU K 644 41.78 81.46 8.89
CA GLU K 644 42.94 81.30 9.77
C GLU K 644 43.26 79.83 10.04
N ALA K 645 42.29 78.93 9.86
CA ALA K 645 42.56 77.52 10.08
C ALA K 645 43.50 76.96 9.02
N ARG K 646 43.19 77.20 7.74
CA ARG K 646 44.02 76.65 6.68
C ARG K 646 45.40 77.29 6.65
N LYS K 647 45.52 78.53 7.15
CA LYS K 647 46.84 79.12 7.29
C LYS K 647 47.61 78.50 8.46
N GLY K 648 46.90 78.07 9.51
CA GLY K 648 47.58 77.46 10.63
C GLY K 648 48.00 76.04 10.37
N ILE K 649 47.24 75.30 9.57
CA ILE K 649 47.60 73.93 9.24
C ILE K 649 48.81 73.89 8.30
N ILE K 650 48.85 74.80 7.33
CA ILE K 650 49.98 74.84 6.40
C ILE K 650 51.27 75.14 7.15
N ALA K 651 51.20 76.01 8.16
CA ALA K 651 52.38 76.31 8.96
C ALA K 651 52.82 75.11 9.79
N SER K 652 51.87 74.31 10.27
CA SER K 652 52.20 73.12 11.06
C SER K 652 52.67 71.96 10.21
N ASN K 653 52.31 71.92 8.93
CA ASN K 653 52.69 70.85 8.02
C ASN K 653 53.29 71.45 6.75
N PRO K 654 54.52 71.99 6.85
CA PRO K 654 55.12 72.64 5.68
C PRO K 654 55.53 71.67 4.58
N TRP K 655 55.53 70.38 4.83
CA TRP K 655 56.00 69.40 3.87
C TRP K 655 55.00 69.12 2.76
N ILE K 656 53.77 69.63 2.86
CA ILE K 656 52.74 69.33 1.87
C ILE K 656 53.14 69.90 0.52
N THR K 657 52.45 69.47 -0.54
CA THR K 657 52.99 69.56 -1.90
C THR K 657 53.41 70.98 -2.27
N ASN K 658 52.45 71.89 -2.35
CA ASN K 658 52.73 73.28 -2.69
C ASN K 658 52.33 74.22 -1.57
N LYS K 659 52.30 73.72 -0.34
CA LYS K 659 51.74 74.46 0.80
C LYS K 659 50.30 74.87 0.52
N GLN K 660 49.52 73.95 -0.04
CA GLN K 660 48.16 74.23 -0.46
C GLN K 660 47.21 73.19 0.12
N LEU K 661 46.02 73.65 0.50
CA LEU K 661 44.95 72.78 0.95
C LEU K 661 43.71 73.04 0.12
N THR K 662 42.93 71.99 -0.10
CA THR K 662 41.61 72.11 -0.72
C THR K 662 40.55 72.13 0.37
N MET K 663 39.51 72.93 0.13
CA MET K 663 38.41 73.11 1.07
C MET K 663 37.15 72.54 0.42
N TYR K 664 36.53 71.57 1.07
CA TYR K 664 35.45 70.82 0.46
C TYR K 664 34.29 70.68 1.43
N SER K 665 33.08 71.04 0.99
CA SER K 665 31.91 70.94 1.84
C SER K 665 31.15 69.66 1.48
N GLN K 666 31.01 68.76 2.45
CA GLN K 666 30.30 67.50 2.27
C GLN K 666 29.28 67.36 3.39
N GLY K 667 28.02 67.18 3.02
CA GLY K 667 26.98 67.07 4.02
C GLY K 667 26.91 68.33 4.86
N ASP K 668 27.19 68.19 6.15
CA ASP K 668 27.19 69.30 7.08
C ASP K 668 28.59 69.64 7.58
N SER K 669 29.63 69.18 6.89
CA SER K 669 31.00 69.36 7.34
C SER K 669 31.83 70.01 6.25
N ILE K 670 32.93 70.62 6.67
CA ILE K 670 33.90 71.25 5.79
C ILE K 670 35.26 70.59 6.05
N TYR K 671 35.90 70.14 4.99
CA TYR K 671 37.15 69.39 5.09
C TYR K 671 38.28 70.20 4.48
N LEU K 672 39.36 70.32 5.26
CA LEU K 672 40.63 70.87 4.81
C LEU K 672 41.56 69.70 4.54
N MET K 673 41.97 69.52 3.29
CA MET K 673 42.73 68.33 2.94
C MET K 673 43.87 68.68 2.00
N ASP K 674 44.97 67.93 2.13
CA ASP K 674 46.13 68.11 1.27
C ASP K 674 46.09 67.13 0.11
N THR K 675 47.19 67.06 -0.66
CA THR K 675 47.20 66.24 -1.87
C THR K 675 47.23 64.76 -1.54
N THR K 676 48.00 64.36 -0.54
CA THR K 676 48.14 62.94 -0.19
C THR K 676 47.02 62.43 0.71
N GLY K 677 46.22 63.32 1.28
CA GLY K 677 45.18 62.91 2.21
C GLY K 677 45.66 62.61 3.61
N GLN K 678 46.95 62.78 3.89
CA GLN K 678 47.46 62.52 5.23
C GLN K 678 47.09 63.64 6.19
N VAL K 679 46.89 64.84 5.69
CA VAL K 679 46.42 65.97 6.49
C VAL K 679 44.96 66.19 6.14
N ARG K 680 44.07 65.90 7.10
CA ARG K 680 42.64 66.07 6.90
C ARG K 680 42.04 66.62 8.19
N VAL K 681 41.36 67.76 8.09
CA VAL K 681 40.77 68.42 9.25
C VAL K 681 39.30 68.69 8.95
N ARG K 682 38.43 68.38 9.91
CA ARG K 682 37.00 68.53 9.73
C ARG K 682 36.45 69.63 10.64
N TYR K 683 35.57 70.45 10.07
CA TYR K 683 34.87 71.50 10.79
C TYR K 683 33.37 71.35 10.55
N ASP K 684 32.58 71.86 11.49
CA ASP K 684 31.14 71.91 11.35
C ASP K 684 30.63 73.13 12.08
N LYS K 685 29.32 73.38 12.00
CA LYS K 685 28.77 74.59 12.60
C LYS K 685 28.90 74.57 14.12
N GLU K 686 28.85 73.39 14.75
CA GLU K 686 29.04 73.30 16.18
C GLU K 686 30.46 73.72 16.57
N LEU K 687 31.46 73.17 15.88
CA LEU K 687 32.84 73.51 16.21
C LEU K 687 33.16 74.96 15.85
N LEU K 688 32.63 75.45 14.73
CA LEU K 688 32.80 76.85 14.38
C LEU K 688 32.20 77.77 15.43
N SER K 689 30.99 77.43 15.91
CA SER K 689 30.35 78.22 16.95
C SER K 689 31.17 78.19 18.23
N LYS K 690 31.70 77.02 18.60
CA LYS K 690 32.50 76.92 19.82
C LYS K 690 33.76 77.78 19.72
N VAL K 691 34.45 77.70 18.57
CA VAL K 691 35.66 78.50 18.39
C VAL K 691 35.33 79.98 18.44
N TRP K 692 34.22 80.38 17.79
CA TRP K 692 33.83 81.78 17.81
C TRP K 692 33.50 82.25 19.22
N SER K 693 32.80 81.42 19.99
CA SER K 693 32.47 81.78 21.37
C SER K 693 33.73 81.94 22.22
N GLU K 694 34.68 81.02 22.06
CA GLU K 694 35.94 81.14 22.80
C GLU K 694 36.69 82.41 22.42
N ASN K 695 36.73 82.72 21.12
CA ASN K 695 37.40 83.94 20.68
C ASN K 695 36.71 85.18 21.24
N GLN K 696 35.37 85.19 21.24
CA GLN K 696 34.64 86.32 21.80
C GLN K 696 34.92 86.49 23.29
N LYS K 697 34.95 85.38 24.03
CA LYS K 697 35.23 85.46 25.46
C LYS K 697 36.63 86.01 25.70
N LYS K 698 37.62 85.51 24.96
CA LYS K 698 38.98 86.03 25.12
C LYS K 698 39.05 87.51 24.79
N LEU K 699 38.42 87.92 23.70
CA LEU K 699 38.48 89.31 23.29
C LEU K 699 37.80 90.23 24.30
N GLU K 700 36.63 89.82 24.81
CA GLU K 700 35.91 90.67 25.74
C GLU K 700 36.61 90.74 27.09
N GLU K 701 37.21 89.63 27.54
CA GLU K 701 37.95 89.70 28.80
C GLU K 701 39.21 90.54 28.65
N LYS K 702 39.88 90.47 27.49
CA LYS K 702 41.02 91.33 27.25
C LYS K 702 40.62 92.80 27.21
N ALA K 703 39.48 93.12 26.61
CA ALA K 703 39.00 94.49 26.61
C ALA K 703 38.64 94.96 28.01
N ARG K 704 38.01 94.09 28.81
CA ARG K 704 37.61 94.48 30.16
C ARG K 704 38.81 94.72 31.06
N GLU K 705 39.75 93.76 31.08
CA GLU K 705 40.88 93.81 31.99
C GLU K 705 42.09 94.51 31.38
N LYS K 706 41.90 95.30 30.34
CA LYS K 706 42.99 96.07 29.75
C LYS K 706 42.44 97.23 28.92
N MET L 1 27.60 -12.33 14.24
CA MET L 1 27.97 -12.47 15.65
C MET L 1 27.20 -13.61 16.33
N ASP L 2 27.87 -14.76 16.44
CA ASP L 2 27.29 -15.95 17.05
C ASP L 2 28.30 -16.58 17.99
N LYS L 3 27.82 -16.99 19.17
CA LYS L 3 28.60 -17.70 20.17
C LYS L 3 29.84 -16.92 20.63
N TYR L 4 29.87 -15.61 20.37
CA TYR L 4 30.86 -14.69 20.96
C TYR L 4 32.24 -14.90 20.34
N ASP L 5 32.41 -15.95 19.55
CA ASP L 5 33.68 -16.27 18.91
C ASP L 5 34.80 -16.39 19.95
N LYS L 6 34.70 -17.44 20.77
CA LYS L 6 35.66 -17.63 21.84
C LYS L 6 37.06 -17.91 21.30
N ASN L 7 37.17 -18.80 20.31
CA ASN L 7 38.45 -19.22 19.76
C ASN L 7 38.76 -18.60 18.41
N VAL L 8 38.09 -17.50 18.06
CA VAL L 8 38.43 -16.76 16.84
C VAL L 8 39.85 -16.23 17.00
N PRO L 9 40.65 -16.07 15.91
CA PRO L 9 41.93 -15.39 16.06
C PRO L 9 41.77 -14.04 16.74
N SER L 10 42.34 -13.93 17.93
CA SER L 10 42.07 -12.85 18.88
C SER L 10 42.58 -11.53 18.30
N ASP L 11 41.64 -10.67 17.93
CA ASP L 11 41.99 -9.38 17.34
C ASP L 11 42.12 -8.31 18.42
N TYR L 12 43.27 -7.65 18.45
CA TYR L 12 43.53 -6.50 19.32
C TYR L 12 43.28 -6.86 20.80
N ASP L 13 43.80 -8.00 21.21
CA ASP L 13 43.68 -8.45 22.59
C ASP L 13 45.01 -8.39 23.34
N GLY L 14 45.98 -7.61 22.85
CA GLY L 14 47.23 -7.45 23.53
C GLY L 14 47.14 -6.53 24.74
N LEU L 15 45.92 -6.31 25.22
CA LEU L 15 45.68 -5.43 26.35
C LEU L 15 44.91 -6.09 27.50
N PHE L 16 44.10 -7.12 27.22
CA PHE L 16 43.28 -7.72 28.26
C PHE L 16 44.09 -8.53 29.25
N GLN L 17 45.11 -9.27 28.79
CA GLN L 17 45.90 -10.06 29.73
C GLN L 17 46.61 -9.17 30.74
N LYS L 18 47.18 -8.06 30.29
CA LYS L 18 47.92 -7.19 31.18
C LYS L 18 47.00 -6.53 32.21
N ALA L 19 45.83 -6.06 31.76
CA ALA L 19 44.88 -5.48 32.70
C ALA L 19 44.36 -6.53 33.68
N ALA L 20 44.12 -7.75 33.20
CA ALA L 20 43.66 -8.81 34.08
C ALA L 20 44.69 -9.14 35.14
N ASP L 21 45.96 -9.24 34.76
CA ASP L 21 47.01 -9.52 35.74
C ASP L 21 47.22 -8.35 36.69
N ALA L 22 47.11 -7.12 36.19
CA ALA L 22 47.28 -5.95 37.04
C ALA L 22 46.19 -5.84 38.09
N ASN L 23 44.93 -6.10 37.69
CA ASN L 23 43.81 -5.90 38.58
C ASN L 23 43.27 -7.18 39.21
N GLY L 24 43.55 -8.34 38.63
CA GLY L 24 43.09 -9.61 39.15
C GLY L 24 41.84 -10.15 38.50
N VAL L 25 41.23 -9.40 37.57
CA VAL L 25 40.03 -9.87 36.90
C VAL L 25 40.35 -11.07 36.02
N SER L 26 39.36 -11.93 35.83
CA SER L 26 39.50 -13.04 34.89
C SER L 26 39.62 -12.51 33.46
N TYR L 27 40.50 -13.12 32.68
CA TYR L 27 40.67 -12.72 31.29
C TYR L 27 39.41 -12.97 30.49
N ASP L 28 38.78 -14.14 30.68
CA ASP L 28 37.59 -14.48 29.91
C ASP L 28 36.44 -13.52 30.20
N LEU L 29 36.24 -13.17 31.48
CA LEU L 29 35.16 -12.26 31.81
C LEU L 29 35.37 -10.89 31.19
N LEU L 30 36.60 -10.37 31.26
CA LEU L 30 36.87 -9.04 30.71
C LEU L 30 36.69 -9.03 29.20
N ARG L 31 37.21 -10.06 28.52
CA ARG L 31 37.05 -10.13 27.07
C ARG L 31 35.58 -10.26 26.68
N LYS L 32 34.82 -11.08 27.42
CA LYS L 32 33.40 -11.24 27.11
C LYS L 32 32.63 -9.95 27.36
N VAL L 33 32.95 -9.22 28.42
CA VAL L 33 32.28 -7.95 28.70
C VAL L 33 32.58 -6.95 27.60
N ALA L 34 33.84 -6.90 27.15
CA ALA L 34 34.19 -5.99 26.06
C ALA L 34 33.44 -6.36 24.78
N TRP L 35 33.35 -7.66 24.47
CA TRP L 35 32.62 -8.09 23.29
C TRP L 35 31.14 -7.74 23.40
N THR L 36 30.54 -7.94 24.57
CA THR L 36 29.14 -7.61 24.75
C THR L 36 28.89 -6.11 24.61
N GLU L 37 29.78 -5.28 25.16
CA GLU L 37 29.56 -3.84 25.12
C GLU L 37 29.81 -3.26 23.73
N SER L 38 30.81 -3.76 23.01
CA SER L 38 31.16 -3.15 21.73
C SER L 38 31.38 -4.11 20.57
N ARG L 39 31.46 -5.42 20.81
CA ARG L 39 31.73 -6.41 19.77
C ARG L 39 33.05 -6.15 19.06
N PHE L 40 33.98 -5.45 19.72
CA PHE L 40 35.27 -5.08 19.16
C PHE L 40 35.13 -4.23 17.91
N VAL L 41 34.00 -3.55 17.76
CA VAL L 41 33.72 -2.74 16.58
C VAL L 41 34.33 -1.35 16.77
N PRO L 42 35.14 -0.87 15.83
CA PRO L 42 35.81 0.42 16.01
C PRO L 42 34.89 1.64 15.97
N THR L 43 33.67 1.51 15.43
CA THR L 43 32.77 2.66 15.34
C THR L 43 31.77 2.72 16.50
N ALA L 44 31.11 1.60 16.83
CA ALA L 44 30.25 1.49 18.01
C ALA L 44 29.28 2.68 18.12
N LYS L 45 28.40 2.79 17.14
CA LYS L 45 27.46 3.90 17.07
C LYS L 45 26.16 3.55 17.78
N SER L 46 25.66 4.47 18.58
CA SER L 46 24.44 4.28 19.35
C SER L 46 23.87 5.67 19.67
N LYS L 47 22.95 5.73 20.63
CA LYS L 47 22.43 7.02 21.07
C LYS L 47 23.55 7.94 21.53
N THR L 48 24.48 7.41 22.34
CA THR L 48 25.70 8.11 22.70
C THR L 48 26.86 7.74 21.79
N GLY L 49 27.03 6.44 21.52
CA GLY L 49 28.01 5.95 20.59
C GLY L 49 29.46 6.20 20.96
N PRO L 50 29.91 5.67 22.10
CA PRO L 50 31.36 5.66 22.38
C PRO L 50 32.04 4.56 21.58
N LEU L 51 32.92 4.96 20.65
CA LEU L 51 33.59 3.98 19.79
C LEU L 51 34.63 3.15 20.54
N GLY L 52 34.92 3.49 21.79
CA GLY L 52 35.85 2.68 22.56
C GLY L 52 35.30 1.30 22.88
N MET L 53 36.21 0.40 23.22
CA MET L 53 35.83 -0.99 23.46
C MET L 53 34.88 -1.12 24.64
N MET L 54 35.03 -0.26 25.64
CA MET L 54 34.15 -0.23 26.81
C MET L 54 33.16 0.90 26.60
N GLN L 55 31.94 0.55 26.15
CA GLN L 55 30.94 1.53 25.78
C GLN L 55 30.36 2.16 27.04
N PHE L 56 31.07 3.16 27.55
CA PHE L 56 30.69 3.86 28.77
C PHE L 56 29.66 4.94 28.46
N THR L 57 29.32 5.72 29.47
CA THR L 57 28.55 6.96 29.33
C THR L 57 29.32 8.07 30.02
N LYS L 58 28.87 9.31 29.79
CA LYS L 58 29.59 10.45 30.35
C LYS L 58 29.59 10.42 31.87
N ALA L 59 28.45 10.10 32.48
CA ALA L 59 28.37 10.08 33.94
C ALA L 59 29.32 9.04 34.53
N THR L 60 29.31 7.83 33.98
CA THR L 60 30.22 6.79 34.46
C THR L 60 31.67 7.15 34.19
N ALA L 61 31.94 7.73 33.02
CA ALA L 61 33.31 8.11 32.68
C ALA L 61 33.86 9.13 33.66
N LYS L 62 33.06 10.13 34.03
CA LYS L 62 33.51 11.10 35.03
C LYS L 62 33.59 10.49 36.42
N ALA L 63 32.66 9.59 36.76
CA ALA L 63 32.67 8.98 38.09
C ALA L 63 33.80 7.98 38.27
N LEU L 64 34.41 7.52 37.17
CA LEU L 64 35.53 6.59 37.26
C LEU L 64 36.79 7.24 37.81
N GLY L 65 36.82 8.55 37.95
CA GLY L 65 37.99 9.23 38.47
C GLY L 65 39.07 9.52 37.45
N LEU L 66 38.73 9.48 36.17
CA LEU L 66 39.70 9.76 35.11
C LEU L 66 39.74 11.26 34.82
N ARG L 67 40.50 11.62 33.80
CA ARG L 67 40.59 13.00 33.30
C ARG L 67 39.81 13.16 32.00
N VAL L 68 38.62 12.55 31.95
CA VAL L 68 37.83 12.43 30.72
C VAL L 68 37.68 13.76 29.99
N THR L 69 37.70 14.88 30.72
CA THR L 69 37.56 16.19 30.09
C THR L 69 38.85 16.56 29.37
N ASP L 70 39.20 15.81 28.32
CA ASP L 70 40.41 16.07 27.55
C ASP L 70 40.27 15.36 26.21
N GLY L 71 41.07 15.80 25.25
CA GLY L 71 41.06 15.23 23.92
C GLY L 71 39.78 15.53 23.17
N PRO L 72 39.36 14.60 22.31
CA PRO L 72 38.13 14.82 21.52
C PRO L 72 36.87 14.73 22.37
N ASP L 73 36.72 15.66 23.31
CA ASP L 73 35.52 15.83 24.13
C ASP L 73 35.40 14.70 25.16
N ASP L 74 36.25 13.68 25.05
CA ASP L 74 36.26 12.56 25.98
C ASP L 74 37.63 11.92 25.92
N ASP L 75 38.22 11.67 27.09
CA ASP L 75 39.57 11.10 27.11
C ASP L 75 39.57 9.58 27.06
N ARG L 76 38.42 8.94 27.32
CA ARG L 76 38.37 7.48 27.32
C ARG L 76 38.16 6.95 25.90
N LEU L 77 38.95 7.45 24.95
CA LEU L 77 38.95 6.95 23.58
C LEU L 77 40.18 6.12 23.25
N ASN L 78 41.29 6.38 23.90
CA ASN L 78 42.47 5.53 23.77
C ASN L 78 42.19 4.22 24.51
N PRO L 79 42.29 3.07 23.84
CA PRO L 79 41.79 1.82 24.46
C PRO L 79 42.42 1.45 25.80
N GLU L 80 43.73 1.69 25.99
CA GLU L 80 44.42 1.04 27.10
C GLU L 80 43.96 1.57 28.46
N LEU L 81 43.85 2.90 28.61
CA LEU L 81 43.47 3.42 29.93
C LEU L 81 41.99 3.15 30.23
N ALA L 82 41.13 3.20 29.20
CA ALA L 82 39.73 2.86 29.41
C ALA L 82 39.57 1.40 29.84
N ILE L 83 40.29 0.49 29.18
CA ILE L 83 40.22 -0.92 29.53
C ILE L 83 40.78 -1.15 30.93
N ASN L 84 41.87 -0.46 31.28
CA ASN L 84 42.43 -0.60 32.62
C ASN L 84 41.46 -0.09 33.68
N ALA L 85 40.79 1.04 33.43
CA ALA L 85 39.80 1.54 34.38
C ALA L 85 38.63 0.58 34.52
N ALA L 86 38.16 0.02 33.41
CA ALA L 86 37.08 -0.95 33.47
C ALA L 86 37.51 -2.20 34.26
N ALA L 87 38.74 -2.65 34.04
CA ALA L 87 39.24 -3.81 34.78
C ALA L 87 39.35 -3.51 36.27
N LYS L 88 39.82 -2.31 36.62
CA LYS L 88 39.90 -1.94 38.03
C LYS L 88 38.52 -1.90 38.67
N GLN L 89 37.53 -1.33 37.97
CA GLN L 89 36.18 -1.29 38.49
C GLN L 89 35.61 -2.70 38.65
N LEU L 90 35.85 -3.57 37.67
CA LEU L 90 35.37 -4.94 37.77
C LEU L 90 36.01 -5.68 38.94
N ALA L 91 37.32 -5.49 39.14
CA ALA L 91 38.00 -6.13 40.26
C ALA L 91 37.47 -5.62 41.59
N GLY L 92 37.24 -4.32 41.70
CA GLY L 92 36.67 -3.78 42.92
C GLY L 92 35.27 -4.31 43.19
N LEU L 93 34.48 -4.49 42.13
CA LEU L 93 33.14 -5.05 42.30
C LEU L 93 33.19 -6.49 42.73
N VAL L 94 34.03 -7.30 42.08
CA VAL L 94 34.13 -8.72 42.42
C VAL L 94 34.62 -8.90 43.85
N GLY L 95 35.64 -8.13 44.24
CA GLY L 95 36.18 -8.28 45.57
C GLY L 95 35.21 -7.89 46.67
N LYS L 96 34.37 -6.89 46.41
CA LYS L 96 33.49 -6.34 47.44
C LYS L 96 32.23 -7.15 47.64
N PHE L 97 32.01 -8.21 46.86
CA PHE L 97 30.80 -9.02 46.95
C PHE L 97 31.07 -10.38 47.58
N ASP L 98 31.94 -10.39 48.59
CA ASP L 98 32.19 -11.56 49.43
C ASP L 98 32.64 -12.77 48.61
N GLY L 99 33.82 -12.63 48.00
CA GLY L 99 34.42 -13.74 47.30
C GLY L 99 34.52 -13.57 45.81
N ASP L 100 34.45 -14.68 45.08
CA ASP L 100 34.58 -14.70 43.63
C ASP L 100 33.23 -14.63 42.93
N GLU L 101 32.26 -13.93 43.52
CA GLU L 101 30.94 -13.80 42.93
C GLU L 101 31.05 -12.96 41.66
N LEU L 102 31.09 -13.66 40.53
CA LEU L 102 31.38 -13.04 39.24
C LEU L 102 30.13 -12.55 38.53
N LYS L 103 28.96 -12.65 39.16
CA LYS L 103 27.71 -12.24 38.53
C LYS L 103 26.97 -11.15 39.29
N ALA L 104 27.08 -11.10 40.63
CA ALA L 104 26.58 -9.92 41.33
C ALA L 104 27.39 -8.69 40.98
N ALA L 105 28.68 -8.87 40.66
CA ALA L 105 29.51 -7.80 40.16
C ALA L 105 28.95 -7.17 38.90
N LEU L 106 27.97 -7.81 38.27
CA LEU L 106 27.29 -7.22 37.12
C LEU L 106 26.35 -6.12 37.51
N ALA L 107 26.46 -5.68 38.76
CA ALA L 107 26.03 -4.32 39.10
C ALA L 107 26.76 -3.31 38.25
N TYR L 108 27.92 -3.67 37.71
CA TYR L 108 28.59 -2.93 36.64
C TYR L 108 27.59 -2.51 35.57
N ASN L 109 26.64 -3.38 35.25
CA ASN L 109 25.63 -3.06 34.24
C ASN L 109 24.58 -2.09 34.77
N GLN L 110 24.20 -2.23 36.04
CA GLN L 110 23.10 -1.46 36.60
C GLN L 110 23.53 -0.40 37.60
N GLY L 111 24.76 -0.47 38.11
CA GLY L 111 25.22 0.49 39.08
C GLY L 111 24.66 0.23 40.47
N GLU L 112 25.07 1.08 41.40
CA GLU L 112 24.56 1.08 42.76
C GLU L 112 23.85 2.41 43.03
N GLY L 113 22.64 2.34 43.55
CA GLY L 113 21.88 3.55 43.83
C GLY L 113 20.39 3.32 43.89
N ARG L 114 19.62 4.18 43.24
CA ARG L 114 18.17 4.08 43.30
C ARG L 114 17.65 2.93 42.47
N LEU L 115 18.35 2.56 41.39
CA LEU L 115 17.90 1.50 40.50
C LEU L 115 18.79 0.26 40.56
N GLY L 116 19.85 0.26 41.36
CA GLY L 116 20.73 -0.88 41.40
C GLY L 116 20.77 -1.60 42.72
N ASN L 117 20.56 -0.86 43.82
CA ASN L 117 20.60 -1.49 45.14
C ASN L 117 19.50 -2.52 45.34
N PRO L 118 18.22 -2.24 45.05
CA PRO L 118 17.19 -3.27 45.24
C PRO L 118 17.41 -4.50 44.38
N GLN L 119 17.92 -4.34 43.16
CA GLN L 119 18.20 -5.51 42.32
C GLN L 119 19.31 -6.36 42.92
N LEU L 120 20.33 -5.74 43.48
CA LEU L 120 21.39 -6.51 44.14
C LEU L 120 20.87 -7.20 45.39
N GLU L 121 19.98 -6.54 46.14
CA GLU L 121 19.37 -7.21 47.29
C GLU L 121 18.55 -8.41 46.86
N ALA L 122 17.79 -8.27 45.77
CA ALA L 122 17.01 -9.39 45.25
C ALA L 122 17.92 -10.53 44.78
N TYR L 123 19.04 -10.19 44.15
CA TYR L 123 20.01 -11.21 43.77
C TYR L 123 20.55 -11.93 45.01
N SER L 124 20.83 -11.19 46.07
CA SER L 124 21.30 -11.81 47.31
C SER L 124 20.25 -12.77 47.86
N LYS L 125 18.98 -12.37 47.84
CA LYS L 125 17.90 -13.27 48.24
C LYS L 125 17.65 -14.39 47.23
N GLY L 126 18.23 -14.31 46.03
CA GLY L 126 17.95 -15.28 45.01
C GLY L 126 16.63 -15.11 44.32
N ASP L 127 16.03 -13.91 44.41
CA ASP L 127 14.72 -13.64 43.82
C ASP L 127 14.94 -12.89 42.51
N PHE L 128 15.07 -13.64 41.42
CA PHE L 128 15.35 -13.06 40.13
C PHE L 128 14.16 -12.33 39.52
N ALA L 129 12.97 -12.46 40.11
CA ALA L 129 11.80 -11.77 39.58
C ALA L 129 11.86 -10.27 39.79
N SER L 130 12.61 -9.80 40.78
CA SER L 130 12.73 -8.36 41.06
C SER L 130 13.87 -7.71 40.31
N ILE L 131 14.67 -8.47 39.57
CA ILE L 131 15.72 -7.92 38.74
C ILE L 131 15.12 -7.54 37.40
N SER L 132 15.59 -6.44 36.83
CA SER L 132 15.04 -5.95 35.58
C SER L 132 15.34 -6.92 34.43
N GLU L 133 14.61 -6.73 33.33
CA GLU L 133 14.84 -7.56 32.15
C GLU L 133 16.24 -7.33 31.58
N GLU L 134 16.68 -6.08 31.56
CA GLU L 134 18.01 -5.78 31.03
C GLU L 134 19.10 -6.45 31.86
N GLY L 135 18.99 -6.36 33.19
CA GLY L 135 19.97 -7.01 34.05
C GLY L 135 19.96 -8.51 33.92
N ARG L 136 18.76 -9.11 33.88
CA ARG L 136 18.66 -10.56 33.75
C ARG L 136 19.27 -11.04 32.43
N ASN L 137 18.97 -10.34 31.33
CA ASN L 137 19.56 -10.71 30.06
C ASN L 137 21.07 -10.54 30.06
N TYR L 138 21.56 -9.46 30.67
CA TYR L 138 23.00 -9.20 30.66
C TYR L 138 23.74 -10.27 31.47
N MET L 139 23.18 -10.69 32.60
CA MET L 139 23.77 -11.80 33.34
C MET L 139 23.63 -13.13 32.60
N ARG L 140 22.52 -13.33 31.88
CA ARG L 140 22.35 -14.56 31.11
C ARG L 140 23.43 -14.68 30.05
N ASN L 141 23.80 -13.57 29.42
CA ASN L 141 24.81 -13.60 28.38
C ASN L 141 26.19 -13.96 28.90
N LEU L 142 26.43 -13.93 30.21
CA LEU L 142 27.74 -14.21 30.78
C LEU L 142 27.82 -15.55 31.48
N LEU L 143 26.81 -16.41 31.32
CA LEU L 143 26.80 -17.68 32.06
C LEU L 143 27.92 -18.60 31.61
N ASP L 144 28.31 -18.55 30.34
CA ASP L 144 29.34 -19.45 29.83
C ASP L 144 30.69 -19.19 30.49
N VAL L 145 31.05 -17.93 30.67
CA VAL L 145 32.33 -17.55 31.27
C VAL L 145 32.04 -16.72 32.52
N ALA L 146 31.85 -17.41 33.64
CA ALA L 146 31.63 -16.80 34.94
C ALA L 146 31.67 -17.89 36.00
N LYS L 147 32.13 -17.52 37.19
CA LYS L 147 32.19 -18.43 38.33
C LYS L 147 31.32 -17.84 39.43
N SER L 148 30.15 -18.42 39.66
CA SER L 148 29.20 -17.90 40.62
C SER L 148 28.50 -19.04 41.34
N PRO L 149 28.13 -18.84 42.60
CA PRO L 149 27.31 -19.86 43.29
C PRO L 149 25.86 -19.90 42.80
N MET L 150 25.38 -18.84 42.14
CA MET L 150 24.02 -18.80 41.61
C MET L 150 23.99 -18.91 40.10
N ALA L 151 25.05 -19.42 39.48
CA ALA L 151 25.04 -19.63 38.03
C ALA L 151 24.08 -20.72 37.62
N GLY L 152 23.78 -21.67 38.49
CA GLY L 152 22.85 -22.73 38.18
C GLY L 152 21.42 -22.38 38.49
N GLN L 153 21.21 -21.47 39.44
CA GLN L 153 19.87 -21.02 39.76
C GLN L 153 19.32 -20.04 38.74
N LEU L 154 20.21 -19.29 38.06
CA LEU L 154 19.75 -18.36 37.04
C LEU L 154 19.37 -19.09 35.76
N GLU L 155 20.10 -20.15 35.40
CA GLU L 155 19.77 -20.87 34.18
C GLU L 155 18.47 -21.65 34.31
N THR L 156 18.16 -22.13 35.51
CA THR L 156 16.86 -22.76 35.75
C THR L 156 15.82 -21.76 36.25
N PHE L 157 15.74 -20.63 35.56
CA PHE L 157 14.77 -19.58 35.83
C PHE L 157 14.09 -19.21 34.52
N GLY L 158 12.78 -19.39 34.46
CA GLY L 158 12.04 -19.15 33.25
C GLY L 158 11.82 -20.34 32.37
N GLY L 159 12.04 -21.56 32.87
CA GLY L 159 11.76 -22.74 32.09
C GLY L 159 10.27 -22.96 31.91
N ILE L 160 9.92 -23.72 30.88
CA ILE L 160 8.51 -24.00 30.62
C ILE L 160 7.94 -24.89 31.71
N THR L 161 8.77 -25.74 32.31
CA THR L 161 8.42 -26.59 33.44
C THR L 161 9.45 -26.36 34.53
N PRO L 162 9.11 -26.69 35.79
CA PRO L 162 10.08 -26.45 36.87
C PRO L 162 11.38 -27.22 36.72
N LYS L 163 11.43 -28.27 35.91
CA LYS L 163 12.67 -28.98 35.61
C LYS L 163 13.35 -28.49 34.34
N GLY L 164 12.78 -27.48 33.67
CA GLY L 164 13.38 -26.93 32.47
C GLY L 164 14.32 -25.77 32.76
N LYS L 165 14.93 -25.26 31.70
CA LYS L 165 15.86 -24.15 31.78
C LYS L 165 15.32 -22.98 30.97
N GLY L 166 15.57 -21.77 31.46
CA GLY L 166 15.20 -20.59 30.70
C GLY L 166 16.05 -20.43 29.46
N ILE L 167 15.49 -19.76 28.46
CA ILE L 167 16.13 -19.56 27.17
C ILE L 167 16.59 -18.11 27.07
N PRO L 168 17.88 -17.84 26.97
CA PRO L 168 18.33 -16.47 26.73
C PRO L 168 17.94 -15.99 25.34
N ALA L 169 17.72 -14.68 25.22
CA ALA L 169 17.29 -14.11 23.95
C ALA L 169 18.34 -14.29 22.86
N GLU L 170 19.61 -14.43 23.23
CA GLU L 170 20.67 -14.68 22.25
C GLU L 170 20.57 -16.07 21.63
N VAL L 171 19.76 -16.96 22.20
CA VAL L 171 19.58 -18.30 21.67
C VAL L 171 18.19 -18.47 21.06
N GLY L 172 17.16 -17.95 21.70
CA GLY L 172 15.82 -18.04 21.15
C GLY L 172 15.65 -17.26 19.86
N LEU L 173 16.28 -16.09 19.77
CA LEU L 173 16.22 -15.26 18.59
C LEU L 173 17.46 -15.38 17.72
N ALA L 174 18.30 -16.37 17.97
CA ALA L 174 19.52 -16.56 17.19
C ALA L 174 19.18 -17.00 15.77
N GLY L 175 19.91 -16.45 14.80
CA GLY L 175 19.76 -16.80 13.41
C GLY L 175 18.74 -15.98 12.65
N ILE L 176 17.92 -15.21 13.35
CA ILE L 176 16.89 -14.39 12.71
C ILE L 176 17.49 -13.02 12.42
N GLY L 177 17.63 -12.69 11.14
CA GLY L 177 18.20 -11.42 10.76
C GLY L 177 18.19 -11.26 9.26
N HIS L 178 18.50 -10.05 8.83
CA HIS L 178 18.50 -9.70 7.42
C HIS L 178 19.81 -9.03 7.04
N LYS L 179 20.30 -9.33 5.85
CA LYS L 179 21.55 -8.75 5.39
C LYS L 179 21.34 -7.34 4.85
N GLN L 180 22.39 -6.53 4.96
CA GLN L 180 22.36 -5.19 4.38
C GLN L 180 22.63 -5.27 2.88
N LYS L 181 21.82 -4.56 2.10
CA LYS L 181 21.96 -4.56 0.65
C LYS L 181 22.97 -3.53 0.16
N VAL L 182 23.48 -2.67 1.02
CA VAL L 182 24.42 -1.62 0.65
C VAL L 182 25.80 -2.01 1.16
N THR L 183 26.80 -1.89 0.28
CA THR L 183 28.18 -2.29 0.56
C THR L 183 29.07 -1.06 0.38
N GLN L 184 30.30 -1.13 0.88
CA GLN L 184 31.26 -0.04 0.73
C GLN L 184 32.08 -0.15 -0.54
N GLU L 185 31.53 -0.75 -1.59
CA GLU L 185 32.19 -0.84 -2.89
C GLU L 185 31.78 0.39 -3.70
N LEU L 186 32.67 1.37 -3.75
CA LEU L 186 32.36 2.67 -4.34
C LEU L 186 32.58 2.67 -5.85
N PRO L 187 31.83 3.49 -6.58
CA PRO L 187 32.13 3.67 -8.01
C PRO L 187 33.37 4.52 -8.20
N GLU L 188 34.13 4.19 -9.23
CA GLU L 188 35.40 4.85 -9.49
C GLU L 188 35.30 5.76 -10.71
N SER L 189 36.01 6.88 -10.65
CA SER L 189 36.06 7.86 -11.71
C SER L 189 37.39 7.75 -12.44
N THR L 190 37.39 8.19 -13.70
CA THR L 190 38.58 8.16 -14.53
C THR L 190 38.88 9.56 -15.04
N SER L 191 40.17 9.91 -15.06
CA SER L 191 40.60 11.21 -15.53
C SER L 191 40.73 11.23 -17.05
N PHE L 192 40.38 12.35 -17.67
CA PHE L 192 40.57 12.55 -19.10
C PHE L 192 42.02 12.94 -19.31
N ASP L 193 42.88 11.94 -19.48
CA ASP L 193 44.33 12.14 -19.59
C ASP L 193 44.76 11.83 -21.02
N VAL L 194 45.04 12.87 -21.78
CA VAL L 194 45.62 12.76 -23.11
C VAL L 194 46.98 13.44 -23.07
N LYS L 195 48.04 12.66 -23.18
CA LYS L 195 49.39 13.20 -23.22
C LYS L 195 49.81 13.29 -24.68
N GLY L 196 49.69 14.48 -25.25
CA GLY L 196 49.95 14.65 -26.67
C GLY L 196 51.43 14.76 -26.99
N ILE L 197 51.76 15.71 -27.86
CA ILE L 197 53.14 15.91 -28.31
C ILE L 197 53.73 17.08 -27.55
N GLU L 198 54.96 16.92 -27.06
CA GLU L 198 55.59 17.96 -26.26
C GLU L 198 55.88 19.19 -27.11
N GLN L 199 55.76 20.36 -26.49
CA GLN L 199 55.97 21.61 -27.20
C GLN L 199 57.46 21.83 -27.46
N GLU L 200 57.78 22.37 -28.63
CA GLU L 200 59.15 22.68 -28.98
C GLU L 200 59.70 23.77 -28.06
N ALA L 201 61.00 23.72 -27.82
CA ALA L 201 61.63 24.68 -26.94
C ALA L 201 61.69 26.06 -27.58
N THR L 202 61.72 27.10 -26.74
CA THR L 202 61.84 28.46 -27.23
C THR L 202 63.20 28.65 -27.89
N ALA L 203 63.20 29.25 -29.07
CA ALA L 203 64.43 29.45 -29.82
C ALA L 203 65.22 30.63 -29.26
N LYS L 204 66.48 30.69 -29.64
CA LYS L 204 67.27 31.88 -29.34
C LYS L 204 66.92 32.99 -30.32
N PRO L 205 66.99 34.24 -29.88
CA PRO L 205 66.82 35.35 -30.82
C PRO L 205 67.91 35.31 -31.88
N PHE L 206 67.56 35.81 -33.08
CA PHE L 206 68.48 35.76 -34.20
C PHE L 206 69.76 36.53 -33.89
N ALA L 207 69.63 37.70 -33.25
CA ALA L 207 70.82 38.48 -32.90
C ALA L 207 71.67 37.76 -31.88
N LYS L 208 71.05 37.13 -30.88
CA LYS L 208 71.81 36.38 -29.89
C LYS L 208 72.51 35.17 -30.51
N ASP L 209 71.81 34.47 -31.42
CA ASP L 209 72.43 33.34 -32.10
C ASP L 209 73.62 33.80 -32.94
N PHE L 210 73.48 34.93 -33.63
CA PHE L 210 74.59 35.46 -34.41
C PHE L 210 75.76 35.84 -33.52
N TRP L 211 75.48 36.48 -32.37
CA TRP L 211 76.56 36.90 -31.49
C TRP L 211 77.20 35.74 -30.74
N GLU L 212 76.51 34.61 -30.62
CA GLU L 212 77.11 33.46 -29.96
C GLU L 212 77.88 32.57 -30.93
N THR L 213 77.36 32.39 -32.15
CA THR L 213 78.11 31.63 -33.15
C THR L 213 79.36 32.38 -33.60
N HIS L 214 79.22 33.68 -33.84
CA HIS L 214 80.33 34.54 -34.22
C HIS L 214 80.56 35.54 -33.10
N GLY L 215 81.83 35.76 -32.74
CA GLY L 215 82.15 36.53 -31.57
C GLY L 215 81.80 38.01 -31.60
N GLU L 216 80.98 38.42 -32.57
CA GLU L 216 80.65 39.82 -32.76
C GLU L 216 79.17 39.95 -33.13
N THR L 217 78.62 41.12 -32.84
CA THR L 217 77.20 41.38 -33.04
C THR L 217 76.92 41.68 -34.51
N LEU L 218 75.61 41.76 -34.83
CA LEU L 218 75.20 42.04 -36.19
C LEU L 218 75.63 43.44 -36.63
N ASP L 219 75.55 44.42 -35.73
CA ASP L 219 75.95 45.77 -36.08
C ASP L 219 77.43 45.84 -36.43
N GLU L 220 78.28 45.19 -35.64
CA GLU L 220 79.71 45.16 -35.94
C GLU L 220 79.97 44.46 -37.27
N TYR L 221 79.25 43.37 -37.52
CA TYR L 221 79.42 42.65 -38.78
C TYR L 221 79.04 43.52 -39.97
N ASN L 222 77.94 44.25 -39.87
CA ASN L 222 77.51 45.10 -40.97
C ASN L 222 78.45 46.27 -41.16
N SER L 223 78.93 46.86 -40.08
CA SER L 223 79.89 47.97 -40.20
C SER L 223 81.20 47.50 -40.82
N ARG L 224 81.68 46.33 -40.43
CA ARG L 224 82.97 45.85 -40.94
C ARG L 224 82.87 45.38 -42.38
N SER L 225 81.79 44.68 -42.73
CA SER L 225 81.65 44.17 -44.09
C SER L 225 81.39 45.28 -45.10
N THR L 226 80.78 46.38 -44.66
CA THR L 226 80.47 47.49 -45.56
C THR L 226 81.59 48.51 -45.66
N PHE L 227 82.70 48.30 -44.94
CA PHE L 227 83.83 49.22 -45.06
C PHE L 227 84.44 49.19 -46.45
N PHE L 228 84.59 48.01 -47.02
CA PHE L 228 85.17 47.86 -48.35
C PHE L 228 84.09 47.71 -49.41
#